data_6SB5
#
_entry.id   6SB5
#
_cell.length_a   1.00
_cell.length_b   1.00
_cell.length_c   1.00
_cell.angle_alpha   90.00
_cell.angle_beta   90.00
_cell.angle_gamma   90.00
#
_symmetry.space_group_name_H-M   'P 1'
#
loop_
_entity.id
_entity.type
_entity.pdbx_description
1 polymer 'Macrophage-expressed gene 1 protein'
2 non-polymer 2-acetamido-2-deoxy-beta-D-glucopyranose
#
_entity_poly.entity_id   1
_entity_poly.type   'polypeptide(L)'
_entity_poly.pdbx_seq_one_letter_code
;ETGDKPLGETGTTGFQICKNALKLPVLEVLPGGGWDNLRNVDMGRVMDLTYTNCKTTEDGQYIIPDEVYTIPQKESNLEM
NSEVLESWMNYQSTTSLSINTELALFSRVNGKFSTEFQRMKTLQVKDQAVTTRVQVRNRIYTVKTTPTSELSLGFTKALM
DICDQLEKNQTKMATYLAELLILNYGTHVITSVDAGAALVQEDHVRSSFLLDNQNSQNTVTASAGIAFLNIVNFKVETDY
ISQTSLTKDYLSNRTNSRVQSFGGVPFYPGITLETWQKGITNHLVAIDRAGLPLHFFIKPDKLPGLPGPLVKKLSKTVET
AVRHYYTFNTHPGCTNVDSPNFNFQANMDDDSCDAKVTNFTFGGVYQECTELSGDVLCQNLEQKNLLTGDFSCPPGYSPV
HLLSQTHEEGYSRLECKKKCTLKIFCKTVCEDVFRVAKAEFRAYWCVAAGQVPDNSGLLFGGVFTDKTINPMTNAQSCPA
GYIPLNLFESLKVCVSLDYELGFKFSVPFGGFFSCIMGNPLVNSDTAKDVRAPSLKKCPGGFSQHLAVISDGCQVSYCVK
AGIFTGGSLLPVRLPPYTKPPLMSQVATNTVIVTNSETARSWIKDPQTNQWKLGEPLELRRAMTVIHGDSNGMSGGGTET
SQVAPA
;
_entity_poly.pdbx_strand_id   A,B,C,D,E,F,G,H,I,J,K,L,M,N,O,P
#
loop_
_chem_comp.id
_chem_comp.type
_chem_comp.name
_chem_comp.formula
NAG D-saccharide, beta linking 2-acetamido-2-deoxy-beta-D-glucopyranose 'C8 H15 N O6'
#
# COMPACT_ATOMS: atom_id res chain seq x y z
N THR A 13 36.89 -54.13 -2.72
CA THR A 13 35.84 -54.13 -1.71
C THR A 13 35.40 -52.70 -1.40
N GLY A 14 35.60 -51.81 -2.37
CA GLY A 14 35.30 -50.39 -2.20
C GLY A 14 33.89 -50.12 -2.71
N PHE A 15 32.96 -49.92 -1.78
CA PHE A 15 31.59 -49.59 -2.19
C PHE A 15 31.49 -48.23 -2.83
N GLN A 16 32.55 -47.42 -2.79
CA GLN A 16 32.48 -46.07 -3.30
C GLN A 16 32.11 -46.01 -4.77
N ILE A 17 32.37 -47.08 -5.53
CA ILE A 17 32.11 -47.06 -6.96
C ILE A 17 30.62 -46.85 -7.22
N CYS A 18 29.77 -47.65 -6.60
CA CYS A 18 28.37 -47.54 -6.91
C CYS A 18 27.60 -46.66 -5.94
N LYS A 19 28.11 -46.46 -4.74
CA LYS A 19 27.68 -45.31 -3.96
C LYS A 19 27.84 -44.04 -4.76
N ASN A 20 28.79 -44.03 -5.70
CA ASN A 20 28.94 -42.91 -6.62
C ASN A 20 27.99 -43.05 -7.80
N ALA A 21 27.83 -44.27 -8.32
CA ALA A 21 26.92 -44.47 -9.43
C ALA A 21 25.51 -44.05 -9.05
N LEU A 22 24.90 -44.75 -8.10
CA LEU A 22 23.60 -44.37 -7.55
C LEU A 22 23.83 -43.75 -6.19
N LYS A 23 23.08 -42.70 -5.90
CA LYS A 23 23.46 -41.78 -4.83
C LYS A 23 23.01 -42.20 -3.45
N LEU A 24 22.69 -43.45 -3.24
CA LEU A 24 22.18 -43.81 -1.93
C LEU A 24 23.31 -44.00 -0.93
N PRO A 25 23.03 -43.85 0.36
CA PRO A 25 24.05 -44.09 1.37
C PRO A 25 24.09 -45.54 1.81
N VAL A 26 25.29 -46.03 2.06
CA VAL A 26 25.45 -47.42 2.45
C VAL A 26 24.90 -47.64 3.84
N LEU A 27 24.27 -48.79 4.06
CA LEU A 27 23.82 -49.15 5.39
C LEU A 27 25.01 -49.18 6.33
N GLU A 28 24.79 -48.81 7.59
CA GLU A 28 25.90 -48.76 8.53
C GLU A 28 26.06 -50.08 9.27
N VAL A 29 24.99 -50.64 9.75
CA VAL A 29 25.06 -51.87 10.50
C VAL A 29 25.24 -53.03 9.52
N LEU A 30 26.14 -53.95 9.85
CA LEU A 30 26.41 -55.05 8.95
C LEU A 30 26.74 -56.28 9.76
N PRO A 31 26.24 -57.42 9.39
CA PRO A 31 26.39 -58.61 10.22
C PRO A 31 27.74 -59.28 10.10
N GLY A 32 28.34 -59.25 8.91
CA GLY A 32 29.54 -60.03 8.71
C GLY A 32 30.73 -59.47 9.46
N GLY A 33 30.69 -59.55 10.78
CA GLY A 33 31.77 -59.00 11.58
C GLY A 33 31.87 -59.65 12.93
N GLY A 34 33.08 -60.07 13.31
CA GLY A 34 33.27 -60.72 14.58
C GLY A 34 32.84 -59.86 15.74
N TRP A 35 32.70 -60.49 16.90
CA TRP A 35 32.09 -59.84 18.04
C TRP A 35 32.55 -60.52 19.32
N ASP A 36 33.17 -59.75 20.20
CA ASP A 36 33.62 -60.29 21.48
C ASP A 36 32.43 -60.39 22.41
N ASN A 37 32.11 -61.61 22.85
CA ASN A 37 30.98 -61.78 23.75
C ASN A 37 31.31 -61.45 25.18
N LEU A 38 32.60 -61.45 25.54
CA LEU A 38 32.96 -61.13 26.93
C LEU A 38 33.00 -59.63 27.14
N ARG A 39 33.90 -58.94 26.44
CA ARG A 39 33.92 -57.49 26.52
C ARG A 39 32.65 -56.88 25.97
N ASN A 40 31.91 -57.61 25.13
CA ASN A 40 30.64 -57.16 24.57
C ASN A 40 30.84 -55.94 23.66
N VAL A 41 31.64 -56.11 22.60
CA VAL A 41 31.94 -55.02 21.67
C VAL A 41 32.43 -55.62 20.34
N ASP A 42 32.01 -55.01 19.23
CA ASP A 42 32.40 -55.49 17.91
C ASP A 42 33.92 -55.58 17.79
N MET A 43 34.38 -56.51 16.95
CA MET A 43 35.81 -56.78 16.86
C MET A 43 36.40 -56.61 15.47
N GLY A 44 35.79 -57.15 14.44
CA GLY A 44 36.39 -57.03 13.12
C GLY A 44 35.69 -57.91 12.12
N ARG A 45 36.00 -57.65 10.85
CA ARG A 45 35.39 -58.42 9.76
C ARG A 45 35.66 -59.90 9.95
N VAL A 46 34.67 -60.73 9.60
CA VAL A 46 34.93 -62.15 9.49
C VAL A 46 34.44 -62.64 8.14
N MET A 47 33.16 -62.43 7.86
CA MET A 47 32.60 -62.73 6.55
C MET A 47 32.83 -61.53 5.65
N ASP A 48 33.47 -61.75 4.51
CA ASP A 48 33.84 -60.63 3.67
C ASP A 48 32.61 -59.98 3.08
N LEU A 49 32.69 -58.67 2.86
CA LEU A 49 31.59 -57.89 2.31
C LEU A 49 32.09 -57.20 1.06
N THR A 50 31.67 -57.69 -0.10
CA THR A 50 31.99 -57.06 -1.36
C THR A 50 30.88 -56.13 -1.76
N TYR A 51 31.04 -55.48 -2.90
CA TYR A 51 29.98 -54.67 -3.46
C TYR A 51 29.94 -54.80 -4.97
N THR A 52 30.27 -55.98 -5.50
CA THR A 52 30.46 -56.14 -6.93
C THR A 52 29.19 -55.85 -7.72
N ASN A 53 28.19 -56.72 -7.59
CA ASN A 53 26.94 -56.54 -8.31
C ASN A 53 26.04 -55.64 -7.48
N CYS A 54 26.52 -54.45 -7.15
CA CYS A 54 26.17 -53.85 -5.88
C CYS A 54 24.67 -53.77 -5.68
N LYS A 55 24.24 -54.39 -4.60
CA LYS A 55 22.83 -54.55 -4.27
C LYS A 55 22.26 -53.23 -3.81
N THR A 56 21.04 -53.26 -3.33
CA THR A 56 20.39 -52.15 -2.65
C THR A 56 19.12 -52.68 -2.05
N THR A 57 18.72 -52.10 -0.92
CA THR A 57 17.49 -52.54 -0.30
C THR A 57 16.32 -52.29 -1.23
N GLU A 58 15.25 -53.05 -1.05
CA GLU A 58 14.13 -52.99 -1.97
C GLU A 58 13.58 -51.57 -2.06
N ASP A 59 13.16 -51.02 -0.92
CA ASP A 59 12.78 -49.62 -0.89
C ASP A 59 14.08 -48.83 -0.97
N GLY A 60 14.58 -48.69 -2.19
CA GLY A 60 15.97 -48.33 -2.33
C GLY A 60 16.30 -47.03 -1.65
N GLN A 61 16.87 -47.15 -0.46
CA GLN A 61 17.52 -46.03 0.19
C GLN A 61 18.73 -46.47 0.97
N TYR A 62 19.37 -47.57 0.54
CA TYR A 62 20.63 -48.00 1.11
C TYR A 62 21.35 -48.86 0.08
N ILE A 63 22.59 -49.19 0.37
CA ILE A 63 23.38 -50.08 -0.50
C ILE A 63 23.94 -51.17 0.40
N ILE A 64 23.22 -52.26 0.54
CA ILE A 64 23.73 -53.36 1.33
C ILE A 64 24.87 -54.01 0.56
N PRO A 65 25.82 -54.65 1.22
CA PRO A 65 26.80 -55.43 0.48
C PRO A 65 26.18 -56.73 0.03
N ASP A 66 26.70 -57.25 -1.07
CA ASP A 66 26.02 -58.34 -1.76
C ASP A 66 26.19 -59.68 -1.06
N GLU A 67 26.61 -59.68 0.19
CA GLU A 67 26.57 -60.89 1.00
C GLU A 67 25.54 -60.80 2.11
N VAL A 68 24.63 -59.83 2.05
CA VAL A 68 23.58 -59.71 3.06
C VAL A 68 22.27 -59.41 2.36
N TYR A 69 21.19 -59.79 3.01
CA TYR A 69 19.84 -59.49 2.54
C TYR A 69 19.04 -58.95 3.70
N THR A 70 18.10 -58.06 3.40
CA THR A 70 17.34 -57.37 4.42
C THR A 70 15.87 -57.75 4.32
N ILE A 71 15.18 -57.60 5.45
CA ILE A 71 13.74 -57.84 5.52
C ILE A 71 13.11 -56.76 6.39
N PRO A 72 12.41 -55.83 5.81
CA PRO A 72 12.16 -54.55 6.48
C PRO A 72 10.90 -54.49 7.31
N GLN A 73 10.98 -53.97 8.54
CA GLN A 73 9.80 -53.68 9.35
C GLN A 73 10.18 -52.99 10.65
N LYS A 74 9.42 -51.98 11.11
CA LYS A 74 9.15 -51.77 12.54
C LYS A 74 8.47 -50.45 12.83
N GLU A 75 8.07 -50.26 14.10
CA GLU A 75 8.10 -49.03 14.89
C GLU A 75 7.47 -49.33 16.24
N SER A 76 7.88 -48.59 17.27
CA SER A 76 7.26 -48.76 18.57
C SER A 76 7.74 -47.67 19.51
N ASN A 77 6.83 -47.08 20.27
CA ASN A 77 7.24 -46.16 21.31
C ASN A 77 6.13 -46.09 22.35
N LEU A 78 6.45 -45.48 23.49
CA LEU A 78 5.47 -45.37 24.55
C LEU A 78 5.83 -44.22 25.48
N GLU A 79 4.87 -43.33 25.70
CA GLU A 79 5.02 -42.22 26.63
C GLU A 79 4.22 -42.51 27.88
N MET A 80 4.65 -41.95 29.00
CA MET A 80 3.92 -42.10 30.25
C MET A 80 4.50 -41.11 31.26
N ASN A 81 3.62 -40.52 32.06
CA ASN A 81 4.05 -39.59 33.08
C ASN A 81 3.02 -39.59 34.21
N SER A 82 3.37 -38.91 35.30
CA SER A 82 2.53 -38.88 36.49
C SER A 82 2.58 -37.50 37.09
N GLU A 83 1.86 -37.32 38.19
CA GLU A 83 1.66 -36.01 38.79
C GLU A 83 1.29 -36.18 40.26
N VAL A 84 1.65 -35.18 41.06
CA VAL A 84 1.33 -35.17 42.50
C VAL A 84 1.34 -33.72 42.97
N LEU A 85 0.31 -33.31 43.70
CA LEU A 85 0.23 -31.98 44.28
C LEU A 85 -0.20 -32.06 45.74
N GLU A 86 -0.18 -30.90 46.41
CA GLU A 86 -0.62 -30.76 47.79
C GLU A 86 -0.90 -29.30 48.08
N SER A 87 -1.55 -29.03 49.20
CA SER A 87 -1.68 -27.68 49.74
C SER A 87 -2.32 -27.76 51.12
N TRP A 88 -1.84 -26.94 52.06
CA TRP A 88 -2.34 -26.92 53.43
C TRP A 88 -2.59 -25.48 53.87
N MET A 89 -3.26 -25.32 55.02
CA MET A 89 -3.53 -24.00 55.60
C MET A 89 -3.70 -24.14 57.11
N ASN A 90 -3.97 -23.01 57.78
CA ASN A 90 -4.31 -22.96 59.20
C ASN A 90 -4.88 -21.58 59.54
N TYR A 91 -5.09 -21.34 60.84
CA TYR A 91 -5.79 -20.17 61.33
C TYR A 91 -5.47 -19.96 62.81
N GLN A 92 -6.25 -19.09 63.47
CA GLN A 92 -5.83 -18.42 64.71
C GLN A 92 -6.82 -18.46 65.88
N SER A 93 -6.52 -17.69 66.93
CA SER A 93 -7.31 -17.64 68.15
C SER A 93 -7.09 -16.28 68.83
N THR A 94 -8.00 -15.90 69.72
CA THR A 94 -8.02 -14.57 70.30
C THR A 94 -8.80 -14.54 71.61
N THR A 95 -8.31 -13.74 72.57
CA THR A 95 -9.04 -13.45 73.80
C THR A 95 -8.90 -11.98 74.13
N SER A 96 -9.80 -11.49 74.99
CA SER A 96 -9.77 -10.09 75.41
C SER A 96 -10.73 -9.89 76.57
N LEU A 97 -10.32 -9.10 77.56
CA LEU A 97 -11.16 -8.78 78.72
C LEU A 97 -10.87 -7.36 79.14
N SER A 98 -11.92 -6.54 79.28
CA SER A 98 -11.80 -5.11 79.59
C SER A 98 -12.69 -4.80 80.78
N ILE A 99 -12.11 -4.74 81.98
CA ILE A 99 -12.90 -4.79 83.20
C ILE A 99 -12.46 -3.78 84.25
N ASN A 100 -13.33 -2.84 84.60
CA ASN A 100 -13.58 -2.44 85.99
C ASN A 100 -14.41 -1.16 86.00
N THR A 101 -14.78 -0.72 87.20
CA THR A 101 -15.31 0.61 87.46
C THR A 101 -15.28 0.81 88.97
N GLU A 102 -15.49 2.06 89.41
CA GLU A 102 -15.65 2.38 90.82
C GLU A 102 -16.14 3.82 90.97
N LEU A 103 -16.87 4.07 92.05
CA LEU A 103 -17.33 5.41 92.45
C LEU A 103 -17.81 5.36 93.89
N ALA A 104 -17.84 6.54 94.53
CA ALA A 104 -18.58 6.78 95.76
C ALA A 104 -18.50 8.26 96.07
N LEU A 105 -19.37 8.71 96.98
CA LEU A 105 -19.36 10.07 97.46
C LEU A 105 -18.94 10.21 98.91
N PHE A 106 -18.59 9.11 99.58
CA PHE A 106 -18.23 9.13 100.99
C PHE A 106 -16.77 8.74 101.21
N SER A 107 -16.37 7.55 100.78
CA SER A 107 -15.00 7.09 101.05
C SER A 107 -14.28 6.44 99.89
N ARG A 108 -14.97 5.86 98.90
CA ARG A 108 -14.30 4.98 97.93
C ARG A 108 -14.76 5.32 96.51
N VAL A 109 -14.11 6.31 95.90
CA VAL A 109 -14.32 6.64 94.49
C VAL A 109 -13.01 6.46 93.73
N ASN A 110 -13.01 5.55 92.77
CA ASN A 110 -11.82 5.19 92.02
C ASN A 110 -12.16 5.00 90.55
N GLY A 111 -11.18 4.49 89.80
CA GLY A 111 -11.38 4.10 88.43
C GLY A 111 -10.40 3.00 88.06
N LYS A 112 -10.81 2.06 87.20
CA LYS A 112 -9.91 1.00 86.78
C LYS A 112 -10.41 0.42 85.46
N PHE A 113 -9.48 0.09 84.58
CA PHE A 113 -9.78 -0.67 83.35
C PHE A 113 -8.53 -1.46 83.01
N SER A 114 -8.47 -2.72 83.46
CA SER A 114 -7.32 -3.58 83.18
C SER A 114 -7.56 -4.39 81.91
N THR A 115 -7.79 -3.66 80.82
CA THR A 115 -8.14 -4.27 79.54
C THR A 115 -6.94 -5.02 78.97
N GLU A 116 -7.20 -6.16 78.35
CA GLU A 116 -6.16 -7.01 77.80
C GLU A 116 -6.58 -7.55 76.45
N PHE A 117 -5.58 -7.94 75.65
CA PHE A 117 -5.80 -8.53 74.34
C PHE A 117 -4.69 -9.53 74.09
N GLN A 118 -5.04 -10.73 73.65
CA GLN A 118 -4.07 -11.71 73.19
C GLN A 118 -4.55 -12.28 71.86
N ARG A 119 -3.77 -12.07 70.81
CA ARG A 119 -4.07 -12.62 69.50
C ARG A 119 -2.83 -13.34 68.99
N MET A 120 -3.04 -14.49 68.36
CA MET A 120 -1.95 -15.27 67.77
C MET A 120 -2.44 -15.85 66.47
N LYS A 121 -2.07 -15.23 65.36
CA LYS A 121 -2.41 -15.71 64.02
C LYS A 121 -1.24 -16.49 63.46
N THR A 122 -1.46 -17.76 63.17
CA THR A 122 -0.46 -18.59 62.53
C THR A 122 -1.04 -19.17 61.25
N LEU A 123 -0.30 -19.00 60.15
CA LEU A 123 -0.60 -19.67 58.89
C LEU A 123 0.49 -20.66 58.60
N GLN A 124 0.13 -21.70 57.85
CA GLN A 124 1.10 -22.69 57.38
C GLN A 124 0.63 -23.18 56.02
N VAL A 125 1.09 -22.55 54.97
CA VAL A 125 0.88 -23.07 53.62
C VAL A 125 1.97 -24.07 53.35
N LYS A 126 1.66 -25.13 52.61
CA LYS A 126 2.66 -26.14 52.29
C LYS A 126 2.29 -26.77 50.95
N ASP A 127 3.03 -26.42 49.91
CA ASP A 127 2.76 -26.85 48.55
C ASP A 127 3.88 -27.77 48.08
N GLN A 128 3.52 -28.80 47.30
CA GLN A 128 4.51 -29.79 46.89
C GLN A 128 4.09 -30.36 45.52
N ALA A 129 4.66 -29.81 44.45
CA ALA A 129 4.42 -30.31 43.11
C ALA A 129 5.46 -31.37 42.77
N VAL A 130 5.05 -32.35 41.98
CA VAL A 130 5.95 -33.41 41.53
C VAL A 130 5.55 -33.86 40.13
N THR A 131 6.47 -33.75 39.18
CA THR A 131 6.25 -34.22 37.82
C THR A 131 7.29 -35.27 37.49
N THR A 132 6.91 -36.22 36.64
CA THR A 132 7.83 -37.30 36.30
C THR A 132 7.40 -37.88 34.95
N ARG A 133 8.12 -37.53 33.89
CA ARG A 133 7.87 -38.08 32.57
C ARG A 133 8.93 -39.11 32.23
N VAL A 134 8.52 -40.12 31.47
CA VAL A 134 9.41 -41.12 30.90
C VAL A 134 8.81 -41.49 29.56
N GLN A 135 9.61 -41.48 28.51
CA GLN A 135 9.06 -41.87 27.22
C GLN A 135 10.19 -42.37 26.32
N VAL A 136 9.92 -43.44 25.60
CA VAL A 136 10.95 -44.25 24.97
C VAL A 136 10.50 -44.63 23.57
N ARG A 137 11.40 -44.50 22.59
CA ARG A 137 11.14 -44.83 21.20
C ARG A 137 11.99 -46.01 20.76
N ASN A 138 11.48 -46.79 19.81
CA ASN A 138 12.22 -47.88 19.21
C ASN A 138 11.89 -48.02 17.73
N ARG A 139 12.89 -48.37 16.94
CA ARG A 139 12.73 -48.70 15.55
C ARG A 139 13.58 -49.92 15.25
N ILE A 140 13.16 -50.76 14.30
CA ILE A 140 14.07 -51.78 13.82
C ILE A 140 13.95 -51.86 12.31
N TYR A 141 14.98 -52.38 11.64
CA TYR A 141 14.90 -52.73 10.22
C TYR A 141 16.02 -53.73 9.91
N THR A 142 15.71 -55.02 9.99
CA THR A 142 16.73 -56.03 10.26
C THR A 142 17.55 -56.37 9.03
N VAL A 143 18.60 -57.16 9.27
CA VAL A 143 19.65 -57.47 8.30
C VAL A 143 20.24 -58.83 8.64
N LYS A 144 20.35 -59.70 7.66
CA LYS A 144 20.92 -61.02 7.85
C LYS A 144 22.09 -61.20 6.88
N THR A 145 23.02 -62.06 7.25
CA THR A 145 24.11 -62.42 6.35
C THR A 145 23.66 -63.55 5.45
N THR A 146 24.03 -63.46 4.17
CA THR A 146 23.57 -64.47 3.23
C THR A 146 24.14 -65.83 3.64
N PRO A 147 23.40 -66.90 3.41
CA PRO A 147 23.84 -68.22 3.88
C PRO A 147 25.00 -68.79 3.10
N THR A 148 25.50 -68.09 2.09
CA THR A 148 26.55 -68.62 1.23
C THR A 148 27.74 -67.70 1.12
N SER A 149 27.95 -66.82 2.09
CA SER A 149 29.10 -65.94 1.99
C SER A 149 30.35 -66.65 2.50
N GLU A 150 31.49 -66.05 2.19
CA GLU A 150 32.79 -66.64 2.50
C GLU A 150 33.53 -65.78 3.50
N LEU A 151 34.55 -66.37 4.12
CA LEU A 151 35.32 -65.65 5.11
C LEU A 151 36.03 -64.46 4.48
N SER A 152 36.39 -63.50 5.32
CA SER A 152 37.10 -62.33 4.85
C SER A 152 38.52 -62.72 4.45
N LEU A 153 39.26 -61.73 3.96
CA LEU A 153 40.65 -62.00 3.61
C LEU A 153 41.51 -62.14 4.84
N GLY A 154 41.49 -61.12 5.72
CA GLY A 154 42.31 -61.19 6.92
C GLY A 154 42.01 -62.39 7.78
N PHE A 155 40.74 -62.79 7.84
CA PHE A 155 40.38 -63.94 8.64
C PHE A 155 41.03 -65.20 8.08
N THR A 156 40.86 -65.45 6.79
CA THR A 156 41.51 -66.60 6.18
C THR A 156 43.01 -66.54 6.36
N LYS A 157 43.60 -65.35 6.27
CA LYS A 157 45.03 -65.22 6.47
C LYS A 157 45.42 -65.73 7.84
N ALA A 158 44.78 -65.20 8.89
CA ALA A 158 45.10 -65.65 10.24
C ALA A 158 44.87 -67.14 10.40
N LEU A 159 43.79 -67.65 9.80
CA LEU A 159 43.44 -69.05 9.97
C LEU A 159 44.49 -69.95 9.36
N MET A 160 44.77 -69.76 8.06
CA MET A 160 45.80 -70.59 7.44
C MET A 160 47.17 -70.31 8.01
N ASP A 161 47.38 -69.18 8.67
CA ASP A 161 48.62 -68.97 9.39
C ASP A 161 48.73 -69.91 10.57
N ILE A 162 47.67 -69.99 11.38
CA ILE A 162 47.67 -70.97 12.46
C ILE A 162 47.79 -72.38 11.90
N CYS A 163 47.21 -72.63 10.73
CA CYS A 163 47.32 -73.96 10.14
C CYS A 163 48.74 -74.27 9.73
N ASP A 164 49.45 -73.30 9.16
CA ASP A 164 50.86 -73.49 8.84
C ASP A 164 51.68 -73.68 10.11
N GLN A 165 51.26 -73.04 11.20
CA GLN A 165 51.95 -73.25 12.47
C GLN A 165 51.75 -74.67 12.98
N LEU A 166 50.55 -75.21 12.82
CA LEU A 166 50.29 -76.57 13.30
C LEU A 166 50.98 -77.60 12.41
N GLU A 167 50.97 -77.40 11.10
CA GLU A 167 51.74 -78.26 10.21
C GLU A 167 53.23 -78.15 10.49
N LYS A 168 53.70 -76.97 10.84
CA LYS A 168 55.09 -76.74 11.22
C LYS A 168 55.36 -77.17 12.66
N ASN A 169 54.37 -77.75 13.32
CA ASN A 169 54.51 -78.44 14.60
C ASN A 169 54.82 -77.51 15.75
N GLN A 170 54.99 -76.22 15.50
CA GLN A 170 55.33 -75.25 16.54
C GLN A 170 54.07 -74.94 17.35
N THR A 171 53.86 -75.73 18.40
CA THR A 171 52.64 -75.60 19.18
C THR A 171 52.55 -74.24 19.86
N LYS A 172 53.64 -73.83 20.53
CA LYS A 172 53.62 -72.59 21.30
C LYS A 172 53.22 -71.41 20.43
N MET A 173 53.98 -71.18 19.35
CA MET A 173 53.61 -70.10 18.45
C MET A 173 52.21 -70.28 17.88
N ALA A 174 51.81 -71.53 17.64
CA ALA A 174 50.47 -71.77 17.11
C ALA A 174 49.39 -71.36 18.09
N THR A 175 49.48 -71.85 19.33
CA THR A 175 48.46 -71.49 20.30
C THR A 175 48.47 -70.01 20.62
N TYR A 176 49.64 -69.38 20.59
CA TYR A 176 49.68 -67.94 20.79
C TYR A 176 49.02 -67.21 19.63
N LEU A 177 49.21 -67.71 18.41
CA LEU A 177 48.57 -67.09 17.27
C LEU A 177 47.06 -67.25 17.34
N ALA A 178 46.59 -68.39 17.83
CA ALA A 178 45.15 -68.57 18.02
C ALA A 178 44.61 -67.62 19.07
N GLU A 179 45.35 -67.45 20.16
CA GLU A 179 44.95 -66.50 21.19
C GLU A 179 44.89 -65.09 20.62
N LEU A 180 45.88 -64.73 19.82
CA LEU A 180 45.85 -63.42 19.16
C LEU A 180 44.65 -63.31 18.24
N LEU A 181 44.33 -64.38 17.51
CA LEU A 181 43.15 -64.39 16.66
C LEU A 181 41.90 -64.08 17.46
N ILE A 182 41.74 -64.75 18.59
CA ILE A 182 40.52 -64.54 19.36
C ILE A 182 40.51 -63.16 19.97
N LEU A 183 41.67 -62.61 20.28
CA LEU A 183 41.72 -61.24 20.78
C LEU A 183 41.44 -60.23 19.68
N ASN A 184 41.70 -60.61 18.44
CA ASN A 184 41.68 -59.68 17.32
C ASN A 184 40.38 -59.75 16.52
N TYR A 185 39.61 -60.81 16.68
CA TYR A 185 38.40 -61.02 15.90
C TYR A 185 37.22 -61.43 16.76
N GLY A 186 37.33 -61.37 18.07
CA GLY A 186 36.22 -61.69 18.92
C GLY A 186 35.86 -63.15 18.96
N THR A 187 35.05 -63.54 19.93
CA THR A 187 34.70 -64.93 20.15
C THR A 187 33.41 -65.34 19.45
N HIS A 188 32.82 -64.46 18.66
CA HIS A 188 31.60 -64.82 17.95
C HIS A 188 31.51 -63.97 16.70
N VAL A 189 30.88 -64.53 15.67
CA VAL A 189 30.61 -63.81 14.44
C VAL A 189 29.11 -63.58 14.37
N ILE A 190 28.73 -62.37 13.99
CA ILE A 190 27.34 -61.96 13.97
C ILE A 190 26.72 -62.40 12.66
N THR A 191 25.51 -62.92 12.71
CA THR A 191 24.78 -63.29 11.51
C THR A 191 23.46 -62.56 11.39
N SER A 192 23.18 -61.60 12.26
CA SER A 192 21.92 -60.89 12.23
C SER A 192 22.01 -59.66 13.10
N VAL A 193 21.59 -58.52 12.57
CA VAL A 193 21.44 -57.30 13.33
C VAL A 193 20.11 -56.68 12.95
N ASP A 194 19.70 -55.68 13.71
CA ASP A 194 18.45 -54.99 13.47
C ASP A 194 18.75 -53.50 13.36
N ALA A 195 18.86 -53.02 12.14
CA ALA A 195 19.12 -51.59 11.92
C ALA A 195 17.96 -50.80 12.50
N GLY A 196 18.21 -50.11 13.59
CA GLY A 196 17.17 -49.31 14.18
C GLY A 196 17.78 -48.18 14.97
N ALA A 197 16.93 -47.53 15.75
CA ALA A 197 17.39 -46.52 16.69
C ALA A 197 16.43 -46.51 17.87
N ALA A 198 16.91 -45.95 18.96
CA ALA A 198 16.12 -45.88 20.17
C ALA A 198 16.32 -44.53 20.81
N LEU A 199 15.46 -44.22 21.76
CA LEU A 199 15.56 -42.97 22.50
C LEU A 199 14.81 -43.17 23.80
N VAL A 200 15.50 -42.97 24.91
CA VAL A 200 14.94 -43.17 26.23
C VAL A 200 15.21 -41.89 26.99
N GLN A 201 14.17 -41.08 27.20
CA GLN A 201 14.36 -39.81 27.87
C GLN A 201 13.35 -39.67 28.98
N GLU A 202 13.74 -38.95 30.03
CA GLU A 202 12.93 -38.85 31.23
C GLU A 202 13.37 -37.64 32.02
N ASP A 203 12.52 -37.24 32.96
CA ASP A 203 12.85 -36.10 33.80
C ASP A 203 11.94 -36.09 35.00
N HIS A 204 12.45 -35.53 36.10
CA HIS A 204 11.68 -35.37 37.32
C HIS A 204 11.70 -33.92 37.74
N VAL A 205 10.58 -33.46 38.27
CA VAL A 205 10.51 -32.15 38.91
C VAL A 205 9.96 -32.37 40.31
N ARG A 206 10.53 -31.67 41.29
CA ARG A 206 10.07 -31.84 42.67
C ARG A 206 10.10 -30.47 43.34
N SER A 207 8.99 -29.76 43.26
CA SER A 207 8.84 -28.49 43.94
C SER A 207 8.44 -28.73 45.38
N SER A 208 8.92 -27.87 46.26
CA SER A 208 8.56 -27.90 47.66
C SER A 208 8.42 -26.46 48.15
N PHE A 209 7.29 -26.16 48.77
CA PHE A 209 6.98 -24.79 49.15
C PHE A 209 6.38 -24.82 50.55
N LEU A 210 7.16 -24.39 51.53
CA LEU A 210 6.74 -24.41 52.92
C LEU A 210 6.73 -22.99 53.44
N LEU A 211 5.56 -22.51 53.86
CA LEU A 211 5.39 -21.15 54.33
C LEU A 211 4.95 -21.16 55.79
N ASP A 212 5.42 -20.17 56.55
CA ASP A 212 5.08 -20.04 57.95
C ASP A 212 4.55 -18.64 58.22
N ASN A 213 4.00 -18.46 59.41
CA ASN A 213 3.54 -17.17 59.86
C ASN A 213 3.17 -17.29 61.33
N GLN A 214 3.55 -16.29 62.12
CA GLN A 214 3.13 -16.21 63.52
C GLN A 214 2.88 -14.73 63.80
N ASN A 215 1.64 -14.31 63.61
CA ASN A 215 1.29 -12.89 63.69
C ASN A 215 0.56 -12.65 65.00
N SER A 216 1.32 -12.46 66.07
CA SER A 216 0.76 -12.29 67.40
C SER A 216 0.55 -10.81 67.72
N GLN A 217 -0.19 -10.55 68.80
CA GLN A 217 -0.46 -9.19 69.22
C GLN A 217 -0.77 -9.16 70.71
N ASN A 218 -0.58 -7.99 71.31
CA ASN A 218 -0.94 -7.74 72.70
C ASN A 218 -1.47 -6.32 72.82
N THR A 219 -2.30 -6.11 73.83
CA THR A 219 -2.80 -4.77 74.13
C THR A 219 -3.19 -4.73 75.59
N VAL A 220 -2.40 -4.06 76.41
CA VAL A 220 -2.64 -3.93 77.84
C VAL A 220 -2.91 -2.47 78.14
N THR A 221 -3.97 -2.21 78.89
CA THR A 221 -4.32 -0.85 79.29
C THR A 221 -4.72 -0.87 80.76
N ALA A 222 -4.32 0.18 81.48
CA ALA A 222 -4.67 0.38 82.87
C ALA A 222 -5.43 1.70 83.00
N SER A 223 -5.98 1.95 84.18
CA SER A 223 -6.75 3.17 84.40
C SER A 223 -6.80 3.48 85.89
N ALA A 224 -7.21 4.71 86.17
CA ALA A 224 -7.34 5.27 87.52
C ALA A 224 -8.47 6.28 87.47
N GLY A 225 -8.45 7.22 88.40
CA GLY A 225 -9.54 8.17 88.49
C GLY A 225 -10.14 8.31 89.87
N ILE A 226 -9.33 8.07 90.90
CA ILE A 226 -9.76 8.31 92.27
C ILE A 226 -9.86 9.82 92.48
N ALA A 227 -11.06 10.37 92.27
CA ALA A 227 -11.21 11.81 92.39
C ALA A 227 -12.60 12.27 92.80
N PHE A 228 -12.88 12.36 94.09
CA PHE A 228 -13.82 13.35 94.58
C PHE A 228 -13.31 13.98 95.87
N LEU A 229 -12.59 13.21 96.67
CA LEU A 229 -12.29 13.59 98.04
C LEU A 229 -10.79 13.65 98.26
N ASN A 230 -10.36 14.74 98.91
CA ASN A 230 -9.00 15.01 99.35
C ASN A 230 -8.09 15.32 98.16
N ILE A 231 -8.57 14.98 96.96
CA ILE A 231 -8.05 15.44 95.67
C ILE A 231 -9.24 15.44 94.74
N VAL A 232 -9.67 16.62 94.28
CA VAL A 232 -10.90 16.66 93.48
C VAL A 232 -10.67 16.03 92.12
N ASN A 233 -9.43 16.00 91.66
CA ASN A 233 -9.12 15.34 90.40
C ASN A 233 -7.65 14.96 90.24
N PHE A 234 -7.40 13.69 89.91
CA PHE A 234 -6.16 13.29 89.26
C PHE A 234 -6.38 11.92 88.61
N LYS A 235 -5.92 11.76 87.38
CA LYS A 235 -6.26 10.59 86.58
C LYS A 235 -4.98 9.95 86.07
N VAL A 236 -4.98 8.62 86.07
CA VAL A 236 -3.82 7.85 85.62
C VAL A 236 -4.31 6.75 84.69
N GLU A 237 -3.67 6.62 83.54
CA GLU A 237 -3.92 5.49 82.64
C GLU A 237 -2.68 5.25 81.79
N THR A 238 -2.24 3.99 81.75
CA THR A 238 -1.15 3.59 80.88
C THR A 238 -1.71 2.80 79.71
N ASP A 239 -0.94 2.77 78.62
CA ASP A 239 -1.29 1.98 77.45
C ASP A 239 -0.08 1.16 77.01
N TYR A 240 -0.33 0.05 76.34
CA TYR A 240 0.75 -0.87 75.98
C TYR A 240 0.24 -1.79 74.89
N ILE A 241 0.88 -1.76 73.72
CA ILE A 241 0.51 -2.62 72.61
C ILE A 241 1.79 -3.17 71.99
N SER A 242 1.81 -4.47 71.77
CA SER A 242 2.97 -5.16 71.20
C SER A 242 2.51 -6.05 70.06
N GLN A 243 3.29 -6.05 68.99
CA GLN A 243 2.99 -6.87 67.82
C GLN A 243 4.20 -7.73 67.48
N THR A 244 3.94 -8.81 66.76
CA THR A 244 5.01 -9.70 66.31
C THR A 244 4.49 -10.49 65.14
N SER A 245 5.04 -10.25 63.96
CA SER A 245 4.64 -10.95 62.75
C SER A 245 5.88 -11.51 62.10
N LEU A 246 6.00 -12.82 62.07
CA LEU A 246 7.19 -13.50 61.57
C LEU A 246 6.76 -14.51 60.52
N THR A 247 7.09 -14.23 59.27
CA THR A 247 6.83 -15.15 58.17
C THR A 247 8.13 -15.83 57.76
N LYS A 248 7.99 -17.09 57.35
CA LYS A 248 9.13 -17.88 56.91
C LYS A 248 8.66 -18.79 55.79
N ASP A 249 9.21 -18.61 54.59
CA ASP A 249 8.92 -19.50 53.48
C ASP A 249 10.20 -20.09 52.95
N TYR A 250 10.10 -21.27 52.36
CA TYR A 250 11.28 -22.04 52.01
C TYR A 250 10.97 -22.87 50.77
N LEU A 251 11.31 -22.32 49.61
CA LEU A 251 11.02 -22.93 48.32
C LEU A 251 12.25 -23.68 47.82
N SER A 252 12.04 -24.84 47.21
CA SER A 252 13.15 -25.61 46.68
C SER A 252 12.67 -26.48 45.52
N ASN A 253 12.91 -26.01 44.29
CA ASN A 253 12.77 -26.85 43.12
C ASN A 253 13.95 -27.81 43.03
N ARG A 254 13.73 -28.90 42.31
CA ARG A 254 14.82 -29.82 41.97
C ARG A 254 14.41 -30.55 40.70
N THR A 255 15.09 -30.24 39.60
CA THR A 255 14.75 -30.82 38.31
C THR A 255 15.86 -31.74 37.86
N ASN A 256 15.50 -32.87 37.28
CA ASN A 256 16.43 -33.72 36.58
C ASN A 256 16.00 -33.88 35.13
N SER A 257 16.86 -34.51 34.36
CA SER A 257 16.56 -34.81 32.97
C SER A 257 17.65 -35.73 32.46
N ARG A 258 17.31 -36.71 31.64
CA ARG A 258 18.31 -37.61 31.12
C ARG A 258 17.79 -38.23 29.84
N VAL A 259 18.25 -37.75 28.70
CA VAL A 259 17.95 -38.45 27.47
C VAL A 259 19.09 -39.43 27.27
N GLN A 260 18.81 -40.50 26.56
CA GLN A 260 19.85 -41.47 26.25
C GLN A 260 19.43 -42.13 24.95
N SER A 261 19.95 -41.63 23.85
CA SER A 261 19.50 -42.05 22.53
C SER A 261 20.64 -42.75 21.81
N PHE A 262 20.32 -43.84 21.13
CA PHE A 262 21.27 -44.46 20.22
C PHE A 262 20.48 -45.25 19.21
N GLY A 263 20.52 -44.82 17.97
CA GLY A 263 21.25 -43.63 17.60
C GLY A 263 20.55 -42.91 16.49
N GLY A 264 20.40 -41.60 16.62
CA GLY A 264 19.77 -40.84 15.57
C GLY A 264 20.58 -39.62 15.23
N VAL A 265 19.94 -38.45 15.21
CA VAL A 265 20.67 -37.21 15.01
C VAL A 265 21.15 -36.78 16.37
N PRO A 266 22.34 -36.18 16.50
CA PRO A 266 22.81 -35.74 17.82
C PRO A 266 21.75 -34.99 18.60
N PHE A 267 21.34 -35.57 19.72
CA PHE A 267 20.21 -35.04 20.47
C PHE A 267 20.52 -33.68 21.06
N TYR A 268 19.47 -32.93 21.33
CA TYR A 268 19.56 -31.66 22.02
C TYR A 268 18.21 -31.35 22.63
N PRO A 269 18.17 -30.67 23.79
CA PRO A 269 16.91 -30.62 24.55
C PRO A 269 15.73 -30.10 23.77
N GLY A 270 15.87 -28.98 23.10
CA GLY A 270 14.72 -28.40 22.44
C GLY A 270 14.19 -29.17 21.25
N ILE A 271 14.73 -30.36 20.97
CA ILE A 271 14.34 -31.08 19.77
C ILE A 271 12.93 -31.61 19.93
N THR A 272 12.17 -31.60 18.85
CA THR A 272 10.87 -32.23 18.87
C THR A 272 11.01 -33.72 18.97
N LEU A 273 9.91 -34.38 19.28
CA LEU A 273 9.89 -35.83 19.20
C LEU A 273 9.79 -36.31 17.77
N GLU A 274 9.75 -35.38 16.82
CA GLU A 274 9.57 -35.67 15.40
C GLU A 274 10.85 -35.50 14.62
N THR A 275 11.41 -34.28 14.58
CA THR A 275 12.63 -34.05 13.84
C THR A 275 13.71 -35.05 14.20
N TRP A 276 13.65 -35.60 15.40
CA TRP A 276 14.39 -36.83 15.68
C TRP A 276 14.09 -37.90 14.64
N GLN A 277 12.82 -38.26 14.51
CA GLN A 277 12.46 -39.36 13.63
C GLN A 277 12.81 -39.07 12.19
N LYS A 278 12.29 -37.99 11.63
CA LYS A 278 12.56 -37.69 10.24
C LYS A 278 14.05 -37.69 9.93
N GLY A 279 14.88 -37.38 10.93
CA GLY A 279 16.31 -37.36 10.72
C GLY A 279 16.99 -38.68 11.02
N ILE A 280 16.26 -39.77 10.87
CA ILE A 280 16.82 -41.09 11.12
C ILE A 280 17.20 -41.79 9.82
N THR A 281 17.28 -41.06 8.71
CA THR A 281 17.38 -41.69 7.40
C THR A 281 18.56 -42.64 7.34
N ASN A 282 19.78 -42.12 7.39
CA ASN A 282 20.90 -42.88 7.92
C ASN A 282 21.00 -42.49 9.39
N HIS A 283 22.13 -42.78 10.04
CA HIS A 283 22.24 -42.79 11.50
C HIS A 283 21.45 -43.96 12.07
N LEU A 284 21.55 -45.12 11.44
CA LEU A 284 20.99 -46.31 12.05
C LEU A 284 22.05 -47.00 12.89
N VAL A 285 21.60 -47.81 13.84
CA VAL A 285 22.50 -48.42 14.80
C VAL A 285 21.99 -49.81 15.11
N ALA A 286 22.90 -50.75 15.27
CA ALA A 286 22.52 -52.11 15.60
C ALA A 286 21.92 -52.11 16.99
N ILE A 287 20.60 -52.21 17.08
CA ILE A 287 19.96 -52.23 18.39
C ILE A 287 19.84 -53.63 18.95
N ASP A 288 20.09 -54.65 18.14
CA ASP A 288 19.96 -56.03 18.58
C ASP A 288 20.70 -56.90 17.59
N ARG A 289 21.35 -57.94 18.09
CA ARG A 289 22.19 -58.74 17.22
C ARG A 289 22.25 -60.17 17.73
N ALA A 290 22.54 -61.08 16.82
CA ALA A 290 22.65 -62.49 17.13
C ALA A 290 23.59 -63.13 16.13
N GLY A 291 24.40 -64.07 16.61
CA GLY A 291 25.35 -64.73 15.76
C GLY A 291 25.68 -66.11 16.29
N LEU A 292 26.81 -66.63 15.86
CA LEU A 292 27.25 -67.97 16.20
C LEU A 292 28.66 -67.94 16.74
N PRO A 293 29.08 -68.98 17.46
CA PRO A 293 30.47 -69.04 17.89
C PRO A 293 31.36 -69.27 16.68
N LEU A 294 32.48 -68.56 16.65
CA LEU A 294 33.26 -68.52 15.42
C LEU A 294 33.85 -69.88 15.08
N HIS A 295 34.09 -70.72 16.08
CA HIS A 295 34.57 -72.07 15.78
C HIS A 295 33.62 -72.79 14.84
N PHE A 296 32.34 -72.43 14.88
CA PHE A 296 31.37 -73.00 13.95
C PHE A 296 31.70 -72.65 12.51
N PHE A 297 32.32 -71.50 12.28
CA PHE A 297 32.60 -71.05 10.93
C PHE A 297 33.90 -71.59 10.38
N ILE A 298 34.66 -72.33 11.18
CA ILE A 298 35.92 -72.93 10.73
C ILE A 298 35.58 -74.36 10.33
N LYS A 299 35.20 -74.52 9.07
CA LYS A 299 34.79 -75.80 8.52
C LYS A 299 35.32 -75.92 7.11
N PRO A 300 35.64 -77.13 6.65
CA PRO A 300 36.31 -77.27 5.35
C PRO A 300 35.54 -76.70 4.19
N ASP A 301 34.22 -76.67 4.25
CA ASP A 301 33.46 -76.07 3.16
C ASP A 301 33.68 -74.56 3.14
N LYS A 302 33.52 -73.90 4.28
CA LYS A 302 33.76 -72.46 4.36
C LYS A 302 35.22 -72.12 4.14
N LEU A 303 36.08 -73.07 4.22
CA LEU A 303 37.46 -72.74 3.95
C LEU A 303 37.86 -73.15 2.54
N PRO A 304 38.79 -72.44 1.94
CA PRO A 304 39.27 -72.84 0.61
C PRO A 304 40.07 -74.12 0.68
N GLY A 305 40.66 -74.52 -0.44
CA GLY A 305 41.41 -75.76 -0.51
C GLY A 305 42.41 -75.92 0.61
N LEU A 306 42.15 -76.87 1.50
CA LEU A 306 43.00 -77.15 2.65
C LEU A 306 42.74 -78.59 3.09
N PRO A 307 43.69 -79.20 3.80
CA PRO A 307 43.52 -80.61 4.18
C PRO A 307 42.37 -80.79 5.15
N GLY A 308 41.55 -81.81 4.90
CA GLY A 308 40.35 -82.06 5.65
C GLY A 308 40.57 -82.16 7.15
N PRO A 309 41.25 -83.20 7.60
CA PRO A 309 41.44 -83.37 9.04
C PRO A 309 42.22 -82.23 9.69
N LEU A 310 43.06 -81.55 8.92
CA LEU A 310 43.80 -80.43 9.48
C LEU A 310 42.87 -79.29 9.87
N VAL A 311 41.78 -79.10 9.13
CA VAL A 311 40.87 -78.05 9.55
C VAL A 311 40.11 -78.48 10.79
N LYS A 312 39.91 -79.78 10.98
CA LYS A 312 39.37 -80.26 12.26
C LYS A 312 40.31 -79.91 13.40
N LYS A 313 41.60 -80.21 13.22
CA LYS A 313 42.61 -79.80 14.18
C LYS A 313 42.52 -78.31 14.47
N LEU A 314 42.45 -77.51 13.41
CA LEU A 314 42.43 -76.06 13.55
C LEU A 314 41.22 -75.60 14.33
N SER A 315 40.05 -76.14 14.00
CA SER A 315 38.83 -75.78 14.71
C SER A 315 38.94 -76.13 16.18
N LYS A 316 39.47 -77.31 16.48
CA LYS A 316 39.61 -77.68 17.89
C LYS A 316 40.58 -76.74 18.60
N THR A 317 41.66 -76.36 17.94
CA THR A 317 42.63 -75.46 18.57
C THR A 317 42.02 -74.10 18.84
N VAL A 318 41.34 -73.54 17.85
CA VAL A 318 40.70 -72.24 18.03
C VAL A 318 39.67 -72.31 19.14
N GLU A 319 38.87 -73.37 19.15
CA GLU A 319 37.84 -73.52 20.17
C GLU A 319 38.44 -73.61 21.57
N THR A 320 39.52 -74.38 21.71
CA THR A 320 40.18 -74.48 22.99
C THR A 320 40.78 -73.15 23.41
N ALA A 321 41.34 -72.40 22.46
CA ALA A 321 41.84 -71.07 22.77
C ALA A 321 40.72 -70.18 23.30
N VAL A 322 39.55 -70.24 22.65
CA VAL A 322 38.39 -69.52 23.13
C VAL A 322 38.09 -69.94 24.57
N ARG A 323 37.84 -71.22 24.77
CA ARG A 323 37.60 -71.81 26.08
C ARG A 323 38.53 -71.23 27.14
N HIS A 324 39.83 -71.29 26.86
CA HIS A 324 40.82 -70.65 27.73
C HIS A 324 40.45 -69.21 27.99
N TYR A 325 40.35 -68.42 26.93
CA TYR A 325 40.05 -66.99 27.07
C TYR A 325 38.68 -66.78 27.69
N TYR A 326 37.80 -67.78 27.61
CA TYR A 326 36.43 -67.60 28.07
C TYR A 326 36.33 -67.76 29.58
N THR A 327 36.72 -68.93 30.10
CA THR A 327 36.55 -69.21 31.53
C THR A 327 37.38 -68.26 32.38
N PHE A 328 38.69 -68.36 32.29
CA PHE A 328 39.61 -67.43 32.89
C PHE A 328 40.29 -66.63 31.78
N ASN A 329 41.30 -65.86 32.14
CA ASN A 329 42.01 -65.06 31.15
C ASN A 329 43.15 -65.89 30.58
N THR A 330 42.79 -67.07 30.05
CA THR A 330 43.66 -67.92 29.22
C THR A 330 45.11 -67.93 29.66
N HIS A 331 45.35 -68.12 30.95
CA HIS A 331 46.67 -67.91 31.56
C HIS A 331 47.57 -69.14 31.42
N PRO A 332 48.60 -69.11 30.56
CA PRO A 332 49.67 -70.11 30.69
C PRO A 332 50.52 -69.86 31.92
N GLY A 333 51.03 -68.63 32.06
CA GLY A 333 51.88 -68.32 33.20
C GLY A 333 51.53 -67.15 34.08
N CYS A 334 50.87 -66.11 33.55
CA CYS A 334 50.65 -64.88 34.30
C CYS A 334 49.84 -63.85 33.53
N THR A 335 49.41 -62.78 34.22
CA THR A 335 48.85 -61.61 33.55
C THR A 335 49.99 -60.85 32.88
N ASN A 336 49.81 -60.53 31.60
CA ASN A 336 51.02 -60.12 30.88
C ASN A 336 51.02 -58.67 30.40
N VAL A 337 49.95 -58.20 29.77
CA VAL A 337 50.03 -56.90 29.11
C VAL A 337 49.95 -55.76 30.11
N ASP A 338 49.20 -55.94 31.20
CA ASP A 338 49.12 -54.93 32.25
C ASP A 338 50.44 -54.85 32.98
N SER A 339 51.06 -53.65 32.97
CA SER A 339 52.39 -53.43 33.54
C SER A 339 53.35 -54.48 32.99
N PRO A 340 53.83 -54.32 31.74
CA PRO A 340 54.57 -55.41 31.10
C PRO A 340 55.94 -55.67 31.72
N ASN A 341 56.24 -55.01 32.84
CA ASN A 341 57.56 -55.08 33.45
C ASN A 341 57.98 -56.49 33.88
N PHE A 342 57.28 -57.09 34.85
CA PHE A 342 57.73 -58.34 35.45
C PHE A 342 56.83 -59.53 35.09
N ASN A 343 56.23 -59.51 33.90
CA ASN A 343 55.26 -60.51 33.51
C ASN A 343 55.77 -61.37 32.36
N PHE A 344 55.28 -62.61 32.33
CA PHE A 344 55.52 -63.51 31.20
C PHE A 344 54.56 -63.14 30.08
N GLN A 345 55.10 -62.57 29.00
CA GLN A 345 54.29 -61.89 28.00
C GLN A 345 54.38 -62.50 26.62
N ALA A 346 54.52 -63.82 26.54
CA ALA A 346 54.30 -64.51 25.28
C ALA A 346 52.84 -64.86 25.08
N ASN A 347 52.03 -64.80 26.13
CA ASN A 347 50.59 -65.01 26.07
C ASN A 347 49.87 -63.67 25.97
N MET A 348 48.56 -63.69 26.20
CA MET A 348 47.77 -62.48 26.34
C MET A 348 46.92 -62.58 27.59
N ASP A 349 46.98 -61.56 28.44
CA ASP A 349 46.27 -61.55 29.71
C ASP A 349 46.22 -60.15 30.31
N ASP A 350 45.02 -59.69 30.66
CA ASP A 350 44.80 -58.31 31.11
C ASP A 350 43.91 -58.28 32.35
N ASP A 351 44.27 -59.08 33.36
CA ASP A 351 43.46 -59.18 34.58
C ASP A 351 43.22 -57.84 35.26
N SER A 352 44.28 -57.26 35.85
CA SER A 352 44.21 -55.96 36.52
C SER A 352 45.59 -55.54 37.00
N CYS A 353 45.72 -54.28 37.44
CA CYS A 353 47.01 -53.69 37.73
C CYS A 353 47.20 -53.28 39.19
N ASP A 354 46.15 -52.78 39.84
CA ASP A 354 46.28 -52.20 41.17
C ASP A 354 46.38 -53.24 42.28
N ALA A 355 46.72 -54.49 41.96
CA ALA A 355 46.83 -55.54 42.96
C ALA A 355 47.99 -55.24 43.90
N LYS A 356 47.71 -55.19 45.21
CA LYS A 356 48.75 -55.08 46.23
C LYS A 356 48.59 -56.12 47.32
N VAL A 357 47.44 -56.77 47.43
CA VAL A 357 47.18 -57.77 48.45
C VAL A 357 46.89 -59.11 47.79
N THR A 358 47.10 -60.18 48.55
CA THR A 358 46.73 -61.53 48.14
C THR A 358 45.68 -62.14 49.06
N ASN A 359 44.83 -61.32 49.68
CA ASN A 359 43.88 -61.80 50.68
C ASN A 359 42.78 -62.63 50.01
N PHE A 360 41.91 -63.21 50.84
CA PHE A 360 40.98 -64.23 50.37
C PHE A 360 39.63 -63.60 50.03
N THR A 361 38.68 -64.46 49.65
CA THR A 361 37.35 -64.02 49.26
C THR A 361 36.55 -63.58 50.49
N PHE A 362 36.62 -62.30 50.80
CA PHE A 362 35.99 -61.75 52.00
C PHE A 362 34.68 -61.05 51.63
N GLY A 363 33.66 -61.87 51.38
CA GLY A 363 32.36 -61.38 50.96
C GLY A 363 31.55 -60.82 52.12
N GLY A 364 30.30 -60.48 51.80
CA GLY A 364 29.38 -59.96 52.80
C GLY A 364 29.27 -58.46 52.84
N VAL A 365 28.11 -57.96 53.26
CA VAL A 365 27.85 -56.53 53.36
C VAL A 365 26.89 -56.25 54.52
N TYR A 366 27.30 -55.35 55.43
CA TYR A 366 26.58 -55.22 56.69
C TYR A 366 26.89 -53.86 57.31
N GLN A 367 26.01 -53.43 58.22
CA GLN A 367 26.09 -52.11 58.83
C GLN A 367 25.13 -52.04 60.01
N GLU A 368 24.94 -50.83 60.53
CA GLU A 368 24.02 -50.56 61.65
C GLU A 368 23.61 -49.09 61.58
N CYS A 369 22.31 -48.84 61.46
CA CYS A 369 21.77 -47.48 61.43
C CYS A 369 21.12 -47.19 62.78
N THR A 370 21.86 -46.50 63.64
CA THR A 370 21.36 -46.16 64.96
C THR A 370 20.82 -44.74 65.00
N GLU A 371 19.65 -44.59 65.62
CA GLU A 371 18.98 -43.30 65.77
C GLU A 371 19.43 -42.64 67.06
N LEU A 372 19.75 -41.35 66.97
CA LEU A 372 20.05 -40.57 68.18
C LEU A 372 18.85 -39.77 68.67
N SER A 373 18.07 -39.18 67.77
CA SER A 373 16.89 -38.43 68.17
C SER A 373 15.98 -38.26 66.96
N GLY A 374 14.68 -38.22 67.22
CA GLY A 374 13.70 -38.17 66.14
C GLY A 374 13.64 -39.46 65.36
N ASP A 375 12.71 -39.55 64.40
CA ASP A 375 12.63 -40.71 63.51
C ASP A 375 12.55 -40.20 62.07
N VAL A 376 13.70 -39.92 61.47
CA VAL A 376 13.78 -39.50 60.09
C VAL A 376 14.82 -40.30 59.34
N LEU A 377 16.06 -40.29 59.86
CA LEU A 377 17.20 -40.79 59.11
C LEU A 377 17.30 -42.30 59.12
N CYS A 378 16.65 -42.97 60.07
CA CYS A 378 16.70 -44.43 60.10
C CYS A 378 16.03 -45.06 58.89
N GLN A 379 15.04 -44.41 58.30
CA GLN A 379 14.28 -45.03 57.22
C GLN A 379 15.08 -45.10 55.92
N ASN A 380 16.04 -44.19 55.73
CA ASN A 380 16.82 -44.15 54.50
C ASN A 380 18.27 -44.53 54.67
N LEU A 381 18.83 -44.43 55.87
CA LEU A 381 20.18 -44.91 56.12
C LEU A 381 20.21 -46.36 56.57
N GLU A 382 19.15 -47.12 56.32
CA GLU A 382 19.12 -48.52 56.70
C GLU A 382 19.65 -49.40 55.58
N GLN A 383 20.97 -49.60 55.55
CA GLN A 383 21.62 -50.35 54.46
C GLN A 383 21.76 -51.82 54.84
N LYS A 384 20.64 -52.42 55.23
CA LYS A 384 20.66 -53.72 55.89
C LYS A 384 21.34 -54.77 55.03
N ASN A 385 21.84 -55.81 55.67
CA ASN A 385 22.58 -56.88 55.01
C ASN A 385 21.69 -57.55 53.97
N LEU A 386 22.27 -57.91 52.83
CA LEU A 386 21.55 -58.67 51.83
C LEU A 386 21.72 -60.17 52.00
N LEU A 387 22.88 -60.63 52.48
CA LEU A 387 23.16 -62.06 52.50
C LEU A 387 22.30 -62.80 53.50
N THR A 388 21.58 -62.07 54.37
CA THR A 388 20.76 -62.69 55.40
C THR A 388 19.31 -62.22 55.40
N GLY A 389 19.00 -61.11 54.73
CA GLY A 389 17.65 -60.58 54.76
C GLY A 389 17.34 -59.71 55.95
N ASP A 390 18.31 -59.47 56.83
CA ASP A 390 18.12 -58.64 58.01
C ASP A 390 19.50 -58.24 58.50
N PHE A 391 19.54 -57.64 59.69
CA PHE A 391 20.80 -57.20 60.29
C PHE A 391 21.52 -58.40 60.87
N SER A 392 22.34 -59.03 60.04
CA SER A 392 23.18 -60.14 60.46
C SER A 392 24.31 -60.31 59.46
N CYS A 393 25.35 -61.04 59.86
CA CYS A 393 26.34 -61.51 58.90
C CYS A 393 25.93 -62.88 58.38
N PRO A 394 26.47 -63.31 57.25
CA PRO A 394 26.23 -64.68 56.78
C PRO A 394 27.10 -65.66 57.53
N PRO A 395 26.65 -66.92 57.64
CA PRO A 395 27.44 -67.93 58.36
C PRO A 395 28.82 -68.10 57.72
N GLY A 396 29.84 -68.17 58.58
CA GLY A 396 31.22 -68.22 58.14
C GLY A 396 31.87 -66.88 57.97
N TYR A 397 31.17 -65.79 58.29
CA TYR A 397 31.68 -64.44 58.13
C TYR A 397 31.57 -63.72 59.46
N SER A 398 32.24 -62.56 59.56
CA SER A 398 32.24 -61.83 60.81
C SER A 398 31.84 -60.38 60.56
N PRO A 399 30.79 -59.91 61.22
CA PRO A 399 30.32 -58.52 61.02
C PRO A 399 31.15 -57.54 61.84
N VAL A 400 32.41 -57.38 61.45
CA VAL A 400 33.32 -56.52 62.19
C VAL A 400 33.08 -55.07 61.80
N HIS A 401 33.11 -54.20 62.80
CA HIS A 401 32.61 -52.83 62.65
C HIS A 401 33.46 -52.00 61.71
N LEU A 402 32.91 -51.66 60.54
CA LEU A 402 33.63 -50.87 59.55
C LEU A 402 33.92 -49.46 60.07
N LEU A 403 32.87 -48.69 60.36
CA LEU A 403 33.06 -47.33 60.85
C LEU A 403 31.76 -46.83 61.48
N SER A 404 31.90 -46.08 62.57
CA SER A 404 30.77 -45.39 63.18
C SER A 404 30.82 -43.91 62.82
N GLN A 405 29.65 -43.30 62.66
CA GLN A 405 29.58 -41.90 62.28
C GLN A 405 28.20 -41.36 62.62
N THR A 406 28.12 -40.05 62.78
CA THR A 406 26.87 -39.39 63.16
C THR A 406 26.60 -38.21 62.23
N HIS A 407 25.31 -37.89 62.10
CA HIS A 407 24.87 -36.77 61.29
C HIS A 407 23.78 -36.00 62.04
N GLU A 408 23.57 -34.75 61.64
CA GLU A 408 22.61 -33.88 62.29
C GLU A 408 21.87 -33.10 61.22
N GLU A 409 20.64 -33.51 60.93
CA GLU A 409 19.82 -32.85 59.93
C GLU A 409 18.49 -32.47 60.56
N GLY A 410 17.86 -31.45 59.98
CA GLY A 410 16.60 -30.95 60.50
C GLY A 410 15.52 -30.98 59.45
N TYR A 411 14.37 -31.55 59.82
CA TYR A 411 13.20 -31.57 58.97
C TYR A 411 12.01 -31.04 59.76
N SER A 412 11.29 -30.10 59.15
CA SER A 412 10.05 -29.59 59.73
C SER A 412 9.00 -30.70 59.63
N ARG A 413 8.74 -31.38 60.73
CA ARG A 413 7.97 -32.61 60.71
C ARG A 413 6.49 -32.32 60.41
N LEU A 414 5.69 -33.37 60.44
CA LEU A 414 4.25 -33.28 60.28
C LEU A 414 3.58 -33.21 61.65
N GLU A 415 2.55 -32.38 61.76
CA GLU A 415 1.82 -32.27 63.02
C GLU A 415 0.39 -31.84 62.73
N CYS A 416 -0.53 -32.79 62.79
CA CYS A 416 -1.96 -32.52 62.65
C CYS A 416 -2.64 -33.11 63.88
N LYS A 417 -2.72 -32.29 64.94
CA LYS A 417 -3.21 -32.73 66.22
C LYS A 417 -4.43 -31.92 66.62
N LYS A 418 -5.38 -32.57 67.28
CA LYS A 418 -6.58 -31.92 67.79
C LYS A 418 -6.42 -31.65 69.28
N LYS A 419 -6.87 -30.47 69.71
CA LYS A 419 -6.77 -30.06 71.10
C LYS A 419 -8.13 -29.59 71.59
N CYS A 420 -8.57 -30.15 72.71
CA CYS A 420 -9.80 -29.73 73.36
C CYS A 420 -9.55 -28.45 74.15
N THR A 421 -10.54 -27.56 74.17
CA THR A 421 -10.41 -26.32 74.93
C THR A 421 -10.76 -26.55 76.40
N LEU A 422 -12.01 -26.92 76.67
CA LEU A 422 -12.45 -27.26 78.02
C LEU A 422 -13.32 -28.50 78.03
N LYS A 423 -12.89 -29.53 77.29
CA LYS A 423 -13.52 -30.84 77.16
C LYS A 423 -14.87 -30.78 76.48
N ILE A 424 -15.37 -29.60 76.11
CA ILE A 424 -16.65 -29.49 75.43
C ILE A 424 -16.40 -29.42 73.93
N PHE A 425 -15.60 -28.45 73.51
CA PHE A 425 -15.21 -28.35 72.12
C PHE A 425 -13.71 -28.58 71.97
N CYS A 426 -13.32 -28.98 70.76
CA CYS A 426 -11.93 -29.24 70.45
C CYS A 426 -11.58 -28.56 69.14
N LYS A 427 -10.33 -28.11 69.06
CA LYS A 427 -9.78 -27.52 67.85
C LYS A 427 -8.62 -28.39 67.39
N THR A 428 -8.40 -28.42 66.09
CA THR A 428 -7.24 -29.10 65.51
C THR A 428 -6.21 -28.04 65.17
N VAL A 429 -5.12 -27.99 65.93
CA VAL A 429 -4.09 -26.99 65.76
C VAL A 429 -2.95 -27.62 64.97
N CYS A 430 -3.05 -27.53 63.65
CA CYS A 430 -1.99 -28.05 62.80
C CYS A 430 -0.85 -27.04 62.79
N GLU A 431 0.31 -27.44 63.34
CA GLU A 431 1.43 -26.52 63.42
C GLU A 431 2.72 -27.36 63.36
N ASP A 432 3.32 -27.40 62.18
CA ASP A 432 4.49 -28.23 61.94
C ASP A 432 5.71 -27.59 62.60
N VAL A 433 6.51 -28.42 63.27
CA VAL A 433 7.55 -27.93 64.16
C VAL A 433 8.91 -28.36 63.66
N PHE A 434 9.90 -27.52 63.91
CA PHE A 434 11.29 -27.84 63.62
C PHE A 434 11.77 -28.98 64.52
N ARG A 435 12.76 -29.72 64.04
CA ARG A 435 13.39 -30.76 64.83
C ARG A 435 14.70 -31.18 64.18
N VAL A 436 15.80 -31.08 64.92
CA VAL A 436 17.08 -31.62 64.49
C VAL A 436 17.11 -33.09 64.88
N ALA A 437 16.90 -33.97 63.91
CA ALA A 437 17.11 -35.38 64.16
C ALA A 437 18.58 -35.71 64.00
N LYS A 438 19.00 -36.82 64.62
CA LYS A 438 20.36 -37.30 64.49
C LYS A 438 20.34 -38.81 64.43
N ALA A 439 21.22 -39.37 63.62
CA ALA A 439 21.42 -40.81 63.53
C ALA A 439 22.91 -41.10 63.57
N GLU A 440 23.27 -42.18 64.27
CA GLU A 440 24.66 -42.61 64.35
C GLU A 440 24.81 -43.78 63.38
N PHE A 441 25.49 -43.51 62.27
CA PHE A 441 25.70 -44.50 61.22
C PHE A 441 26.86 -45.41 61.62
N ARG A 442 26.55 -46.68 61.89
CA ARG A 442 27.55 -47.67 62.26
C ARG A 442 27.69 -48.67 61.12
N ALA A 443 28.77 -48.56 60.37
CA ALA A 443 29.05 -49.53 59.32
C ALA A 443 29.84 -50.70 59.90
N TYR A 444 29.46 -51.91 59.48
CA TYR A 444 30.07 -53.14 59.99
C TYR A 444 30.52 -53.97 58.80
N TRP A 445 31.78 -53.82 58.42
CA TRP A 445 32.29 -54.56 57.27
C TRP A 445 32.22 -56.05 57.51
N CYS A 446 31.64 -56.77 56.55
CA CYS A 446 31.49 -58.20 56.64
C CYS A 446 32.66 -58.87 55.95
N VAL A 447 33.35 -59.75 56.67
CA VAL A 447 34.53 -60.44 56.17
C VAL A 447 34.44 -61.91 56.59
N ALA A 448 34.91 -62.80 55.72
CA ALA A 448 34.92 -64.22 56.04
C ALA A 448 35.86 -64.51 57.20
N ALA A 449 35.48 -65.49 58.02
CA ALA A 449 36.33 -65.89 59.14
C ALA A 449 37.49 -66.76 58.65
N GLY A 450 37.18 -67.83 57.92
CA GLY A 450 38.20 -68.71 57.40
C GLY A 450 37.92 -69.19 56.00
N GLN A 451 38.22 -70.47 55.73
CA GLN A 451 37.97 -71.03 54.41
C GLN A 451 36.46 -71.07 54.14
N VAL A 452 36.07 -70.61 52.97
CA VAL A 452 34.64 -70.48 52.65
C VAL A 452 34.15 -71.72 51.92
N PRO A 453 32.96 -72.22 52.22
CA PRO A 453 32.31 -73.19 51.32
C PRO A 453 31.70 -72.45 50.14
N ASP A 454 32.01 -72.92 48.92
CA ASP A 454 31.58 -72.22 47.73
C ASP A 454 30.07 -72.22 47.55
N ASN A 455 29.35 -73.03 48.33
CA ASN A 455 27.89 -73.04 48.25
C ASN A 455 27.29 -71.73 48.75
N SER A 456 27.88 -71.12 49.79
CA SER A 456 27.35 -69.91 50.39
C SER A 456 28.46 -68.91 50.66
N GLY A 457 29.50 -68.91 49.82
CA GLY A 457 30.56 -67.93 49.92
C GLY A 457 30.77 -67.25 48.59
N LEU A 458 30.55 -65.94 48.54
CA LEU A 458 30.53 -65.22 47.28
C LEU A 458 31.56 -64.09 47.25
N LEU A 459 31.94 -63.72 46.04
CA LEU A 459 32.85 -62.63 45.75
C LEU A 459 32.10 -61.48 45.08
N PHE A 460 32.61 -60.27 45.27
CA PHE A 460 31.89 -59.06 44.87
C PHE A 460 32.88 -58.03 44.36
N GLY A 461 32.43 -56.79 44.24
CA GLY A 461 33.31 -55.69 43.84
C GLY A 461 32.56 -54.47 43.33
N GLY A 462 33.14 -53.29 43.51
CA GLY A 462 32.56 -52.07 43.00
C GLY A 462 32.12 -51.10 44.08
N VAL A 463 32.86 -50.01 44.25
CA VAL A 463 32.57 -49.01 45.28
C VAL A 463 32.84 -47.62 44.71
N PHE A 464 31.95 -46.68 45.03
CA PHE A 464 32.04 -45.31 44.53
C PHE A 464 31.00 -44.46 45.21
N THR A 465 31.21 -43.15 45.19
CA THR A 465 30.24 -42.20 45.70
C THR A 465 29.60 -41.46 44.53
N ASP A 466 28.67 -40.56 44.85
CA ASP A 466 28.11 -39.69 43.82
C ASP A 466 29.15 -38.69 43.31
N LYS A 467 30.17 -38.41 44.11
CA LYS A 467 31.23 -37.47 43.73
C LYS A 467 32.49 -38.16 43.26
N THR A 468 32.90 -39.23 43.92
CA THR A 468 34.08 -39.98 43.50
C THR A 468 33.70 -40.96 42.41
N ILE A 469 34.48 -40.97 41.33
CA ILE A 469 34.22 -41.83 40.20
C ILE A 469 34.51 -43.28 40.59
N ASN A 470 33.84 -44.22 39.91
CA ASN A 470 34.11 -45.63 40.11
C ASN A 470 35.17 -46.09 39.12
N PRO A 471 36.44 -46.19 39.51
CA PRO A 471 37.45 -46.66 38.54
C PRO A 471 37.27 -48.12 38.17
N MET A 472 36.58 -48.89 39.01
CA MET A 472 36.13 -50.22 38.63
C MET A 472 35.45 -50.21 37.26
N THR A 473 34.41 -49.39 37.12
CA THR A 473 33.67 -49.33 35.87
C THR A 473 33.94 -48.04 35.09
N ASN A 474 34.75 -47.13 35.64
CA ASN A 474 34.99 -45.82 35.02
C ASN A 474 33.69 -45.06 34.80
N ALA A 475 32.80 -45.10 35.78
CA ALA A 475 31.51 -44.44 35.67
C ALA A 475 31.07 -44.03 37.07
N GLN A 476 29.80 -43.62 37.19
CA GLN A 476 29.19 -43.26 38.47
C GLN A 476 27.94 -44.09 38.74
N SER A 477 27.93 -45.33 38.27
CA SER A 477 26.78 -46.20 38.41
C SER A 477 27.27 -47.62 38.67
N CYS A 478 26.35 -48.55 38.63
CA CYS A 478 26.69 -49.94 38.83
C CYS A 478 26.94 -50.64 37.51
N PRO A 479 27.99 -51.45 37.42
CA PRO A 479 28.19 -52.28 36.24
C PRO A 479 27.10 -53.34 36.13
N ALA A 480 26.99 -53.92 34.94
CA ALA A 480 25.93 -54.87 34.66
C ALA A 480 26.04 -56.09 35.58
N GLY A 481 24.91 -56.55 36.09
CA GLY A 481 24.89 -57.63 37.05
C GLY A 481 25.31 -57.24 38.45
N TYR A 482 25.04 -56.00 38.86
CA TYR A 482 25.45 -55.49 40.17
C TYR A 482 24.29 -54.69 40.75
N ILE A 483 23.88 -55.06 41.97
CA ILE A 483 23.03 -54.18 42.77
C ILE A 483 23.95 -53.19 43.47
N PRO A 484 23.73 -51.89 43.35
CA PRO A 484 24.53 -50.96 44.15
C PRO A 484 24.02 -50.91 45.58
N LEU A 485 24.74 -51.55 46.50
CA LEU A 485 24.35 -51.59 47.89
C LEU A 485 24.91 -50.35 48.57
N ASN A 486 24.02 -49.44 48.98
CA ASN A 486 24.42 -48.12 49.46
C ASN A 486 24.86 -48.17 50.92
N LEU A 487 25.77 -49.11 51.20
CA LEU A 487 26.24 -49.37 52.57
C LEU A 487 26.61 -48.12 53.33
N PHE A 488 27.20 -47.13 52.68
CA PHE A 488 27.80 -46.01 53.39
C PHE A 488 26.93 -44.76 53.24
N GLU A 489 27.43 -43.64 53.75
CA GLU A 489 26.74 -42.36 53.60
C GLU A 489 26.46 -42.06 52.14
N SER A 490 27.48 -42.19 51.28
CA SER A 490 27.32 -41.94 49.85
C SER A 490 27.85 -43.06 48.96
N LEU A 491 28.46 -44.10 49.52
CA LEU A 491 28.96 -45.21 48.73
C LEU A 491 27.79 -46.08 48.28
N LYS A 492 27.90 -46.64 47.09
CA LYS A 492 26.97 -47.64 46.60
C LYS A 492 27.80 -48.86 46.25
N VAL A 493 28.04 -49.71 47.25
CA VAL A 493 28.93 -50.85 47.09
C VAL A 493 28.24 -51.86 46.17
N CYS A 494 28.72 -51.96 44.94
CA CYS A 494 28.16 -52.88 43.96
C CYS A 494 28.42 -54.31 44.38
N VAL A 495 27.47 -55.18 44.09
CA VAL A 495 27.54 -56.58 44.51
C VAL A 495 27.67 -57.48 43.28
N SER A 496 28.67 -58.35 43.27
CA SER A 496 28.75 -59.42 42.29
C SER A 496 27.94 -60.61 42.77
N LEU A 497 26.63 -60.37 42.90
CA LEU A 497 25.72 -61.36 43.44
C LEU A 497 25.63 -62.61 42.57
N ASP A 498 26.07 -62.54 41.32
CA ASP A 498 26.05 -63.69 40.42
C ASP A 498 27.42 -63.93 39.82
N TYR A 499 27.70 -65.19 39.52
CA TYR A 499 28.98 -65.60 38.96
C TYR A 499 29.21 -65.03 37.57
N GLU A 500 28.12 -64.71 36.86
CA GLU A 500 28.08 -64.82 35.40
C GLU A 500 29.24 -64.09 34.75
N LEU A 501 29.27 -62.77 34.86
CA LEU A 501 30.41 -62.03 34.35
C LEU A 501 31.36 -61.62 35.47
N GLY A 502 30.97 -61.84 36.71
CA GLY A 502 31.83 -61.55 37.83
C GLY A 502 33.11 -62.35 37.80
N PHE A 503 33.03 -63.63 37.40
CA PHE A 503 34.23 -64.46 37.37
C PHE A 503 35.40 -63.79 36.64
N LYS A 504 35.10 -63.00 35.61
CA LYS A 504 36.13 -62.26 34.88
C LYS A 504 36.16 -60.78 35.21
N PHE A 505 35.12 -60.25 35.86
CA PHE A 505 35.13 -58.87 36.35
C PHE A 505 34.69 -58.93 37.81
N SER A 506 35.63 -59.28 38.70
CA SER A 506 35.40 -59.34 40.13
C SER A 506 36.40 -58.48 40.91
N VAL A 507 37.69 -58.66 40.64
CA VAL A 507 38.76 -58.00 41.40
C VAL A 507 38.61 -58.38 42.87
N PRO A 508 39.06 -59.59 43.25
CA PRO A 508 38.66 -60.17 44.55
C PRO A 508 39.16 -59.41 45.76
N PHE A 509 38.36 -58.42 46.14
CA PHE A 509 38.68 -57.42 47.15
C PHE A 509 38.93 -58.05 48.52
N GLY A 510 39.31 -57.17 49.47
CA GLY A 510 39.21 -57.46 50.88
C GLY A 510 38.49 -56.32 51.58
N GLY A 511 38.72 -56.24 52.89
CA GLY A 511 38.08 -55.20 53.68
C GLY A 511 39.00 -54.40 54.57
N PHE A 512 38.59 -53.18 54.94
CA PHE A 512 39.42 -52.33 55.78
C PHE A 512 38.54 -51.26 56.39
N PHE A 513 38.75 -51.02 57.69
CA PHE A 513 38.01 -50.01 58.44
C PHE A 513 38.55 -48.62 58.08
N SER A 514 38.18 -47.62 58.86
CA SER A 514 38.78 -46.31 58.68
C SER A 514 40.20 -46.31 59.26
N CYS A 515 40.95 -45.26 58.92
CA CYS A 515 42.33 -45.16 59.41
C CYS A 515 42.37 -45.04 60.93
N ILE A 516 41.29 -44.58 61.54
CA ILE A 516 41.22 -44.55 63.00
C ILE A 516 40.64 -45.85 63.56
N MET A 517 39.71 -46.46 62.86
CA MET A 517 39.17 -47.76 63.24
C MET A 517 40.20 -48.85 62.91
N GLY A 518 39.86 -50.09 63.20
CA GLY A 518 40.81 -51.18 63.06
C GLY A 518 40.94 -51.72 61.65
N ASN A 519 40.89 -53.05 61.52
CA ASN A 519 41.06 -53.73 60.25
C ASN A 519 40.71 -55.19 60.45
N PRO A 520 40.23 -55.88 59.41
CA PRO A 520 39.78 -57.26 59.58
C PRO A 520 40.87 -58.31 59.45
N LEU A 521 41.94 -58.03 58.72
CA LEU A 521 42.90 -59.08 58.38
C LEU A 521 44.31 -58.73 58.84
N VAL A 522 45.20 -59.70 58.68
CA VAL A 522 46.56 -59.62 59.21
C VAL A 522 47.49 -58.99 58.19
N ASN A 523 48.58 -58.42 58.69
CA ASN A 523 49.66 -57.90 57.85
C ASN A 523 50.90 -58.77 58.03
N ALA A 532 41.68 -63.09 68.25
CA ALA A 532 42.85 -62.66 68.99
C ALA A 532 43.26 -61.26 68.57
N PRO A 533 42.61 -60.24 69.14
CA PRO A 533 42.92 -58.86 68.74
C PRO A 533 44.27 -58.41 69.26
N SER A 534 45.25 -58.34 68.37
CA SER A 534 46.57 -57.83 68.68
C SER A 534 47.08 -56.80 67.67
N LEU A 535 46.52 -56.77 66.47
CA LEU A 535 46.96 -55.87 65.42
C LEU A 535 45.91 -54.81 65.14
N LYS A 536 46.38 -53.59 64.82
CA LYS A 536 45.48 -52.54 64.36
C LYS A 536 46.26 -51.67 63.37
N LYS A 537 46.21 -52.03 62.10
CA LYS A 537 46.78 -51.28 60.99
C LYS A 537 46.42 -52.02 59.71
N CYS A 538 46.64 -51.34 58.58
CA CYS A 538 46.12 -51.79 57.29
C CYS A 538 46.24 -53.31 57.15
N PRO A 539 45.15 -54.01 56.80
CA PRO A 539 45.15 -55.47 56.83
C PRO A 539 45.92 -56.08 55.66
N GLY A 540 47.23 -56.22 55.83
CA GLY A 540 48.08 -56.69 54.76
C GLY A 540 48.70 -55.54 54.01
N GLY A 541 48.68 -55.60 52.68
CA GLY A 541 49.19 -54.53 51.87
C GLY A 541 48.11 -53.55 51.47
N PHE A 542 47.97 -53.32 50.16
CA PHE A 542 47.00 -52.39 49.60
C PHE A 542 47.19 -50.99 50.22
N SER A 543 48.29 -50.37 49.83
CA SER A 543 48.62 -49.02 50.24
C SER A 543 47.46 -48.08 49.92
N GLN A 544 47.54 -46.84 50.39
CA GLN A 544 46.36 -46.01 50.60
C GLN A 544 45.77 -45.67 49.23
N HIS A 545 44.94 -46.58 48.74
CA HIS A 545 44.15 -46.37 47.53
C HIS A 545 42.79 -45.82 47.95
N LEU A 546 42.65 -44.49 47.90
CA LEU A 546 41.47 -43.84 48.44
C LEU A 546 40.20 -44.34 47.81
N ALA A 547 39.16 -44.43 48.62
CA ALA A 547 37.80 -44.70 48.14
C ALA A 547 36.82 -43.61 48.55
N VAL A 548 36.92 -43.10 49.78
CA VAL A 548 36.03 -42.07 50.27
C VAL A 548 36.62 -41.50 51.56
N ILE A 549 36.38 -40.22 51.81
CA ILE A 549 36.73 -39.60 53.08
C ILE A 549 35.46 -39.39 53.87
N SER A 550 35.53 -39.60 55.19
CA SER A 550 34.42 -39.32 56.07
C SER A 550 34.92 -38.44 57.21
N ASP A 551 34.57 -37.16 57.16
CA ASP A 551 34.93 -36.15 58.15
C ASP A 551 36.36 -36.30 58.67
N GLY A 552 37.31 -36.52 57.75
CA GLY A 552 38.71 -36.56 58.14
C GLY A 552 39.38 -37.91 57.96
N CYS A 553 38.66 -38.98 58.30
CA CYS A 553 39.21 -40.33 58.16
C CYS A 553 38.96 -40.83 56.75
N GLN A 554 39.94 -41.53 56.19
CA GLN A 554 39.79 -42.13 54.87
C GLN A 554 39.39 -43.59 55.01
N VAL A 555 38.47 -44.03 54.15
CA VAL A 555 37.97 -45.39 54.15
C VAL A 555 38.47 -46.09 52.91
N SER A 556 39.31 -47.11 53.09
CA SER A 556 39.89 -47.85 51.98
C SER A 556 39.64 -49.35 52.18
N TYR A 557 40.30 -50.19 51.38
CA TYR A 557 40.09 -51.62 51.44
C TYR A 557 41.43 -52.33 51.27
N CYS A 558 41.37 -53.63 50.99
CA CYS A 558 42.51 -54.39 50.48
C CYS A 558 41.97 -55.16 49.28
N VAL A 559 41.95 -54.52 48.13
CA VAL A 559 41.30 -55.06 46.95
C VAL A 559 42.33 -55.83 46.14
N LYS A 560 42.30 -57.16 46.25
CA LYS A 560 43.16 -58.03 45.47
C LYS A 560 42.62 -58.13 44.06
N ALA A 561 43.50 -58.33 43.09
CA ALA A 561 43.16 -58.36 41.68
C ALA A 561 43.65 -59.64 41.03
N GLY A 562 43.38 -60.79 41.66
CA GLY A 562 43.90 -62.05 41.20
C GLY A 562 43.25 -62.60 39.95
N ILE A 563 43.07 -63.92 39.90
CA ILE A 563 42.62 -64.59 38.69
C ILE A 563 41.16 -64.26 38.37
N THR B 13 50.92 -41.06 1.10
CA THR B 13 50.03 -41.12 2.25
C THR B 13 49.22 -39.83 2.36
N GLY B 14 49.02 -39.17 1.23
CA GLY B 14 48.33 -37.89 1.18
C GLY B 14 46.86 -38.14 0.89
N PHE B 15 46.01 -38.00 1.90
CA PHE B 15 44.58 -38.15 1.70
C PHE B 15 43.99 -37.06 0.84
N GLN B 16 44.75 -36.01 0.54
CA GLN B 16 44.21 -34.88 -0.19
C GLN B 16 43.67 -35.27 -1.56
N ILE B 17 44.17 -36.36 -2.14
CA ILE B 17 43.75 -36.74 -3.48
C ILE B 17 42.25 -37.02 -3.52
N CYS B 18 41.76 -37.85 -2.61
CA CYS B 18 40.36 -38.21 -2.69
C CYS B 18 39.49 -37.38 -1.78
N LYS B 19 40.04 -36.78 -0.74
CA LYS B 19 39.37 -35.65 -0.12
C LYS B 19 39.04 -34.60 -1.16
N ASN B 20 39.82 -34.53 -2.23
CA ASN B 20 39.53 -33.67 -3.35
C ASN B 20 38.54 -34.33 -4.30
N ALA B 21 38.70 -35.63 -4.56
CA ALA B 21 37.77 -36.32 -5.44
C ALA B 21 36.34 -36.23 -4.90
N LEU B 22 36.10 -36.83 -3.74
CA LEU B 22 34.82 -36.71 -3.06
C LEU B 22 34.99 -35.75 -1.90
N LYS B 23 33.99 -34.90 -1.67
CA LYS B 23 34.20 -33.70 -0.89
C LYS B 23 34.06 -33.90 0.61
N LEU B 24 34.16 -35.10 1.10
CA LEU B 24 33.93 -35.29 2.53
C LEU B 24 35.18 -34.92 3.33
N PRO B 25 35.03 -34.56 4.59
CA PRO B 25 36.17 -34.27 5.44
C PRO B 25 36.70 -35.52 6.13
N VAL B 26 38.01 -35.60 6.25
CA VAL B 26 38.62 -36.76 6.85
C VAL B 26 38.33 -36.79 8.34
N LEU B 27 38.11 -37.99 8.88
CA LEU B 27 37.95 -38.14 10.30
C LEU B 27 39.20 -37.64 11.01
N GLU B 28 39.01 -37.06 12.20
CA GLU B 28 40.15 -36.50 12.90
C GLU B 28 40.79 -37.51 13.83
N VAL B 29 40.00 -38.21 14.59
CA VAL B 29 40.54 -39.18 15.54
C VAL B 29 40.94 -40.43 14.77
N LEU B 30 42.12 -40.97 15.09
CA LEU B 30 42.60 -42.12 14.37
C LEU B 30 43.39 -42.99 15.34
N PRO B 31 43.22 -44.29 15.28
CA PRO B 31 43.82 -45.16 16.28
C PRO B 31 45.28 -45.45 16.05
N GLY B 32 45.71 -45.53 14.80
CA GLY B 32 47.06 -45.97 14.53
C GLY B 32 48.09 -44.95 14.94
N GLY B 33 48.23 -44.73 16.23
CA GLY B 33 49.18 -43.74 16.72
C GLY B 33 49.63 -44.01 18.13
N GLY B 34 50.94 -43.98 18.35
CA GLY B 34 51.46 -44.24 19.67
C GLY B 34 50.92 -43.30 20.72
N TRP B 35 51.12 -43.66 21.97
CA TRP B 35 50.46 -42.96 23.06
C TRP B 35 51.25 -43.17 24.34
N ASP B 36 51.70 -42.09 24.95
CA ASP B 36 52.44 -42.17 26.20
C ASP B 36 51.44 -42.38 27.34
N ASN B 37 51.57 -43.49 28.04
CA ASN B 37 50.65 -43.77 29.14
C ASN B 37 51.03 -43.04 30.41
N LEU B 38 52.28 -42.61 30.54
CA LEU B 38 52.68 -41.90 31.74
C LEU B 38 52.29 -40.43 31.68
N ARG B 39 52.86 -39.70 30.72
CA ARG B 39 52.44 -38.32 30.50
C ARG B 39 50.98 -38.22 30.09
N ASN B 40 50.42 -39.31 29.54
CA ASN B 40 49.02 -39.35 29.13
C ASN B 40 48.72 -38.38 27.99
N VAL B 41 49.41 -38.55 26.86
CA VAL B 41 49.26 -37.67 25.71
C VAL B 41 49.76 -38.39 24.46
N ASP B 42 49.05 -38.20 23.34
CA ASP B 42 49.42 -38.84 22.07
C ASP B 42 50.86 -38.54 21.72
N MET B 43 51.49 -39.47 20.99
CA MET B 43 52.91 -39.35 20.71
C MET B 43 53.26 -39.34 19.23
N GLY B 44 52.73 -40.26 18.43
CA GLY B 44 53.11 -40.28 17.03
C GLY B 44 52.61 -41.53 16.35
N ARG B 45 52.67 -41.49 15.02
CA ARG B 45 52.22 -42.63 14.23
C ARG B 45 52.95 -43.89 14.63
N VAL B 46 52.23 -45.00 14.62
CA VAL B 46 52.90 -46.30 14.73
C VAL B 46 52.42 -47.19 13.60
N MET B 47 51.12 -47.42 13.52
CA MET B 47 50.53 -48.15 12.41
C MET B 47 50.28 -47.18 11.28
N ASP B 48 50.83 -47.46 10.10
CA ASP B 48 50.74 -46.51 9.01
C ASP B 48 49.30 -46.38 8.54
N LEU B 49 48.96 -45.18 8.06
CA LEU B 49 47.63 -44.88 7.58
C LEU B 49 47.74 -44.38 6.16
N THR B 50 47.37 -45.22 5.21
CA THR B 50 47.34 -44.83 3.81
C THR B 50 45.95 -44.36 3.45
N TYR B 51 45.78 -43.98 2.19
CA TYR B 51 44.46 -43.64 1.69
C TYR B 51 44.28 -44.12 0.26
N THR B 52 44.90 -45.24 -0.08
CA THR B 52 44.97 -45.67 -1.47
C THR B 52 43.59 -45.93 -2.06
N ASN B 53 42.92 -46.99 -1.61
CA ASN B 53 41.60 -47.33 -2.11
C ASN B 53 40.58 -46.55 -1.32
N CYS B 54 40.70 -45.22 -1.31
CA CYS B 54 40.33 -44.46 -0.13
C CYS B 54 38.92 -44.77 0.31
N LYS B 55 38.81 -45.21 1.55
CA LYS B 55 37.57 -45.68 2.14
C LYS B 55 36.69 -44.49 2.44
N THR B 56 35.59 -44.75 3.14
CA THR B 56 34.73 -43.73 3.68
C THR B 56 33.74 -44.44 4.60
N THR B 57 33.32 -43.75 5.64
CA THR B 57 32.36 -44.35 6.54
C THR B 57 31.07 -44.65 5.80
N GLU B 58 30.32 -45.62 6.31
CA GLU B 58 29.13 -46.07 5.60
C GLU B 58 28.16 -44.93 5.36
N ASP B 59 27.73 -44.26 6.42
CA ASP B 59 26.94 -43.05 6.26
C ASP B 59 27.92 -41.98 5.81
N GLY B 60 28.21 -41.99 4.51
CA GLY B 60 29.40 -41.31 4.07
C GLY B 60 29.40 -39.85 4.42
N GLN B 61 30.11 -39.52 5.50
CA GLN B 61 30.45 -38.14 5.81
C GLN B 61 31.82 -38.06 6.43
N TYR B 62 32.71 -38.99 6.10
CA TYR B 62 34.10 -38.93 6.51
C TYR B 62 34.92 -39.77 5.55
N ILE B 63 36.23 -39.68 5.67
CA ILE B 63 37.16 -40.47 4.86
C ILE B 63 38.13 -41.13 5.83
N ILE B 64 37.78 -42.33 6.30
CA ILE B 64 38.69 -43.03 7.18
C ILE B 64 39.89 -43.49 6.35
N PRO B 65 41.05 -43.68 6.94
CA PRO B 65 42.14 -44.32 6.21
C PRO B 65 41.89 -45.80 6.10
N ASP B 66 42.42 -46.40 5.05
CA ASP B 66 42.03 -47.76 4.72
C ASP B 66 42.68 -48.80 5.61
N GLU B 67 43.22 -48.40 6.75
CA GLU B 67 43.64 -49.35 7.76
C GLU B 67 42.77 -49.30 9.00
N VAL B 68 41.60 -48.66 8.92
CA VAL B 68 40.70 -48.61 10.05
C VAL B 68 39.28 -48.84 9.55
N TYR B 69 38.44 -49.35 10.44
CA TYR B 69 37.03 -49.55 10.16
C TYR B 69 36.24 -48.99 11.32
N THR B 70 35.05 -48.49 11.04
CA THR B 70 34.23 -47.83 12.03
C THR B 70 32.94 -48.60 12.26
N ILE B 71 32.37 -48.40 13.44
CA ILE B 71 31.08 -49.00 13.81
C ILE B 71 30.26 -47.97 14.57
N PRO B 72 29.25 -47.41 13.96
CA PRO B 72 28.70 -46.14 14.41
C PRO B 72 27.58 -46.24 15.41
N GLN B 73 27.64 -45.45 16.50
CA GLN B 73 26.53 -45.31 17.44
C GLN B 73 26.83 -44.27 18.49
N LYS B 74 25.85 -43.44 18.88
CA LYS B 74 25.68 -42.98 20.28
C LYS B 74 24.68 -41.87 20.44
N GLU B 75 24.38 -41.51 21.70
CA GLU B 75 24.13 -40.17 22.22
C GLU B 75 23.78 -40.32 23.70
N SER B 76 24.05 -39.27 24.48
CA SER B 76 23.67 -39.31 25.88
C SER B 76 23.90 -37.94 26.51
N ASN B 77 22.93 -37.47 27.28
CA ASN B 77 23.16 -36.26 28.06
C ASN B 77 22.21 -36.26 29.25
N LEU B 78 22.45 -35.34 30.18
CA LEU B 78 21.61 -35.27 31.35
C LEU B 78 21.71 -33.89 31.97
N GLU B 79 20.56 -33.27 32.20
CA GLU B 79 20.45 -31.97 32.86
C GLU B 79 19.93 -32.18 34.26
N MET B 80 20.30 -31.28 35.16
CA MET B 80 19.79 -31.32 36.51
C MET B 80 20.15 -30.03 37.21
N ASN B 81 19.23 -29.53 38.04
CA ASN B 81 19.46 -28.31 38.78
C ASN B 81 18.63 -28.33 40.04
N SER B 82 18.86 -27.35 40.92
CA SER B 82 18.19 -27.29 42.20
C SER B 82 17.88 -25.83 42.52
N GLU B 83 17.28 -25.61 43.69
CA GLU B 83 16.75 -24.31 44.05
C GLU B 83 16.62 -24.23 45.57
N VAL B 84 16.74 -23.01 46.10
CA VAL B 84 16.60 -22.77 47.53
C VAL B 84 16.23 -21.30 47.72
N LEU B 85 15.20 -21.03 48.54
CA LEU B 85 14.80 -19.67 48.86
C LEU B 85 14.57 -19.54 50.36
N GLU B 86 14.33 -18.30 50.80
CA GLU B 86 14.02 -17.98 52.19
C GLU B 86 13.34 -16.62 52.23
N SER B 87 12.77 -16.28 53.38
CA SER B 87 12.29 -14.94 53.68
C SER B 87 11.87 -14.87 55.14
N TRP B 88 12.17 -13.77 55.81
CA TRP B 88 11.86 -13.56 57.22
C TRP B 88 11.23 -12.19 57.43
N MET B 89 10.66 -11.96 58.62
CA MET B 89 10.07 -10.67 58.99
C MET B 89 10.13 -10.51 60.51
N ASN B 90 9.61 -9.37 60.99
CA ASN B 90 9.43 -9.09 62.41
C ASN B 90 8.51 -7.88 62.58
N TYR B 91 8.38 -7.42 63.84
CA TYR B 91 7.41 -6.40 64.21
C TYR B 91 7.82 -5.77 65.55
N GLN B 92 6.89 -5.03 66.16
CA GLN B 92 7.23 -4.01 67.16
C GLN B 92 6.44 -4.05 68.47
N SER B 93 6.61 -3.01 69.29
CA SER B 93 5.98 -2.89 70.61
C SER B 93 5.85 -1.42 70.96
N THR B 94 4.97 -1.10 71.93
CA THR B 94 4.61 0.28 72.24
C THR B 94 4.01 0.39 73.64
N THR B 95 4.35 1.48 74.32
CA THR B 95 3.70 1.83 75.59
C THR B 95 3.42 3.32 75.62
N SER B 96 2.52 3.73 76.51
CA SER B 96 2.16 5.14 76.64
C SER B 96 1.33 5.33 77.90
N LEU B 97 1.58 6.41 78.65
CA LEU B 97 0.83 6.74 79.85
C LEU B 97 0.71 8.25 79.95
N SER B 98 -0.51 8.75 80.12
CA SER B 98 -0.80 10.19 80.12
C SER B 98 -1.61 10.51 81.37
N ILE B 99 -0.95 11.01 82.42
CA ILE B 99 -1.54 11.01 83.74
C ILE B 99 -1.31 12.32 84.49
N ASN B 100 -2.38 13.04 84.82
CA ASN B 100 -2.58 13.67 86.14
C ASN B 100 -3.76 14.63 86.05
N THR B 101 -4.11 15.21 87.20
CA THR B 101 -4.99 16.38 87.29
C THR B 101 -4.85 16.93 88.70
N GLU B 102 -5.37 18.13 88.94
CA GLU B 102 -5.47 18.70 90.28
C GLU B 102 -6.34 19.96 90.24
N LEU B 103 -7.00 20.24 91.36
CA LEU B 103 -7.80 21.45 91.57
C LEU B 103 -8.07 21.60 93.07
N ALA B 104 -8.39 22.83 93.47
CA ALA B 104 -9.02 23.14 94.74
C ALA B 104 -9.37 24.62 94.76
N LEU B 105 -10.23 25.00 95.71
CA LEU B 105 -10.58 26.39 95.91
C LEU B 105 -10.06 26.96 97.22
N PHE B 106 -9.32 26.18 98.01
CA PHE B 106 -8.82 26.63 99.31
C PHE B 106 -7.31 26.71 99.34
N SER B 107 -6.59 25.61 99.07
CA SER B 107 -5.14 25.62 99.18
C SER B 107 -4.39 24.96 98.04
N ARG B 108 -4.97 24.00 97.32
CA ARG B 108 -4.18 23.13 96.43
C ARG B 108 -4.88 22.99 95.07
N VAL B 109 -4.65 23.95 94.18
CA VAL B 109 -5.10 23.89 92.79
C VAL B 109 -3.89 23.90 91.88
N ASN B 110 -3.73 22.83 91.11
CA ASN B 110 -2.57 22.65 90.24
C ASN B 110 -3.00 22.05 88.91
N GLY B 111 -2.00 21.67 88.12
CA GLY B 111 -2.22 20.93 86.90
C GLY B 111 -1.01 20.09 86.57
N LYS B 112 -1.20 18.91 85.99
CA LYS B 112 -0.08 18.07 85.62
C LYS B 112 -0.52 17.09 84.54
N PHE B 113 0.37 16.82 83.58
CA PHE B 113 0.17 15.76 82.59
C PHE B 113 1.56 15.28 82.18
N SER B 114 2.04 14.22 82.84
CA SER B 114 3.36 13.68 82.54
C SER B 114 3.24 12.57 81.49
N THR B 115 2.68 12.94 80.35
CA THR B 115 2.40 11.97 79.30
C THR B 115 3.70 11.47 78.66
N GLU B 116 3.72 10.19 78.31
CA GLU B 116 4.90 9.55 77.77
C GLU B 116 4.52 8.63 76.62
N PHE B 117 5.50 8.36 75.75
CA PHE B 117 5.32 7.45 74.64
C PHE B 117 6.65 6.76 74.37
N GLN B 118 6.63 5.45 74.23
CA GLN B 118 7.80 4.69 73.80
C GLN B 118 7.36 3.73 72.72
N ARG B 119 7.93 3.88 71.53
CA ARG B 119 7.66 3.00 70.41
C ARG B 119 8.99 2.55 69.83
N MET B 120 9.08 1.27 69.47
CA MET B 120 10.27 0.71 68.86
C MET B 120 9.83 -0.27 67.79
N LYS B 121 9.89 0.16 66.54
CA LYS B 121 9.55 -0.69 65.40
C LYS B 121 10.84 -1.22 64.79
N THR B 122 10.98 -2.55 64.79
CA THR B 122 12.12 -3.19 64.15
C THR B 122 11.60 -4.18 63.11
N LEU B 123 12.11 -4.07 61.89
CA LEU B 123 11.89 -5.06 60.85
C LEU B 123 13.20 -5.77 60.55
N GLN B 124 13.09 -7.01 60.08
CA GLN B 124 14.26 -7.76 59.65
C GLN B 124 13.80 -8.67 58.52
N VAL B 125 13.93 -8.20 57.30
CA VAL B 125 13.74 -9.04 56.13
C VAL B 125 15.06 -9.74 55.86
N LYS B 126 14.99 -10.98 55.39
CA LYS B 126 16.21 -11.73 55.10
C LYS B 126 15.89 -12.72 53.98
N ASP B 127 16.38 -12.43 52.78
CA ASP B 127 16.10 -13.21 51.60
C ASP B 127 17.39 -13.88 51.12
N GLN B 128 17.27 -15.12 50.63
CA GLN B 128 18.46 -15.87 50.23
C GLN B 128 18.09 -16.81 49.08
N ALA B 129 18.33 -16.39 47.85
CA ALA B 129 18.12 -17.24 46.69
C ALA B 129 19.38 -18.01 46.37
N VAL B 130 19.20 -19.24 45.86
CA VAL B 130 20.33 -20.08 45.46
C VAL B 130 19.92 -20.93 44.27
N THR B 131 20.65 -20.79 43.17
CA THR B 131 20.43 -21.59 41.97
C THR B 131 21.71 -22.37 41.67
N THR B 132 21.55 -23.55 41.10
CA THR B 132 22.70 -24.39 40.79
C THR B 132 22.32 -25.36 39.67
N ARG B 133 22.78 -25.07 38.47
CA ARG B 133 22.55 -25.96 37.33
C ARG B 133 23.84 -26.71 37.01
N VAL B 134 23.67 -27.94 36.54
CA VAL B 134 24.76 -28.76 36.01
C VAL B 134 24.15 -29.58 34.89
N GLN B 135 24.79 -29.60 33.74
CA GLN B 135 24.24 -30.40 32.65
C GLN B 135 25.35 -30.76 31.68
N VAL B 136 25.34 -32.00 31.22
CA VAL B 136 26.50 -32.62 30.58
C VAL B 136 26.02 -33.42 29.38
N ARG B 137 26.73 -33.27 28.25
CA ARG B 137 26.43 -33.97 27.02
C ARG B 137 27.54 -34.94 26.67
N ASN B 138 27.19 -36.02 25.97
CA ASN B 138 28.16 -36.98 25.46
C ASN B 138 27.72 -37.53 24.12
N ARG B 139 28.68 -37.77 23.25
CA ARG B 139 28.47 -38.45 21.99
C ARG B 139 29.63 -39.42 21.78
N ILE B 140 29.36 -40.52 21.09
CA ILE B 140 30.49 -41.34 20.66
C ILE B 140 30.22 -41.80 19.22
N TYR B 141 31.29 -42.16 18.50
CA TYR B 141 31.16 -42.84 17.21
C TYR B 141 32.48 -43.53 16.90
N THR B 142 32.59 -44.81 17.27
CA THR B 142 33.89 -45.39 17.53
C THR B 142 34.64 -45.79 16.26
N VAL B 143 35.90 -46.16 16.46
CA VAL B 143 36.88 -46.40 15.39
C VAL B 143 37.89 -47.42 15.88
N LYS B 144 38.15 -48.43 15.07
CA LYS B 144 39.12 -49.46 15.39
C LYS B 144 40.16 -49.53 14.29
N THR B 145 41.35 -50.00 14.64
CA THR B 145 42.39 -50.23 13.65
C THR B 145 42.20 -51.62 13.07
N THR B 146 42.39 -51.74 11.76
CA THR B 146 42.16 -53.01 11.11
C THR B 146 43.16 -54.03 11.64
N PRO B 147 42.75 -55.30 11.76
CA PRO B 147 43.63 -56.29 12.38
C PRO B 147 44.81 -56.68 11.53
N THR B 148 44.95 -56.13 10.32
CA THR B 148 46.01 -56.53 9.42
C THR B 148 46.84 -55.36 8.92
N SER B 149 46.89 -54.26 9.67
CA SER B 149 47.69 -53.15 9.21
C SER B 149 49.15 -53.36 9.60
N GLU B 150 50.01 -52.55 9.00
CA GLU B 150 51.45 -52.67 9.18
C GLU B 150 52.00 -51.44 9.86
N LEU B 151 53.22 -51.57 10.38
CA LEU B 151 53.84 -50.46 11.07
C LEU B 151 54.07 -49.30 10.12
N SER B 152 54.21 -48.11 10.70
CA SER B 152 54.48 -46.93 9.90
C SER B 152 55.89 -46.99 9.33
N LEU B 153 56.24 -45.98 8.55
CA LEU B 153 57.59 -45.93 8.01
C LEU B 153 58.58 -45.54 9.08
N GLY B 154 58.36 -44.40 9.74
CA GLY B 154 59.28 -43.95 10.77
C GLY B 154 59.47 -44.97 11.88
N PHE B 155 58.39 -45.67 12.24
CA PHE B 155 58.49 -46.67 13.28
C PHE B 155 59.43 -47.80 12.87
N THR B 156 59.20 -48.36 11.69
CA THR B 156 60.09 -49.40 11.20
C THR B 156 61.52 -48.90 11.10
N LYS B 157 61.69 -47.64 10.68
CA LYS B 157 63.04 -47.08 10.61
C LYS B 157 63.72 -47.13 11.97
N ALA B 158 63.06 -46.58 12.98
CA ALA B 158 63.66 -46.59 14.32
C ALA B 158 63.91 -48.01 14.79
N LEU B 159 62.98 -48.92 14.49
CA LEU B 159 63.10 -50.28 14.98
C LEU B 159 64.30 -50.98 14.37
N MET B 160 64.36 -51.03 13.04
CA MET B 160 65.51 -51.67 12.40
C MET B 160 66.79 -50.89 12.66
N ASP B 161 66.71 -49.62 13.05
CA ASP B 161 67.92 -48.92 13.50
C ASP B 161 68.44 -49.52 14.79
N ILE B 162 67.54 -49.69 15.77
CA ILE B 162 67.96 -50.35 17.00
C ILE B 162 68.45 -51.76 16.69
N CYS B 163 67.84 -52.43 15.71
CA CYS B 163 68.28 -53.78 15.38
C CYS B 163 69.68 -53.77 14.78
N ASP B 164 69.98 -52.80 13.92
CA ASP B 164 71.34 -52.67 13.42
C ASP B 164 72.32 -52.32 14.53
N GLN B 165 71.85 -51.58 15.53
CA GLN B 165 72.71 -51.30 16.69
C GLN B 165 73.01 -52.56 17.47
N LEU B 166 72.02 -53.44 17.62
CA LEU B 166 72.26 -54.67 18.38
C LEU B 166 73.12 -55.64 17.60
N GLU B 167 72.89 -55.76 16.30
CA GLU B 167 73.79 -56.56 15.47
C GLU B 167 75.19 -55.99 15.45
N LYS B 168 75.32 -54.66 15.49
CA LYS B 168 76.61 -53.99 15.57
C LYS B 168 77.15 -53.98 16.99
N ASN B 169 76.47 -54.65 17.92
CA ASN B 169 76.96 -54.97 19.25
C ASN B 169 77.10 -53.74 20.14
N GLN B 170 76.84 -52.55 19.63
CA GLN B 170 76.98 -51.30 20.38
C GLN B 170 75.79 -51.18 21.34
N THR B 171 75.94 -51.74 22.54
CA THR B 171 74.83 -51.77 23.49
C THR B 171 74.42 -50.37 23.91
N LYS B 172 75.40 -49.54 24.29
CA LYS B 172 75.08 -48.21 24.80
C LYS B 172 74.25 -47.41 23.82
N MET B 173 74.77 -47.24 22.60
CA MET B 173 74.00 -46.54 21.58
C MET B 173 72.67 -47.22 21.32
N ALA B 174 72.63 -48.55 21.39
CA ALA B 174 71.39 -49.27 21.15
C ALA B 174 70.35 -48.95 22.21
N THR B 175 70.72 -49.10 23.48
CA THR B 175 69.76 -48.83 24.54
C THR B 175 69.35 -47.36 24.56
N TYR B 176 70.27 -46.46 24.22
CA TYR B 176 69.88 -45.05 24.14
C TYR B 176 68.91 -44.83 23.00
N LEU B 177 69.10 -45.52 21.87
CA LEU B 177 68.17 -45.38 20.77
C LEU B 177 66.80 -45.93 21.14
N ALA B 178 66.77 -47.01 21.91
CA ALA B 178 65.48 -47.54 22.37
C ALA B 178 64.80 -46.55 23.30
N GLU B 179 65.57 -45.93 24.19
CA GLU B 179 65.01 -44.93 25.09
C GLU B 179 64.47 -43.75 24.29
N LEU B 180 65.20 -43.33 23.27
CA LEU B 180 64.70 -42.27 22.40
C LEU B 180 63.42 -42.71 21.70
N LEU B 181 63.36 -43.96 21.25
CA LEU B 181 62.16 -44.48 20.63
C LEU B 181 60.97 -44.36 21.57
N ILE B 182 61.16 -44.76 22.82
CA ILE B 182 60.02 -44.73 23.74
C ILE B 182 59.65 -43.30 24.08
N LEU B 183 60.62 -42.40 24.07
CA LEU B 183 60.31 -40.99 24.29
C LEU B 183 59.61 -40.38 23.08
N ASN B 184 59.83 -40.94 21.91
CA ASN B 184 59.40 -40.34 20.66
C ASN B 184 58.11 -40.94 20.12
N TYR B 185 57.71 -42.12 20.62
CA TYR B 185 56.55 -42.82 20.11
C TYR B 185 55.65 -43.33 21.22
N GLY B 186 55.89 -42.94 22.46
CA GLY B 186 55.03 -43.35 23.54
C GLY B 186 55.14 -44.81 23.92
N THR B 187 54.61 -45.16 25.07
CA THR B 187 54.72 -46.52 25.58
C THR B 187 53.55 -47.41 25.22
N HIS B 188 52.63 -46.93 24.39
CA HIS B 188 51.51 -47.76 23.99
C HIS B 188 51.03 -47.28 22.64
N VAL B 189 50.49 -48.20 21.86
CA VAL B 189 49.87 -47.90 20.58
C VAL B 189 48.38 -48.11 20.72
N ILE B 190 47.61 -47.17 20.22
CA ILE B 190 46.16 -47.18 20.36
C ILE B 190 45.56 -48.06 19.28
N THR B 191 44.58 -48.86 19.65
CA THR B 191 43.87 -49.68 18.68
C THR B 191 42.38 -49.39 18.66
N SER B 192 41.93 -48.37 19.37
CA SER B 192 40.52 -48.07 19.43
C SER B 192 40.33 -46.69 20.03
N VAL B 193 39.52 -45.86 19.38
CA VAL B 193 39.08 -44.59 19.91
C VAL B 193 37.59 -44.46 19.66
N ASP B 194 36.99 -43.47 20.29
CA ASP B 194 35.57 -43.22 20.14
C ASP B 194 35.39 -41.78 19.70
N ALA B 195 35.21 -41.57 18.42
CA ALA B 195 35.00 -40.23 17.90
C ALA B 195 33.72 -39.67 18.51
N GLY B 196 33.86 -38.71 19.40
CA GLY B 196 32.70 -38.10 20.00
C GLY B 196 33.03 -36.71 20.45
N ALA B 197 32.11 -36.15 21.23
CA ALA B 197 32.34 -34.87 21.87
C ALA B 197 31.57 -34.85 23.17
N ALA B 198 31.97 -33.94 24.05
CA ALA B 198 31.35 -33.82 25.34
C ALA B 198 31.19 -32.35 25.68
N LEU B 199 30.38 -32.08 26.69
CA LEU B 199 30.18 -30.73 27.15
C LEU B 199 29.68 -30.81 28.57
N VAL B 200 30.40 -30.19 29.49
CA VAL B 200 30.08 -30.22 30.92
C VAL B 200 30.03 -28.78 31.36
N GLN B 201 28.83 -28.26 31.59
CA GLN B 201 28.69 -26.87 31.96
C GLN B 201 27.82 -26.76 33.19
N GLU B 202 28.08 -25.74 34.00
CA GLU B 202 27.42 -25.60 35.29
C GLU B 202 27.56 -24.17 35.75
N ASP B 203 26.75 -23.81 36.74
CA ASP B 203 26.80 -22.46 37.27
C ASP B 203 26.07 -22.43 38.60
N HIS B 204 26.50 -21.52 39.46
CA HIS B 204 25.86 -21.30 40.75
C HIS B 204 25.49 -19.84 40.88
N VAL B 205 24.35 -19.59 41.51
CA VAL B 205 23.94 -18.25 41.90
C VAL B 205 23.65 -18.28 43.38
N ARG B 206 24.09 -17.26 44.10
CA ARG B 206 23.87 -17.22 45.55
C ARG B 206 23.56 -15.78 45.94
N SER B 207 22.28 -15.45 45.92
CA SER B 207 21.83 -14.13 46.38
C SER B 207 21.68 -14.14 47.88
N SER B 208 21.98 -13.00 48.50
CA SER B 208 21.80 -12.80 49.92
C SER B 208 21.28 -11.40 50.13
N PHE B 209 20.19 -11.28 50.89
CA PHE B 209 19.52 -9.99 51.06
C PHE B 209 19.13 -9.88 52.51
N LEU B 210 19.83 -9.04 53.25
CA LEU B 210 19.60 -8.85 54.67
C LEU B 210 19.22 -7.40 54.91
N LEU B 211 18.02 -7.18 55.43
CA LEU B 211 17.50 -5.85 55.66
C LEU B 211 17.25 -5.64 57.15
N ASP B 212 17.48 -4.42 57.62
CA ASP B 212 17.26 -4.07 59.01
C ASP B 212 16.37 -2.84 59.10
N ASN B 213 15.94 -2.56 60.32
CA ASN B 213 15.15 -1.37 60.60
C ASN B 213 15.01 -1.25 62.10
N GLN B 214 15.14 -0.04 62.61
CA GLN B 214 14.90 0.25 64.02
C GLN B 214 14.23 1.63 64.07
N ASN B 215 12.90 1.63 64.02
CA ASN B 215 12.16 2.88 63.90
C ASN B 215 11.53 3.21 65.25
N SER B 216 12.32 3.84 66.12
CA SER B 216 11.88 4.15 67.47
C SER B 216 11.27 5.54 67.54
N GLN B 217 10.62 5.83 68.67
CA GLN B 217 9.99 7.13 68.87
C GLN B 217 9.86 7.41 70.36
N ASN B 218 9.75 8.68 70.69
CA ASN B 218 9.49 9.14 72.04
C ASN B 218 8.58 10.35 72.00
N THR B 219 7.82 10.55 73.08
CA THR B 219 6.98 11.74 73.20
C THR B 219 6.76 12.00 74.68
N VAL B 220 7.40 13.03 75.21
CA VAL B 220 7.29 13.40 76.61
C VAL B 220 6.63 14.77 76.68
N THR B 221 5.62 14.90 77.54
CA THR B 221 4.93 16.16 77.74
C THR B 221 4.73 16.38 79.24
N ALA B 222 4.86 17.63 79.66
CA ALA B 222 4.62 18.03 81.03
C ALA B 222 3.52 19.08 81.04
N SER B 223 3.06 19.43 82.24
CA SER B 223 1.99 20.41 82.36
C SER B 223 2.01 21.03 83.75
N ALA B 224 1.27 22.14 83.86
CA ALA B 224 1.13 22.92 85.08
C ALA B 224 -0.25 23.54 85.05
N GLY B 225 -0.41 24.65 85.77
CA GLY B 225 -1.72 25.26 85.87
C GLY B 225 -2.17 25.54 87.29
N ILE B 226 -1.22 25.78 88.19
CA ILE B 226 -1.56 26.19 89.54
C ILE B 226 -2.09 27.62 89.48
N ALA B 227 -3.41 27.75 89.38
CA ALA B 227 -3.97 29.09 89.26
C ALA B 227 -5.39 29.23 89.81
N PHE B 228 -5.52 29.53 91.10
CA PHE B 228 -6.66 30.31 91.56
C PHE B 228 -6.23 31.34 92.59
N LEU B 229 -5.22 30.99 93.38
CA LEU B 229 -4.90 31.74 94.58
C LEU B 229 -3.47 32.27 94.53
N ASN B 230 -3.33 33.55 94.87
CA ASN B 230 -2.08 34.28 95.00
C ASN B 230 -1.44 34.54 93.64
N ILE B 231 -1.93 33.83 92.63
CA ILE B 231 -1.73 34.09 91.21
C ILE B 231 -2.96 33.56 90.52
N VAL B 232 -3.77 34.43 89.93
CA VAL B 232 -5.03 33.96 89.38
C VAL B 232 -4.78 33.11 88.13
N ASN B 233 -3.65 33.32 87.46
CA ASN B 233 -3.31 32.50 86.31
C ASN B 233 -1.82 32.51 85.98
N PHE B 234 -1.23 31.32 85.85
CA PHE B 234 -0.01 31.13 85.06
C PHE B 234 0.12 29.65 84.75
N LYS B 235 0.48 29.35 83.50
CA LYS B 235 0.41 27.99 83.00
C LYS B 235 1.76 27.61 82.41
N VAL B 236 2.18 26.37 82.64
CA VAL B 236 3.46 25.87 82.15
C VAL B 236 3.22 24.49 81.54
N GLU B 237 3.74 24.28 80.33
CA GLU B 237 3.74 22.96 79.72
C GLU B 237 4.90 22.88 78.74
N THR B 238 5.69 21.82 78.85
CA THR B 238 6.75 21.53 77.90
C THR B 238 6.32 20.38 77.00
N ASP B 239 6.94 20.31 75.83
CA ASP B 239 6.73 19.22 74.90
C ASP B 239 8.07 18.68 74.42
N TYR B 240 8.09 17.41 74.02
CA TYR B 240 9.35 16.78 73.64
C TYR B 240 9.02 15.52 72.85
N ILE B 241 9.49 15.46 71.61
CA ILE B 241 9.29 14.30 70.76
C ILE B 241 10.59 14.00 70.04
N SER B 242 10.98 12.74 70.06
CA SER B 242 12.23 12.29 69.44
C SER B 242 11.94 11.07 68.58
N GLN B 243 12.55 11.02 67.41
CA GLN B 243 12.39 9.92 66.48
C GLN B 243 13.76 9.37 66.09
N THR B 244 13.76 8.11 65.65
CA THR B 244 14.99 7.49 65.19
C THR B 244 14.60 6.33 64.30
N SER B 245 14.92 6.44 63.02
CA SER B 245 14.61 5.40 62.04
C SER B 245 15.89 5.07 61.31
N LEU B 246 16.40 3.87 61.50
CA LEU B 246 17.67 3.45 60.94
C LEU B 246 17.46 2.15 60.18
N THR B 247 17.55 2.21 58.86
CA THR B 247 17.46 1.03 58.01
C THR B 247 18.85 0.65 57.52
N LYS B 248 19.06 -0.66 57.38
CA LYS B 248 20.32 -1.18 56.89
C LYS B 248 20.03 -2.41 56.06
N ASP B 249 20.37 -2.37 54.78
CA ASP B 249 20.22 -3.53 53.92
C ASP B 249 21.57 -3.85 53.29
N TYR B 250 21.76 -5.12 52.94
CA TYR B 250 23.08 -5.60 52.56
C TYR B 250 22.89 -6.74 51.56
N LEU B 251 22.92 -6.40 50.28
CA LEU B 251 22.69 -7.34 49.19
C LEU B 251 24.02 -7.81 48.63
N SER B 252 24.10 -9.10 48.29
CA SER B 252 25.33 -9.64 47.73
C SER B 252 25.01 -10.84 46.85
N ASN B 253 24.96 -10.63 45.54
CA ASN B 253 24.95 -11.71 44.59
C ASN B 253 26.34 -12.30 44.47
N ARG B 254 26.40 -13.56 44.01
CA ARG B 254 27.67 -14.19 43.67
C ARG B 254 27.36 -15.26 42.65
N THR B 255 27.77 -15.05 41.41
CA THR B 255 27.49 -15.97 40.32
C THR B 255 28.78 -16.63 39.86
N ASN B 256 28.71 -17.93 39.58
CA ASN B 256 29.78 -18.63 38.90
C ASN B 256 29.24 -19.21 37.61
N SER B 257 30.16 -19.76 36.83
CA SER B 257 29.83 -20.43 35.58
C SER B 257 31.07 -21.11 35.06
N ARG B 258 30.94 -22.31 34.52
CA ARG B 258 32.12 -22.99 34.01
C ARG B 258 31.67 -24.00 32.98
N VAL B 259 31.82 -23.69 31.71
CA VAL B 259 31.63 -24.70 30.69
C VAL B 259 32.97 -25.35 30.49
N GLN B 260 32.96 -26.60 30.05
CA GLN B 260 34.21 -27.28 29.75
C GLN B 260 33.87 -28.31 28.68
N SER B 261 34.07 -27.96 27.43
CA SER B 261 33.63 -28.78 26.32
C SER B 261 34.84 -29.28 25.55
N PHE B 262 34.79 -30.55 25.15
CA PHE B 262 35.77 -31.06 24.22
C PHE B 262 35.16 -32.26 23.53
N GLY B 263 34.92 -32.13 22.24
CA GLY B 263 35.21 -30.90 21.55
C GLY B 263 34.19 -30.67 20.46
N GLY B 264 33.69 -29.46 20.36
CA GLY B 264 32.73 -29.16 19.32
C GLY B 264 33.08 -27.88 18.61
N VAL B 265 32.13 -26.97 18.50
CA VAL B 265 32.40 -25.66 17.94
C VAL B 265 32.89 -24.80 19.10
N PRO B 266 33.84 -23.90 18.91
CA PRO B 266 34.30 -23.05 20.02
C PRO B 266 33.15 -22.47 20.82
N PHE B 267 33.07 -22.86 22.08
CA PHE B 267 31.93 -22.51 22.90
C PHE B 267 31.87 -21.01 23.16
N TYR B 268 30.67 -20.55 23.47
CA TYR B 268 30.46 -19.17 23.89
C TYR B 268 29.16 -19.12 24.66
N PRO B 269 29.03 -18.23 25.65
CA PRO B 269 27.92 -18.35 26.60
C PRO B 269 26.55 -18.37 25.96
N GLY B 270 26.26 -17.43 25.08
CA GLY B 270 24.93 -17.37 24.54
C GLY B 270 24.53 -18.49 23.62
N ILE B 271 25.37 -19.53 23.48
CA ILE B 271 25.09 -20.58 22.53
C ILE B 271 23.93 -21.42 23.03
N THR B 272 23.09 -21.88 22.10
CA THR B 272 22.05 -22.80 22.48
C THR B 272 22.66 -24.15 22.83
N LEU B 273 21.86 -24.99 23.44
CA LEU B 273 22.27 -26.37 23.63
C LEU B 273 22.16 -27.17 22.36
N GLU B 274 21.72 -26.54 21.27
CA GLU B 274 21.49 -27.18 19.99
C GLU B 274 22.56 -26.85 18.97
N THR B 275 22.70 -25.57 18.62
CA THR B 275 23.71 -25.19 17.63
C THR B 275 25.07 -25.73 17.97
N TRP B 276 25.33 -26.00 19.25
CA TRP B 276 26.43 -26.87 19.64
C TRP B 276 26.36 -28.18 18.88
N GLN B 277 25.25 -28.91 19.03
CA GLN B 277 25.14 -30.24 18.45
C GLN B 277 25.24 -30.20 16.94
N LYS B 278 24.34 -29.45 16.30
CA LYS B 278 24.35 -29.44 14.84
C LYS B 278 25.72 -29.09 14.28
N GLY B 279 26.52 -28.34 15.05
CA GLY B 279 27.85 -27.97 14.59
C GLY B 279 28.93 -28.95 15.01
N ILE B 280 28.56 -30.21 15.19
CA ILE B 280 29.51 -31.23 15.59
C ILE B 280 29.94 -32.07 14.39
N THR B 281 29.66 -31.62 13.17
CA THR B 281 29.80 -32.49 11.99
C THR B 281 31.21 -33.06 11.91
N ASN B 282 32.21 -32.23 11.64
CA ASN B 282 33.55 -32.51 12.10
C ASN B 282 33.70 -31.78 13.44
N HIS B 283 34.93 -31.60 13.92
CA HIS B 283 35.20 -31.25 15.32
C HIS B 283 34.88 -32.42 16.22
N LEU B 284 35.26 -33.61 15.82
CA LEU B 284 35.17 -34.75 16.71
C LEU B 284 36.47 -34.91 17.47
N VAL B 285 36.40 -35.57 18.61
CA VAL B 285 37.55 -35.67 19.50
C VAL B 285 37.52 -37.04 20.14
N ALA B 286 38.69 -37.62 20.32
CA ALA B 286 38.77 -38.93 20.95
C ALA B 286 38.38 -38.78 22.40
N ILE B 287 37.16 -39.20 22.74
CA ILE B 287 36.71 -39.11 24.12
C ILE B 287 37.08 -40.32 24.94
N ASP B 288 37.54 -41.38 24.30
CA ASP B 288 37.89 -42.61 25.01
C ASP B 288 38.74 -43.44 24.09
N ARG B 289 39.74 -44.12 24.65
CA ARG B 289 40.68 -44.84 23.82
C ARG B 289 41.23 -46.04 24.56
N ALA B 290 41.68 -47.02 23.79
CA ALA B 290 42.24 -48.23 24.33
C ALA B 290 43.22 -48.81 23.33
N GLY B 291 44.32 -49.35 23.82
CA GLY B 291 45.33 -49.89 22.95
C GLY B 291 46.12 -50.97 23.67
N LEU B 292 47.30 -51.25 23.14
CA LEU B 292 48.15 -52.31 23.65
C LEU B 292 49.55 -51.77 23.91
N PRO B 293 50.34 -52.45 24.73
CA PRO B 293 51.74 -52.03 24.92
C PRO B 293 52.50 -52.28 23.64
N LEU B 294 53.34 -51.31 23.26
CA LEU B 294 53.93 -51.34 21.93
C LEU B 294 54.87 -52.52 21.75
N HIS B 295 55.46 -53.02 22.84
CA HIS B 295 56.29 -54.21 22.73
C HIS B 295 55.51 -55.36 22.11
N PHE B 296 54.19 -55.37 22.30
CA PHE B 296 53.35 -56.38 21.68
C PHE B 296 53.39 -56.30 20.17
N PHE B 297 53.59 -55.10 19.62
CA PHE B 297 53.57 -54.93 18.17
C PHE B 297 54.91 -55.19 17.52
N ILE B 298 55.94 -55.50 18.30
CA ILE B 298 57.25 -55.81 17.77
C ILE B 298 57.34 -57.32 17.68
N LYS B 299 56.88 -57.87 16.57
CA LYS B 299 56.83 -59.30 16.35
C LYS B 299 57.21 -59.59 14.91
N PRO B 300 57.82 -60.75 14.64
CA PRO B 300 58.36 -60.99 13.30
C PRO B 300 57.32 -60.93 12.19
N ASP B 301 56.06 -61.26 12.48
CA ASP B 301 55.03 -61.15 11.45
C ASP B 301 54.78 -59.68 11.11
N LYS B 302 54.55 -58.84 12.13
CA LYS B 302 54.36 -57.42 11.89
C LYS B 302 55.61 -56.76 11.36
N LEU B 303 56.72 -57.38 11.45
CA LEU B 303 57.89 -56.75 10.89
C LEU B 303 58.24 -57.36 9.54
N PRO B 304 58.83 -56.57 8.65
CA PRO B 304 59.26 -57.12 7.36
C PRO B 304 60.41 -58.07 7.53
N GLY B 305 60.97 -58.54 6.41
CA GLY B 305 62.05 -59.52 6.45
C GLY B 305 63.17 -59.13 7.39
N LEU B 306 63.32 -59.89 8.47
CA LEU B 306 64.34 -59.65 9.48
C LEU B 306 64.58 -60.97 10.21
N PRO B 307 65.73 -61.12 10.85
CA PRO B 307 66.05 -62.39 11.51
C PRO B 307 65.14 -62.66 12.69
N GLY B 308 64.64 -63.89 12.77
CA GLY B 308 63.67 -64.27 13.76
C GLY B 308 64.08 -63.95 15.19
N PRO B 309 65.09 -64.65 15.70
CA PRO B 309 65.49 -64.42 17.10
C PRO B 309 65.95 -63.00 17.36
N LEU B 310 66.45 -62.31 16.34
CA LEU B 310 66.87 -60.93 16.55
C LEU B 310 65.69 -60.03 16.89
N VAL B 311 64.51 -60.33 16.32
CA VAL B 311 63.37 -59.49 16.70
C VAL B 311 62.93 -59.83 18.11
N LYS B 312 63.16 -61.05 18.58
CA LYS B 312 62.93 -61.35 19.98
C LYS B 312 63.85 -60.51 20.86
N LYS B 313 65.13 -60.47 20.51
CA LYS B 313 66.08 -59.59 21.19
C LYS B 313 65.57 -58.16 21.21
N LEU B 314 65.14 -57.68 20.04
CA LEU B 314 64.70 -56.30 19.92
C LEU B 314 63.49 -56.01 20.80
N SER B 315 62.51 -56.92 20.78
CA SER B 315 61.33 -56.75 21.62
C SER B 315 61.71 -56.71 23.09
N LYS B 316 62.60 -57.60 23.51
CA LYS B 316 63.02 -57.58 24.91
C LYS B 316 63.71 -56.27 25.26
N THR B 317 64.56 -55.78 24.36
CA THR B 317 65.27 -54.53 24.63
C THR B 317 64.30 -53.36 24.74
N VAL B 318 63.38 -53.25 23.79
CA VAL B 318 62.39 -52.17 23.84
C VAL B 318 61.57 -52.27 25.11
N GLU B 319 61.14 -53.48 25.46
CA GLU B 319 60.32 -53.66 26.65
C GLU B 319 61.08 -53.27 27.91
N THR B 320 62.35 -53.66 28.00
CA THR B 320 63.15 -53.27 29.15
C THR B 320 63.36 -51.77 29.20
N ALA B 321 63.55 -51.13 28.05
CA ALA B 321 63.65 -49.68 28.02
C ALA B 321 62.37 -49.05 28.56
N VAL B 322 61.23 -49.58 28.14
CA VAL B 322 59.96 -49.09 28.69
C VAL B 322 59.96 -49.24 30.20
N ARG B 323 60.14 -50.47 30.68
CA ARG B 323 60.25 -50.78 32.09
C ARG B 323 61.06 -49.75 32.84
N HIS B 324 62.28 -49.50 32.35
CA HIS B 324 63.12 -48.45 32.91
C HIS B 324 62.36 -47.13 32.95
N TYR B 325 61.90 -46.66 31.80
CA TYR B 325 61.20 -45.38 31.74
C TYR B 325 59.91 -45.43 32.52
N TYR B 326 59.38 -46.61 32.79
CA TYR B 326 58.08 -46.72 33.44
C TYR B 326 58.20 -46.55 34.95
N THR B 327 58.98 -47.41 35.60
CA THR B 327 59.07 -47.40 37.06
C THR B 327 59.65 -46.08 37.56
N PHE B 328 60.92 -45.85 37.27
CA PHE B 328 61.58 -44.58 37.51
C PHE B 328 61.84 -43.90 36.17
N ASN B 329 62.60 -42.82 36.20
CA ASN B 329 62.93 -42.10 34.97
C ASN B 329 64.18 -42.70 34.37
N THR B 330 64.15 -44.02 34.13
CA THR B 330 65.14 -44.76 33.35
C THR B 330 66.57 -44.28 33.52
N HIS B 331 67.00 -44.09 34.76
CA HIS B 331 68.25 -43.40 35.07
C HIS B 331 69.45 -44.33 35.01
N PRO B 332 70.33 -44.22 34.00
CA PRO B 332 71.65 -44.82 34.12
C PRO B 332 72.53 -44.07 35.11
N GLY B 333 72.63 -42.76 34.93
CA GLY B 333 73.49 -41.98 35.82
C GLY B 333 72.89 -40.77 36.52
N CYS B 334 71.89 -40.11 35.93
CA CYS B 334 71.39 -38.85 36.46
C CYS B 334 70.21 -38.28 35.67
N THR B 335 69.57 -37.25 36.21
CA THR B 335 68.61 -36.45 35.46
C THR B 335 69.37 -35.59 34.47
N ASN B 336 68.97 -35.62 33.19
CA ASN B 336 69.90 -35.08 32.21
C ASN B 336 69.40 -33.83 31.48
N VAL B 337 68.17 -33.83 30.96
CA VAL B 337 67.78 -32.75 30.07
C VAL B 337 67.47 -31.48 30.85
N ASP B 338 66.94 -31.60 32.06
CA ASP B 338 66.67 -30.44 32.90
C ASP B 338 67.98 -29.83 33.36
N SER B 339 68.20 -28.56 33.02
CA SER B 339 69.44 -27.85 33.30
C SER B 339 70.62 -28.68 32.80
N PRO B 340 70.88 -28.69 31.47
CA PRO B 340 71.84 -29.66 30.93
C PRO B 340 73.29 -29.38 31.33
N ASN B 341 73.49 -28.43 32.24
CA ASN B 341 74.84 -27.99 32.61
C ASN B 341 75.71 -29.09 33.22
N PHE B 342 75.34 -29.62 34.39
CA PHE B 342 76.21 -30.52 35.12
C PHE B 342 75.68 -31.96 35.15
N ASN B 343 74.98 -32.39 34.10
CA ASN B 343 74.31 -33.67 34.08
C ASN B 343 74.94 -34.61 33.04
N PHE B 344 74.85 -35.90 33.32
CA PHE B 344 75.23 -36.93 32.36
C PHE B 344 74.08 -37.11 31.37
N GLN B 345 74.30 -36.69 30.12
CA GLN B 345 73.20 -36.49 29.19
C GLN B 345 73.32 -37.36 27.94
N ALA B 346 73.86 -38.57 28.09
CA ALA B 346 73.71 -39.56 27.03
C ALA B 346 72.42 -40.34 27.16
N ASN B 347 71.74 -40.26 28.31
CA ASN B 347 70.45 -40.87 28.54
C ASN B 347 69.34 -39.83 28.32
N MET B 348 68.14 -40.16 28.78
CA MET B 348 67.03 -39.22 28.83
C MET B 348 66.40 -39.26 30.22
N ASP B 349 66.24 -38.09 30.83
CA ASP B 349 65.71 -37.99 32.18
C ASP B 349 65.31 -36.56 32.51
N ASP B 350 64.07 -36.37 32.97
CA ASP B 350 63.49 -35.04 33.18
C ASP B 350 62.79 -34.98 34.54
N ASP B 351 63.48 -35.39 35.61
CA ASP B 351 62.89 -35.43 36.94
C ASP B 351 62.32 -34.08 37.40
N SER B 352 63.21 -33.13 37.68
CA SER B 352 62.82 -31.78 38.09
C SER B 352 64.05 -30.89 38.23
N CYS B 353 63.85 -29.59 38.41
CA CYS B 353 64.92 -28.60 38.35
C CYS B 353 65.13 -27.84 39.64
N ASP B 354 64.06 -27.51 40.37
CA ASP B 354 64.17 -26.63 41.52
C ASP B 354 64.71 -27.32 42.77
N ALA B 355 65.37 -28.46 42.63
CA ALA B 355 65.90 -29.18 43.78
C ALA B 355 67.01 -28.38 44.42
N LYS B 356 66.88 -28.11 45.73
CA LYS B 356 67.95 -27.48 46.51
C LYS B 356 68.23 -28.24 47.80
N VAL B 357 67.35 -29.15 48.21
CA VAL B 357 67.54 -29.92 49.44
C VAL B 357 67.59 -31.40 49.09
N THR B 358 68.20 -32.17 49.99
CA THR B 358 68.22 -33.63 49.92
C THR B 358 67.53 -34.27 51.10
N ASN B 359 66.55 -33.60 51.70
CA ASN B 359 65.90 -34.08 52.91
C ASN B 359 65.04 -35.31 52.63
N PHE B 360 64.48 -35.89 53.68
CA PHE B 360 63.87 -37.20 53.58
C PHE B 360 62.35 -37.08 53.37
N THR B 361 61.68 -38.22 53.33
CA THR B 361 60.24 -38.27 53.11
C THR B 361 59.49 -37.81 54.35
N PHE B 362 59.20 -36.50 54.40
CA PHE B 362 58.57 -35.89 55.57
C PHE B 362 57.08 -35.69 55.31
N GLY B 363 56.34 -36.79 55.40
CA GLY B 363 54.92 -36.79 55.14
C GLY B 363 54.10 -36.22 56.29
N GLY B 364 52.78 -36.32 56.14
CA GLY B 364 51.87 -35.86 57.18
C GLY B 364 51.31 -34.47 56.96
N VAL B 365 50.10 -34.22 57.47
CA VAL B 365 49.43 -32.93 57.34
C VAL B 365 48.58 -32.68 58.58
N TYR B 366 48.79 -31.52 59.22
CA TYR B 366 48.21 -31.30 60.54
C TYR B 366 48.17 -29.81 60.85
N GLN B 367 47.30 -29.44 61.80
CA GLN B 367 47.05 -28.05 62.12
C GLN B 367 46.24 -27.98 63.42
N GLU B 368 45.74 -26.77 63.73
CA GLU B 368 44.93 -26.53 64.92
C GLU B 368 44.09 -25.27 64.66
N CYS B 369 42.76 -25.43 64.72
CA CYS B 369 41.83 -24.31 64.53
C CYS B 369 41.28 -23.90 65.90
N THR B 370 41.86 -22.86 66.47
CA THR B 370 41.44 -22.39 67.79
C THR B 370 40.49 -21.20 67.64
N GLU B 371 39.42 -21.24 68.42
CA GLU B 371 38.41 -20.18 68.45
C GLU B 371 38.77 -19.13 69.49
N LEU B 372 38.68 -17.87 69.11
CA LEU B 372 38.86 -16.79 70.08
C LEU B 372 37.54 -16.26 70.62
N SER B 373 36.52 -16.13 69.78
CA SER B 373 35.21 -15.66 70.23
C SER B 373 34.17 -16.03 69.19
N GLY B 374 32.95 -16.29 69.66
CA GLY B 374 31.89 -16.75 68.79
C GLY B 374 32.14 -18.16 68.28
N ASP B 375 31.19 -18.71 67.53
CA ASP B 375 31.35 -20.03 66.89
C ASP B 375 30.96 -19.91 65.43
N VAL B 376 31.91 -19.46 64.60
CA VAL B 376 31.68 -19.37 63.16
C VAL B 376 32.84 -19.99 62.41
N LEU B 377 34.05 -19.52 62.69
CA LEU B 377 35.20 -19.85 61.85
C LEU B 377 35.77 -21.23 62.12
N CYS B 378 35.46 -21.83 63.29
CA CYS B 378 35.95 -23.17 63.58
C CYS B 378 35.39 -24.22 62.64
N GLN B 379 34.17 -24.01 62.12
CA GLN B 379 33.52 -25.05 61.32
C GLN B 379 34.16 -25.19 59.95
N ASN B 380 34.76 -24.12 59.42
CA ASN B 380 35.34 -24.15 58.09
C ASN B 380 36.86 -24.06 58.07
N LEU B 381 37.49 -23.55 59.12
CA LEU B 381 38.94 -23.57 59.21
C LEU B 381 39.47 -24.80 59.91
N GLU B 382 38.68 -25.86 59.98
CA GLU B 382 39.11 -27.10 60.63
C GLU B 382 39.76 -28.03 59.61
N GLN B 383 41.06 -27.87 59.39
CA GLN B 383 41.78 -28.62 58.36
C GLN B 383 42.41 -29.88 58.96
N LYS B 384 41.57 -30.66 59.66
CA LYS B 384 42.06 -31.71 60.53
C LYS B 384 42.93 -32.70 59.77
N ASN B 385 43.80 -33.39 60.52
CA ASN B 385 44.74 -34.33 59.93
C ASN B 385 43.99 -35.44 59.22
N LEU B 386 44.52 -35.88 58.08
CA LEU B 386 43.95 -37.02 57.38
C LEU B 386 44.60 -38.34 57.79
N LEU B 387 45.89 -38.34 58.13
CA LEU B 387 46.59 -39.59 58.36
C LEU B 387 46.13 -40.29 59.63
N THR B 388 45.32 -39.61 60.45
CA THR B 388 44.84 -40.18 61.70
C THR B 388 43.33 -40.14 61.87
N GLY B 389 42.62 -39.34 61.08
CA GLY B 389 41.20 -39.20 61.23
C GLY B 389 40.76 -38.20 62.27
N ASP B 390 41.71 -37.52 62.92
CA ASP B 390 41.41 -36.52 63.94
C ASP B 390 42.65 -35.66 64.10
N PHE B 391 42.64 -34.81 65.13
CA PHE B 391 43.76 -33.92 65.40
C PHE B 391 44.88 -34.71 66.06
N SER B 392 45.75 -35.27 65.23
CA SER B 392 46.94 -35.97 65.70
C SER B 392 47.93 -36.05 64.57
N CYS B 393 49.18 -36.35 64.90
CA CYS B 393 50.15 -36.73 63.89
C CYS B 393 50.13 -38.25 63.72
N PRO B 394 50.65 -38.76 62.60
CA PRO B 394 50.79 -40.21 62.44
C PRO B 394 51.99 -40.72 63.21
N PRO B 395 51.97 -42.00 63.62
CA PRO B 395 53.10 -42.56 64.37
C PRO B 395 54.38 -42.48 63.54
N GLY B 396 55.46 -42.07 64.20
CA GLY B 396 56.73 -41.85 63.55
C GLY B 396 56.92 -40.44 63.01
N TYR B 397 55.96 -39.55 63.25
CA TYR B 397 56.01 -38.19 62.76
C TYR B 397 55.83 -37.23 63.93
N SER B 398 56.13 -35.96 63.69
CA SER B 398 56.05 -34.98 64.76
C SER B 398 55.20 -33.79 64.32
N PRO B 399 54.13 -33.49 65.05
CA PRO B 399 53.25 -32.37 64.68
C PRO B 399 53.82 -31.04 65.15
N VAL B 400 54.91 -30.63 64.52
CA VAL B 400 55.60 -29.41 64.92
C VAL B 400 54.89 -28.21 64.32
N HIS B 401 54.76 -27.15 65.12
CA HIS B 401 53.85 -26.06 64.81
C HIS B 401 54.30 -25.26 63.59
N LEU B 402 53.53 -25.36 62.51
CA LEU B 402 53.87 -24.65 61.27
C LEU B 402 53.77 -23.14 61.46
N LEU B 403 52.58 -22.64 61.78
CA LEU B 403 52.39 -21.21 61.98
C LEU B 403 51.09 -20.95 62.71
N SER B 404 51.10 -19.96 63.61
CA SER B 404 49.90 -19.48 64.27
C SER B 404 49.45 -18.18 63.63
N GLN B 405 48.15 -17.97 63.56
CA GLN B 405 47.61 -16.76 62.95
C GLN B 405 46.18 -16.56 63.42
N THR B 406 45.70 -15.32 63.35
CA THR B 406 44.37 -14.96 63.82
C THR B 406 43.65 -14.14 62.75
N HIS B 407 42.32 -14.23 62.79
CA HIS B 407 41.47 -13.49 61.87
C HIS B 407 40.30 -12.91 62.65
N GLU B 408 39.68 -11.89 62.06
CA GLU B 408 38.57 -11.19 62.70
C GLU B 408 37.51 -10.91 61.65
N GLU B 409 36.45 -11.69 61.66
CA GLU B 409 35.34 -11.53 60.72
C GLU B 409 34.04 -11.39 61.48
N GLY B 410 33.08 -10.76 60.86
CA GLY B 410 31.78 -10.51 61.48
C GLY B 410 30.65 -11.08 60.66
N TYR B 411 29.79 -11.84 61.33
CA TYR B 411 28.58 -12.37 60.71
C TYR B 411 27.40 -12.02 61.58
N SER B 412 26.36 -11.49 60.95
CA SER B 412 25.09 -11.23 61.63
C SER B 412 24.43 -12.56 61.92
N ARG B 413 24.51 -13.01 63.16
CA ARG B 413 24.15 -14.38 63.50
C ARG B 413 22.64 -14.58 63.43
N LEU B 414 22.21 -15.78 63.80
CA LEU B 414 20.80 -16.13 63.87
C LEU B 414 20.30 -15.94 65.30
N GLU B 415 19.08 -15.42 65.42
CA GLU B 415 18.50 -15.22 66.75
C GLU B 415 16.99 -15.28 66.65
N CYS B 416 16.41 -16.41 67.05
CA CYS B 416 14.96 -16.58 67.11
C CYS B 416 14.64 -17.03 68.53
N LYS B 417 14.43 -16.06 69.41
CA LYS B 417 14.25 -16.31 70.82
C LYS B 417 12.89 -15.78 71.27
N LYS B 418 12.27 -16.51 72.20
CA LYS B 418 10.99 -16.11 72.78
C LYS B 418 11.23 -15.47 74.14
N LYS B 419 10.49 -14.40 74.42
CA LYS B 419 10.62 -13.66 75.67
C LYS B 419 9.25 -13.50 76.29
N CYS B 420 9.13 -13.88 77.56
CA CYS B 420 7.90 -13.67 78.32
C CYS B 420 7.84 -12.23 78.81
N THR B 421 6.63 -11.66 78.83
CA THR B 421 6.46 -10.30 79.32
C THR B 421 6.36 -10.27 80.84
N LEU B 422 5.34 -10.90 81.39
CA LEU B 422 5.17 -11.02 82.83
C LEU B 422 4.74 -12.42 83.22
N LYS B 423 5.37 -13.43 82.62
CA LYS B 423 5.17 -14.86 82.85
C LYS B 423 3.78 -15.33 82.41
N ILE B 424 2.91 -14.45 81.93
CA ILE B 424 1.59 -14.85 81.48
C ILE B 424 1.65 -15.06 79.97
N PHE B 425 2.06 -14.03 79.25
CA PHE B 425 2.23 -14.15 77.82
C PHE B 425 3.70 -14.00 77.45
N CYS B 426 4.05 -14.54 76.29
CA CYS B 426 5.42 -14.47 75.80
C CYS B 426 5.39 -14.04 74.34
N LYS B 427 6.42 -13.29 73.96
CA LYS B 427 6.62 -12.87 72.58
C LYS B 427 7.94 -13.47 72.09
N THR B 428 8.01 -13.74 70.80
CA THR B 428 9.24 -14.18 70.17
C THR B 428 9.85 -12.98 69.46
N VAL B 429 10.96 -12.48 70.00
CA VAL B 429 11.61 -11.28 69.47
C VAL B 429 12.78 -11.75 68.61
N CYS B 430 12.52 -12.00 67.34
CA CYS B 430 13.58 -12.37 66.42
C CYS B 430 14.35 -11.13 66.03
N GLU B 431 15.62 -11.05 66.43
CA GLU B 431 16.43 -9.87 66.15
C GLU B 431 17.89 -10.31 66.02
N ASP B 432 18.33 -10.46 64.78
CA ASP B 432 19.66 -10.96 64.49
C ASP B 432 20.70 -9.88 64.80
N VAL B 433 21.78 -10.28 65.45
CA VAL B 433 22.72 -9.33 66.05
C VAL B 433 24.09 -9.49 65.41
N PHE B 434 24.79 -8.36 65.31
CA PHE B 434 26.17 -8.35 64.86
C PHE B 434 27.07 -9.07 65.85
N ARG B 435 28.18 -9.60 65.34
CA ARG B 435 29.18 -10.23 66.20
C ARG B 435 30.47 -10.41 65.41
N VAL B 436 31.56 -9.84 65.92
CA VAL B 436 32.90 -10.09 65.37
C VAL B 436 33.42 -11.35 66.03
N ALA B 437 33.37 -12.46 65.28
CA ALA B 437 34.03 -13.67 65.75
C ALA B 437 35.51 -13.61 65.40
N LYS B 438 36.31 -14.38 66.13
CA LYS B 438 37.73 -14.49 65.86
C LYS B 438 38.16 -15.93 66.08
N ALA B 439 39.08 -16.39 65.25
CA ALA B 439 39.70 -17.70 65.39
C ALA B 439 41.20 -17.55 65.23
N GLU B 440 41.95 -18.30 66.04
CA GLU B 440 43.40 -18.31 65.95
C GLU B 440 43.80 -19.57 65.20
N PHE B 441 44.23 -19.40 63.96
CA PHE B 441 44.62 -20.50 63.09
C PHE B 441 46.04 -20.94 63.44
N ARG B 442 46.16 -22.14 63.99
CA ARG B 442 47.44 -22.71 64.37
C ARG B 442 47.76 -23.87 63.42
N ALA B 443 48.67 -23.64 62.48
CA ALA B 443 49.11 -24.71 61.59
C ALA B 443 50.27 -25.46 62.24
N TYR B 444 50.24 -26.79 62.12
CA TYR B 444 51.24 -27.65 62.74
C TYR B 444 51.79 -28.58 61.66
N TRP B 445 52.89 -28.18 61.05
CA TRP B 445 53.47 -28.98 59.97
C TRP B 445 53.89 -30.35 60.50
N CYS B 446 53.44 -31.39 59.81
CA CYS B 446 53.76 -32.76 60.19
C CYS B 446 54.99 -33.21 59.44
N VAL B 447 55.99 -33.69 60.18
CA VAL B 447 57.27 -34.12 59.62
C VAL B 447 57.68 -35.41 60.31
N ALA B 448 58.29 -36.32 59.55
CA ALA B 448 58.77 -37.56 60.12
C ALA B 448 59.89 -37.30 61.13
N ALA B 449 59.92 -38.14 62.17
CA ALA B 449 60.97 -38.03 63.18
C ALA B 449 62.27 -38.63 62.67
N GLY B 450 62.22 -39.89 62.21
CA GLY B 450 63.40 -40.54 61.70
C GLY B 450 63.13 -41.40 60.48
N GLN B 451 63.77 -42.57 60.41
CA GLN B 451 63.55 -43.46 59.28
C GLN B 451 62.11 -43.98 59.29
N VAL B 452 61.46 -43.92 58.14
CA VAL B 452 60.04 -44.26 58.06
C VAL B 452 59.88 -45.73 57.67
N PRO B 453 58.93 -46.45 58.26
CA PRO B 453 58.51 -47.74 57.69
C PRO B 453 57.58 -47.49 56.51
N ASP B 454 57.89 -48.12 55.37
CA ASP B 454 57.13 -47.86 54.16
C ASP B 454 55.68 -48.33 54.25
N ASN B 455 55.33 -49.10 55.29
CA ASN B 455 53.94 -49.52 55.46
C ASN B 455 53.04 -48.35 55.80
N SER B 456 53.53 -47.39 56.59
CA SER B 456 52.72 -46.26 57.05
C SER B 456 53.50 -44.96 56.93
N GLY B 457 54.39 -44.86 55.94
CA GLY B 457 55.10 -43.64 55.66
C GLY B 457 54.95 -43.25 54.22
N LEU B 458 54.33 -42.10 53.96
CA LEU B 458 53.93 -41.72 52.61
C LEU B 458 54.56 -40.39 52.20
N LEU B 459 54.68 -40.21 50.89
CA LEU B 459 55.17 -39.00 50.24
C LEU B 459 54.03 -38.29 49.53
N PHE B 460 54.17 -36.98 49.38
CA PHE B 460 53.07 -36.14 48.90
C PHE B 460 53.64 -35.02 48.03
N GLY B 461 52.82 -34.01 47.78
CA GLY B 461 53.26 -32.85 47.02
C GLY B 461 52.12 -32.03 46.43
N GLY B 462 52.34 -30.72 46.30
CA GLY B 462 51.36 -29.85 45.67
C GLY B 462 50.75 -28.82 46.61
N VAL B 463 51.14 -27.56 46.45
CA VAL B 463 50.68 -26.47 47.31
C VAL B 463 50.45 -25.24 46.45
N PHE B 464 49.36 -24.52 46.75
CA PHE B 464 48.97 -23.34 45.98
C PHE B 464 47.80 -22.67 46.68
N THR B 465 47.60 -21.39 46.37
CA THR B 465 46.45 -20.66 46.85
C THR B 465 45.49 -20.41 45.70
N ASP B 466 44.36 -19.75 46.01
CA ASP B 466 43.45 -19.32 44.95
C ASP B 466 44.08 -18.23 44.09
N LYS B 467 45.05 -17.51 44.63
CA LYS B 467 45.71 -16.42 43.91
C LYS B 467 47.07 -16.81 43.36
N THR B 468 47.86 -17.56 44.12
CA THR B 468 49.15 -18.03 43.65
C THR B 468 48.96 -19.31 42.84
N ILE B 469 49.58 -19.34 41.67
CA ILE B 469 49.47 -20.48 40.77
C ILE B 469 50.24 -21.66 41.37
N ASN B 470 49.82 -22.88 41.00
CA ASN B 470 50.53 -24.08 41.42
C ASN B 470 51.55 -24.45 40.36
N PRO B 471 52.84 -24.10 40.52
CA PRO B 471 53.82 -24.48 39.51
C PRO B 471 54.05 -25.98 39.44
N MET B 472 53.73 -26.69 40.52
CA MET B 472 53.68 -28.15 40.48
C MET B 472 52.87 -28.63 39.27
N THR B 473 51.61 -28.20 39.17
CA THR B 473 50.75 -28.62 38.08
C THR B 473 50.53 -27.53 37.04
N ASN B 474 51.08 -26.33 37.26
CA ASN B 474 50.85 -25.18 36.37
C ASN B 474 49.36 -24.88 36.25
N ALA B 475 48.63 -24.94 37.36
CA ALA B 475 47.20 -24.71 37.36
C ALA B 475 46.81 -24.13 38.71
N GLN B 476 45.51 -24.06 38.98
CA GLN B 476 44.96 -23.59 40.25
C GLN B 476 44.07 -24.65 40.88
N SER B 477 44.39 -25.92 40.67
CA SER B 477 43.58 -27.01 41.17
C SER B 477 44.50 -28.15 41.59
N CYS B 478 43.91 -29.28 41.89
CA CYS B 478 44.68 -30.43 42.29
C CYS B 478 44.99 -31.32 41.08
N PRO B 479 46.22 -31.81 40.97
CA PRO B 479 46.52 -32.80 39.95
C PRO B 479 45.80 -34.12 40.23
N ALA B 480 45.74 -34.96 39.21
CA ALA B 480 45.00 -36.21 39.31
C ALA B 480 45.59 -37.10 40.39
N GLY B 481 44.71 -37.72 41.17
CA GLY B 481 45.14 -38.51 42.30
C GLY B 481 45.56 -37.72 43.50
N TYR B 482 44.98 -36.53 43.71
CA TYR B 482 45.35 -35.65 44.81
C TYR B 482 44.09 -35.09 45.45
N ILE B 483 43.95 -35.26 46.76
CA ILE B 483 42.96 -34.49 47.51
C ILE B 483 43.61 -33.16 47.86
N PRO B 484 43.00 -32.04 47.54
CA PRO B 484 43.55 -30.76 47.99
C PRO B 484 43.21 -30.53 49.45
N LEU B 485 44.19 -30.71 50.32
CA LEU B 485 43.99 -30.53 51.76
C LEU B 485 44.22 -29.07 52.09
N ASN B 486 43.16 -28.38 52.47
CA ASN B 486 43.19 -26.93 52.62
C ASN B 486 43.78 -26.52 53.97
N LEU B 487 44.96 -27.08 54.25
CA LEU B 487 45.63 -26.89 55.53
C LEU B 487 45.69 -25.43 55.98
N PHE B 488 45.88 -24.50 55.06
CA PHE B 488 46.18 -23.13 55.43
C PHE B 488 44.96 -22.24 55.20
N GLU B 489 45.15 -20.93 55.40
CA GLU B 489 44.08 -19.97 55.14
C GLU B 489 43.57 -20.08 53.72
N SER B 490 44.46 -20.14 52.74
CA SER B 490 44.08 -20.27 51.34
C SER B 490 44.82 -21.37 50.59
N LEU B 491 45.78 -22.04 51.22
CA LEU B 491 46.49 -23.13 50.57
C LEU B 491 45.61 -24.36 50.51
N LYS B 492 45.75 -25.13 49.43
CA LYS B 492 45.11 -26.43 49.32
C LYS B 492 46.24 -27.42 49.06
N VAL B 493 46.84 -27.92 50.14
CA VAL B 493 48.01 -28.78 50.04
C VAL B 493 47.56 -30.12 49.47
N CYS B 494 47.91 -30.36 48.20
CA CYS B 494 47.54 -31.59 47.53
C CYS B 494 48.29 -32.77 48.16
N VAL B 495 47.62 -33.92 48.20
CA VAL B 495 48.16 -35.11 48.86
C VAL B 495 48.41 -36.18 47.80
N SER B 496 49.63 -36.72 47.80
CA SER B 496 49.92 -37.93 47.02
C SER B 496 49.57 -39.16 47.84
N LEU B 497 48.27 -39.25 48.16
CA LEU B 497 47.78 -40.31 49.02
C LEU B 497 47.97 -41.69 48.44
N ASP B 498 48.24 -41.80 47.14
CA ASP B 498 48.46 -43.09 46.48
C ASP B 498 49.77 -43.06 45.69
N TYR B 499 50.38 -44.25 45.61
CA TYR B 499 51.65 -44.40 44.90
C TYR B 499 51.53 -44.13 43.42
N GLU B 500 50.33 -44.29 42.86
CA GLU B 500 50.16 -44.73 41.48
C GLU B 500 50.97 -43.89 40.50
N LEU B 501 50.60 -42.61 40.37
CA LEU B 501 51.38 -41.72 39.53
C LEU B 501 52.29 -40.83 40.37
N GLY B 502 52.13 -40.86 41.68
CA GLY B 502 52.97 -40.10 42.57
C GLY B 502 54.43 -40.49 42.46
N PHE B 503 54.70 -41.80 42.33
CA PHE B 503 56.09 -42.26 42.23
C PHE B 503 56.89 -41.48 41.20
N LYS B 504 56.26 -41.06 40.11
CA LYS B 504 56.94 -40.26 39.09
C LYS B 504 56.54 -38.79 39.13
N PHE B 505 55.48 -38.42 39.84
CA PHE B 505 55.11 -37.02 40.06
C PHE B 505 54.88 -36.86 41.55
N SER B 506 55.97 -36.74 42.30
CA SER B 506 55.94 -36.52 43.75
C SER B 506 56.70 -35.27 44.16
N VAL B 507 57.95 -35.14 43.72
CA VAL B 507 58.84 -34.06 44.13
C VAL B 507 58.99 -34.11 45.65
N PRO B 508 59.83 -35.03 46.18
CA PRO B 508 59.78 -35.39 47.60
C PRO B 508 60.14 -34.26 48.55
N PHE B 509 59.13 -33.46 48.88
CA PHE B 509 59.26 -32.21 49.60
C PHE B 509 59.83 -32.42 51.01
N GLY B 510 60.03 -31.29 51.69
CA GLY B 510 60.18 -31.25 53.13
C GLY B 510 59.22 -30.23 53.72
N GLY B 511 59.57 -29.78 54.93
CA GLY B 511 58.73 -28.82 55.61
C GLY B 511 59.46 -27.61 56.16
N PHE B 512 58.74 -26.52 56.37
CA PHE B 512 59.36 -25.30 56.87
C PHE B 512 58.28 -24.39 57.43
N PHE B 513 58.55 -23.81 58.59
CA PHE B 513 57.63 -22.91 59.26
C PHE B 513 57.67 -21.54 58.56
N SER B 514 57.10 -20.53 59.19
CA SER B 514 57.24 -19.18 58.67
C SER B 514 58.65 -18.66 58.99
N CYS B 515 59.01 -17.55 58.33
CA CYS B 515 60.32 -16.96 58.55
C CYS B 515 60.50 -16.49 59.98
N ILE B 516 59.41 -16.21 60.68
CA ILE B 516 59.50 -15.87 62.09
C ILE B 516 59.42 -17.11 62.98
N MET B 517 58.63 -18.11 62.58
CA MET B 517 58.57 -19.38 63.29
C MET B 517 59.84 -20.19 62.99
N GLY B 518 59.94 -21.38 63.56
CA GLY B 518 61.15 -22.16 63.46
C GLY B 518 61.28 -22.96 62.17
N ASN B 519 61.63 -24.24 62.30
CA ASN B 519 61.85 -25.12 61.16
C ASN B 519 61.99 -26.55 61.69
N PRO B 520 61.63 -27.55 60.90
CA PRO B 520 61.64 -28.92 61.41
C PRO B 520 62.98 -29.64 61.28
N LEU B 521 63.83 -29.24 60.34
CA LEU B 521 65.01 -30.04 60.03
C LEU B 521 66.28 -29.22 60.16
N VAL B 522 67.41 -29.92 60.03
CA VAL B 522 68.72 -29.35 60.30
C VAL B 522 69.30 -28.74 59.02
N ASN B 523 70.22 -27.79 59.22
CA ASN B 523 70.98 -27.20 58.12
C ASN B 523 72.43 -27.63 58.24
N ALA B 532 66.21 -31.86 70.52
CA ALA B 532 67.26 -30.97 70.97
C ALA B 532 67.18 -29.64 70.23
N PRO B 533 66.31 -28.74 70.70
CA PRO B 533 66.14 -27.46 70.01
C PRO B 533 67.33 -26.54 70.19
N SER B 534 68.13 -26.42 69.14
CA SER B 534 69.26 -25.50 69.11
C SER B 534 69.31 -24.65 67.86
N LEU B 535 68.64 -25.04 66.79
CA LEU B 535 68.67 -24.32 65.53
C LEU B 535 67.31 -23.68 65.25
N LYS B 536 67.35 -22.49 64.63
CA LYS B 536 66.13 -21.85 64.15
C LYS B 536 66.49 -21.05 62.89
N LYS B 537 66.40 -21.70 61.74
CA LYS B 537 66.59 -21.09 60.44
C LYS B 537 66.33 -22.17 59.39
N CYS B 538 66.20 -21.75 58.13
CA CYS B 538 65.70 -22.61 57.06
C CYS B 538 66.26 -24.02 57.19
N PRO B 539 65.40 -25.05 57.17
CA PRO B 539 65.87 -26.41 57.47
C PRO B 539 66.65 -27.03 56.32
N GLY B 540 67.95 -26.77 56.28
CA GLY B 540 68.78 -27.22 55.18
C GLY B 540 68.92 -26.14 54.12
N GLY B 541 68.77 -26.52 52.86
CA GLY B 541 68.83 -25.55 51.79
C GLY B 541 67.46 -25.03 51.41
N PHE B 542 67.12 -25.15 50.13
CA PHE B 542 65.85 -24.67 49.59
C PHE B 542 65.66 -23.18 49.89
N SER B 543 66.48 -22.39 49.19
CA SER B 543 66.41 -20.93 49.29
C SER B 543 65.00 -20.45 49.01
N GLN B 544 64.76 -19.17 49.23
CA GLN B 544 63.40 -18.67 49.47
C GLN B 544 62.59 -18.81 48.20
N HIS B 545 62.02 -20.02 48.03
CA HIS B 545 61.09 -20.31 46.96
C HIS B 545 59.68 -20.07 47.50
N LEU B 546 59.13 -18.89 47.24
CA LEU B 546 57.88 -18.47 47.85
C LEU B 546 56.75 -19.44 47.55
N ALA B 547 55.89 -19.62 48.53
CA ALA B 547 54.64 -20.35 48.36
C ALA B 547 53.42 -19.52 48.72
N VAL B 548 53.50 -18.73 49.80
CA VAL B 548 52.40 -17.90 50.24
C VAL B 548 52.92 -16.91 51.28
N ILE B 549 52.34 -15.71 51.33
CA ILE B 549 52.63 -14.76 52.38
C ILE B 549 51.44 -14.73 53.33
N SER B 550 51.73 -14.60 54.62
CA SER B 550 50.69 -14.45 55.63
C SER B 550 51.03 -13.23 56.48
N ASP B 551 50.30 -12.14 56.25
CA ASP B 551 50.44 -10.87 56.96
C ASP B 551 51.90 -10.50 57.23
N GLY B 552 52.76 -10.66 56.22
CA GLY B 552 54.13 -10.22 56.36
C GLY B 552 55.16 -11.33 56.32
N CYS B 553 54.85 -12.45 56.98
CA CYS B 553 55.77 -13.59 56.99
C CYS B 553 55.52 -14.46 55.76
N GLN B 554 56.59 -14.96 55.17
CA GLN B 554 56.49 -15.87 54.04
C GLN B 554 56.57 -17.31 54.52
N VAL B 555 55.74 -18.17 53.92
CA VAL B 555 55.68 -19.57 54.27
C VAL B 555 56.23 -20.38 53.10
N SER B 556 57.35 -21.05 53.33
CA SER B 556 58.01 -21.84 52.29
C SER B 556 58.25 -23.27 52.80
N TYR B 557 59.03 -24.05 52.07
CA TYR B 557 59.29 -25.44 52.44
C TYR B 557 60.75 -25.76 52.17
N CYS B 558 61.07 -27.06 52.15
CA CYS B 558 62.32 -27.57 51.59
C CYS B 558 61.92 -28.72 50.67
N VAL B 559 61.57 -28.39 49.44
CA VAL B 559 60.98 -29.34 48.51
C VAL B 559 62.10 -29.98 47.69
N LYS B 560 62.48 -31.20 48.05
CA LYS B 560 63.48 -31.95 47.31
C LYS B 560 62.83 -32.52 46.05
N ALA B 561 63.63 -32.67 45.01
CA ALA B 561 63.14 -33.12 43.71
C ALA B 561 63.93 -34.33 43.22
N GLY B 562 64.10 -35.33 44.10
CA GLY B 562 64.93 -36.47 43.79
C GLY B 562 64.33 -37.45 42.80
N ILE B 563 64.56 -38.74 43.03
CA ILE B 563 64.20 -39.78 42.07
C ILE B 563 62.69 -39.94 41.95
N THR C 13 60.80 -24.23 -0.03
CA THR C 13 60.11 -24.24 1.25
C THR C 13 58.97 -23.24 1.25
N GLY C 14 58.45 -22.95 0.06
CA GLY C 14 57.39 -21.94 -0.11
C GLY C 14 56.05 -22.66 -0.10
N PHE C 15 55.32 -22.51 1.01
CA PHE C 15 54.00 -23.10 1.08
C PHE C 15 53.01 -22.43 0.15
N GLN C 16 53.38 -21.32 -0.47
CA GLN C 16 52.44 -20.58 -1.29
C GLN C 16 51.91 -21.41 -2.44
N ILE C 17 52.64 -22.42 -2.89
CA ILE C 17 52.22 -23.20 -4.05
C ILE C 17 50.88 -23.87 -3.77
N CYS C 18 50.76 -24.58 -2.64
CA CYS C 18 49.54 -25.32 -2.42
C CYS C 18 48.55 -24.57 -1.55
N LYS C 19 49.02 -23.61 -0.75
CA LYS C 19 48.09 -22.60 -0.25
C LYS C 19 47.35 -21.95 -1.40
N ASN C 20 47.97 -21.92 -2.58
CA ASN C 20 47.30 -21.45 -3.77
C ASN C 20 46.46 -22.56 -4.40
N ALA C 21 46.98 -23.79 -4.42
CA ALA C 21 46.21 -24.89 -4.99
C ALA C 21 44.89 -25.07 -4.24
N LEU C 22 44.97 -25.43 -2.97
CA LEU C 22 43.80 -25.52 -2.10
C LEU C 22 43.80 -24.30 -1.19
N LYS C 23 42.62 -23.74 -0.97
CA LYS C 23 42.52 -22.37 -0.47
C LYS C 23 42.63 -22.25 1.04
N LEU C 24 43.15 -23.24 1.73
CA LEU C 24 43.14 -23.14 3.17
C LEU C 24 44.29 -22.28 3.67
N PRO C 25 44.17 -21.69 4.85
CA PRO C 25 45.26 -20.92 5.42
C PRO C 25 46.21 -21.78 6.23
N VAL C 26 47.49 -21.46 6.13
CA VAL C 26 48.50 -22.24 6.83
C VAL C 26 48.39 -22.00 8.32
N LEU C 27 48.60 -23.06 9.10
CA LEU C 27 48.65 -22.92 10.54
C LEU C 27 49.75 -21.95 10.92
N GLU C 28 49.53 -21.18 11.99
CA GLU C 28 50.51 -20.18 12.37
C GLU C 28 51.53 -20.74 13.35
N VAL C 29 51.09 -21.44 14.35
CA VAL C 29 51.99 -21.97 15.35
C VAL C 29 52.67 -23.21 14.78
N LEU C 30 53.98 -23.31 15.00
CA LEU C 30 54.71 -24.42 14.44
C LEU C 30 55.82 -24.81 15.40
N PRO C 31 56.05 -26.08 15.61
CA PRO C 31 56.99 -26.49 16.64
C PRO C 31 58.44 -26.42 16.21
N GLY C 32 58.73 -26.66 14.94
CA GLY C 32 60.11 -26.77 14.54
C GLY C 32 60.83 -25.43 14.56
N GLY C 33 61.04 -24.90 15.76
CA GLY C 33 61.68 -23.61 15.88
C GLY C 33 62.34 -23.41 17.22
N GLY C 34 63.59 -22.97 17.20
CA GLY C 34 64.32 -22.77 18.43
C GLY C 34 63.63 -21.79 19.35
N TRP C 35 64.06 -21.79 20.61
CA TRP C 35 63.35 -21.06 21.64
C TRP C 35 64.30 -20.75 22.78
N ASP C 36 64.46 -19.47 23.09
CA ASP C 36 65.32 -19.06 24.19
C ASP C 36 64.57 -19.26 25.49
N ASN C 37 65.10 -20.12 26.36
CA ASN C 37 64.44 -20.38 27.63
C ASN C 37 64.71 -19.29 28.66
N LEU C 38 65.78 -18.52 28.48
CA LEU C 38 66.08 -17.47 29.45
C LEU C 38 65.25 -16.21 29.17
N ARG C 39 65.45 -15.60 28.01
CA ARG C 39 64.63 -14.47 27.61
C ARG C 39 63.16 -14.88 27.46
N ASN C 40 62.90 -16.16 27.22
CA ASN C 40 61.55 -16.69 27.08
C ASN C 40 60.85 -16.11 25.85
N VAL C 41 61.43 -16.35 24.67
CA VAL C 41 60.90 -15.84 23.41
C VAL C 41 61.45 -16.67 22.25
N ASP C 42 60.60 -16.94 21.25
CA ASP C 42 61.00 -17.73 20.09
C ASP C 42 62.24 -17.13 19.43
N MET C 43 63.04 -18.00 18.80
CA MET C 43 64.31 -17.56 18.26
C MET C 43 64.48 -17.80 16.77
N GLY C 44 64.18 -18.98 16.27
CA GLY C 44 64.38 -19.22 14.84
C GLY C 44 64.22 -20.68 14.51
N ARG C 45 64.12 -20.94 13.20
CA ARG C 45 63.94 -22.30 12.73
C ARG C 45 65.06 -23.20 13.23
N VAL C 46 64.73 -24.43 13.56
CA VAL C 46 65.75 -25.43 13.79
C VAL C 46 65.46 -26.66 12.94
N MET C 47 64.29 -27.24 13.14
CA MET C 47 63.84 -28.34 12.30
C MET C 47 63.17 -27.77 11.06
N ASP C 48 63.66 -28.15 9.89
CA ASP C 48 63.16 -27.53 8.67
C ASP C 48 61.71 -27.91 8.43
N LEU C 49 60.97 -27.00 7.81
CA LEU C 49 59.55 -27.20 7.52
C LEU C 49 59.36 -27.03 6.02
N THR C 50 59.17 -28.13 5.33
CA THR C 50 58.87 -28.10 3.91
C THR C 50 57.36 -28.13 3.71
N TYR C 51 56.95 -28.10 2.45
CA TYR C 51 55.54 -28.26 2.12
C TYR C 51 55.38 -29.08 0.86
N THR C 52 56.26 -30.05 0.64
CA THR C 52 56.30 -30.75 -0.64
C THR C 52 55.01 -31.50 -0.92
N ASN C 53 54.75 -32.57 -0.16
CA ASN C 53 53.55 -33.36 -0.36
C ASN C 53 52.43 -32.73 0.43
N CYS C 54 52.15 -31.46 0.17
CA CYS C 54 51.69 -30.57 1.23
C CYS C 54 50.49 -31.14 1.96
N LYS C 55 50.67 -31.30 3.27
CA LYS C 55 49.70 -31.94 4.13
C LYS C 55 48.53 -31.00 4.35
N THR C 56 47.65 -31.39 5.26
CA THR C 56 46.58 -30.54 5.75
C THR C 56 45.96 -31.26 6.93
N THR C 57 45.46 -30.50 7.89
CA THR C 57 44.83 -31.12 9.04
C THR C 57 43.62 -31.92 8.59
N GLU C 58 43.27 -32.91 9.40
CA GLU C 58 42.20 -33.83 9.01
C GLU C 58 40.91 -33.07 8.72
N ASP C 59 40.41 -32.33 9.69
CA ASP C 59 39.28 -31.44 9.45
C ASP C 59 39.84 -30.28 8.64
N GLY C 60 39.98 -30.51 7.34
CA GLY C 60 40.85 -29.65 6.58
C GLY C 60 40.44 -28.21 6.65
N GLN C 61 41.13 -27.46 7.50
CA GLN C 61 41.07 -26.02 7.49
C GLN C 61 42.41 -25.40 7.83
N TYR C 62 43.49 -26.12 7.55
CA TYR C 62 44.84 -25.58 7.69
C TYR C 62 45.76 -26.36 6.77
N ILE C 63 46.99 -25.89 6.65
CA ILE C 63 48.02 -26.57 5.85
C ILE C 63 49.24 -26.70 6.76
N ILE C 64 49.33 -27.80 7.48
CA ILE C 64 50.51 -28.01 8.32
C ILE C 64 51.67 -28.30 7.39
N PRO C 65 52.90 -28.03 7.80
CA PRO C 65 54.04 -28.48 7.02
C PRO C 65 54.25 -29.97 7.25
N ASP C 66 54.82 -30.62 6.26
CA ASP C 66 54.83 -32.08 6.25
C ASP C 66 55.85 -32.66 7.20
N GLU C 67 56.36 -31.88 8.13
CA GLU C 67 57.17 -32.42 9.21
C GLU C 67 56.46 -32.33 10.55
N VAL C 68 55.16 -32.07 10.55
CA VAL C 68 54.41 -32.00 11.80
C VAL C 68 53.08 -32.73 11.61
N TYR C 69 52.53 -33.22 12.70
CA TYR C 69 51.24 -33.86 12.71
C TYR C 69 50.44 -33.29 13.88
N THR C 70 49.13 -33.21 13.71
CA THR C 70 48.26 -32.59 14.69
C THR C 70 47.31 -33.61 15.27
N ILE C 71 46.82 -33.30 16.47
CA ILE C 71 45.84 -34.13 17.16
C ILE C 71 44.83 -33.21 17.83
N PRO C 72 43.63 -33.12 17.32
CA PRO C 72 42.78 -31.97 17.61
C PRO C 72 41.86 -32.14 18.80
N GLN C 73 41.79 -31.14 19.68
CA GLN C 73 40.80 -31.10 20.76
C GLN C 73 40.88 -29.80 21.52
N LYS C 74 39.75 -29.19 21.92
CA LYS C 74 39.60 -28.50 23.21
C LYS C 74 38.33 -27.69 23.33
N GLU C 75 38.08 -27.16 24.53
CA GLU C 75 37.49 -25.84 24.83
C GLU C 75 37.37 -25.75 26.34
N SER C 76 37.39 -24.51 26.85
CA SER C 76 37.19 -24.32 28.29
C SER C 76 37.06 -22.85 28.59
N ASN C 77 36.09 -22.49 29.42
CA ASN C 77 36.01 -21.12 29.91
C ASN C 77 35.25 -21.11 31.21
N LEU C 78 35.30 -19.97 31.89
CA LEU C 78 34.60 -19.85 33.16
C LEU C 78 34.35 -18.39 33.49
N GLU C 79 33.09 -18.08 33.79
CA GLU C 79 32.68 -16.75 34.20
C GLU C 79 32.40 -16.76 35.69
N MET C 80 32.58 -15.61 36.32
CA MET C 80 32.25 -15.48 37.73
C MET C 80 32.27 -14.01 38.10
N ASN C 81 31.34 -13.61 38.96
CA ASN C 81 31.27 -12.23 39.41
C ASN C 81 30.62 -12.19 40.78
N SER C 82 30.65 -11.01 41.40
CA SER C 82 30.13 -10.84 42.74
C SER C 82 29.43 -9.49 42.83
N GLU C 83 28.93 -9.18 44.01
CA GLU C 83 28.07 -8.02 44.22
C GLU C 83 28.08 -7.64 45.69
N VAL C 84 27.90 -6.35 45.95
CA VAL C 84 27.84 -5.82 47.32
C VAL C 84 27.06 -4.51 47.29
N LEU C 85 26.10 -4.36 48.20
CA LEU C 85 25.33 -3.13 48.33
C LEU C 85 25.24 -2.71 49.80
N GLU C 86 24.68 -1.53 50.03
CA GLU C 86 24.44 -0.99 51.36
C GLU C 86 23.39 0.11 51.27
N SER C 87 22.87 0.53 52.42
CA SER C 87 22.04 1.73 52.54
C SER C 87 21.79 2.00 54.00
N TRP C 88 21.80 3.28 54.39
CA TRP C 88 21.61 3.70 55.77
C TRP C 88 20.61 4.86 55.82
N MET C 89 20.14 5.20 57.03
CA MET C 89 19.23 6.32 57.24
C MET C 89 19.40 6.85 58.67
N ASN C 90 18.62 7.88 59.01
CA ASN C 90 18.51 8.41 60.37
C ASN C 90 17.29 9.33 60.47
N TYR C 91 17.17 10.01 61.61
CA TYR C 91 15.98 10.79 61.95
C TYR C 91 16.33 11.80 63.05
N GLN C 92 15.28 12.37 63.67
CA GLN C 92 15.40 13.65 64.38
C GLN C 92 14.81 13.70 65.79
N SER C 93 14.74 14.91 66.36
CA SER C 93 14.26 15.16 67.72
C SER C 93 13.73 16.57 67.81
N THR C 94 12.90 16.85 68.83
CA THR C 94 12.18 18.11 68.93
C THR C 94 11.74 18.37 70.37
N THR C 95 11.78 19.64 70.78
CA THR C 95 11.21 20.08 72.05
C THR C 95 10.50 21.41 71.83
N SER C 96 9.62 21.75 72.77
CA SER C 96 8.86 23.00 72.71
C SER C 96 8.15 23.23 74.03
N LEU C 97 8.15 24.48 74.50
CA LEU C 97 7.46 24.86 75.74
C LEU C 97 6.90 26.27 75.56
N SER C 98 5.61 26.44 75.84
CA SER C 98 4.90 27.71 75.63
C SER C 98 4.17 28.07 76.92
N ILE C 99 4.77 28.95 77.72
CA ILE C 99 4.35 29.10 79.11
C ILE C 99 4.25 30.57 79.54
N ASN C 100 3.05 31.01 79.91
CA ASN C 100 2.82 31.84 81.09
C ASN C 100 1.40 32.41 81.02
N THR C 101 1.02 33.11 82.09
CA THR C 101 -0.16 33.99 82.11
C THR C 101 -0.04 34.86 83.36
N GLU C 102 -0.88 35.90 83.44
CA GLU C 102 -1.00 36.71 84.64
C GLU C 102 -2.21 37.63 84.52
N LEU C 103 -2.78 37.98 85.67
CA LEU C 103 -3.89 38.94 85.79
C LEU C 103 -4.04 39.35 87.25
N ALA C 104 -4.67 40.51 87.46
CA ALA C 104 -5.22 40.92 88.73
C ALA C 104 -6.00 42.21 88.53
N LEU C 105 -6.82 42.55 89.52
CA LEU C 105 -7.55 43.79 89.53
C LEU C 105 -7.10 44.77 90.60
N PHE C 106 -6.07 44.43 91.38
CA PHE C 106 -5.59 45.28 92.46
C PHE C 106 -4.18 45.78 92.22
N SER C 107 -3.20 44.88 92.04
CA SER C 107 -1.81 45.32 91.90
C SER C 107 -1.02 44.63 90.79
N ARG C 108 -1.36 43.42 90.37
CA ARG C 108 -0.45 42.62 89.55
C ARG C 108 -1.21 41.99 88.38
N VAL C 109 -1.38 42.75 87.29
CA VAL C 109 -1.95 42.23 86.05
C VAL C 109 -0.91 42.37 84.95
N ASN C 110 -0.51 41.24 84.37
CA ASN C 110 0.54 41.19 83.36
C ASN C 110 0.17 40.20 82.27
N GLY C 111 1.15 39.93 81.41
CA GLY C 111 1.03 38.90 80.40
C GLY C 111 2.40 38.37 80.03
N LYS C 112 2.52 37.10 79.72
CA LYS C 112 3.80 36.52 79.33
C LYS C 112 3.55 35.24 78.56
N PHE C 113 4.36 35.01 77.52
CA PHE C 113 4.39 33.74 76.79
C PHE C 113 5.82 33.58 76.26
N SER C 114 6.67 32.87 77.01
CA SER C 114 8.04 32.65 76.58
C SER C 114 8.16 31.35 75.81
N THR C 115 7.38 31.27 74.73
CA THR C 115 7.30 30.05 73.93
C THR C 115 8.61 29.79 73.20
N GLU C 116 8.98 28.52 73.10
CA GLU C 116 10.24 28.13 72.48
C GLU C 116 10.03 26.90 71.62
N PHE C 117 10.94 26.71 70.67
CA PHE C 117 10.93 25.55 69.78
C PHE C 117 12.37 25.22 69.43
N GLN C 118 12.73 23.94 69.55
CA GLN C 118 14.02 23.46 69.08
C GLN C 118 13.79 22.18 68.28
N ARG C 119 14.14 22.22 67.00
CA ARG C 119 14.04 21.06 66.13
C ARG C 119 15.37 20.87 65.44
N MET C 120 15.80 19.62 65.31
CA MET C 120 17.04 19.28 64.62
C MET C 120 16.81 17.99 63.84
N LYS C 121 16.58 18.13 62.54
CA LYS C 121 16.40 16.98 61.66
C LYS C 121 17.71 16.69 60.95
N THR C 122 18.25 15.50 61.16
CA THR C 122 19.45 15.06 60.47
C THR C 122 19.15 13.75 59.75
N LEU C 123 19.47 13.71 58.46
CA LEU C 123 19.45 12.49 57.68
C LEU C 123 20.87 12.12 57.30
N GLN C 124 21.10 10.83 57.10
CA GLN C 124 22.37 10.34 56.61
C GLN C 124 22.10 9.11 55.77
N VAL C 125 21.94 9.30 54.48
CA VAL C 125 21.89 8.19 53.54
C VAL C 125 23.32 7.83 53.18
N LYS C 126 23.58 6.54 52.97
CA LYS C 126 24.93 6.12 52.62
C LYS C 126 24.82 4.85 51.79
N ASP C 127 25.06 4.98 50.49
CA ASP C 127 24.90 3.90 49.54
C ASP C 127 26.26 3.51 48.98
N GLN C 128 26.48 2.21 48.75
CA GLN C 128 27.79 1.74 48.30
C GLN C 128 27.60 0.49 47.44
N ALA C 129 27.57 0.67 46.13
CA ALA C 129 27.49 -0.44 45.21
C ALA C 129 28.90 -0.90 44.83
N VAL C 130 29.05 -2.20 44.59
CA VAL C 130 30.32 -2.77 44.17
C VAL C 130 30.07 -3.95 43.24
N THR C 131 30.59 -3.88 42.03
CA THR C 131 30.50 -4.96 41.07
C THR C 131 31.90 -5.41 40.70
N THR C 132 32.05 -6.69 40.39
CA THR C 132 33.37 -7.23 40.07
C THR C 132 33.17 -8.49 39.23
N ARG C 133 33.39 -8.38 37.92
CA ARG C 133 33.33 -9.53 37.04
C ARG C 133 34.73 -9.96 36.64
N VAL C 134 34.90 -11.26 36.44
CA VAL C 134 36.12 -11.85 35.91
C VAL C 134 35.67 -13.04 35.09
N GLN C 135 36.15 -13.14 33.85
CA GLN C 135 35.76 -14.29 33.06
C GLN C 135 36.82 -14.54 31.99
N VAL C 136 37.14 -15.81 31.78
CA VAL C 136 38.34 -16.22 31.08
C VAL C 136 38.01 -17.38 30.14
N ARG C 137 38.51 -17.30 28.91
CA ARG C 137 38.31 -18.33 27.90
C ARG C 137 39.62 -19.01 27.55
N ASN C 138 39.54 -20.27 27.15
CA ASN C 138 40.69 -21.02 26.67
C ASN C 138 40.29 -21.96 25.55
N ARG C 139 41.18 -22.13 24.59
CA ARG C 139 41.05 -23.11 23.53
C ARG C 139 42.41 -23.75 23.31
N ILE C 140 42.43 -25.01 22.90
CA ILE C 140 43.69 -25.57 22.44
C ILE C 140 43.43 -26.39 21.19
N TYR C 141 44.47 -26.61 20.37
CA TYR C 141 44.40 -27.57 19.27
C TYR C 141 45.84 -27.93 18.87
N THR C 142 46.36 -29.01 19.45
CA THR C 142 47.81 -29.14 19.60
C THR C 142 48.49 -29.59 18.32
N VAL C 143 49.83 -29.55 18.36
CA VAL C 143 50.70 -29.75 17.21
C VAL C 143 52.03 -30.31 17.69
N LYS C 144 52.49 -31.38 17.05
CA LYS C 144 53.75 -32.00 17.39
C LYS C 144 54.64 -32.03 16.16
N THR C 145 55.94 -32.07 16.38
CA THR C 145 56.89 -32.24 15.29
C THR C 145 57.07 -33.71 15.01
N THR C 146 57.14 -34.07 13.74
CA THR C 146 57.24 -35.48 13.40
C THR C 146 58.55 -36.03 13.93
N PRO C 147 58.57 -37.30 14.35
CA PRO C 147 59.76 -37.84 14.99
C PRO C 147 60.92 -38.08 14.03
N THR C 148 60.75 -37.79 12.75
CA THR C 148 61.77 -38.10 11.76
C THR C 148 62.15 -36.89 10.92
N SER C 149 61.94 -35.69 11.42
CA SER C 149 62.31 -34.53 10.63
C SER C 149 63.79 -34.23 10.80
N GLU C 150 64.31 -33.38 9.92
CA GLU C 150 65.72 -33.06 9.87
C GLU C 150 65.95 -31.60 10.21
N LEU C 151 67.19 -31.27 10.52
CA LEU C 151 67.51 -29.90 10.88
C LEU C 151 67.28 -28.97 9.69
N SER C 152 67.11 -27.69 10.01
CA SER C 152 66.92 -26.70 8.96
C SER C 152 68.21 -26.51 8.19
N LEU C 153 68.15 -25.64 7.17
CA LEU C 153 69.35 -25.36 6.42
C LEU C 153 70.30 -24.47 7.21
N GLY C 154 69.80 -23.32 7.67
CA GLY C 154 70.66 -22.42 8.42
C GLY C 154 71.26 -23.05 9.65
N PHE C 155 70.50 -23.92 10.32
CA PHE C 155 71.01 -24.59 11.50
C PHE C 155 72.19 -25.48 11.15
N THR C 156 72.02 -26.34 10.16
CA THR C 156 73.13 -27.18 9.73
C THR C 156 74.31 -26.33 9.29
N LYS C 157 74.05 -25.22 8.62
CA LYS C 157 75.15 -24.34 8.21
C LYS C 157 75.96 -23.89 9.41
N ALA C 158 75.28 -23.31 10.41
CA ALA C 158 75.99 -22.86 11.59
C ALA C 158 76.71 -24.01 12.28
N LEU C 159 76.08 -25.18 12.32
CA LEU C 159 76.66 -26.31 13.03
C LEU C 159 77.93 -26.77 12.36
N MET C 160 77.87 -27.10 11.07
CA MET C 160 79.07 -27.53 10.38
C MET C 160 80.08 -26.40 10.27
N ASP C 161 79.66 -25.15 10.42
CA ASP C 161 80.63 -24.07 10.50
C ASP C 161 81.44 -24.17 11.78
N ILE C 162 80.77 -24.36 12.91
CA ILE C 162 81.50 -24.58 14.15
C ILE C 162 82.36 -25.83 14.05
N CYS C 163 81.88 -26.84 13.33
CA CYS C 163 82.67 -28.06 13.18
C CYS C 163 83.92 -27.81 12.35
N ASP C 164 83.82 -27.01 11.30
CA ASP C 164 85.01 -26.64 10.54
C ASP C 164 85.94 -25.80 11.39
N GLN C 165 85.40 -25.01 12.31
CA GLN C 165 86.25 -24.24 13.22
C GLN C 165 87.00 -25.15 14.16
N LEU C 166 86.35 -26.21 14.65
CA LEU C 166 87.03 -27.11 15.57
C LEU C 166 88.06 -27.97 14.85
N GLU C 167 87.73 -28.44 13.65
CA GLU C 167 88.73 -29.14 12.84
C GLU C 167 89.89 -28.22 12.47
N LYS C 168 89.61 -26.95 12.24
CA LYS C 168 90.63 -25.94 11.98
C LYS C 168 91.30 -25.46 13.26
N ASN C 169 90.96 -26.05 14.39
CA ASN C 169 91.67 -25.91 15.66
C ASN C 169 91.52 -24.52 16.27
N GLN C 170 90.85 -23.60 15.59
CA GLN C 170 90.69 -22.22 16.06
C GLN C 170 89.63 -22.22 17.17
N THR C 171 90.08 -22.41 18.40
CA THR C 171 89.14 -22.53 19.52
C THR C 171 88.37 -21.24 19.73
N LYS C 172 89.08 -20.11 19.77
CA LYS C 172 88.44 -18.83 20.08
C LYS C 172 87.30 -18.53 19.12
N MET C 173 87.60 -18.52 17.81
CA MET C 173 86.55 -18.30 16.84
C MET C 173 85.47 -19.38 16.94
N ALA C 174 85.85 -20.61 17.26
CA ALA C 174 84.86 -21.68 17.38
C ALA C 174 83.90 -21.41 18.53
N THR C 175 84.43 -21.16 19.72
CA THR C 175 83.55 -20.93 20.86
C THR C 175 82.73 -19.66 20.68
N TYR C 176 83.28 -18.65 20.02
CA TYR C 176 82.49 -17.46 19.75
C TYR C 176 81.37 -17.78 18.76
N LEU C 177 81.64 -18.63 17.77
CA LEU C 177 80.60 -19.01 16.84
C LEU C 177 79.51 -19.81 17.53
N ALA C 178 79.89 -20.66 18.48
CA ALA C 178 78.88 -21.38 19.24
C ALA C 178 78.04 -20.44 20.08
N GLU C 179 78.68 -19.44 20.70
CA GLU C 179 77.94 -18.46 21.47
C GLU C 179 76.98 -17.69 20.57
N LEU C 180 77.42 -17.33 19.37
CA LEU C 180 76.54 -16.68 18.42
C LEU C 180 75.38 -17.60 18.05
N LEU C 181 75.67 -18.88 17.85
CA LEU C 181 74.61 -19.84 17.57
C LEU C 181 73.56 -19.83 18.65
N ILE C 182 73.99 -19.87 19.91
CA ILE C 182 73.02 -19.95 20.98
C ILE C 182 72.26 -18.64 21.11
N LEU C 183 72.90 -17.52 20.76
CA LEU C 183 72.21 -16.25 20.76
C LEU C 183 71.23 -16.14 19.59
N ASN C 184 71.48 -16.88 18.53
CA ASN C 184 70.75 -16.72 17.29
C ASN C 184 69.66 -17.77 17.10
N TYR C 185 69.69 -18.86 17.86
CA TYR C 185 68.75 -19.95 17.71
C TYR C 185 68.17 -20.41 19.03
N GLY C 186 68.42 -19.70 20.12
CA GLY C 186 67.84 -20.07 21.39
C GLY C 186 68.43 -21.31 22.00
N THR C 187 68.16 -21.53 23.27
CA THR C 187 68.74 -22.64 24.01
C THR C 187 67.86 -23.87 24.04
N HIS C 188 66.75 -23.87 23.30
CA HIS C 188 65.90 -25.05 23.26
C HIS C 188 65.15 -25.04 21.94
N VAL C 189 64.84 -26.23 21.46
CA VAL C 189 64.02 -26.40 20.27
C VAL C 189 62.69 -26.98 20.71
N ILE C 190 61.62 -26.43 20.17
CA ILE C 190 60.27 -26.80 20.56
C ILE C 190 59.84 -28.03 19.78
N THR C 191 59.21 -28.97 20.46
CA THR C 191 58.68 -30.15 19.80
C THR C 191 57.18 -30.30 19.97
N SER C 192 56.51 -29.29 20.55
CA SER C 192 55.09 -29.39 20.80
C SER C 192 54.56 -28.01 21.15
N VAL C 193 53.47 -27.62 20.50
CA VAL C 193 52.74 -26.42 20.85
C VAL C 193 51.26 -26.76 20.84
N ASP C 194 50.45 -25.85 21.36
CA ASP C 194 49.01 -26.06 21.42
C ASP C 194 48.36 -24.85 20.76
N ALA C 195 47.99 -25.00 19.49
CA ALA C 195 47.32 -23.93 18.79
C ALA C 195 46.01 -23.62 19.49
N GLY C 196 45.95 -22.47 20.15
CA GLY C 196 44.73 -22.09 20.80
C GLY C 196 44.66 -20.59 20.94
N ALA C 197 43.71 -20.14 21.74
CA ALA C 197 43.61 -18.73 22.08
C ALA C 197 43.02 -18.63 23.46
N ALA C 198 43.22 -17.47 24.07
CA ALA C 198 42.73 -17.23 25.41
C ALA C 198 42.18 -15.82 25.48
N LEU C 199 41.44 -15.56 26.55
CA LEU C 199 40.89 -14.24 26.78
C LEU C 199 40.59 -14.13 28.25
N VAL C 200 41.18 -13.14 28.89
CA VAL C 200 41.05 -12.93 30.33
C VAL C 200 40.60 -11.50 30.50
N GLN C 201 39.33 -11.28 30.83
CA GLN C 201 38.83 -9.94 30.96
C GLN C 201 38.10 -9.79 32.28
N GLU C 202 38.13 -8.58 32.82
CA GLU C 202 37.60 -8.34 34.15
C GLU C 202 37.35 -6.84 34.31
N ASP C 203 36.58 -6.51 35.33
CA ASP C 203 36.28 -5.11 35.59
C ASP C 203 35.72 -4.98 36.99
N HIS C 204 35.94 -3.82 37.58
CA HIS C 204 35.42 -3.48 38.90
C HIS C 204 34.64 -2.19 38.81
N VAL C 205 33.55 -2.13 39.57
CA VAL C 205 32.80 -0.89 39.76
C VAL C 205 32.70 -0.66 41.26
N ARG C 206 32.88 0.58 41.68
CA ARG C 206 32.81 0.88 43.11
C ARG C 206 32.12 2.23 43.27
N SER C 207 30.80 2.20 43.41
CA SER C 207 30.03 3.39 43.67
C SER C 207 30.06 3.70 45.16
N SER C 208 30.06 4.99 45.49
CA SER C 208 29.99 5.45 46.86
C SER C 208 29.10 6.68 46.90
N PHE C 209 28.11 6.66 47.79
CA PHE C 209 27.10 7.72 47.82
C PHE C 209 26.85 8.05 49.28
N LEU C 210 27.35 9.20 49.72
CA LEU C 210 27.22 9.64 51.09
C LEU C 210 26.44 10.94 51.11
N LEU C 211 25.31 10.94 51.79
CA LEU C 211 24.42 12.10 51.85
C LEU C 211 24.29 12.56 53.29
N ASP C 212 24.19 13.87 53.47
CA ASP C 212 24.03 14.46 54.79
C ASP C 212 22.82 15.38 54.80
N ASN C 213 22.45 15.81 56.00
CA ASN C 213 21.38 16.78 56.19
C ASN C 213 21.38 17.19 57.65
N GLN C 214 21.19 18.48 57.88
CA GLN C 214 21.02 19.00 59.23
C GLN C 214 19.98 20.11 59.14
N ASN C 215 18.71 19.75 59.32
CA ASN C 215 17.62 20.68 59.09
C ASN C 215 17.08 21.13 60.44
N SER C 216 17.72 22.13 61.03
CA SER C 216 17.36 22.61 62.36
C SER C 216 16.36 23.76 62.26
N GLN C 217 15.79 24.12 63.40
CA GLN C 217 14.82 25.20 63.47
C GLN C 217 14.77 25.77 64.87
N ASN C 218 14.31 27.01 64.97
CA ASN C 218 14.08 27.67 66.24
C ASN C 218 12.84 28.54 66.13
N THR C 219 12.19 28.77 67.26
CA THR C 219 11.04 29.68 67.31
C THR C 219 10.92 30.21 68.73
N VAL C 220 11.26 31.47 68.93
CA VAL C 220 11.20 32.11 70.23
C VAL C 220 10.17 33.22 70.16
N THR C 221 9.26 33.26 71.14
CA THR C 221 8.25 34.29 71.22
C THR C 221 8.16 34.79 72.66
N ALA C 222 7.95 36.08 72.81
CA ALA C 222 7.75 36.71 74.10
C ALA C 222 6.38 37.40 74.10
N SER C 223 5.98 37.88 75.27
CA SER C 223 4.68 38.52 75.39
C SER C 223 4.66 39.44 76.60
N ALA C 224 3.64 40.29 76.64
CA ALA C 224 3.41 41.26 77.70
C ALA C 224 1.91 41.46 77.78
N GLY C 225 1.49 42.61 78.30
CA GLY C 225 0.08 42.85 78.52
C GLY C 225 -0.28 43.31 79.90
N ILE C 226 0.65 44.00 80.56
CA ILE C 226 0.36 44.61 81.85
C ILE C 226 -0.59 45.79 81.61
N ALA C 227 -1.89 45.53 81.72
CA ALA C 227 -2.85 46.59 81.45
C ALA C 227 -4.16 46.45 82.20
N PHE C 228 -4.25 47.01 83.41
CA PHE C 228 -5.52 47.52 83.91
C PHE C 228 -5.31 48.84 84.64
N LEU C 229 -4.15 48.97 85.29
CA LEU C 229 -3.95 50.04 86.27
C LEU C 229 -2.77 50.90 85.86
N ASN C 230 -2.99 52.22 85.93
CA ASN C 230 -2.00 53.28 85.71
C ASN C 230 -1.64 53.39 84.23
N ILE C 231 -1.98 52.35 83.46
CA ILE C 231 -2.02 52.33 82.01
C ILE C 231 -3.11 51.33 81.65
N VAL C 232 -4.21 51.79 81.06
CA VAL C 232 -5.32 50.87 80.83
C VAL C 232 -4.96 49.87 79.74
N ASN C 233 -4.03 50.21 78.87
CA ASN C 233 -3.57 49.28 77.85
C ASN C 233 -2.21 49.62 77.26
N PHE C 234 -1.30 48.64 77.26
CA PHE C 234 -0.17 48.61 76.33
C PHE C 234 0.37 47.19 76.27
N LYS C 235 0.65 46.72 75.07
CA LYS C 235 0.95 45.32 74.85
C LYS C 235 2.28 45.20 74.12
N VAL C 236 3.09 44.21 74.51
CA VAL C 236 4.39 43.98 73.91
C VAL C 236 4.52 42.49 73.62
N GLU C 237 4.94 42.16 72.40
CA GLU C 237 5.28 40.78 72.06
C GLU C 237 6.29 40.79 70.92
N THR C 238 7.38 40.05 71.09
CA THR C 238 8.36 39.85 70.04
C THR C 238 8.21 38.45 69.46
N ASP C 239 8.68 38.28 68.24
CA ASP C 239 8.71 36.97 67.58
C ASP C 239 10.09 36.75 66.99
N TYR C 240 10.46 35.48 66.84
CA TYR C 240 11.80 35.14 66.37
C TYR C 240 11.79 33.70 65.90
N ILE C 241 12.11 33.48 64.63
CA ILE C 241 12.18 32.14 64.07
C ILE C 241 13.43 32.05 63.19
N SER C 242 14.19 30.99 63.39
CA SER C 242 15.43 30.75 62.66
C SER C 242 15.42 29.34 62.11
N GLN C 243 15.90 29.20 60.87
CA GLN C 243 15.98 27.92 60.22
C GLN C 243 17.41 27.68 59.72
N THR C 244 17.74 26.41 59.52
CA THR C 244 19.04 26.06 58.98
C THR C 244 18.93 24.66 58.40
N SER C 245 19.06 24.56 57.08
CA SER C 245 18.97 23.28 56.39
C SER C 245 20.21 23.16 55.52
N LEU C 246 21.07 22.21 55.84
CA LEU C 246 22.35 22.03 55.16
C LEU C 246 22.46 20.60 54.72
N THR C 247 22.38 20.37 53.41
CA THR C 247 22.55 19.05 52.83
C THR C 247 23.92 18.95 52.19
N LYS C 248 24.51 17.76 52.25
CA LYS C 248 25.82 17.51 51.68
C LYS C 248 25.82 16.09 51.16
N ASP C 249 25.98 15.92 49.85
CA ASP C 249 26.11 14.61 49.26
C ASP C 249 27.41 14.53 48.47
N TYR C 250 27.94 13.32 48.35
CA TYR C 250 29.30 13.14 47.84
C TYR C 250 29.36 11.79 47.12
N LEU C 251 29.14 11.82 45.82
CA LEU C 251 29.09 10.63 44.99
C LEU C 251 30.43 10.41 44.30
N SER C 252 30.86 9.16 44.20
CA SER C 252 32.13 8.87 43.54
C SER C 252 32.09 7.45 42.98
N ASN C 253 31.83 7.34 41.68
CA ASN C 253 32.05 6.09 40.96
C ASN C 253 33.53 5.90 40.71
N ARG C 254 33.92 4.65 40.51
CA ARG C 254 35.28 4.33 40.07
C ARG C 254 35.20 3.00 39.33
N THR C 255 35.39 3.02 38.03
CA THR C 255 35.29 1.84 37.19
C THR C 255 36.66 1.47 36.65
N ASN C 256 36.96 0.17 36.64
CA ASN C 256 38.10 -0.34 35.93
C ASN C 256 37.64 -1.34 34.89
N SER C 257 38.59 -1.77 34.07
CA SER C 257 38.34 -2.78 33.06
C SER C 257 39.67 -3.19 32.47
N ARG C 258 39.86 -4.47 32.18
CA ARG C 258 41.11 -4.90 31.62
C ARG C 258 40.89 -6.21 30.89
N VAL C 259 40.80 -6.16 29.58
CA VAL C 259 40.80 -7.40 28.82
C VAL C 259 42.26 -7.69 28.51
N GLN C 260 42.58 -8.95 28.33
CA GLN C 260 43.93 -9.32 27.95
C GLN C 260 43.81 -10.63 27.17
N SER C 261 43.76 -10.53 25.85
CA SER C 261 43.47 -11.66 25.01
C SER C 261 44.67 -11.99 24.16
N PHE C 262 44.97 -13.27 24.01
CA PHE C 262 45.96 -13.70 23.04
C PHE C 262 45.67 -15.14 22.71
N GLY C 263 45.26 -15.39 21.47
CA GLY C 263 45.08 -14.32 20.52
C GLY C 263 43.94 -14.63 19.60
N GLY C 264 43.07 -13.66 19.37
CA GLY C 264 41.97 -13.88 18.47
C GLY C 264 41.83 -12.76 17.49
N VAL C 265 40.64 -12.19 17.37
CA VAL C 265 40.44 -11.02 16.53
C VAL C 265 40.77 -9.83 17.42
N PRO C 266 41.37 -8.76 16.89
CA PRO C 266 41.66 -7.59 17.72
C PRO C 266 40.50 -7.18 18.59
N PHE C 267 40.68 -7.28 19.90
CA PHE C 267 39.58 -7.07 20.82
C PHE C 267 39.10 -5.63 20.80
N TYR C 268 37.85 -5.45 21.22
CA TYR C 268 37.27 -4.12 21.40
C TYR C 268 36.12 -4.26 22.36
N PRO C 269 35.83 -3.23 23.17
CA PRO C 269 34.92 -3.43 24.31
C PRO C 269 33.56 -3.96 23.92
N GLY C 270 32.92 -3.37 22.94
CA GLY C 270 31.56 -3.81 22.64
C GLY C 270 31.44 -5.18 22.04
N ILE C 271 32.53 -5.94 21.95
CA ILE C 271 32.47 -7.22 21.26
C ILE C 271 31.69 -8.21 22.12
N THR C 272 30.94 -9.08 21.45
CA THR C 272 30.27 -10.14 22.16
C THR C 272 31.29 -11.15 22.65
N LEU C 273 30.86 -12.01 23.54
CA LEU C 273 31.69 -13.14 23.91
C LEU C 273 31.69 -14.21 22.85
N GLU C 274 30.96 -13.99 21.75
CA GLU C 274 30.79 -14.95 20.68
C GLU C 274 31.60 -14.59 19.44
N THR C 275 31.31 -13.43 18.84
CA THR C 275 32.03 -13.03 17.65
C THR C 275 33.53 -13.08 17.84
N TRP C 276 33.98 -12.97 19.09
CA TRP C 276 35.34 -13.40 19.43
C TRP C 276 35.59 -14.81 18.95
N GLN C 277 34.78 -15.75 19.43
CA GLN C 277 35.02 -17.16 19.14
C GLN C 277 34.93 -17.45 17.65
N LYS C 278 33.79 -17.15 17.04
CA LYS C 278 33.63 -17.46 15.63
C LYS C 278 34.75 -16.88 14.79
N GLY C 279 35.38 -15.80 15.25
CA GLY C 279 36.47 -15.20 14.51
C GLY C 279 37.83 -15.72 14.92
N ILE C 280 37.88 -16.95 15.39
CA ILE C 280 39.14 -17.56 15.80
C ILE C 280 39.68 -18.51 14.73
N THR C 281 39.14 -18.44 13.51
CA THR C 281 39.41 -19.48 12.51
C THR C 281 40.90 -19.64 12.30
N ASN C 282 41.56 -18.66 11.72
CA ASN C 282 42.98 -18.45 11.98
C ASN C 282 43.05 -17.43 13.11
N HIS C 283 44.20 -16.81 13.33
CA HIS C 283 44.50 -16.08 14.56
C HIS C 283 44.65 -17.06 15.72
N LEU C 284 45.34 -18.16 15.48
CA LEU C 284 45.69 -19.04 16.58
C LEU C 284 47.05 -18.65 17.11
N VAL C 285 47.30 -19.03 18.36
CA VAL C 285 48.51 -18.60 19.04
C VAL C 285 48.98 -19.74 19.93
N ALA C 286 50.29 -19.93 20.00
CA ALA C 286 50.84 -20.98 20.85
C ALA C 286 50.56 -20.61 22.29
N ILE C 287 49.59 -21.26 22.90
CA ILE C 287 49.28 -20.98 24.31
C ILE C 287 50.10 -21.82 25.26
N ASP C 288 50.78 -22.84 24.77
CA ASP C 288 51.55 -23.72 25.62
C ASP C 288 52.52 -24.48 24.74
N ARG C 289 53.73 -24.71 25.23
CA ARG C 289 54.75 -25.31 24.40
C ARG C 289 55.71 -26.12 25.25
N ALA C 290 56.35 -27.09 24.61
CA ALA C 290 57.32 -27.94 25.27
C ALA C 290 58.30 -28.45 24.24
N GLY C 291 59.57 -28.53 24.63
CA GLY C 291 60.60 -28.97 23.72
C GLY C 291 61.74 -29.59 24.47
N LEU C 292 62.89 -29.64 23.81
CA LEU C 292 64.08 -30.29 24.35
C LEU C 292 65.26 -29.34 24.27
N PRO C 293 66.30 -29.58 25.06
CA PRO C 293 67.51 -28.77 24.91
C PRO C 293 68.18 -29.07 23.59
N LEU C 294 68.63 -28.03 22.90
CA LEU C 294 69.06 -28.20 21.53
C LEU C 294 70.28 -29.09 21.42
N HIS C 295 71.11 -29.14 22.46
CA HIS C 295 72.25 -30.06 22.42
C HIS C 295 71.79 -31.49 22.18
N PHE C 296 70.57 -31.81 22.59
CA PHE C 296 70.01 -33.12 22.33
C PHE C 296 69.86 -33.38 20.84
N PHE C 297 69.63 -32.35 20.06
CA PHE C 297 69.39 -32.51 18.62
C PHE C 297 70.67 -32.54 17.82
N ILE C 298 71.82 -32.37 18.45
CA ILE C 298 73.11 -32.42 17.77
C ILE C 298 73.63 -33.83 17.97
N LYS C 299 73.24 -34.73 17.06
CA LYS C 299 73.60 -36.13 17.12
C LYS C 299 73.90 -36.63 15.72
N PRO C 300 74.80 -37.60 15.57
CA PRO C 300 75.24 -37.98 14.23
C PRO C 300 74.11 -38.47 13.33
N ASP C 301 73.06 -39.05 13.89
CA ASP C 301 71.94 -39.47 13.05
C ASP C 301 71.21 -38.25 12.49
N LYS C 302 70.86 -37.30 13.35
CA LYS C 302 70.21 -36.08 12.88
C LYS C 302 71.13 -35.23 12.04
N LEU C 303 72.39 -35.50 12.05
CA LEU C 303 73.25 -34.71 11.19
C LEU C 303 73.61 -35.50 9.94
N PRO C 304 73.83 -34.80 8.83
CA PRO C 304 74.27 -35.49 7.60
C PRO C 304 75.68 -36.04 7.75
N GLY C 305 76.22 -36.58 6.66
CA GLY C 305 77.54 -37.17 6.70
C GLY C 305 78.59 -36.30 7.35
N LEU C 306 79.06 -36.72 8.51
CA LEU C 306 80.07 -35.98 9.27
C LEU C 306 80.78 -36.97 10.17
N PRO C 307 81.99 -36.65 10.62
CA PRO C 307 82.76 -37.61 11.45
C PRO C 307 82.09 -37.83 12.79
N GLY C 308 82.01 -39.11 13.18
CA GLY C 308 81.31 -39.50 14.39
C GLY C 308 81.76 -38.77 15.63
N PRO C 309 82.99 -39.02 16.09
CA PRO C 309 83.45 -38.37 17.33
C PRO C 309 83.47 -36.86 17.24
N LEU C 310 83.63 -36.31 16.03
CA LEU C 310 83.63 -34.86 15.90
C LEU C 310 82.27 -34.27 16.26
N VAL C 311 81.19 -34.99 15.97
CA VAL C 311 79.90 -34.44 16.38
C VAL C 311 79.73 -34.55 17.88
N LYS C 312 80.38 -35.52 18.52
CA LYS C 312 80.42 -35.54 19.98
C LYS C 312 81.12 -34.30 20.50
N LYS C 313 82.29 -33.99 19.94
CA LYS C 313 82.98 -32.76 20.27
C LYS C 313 82.07 -31.56 20.10
N LEU C 314 81.38 -31.49 18.96
CA LEU C 314 80.53 -30.35 18.67
C LEU C 314 79.40 -30.21 19.67
N SER C 315 78.75 -31.34 19.99
CA SER C 315 77.67 -31.30 20.97
C SER C 315 78.18 -30.83 22.32
N LYS C 316 79.34 -31.32 22.74
CA LYS C 316 79.88 -30.86 24.01
C LYS C 316 80.18 -29.37 23.98
N THR C 317 80.72 -28.88 22.88
CA THR C 317 81.05 -27.46 22.78
C THR C 317 79.79 -26.61 22.85
N VAL C 318 78.77 -26.98 22.07
CA VAL C 318 77.52 -26.23 22.07
C VAL C 318 76.91 -26.25 23.46
N GLU C 319 76.92 -27.41 24.11
CA GLU C 319 76.33 -27.54 25.43
C GLU C 319 77.05 -26.67 26.44
N THR C 320 78.39 -26.67 26.38
CA THR C 320 79.16 -25.82 27.28
C THR C 320 78.90 -24.35 27.01
N ALA C 321 78.76 -23.97 25.75
CA ALA C 321 78.41 -22.60 25.43
C ALA C 321 77.08 -22.22 26.05
N VAL C 322 76.10 -23.12 25.94
CA VAL C 322 74.81 -22.91 26.60
C VAL C 322 75.02 -22.69 28.09
N ARG C 323 75.62 -23.68 28.75
CA ARG C 323 75.97 -23.62 30.16
C ARG C 323 76.52 -22.25 30.55
N HIS C 324 77.54 -21.80 29.83
CA HIS C 324 78.07 -20.46 30.02
C HIS C 324 76.96 -19.42 29.95
N TYR C 325 76.26 -19.37 28.82
CA TYR C 325 75.20 -18.39 28.64
C TYR C 325 74.06 -18.60 29.62
N TYR C 326 73.96 -19.80 30.21
CA TYR C 326 72.83 -20.09 31.07
C TYR C 326 73.06 -19.56 32.48
N THR C 327 74.14 -20.00 33.13
CA THR C 327 74.37 -19.63 34.53
C THR C 327 74.58 -18.13 34.67
N PHE C 328 75.67 -17.63 34.12
CA PHE C 328 75.94 -16.20 34.01
C PHE C 328 75.83 -15.81 32.54
N ASN C 329 76.23 -14.58 32.23
CA ASN C 329 76.19 -14.11 30.86
C ASN C 329 77.50 -14.47 30.16
N THR C 330 77.84 -15.76 30.19
CA THR C 330 78.91 -16.37 29.40
C THR C 330 80.14 -15.48 29.23
N HIS C 331 80.62 -14.90 30.32
CA HIS C 331 81.62 -13.84 30.29
C HIS C 331 83.04 -14.39 30.18
N PRO C 332 83.72 -14.29 29.03
CA PRO C 332 85.17 -14.47 29.03
C PRO C 332 85.88 -13.30 29.71
N GLY C 333 85.57 -12.08 29.27
CA GLY C 333 86.23 -10.91 29.83
C GLY C 333 85.38 -9.79 30.39
N CYS C 334 84.16 -9.58 29.86
CA CYS C 334 83.37 -8.41 30.22
C CYS C 334 82.00 -8.38 29.56
N THR C 335 81.13 -7.48 30.00
CA THR C 335 79.90 -7.18 29.28
C THR C 335 80.24 -6.38 28.02
N ASN C 336 79.74 -6.82 26.87
CA ASN C 336 80.35 -6.28 25.66
C ASN C 336 79.42 -5.43 24.81
N VAL C 337 78.20 -5.88 24.52
CA VAL C 337 77.40 -5.17 23.52
C VAL C 337 76.81 -3.90 24.09
N ASP C 338 76.48 -3.88 25.37
CA ASP C 338 75.96 -2.67 26.01
C ASP C 338 77.07 -1.64 26.12
N SER C 339 76.85 -0.46 25.51
CA SER C 339 77.85 0.59 25.44
C SER C 339 79.15 0.02 24.90
N PRO C 340 79.25 -0.21 23.59
CA PRO C 340 80.40 -0.98 23.07
C PRO C 340 81.73 -0.24 23.16
N ASN C 341 81.73 0.92 23.82
CA ASN C 341 82.91 1.77 23.87
C ASN C 341 84.13 1.13 24.51
N PHE C 342 84.07 0.81 25.80
CA PHE C 342 85.26 0.37 26.54
C PHE C 342 85.20 -1.11 26.92
N ASN C 343 84.54 -1.94 26.11
CA ASN C 343 84.30 -3.33 26.45
C ASN C 343 85.06 -4.27 25.50
N PHE C 344 85.41 -5.45 26.04
CA PHE C 344 85.97 -6.53 25.24
C PHE C 344 84.83 -7.23 24.52
N GLN C 345 84.77 -7.06 23.19
CA GLN C 345 83.57 -7.39 22.43
C GLN C 345 83.82 -8.46 21.37
N ALA C 346 84.70 -9.41 21.65
CA ALA C 346 84.75 -10.62 20.85
C ALA C 346 83.78 -11.68 21.34
N ASN C 347 83.25 -11.51 22.55
CA ASN C 347 82.23 -12.38 23.10
C ASN C 347 80.85 -11.76 22.90
N MET C 348 79.85 -12.31 23.60
CA MET C 348 78.52 -11.71 23.66
C MET C 348 78.09 -11.60 25.11
N ASP C 349 77.65 -10.40 25.52
CA ASP C 349 77.26 -10.16 26.90
C ASP C 349 76.48 -8.85 27.02
N ASP C 350 75.31 -8.90 27.64
CA ASP C 350 74.37 -7.78 27.70
C ASP C 350 73.83 -7.59 29.12
N ASP C 351 74.73 -7.54 30.10
CA ASP C 351 74.33 -7.44 31.51
C ASP C 351 73.45 -6.23 31.79
N SER C 352 74.02 -5.02 31.73
CA SER C 352 73.29 -3.78 31.94
C SER C 352 74.19 -2.59 31.69
N CYS C 353 73.62 -1.38 31.65
CA CYS C 353 74.34 -0.19 31.23
C CYS C 353 74.45 0.89 32.30
N ASP C 354 73.42 1.07 33.13
CA ASP C 354 73.37 2.19 34.06
C ASP C 354 74.22 1.98 35.31
N ALA C 355 75.18 1.06 35.28
CA ALA C 355 76.02 0.79 36.43
C ALA C 355 76.91 2.01 36.70
N LYS C 356 76.85 2.52 37.93
CA LYS C 356 77.75 3.57 38.40
C LYS C 356 78.40 3.24 39.73
N VAL C 357 77.89 2.25 40.46
CA VAL C 357 78.42 1.85 41.76
C VAL C 357 78.89 0.41 41.69
N THR C 358 79.80 0.07 42.60
CA THR C 358 80.25 -1.31 42.80
C THR C 358 79.92 -1.82 44.19
N ASN C 359 78.84 -1.33 44.80
CA ASN C 359 78.51 -1.67 46.18
C ASN C 359 78.04 -3.13 46.27
N PHE C 360 77.82 -3.58 47.51
CA PHE C 360 77.61 -4.99 47.76
C PHE C 360 76.13 -5.34 47.79
N THR C 361 75.84 -6.60 48.09
CA THR C 361 74.46 -7.09 48.12
C THR C 361 73.74 -6.57 49.37
N PHE C 362 73.08 -5.42 49.23
CA PHE C 362 72.43 -4.75 50.34
C PHE C 362 70.93 -5.03 50.32
N GLY C 363 70.57 -6.25 50.74
CA GLY C 363 69.19 -6.70 50.73
C GLY C 363 68.38 -6.12 51.87
N GLY C 364 67.14 -6.61 51.97
CA GLY C 364 66.24 -6.19 53.05
C GLY C 364 65.26 -5.10 52.67
N VAL C 365 64.11 -5.08 53.33
CA VAL C 365 63.06 -4.09 53.08
C VAL C 365 62.32 -3.79 54.37
N TYR C 366 62.24 -2.52 54.74
CA TYR C 366 61.77 -2.16 56.07
C TYR C 366 61.30 -0.71 56.10
N GLN C 367 60.47 -0.39 57.09
CA GLN C 367 59.84 0.92 57.19
C GLN C 367 59.21 1.08 58.57
N GLU C 368 58.40 2.13 58.73
CA GLU C 368 57.67 2.41 59.98
C GLU C 368 56.47 3.29 59.63
N CYS C 369 55.28 2.80 59.95
CA CYS C 369 54.04 3.54 59.72
C CYS C 369 53.53 4.09 61.05
N THR C 370 53.84 5.36 61.32
CA THR C 370 53.43 5.98 62.56
C THR C 370 52.17 6.80 62.37
N GLU C 371 51.24 6.65 63.32
CA GLU C 371 49.97 7.36 63.30
C GLU C 371 50.12 8.68 64.06
N LEU C 372 49.59 9.76 63.48
CA LEU C 372 49.55 11.03 64.17
C LEU C 372 48.19 11.30 64.83
N SER C 373 47.09 10.94 64.17
CA SER C 373 45.76 11.13 64.73
C SER C 373 44.77 10.26 63.99
N GLY C 374 43.75 9.80 64.69
CA GLY C 374 42.79 8.86 64.11
C GLY C 374 43.41 7.50 63.84
N ASP C 375 42.59 6.54 63.39
CA ASP C 375 43.08 5.23 63.00
C ASP C 375 42.51 4.90 61.61
N VAL C 376 43.17 5.37 60.57
CA VAL C 376 42.77 5.08 59.19
C VAL C 376 43.99 4.63 58.39
N LEU C 377 45.02 5.47 58.37
CA LEU C 377 46.12 5.28 57.42
C LEU C 377 47.10 4.20 57.85
N CYS C 378 47.12 3.84 59.14
CA CYS C 378 48.02 2.79 59.59
C CYS C 378 47.70 1.44 58.97
N GLN C 379 46.44 1.17 58.64
CA GLN C 379 46.04 -0.15 58.17
C GLN C 379 46.54 -0.43 56.76
N ASN C 380 46.73 0.61 55.95
CA ASN C 380 47.14 0.43 54.56
C ASN C 380 48.55 0.92 54.27
N LEU C 381 49.11 1.82 55.08
CA LEU C 381 50.49 2.23 54.92
C LEU C 381 51.44 1.38 55.74
N GLU C 382 51.02 0.18 56.15
CA GLU C 382 51.89 -0.70 56.93
C GLU C 382 52.67 -1.63 56.01
N GLN C 383 53.83 -1.17 55.54
CA GLN C 383 54.62 -1.92 54.57
C GLN C 383 55.66 -2.78 55.28
N LYS C 384 55.18 -3.58 56.23
CA LYS C 384 56.07 -4.22 57.19
C LYS C 384 57.10 -5.08 56.49
N ASN C 385 58.22 -5.33 57.20
CA ASN C 385 59.34 -6.08 56.64
C ASN C 385 58.88 -7.49 56.29
N LEU C 386 59.40 -8.01 55.18
CA LEU C 386 59.13 -9.39 54.82
C LEU C 386 60.19 -10.35 55.35
N LEU C 387 61.44 -9.92 55.47
CA LEU C 387 62.52 -10.85 55.80
C LEU C 387 62.42 -11.34 57.23
N THR C 388 61.55 -10.74 58.05
CA THR C 388 61.40 -11.10 59.45
C THR C 388 59.97 -11.44 59.86
N GLY C 389 58.98 -11.06 59.07
CA GLY C 389 57.60 -11.31 59.44
C GLY C 389 56.99 -10.24 60.34
N ASP C 390 57.75 -9.20 60.67
CA ASP C 390 57.28 -8.12 61.51
C ASP C 390 58.22 -6.93 61.30
N PHE C 391 58.05 -5.91 62.13
CA PHE C 391 58.87 -4.70 62.03
C PHE C 391 60.25 -4.98 62.63
N SER C 392 61.15 -5.45 61.77
CA SER C 392 62.53 -5.67 62.16
C SER C 392 63.38 -5.75 60.90
N CYS C 393 64.69 -5.60 61.08
CA CYS C 393 65.62 -5.93 60.00
C CYS C 393 66.04 -7.40 60.12
N PRO C 394 66.56 -7.98 59.06
CA PRO C 394 67.11 -9.34 59.15
C PRO C 394 68.49 -9.32 59.78
N PRO C 395 68.90 -10.41 60.42
CA PRO C 395 70.24 -10.46 61.04
C PRO C 395 71.34 -10.21 60.02
N GLY C 396 72.30 -9.39 60.40
CA GLY C 396 73.35 -8.99 59.50
C GLY C 396 73.06 -7.75 58.68
N TYR C 397 71.90 -7.12 58.91
CA TYR C 397 71.48 -5.94 58.16
C TYR C 397 71.15 -4.84 59.15
N SER C 398 71.02 -3.62 58.63
CA SER C 398 70.76 -2.48 59.49
C SER C 398 69.54 -1.71 59.00
N PRO C 399 68.52 -1.54 59.83
CA PRO C 399 67.31 -0.82 59.42
C PRO C 399 67.49 0.68 59.52
N VAL C 400 68.35 1.21 58.65
CA VAL C 400 68.67 2.64 58.68
C VAL C 400 67.56 3.42 58.00
N HIS C 401 67.20 4.56 58.59
CA HIS C 401 65.98 5.27 58.25
C HIS C 401 66.02 5.86 56.84
N LEU C 402 65.21 5.30 55.93
CA LEU C 402 65.18 5.77 54.56
C LEU C 402 64.64 7.20 54.46
N LEU C 403 63.40 7.41 54.89
CA LEU C 403 62.81 8.74 54.84
C LEU C 403 61.58 8.80 55.73
N SER C 404 61.38 9.93 56.41
CA SER C 404 60.18 10.19 57.16
C SER C 404 59.29 11.16 56.38
N GLN C 405 57.98 10.97 56.50
CA GLN C 405 57.04 11.81 55.77
C GLN C 405 55.67 11.71 56.44
N THR C 406 54.84 12.73 56.21
CA THR C 406 53.52 12.81 56.82
C THR C 406 52.48 13.12 55.76
N HIS C 407 51.25 12.69 56.04
CA HIS C 407 50.11 12.94 55.17
C HIS C 407 48.91 13.34 56.00
N GLU C 408 47.94 13.99 55.36
CA GLU C 408 46.76 14.48 56.03
C GLU C 408 45.56 14.23 55.14
N GLU C 409 44.79 13.19 55.49
CA GLU C 409 43.60 12.83 54.74
C GLU C 409 42.40 12.78 55.68
N GLY C 410 41.22 12.97 55.11
CA GLY C 410 40.00 12.99 55.89
C GLY C 410 39.02 11.96 55.40
N TYR C 411 38.50 11.16 56.34
CA TYR C 411 37.45 10.20 56.05
C TYR C 411 36.32 10.40 57.03
N SER C 412 35.10 10.47 56.50
CA SER C 412 33.90 10.53 57.32
C SER C 412 33.71 9.16 57.97
N ARG C 413 34.06 9.05 59.25
CA ARG C 413 34.18 7.75 59.89
C ARG C 413 32.79 7.14 60.11
N LEU C 414 32.79 5.98 60.77
CA LEU C 414 31.57 5.28 61.15
C LEU C 414 31.20 5.67 62.57
N GLU C 415 29.90 5.83 62.82
CA GLU C 415 29.44 6.16 64.16
C GLU C 415 28.01 5.67 64.33
N CYS C 416 27.85 4.55 65.04
CA CYS C 416 26.53 4.00 65.36
C CYS C 416 26.52 3.83 66.88
N LYS C 417 26.13 4.89 67.58
CA LYS C 417 26.19 4.93 69.03
C LYS C 417 24.79 5.14 69.60
N LYS C 418 24.52 4.51 70.74
CA LYS C 418 23.26 4.67 71.44
C LYS C 418 23.43 5.65 72.60
N LYS C 419 22.44 6.51 72.80
CA LYS C 419 22.48 7.52 73.85
C LYS C 419 21.19 7.45 74.65
N CYS C 420 21.34 7.34 75.98
CA CYS C 420 20.19 7.39 76.88
C CYS C 420 19.75 8.83 77.08
N THR C 421 18.45 9.03 77.21
CA THR C 421 17.92 10.37 77.46
C THR C 421 17.98 10.72 78.94
N LEU C 422 17.26 9.98 79.77
CA LEU C 422 17.30 10.15 81.21
C LEU C 422 17.36 8.81 81.93
N LYS C 423 18.20 7.90 81.43
CA LYS C 423 18.46 6.57 81.95
C LYS C 423 17.25 5.64 81.86
N ILE C 424 16.11 6.12 81.37
CA ILE C 424 14.93 5.27 81.24
C ILE C 424 14.88 4.75 79.81
N PHE C 425 14.88 5.65 78.85
CA PHE C 425 14.92 5.27 77.46
C PHE C 425 16.22 5.72 76.82
N CYS C 426 16.60 5.05 75.73
CA CYS C 426 17.82 5.37 75.01
C CYS C 426 17.50 5.44 73.53
N LYS C 427 18.20 6.32 72.84
CA LYS C 427 18.12 6.45 71.40
C LYS C 427 19.49 6.15 70.81
N THR C 428 19.49 5.62 69.59
CA THR C 428 20.74 5.40 68.86
C THR C 428 20.87 6.51 67.85
N VAL C 429 21.82 7.42 68.08
CA VAL C 429 22.02 8.58 67.22
C VAL C 429 23.17 8.28 66.28
N CYS C 430 22.86 7.68 65.14
CA CYS C 430 23.89 7.41 64.16
C CYS C 430 24.19 8.70 63.41
N GLU C 431 25.41 9.20 63.56
CA GLU C 431 25.78 10.46 62.92
C GLU C 431 27.28 10.41 62.63
N ASP C 432 27.61 10.11 61.38
CA ASP C 432 29.00 9.94 60.97
C ASP C 432 29.68 11.30 60.89
N VAL C 433 30.90 11.38 61.41
CA VAL C 433 31.56 12.65 61.64
C VAL C 433 32.83 12.74 60.81
N PHE C 434 33.14 13.96 60.39
CA PHE C 434 34.40 14.25 59.72
C PHE C 434 35.58 14.05 60.66
N ARG C 435 36.74 13.73 60.07
CA ARG C 435 37.97 13.62 60.85
C ARG C 435 39.15 13.63 59.90
N VAL C 436 40.08 14.57 60.09
CA VAL C 436 41.35 14.59 59.38
C VAL C 436 42.29 13.69 60.17
N ALA C 437 42.51 12.48 59.67
CA ALA C 437 43.55 11.63 60.23
C ALA C 437 44.90 12.01 59.62
N LYS C 438 45.96 11.68 60.35
CA LYS C 438 47.32 11.90 59.85
C LYS C 438 48.19 10.73 60.27
N ALA C 439 49.11 10.36 59.38
CA ALA C 439 50.09 9.34 59.66
C ALA C 439 51.46 9.84 59.22
N GLU C 440 52.48 9.54 60.01
CA GLU C 440 53.85 9.91 59.68
C GLU C 440 54.54 8.66 59.13
N PHE C 441 54.76 8.65 57.82
CA PHE C 441 55.36 7.53 57.12
C PHE C 441 56.87 7.58 57.30
N ARG C 442 57.41 6.63 58.03
CA ARG C 442 58.85 6.54 58.29
C ARG C 442 59.39 5.33 57.53
N ALA C 443 60.08 5.57 56.43
CA ALA C 443 60.72 4.49 55.71
C ALA C 443 62.12 4.24 56.26
N TYR C 444 62.48 2.98 56.39
CA TYR C 444 63.76 2.60 56.99
C TYR C 444 64.45 1.62 56.03
N TRP C 445 65.31 2.16 55.17
CA TRP C 445 65.98 1.32 54.19
C TRP C 445 66.84 0.27 54.88
N CYS C 446 66.67 -0.98 54.48
CA CYS C 446 67.42 -2.08 55.06
C CYS C 446 68.65 -2.34 54.19
N VAL C 447 69.82 -2.34 54.83
CA VAL C 447 71.09 -2.53 54.16
C VAL C 447 71.95 -3.46 55.00
N ALA C 448 72.72 -4.32 54.33
CA ALA C 448 73.62 -5.22 55.03
C ALA C 448 74.70 -4.44 55.77
N ALA C 449 75.10 -4.98 56.93
CA ALA C 449 76.17 -4.35 57.69
C ALA C 449 77.53 -4.68 57.10
N GLY C 450 77.81 -5.96 56.90
CA GLY C 450 79.08 -6.38 56.32
C GLY C 450 78.95 -7.52 55.35
N GLN C 451 79.89 -8.46 55.38
CA GLN C 451 79.84 -9.62 54.50
C GLN C 451 78.64 -10.49 54.86
N VAL C 452 77.88 -10.87 53.84
CA VAL C 452 76.63 -11.60 54.07
C VAL C 452 76.88 -13.10 54.00
N PRO C 453 76.26 -13.90 54.87
CA PRO C 453 76.20 -15.35 54.64
C PRO C 453 75.11 -15.65 53.61
N ASP C 454 75.47 -16.41 52.58
CA ASP C 454 74.54 -16.66 51.48
C ASP C 454 73.32 -17.46 51.91
N ASN C 455 73.34 -18.04 53.11
CA ASN C 455 72.18 -18.78 53.60
C ASN C 455 71.00 -17.84 53.87
N SER C 456 71.26 -16.64 54.37
CA SER C 456 70.20 -15.70 54.73
C SER C 456 70.53 -14.29 54.24
N GLY C 457 71.23 -14.20 53.12
CA GLY C 457 71.50 -12.92 52.49
C GLY C 457 71.07 -12.93 51.04
N LEU C 458 70.11 -12.08 50.68
CA LEU C 458 69.48 -12.15 49.38
C LEU C 458 69.62 -10.83 48.62
N LEU C 459 69.53 -10.93 47.30
CA LEU C 459 69.57 -9.82 46.37
C LEU C 459 68.19 -9.64 45.73
N PHE C 460 67.90 -8.40 45.32
CA PHE C 460 66.56 -8.04 44.89
C PHE C 460 66.67 -7.04 43.74
N GLY C 461 65.55 -6.36 43.45
CA GLY C 461 65.54 -5.33 42.43
C GLY C 461 64.15 -5.02 41.91
N GLY C 462 63.94 -3.78 41.48
CA GLY C 462 62.68 -3.37 40.89
C GLY C 462 61.90 -2.35 41.70
N VAL C 463 61.87 -1.11 41.24
CA VAL C 463 61.20 -0.01 41.94
C VAL C 463 60.50 0.88 40.93
N PHE C 464 59.29 1.31 41.26
CA PHE C 464 58.48 2.13 40.37
C PHE C 464 57.24 2.60 41.12
N THR C 465 56.62 3.66 40.61
CA THR C 465 55.37 4.15 41.14
C THR C 465 54.26 3.85 40.14
N ASP C 466 53.03 4.22 40.51
CA ASP C 466 51.93 4.14 39.56
C ASP C 466 52.09 5.13 38.42
N LYS C 467 52.84 6.21 38.63
CA LYS C 467 53.06 7.23 37.63
C LYS C 467 54.40 7.09 36.93
N THR C 468 55.46 6.79 37.67
CA THR C 468 56.77 6.59 37.08
C THR C 468 56.90 5.17 36.57
N ILE C 469 57.37 5.04 35.33
CA ILE C 469 57.53 3.73 34.70
C ILE C 469 58.66 2.98 35.38
N ASN C 470 58.60 1.65 35.32
CA ASN C 470 59.68 0.81 35.82
C ASN C 470 60.65 0.50 34.69
N PRO C 471 61.77 1.22 34.56
CA PRO C 471 62.70 0.90 33.49
C PRO C 471 63.37 -0.45 33.66
N MET C 472 63.40 -0.96 34.89
CA MET C 472 63.79 -2.35 35.14
C MET C 472 63.04 -3.29 34.21
N THR C 473 61.72 -3.25 34.24
CA THR C 473 60.90 -4.14 33.42
C THR C 473 60.26 -3.41 32.23
N ASN C 474 60.43 -2.09 32.12
CA ASN C 474 59.76 -1.28 31.10
C ASN C 474 58.25 -1.44 31.18
N ALA C 475 57.71 -1.44 32.39
CA ALA C 475 56.27 -1.61 32.59
C ALA C 475 55.88 -0.86 33.86
N GLN C 476 54.66 -1.10 34.33
CA GLN C 476 54.14 -0.52 35.56
C GLN C 476 53.67 -1.60 36.52
N SER C 477 54.33 -2.75 36.50
CA SER C 477 53.96 -3.88 37.34
C SER C 477 55.23 -4.60 37.79
N CYS C 478 55.04 -5.74 38.39
CA CYS C 478 56.17 -6.52 38.87
C CYS C 478 56.60 -7.53 37.81
N PRO C 479 57.90 -7.69 37.58
CA PRO C 479 58.37 -8.77 36.73
C PRO C 479 58.12 -10.13 37.38
N ALA C 480 58.21 -11.17 36.56
CA ALA C 480 57.90 -12.51 37.01
C ALA C 480 58.84 -12.93 38.14
N GLY C 481 58.29 -13.57 39.15
CA GLY C 481 59.06 -13.94 40.32
C GLY C 481 59.34 -12.79 41.27
N TYR C 482 58.46 -11.80 41.34
CA TYR C 482 58.66 -10.62 42.18
C TYR C 482 57.36 -10.30 42.90
N ILE C 483 57.43 -10.19 44.22
CA ILE C 483 56.34 -9.57 44.98
C ILE C 483 56.60 -8.08 44.95
N PRO C 484 55.63 -7.27 44.53
CA PRO C 484 55.83 -5.81 44.63
C PRO C 484 55.60 -5.36 46.06
N LEU C 485 56.67 -5.05 46.77
CA LEU C 485 56.58 -4.63 48.16
C LEU C 485 56.39 -3.11 48.16
N ASN C 486 55.21 -2.67 48.58
CA ASN C 486 54.82 -1.27 48.45
C ASN C 486 55.39 -0.42 49.58
N LEU C 487 56.71 -0.56 49.75
CA LEU C 487 57.44 0.11 50.84
C LEU C 487 57.09 1.58 50.99
N PHE C 488 56.89 2.29 49.90
CA PHE C 488 56.80 3.75 49.94
C PHE C 488 55.35 4.19 49.77
N GLU C 489 55.15 5.50 49.69
CA GLU C 489 53.83 6.06 49.43
C GLU C 489 53.21 5.48 48.17
N SER C 490 53.97 5.44 47.07
CA SER C 490 53.50 4.89 45.81
C SER C 490 54.45 3.90 45.17
N LEU C 491 55.63 3.68 45.74
CA LEU C 491 56.57 2.71 45.19
C LEU C 491 56.09 1.30 45.51
N LYS C 492 56.34 0.38 44.59
CA LYS C 492 56.13 -1.04 44.84
C LYS C 492 57.47 -1.72 44.59
N VAL C 493 58.30 -1.77 45.61
CA VAL C 493 59.67 -2.28 45.48
C VAL C 493 59.58 -3.78 45.25
N CYS C 494 59.85 -4.21 44.02
CA CYS C 494 59.81 -5.61 43.66
C CYS C 494 60.93 -6.36 44.37
N VAL C 495 60.66 -7.60 44.73
CA VAL C 495 61.59 -8.42 45.50
C VAL C 495 62.05 -9.60 44.64
N SER C 496 63.36 -9.77 44.52
CA SER C 496 63.92 -11.00 43.95
C SER C 496 64.05 -12.05 45.04
N LEU C 497 62.89 -12.42 45.58
CA LEU C 497 62.84 -13.34 46.71
C LEU C 497 63.38 -14.71 46.37
N ASP C 498 63.52 -15.05 45.08
CA ASP C 498 64.04 -16.33 44.65
C ASP C 498 65.19 -16.14 43.66
N TYR C 499 66.12 -17.09 43.69
CA TYR C 499 67.30 -17.06 42.83
C TYR C 499 66.94 -17.17 41.35
N GLU C 500 65.78 -17.78 41.06
CA GLU C 500 65.62 -18.56 39.83
C GLU C 500 66.01 -17.77 38.59
N LEU C 501 65.27 -16.71 38.28
CA LEU C 501 65.64 -15.86 37.17
C LEU C 501 66.32 -14.59 37.66
N GLY C 502 66.33 -14.36 38.97
CA GLY C 502 66.99 -13.21 39.54
C GLY C 502 68.48 -13.21 39.25
N PHE C 503 69.11 -14.38 39.31
CA PHE C 503 70.55 -14.46 39.07
C PHE C 503 70.97 -13.74 37.79
N LYS C 504 70.12 -13.77 36.77
CA LYS C 504 70.39 -13.07 35.52
C LYS C 504 69.59 -11.80 35.35
N PHE C 505 68.54 -11.59 36.14
CA PHE C 505 67.80 -10.34 36.16
C PHE C 505 67.69 -9.90 37.61
N SER C 506 68.78 -9.31 38.13
CA SER C 506 68.83 -8.79 39.48
C SER C 506 69.22 -7.32 39.52
N VAL C 507 70.32 -6.95 38.85
CA VAL C 507 70.87 -5.61 38.90
C VAL C 507 71.20 -5.27 40.35
N PRO C 508 72.33 -5.78 40.89
CA PRO C 508 72.54 -5.80 42.35
C PRO C 508 72.65 -4.42 42.98
N PHE C 509 71.49 -3.89 43.32
CA PHE C 509 71.30 -2.51 43.78
C PHE C 509 72.06 -2.22 45.06
N GLY C 510 71.98 -0.96 45.48
CA GLY C 510 72.27 -0.55 46.84
C GLY C 510 71.13 0.28 47.39
N GLY C 511 71.45 1.07 48.41
CA GLY C 511 70.43 1.90 49.03
C GLY C 511 70.82 3.36 49.21
N PHE C 512 69.82 4.23 49.32
CA PHE C 512 70.10 5.66 49.47
C PHE C 512 68.85 6.34 50.03
N PHE C 513 69.06 7.21 51.00
CA PHE C 513 67.98 7.97 51.64
C PHE C 513 67.54 9.09 50.70
N SER C 514 66.75 10.03 51.22
CA SER C 514 66.43 11.20 50.44
C SER C 514 67.63 12.14 50.40
N CYS C 515 67.56 13.13 49.49
CA CYS C 515 68.66 14.08 49.36
C CYS C 515 68.84 14.91 50.63
N ILE C 516 67.79 15.02 51.45
CA ILE C 516 67.92 15.70 52.73
C ILE C 516 68.33 14.72 53.83
N MET C 517 67.84 13.48 53.78
CA MET C 517 68.25 12.44 54.71
C MET C 517 69.66 11.97 54.35
N GLY C 518 70.17 11.02 55.11
CA GLY C 518 71.54 10.58 54.95
C GLY C 518 71.78 9.58 53.83
N ASN C 519 72.51 8.52 54.14
CA ASN C 519 72.86 7.49 53.17
C ASN C 519 73.48 6.32 53.92
N PRO C 520 73.36 5.10 53.41
CA PRO C 520 73.84 3.93 54.15
C PRO C 520 75.32 3.60 53.94
N LEU C 521 75.90 3.98 52.81
CA LEU C 521 77.22 3.49 52.45
C LEU C 521 78.19 4.64 52.21
N VAL C 522 79.47 4.26 52.02
CA VAL C 522 80.56 5.21 51.94
C VAL C 522 80.78 5.65 50.49
N ASN C 523 81.38 6.83 50.34
CA ASN C 523 81.80 7.33 49.05
C ASN C 523 83.32 7.36 48.99
N ALA C 532 80.06 4.53 62.74
CA ALA C 532 80.83 5.76 62.82
C ALA C 532 80.27 6.81 61.87
N PRO C 533 79.22 7.52 62.30
CA PRO C 533 78.59 8.50 61.43
C PRO C 533 79.46 9.73 61.22
N SER C 534 80.07 9.83 60.04
CA SER C 534 80.86 10.98 59.65
C SER C 534 80.51 11.52 58.26
N LEU C 535 79.87 10.72 57.42
CA LEU C 535 79.55 11.10 56.07
C LEU C 535 78.04 11.28 55.91
N LYS C 536 77.64 12.25 55.08
CA LYS C 536 76.24 12.40 54.70
C LYS C 536 76.20 12.96 53.28
N LYS C 537 76.19 12.05 52.30
CA LYS C 537 76.05 12.38 50.89
C LYS C 537 76.01 11.05 50.13
N CYS C 538 75.62 11.12 48.85
CA CYS C 538 75.30 9.95 48.07
C CYS C 538 76.27 8.80 48.36
N PRO C 539 75.77 7.61 48.68
CA PRO C 539 76.66 6.53 49.14
C PRO C 539 77.45 5.90 48.01
N GLY C 540 78.60 6.49 47.71
CA GLY C 540 79.40 6.05 46.58
C GLY C 540 79.10 6.85 45.34
N GLY C 541 78.93 6.16 44.21
CA GLY C 541 78.57 6.84 42.98
C GLY C 541 77.08 6.86 42.76
N PHE C 542 76.66 6.35 41.60
CA PHE C 542 75.25 6.34 41.20
C PHE C 542 74.66 7.75 41.25
N SER C 543 75.10 8.55 40.29
CA SER C 543 74.62 9.91 40.12
C SER C 543 73.10 9.91 40.00
N GLN C 544 72.50 11.09 40.00
CA GLN C 544 71.09 11.24 40.38
C GLN C 544 70.22 10.59 39.32
N HIS C 545 70.04 9.28 39.48
CA HIS C 545 69.13 8.51 38.66
C HIS C 545 67.78 8.46 39.39
N LEU C 546 66.88 9.35 38.99
CA LEU C 546 65.63 9.55 39.72
C LEU C 546 64.83 8.26 39.81
N ALA C 547 64.17 8.08 40.94
CA ALA C 547 63.18 7.02 41.13
C ALA C 547 61.82 7.55 41.53
N VAL C 548 61.78 8.55 42.41
CA VAL C 548 60.53 9.13 42.87
C VAL C 548 60.84 10.44 43.60
N ILE C 549 59.92 11.40 43.52
CA ILE C 549 60.03 12.62 44.31
C ILE C 549 59.00 12.54 45.42
N SER C 550 59.37 13.03 46.61
CA SER C 550 58.45 13.12 47.73
C SER C 550 58.50 14.56 48.25
N ASP C 551 57.45 15.32 47.96
CA ASP C 551 57.27 16.71 48.38
C ASP C 551 58.57 17.52 48.33
N GLY C 552 59.32 17.38 47.24
CA GLY C 552 60.50 18.18 47.04
C GLY C 552 61.81 17.42 47.05
N CYS C 553 61.94 16.44 47.94
CA CYS C 553 63.14 15.63 48.01
C CYS C 553 63.04 14.47 47.03
N GLN C 554 64.15 14.15 46.37
CA GLN C 554 64.20 13.02 45.46
C GLN C 554 64.77 11.80 46.18
N VAL C 555 64.18 10.65 45.91
CA VAL C 555 64.59 9.39 46.52
C VAL C 555 65.22 8.52 45.45
N SER C 556 66.52 8.25 45.60
CA SER C 556 67.26 7.45 44.64
C SER C 556 67.97 6.31 45.35
N TYR C 557 68.89 5.62 44.66
CA TYR C 557 69.58 4.48 45.22
C TYR C 557 71.03 4.51 44.78
N CYS C 558 71.72 3.38 44.95
CA CYS C 558 73.01 3.12 44.30
C CYS C 558 72.87 1.73 43.68
N VAL C 559 72.30 1.66 42.49
CA VAL C 559 71.94 0.38 41.88
C VAL C 559 73.10 -0.08 41.01
N LYS C 560 73.87 -1.04 41.53
CA LYS C 560 74.97 -1.63 40.78
C LYS C 560 74.39 -2.63 39.78
N ALA C 561 75.08 -2.81 38.66
CA ALA C 561 74.62 -3.65 37.57
C ALA C 561 75.68 -4.68 37.20
N GLY C 562 76.23 -5.36 38.21
CA GLY C 562 77.33 -6.27 37.98
C GLY C 562 76.96 -7.58 37.31
N ILE C 563 77.59 -8.68 37.73
CA ILE C 563 77.46 -9.96 37.06
C ILE C 563 76.07 -10.55 37.23
N THR D 13 64.89 -6.21 -5.96
CA THR D 13 64.37 -6.13 -4.59
C THR D 13 62.99 -5.50 -4.58
N GLY D 14 62.28 -5.65 -5.69
CA GLY D 14 60.96 -5.05 -5.85
C GLY D 14 59.90 -6.07 -5.47
N PHE D 15 59.29 -5.88 -4.30
CA PHE D 15 58.22 -6.78 -3.88
C PHE D 15 56.98 -6.64 -4.74
N GLN D 16 56.93 -5.65 -5.62
CA GLN D 16 55.71 -5.40 -6.39
C GLN D 16 55.34 -6.60 -7.25
N ILE D 17 56.30 -7.44 -7.61
CA ILE D 17 56.00 -8.56 -8.50
C ILE D 17 54.97 -9.49 -7.87
N CYS D 18 55.21 -9.91 -6.65
CA CYS D 18 54.30 -10.88 -6.07
C CYS D 18 53.24 -10.26 -5.19
N LYS D 19 53.47 -9.05 -4.68
CA LYS D 19 52.35 -8.24 -4.24
C LYS D 19 51.32 -8.10 -5.33
N ASN D 20 51.76 -8.18 -6.58
CA ASN D 20 50.84 -8.22 -7.72
C ASN D 20 50.32 -9.63 -7.97
N ALA D 21 51.18 -10.63 -7.84
CA ALA D 21 50.74 -12.00 -8.04
C ALA D 21 49.64 -12.36 -7.05
N LEU D 22 49.95 -12.37 -5.76
CA LEU D 22 48.98 -12.57 -4.72
C LEU D 22 48.70 -11.22 -4.06
N LYS D 23 47.44 -10.97 -3.75
CA LYS D 23 46.99 -9.60 -3.51
C LYS D 23 47.22 -9.11 -2.09
N LEU D 24 48.08 -9.73 -1.32
CA LEU D 24 48.21 -9.30 0.05
C LEU D 24 49.09 -8.06 0.16
N PRO D 25 48.93 -7.28 1.21
CA PRO D 25 49.79 -6.11 1.43
C PRO D 25 51.04 -6.46 2.20
N VAL D 26 52.14 -5.84 1.81
CA VAL D 26 53.41 -6.13 2.47
C VAL D 26 53.40 -5.59 3.88
N LEU D 27 54.01 -6.34 4.80
CA LEU D 27 54.17 -5.85 6.16
C LEU D 27 54.96 -4.55 6.14
N GLU D 28 54.64 -3.65 7.06
CA GLU D 28 55.31 -2.37 7.06
C GLU D 28 56.55 -2.37 7.94
N VAL D 29 56.45 -2.91 9.12
CA VAL D 29 57.58 -2.93 10.03
C VAL D 29 58.54 -4.02 9.60
N LEU D 30 59.83 -3.72 9.59
CA LEU D 30 60.80 -4.69 9.14
C LEU D 30 62.08 -4.51 9.94
N PRO D 31 62.70 -5.58 10.34
CA PRO D 31 63.84 -5.47 11.25
C PRO D 31 65.14 -5.10 10.57
N GLY D 32 65.34 -5.54 9.34
CA GLY D 32 66.64 -5.36 8.73
C GLY D 32 66.92 -3.92 8.37
N GLY D 33 67.07 -3.07 9.38
CA GLY D 33 67.30 -1.67 9.14
C GLY D 33 68.02 -0.98 10.28
N GLY D 34 69.07 -0.24 9.96
CA GLY D 34 69.83 0.43 10.98
C GLY D 34 68.97 1.38 11.81
N TRP D 35 69.53 1.79 12.94
CA TRP D 35 68.74 2.52 13.93
C TRP D 35 69.67 3.33 14.80
N ASP D 36 69.48 4.64 14.82
CA ASP D 36 70.29 5.53 15.66
C ASP D 36 69.78 5.43 17.08
N ASN D 37 70.64 4.98 17.99
CA ASN D 37 70.24 4.86 19.39
C ASN D 37 70.28 6.19 20.12
N LEU D 38 71.03 7.17 19.62
CA LEU D 38 71.09 8.45 20.30
C LEU D 38 69.90 9.33 19.94
N ARG D 39 69.78 9.68 18.66
CA ARG D 39 68.60 10.41 18.21
C ARG D 39 67.34 9.60 18.39
N ASN D 40 67.46 8.26 18.45
CA ASN D 40 66.31 7.37 18.66
C ASN D 40 65.35 7.42 17.48
N VAL D 41 65.83 7.09 16.29
CA VAL D 41 65.02 7.12 15.07
C VAL D 41 65.67 6.24 14.00
N ASP D 42 64.83 5.51 13.25
CA ASP D 42 65.33 4.62 12.21
C ASP D 42 66.25 5.36 11.24
N MET D 43 67.20 4.62 10.65
CA MET D 43 68.21 5.26 9.82
C MET D 43 68.27 4.72 8.40
N GLY D 44 68.29 3.41 8.20
CA GLY D 44 68.40 2.92 6.83
C GLY D 44 68.65 1.43 6.81
N ARG D 45 68.49 0.86 5.62
CA ARG D 45 68.70 -0.58 5.45
C ARG D 45 70.08 -0.98 5.91
N VAL D 46 70.18 -2.15 6.53
CA VAL D 46 71.48 -2.74 6.76
C VAL D 46 71.48 -4.17 6.22
N MET D 47 70.58 -4.99 6.73
CA MET D 47 70.39 -6.34 6.22
C MET D 47 69.44 -6.27 5.02
N ASP D 48 69.89 -6.78 3.87
CA ASP D 48 69.09 -6.61 2.67
C ASP D 48 67.81 -7.42 2.77
N LEU D 49 66.76 -6.91 2.12
CA LEU D 49 65.46 -7.55 2.13
C LEU D 49 65.06 -7.80 0.68
N THR D 50 65.13 -9.05 0.26
CA THR D 50 64.67 -9.44 -1.07
C THR D 50 63.24 -9.92 -0.98
N TYR D 51 62.70 -10.31 -2.14
CA TYR D 51 61.39 -10.91 -2.17
C TYR D 51 61.33 -12.03 -3.20
N THR D 52 62.44 -12.74 -3.39
CA THR D 52 62.56 -13.67 -4.50
C THR D 52 61.54 -14.80 -4.39
N ASN D 53 61.70 -15.68 -3.42
CA ASN D 53 60.79 -16.80 -3.25
C ASN D 53 59.62 -16.34 -2.40
N CYS D 54 58.94 -15.29 -2.85
CA CYS D 54 58.36 -14.33 -1.92
C CYS D 54 57.47 -15.03 -0.89
N LYS D 55 57.83 -14.82 0.36
CA LYS D 55 57.21 -15.48 1.50
C LYS D 55 55.84 -14.88 1.74
N THR D 56 55.23 -15.27 2.84
CA THR D 56 54.01 -14.65 3.35
C THR D 56 53.78 -15.22 4.74
N THR D 57 53.19 -14.41 5.60
CA THR D 57 52.91 -14.89 6.94
C THR D 57 51.97 -16.08 6.87
N GLU D 58 52.02 -16.91 7.91
CA GLU D 58 51.24 -18.15 7.88
C GLU D 58 49.77 -17.87 7.70
N ASP D 59 49.17 -17.08 8.58
CA ASP D 59 47.80 -16.62 8.37
C ASP D 59 47.89 -15.58 7.27
N GLY D 60 47.94 -16.06 6.04
CA GLY D 60 48.42 -15.20 4.98
C GLY D 60 47.59 -13.94 4.85
N GLN D 61 48.12 -12.86 5.41
CA GLN D 61 47.61 -11.53 5.13
C GLN D 61 48.73 -10.51 5.11
N TYR D 62 49.95 -10.95 4.77
CA TYR D 62 51.07 -10.05 4.57
C TYR D 62 52.08 -10.75 3.68
N ILE D 63 53.08 -10.00 3.25
CA ILE D 63 54.18 -10.53 2.44
C ILE D 63 55.47 -10.11 3.11
N ILE D 64 55.97 -10.94 4.01
CA ILE D 64 57.23 -10.62 4.65
C ILE D 64 58.33 -10.78 3.61
N PRO D 65 59.46 -10.09 3.73
CA PRO D 65 60.59 -10.39 2.87
C PRO D 65 61.26 -11.66 3.34
N ASP D 66 61.89 -12.35 2.40
CA ASP D 66 62.34 -13.70 2.67
C ASP D 66 63.59 -13.75 3.51
N GLU D 67 63.94 -12.65 4.18
CA GLU D 67 64.99 -12.69 5.18
C GLU D 67 64.44 -12.48 6.58
N VAL D 68 63.13 -12.59 6.76
CA VAL D 68 62.54 -12.45 8.09
C VAL D 68 61.49 -13.53 8.27
N TYR D 69 61.25 -13.89 9.52
CA TYR D 69 60.21 -14.84 9.88
C TYR D 69 59.42 -14.25 11.04
N THR D 70 58.13 -14.58 11.08
CA THR D 70 57.23 -14.01 12.06
C THR D 70 56.71 -15.08 12.99
N ILE D 71 56.29 -14.65 14.18
CA ILE D 71 55.69 -15.53 15.18
C ILE D 71 54.54 -14.79 15.83
N PRO D 72 53.31 -15.15 15.52
CA PRO D 72 52.18 -14.25 15.74
C PRO D 72 51.50 -14.38 17.08
N GLN D 73 51.22 -13.26 17.76
CA GLN D 73 50.40 -13.24 18.96
C GLN D 73 50.17 -11.82 19.44
N LYS D 74 48.96 -11.48 19.90
CA LYS D 74 48.74 -10.57 21.04
C LYS D 74 47.31 -10.14 21.23
N GLU D 75 47.04 -9.42 22.33
CA GLU D 75 46.12 -8.30 22.48
C GLU D 75 46.14 -7.88 23.94
N SER D 76 45.84 -6.60 24.20
CA SER D 76 45.76 -6.14 25.57
C SER D 76 45.21 -4.74 25.60
N ASN D 77 44.28 -4.47 26.50
CA ASN D 77 43.85 -3.10 26.73
C ASN D 77 43.26 -2.99 28.13
N LEU D 78 43.04 -1.75 28.55
CA LEU D 78 42.49 -1.54 29.88
C LEU D 78 41.83 -0.17 29.96
N GLU D 79 40.59 -0.15 30.41
CA GLU D 79 39.84 1.06 30.63
C GLU D 79 39.74 1.33 32.12
N MET D 80 39.63 2.61 32.48
CA MET D 80 39.44 2.96 33.88
C MET D 80 39.05 4.43 33.95
N ASN D 81 38.14 4.75 34.86
CA ASN D 81 37.71 6.12 35.04
C ASN D 81 37.24 6.31 36.48
N SER D 82 36.97 7.56 36.84
CA SER D 82 36.57 7.88 38.20
C SER D 82 35.51 8.97 38.15
N GLU D 83 35.07 9.40 39.33
CA GLU D 83 33.93 10.29 39.45
C GLU D 83 33.99 11.01 40.79
N VAL D 84 33.44 12.21 40.84
CA VAL D 84 33.38 13.01 42.06
C VAL D 84 32.24 14.01 41.92
N LEU D 85 31.39 14.11 42.95
CA LEU D 85 30.30 15.08 42.97
C LEU D 85 30.25 15.78 44.32
N GLU D 86 29.38 16.79 44.42
CA GLU D 86 29.14 17.53 45.65
C GLU D 86 27.79 18.25 45.53
N SER D 87 27.32 18.77 46.65
CA SER D 87 26.18 19.68 46.68
C SER D 87 26.01 20.22 48.09
N TRP D 88 25.68 21.51 48.22
CA TRP D 88 25.52 22.17 49.51
C TRP D 88 24.24 22.98 49.51
N MET D 89 23.82 23.46 50.69
CA MET D 89 22.64 24.30 50.84
C MET D 89 22.79 25.17 52.09
N ASN D 90 21.78 26.00 52.36
CA ASN D 90 21.66 26.80 53.59
C ASN D 90 20.24 27.34 53.72
N TYR D 91 20.05 28.21 54.72
CA TYR D 91 18.72 28.69 55.11
C TYR D 91 18.86 29.98 55.92
N GLN D 92 17.77 30.38 56.59
CA GLN D 92 17.57 31.76 57.02
C GLN D 92 17.16 31.98 58.47
N SER D 93 16.78 33.22 58.80
CA SER D 93 16.41 33.63 60.15
C SER D 93 15.47 34.84 60.06
N THR D 94 14.73 35.10 61.13
CA THR D 94 13.67 36.10 61.12
C THR D 94 13.33 36.56 62.54
N THR D 95 13.03 37.86 62.68
CA THR D 95 12.50 38.41 63.92
C THR D 95 11.39 39.40 63.59
N SER D 96 10.57 39.70 64.59
CA SER D 96 9.46 40.64 64.42
C SER D 96 8.87 40.98 65.77
N LEU D 97 8.53 42.25 65.99
CA LEU D 97 7.91 42.70 67.23
C LEU D 97 6.93 43.83 66.90
N SER D 98 5.68 43.69 67.36
CA SER D 98 4.60 44.63 67.03
C SER D 98 3.95 45.06 68.34
N ILE D 99 4.33 46.25 68.83
CA ILE D 99 4.04 46.60 70.22
C ILE D 99 3.55 48.03 70.38
N ASN D 100 2.31 48.21 70.86
CA ASN D 100 1.97 49.20 71.88
C ASN D 100 0.46 49.32 71.96
N THR D 101 0.00 50.13 72.93
CA THR D 101 -1.37 50.62 72.99
C THR D 101 -1.39 51.76 74.00
N GLU D 102 -2.49 52.52 74.03
CA GLU D 102 -2.72 53.53 75.06
C GLU D 102 -4.16 54.02 74.98
N LEU D 103 -4.69 54.45 76.13
CA LEU D 103 -6.01 55.07 76.25
C LEU D 103 -6.12 55.77 77.61
N ALA D 104 -7.03 56.72 77.69
CA ALA D 104 -7.54 57.24 78.96
C ALA D 104 -8.69 58.20 78.65
N LEU D 105 -9.46 58.52 79.69
CA LEU D 105 -10.55 59.49 79.58
C LEU D 105 -10.28 60.77 80.34
N PHE D 106 -9.12 60.91 80.98
CA PHE D 106 -8.82 62.09 81.78
C PHE D 106 -7.65 62.89 81.21
N SER D 107 -6.48 62.28 81.03
CA SER D 107 -5.32 63.03 80.57
C SER D 107 -4.48 62.35 79.49
N ARG D 108 -4.48 61.02 79.38
CA ARG D 108 -3.47 60.34 78.57
C ARG D 108 -4.12 59.26 77.70
N VAL D 109 -4.64 59.67 76.54
CA VAL D 109 -5.16 58.75 75.53
C VAL D 109 -4.34 58.90 74.26
N ASN D 110 -3.67 57.82 73.85
CA ASN D 110 -2.78 57.82 72.70
C ASN D 110 -2.94 56.55 71.89
N GLY D 111 -2.04 56.35 70.94
CA GLY D 111 -1.95 55.13 70.18
C GLY D 111 -0.53 54.93 69.69
N LYS D 112 -0.07 53.69 69.62
CA LYS D 112 1.27 53.41 69.12
C LYS D 112 1.35 51.96 68.66
N PHE D 113 2.07 51.74 67.56
CA PHE D 113 2.41 50.39 67.09
C PHE D 113 3.74 50.51 66.36
N SER D 114 4.84 50.26 67.08
CA SER D 114 6.16 50.33 66.47
C SER D 114 6.59 48.96 65.94
N THR D 115 5.76 48.43 65.05
CA THR D 115 5.97 47.08 64.53
C THR D 115 7.20 47.02 63.65
N GLU D 116 7.93 45.91 63.72
CA GLU D 116 9.17 45.75 62.99
C GLU D 116 9.26 44.34 62.42
N PHE D 117 10.06 44.20 61.37
CA PHE D 117 10.31 42.90 60.74
C PHE D 117 11.74 42.90 60.22
N GLN D 118 12.48 41.84 60.50
CA GLN D 118 13.80 41.64 59.92
C GLN D 118 13.87 40.19 59.43
N ARG D 119 14.05 40.02 58.12
CA ARG D 119 14.21 38.71 57.53
C ARG D 119 15.45 38.73 56.65
N MET D 120 16.23 37.66 56.69
CA MET D 120 17.43 37.52 55.88
C MET D 120 17.51 36.08 55.41
N LYS D 121 17.11 35.83 54.17
CA LYS D 121 17.19 34.51 53.57
C LYS D 121 18.45 34.43 52.71
N THR D 122 19.34 33.51 53.05
CA THR D 122 20.53 33.26 52.26
C THR D 122 20.57 31.81 51.86
N LEU D 123 20.74 31.55 50.57
CA LEU D 123 21.00 30.22 50.05
C LEU D 123 22.41 30.17 49.50
N GLN D 124 23.00 28.98 49.52
CA GLN D 124 24.31 28.77 48.91
C GLN D 124 24.34 27.34 48.38
N VAL D 125 23.98 27.17 47.13
CA VAL D 125 24.16 25.92 46.44
C VAL D 125 25.59 25.88 45.92
N LYS D 126 26.20 24.71 45.91
CA LYS D 126 27.58 24.60 45.42
C LYS D 126 27.76 23.19 44.88
N ASP D 127 27.80 23.07 43.55
CA ASP D 127 27.89 21.79 42.86
C ASP D 127 29.22 21.67 42.16
N GLN D 128 29.81 20.47 42.15
CA GLN D 128 31.13 20.28 41.57
C GLN D 128 31.24 18.86 41.02
N ALA D 129 31.01 18.72 39.73
CA ALA D 129 31.18 17.44 39.06
C ALA D 129 32.59 17.31 38.53
N VAL D 130 33.11 16.08 38.53
CA VAL D 130 34.45 15.80 38.01
C VAL D 130 34.45 14.41 37.38
N THR D 131 34.80 14.34 36.10
CA THR D 131 34.94 13.07 35.39
C THR D 131 36.35 12.96 34.87
N THR D 132 36.86 11.73 34.80
CA THR D 132 38.23 11.51 34.35
C THR D 132 38.34 10.09 33.83
N ARG D 133 38.37 9.95 32.50
CA ARG D 133 38.56 8.65 31.87
C ARG D 133 39.97 8.54 31.33
N VAL D 134 40.50 7.32 31.36
CA VAL D 134 41.78 6.98 30.74
C VAL D 134 41.63 5.57 30.25
N GLN D 135 41.97 5.31 29.00
CA GLN D 135 41.87 3.94 28.50
C GLN D 135 42.82 3.75 27.35
N VAL D 136 43.49 2.60 27.34
CA VAL D 136 44.68 2.39 26.53
C VAL D 136 44.61 1.00 25.89
N ARG D 137 44.93 0.92 24.61
CA ARG D 137 44.93 -0.34 23.86
C ARG D 137 46.34 -0.69 23.42
N ASN D 138 46.60 -1.99 23.29
CA ASN D 138 47.87 -2.48 22.76
C ASN D 138 47.66 -3.74 21.94
N ARG D 139 48.44 -3.86 20.88
CA ARG D 139 48.49 -5.07 20.07
C ARG D 139 49.96 -5.34 19.74
N ILE D 140 50.32 -6.61 19.58
CA ILE D 140 51.64 -6.89 19.02
C ILE D 140 51.49 -8.03 18.01
N TYR D 141 52.45 -8.13 17.09
CA TYR D 141 52.56 -9.31 16.21
C TYR D 141 53.98 -9.34 15.65
N THR D 142 54.87 -10.07 16.32
CA THR D 142 56.30 -9.76 16.23
C THR D 142 56.94 -10.30 14.96
N VAL D 143 58.19 -9.89 14.76
CA VAL D 143 58.95 -10.09 13.53
C VAL D 143 60.43 -10.15 13.87
N LYS D 144 61.12 -11.16 13.38
CA LYS D 144 62.54 -11.32 13.60
C LYS D 144 63.25 -11.39 12.26
N THR D 145 64.52 -11.01 12.25
CA THR D 145 65.35 -11.16 11.07
C THR D 145 65.94 -12.56 11.05
N THR D 146 65.97 -13.17 9.87
CA THR D 146 66.46 -14.54 9.79
C THR D 146 67.93 -14.57 10.19
N PRO D 147 68.38 -15.65 10.83
CA PRO D 147 69.75 -15.68 11.33
C PRO D 147 70.80 -15.81 10.26
N THR D 148 70.41 -15.90 8.99
CA THR D 148 71.37 -16.12 7.92
C THR D 148 71.26 -15.09 6.81
N SER D 149 70.74 -13.90 7.10
CA SER D 149 70.65 -12.91 6.05
C SER D 149 71.98 -12.18 5.90
N GLU D 150 72.11 -11.46 4.80
CA GLU D 150 73.34 -10.79 4.43
C GLU D 150 73.14 -9.28 4.44
N LEU D 151 74.26 -8.56 4.47
CA LEU D 151 74.19 -7.12 4.49
C LEU D 151 73.55 -6.58 3.22
N SER D 152 73.03 -5.37 3.30
CA SER D 152 72.43 -4.74 2.13
C SER D 152 73.50 -4.38 1.12
N LEU D 153 73.07 -3.84 -0.01
CA LEU D 153 74.04 -3.42 -1.02
C LEU D 153 74.74 -2.15 -0.58
N GLY D 154 73.98 -1.10 -0.27
CA GLY D 154 74.59 0.16 0.13
C GLY D 154 75.50 0.02 1.33
N PHE D 155 75.11 -0.84 2.27
CA PHE D 155 75.93 -1.06 3.46
C PHE D 155 77.28 -1.64 3.08
N THR D 156 77.28 -2.73 2.31
CA THR D 156 78.54 -3.30 1.86
C THR D 156 79.34 -2.30 1.07
N LYS D 157 78.68 -1.48 0.26
CA LYS D 157 79.40 -0.45 -0.50
C LYS D 157 80.15 0.47 0.43
N ALA D 158 79.46 1.05 1.40
CA ALA D 158 80.12 1.95 2.34
C ALA D 158 81.24 1.23 3.10
N LEU D 159 80.99 -0.03 3.47
CA LEU D 159 81.97 -0.74 4.27
C LEU D 159 83.25 -0.99 3.48
N MET D 160 83.14 -1.62 2.31
CA MET D 160 84.33 -1.85 1.52
C MET D 160 84.93 -0.55 1.01
N ASP D 161 84.16 0.55 1.00
CA ASP D 161 84.76 1.84 0.70
C ASP D 161 85.71 2.27 1.82
N ILE D 162 85.25 2.17 3.06
CA ILE D 162 86.15 2.46 4.17
C ILE D 162 87.33 1.50 4.16
N CYS D 163 87.10 0.25 3.74
CA CYS D 163 88.20 -0.70 3.69
C CYS D 163 89.23 -0.32 2.63
N ASP D 164 88.76 0.16 1.47
CA ASP D 164 89.69 0.65 0.46
C ASP D 164 90.41 1.90 0.96
N GLN D 165 89.75 2.70 1.79
CA GLN D 165 90.42 3.85 2.36
C GLN D 165 91.53 3.43 3.32
N LEU D 166 91.28 2.38 4.11
CA LEU D 166 92.30 1.94 5.05
C LEU D 166 93.46 1.26 4.34
N GLU D 167 93.16 0.44 3.32
CA GLU D 167 94.23 -0.12 2.50
C GLU D 167 95.00 0.97 1.77
N LYS D 168 94.32 2.02 1.35
CA LYS D 168 94.95 3.17 0.73
C LYS D 168 95.58 4.11 1.75
N ASN D 169 95.57 3.73 3.02
CA ASN D 169 96.33 4.36 4.09
C ASN D 169 95.83 5.75 4.44
N GLN D 170 94.84 6.27 3.73
CA GLN D 170 94.32 7.62 3.95
C GLN D 170 93.45 7.59 5.19
N THR D 171 94.07 7.83 6.35
CA THR D 171 93.34 7.72 7.61
C THR D 171 92.24 8.77 7.71
N LYS D 172 92.56 10.03 7.41
CA LYS D 172 91.60 11.11 7.58
C LYS D 172 90.33 10.84 6.78
N MET D 173 90.47 10.64 5.47
CA MET D 173 89.30 10.31 4.67
C MET D 173 88.62 9.06 5.17
N ALA D 174 89.39 8.08 5.65
CA ALA D 174 88.80 6.84 6.14
C ALA D 174 87.94 7.09 7.37
N THR D 175 88.49 7.75 8.38
CA THR D 175 87.72 8.00 9.59
C THR D 175 86.53 8.90 9.31
N TYR D 176 86.68 9.85 8.38
CA TYR D 176 85.52 10.67 8.03
C TYR D 176 84.46 9.84 7.35
N LEU D 177 84.87 8.89 6.50
CA LEU D 177 83.89 8.03 5.85
C LEU D 177 83.18 7.15 6.86
N ALA D 178 83.90 6.69 7.88
CA ALA D 178 83.26 5.91 8.94
C ALA D 178 82.26 6.76 9.71
N GLU D 179 82.64 8.00 10.01
CA GLU D 179 81.73 8.91 10.69
C GLU D 179 80.48 9.15 9.85
N LEU D 180 80.66 9.32 8.55
CA LEU D 180 79.52 9.46 7.66
C LEU D 180 78.67 8.20 7.67
N LEU D 181 79.30 7.03 7.68
CA LEU D 181 78.57 5.78 7.78
C LEU D 181 77.69 5.75 9.00
N ILE D 182 78.25 6.13 10.15
CA ILE D 182 77.47 6.05 11.37
C ILE D 182 76.37 7.09 11.38
N LEU D 183 76.59 8.22 10.72
CA LEU D 183 75.55 9.22 10.60
C LEU D 183 74.46 8.78 9.62
N ASN D 184 74.80 7.91 8.69
CA ASN D 184 73.92 7.56 7.58
C ASN D 184 73.19 6.25 7.80
N TYR D 185 73.64 5.42 8.74
CA TYR D 185 73.06 4.11 8.96
C TYR D 185 72.82 3.83 10.43
N GLY D 186 72.95 4.81 11.30
CA GLY D 186 72.65 4.62 12.70
C GLY D 186 73.67 3.76 13.42
N THR D 187 73.62 3.78 14.75
CA THR D 187 74.59 3.07 15.57
C THR D 187 74.13 1.69 15.98
N HIS D 188 73.01 1.21 15.46
CA HIS D 188 72.55 -0.12 15.80
C HIS D 188 71.70 -0.64 14.66
N VAL D 189 71.72 -1.94 14.48
CA VAL D 189 70.87 -2.60 13.51
C VAL D 189 69.83 -3.41 14.27
N ILE D 190 68.59 -3.31 13.83
CA ILE D 190 67.47 -3.93 14.51
C ILE D 190 67.37 -5.39 14.08
N THR D 191 67.12 -6.28 15.03
CA THR D 191 66.91 -7.67 14.71
C THR D 191 65.55 -8.17 15.17
N SER D 192 64.68 -7.30 15.65
CA SER D 192 63.39 -7.72 16.15
C SER D 192 62.51 -6.50 16.33
N VAL D 193 61.29 -6.57 15.82
CA VAL D 193 60.27 -5.58 16.05
C VAL D 193 58.98 -6.31 16.38
N ASP D 194 57.99 -5.57 16.84
CA ASP D 194 56.69 -6.12 17.20
C ASP D 194 55.63 -5.34 16.44
N ALA D 195 55.19 -5.88 15.32
CA ALA D 195 54.14 -5.22 14.54
C ALA D 195 52.89 -5.13 15.39
N GLY D 196 52.56 -3.92 15.81
CA GLY D 196 51.36 -3.74 16.59
C GLY D 196 50.85 -2.33 16.45
N ALA D 197 49.91 -1.99 17.30
CA ALA D 197 49.42 -0.62 17.38
C ALA D 197 48.98 -0.36 18.80
N ALA D 198 48.89 0.91 19.13
CA ALA D 198 48.49 1.32 20.47
C ALA D 198 47.56 2.49 20.37
N LEU D 199 46.89 2.78 21.47
CA LEU D 199 45.99 3.92 21.53
C LEU D 199 45.85 4.29 22.99
N VAL D 200 46.18 5.53 23.32
CA VAL D 200 46.15 6.02 24.70
C VAL D 200 45.30 7.28 24.66
N GLN D 201 44.08 7.21 25.17
CA GLN D 201 43.19 8.35 25.12
C GLN D 201 42.61 8.59 26.49
N GLU D 202 42.34 9.86 26.79
CA GLU D 202 41.91 10.25 28.12
C GLU D 202 41.23 11.61 28.02
N ASP D 203 40.52 11.96 29.09
CA ASP D 203 39.83 13.24 29.12
C ASP D 203 39.42 13.54 30.54
N HIS D 204 39.34 14.83 30.85
CA HIS D 204 38.89 15.29 32.14
C HIS D 204 37.74 16.26 31.97
N VAL D 205 36.78 16.21 32.86
CA VAL D 205 35.72 17.19 32.95
C VAL D 205 35.71 17.73 34.37
N ARG D 206 35.55 19.05 34.51
CA ARG D 206 35.55 19.64 35.84
C ARG D 206 34.51 20.75 35.87
N SER D 207 33.29 20.39 36.24
CA SER D 207 32.23 21.35 36.40
C SER D 207 32.32 22.00 37.77
N SER D 208 31.97 23.27 37.84
CA SER D 208 31.91 24.01 39.08
C SER D 208 30.70 24.91 39.05
N PHE D 209 29.88 24.85 40.08
CA PHE D 209 28.60 25.55 40.10
C PHE D 209 28.41 26.14 41.48
N LEU D 210 28.59 27.45 41.59
CA LEU D 210 28.49 28.14 42.86
C LEU D 210 27.36 29.15 42.77
N LEU D 211 26.35 29.00 43.62
CA LEU D 211 25.18 29.85 43.61
C LEU D 211 25.07 30.59 44.94
N ASP D 212 24.59 31.82 44.88
CA ASP D 212 24.41 32.63 46.07
C ASP D 212 22.99 33.17 46.12
N ASN D 213 22.64 33.75 47.26
CA ASN D 213 21.36 34.39 47.45
C ASN D 213 21.39 35.12 48.78
N GLN D 214 20.84 36.34 48.79
CA GLN D 214 20.68 37.09 50.03
C GLN D 214 19.34 37.82 49.91
N ASN D 215 18.28 37.18 50.37
CA ASN D 215 16.92 37.69 50.17
C ASN D 215 16.43 38.28 51.48
N SER D 216 16.79 39.52 51.74
CA SER D 216 16.45 40.18 52.99
C SER D 216 15.15 40.96 52.87
N GLN D 217 14.63 41.40 54.00
CA GLN D 217 13.39 42.15 54.03
C GLN D 217 13.32 43.00 55.29
N ASN D 218 12.52 44.06 55.22
CA ASN D 218 12.24 44.92 56.37
C ASN D 218 10.79 45.37 56.30
N THR D 219 10.23 45.66 57.47
CA THR D 219 8.88 46.20 57.54
C THR D 219 8.76 46.99 58.84
N VAL D 220 8.72 48.32 58.73
CA VAL D 220 8.61 49.20 59.89
C VAL D 220 7.29 49.93 59.78
N THR D 221 6.53 49.95 60.88
CA THR D 221 5.26 50.66 60.93
C THR D 221 5.18 51.43 62.23
N ALA D 222 4.60 52.62 62.17
CA ALA D 222 4.37 53.46 63.33
C ALA D 222 2.87 53.72 63.45
N SER D 223 2.46 54.32 64.56
CA SER D 223 1.06 54.60 64.78
C SER D 223 0.90 55.73 65.79
N ALA D 224 -0.33 56.26 65.83
CA ALA D 224 -0.73 57.34 66.71
C ALA D 224 -2.21 57.14 67.01
N GLY D 225 -2.88 58.22 67.37
CA GLY D 225 -4.27 58.11 67.78
C GLY D 225 -4.60 58.76 69.10
N ILE D 226 -3.85 59.82 69.44
CA ILE D 226 -4.18 60.61 70.62
C ILE D 226 -5.45 61.39 70.33
N ALA D 227 -6.60 60.82 70.71
CA ALA D 227 -7.85 61.48 70.42
C ALA D 227 -8.98 61.17 71.39
N PHE D 228 -9.09 61.94 72.48
CA PHE D 228 -10.39 62.20 73.08
C PHE D 228 -10.51 63.66 73.50
N LEU D 229 -9.39 64.25 73.91
CA LEU D 229 -9.42 65.53 74.60
C LEU D 229 -8.61 66.56 73.84
N ASN D 230 -9.21 67.74 73.69
CA ASN D 230 -8.63 68.96 73.10
C ASN D 230 -8.47 68.80 71.59
N ILE D 231 -8.57 67.56 71.11
CA ILE D 231 -8.77 67.20 69.71
C ILE D 231 -9.53 65.88 69.76
N VAL D 232 -10.77 65.86 69.28
CA VAL D 232 -11.57 64.65 69.43
C VAL D 232 -11.05 63.56 68.52
N ASN D 233 -10.36 63.93 67.43
CA ASN D 233 -9.76 62.94 66.55
C ASN D 233 -8.65 63.50 65.69
N PHE D 234 -7.48 62.84 65.71
CA PHE D 234 -6.52 62.90 64.62
C PHE D 234 -5.57 61.72 64.74
N LYS D 235 -5.29 61.07 63.61
CA LYS D 235 -4.60 59.79 63.62
C LYS D 235 -3.40 59.88 62.69
N VAL D 236 -2.30 59.26 63.12
CA VAL D 236 -1.06 59.26 62.36
C VAL D 236 -0.51 57.84 62.34
N GLU D 237 -0.14 57.36 61.16
CA GLU D 237 0.56 56.09 61.02
C GLU D 237 1.38 56.11 59.74
N THR D 238 2.66 55.76 59.87
CA THR D 238 3.52 55.60 58.71
C THR D 238 3.76 54.12 58.45
N ASP D 239 4.12 53.79 57.22
CA ASP D 239 4.47 52.44 56.83
C ASP D 239 5.78 52.46 56.05
N TYR D 240 6.49 51.34 56.09
CA TYR D 240 7.82 51.28 55.47
C TYR D 240 8.19 49.82 55.28
N ILE D 241 8.42 49.41 54.04
CA ILE D 241 8.83 48.05 53.74
C ILE D 241 9.94 48.11 52.70
N SER D 242 11.01 47.36 52.96
CA SER D 242 12.17 47.32 52.09
C SER D 242 12.54 45.87 51.82
N GLN D 243 12.89 45.58 50.57
CA GLN D 243 13.29 44.25 50.16
C GLN D 243 14.65 44.30 49.48
N THR D 244 15.32 43.16 49.47
CA THR D 244 16.62 43.06 48.79
C THR D 244 16.86 41.60 48.51
N SER D 245 16.87 41.23 47.24
CA SER D 245 17.11 39.85 46.83
C SER D 245 18.21 39.87 45.79
N LEU D 246 19.36 39.30 46.14
CA LEU D 246 20.54 39.32 45.29
C LEU D 246 21.04 37.90 45.11
N THR D 247 20.88 37.37 43.91
CA THR D 247 21.39 36.06 43.57
C THR D 247 22.65 36.19 42.72
N LYS D 248 23.57 35.25 42.91
CA LYS D 248 24.82 35.24 42.17
C LYS D 248 25.20 33.79 41.94
N ASP D 249 25.26 33.38 40.68
CA ASP D 249 25.71 32.05 40.34
C ASP D 249 26.88 32.14 39.37
N TYR D 250 27.74 31.13 39.38
CA TYR D 250 29.01 31.22 38.69
C TYR D 250 29.40 29.80 38.24
N LEU D 251 29.05 29.47 37.01
CA LEU D 251 29.27 28.15 36.45
C LEU D 251 30.52 28.16 35.59
N SER D 252 31.30 27.09 35.66
CA SER D 252 32.52 27.00 34.86
C SER D 252 32.85 25.53 34.59
N ASN D 253 32.50 25.06 33.40
CA ASN D 253 33.00 23.79 32.91
C ASN D 253 34.44 23.95 32.45
N ARG D 254 35.16 22.84 32.41
CA ARG D 254 36.50 22.81 31.82
C ARG D 254 36.75 21.38 31.38
N THR D 255 36.78 21.16 30.07
CA THR D 255 36.95 19.82 29.52
C THR D 255 38.30 19.73 28.82
N ASN D 256 38.97 18.60 29.00
CA ASN D 256 40.14 18.27 28.21
C ASN D 256 39.89 16.97 27.47
N SER D 257 40.82 16.63 26.60
CA SER D 257 40.78 15.38 25.86
C SER D 257 42.09 15.23 25.14
N ARG D 258 42.63 14.02 25.07
CA ARG D 258 43.90 13.83 24.38
C ARG D 258 44.00 12.38 23.97
N VAL D 259 43.76 12.08 22.71
CA VAL D 259 44.05 10.76 22.22
C VAL D 259 45.48 10.82 21.72
N GLN D 260 46.15 9.68 21.73
CA GLN D 260 47.51 9.61 21.20
C GLN D 260 47.69 8.19 20.71
N SER D 261 47.47 7.96 19.44
CA SER D 261 47.45 6.61 18.88
C SER D 261 48.60 6.45 17.91
N PHE D 262 49.25 5.30 17.97
CA PHE D 262 50.21 4.95 16.93
C PHE D 262 50.34 3.44 16.94
N GLY D 263 49.89 2.81 15.87
CA GLY D 263 49.29 3.53 14.78
C GLY D 263 48.20 2.71 14.14
N GLY D 264 47.06 3.32 13.89
CA GLY D 264 45.98 2.60 13.25
C GLY D 264 45.40 3.38 12.11
N VAL D 265 44.08 3.56 12.10
CA VAL D 265 43.44 4.40 11.11
C VAL D 265 43.48 5.81 11.68
N PRO D 266 43.67 6.85 10.86
CA PRO D 266 43.68 8.22 11.38
C PRO D 266 42.55 8.48 12.35
N PHE D 267 42.89 8.75 13.59
CA PHE D 267 41.90 8.85 14.65
C PHE D 267 41.00 10.06 14.44
N TYR D 268 39.81 9.99 15.03
CA TYR D 268 38.88 11.11 15.05
C TYR D 268 37.93 10.89 16.21
N PRO D 269 37.45 11.96 16.84
CA PRO D 269 36.77 11.79 18.14
C PRO D 269 35.61 10.83 18.12
N GLY D 270 34.70 10.97 17.17
CA GLY D 270 33.53 10.14 17.19
C GLY D 270 33.76 8.67 16.89
N ILE D 271 35.01 8.24 16.77
CA ILE D 271 35.28 6.86 16.36
C ILE D 271 34.93 5.93 17.50
N THR D 272 34.41 4.76 17.16
CA THR D 272 34.19 3.75 18.17
C THR D 272 35.52 3.21 18.65
N LEU D 273 35.47 2.48 19.75
CA LEU D 273 36.64 1.75 20.19
C LEU D 273 36.85 0.50 19.36
N GLU D 274 35.97 0.25 18.39
CA GLU D 274 35.99 -0.94 17.57
C GLU D 274 36.49 -0.67 16.16
N THR D 275 35.80 0.18 15.41
CA THR D 275 36.23 0.49 14.04
C THR D 275 37.69 0.88 13.99
N TRP D 276 38.23 1.41 15.08
CA TRP D 276 39.67 1.46 15.25
C TRP D 276 40.29 0.09 15.02
N GLN D 277 39.87 -0.89 15.81
CA GLN D 277 40.49 -2.21 15.75
C GLN D 277 40.33 -2.85 14.39
N LYS D 278 39.08 -3.02 13.94
CA LYS D 278 38.87 -3.69 12.67
C LYS D 278 39.67 -3.03 11.55
N GLY D 279 39.97 -1.75 11.68
CA GLY D 279 40.74 -1.06 10.66
C GLY D 279 42.24 -1.08 10.91
N ILE D 280 42.71 -2.10 11.59
CA ILE D 280 44.13 -2.22 11.88
C ILE D 280 44.80 -3.22 10.93
N THR D 281 44.15 -3.58 9.84
CA THR D 281 44.61 -4.71 9.02
C THR D 281 46.04 -4.51 8.58
N ASN D 282 46.31 -3.54 7.72
CA ASN D 282 47.61 -2.90 7.69
C ASN D 282 47.48 -1.66 8.57
N HIS D 283 48.41 -0.72 8.45
CA HIS D 283 48.61 0.33 9.46
C HIS D 283 49.18 -0.27 10.73
N LEU D 284 50.14 -1.17 10.59
CA LEU D 284 50.87 -1.63 11.76
C LEU D 284 52.10 -0.77 11.97
N VAL D 285 52.59 -0.76 13.20
CA VAL D 285 53.68 0.13 13.56
C VAL D 285 54.56 -0.60 14.55
N ALA D 286 55.87 -0.40 14.43
CA ALA D 286 56.80 -1.03 15.35
C ALA D 286 56.59 -0.42 16.72
N ILE D 287 55.93 -1.15 17.61
CA ILE D 287 55.71 -0.64 18.96
C ILE D 287 56.85 -0.98 19.90
N ASP D 288 57.75 -1.86 19.49
CA ASP D 288 58.85 -2.27 20.35
C ASP D 288 59.89 -2.92 19.48
N ARG D 289 61.16 -2.69 19.79
CA ARG D 289 62.22 -3.17 18.92
C ARG D 289 63.48 -3.44 19.73
N ALA D 290 64.30 -4.33 19.18
CA ALA D 290 65.56 -4.71 19.81
C ALA D 290 66.52 -5.15 18.73
N GLY D 291 67.79 -4.79 18.91
CA GLY D 291 68.79 -5.13 17.93
C GLY D 291 70.16 -5.21 18.57
N LEU D 292 71.18 -5.12 17.75
CA LEU D 292 72.56 -5.25 18.18
C LEU D 292 73.38 -4.07 17.72
N PRO D 293 74.53 -3.82 18.33
CA PRO D 293 75.41 -2.76 17.83
C PRO D 293 75.98 -3.17 16.49
N LEU D 294 76.01 -2.24 15.55
CA LEU D 294 76.31 -2.60 14.18
C LEU D 294 77.73 -3.13 14.02
N HIS D 295 78.65 -2.71 14.89
CA HIS D 295 80.00 -3.25 14.83
C HIS D 295 79.98 -4.76 14.95
N PHE D 296 78.97 -5.30 15.63
CA PHE D 296 78.81 -6.75 15.73
C PHE D 296 78.58 -7.38 14.37
N PHE D 297 77.96 -6.65 13.45
CA PHE D 297 77.63 -7.21 12.15
C PHE D 297 78.75 -7.08 11.14
N ILE D 298 79.87 -6.45 11.51
CA ILE D 298 81.01 -6.31 10.63
C ILE D 298 81.96 -7.44 11.01
N LYS D 299 81.77 -8.59 10.38
CA LYS D 299 82.55 -9.79 10.64
C LYS D 299 82.82 -10.50 9.33
N PRO D 300 83.95 -11.19 9.21
CA PRO D 300 84.34 -11.76 7.91
C PRO D 300 83.32 -12.72 7.33
N ASP D 301 82.57 -13.42 8.16
CA ASP D 301 81.54 -14.31 7.62
C ASP D 301 80.42 -13.51 6.97
N LYS D 302 79.89 -12.51 7.69
CA LYS D 302 78.84 -11.66 7.13
C LYS D 302 79.37 -10.82 5.98
N LEU D 303 80.63 -10.71 5.83
CA LEU D 303 81.11 -9.95 4.70
C LEU D 303 81.55 -10.87 3.57
N PRO D 304 81.44 -10.43 2.33
CA PRO D 304 81.91 -11.24 1.21
C PRO D 304 83.43 -11.33 1.21
N GLY D 305 83.99 -11.94 0.16
CA GLY D 305 85.42 -12.12 0.08
C GLY D 305 86.21 -10.87 0.34
N LEU D 306 86.92 -10.85 1.47
CA LEU D 306 87.74 -9.72 1.87
C LEU D 306 88.81 -10.24 2.83
N PRO D 307 89.91 -9.50 2.97
CA PRO D 307 91.01 -10.00 3.82
C PRO D 307 90.60 -10.07 5.28
N GLY D 308 90.96 -11.18 5.91
CA GLY D 308 90.56 -11.46 7.28
C GLY D 308 90.90 -10.36 8.26
N PRO D 309 92.19 -10.15 8.53
CA PRO D 309 92.55 -9.13 9.53
C PRO D 309 92.11 -7.74 9.14
N LEU D 310 91.96 -7.46 7.85
CA LEU D 310 91.50 -6.14 7.45
C LEU D 310 90.08 -5.88 7.92
N VAL D 311 89.25 -6.92 7.97
CA VAL D 311 87.90 -6.67 8.48
C VAL D 311 87.93 -6.46 9.99
N LYS D 312 88.92 -7.04 10.67
CA LYS D 312 89.12 -6.70 12.07
C LYS D 312 89.47 -5.22 12.23
N LYS D 313 90.42 -4.76 11.42
CA LYS D 313 90.73 -3.33 11.37
C LYS D 313 89.48 -2.50 11.15
N LEU D 314 88.68 -2.89 10.16
CA LEU D 314 87.50 -2.13 9.79
C LEU D 314 86.50 -2.08 10.94
N SER D 315 86.27 -3.23 11.58
CA SER D 315 85.34 -3.28 12.71
C SER D 315 85.83 -2.37 13.83
N LYS D 316 87.13 -2.41 14.13
CA LYS D 316 87.64 -1.54 15.18
C LYS D 316 87.46 -0.07 14.82
N THR D 317 87.71 0.28 13.56
CA THR D 317 87.57 1.67 13.14
C THR D 317 86.12 2.13 13.25
N VAL D 318 85.19 1.32 12.75
CA VAL D 318 83.78 1.69 12.84
C VAL D 318 83.36 1.82 14.28
N GLU D 319 83.79 0.88 15.13
CA GLU D 319 83.42 0.92 16.53
C GLU D 319 83.96 2.16 17.22
N THR D 320 85.21 2.52 16.93
CA THR D 320 85.78 3.73 17.50
C THR D 320 85.06 4.97 17.00
N ALA D 321 84.67 4.99 15.74
CA ALA D 321 83.88 6.10 15.22
C ALA D 321 82.58 6.23 15.99
N VAL D 322 81.92 5.09 16.23
CA VAL D 322 80.71 5.10 17.05
C VAL D 322 81.01 5.71 18.40
N ARG D 323 81.95 5.11 19.13
CA ARG D 323 82.41 5.59 20.42
C ARG D 323 82.55 7.11 20.44
N HIS D 324 83.30 7.63 19.47
CA HIS D 324 83.42 9.08 19.31
C HIS D 324 82.04 9.72 19.23
N TYR D 325 81.24 9.31 18.25
CA TYR D 325 79.92 9.89 18.08
C TYR D 325 79.02 9.62 19.28
N TYR D 326 79.35 8.61 20.09
CA TYR D 326 78.47 8.22 21.18
C TYR D 326 78.69 9.12 22.40
N THR D 327 79.91 9.15 22.92
CA THR D 327 80.17 9.90 24.16
C THR D 327 79.93 11.39 23.97
N PHE D 328 80.74 12.02 23.15
CA PHE D 328 80.54 13.39 22.72
C PHE D 328 80.17 13.39 21.25
N ASN D 329 80.12 14.57 20.65
CA ASN D 329 79.78 14.68 19.24
C ASN D 329 81.06 14.55 18.40
N THR D 330 81.77 13.44 18.62
CA THR D 330 82.89 12.97 17.78
C THR D 330 83.76 14.10 17.23
N HIS D 331 84.17 15.03 18.09
CA HIS D 331 84.78 16.29 17.67
C HIS D 331 86.28 16.14 17.44
N PRO D 332 86.76 16.15 16.18
CA PRO D 332 88.19 16.38 15.96
C PRO D 332 88.57 17.82 16.26
N GLY D 333 87.86 18.78 15.66
CA GLY D 333 88.19 20.18 15.87
C GLY D 333 87.10 21.12 16.34
N CYS D 334 85.84 20.86 16.00
CA CYS D 334 84.76 21.81 16.27
C CYS D 334 83.38 21.30 15.87
N THR D 335 82.34 22.02 16.27
CA THR D 335 81.00 21.80 15.74
C THR D 335 80.94 22.33 14.32
N ASN D 336 80.46 21.52 13.37
CA ASN D 336 80.74 21.90 11.99
C ASN D 336 79.51 22.25 11.16
N VAL D 337 78.47 21.42 11.18
CA VAL D 337 77.38 21.62 10.23
C VAL D 337 76.49 22.79 10.63
N ASP D 338 76.32 23.01 11.94
CA ASP D 338 75.52 24.14 12.42
C ASP D 338 76.27 25.43 12.12
N SER D 339 75.63 26.34 11.35
CA SER D 339 76.25 27.58 10.91
C SER D 339 77.59 27.28 10.26
N PRO D 340 77.62 26.77 9.01
CA PRO D 340 78.88 26.25 8.47
C PRO D 340 79.91 27.33 8.17
N ASN D 341 79.64 28.56 8.59
CA ASN D 341 80.50 29.69 8.26
C ASN D 341 81.93 29.59 8.80
N PHE D 342 82.11 29.57 10.12
CA PHE D 342 83.45 29.66 10.70
C PHE D 342 83.89 28.35 11.37
N ASN D 343 83.44 27.21 10.85
CA ASN D 343 83.68 25.92 11.49
C ASN D 343 84.56 25.03 10.63
N PHE D 344 85.31 24.16 11.31
CA PHE D 344 86.08 23.12 10.64
C PHE D 344 85.15 21.98 10.27
N GLN D 345 84.88 21.80 8.98
CA GLN D 345 83.77 20.99 8.52
C GLN D 345 84.21 19.82 7.65
N ALA D 346 85.37 19.24 7.95
CA ALA D 346 85.70 17.93 7.39
C ALA D 346 85.15 16.81 8.24
N ASN D 347 84.73 17.09 9.47
CA ASN D 347 84.10 16.13 10.35
C ASN D 347 82.58 16.27 10.28
N MET D 348 81.88 15.67 11.24
CA MET D 348 80.45 15.87 11.42
C MET D 348 80.18 16.19 12.88
N ASP D 349 79.44 17.28 13.12
CA ASP D 349 79.15 17.74 14.47
C ASP D 349 78.03 18.77 14.47
N ASP D 350 77.00 18.53 15.29
CA ASP D 350 75.78 19.35 15.30
C ASP D 350 75.38 19.71 16.73
N ASP D 351 76.32 20.23 17.51
CA ASP D 351 76.06 20.54 18.92
C ASP D 351 74.90 21.49 19.12
N SER D 352 75.05 22.76 18.72
CA SER D 352 74.00 23.77 18.83
C SER D 352 74.46 25.08 18.20
N CYS D 353 73.55 26.03 18.02
CA CYS D 353 73.82 27.25 17.26
C CYS D 353 73.72 28.53 18.07
N ASP D 354 72.78 28.60 19.02
CA ASP D 354 72.49 29.86 19.72
C ASP D 354 73.50 30.19 20.81
N ALA D 355 74.68 29.59 20.78
CA ALA D 355 75.70 29.84 21.80
C ALA D 355 76.19 31.28 21.68
N LYS D 356 76.11 32.03 22.78
CA LYS D 356 76.69 33.36 22.86
C LYS D 356 77.56 33.54 24.10
N VAL D 357 77.45 32.66 25.09
CA VAL D 357 78.23 32.74 26.32
C VAL D 357 79.11 31.50 26.45
N THR D 358 80.18 31.64 27.23
CA THR D 358 81.04 30.53 27.61
C THR D 358 81.04 30.29 29.11
N ASN D 359 79.95 30.59 29.79
CA ASN D 359 79.89 30.50 31.25
C ASN D 359 79.90 29.05 31.70
N PHE D 360 79.96 28.85 33.02
CA PHE D 360 80.24 27.53 33.57
C PHE D 360 78.94 26.82 33.92
N THR D 361 79.08 25.62 34.50
CA THR D 361 77.94 24.81 34.88
C THR D 361 77.24 25.39 36.11
N PHE D 362 76.25 26.23 35.86
CA PHE D 362 75.55 26.94 36.93
C PHE D 362 74.21 26.26 37.23
N GLY D 363 74.29 25.14 37.92
CA GLY D 363 73.12 24.34 38.24
C GLY D 363 72.30 24.91 39.38
N GLY D 364 71.30 24.16 39.79
CA GLY D 364 70.44 24.54 40.90
C GLY D 364 69.14 25.20 40.50
N VAL D 365 68.12 25.05 41.34
CA VAL D 365 66.80 25.64 41.09
C VAL D 365 66.15 26.02 42.41
N TYR D 366 65.72 27.27 42.55
CA TYR D 366 65.32 27.78 43.84
C TYR D 366 64.43 29.01 43.67
N GLN D 367 63.66 29.32 44.71
CA GLN D 367 62.68 30.39 44.68
C GLN D 367 62.19 30.68 46.09
N GLU D 368 61.12 31.49 46.18
CA GLU D 368 60.49 31.84 47.46
C GLU D 368 59.04 32.25 47.17
N CYS D 369 58.09 31.55 47.78
CA CYS D 369 56.68 31.84 47.64
C CYS D 369 56.18 32.52 48.91
N THR D 370 56.11 33.85 48.87
CA THR D 370 55.67 34.61 50.02
C THR D 370 54.20 34.99 49.90
N GLU D 371 53.48 34.81 51.00
CA GLU D 371 52.05 35.13 51.09
C GLU D 371 51.88 36.58 51.54
N LEU D 372 50.99 37.30 50.86
CA LEU D 372 50.63 38.64 51.29
C LEU D 372 49.34 38.66 52.12
N SER D 373 48.34 37.87 51.74
CA SER D 373 47.09 37.82 52.49
C SER D 373 46.33 36.56 52.10
N GLY D 374 45.59 36.01 53.06
CA GLY D 374 44.91 34.74 52.85
C GLY D 374 45.87 33.58 52.74
N ASP D 375 45.34 32.36 52.62
CA ASP D 375 46.16 31.17 52.41
C ASP D 375 45.57 30.38 51.24
N VAL D 376 45.93 30.77 50.01
CA VAL D 376 45.50 30.06 48.82
C VAL D 376 46.69 29.78 47.92
N LEU D 377 47.41 30.84 47.55
CA LEU D 377 48.39 30.75 46.49
C LEU D 377 49.70 30.11 46.93
N CYS D 378 49.97 30.08 48.23
CA CYS D 378 51.20 29.45 48.72
C CYS D 378 51.25 27.96 48.43
N GLN D 379 50.08 27.29 48.38
CA GLN D 379 50.07 25.85 48.26
C GLN D 379 50.47 25.38 46.86
N ASN D 380 50.24 26.21 45.84
CA ASN D 380 50.53 25.84 44.47
C ASN D 380 51.68 26.61 43.85
N LEU D 381 52.02 27.79 44.36
CA LEU D 381 53.19 28.51 43.88
C LEU D 381 54.44 28.17 44.66
N GLU D 382 54.46 27.04 45.37
CA GLU D 382 55.62 26.63 46.13
C GLU D 382 56.54 25.77 45.28
N GLN D 383 57.44 26.40 44.53
CA GLN D 383 58.32 25.69 43.60
C GLN D 383 59.65 25.35 44.28
N LYS D 384 59.55 24.70 45.44
CA LYS D 384 60.68 24.56 46.33
C LYS D 384 61.86 23.87 45.63
N ASN D 385 63.06 24.12 46.16
CA ASN D 385 64.29 23.60 45.58
C ASN D 385 64.24 22.07 45.58
N LEU D 386 64.77 21.47 44.53
CA LEU D 386 64.90 20.02 44.48
C LEU D 386 66.25 19.54 45.00
N LEU D 387 67.32 20.32 44.79
CA LEU D 387 68.65 19.83 45.11
C LEU D 387 68.88 19.68 46.61
N THR D 388 67.96 20.19 47.43
CA THR D 388 68.09 20.13 48.87
C THR D 388 66.88 19.52 49.59
N GLY D 389 65.75 19.40 48.93
CA GLY D 389 64.55 18.90 49.58
C GLY D 389 63.77 19.94 50.34
N ASP D 390 64.20 21.19 50.33
CA ASP D 390 63.51 22.28 51.02
C ASP D 390 64.00 23.59 50.42
N PHE D 391 63.63 24.69 51.05
CA PHE D 391 64.02 26.02 50.59
C PHE D 391 65.48 26.27 50.98
N SER D 392 66.38 25.89 50.09
CA SER D 392 67.80 26.14 50.26
C SER D 392 68.48 26.01 48.91
N CYS D 393 69.70 26.55 48.82
CA CYS D 393 70.55 26.24 47.68
C CYS D 393 71.41 25.03 48.00
N PRO D 394 71.96 24.36 46.99
CA PRO D 394 72.91 23.28 47.24
C PRO D 394 74.28 23.82 47.61
N PRO D 395 75.08 23.07 48.35
CA PRO D 395 76.41 23.54 48.74
C PRO D 395 77.27 23.82 47.51
N GLY D 396 77.98 24.94 47.55
CA GLY D 396 78.75 25.40 46.41
C GLY D 396 77.99 26.27 45.45
N TYR D 397 76.74 26.60 45.75
CA TYR D 397 75.89 27.41 44.88
C TYR D 397 75.35 28.58 45.68
N SER D 398 74.80 29.56 44.96
CA SER D 398 74.30 30.76 45.63
C SER D 398 72.86 31.03 45.21
N PRO D 399 71.94 31.09 46.16
CA PRO D 399 70.53 31.33 45.84
C PRO D 399 70.25 32.81 45.61
N VAL D 400 70.79 33.34 44.53
CA VAL D 400 70.66 34.75 44.23
C VAL D 400 69.29 35.03 43.62
N HIS D 401 68.68 36.13 44.04
CA HIS D 401 67.28 36.37 43.78
C HIS D 401 66.97 36.60 42.30
N LEU D 402 66.27 35.65 41.68
CA LEU D 402 65.95 35.76 40.27
C LEU D 402 65.00 36.92 39.99
N LEU D 403 63.80 36.88 40.59
CA LEU D 403 62.83 37.94 40.38
C LEU D 403 61.75 37.87 41.46
N SER D 404 61.30 39.03 41.92
CA SER D 404 60.15 39.12 42.81
C SER D 404 58.93 39.59 42.04
N GLN D 405 57.76 39.10 42.42
CA GLN D 405 56.53 39.45 41.72
C GLN D 405 55.35 39.13 42.62
N THR D 406 54.23 39.81 42.35
CA THR D 406 53.03 39.66 43.16
C THR D 406 51.82 39.42 42.26
N HIS D 407 50.82 38.75 42.83
CA HIS D 407 49.58 38.46 42.13
C HIS D 407 48.41 38.71 43.08
N GLU D 408 47.23 38.88 42.49
CA GLU D 408 46.03 39.19 43.27
C GLU D 408 44.87 38.40 42.67
N GLU D 409 44.49 37.31 43.34
CA GLU D 409 43.41 36.47 42.89
C GLU D 409 42.40 36.31 44.02
N GLY D 410 41.16 36.04 43.64
CA GLY D 410 40.09 35.90 44.61
C GLY D 410 39.41 34.55 44.51
N TYR D 411 39.27 33.89 45.65
CA TYR D 411 38.55 32.64 45.74
C TYR D 411 37.52 32.74 46.86
N SER D 412 36.29 32.35 46.54
CA SER D 412 35.23 32.27 47.54
C SER D 412 35.54 31.09 48.45
N ARG D 413 36.05 31.38 49.65
CA ARG D 413 36.62 30.35 50.49
C ARG D 413 35.53 29.45 51.06
N LEU D 414 35.95 28.53 51.92
CA LEU D 414 35.06 27.64 52.64
C LEU D 414 34.75 28.22 54.01
N GLU D 415 33.50 28.09 54.43
CA GLU D 415 33.11 28.58 55.76
C GLU D 415 31.93 27.77 56.27
N CYS D 416 32.19 26.84 57.18
CA CYS D 416 31.16 26.06 57.85
C CYS D 416 31.37 26.24 59.34
N LYS D 417 30.76 27.28 59.89
CA LYS D 417 30.96 27.68 61.28
C LYS D 417 29.64 27.63 62.02
N LYS D 418 29.70 27.23 63.29
CA LYS D 418 28.54 27.20 64.16
C LYS D 418 28.54 28.43 65.06
N LYS D 419 27.36 29.00 65.26
CA LYS D 419 27.20 30.20 66.07
C LYS D 419 26.10 29.97 67.10
N CYS D 420 26.41 30.22 68.36
CA CYS D 420 25.42 30.16 69.43
C CYS D 420 24.58 31.43 69.43
N THR D 421 23.29 31.29 69.75
CA THR D 421 22.42 32.46 69.82
C THR D 421 22.54 33.15 71.17
N LEU D 422 22.17 32.46 72.25
CA LEU D 422 22.32 32.97 73.60
C LEU D 422 22.87 31.89 74.53
N LYS D 423 23.88 31.17 74.08
CA LYS D 423 24.60 30.11 74.79
C LYS D 423 23.73 28.90 75.09
N ILE D 424 22.45 28.92 74.73
CA ILE D 424 21.57 27.78 74.96
C ILE D 424 21.52 26.93 73.71
N PHE D 425 21.15 27.56 72.60
CA PHE D 425 21.15 26.88 71.32
C PHE D 425 22.17 27.51 70.39
N CYS D 426 22.60 26.74 69.41
CA CYS D 426 23.58 27.20 68.43
C CYS D 426 23.09 26.82 67.04
N LYS D 427 23.40 27.68 66.08
CA LYS D 427 23.13 27.45 64.68
C LYS D 427 24.45 27.40 63.93
N THR D 428 24.49 26.62 62.86
CA THR D 428 25.64 26.57 61.98
C THR D 428 25.31 27.42 60.76
N VAL D 429 25.96 28.58 60.65
CA VAL D 429 25.69 29.52 59.57
C VAL D 429 26.78 29.33 58.51
N CYS D 430 26.54 28.42 57.58
CA CYS D 430 27.48 28.22 56.49
C CYS D 430 27.28 29.32 55.47
N GLU D 431 28.31 30.17 55.31
CA GLU D 431 28.20 31.29 54.38
C GLU D 431 29.60 31.60 53.85
N ASP D 432 29.87 31.11 52.64
CA ASP D 432 31.18 31.24 52.02
C ASP D 432 31.40 32.67 51.57
N VAL D 433 32.59 33.20 51.86
CA VAL D 433 32.86 34.62 51.72
C VAL D 433 33.93 34.85 50.67
N PHE D 434 33.81 35.98 49.98
CA PHE D 434 34.83 36.44 49.04
C PHE D 434 36.11 36.79 49.79
N ARG D 435 37.24 36.68 49.08
CA ARG D 435 38.52 37.10 49.63
C ARG D 435 39.53 37.21 48.50
N VAL D 436 40.14 38.38 48.35
CA VAL D 436 41.26 38.58 47.43
C VAL D 436 42.52 38.18 48.20
N ALA D 437 43.04 37.00 47.91
CA ALA D 437 44.33 36.63 48.43
C ALA D 437 45.43 37.21 47.53
N LYS D 438 46.62 37.36 48.11
CA LYS D 438 47.77 37.82 47.35
C LYS D 438 49.00 37.06 47.82
N ALA D 439 49.88 36.76 46.87
CA ALA D 439 51.16 36.14 47.17
C ALA D 439 52.25 36.88 46.41
N GLU D 440 53.39 37.08 47.05
CA GLU D 440 54.55 37.71 46.42
C GLU D 440 55.51 36.60 46.01
N PHE D 441 55.57 36.36 44.70
CA PHE D 441 56.41 35.31 44.14
C PHE D 441 57.84 35.82 44.03
N ARG D 442 58.73 35.25 44.83
CA ARG D 442 60.14 35.61 44.84
C ARG D 442 60.94 34.45 44.24
N ALA D 443 61.40 34.61 43.01
CA ALA D 443 62.25 33.61 42.39
C ALA D 443 63.71 33.91 42.74
N TYR D 444 64.45 32.84 43.05
CA TYR D 444 65.85 32.98 43.47
C TYR D 444 66.68 32.04 42.60
N TRP D 445 67.24 32.57 41.52
CA TRP D 445 68.02 31.73 40.62
C TRP D 445 69.24 31.17 41.34
N CYS D 446 69.41 29.86 41.21
CA CYS D 446 70.52 29.17 41.85
C CYS D 446 71.67 29.05 40.86
N VAL D 447 72.84 29.53 41.26
CA VAL D 447 74.03 29.55 40.42
C VAL D 447 75.22 29.11 41.25
N ALA D 448 76.14 28.36 40.64
CA ALA D 448 77.33 27.93 41.33
C ALA D 448 78.21 29.12 41.70
N ALA D 449 78.88 29.02 42.85
CA ALA D 449 79.79 30.07 43.29
C ALA D 449 81.10 30.00 42.53
N GLY D 450 81.75 28.83 42.54
CA GLY D 450 83.01 28.66 41.84
C GLY D 450 83.12 27.32 41.14
N GLN D 451 84.31 26.72 41.18
CA GLN D 451 84.51 25.41 40.57
C GLN D 451 83.67 24.35 41.29
N VAL D 452 82.97 23.55 40.52
CA VAL D 452 82.03 22.59 41.10
C VAL D 452 82.72 21.24 41.28
N PRO D 453 82.48 20.53 42.37
CA PRO D 453 82.84 19.10 42.43
C PRO D 453 81.78 18.29 41.69
N ASP D 454 82.24 17.43 40.78
CA ASP D 454 81.31 16.69 39.93
C ASP D 454 80.45 15.71 40.72
N ASN D 455 80.78 15.45 41.98
CA ASN D 455 79.96 14.57 42.80
C ASN D 455 78.59 15.17 43.09
N SER D 456 78.53 16.48 43.30
CA SER D 456 77.28 17.15 43.65
C SER D 456 77.11 18.43 42.85
N GLY D 457 77.61 18.45 41.62
CA GLY D 457 77.41 19.58 40.73
C GLY D 457 76.85 19.11 39.40
N LEU D 458 75.64 19.56 39.06
CA LEU D 458 74.91 19.02 37.92
C LEU D 458 74.56 20.11 36.92
N LEU D 459 74.36 19.67 35.69
CA LEU D 459 73.95 20.50 34.56
C LEU D 459 72.53 20.15 34.15
N PHE D 460 71.83 21.13 33.58
CA PHE D 460 70.40 21.00 33.32
C PHE D 460 70.06 21.69 32.00
N GLY D 461 68.77 21.94 31.78
CA GLY D 461 68.32 22.66 30.61
C GLY D 461 66.87 22.45 30.28
N GLY D 462 66.23 23.46 29.69
CA GLY D 462 64.85 23.34 29.25
C GLY D 462 63.90 24.27 29.97
N VAL D 463 63.43 25.32 29.30
CA VAL D 463 62.54 26.31 29.88
C VAL D 463 61.49 26.71 28.86
N PHE D 464 60.25 26.87 29.32
CA PHE D 464 59.14 27.21 28.44
C PHE D 464 57.91 27.47 29.29
N THR D 465 56.95 28.18 28.70
CA THR D 465 55.66 28.41 29.35
C THR D 465 54.59 27.59 28.64
N ASP D 466 53.36 27.69 29.13
CA ASP D 466 52.24 27.08 28.43
C ASP D 466 51.96 27.78 27.11
N LYS D 467 52.37 29.04 26.98
CA LYS D 467 52.15 29.83 25.76
C LYS D 467 53.38 29.91 24.89
N THR D 468 54.56 30.09 25.47
CA THR D 468 55.79 30.13 24.71
C THR D 468 56.29 28.72 24.47
N ILE D 469 56.64 28.43 23.22
CA ILE D 469 57.10 27.11 22.83
C ILE D 469 58.49 26.87 23.42
N ASN D 470 58.84 25.60 23.63
CA ASN D 470 60.16 25.24 24.09
C ASN D 470 61.05 24.94 22.89
N PRO D 471 61.88 25.89 22.42
CA PRO D 471 62.74 25.60 21.28
C PRO D 471 63.80 24.56 21.60
N MET D 472 64.12 24.39 22.88
CA MET D 472 64.94 23.25 23.31
C MET D 472 64.42 21.95 22.72
N THR D 473 63.16 21.63 22.97
CA THR D 473 62.57 20.39 22.49
C THR D 473 61.60 20.62 21.33
N ASN D 474 61.36 21.86 20.94
CA ASN D 474 60.36 22.20 19.92
C ASN D 474 58.98 21.65 20.28
N ALA D 475 58.61 21.79 21.55
CA ALA D 475 57.33 21.28 22.02
C ALA D 475 56.87 22.17 23.18
N GLN D 476 55.84 21.72 23.89
CA GLN D 476 55.31 22.41 25.06
C GLN D 476 55.30 21.50 26.29
N SER D 477 56.28 20.60 26.36
CA SER D 477 56.38 19.64 27.45
C SER D 477 57.83 19.43 27.81
N CYS D 478 58.08 18.46 28.64
CA CYS D 478 59.43 18.15 29.05
C CYS D 478 60.03 17.07 28.15
N PRO D 479 61.28 17.23 27.72
CA PRO D 479 61.97 16.15 27.03
C PRO D 479 62.22 14.97 27.95
N ALA D 480 62.53 13.83 27.34
CA ALA D 480 62.70 12.60 28.10
C ALA D 480 63.84 12.73 29.09
N GLY D 481 63.62 12.22 30.30
CA GLY D 481 64.60 12.36 31.36
C GLY D 481 64.63 13.73 32.00
N TYR D 482 63.50 14.43 32.04
CA TYR D 482 63.42 15.78 32.59
C TYR D 482 62.18 15.89 33.45
N ILE D 483 62.35 16.31 34.70
CA ILE D 483 61.22 16.78 35.50
C ILE D 483 60.99 18.24 35.14
N PRO D 484 59.79 18.63 34.75
CA PRO D 484 59.54 20.06 34.55
C PRO D 484 59.34 20.75 35.88
N LEU D 485 60.35 21.50 36.32
CA LEU D 485 60.28 22.21 37.59
C LEU D 485 59.64 23.56 37.34
N ASN D 486 58.44 23.75 37.86
CA ASN D 486 57.62 24.92 37.54
C ASN D 486 58.04 26.14 38.36
N LEU D 487 59.34 26.42 38.32
CA LEU D 487 59.94 27.48 39.12
C LEU D 487 59.19 28.80 39.05
N PHE D 488 58.65 29.15 37.89
CA PHE D 488 58.12 30.49 37.67
C PHE D 488 56.60 30.47 37.68
N GLU D 489 56.00 31.62 37.38
CA GLU D 489 54.55 31.72 37.26
C GLU D 489 54.01 30.71 36.26
N SER D 490 54.61 30.63 35.08
CA SER D 490 54.19 29.69 34.05
C SER D 490 55.32 28.87 33.45
N LEU D 491 56.57 29.12 33.83
CA LEU D 491 57.69 28.34 33.31
C LEU D 491 57.71 26.98 33.98
N LYS D 492 58.14 25.97 33.24
CA LYS D 492 58.38 24.65 33.77
C LYS D 492 59.83 24.32 33.42
N VAL D 493 60.76 24.74 34.28
CA VAL D 493 62.18 24.61 34.01
C VAL D 493 62.54 23.14 34.09
N CYS D 494 62.78 22.52 32.93
CA CYS D 494 63.13 21.12 32.87
C CYS D 494 64.50 20.89 33.49
N VAL D 495 64.66 19.74 34.13
CA VAL D 495 65.89 19.42 34.85
C VAL D 495 66.57 18.24 34.18
N SER D 496 67.86 18.41 33.87
CA SER D 496 68.70 17.29 33.45
C SER D 496 69.27 16.60 34.68
N LEU D 497 68.35 16.06 35.47
CA LEU D 497 68.70 15.45 36.74
C LEU D 497 69.60 14.24 36.59
N ASP D 498 69.69 13.67 35.38
CA ASP D 498 70.53 12.51 35.12
C ASP D 498 71.45 12.77 33.93
N TYR D 499 72.62 12.15 33.97
CA TYR D 499 73.63 12.30 32.93
C TYR D 499 73.16 11.75 31.59
N GLU D 500 72.22 10.80 31.62
CA GLU D 500 72.16 9.73 30.62
C GLU D 500 72.15 10.28 29.20
N LEU D 501 71.09 10.99 28.83
CA LEU D 501 71.07 11.64 27.53
C LEU D 501 71.37 13.12 27.63
N GLY D 502 71.44 13.64 28.85
CA GLY D 502 71.79 15.03 29.06
C GLY D 502 73.16 15.37 28.53
N PHE D 503 74.13 14.48 28.70
CA PHE D 503 75.49 14.75 28.23
C PHE D 503 75.52 15.22 26.78
N LYS D 504 74.61 14.72 25.94
CA LYS D 504 74.52 15.15 24.56
C LYS D 504 73.35 16.08 24.29
N PHE D 505 72.38 16.17 25.21
CA PHE D 505 71.30 17.14 25.11
C PHE D 505 71.23 17.86 26.45
N SER D 506 72.12 18.83 26.65
CA SER D 506 72.17 19.65 27.85
C SER D 506 72.09 21.14 27.53
N VAL D 507 72.94 21.62 26.63
CA VAL D 507 73.06 23.04 26.31
C VAL D 507 73.43 23.78 27.59
N PRO D 508 74.71 23.74 28.01
CA PRO D 508 75.08 24.13 29.38
C PRO D 508 74.84 25.59 29.71
N PHE D 509 73.60 25.85 30.15
CA PHE D 509 73.07 27.18 30.35
C PHE D 509 73.83 27.96 31.42
N GLY D 510 73.41 29.22 31.58
CA GLY D 510 73.72 29.99 32.77
C GLY D 510 72.44 30.59 33.35
N GLY D 511 72.62 31.65 34.12
CA GLY D 511 71.48 32.30 34.74
C GLY D 511 71.41 33.80 34.57
N PHE D 512 70.22 34.37 34.69
CA PHE D 512 70.06 35.81 34.51
C PHE D 512 68.74 36.23 35.13
N PHE D 513 68.77 37.34 35.87
CA PHE D 513 67.60 37.88 36.53
C PHE D 513 66.73 38.59 35.49
N SER D 514 65.75 39.37 35.95
CA SER D 514 65.00 40.21 35.03
C SER D 514 65.84 41.40 34.59
N CYS D 515 65.38 42.09 33.55
CA CYS D 515 66.10 43.24 33.05
C CYS D 515 66.17 44.36 34.08
N ILE D 516 65.23 44.38 35.03
CA ILE D 516 65.30 45.34 36.12
C ILE D 516 66.10 44.80 37.30
N MET D 517 66.02 43.49 37.57
CA MET D 517 66.82 42.86 38.59
C MET D 517 68.25 42.72 38.09
N GLY D 518 69.13 42.15 38.93
CA GLY D 518 70.54 42.08 38.60
C GLY D 518 70.93 40.95 37.68
N ASN D 519 71.98 40.23 38.05
CA ASN D 519 72.52 39.14 37.25
C ASN D 519 73.56 38.40 38.09
N PRO D 520 73.75 37.10 37.84
CA PRO D 520 74.66 36.33 38.70
C PRO D 520 76.12 36.37 38.30
N LEU D 521 76.43 36.63 37.03
CA LEU D 521 77.79 36.45 36.55
C LEU D 521 78.34 37.73 35.91
N VAL D 522 79.63 37.67 35.59
CA VAL D 522 80.37 38.84 35.14
C VAL D 522 80.28 38.98 33.62
N ASN D 523 80.46 40.20 33.14
CA ASN D 523 80.57 40.48 31.72
C ASN D 523 81.99 40.91 31.39
N ALA D 532 81.30 40.60 45.79
CA ALA D 532 81.67 41.98 45.49
C ALA D 532 80.71 42.58 44.47
N PRO D 533 79.55 43.06 44.94
CA PRO D 533 78.55 43.60 44.01
C PRO D 533 78.98 44.94 43.42
N SER D 534 79.40 44.91 42.16
CA SER D 534 79.74 46.12 41.42
C SER D 534 79.09 46.19 40.05
N LEU D 535 78.64 45.06 39.50
CA LEU D 535 78.06 45.03 38.17
C LEU D 535 76.57 44.73 38.25
N LYS D 536 75.82 45.34 37.34
CA LYS D 536 74.40 45.01 37.18
C LYS D 536 74.02 45.18 35.72
N LYS D 537 74.18 44.11 34.94
CA LYS D 537 73.78 44.04 33.55
C LYS D 537 74.07 42.62 33.07
N CYS D 538 73.55 42.28 31.90
CA CYS D 538 73.51 40.91 31.42
C CYS D 538 74.81 40.18 31.74
N PRO D 539 74.74 39.00 32.37
CA PRO D 539 75.96 38.34 32.87
C PRO D 539 76.78 37.71 31.76
N GLY D 540 77.65 38.50 31.14
CA GLY D 540 78.41 38.04 30.01
C GLY D 540 77.74 38.42 28.71
N GLY D 541 77.66 37.47 27.78
CA GLY D 541 76.99 37.72 26.53
C GLY D 541 75.54 37.27 26.57
N PHE D 542 75.16 36.41 25.62
CA PHE D 542 73.79 35.92 25.48
C PHE D 542 72.81 37.08 25.37
N SER D 543 72.89 37.73 24.20
CA SER D 543 71.99 38.82 23.87
C SER D 543 70.54 38.38 24.02
N GLN D 544 69.60 39.32 23.90
CA GLN D 544 68.28 39.17 24.49
C GLN D 544 67.53 38.06 23.74
N HIS D 545 67.79 36.83 24.18
CA HIS D 545 67.07 35.66 23.70
C HIS D 545 65.88 35.42 24.64
N LEU D 546 64.71 35.92 24.25
CA LEU D 546 63.56 35.93 25.14
C LEU D 546 63.20 34.53 25.61
N ALA D 547 62.76 34.44 26.85
CA ALA D 547 62.17 33.23 27.41
C ALA D 547 60.77 33.45 27.93
N VAL D 548 60.52 34.57 28.60
CA VAL D 548 59.21 34.89 29.17
C VAL D 548 59.19 36.36 29.55
N ILE D 549 58.02 36.99 29.46
CA ILE D 549 57.83 38.33 29.97
C ILE D 549 57.01 38.24 31.24
N SER D 550 57.34 39.08 32.22
CA SER D 550 56.57 39.17 33.45
C SER D 550 56.23 40.64 33.68
N ASP D 551 54.98 41.00 33.43
CA ASP D 551 54.44 42.35 33.60
C ASP D 551 55.41 43.44 33.17
N GLY D 552 56.03 43.26 32.01
CA GLY D 552 56.89 44.30 31.45
C GLY D 552 58.35 43.93 31.37
N CYS D 553 58.87 43.27 32.40
CA CYS D 553 60.27 42.87 32.42
C CYS D 553 60.42 41.53 31.71
N GLN D 554 61.49 41.37 30.94
CA GLN D 554 61.79 40.12 30.27
C GLN D 554 62.78 39.31 31.09
N VAL D 555 62.54 38.00 31.15
CA VAL D 555 63.38 37.08 31.92
C VAL D 555 64.13 36.20 30.93
N SER D 556 65.45 36.34 30.91
CA SER D 556 66.29 35.57 29.99
C SER D 556 67.40 34.87 30.78
N TYR D 557 68.39 34.32 30.08
CA TYR D 557 69.46 33.58 30.72
C TYR D 557 70.77 33.90 30.03
N CYS D 558 71.79 33.07 30.29
CA CYS D 558 73.01 33.02 29.49
C CYS D 558 73.24 31.55 29.18
N VAL D 559 72.60 31.04 28.14
CA VAL D 559 72.57 29.62 27.86
C VAL D 559 73.71 29.29 26.91
N LYS D 560 74.79 28.74 27.45
CA LYS D 560 75.92 28.30 26.65
C LYS D 560 75.57 26.98 25.98
N ALA D 561 76.15 26.75 24.81
CA ALA D 561 75.85 25.58 24.00
C ALA D 561 77.13 24.82 23.65
N GLY D 562 77.97 24.57 24.65
CA GLY D 562 79.27 23.97 24.41
C GLY D 562 79.24 22.49 24.08
N ILE D 563 80.22 21.75 24.59
CA ILE D 563 80.41 20.35 24.21
C ILE D 563 79.29 19.47 24.73
N THR E 13 62.71 10.62 -15.90
CA THR E 13 62.34 10.87 -14.51
C THR E 13 60.85 11.08 -14.38
N GLY E 14 60.10 10.50 -15.31
CA GLY E 14 58.64 10.67 -15.35
C GLY E 14 57.99 9.52 -14.61
N PHE E 15 57.48 9.79 -13.41
CA PHE E 15 56.79 8.75 -12.66
C PHE E 15 55.48 8.35 -13.30
N GLN E 16 55.03 9.07 -14.33
CA GLN E 16 53.72 8.80 -14.92
C GLN E 16 53.63 7.39 -15.47
N ILE E 17 54.76 6.77 -15.82
CA ILE E 17 54.71 5.45 -16.42
C ILE E 17 54.08 4.44 -15.47
N CYS E 18 54.57 4.38 -14.23
CA CYS E 18 54.06 3.36 -13.34
C CYS E 18 52.96 3.85 -12.44
N LYS E 19 52.88 5.17 -12.20
CA LYS E 19 51.63 5.72 -11.72
C LYS E 19 50.49 5.32 -12.65
N ASN E 20 50.79 5.07 -13.91
CA ASN E 20 49.81 4.55 -14.85
C ASN E 20 49.72 3.03 -14.74
N ALA E 21 50.85 2.35 -14.58
CA ALA E 21 50.81 0.90 -14.44
C ALA E 21 49.98 0.49 -13.24
N LEU E 22 50.43 0.85 -12.05
CA LEU E 22 49.67 0.65 -10.82
C LEU E 22 49.08 1.98 -10.39
N LYS E 23 47.84 1.95 -9.92
CA LYS E 23 47.03 3.16 -9.86
C LYS E 23 47.25 4.00 -8.63
N LEU E 24 48.34 3.83 -7.91
CA LEU E 24 48.48 4.58 -6.68
C LEU E 24 48.96 6.00 -6.96
N PRO E 25 48.68 6.94 -6.05
CA PRO E 25 49.17 8.30 -6.22
C PRO E 25 50.55 8.48 -5.61
N VAL E 26 51.36 9.28 -6.28
CA VAL E 26 52.72 9.50 -5.82
C VAL E 26 52.71 10.32 -4.54
N LEU E 27 53.61 10.00 -3.62
CA LEU E 27 53.77 10.80 -2.43
C LEU E 27 54.12 12.23 -2.82
N GLU E 28 53.64 13.19 -2.04
CA GLU E 28 53.89 14.58 -2.38
C GLU E 28 55.16 15.10 -1.75
N VAL E 29 55.36 14.84 -0.49
CA VAL E 29 56.53 15.33 0.20
C VAL E 29 57.72 14.47 -0.17
N LEU E 30 58.85 15.10 -0.46
CA LEU E 30 60.02 14.36 -0.88
C LEU E 30 61.26 15.05 -0.35
N PRO E 31 62.22 14.31 0.12
CA PRO E 31 63.37 14.92 0.79
C PRO E 31 64.41 15.47 -0.16
N GLY E 32 64.61 14.83 -1.30
CA GLY E 32 65.71 15.22 -2.13
C GLY E 32 65.49 16.55 -2.79
N GLY E 33 65.50 17.61 -2.00
CA GLY E 33 65.27 18.94 -2.54
C GLY E 33 65.87 20.03 -1.69
N GLY E 34 66.60 20.94 -2.31
CA GLY E 34 67.24 22.02 -1.58
C GLY E 34 66.23 22.85 -0.80
N TRP E 35 66.75 23.64 0.12
CA TRP E 35 65.90 24.33 1.07
C TRP E 35 66.63 25.54 1.61
N ASP E 36 66.05 26.73 1.43
CA ASP E 36 66.65 27.95 1.94
C ASP E 36 66.35 28.05 3.42
N ASN E 37 67.41 28.08 4.24
CA ASN E 37 67.21 28.16 5.67
C ASN E 37 66.92 29.59 6.14
N LEU E 38 67.29 30.59 5.34
CA LEU E 38 67.05 31.96 5.75
C LEU E 38 65.61 32.38 5.43
N ARG E 39 65.25 32.39 4.15
CA ARG E 39 63.86 32.65 3.79
C ARG E 39 62.93 31.59 4.32
N ASN E 40 63.44 30.39 4.61
CA ASN E 40 62.65 29.30 5.17
C ASN E 40 61.59 28.81 4.19
N VAL E 41 62.02 28.35 3.01
CA VAL E 41 61.12 27.89 1.96
C VAL E 41 61.87 26.99 0.99
N ASP E 42 61.23 25.93 0.53
CA ASP E 42 61.85 24.99 -0.40
C ASP E 42 62.40 25.71 -1.63
N MET E 43 63.44 25.14 -2.21
CA MET E 43 64.13 25.82 -3.31
C MET E 43 64.20 25.02 -4.60
N GLY E 44 64.58 23.75 -4.56
CA GLY E 44 64.69 23.01 -5.81
C GLY E 44 65.36 21.68 -5.59
N ARG E 45 65.26 20.83 -6.61
CA ARG E 45 65.86 19.51 -6.54
C ARG E 45 67.35 19.61 -6.26
N VAL E 46 67.86 18.68 -5.47
CA VAL E 46 69.30 18.53 -5.36
C VAL E 46 69.67 17.08 -5.60
N MET E 47 69.11 16.17 -4.81
CA MET E 47 69.28 14.75 -5.03
C MET E 47 68.24 14.29 -6.04
N ASP E 48 68.68 13.68 -7.12
CA ASP E 48 67.76 13.33 -8.19
C ASP E 48 66.79 12.25 -7.73
N LEU E 49 65.58 12.29 -8.26
CA LEU E 49 64.53 11.34 -7.92
C LEU E 49 64.07 10.68 -9.21
N THR E 50 64.47 9.43 -9.40
CA THR E 50 64.01 8.65 -10.53
C THR E 50 62.80 7.83 -10.12
N TYR E 51 62.28 7.07 -11.07
CA TYR E 51 61.22 6.13 -10.77
C TYR E 51 61.39 4.84 -11.55
N THR E 52 62.63 4.44 -11.78
CA THR E 52 62.90 3.34 -12.71
C THR E 52 62.28 2.03 -12.23
N ASN E 53 62.81 1.47 -11.15
CA ASN E 53 62.29 0.22 -10.62
C ASN E 53 61.14 0.53 -9.69
N CYS E 54 60.13 1.23 -10.20
CA CYS E 54 59.39 2.16 -9.37
C CYS E 54 58.88 1.51 -8.10
N LYS E 55 59.30 2.08 -6.98
CA LYS E 55 59.03 1.55 -5.65
C LYS E 55 57.58 1.80 -5.31
N THR E 56 57.23 1.53 -4.06
CA THR E 56 55.95 1.89 -3.49
C THR E 56 56.05 1.60 -2.00
N THR E 57 55.34 2.39 -1.21
CA THR E 57 55.37 2.18 0.22
C THR E 57 54.82 0.80 0.54
N GLU E 58 55.23 0.26 1.68
CA GLU E 58 54.87 -1.11 2.03
C GLU E 58 53.36 -1.29 2.03
N ASP E 59 52.66 -0.51 2.85
CA ASP E 59 51.21 -0.50 2.80
C ASP E 59 50.85 0.25 1.53
N GLY E 60 50.91 -0.47 0.41
CA GLY E 60 50.99 0.23 -0.85
C GLY E 60 49.82 1.15 -1.08
N GLN E 61 50.05 2.43 -0.82
CA GLN E 61 49.13 3.48 -1.25
C GLN E 61 49.89 4.72 -1.65
N TYR E 62 51.13 4.57 -2.10
CA TYR E 62 51.90 5.67 -2.65
C TYR E 62 52.97 5.09 -3.56
N ILE E 63 53.66 5.97 -4.28
CA ILE E 63 54.76 5.57 -5.16
C ILE E 63 55.93 6.48 -4.80
N ILE E 64 56.76 6.05 -3.87
CA ILE E 64 57.94 6.83 -3.52
C ILE E 64 58.90 6.74 -4.69
N PRO E 65 59.78 7.71 -4.88
CA PRO E 65 60.85 7.55 -5.86
C PRO E 65 61.91 6.64 -5.28
N ASP E 66 62.61 5.96 -6.16
CA ASP E 66 63.48 4.88 -5.73
C ASP E 66 64.76 5.36 -5.12
N GLU E 67 64.85 6.63 -4.74
CA GLU E 67 65.96 7.10 -3.93
C GLU E 67 65.53 7.47 -2.52
N VAL E 68 64.34 7.05 -2.10
CA VAL E 68 63.88 7.33 -0.75
C VAL E 68 63.23 6.08 -0.19
N TYR E 69 63.25 5.96 1.12
CA TYR E 69 62.58 4.87 1.82
C TYR E 69 61.78 5.46 2.97
N THR E 70 60.67 4.82 3.29
CA THR E 70 59.75 5.34 4.29
C THR E 70 59.68 4.40 5.47
N ILE E 71 59.29 4.96 6.62
CA ILE E 71 59.09 4.20 7.85
C ILE E 71 57.84 4.73 8.54
N PRO E 72 56.76 3.99 8.52
CA PRO E 72 55.44 4.58 8.75
C PRO E 72 54.98 4.56 10.18
N GLN E 73 54.46 5.70 10.67
CA GLN E 73 53.79 5.76 11.98
C GLN E 73 53.20 7.13 12.22
N LYS E 74 52.00 7.23 12.81
CA LYS E 74 51.65 8.30 13.78
C LYS E 74 50.18 8.35 14.12
N GLU E 75 49.84 9.20 15.11
CA GLU E 75 48.63 10.03 15.19
C GLU E 75 48.69 10.76 16.52
N SER E 76 48.05 11.93 16.59
CA SER E 76 47.98 12.63 17.85
C SER E 76 47.05 13.82 17.72
N ASN E 77 46.18 14.02 18.70
CA ASN E 77 45.38 15.24 18.73
C ASN E 77 44.95 15.50 20.16
N LEU E 78 44.41 16.69 20.39
CA LEU E 78 43.97 17.04 21.73
C LEU E 78 42.95 18.16 21.66
N GLU E 79 41.81 17.95 22.30
CA GLU E 79 40.75 18.93 22.41
C GLU E 79 40.75 19.49 23.82
N MET E 80 40.30 20.73 23.96
CA MET E 80 40.16 21.34 25.28
C MET E 80 39.36 22.61 25.14
N ASN E 81 38.51 22.87 26.13
CA ASN E 81 37.70 24.09 26.12
C ASN E 81 37.35 24.45 27.54
N SER E 82 36.76 25.63 27.72
CA SER E 82 36.44 26.15 29.04
C SER E 82 35.10 26.87 28.97
N GLU E 83 34.68 27.41 30.11
CA GLU E 83 33.34 27.97 30.24
C GLU E 83 33.33 28.95 31.41
N VAL E 84 32.46 29.94 31.32
CA VAL E 84 32.29 30.95 32.36
C VAL E 84 30.90 31.55 32.24
N LEU E 85 30.17 31.63 33.36
CA LEU E 85 28.85 32.26 33.39
C LEU E 85 28.74 33.21 34.57
N GLU E 86 27.63 33.94 34.62
CA GLU E 86 27.30 34.84 35.71
C GLU E 86 25.80 35.13 35.69
N SER E 87 25.31 35.74 36.78
CA SER E 87 23.97 36.30 36.82
C SER E 87 23.81 37.06 38.12
N TRP E 88 23.12 38.21 38.05
CA TRP E 88 22.90 39.08 39.21
C TRP E 88 21.44 39.49 39.28
N MET E 89 21.04 40.09 40.41
CA MET E 89 19.68 40.60 40.61
C MET E 89 19.69 41.74 41.63
N ASN E 90 18.51 42.30 41.90
CA ASN E 90 18.30 43.29 42.96
C ASN E 90 16.81 43.43 43.23
N TYR E 91 16.46 44.43 44.06
CA TYR E 91 15.11 44.61 44.57
C TYR E 91 14.95 46.04 45.11
N GLN E 92 13.87 46.27 45.86
CA GLN E 92 13.31 47.60 46.05
C GLN E 92 13.01 48.03 47.49
N SER E 93 12.31 49.16 47.64
CA SER E 93 11.98 49.75 48.93
C SER E 93 10.73 50.60 48.78
N THR E 94 10.06 50.89 49.90
CA THR E 94 8.75 51.54 49.89
C THR E 94 8.44 52.20 51.23
N THR E 95 7.79 53.36 51.18
CA THR E 95 7.24 54.02 52.36
C THR E 95 5.86 54.56 52.05
N SER E 96 5.10 54.84 53.10
CA SER E 96 3.75 55.39 52.95
C SER E 96 3.23 55.84 54.30
N LEU E 97 2.57 57.00 54.34
CA LEU E 97 1.97 57.54 55.55
C LEU E 97 0.67 58.24 55.18
N SER E 98 -0.42 57.90 55.87
CA SER E 98 -1.76 58.41 55.56
C SER E 98 -2.37 58.93 56.86
N ILE E 99 -2.31 60.24 57.06
CA ILE E 99 -2.54 60.81 58.38
C ILE E 99 -3.42 62.06 58.35
N ASN E 100 -4.59 62.00 58.99
CA ASN E 100 -5.11 63.07 59.86
C ASN E 100 -6.57 62.78 60.18
N THR E 101 -7.14 63.63 61.04
CA THR E 101 -8.58 63.74 61.23
C THR E 101 -8.82 65.03 62.01
N GLU E 102 -10.10 65.45 62.08
CA GLU E 102 -10.51 66.56 62.93
C GLU E 102 -12.03 66.62 63.00
N LEU E 103 -12.54 67.14 64.13
CA LEU E 103 -13.96 67.39 64.34
C LEU E 103 -14.12 68.31 65.56
N ALA E 104 -15.26 68.98 65.62
CA ALA E 104 -15.77 69.61 66.83
C ALA E 104 -17.18 70.12 66.55
N LEU E 105 -17.89 70.45 67.63
CA LEU E 105 -19.22 71.04 67.52
C LEU E 105 -19.27 72.49 67.98
N PHE E 106 -18.15 73.08 68.38
CA PHE E 106 -18.12 74.44 68.88
C PHE E 106 -17.32 75.38 67.97
N SER E 107 -16.05 75.09 67.72
CA SER E 107 -15.22 76.00 66.94
C SER E 107 -14.34 75.35 65.88
N ARG E 108 -13.96 74.07 66.02
CA ARG E 108 -12.88 73.53 65.19
C ARG E 108 -13.27 72.15 64.65
N VAL E 109 -14.01 72.13 63.54
CA VAL E 109 -14.33 70.89 62.83
C VAL E 109 -13.74 70.97 61.43
N ASN E 110 -12.83 70.04 61.12
CA ASN E 110 -12.11 70.04 59.86
C ASN E 110 -11.97 68.61 59.34
N GLY E 111 -11.17 68.46 58.30
CA GLY E 111 -10.79 67.16 57.78
C GLY E 111 -9.44 67.25 57.10
N LYS E 112 -8.63 66.20 57.18
CA LYS E 112 -7.33 66.19 56.52
C LYS E 112 -6.88 64.76 56.33
N PHE E 113 -6.24 64.48 55.19
CA PHE E 113 -5.57 63.22 54.93
C PHE E 113 -4.42 63.51 53.97
N SER E 114 -3.23 63.74 54.51
CA SER E 114 -2.05 64.03 53.69
C SER E 114 -1.30 62.74 53.37
N THR E 115 -2.03 61.82 52.75
CA THR E 115 -1.48 60.50 52.46
C THR E 115 -0.39 60.58 51.39
N GLU E 116 0.65 59.76 51.56
CA GLU E 116 1.79 59.77 50.66
C GLU E 116 2.23 58.35 50.36
N PHE E 117 2.93 58.19 49.23
CA PHE E 117 3.48 56.91 48.83
C PHE E 117 4.77 57.17 48.07
N GLN E 118 5.83 56.45 48.42
CA GLN E 118 7.07 56.48 47.67
C GLN E 118 7.53 55.04 47.46
N ARG E 119 7.61 54.63 46.19
CA ARG E 119 8.09 53.30 45.83
C ARG E 119 9.16 53.47 44.78
N MET E 120 10.22 52.69 44.88
CA MET E 120 11.31 52.70 43.91
C MET E 120 11.77 51.26 43.70
N LYS E 121 11.34 50.64 42.62
CA LYS E 121 11.74 49.29 42.27
C LYS E 121 12.86 49.36 41.24
N THR E 122 14.03 48.82 41.59
CA THR E 122 15.14 48.73 40.66
C THR E 122 15.56 47.28 40.54
N LEU E 123 15.66 46.80 39.31
CA LEU E 123 16.26 45.51 39.01
C LEU E 123 17.56 45.73 38.26
N GLN E 124 18.46 44.77 38.39
CA GLN E 124 19.71 44.79 37.62
C GLN E 124 20.10 43.35 37.37
N VAL E 125 19.68 42.81 36.24
CA VAL E 125 20.16 41.52 35.78
C VAL E 125 21.46 41.76 35.05
N LYS E 126 22.39 40.83 35.15
CA LYS E 126 23.67 40.98 34.46
C LYS E 126 24.21 39.58 34.16
N ASP E 127 24.15 39.19 32.89
CA ASP E 127 24.53 37.86 32.45
C ASP E 127 25.76 37.96 31.57
N GLN E 128 26.66 36.98 31.68
CA GLN E 128 27.92 37.04 30.93
C GLN E 128 28.38 35.61 30.64
N ALA E 129 28.07 35.11 29.45
CA ALA E 129 28.55 33.82 29.01
C ALA E 129 29.87 33.96 28.29
N VAL E 130 30.73 32.95 28.42
CA VAL E 130 32.02 32.93 27.75
C VAL E 130 32.39 31.49 27.39
N THR E 131 32.58 31.23 26.11
CA THR E 131 33.02 29.92 25.63
C THR E 131 34.35 30.08 24.91
N THR E 132 35.19 29.05 24.99
CA THR E 132 36.50 29.11 24.36
C THR E 132 36.97 27.69 24.09
N ARG E 133 36.90 27.27 22.84
CA ARG E 133 37.40 25.96 22.44
C ARG E 133 38.72 26.12 21.69
N VAL E 134 39.59 25.14 21.85
CA VAL E 134 40.83 25.02 21.11
C VAL E 134 41.06 23.54 20.91
N GLN E 135 41.34 23.11 19.69
CA GLN E 135 41.59 21.70 19.49
C GLN E 135 42.43 21.50 18.24
N VAL E 136 43.41 20.61 18.32
CA VAL E 136 44.50 20.55 17.38
C VAL E 136 44.79 19.10 17.04
N ARG E 137 44.98 18.80 15.75
CA ARG E 137 45.27 17.47 15.26
C ARG E 137 46.66 17.42 14.66
N ASN E 138 47.29 16.25 14.73
CA ASN E 138 48.58 16.01 14.09
C ASN E 138 48.68 14.59 13.56
N ARG E 139 49.34 14.44 12.43
CA ARG E 139 49.66 13.15 11.86
C ARG E 139 51.08 13.21 11.35
N ILE E 140 51.80 12.09 11.37
CA ILE E 140 53.07 12.05 10.65
C ILE E 140 53.17 10.72 9.91
N TYR E 141 54.00 10.67 8.87
CA TYR E 141 54.36 9.40 8.22
C TYR E 141 55.66 9.63 7.44
N THR E 142 56.80 9.35 8.08
CA THR E 142 58.04 9.99 7.69
C THR E 142 58.68 9.39 6.45
N VAL E 143 59.72 10.06 5.96
CA VAL E 143 60.36 9.79 4.69
C VAL E 143 61.82 10.21 4.78
N LYS E 144 62.72 9.35 4.37
CA LYS E 144 64.15 9.63 4.38
C LYS E 144 64.70 9.46 2.97
N THR E 145 65.79 10.15 2.68
CA THR E 145 66.49 9.96 1.42
C THR E 145 67.47 8.81 1.56
N THR E 146 67.55 7.98 0.52
CA THR E 146 68.41 6.82 0.62
C THR E 146 69.86 7.28 0.77
N PRO E 147 70.67 6.54 1.51
CA PRO E 147 72.04 7.00 1.77
C PRO E 147 72.96 6.91 0.58
N THR E 148 72.48 6.44 -0.57
CA THR E 148 73.33 6.24 -1.73
C THR E 148 72.80 6.92 -2.98
N SER E 149 71.99 7.96 -2.83
CA SER E 149 71.49 8.63 -4.02
C SER E 149 72.51 9.63 -4.53
N GLU E 150 72.29 10.10 -5.74
CA GLU E 150 73.23 10.98 -6.43
C GLU E 150 72.58 12.33 -6.67
N LEU E 151 73.42 13.32 -6.96
CA LEU E 151 72.93 14.66 -7.19
C LEU E 151 72.02 14.69 -8.42
N SER E 152 71.18 15.71 -8.48
CA SER E 152 70.30 15.87 -9.62
C SER E 152 71.09 16.26 -10.86
N LEU E 153 70.40 16.41 -11.97
CA LEU E 153 71.08 16.83 -13.18
C LEU E 153 71.42 18.31 -13.12
N GLY E 154 70.41 19.15 -12.88
CA GLY E 154 70.66 20.59 -12.84
C GLY E 154 71.68 20.97 -11.79
N PHE E 155 71.68 20.26 -10.66
CA PHE E 155 72.65 20.57 -9.61
C PHE E 155 74.06 20.31 -10.10
N THR E 156 74.30 19.11 -10.63
CA THR E 156 75.62 18.81 -11.18
C THR E 156 75.99 19.79 -12.28
N LYS E 157 75.03 20.20 -13.10
CA LYS E 157 75.32 21.17 -14.14
C LYS E 157 75.87 22.45 -13.53
N ALA E 158 75.14 23.03 -12.59
CA ALA E 158 75.60 24.26 -11.96
C ALA E 158 76.95 24.06 -11.29
N LEU E 159 77.13 22.90 -10.65
CA LEU E 159 78.37 22.67 -9.91
C LEU E 159 79.56 22.61 -10.84
N MET E 160 79.52 21.73 -11.84
CA MET E 160 80.64 21.66 -12.77
C MET E 160 80.75 22.92 -13.60
N ASP E 161 79.70 23.73 -13.68
CA ASP E 161 79.85 25.04 -14.31
C ASP E 161 80.73 25.95 -13.48
N ILE E 162 80.46 26.02 -12.18
CA ILE E 162 81.35 26.77 -11.30
C ILE E 162 82.75 26.20 -11.35
N CYS E 163 82.87 24.88 -11.48
CA CYS E 163 84.20 24.27 -11.53
C CYS E 163 84.93 24.67 -12.81
N ASP E 164 84.22 24.72 -13.94
CA ASP E 164 84.85 25.21 -15.16
C ASP E 164 85.21 26.68 -15.04
N GLN E 165 84.44 27.43 -14.27
CA GLN E 165 84.78 28.83 -14.04
C GLN E 165 86.06 28.95 -13.22
N LEU E 166 86.23 28.08 -12.23
CA LEU E 166 87.44 28.16 -11.40
C LEU E 166 88.67 27.67 -12.16
N GLU E 167 88.52 26.59 -12.94
CA GLU E 167 89.60 26.17 -13.82
C GLU E 167 89.92 27.23 -14.86
N LYS E 168 88.91 27.95 -15.34
CA LYS E 168 89.10 29.05 -16.27
C LYS E 168 89.52 30.32 -15.56
N ASN E 169 89.77 30.25 -14.26
CA ASN E 169 90.43 31.29 -13.46
C ASN E 169 89.57 32.54 -13.30
N GLN E 170 88.39 32.60 -13.92
CA GLN E 170 87.52 33.77 -13.87
C GLN E 170 86.83 33.79 -12.51
N THR E 171 87.48 34.44 -11.53
CA THR E 171 86.97 34.43 -10.17
C THR E 171 85.62 35.13 -10.08
N LYS E 172 85.52 36.33 -10.67
CA LYS E 172 84.30 37.12 -10.54
C LYS E 172 83.09 36.35 -11.05
N MET E 173 83.13 35.90 -12.29
CA MET E 173 82.03 35.10 -12.81
C MET E 173 81.82 33.85 -11.98
N ALA E 174 82.90 33.26 -11.47
CA ALA E 174 82.76 32.05 -10.66
C ALA E 174 82.00 32.32 -9.37
N THR E 175 82.44 33.32 -8.61
CA THR E 175 81.77 33.61 -7.36
C THR E 175 80.34 34.08 -7.60
N TYR E 176 80.09 34.79 -8.69
CA TYR E 176 78.72 35.17 -8.98
C TYR E 176 77.87 33.95 -9.31
N LEU E 177 78.46 32.98 -10.02
CA LEU E 177 77.72 31.76 -10.33
C LEU E 177 77.42 30.98 -9.06
N ALA E 178 78.36 30.97 -8.11
CA ALA E 178 78.10 30.30 -6.84
C ALA E 178 76.98 31.01 -6.08
N GLU E 179 76.99 32.34 -6.09
CA GLU E 179 75.93 33.08 -5.44
C GLU E 179 74.59 32.79 -6.09
N LEU E 180 74.56 32.71 -7.41
CA LEU E 180 73.34 32.32 -8.11
C LEU E 180 72.91 30.92 -7.71
N LEU E 181 73.87 30.00 -7.59
CA LEU E 181 73.56 28.65 -7.15
C LEU E 181 72.87 28.67 -5.80
N ILE E 182 73.42 29.43 -4.86
CA ILE E 182 72.83 29.42 -3.52
C ILE E 182 71.47 30.11 -3.53
N LEU E 183 71.28 31.07 -4.42
CA LEU E 183 69.97 31.69 -4.55
C LEU E 183 68.97 30.77 -5.21
N ASN E 184 69.46 29.83 -6.02
CA ASN E 184 68.61 29.02 -6.87
C ASN E 184 68.33 27.65 -6.30
N TYR E 185 69.11 27.21 -5.31
CA TYR E 185 68.98 25.88 -4.75
C TYR E 185 68.99 25.87 -3.24
N GLY E 186 68.91 27.03 -2.60
CA GLY E 186 68.84 27.08 -1.16
C GLY E 186 70.14 26.71 -0.47
N THR E 187 70.23 27.02 0.81
CA THR E 187 71.45 26.81 1.57
C THR E 187 71.48 25.49 2.30
N HIS E 188 70.51 24.62 2.09
CA HIS E 188 70.51 23.32 2.73
C HIS E 188 69.73 22.35 1.87
N VAL E 189 70.12 21.10 1.93
CA VAL E 189 69.40 20.02 1.26
C VAL E 189 68.75 19.16 2.32
N ILE E 190 67.49 18.81 2.09
CA ILE E 190 66.70 18.09 3.06
C ILE E 190 66.98 16.61 2.92
N THR E 191 67.12 15.92 4.04
CA THR E 191 67.30 14.48 4.03
C THR E 191 66.22 13.75 4.80
N SER E 192 65.19 14.45 5.25
CA SER E 192 64.15 13.82 6.04
C SER E 192 62.96 14.75 6.12
N VAL E 193 61.77 14.24 5.85
CA VAL E 193 60.53 14.94 6.08
C VAL E 193 59.56 13.99 6.74
N ASP E 194 58.45 14.53 7.22
CA ASP E 194 57.43 13.73 7.88
C ASP E 194 56.11 14.00 7.19
N ALA E 195 55.72 13.12 6.28
CA ALA E 195 54.46 13.28 5.58
C ALA E 195 53.33 13.22 6.59
N GLY E 196 52.70 14.36 6.84
CA GLY E 196 51.60 14.38 7.77
C GLY E 196 50.68 15.52 7.45
N ALA E 197 49.76 15.79 8.37
CA ALA E 197 48.91 16.95 8.28
C ALA E 197 48.57 17.40 9.67
N ALA E 198 48.13 18.64 9.78
CA ALA E 198 47.78 19.21 11.06
C ALA E 198 46.53 20.03 10.91
N LEU E 199 45.93 20.38 12.03
CA LEU E 199 44.75 21.21 12.04
C LEU E 199 44.66 21.84 13.41
N VAL E 200 44.63 23.17 13.44
CA VAL E 200 44.61 23.93 14.69
C VAL E 200 43.42 24.87 14.56
N GLN E 201 42.34 24.59 15.27
CA GLN E 201 41.16 25.41 15.16
C GLN E 201 40.68 25.79 16.54
N GLU E 202 40.06 26.97 16.64
CA GLU E 202 39.69 27.53 17.92
C GLU E 202 38.63 28.58 17.70
N ASP E 203 37.96 28.95 18.78
CA ASP E 203 36.92 29.98 18.70
C ASP E 203 36.60 30.47 20.10
N HIS E 204 36.18 31.72 20.17
CA HIS E 204 35.75 32.33 21.42
C HIS E 204 34.36 32.89 21.24
N VAL E 205 33.55 32.78 22.30
CA VAL E 205 32.26 33.43 22.38
C VAL E 205 32.24 34.26 23.65
N ARG E 206 31.72 35.48 23.57
CA ARG E 206 31.69 36.34 24.74
C ARG E 206 30.36 37.10 24.75
N SER E 207 29.37 36.51 25.38
CA SER E 207 28.07 37.17 25.54
C SER E 207 28.12 38.11 26.72
N SER E 208 27.41 39.22 26.61
CA SER E 208 27.28 40.17 27.70
C SER E 208 25.85 40.68 27.70
N PHE E 209 25.20 40.62 28.86
CA PHE E 209 23.78 40.95 28.95
C PHE E 209 23.58 41.76 30.21
N LEU E 210 23.36 43.06 30.05
CA LEU E 210 23.20 43.97 31.17
C LEU E 210 21.81 44.58 31.08
N LEU E 211 21.00 44.36 32.11
CA LEU E 211 19.63 44.84 32.14
C LEU E 211 19.45 45.80 33.31
N ASP E 212 18.62 46.81 33.11
CA ASP E 212 18.33 47.79 34.14
C ASP E 212 16.83 47.92 34.32
N ASN E 213 16.46 48.63 35.38
CA ASN E 213 15.06 48.92 35.66
C ASN E 213 15.02 49.91 36.80
N GLN E 214 14.12 50.90 36.69
CA GLN E 214 13.88 51.85 37.78
C GLN E 214 12.39 52.14 37.74
N ASN E 215 11.62 51.36 38.49
CA ASN E 215 10.17 51.42 38.44
C ASN E 215 9.66 52.13 39.68
N SER E 216 9.66 53.45 39.64
CA SER E 216 9.28 54.27 40.79
C SER E 216 7.79 54.61 40.73
N GLN E 217 7.29 55.15 41.85
CA GLN E 217 5.89 55.52 41.94
C GLN E 217 5.71 56.58 43.02
N ASN E 218 4.63 57.33 42.89
CA ASN E 218 4.23 58.32 43.89
C ASN E 218 2.71 58.33 43.99
N THR E 219 2.22 58.72 45.16
CA THR E 219 0.78 58.89 45.36
C THR E 219 0.57 59.88 46.49
N VAL E 220 0.12 61.09 46.14
CA VAL E 220 -0.12 62.14 47.11
C VAL E 220 -1.60 62.45 47.11
N THR E 221 -2.21 62.50 48.29
CA THR E 221 -3.61 62.84 48.42
C THR E 221 -3.77 63.83 49.56
N ALA E 222 -4.69 64.78 49.37
CA ALA E 222 -5.05 65.76 50.39
C ALA E 222 -6.52 65.63 50.71
N SER E 223 -6.98 66.33 51.74
CA SER E 223 -8.37 66.26 52.14
C SER E 223 -8.75 67.51 52.93
N ALA E 224 -10.06 67.68 53.08
CA ALA E 224 -10.68 68.78 53.80
C ALA E 224 -11.97 68.26 54.39
N GLY E 225 -12.91 69.18 54.65
CA GLY E 225 -14.14 68.78 55.29
C GLY E 225 -14.50 69.61 56.50
N ILE E 226 -14.08 70.86 56.52
CA ILE E 226 -14.49 71.78 57.56
C ILE E 226 -15.97 72.11 57.35
N ALA E 227 -16.84 71.35 58.03
CA ALA E 227 -18.26 71.56 57.83
C ALA E 227 -19.12 71.20 59.02
N PHE E 228 -19.34 72.14 59.95
CA PHE E 228 -20.60 72.15 60.70
C PHE E 228 -21.09 73.58 60.86
N LEU E 229 -20.16 74.53 60.95
CA LEU E 229 -20.51 75.88 61.40
C LEU E 229 -20.13 76.89 60.33
N ASN E 230 -21.07 77.80 60.07
CA ASN E 230 -20.95 78.95 59.17
C ASN E 230 -20.92 78.51 57.71
N ILE E 231 -20.69 77.21 57.50
CA ILE E 231 -20.92 76.50 56.25
C ILE E 231 -21.24 75.07 56.66
N VAL E 232 -22.47 74.62 56.41
CA VAL E 232 -22.84 73.30 56.92
C VAL E 232 -22.12 72.21 56.15
N ASN E 233 -21.70 72.51 54.91
CA ASN E 233 -20.93 71.54 54.14
C ASN E 233 -20.13 72.17 53.01
N PHE E 234 -18.83 71.87 52.96
CA PHE E 234 -18.05 71.94 51.73
C PHE E 234 -16.79 71.11 51.90
N LYS E 235 -16.45 70.33 50.89
CA LYS E 235 -15.41 69.32 51.00
C LYS E 235 -14.40 69.52 49.90
N VAL E 236 -13.12 69.34 50.25
CA VAL E 236 -12.03 69.50 49.29
C VAL E 236 -11.08 68.31 49.44
N GLU E 237 -10.72 67.69 48.32
CA GLU E 237 -9.69 66.67 48.31
C GLU E 237 -9.06 66.62 46.93
N THR E 238 -7.73 66.66 46.89
CA THR E 238 -6.98 66.48 45.66
C THR E 238 -6.34 65.11 45.64
N ASP E 239 -6.04 64.62 44.45
CA ASP E 239 -5.34 63.36 44.26
C ASP E 239 -4.20 63.56 43.29
N TYR E 240 -3.18 62.71 43.40
CA TYR E 240 -1.97 62.89 42.59
C TYR E 240 -1.20 61.57 42.62
N ILE E 241 -0.99 60.97 41.46
CA ILE E 241 -0.23 59.75 41.34
C ILE E 241 0.70 59.86 40.14
N SER E 242 1.95 59.51 40.35
CA SER E 242 2.97 59.58 39.31
C SER E 242 3.73 58.27 39.26
N GLN E 243 4.01 57.81 38.04
CA GLN E 243 4.75 56.59 37.83
C GLN E 243 5.95 56.84 36.93
N THR E 244 6.93 55.96 37.01
CA THR E 244 8.11 56.06 36.15
C THR E 244 8.76 54.69 36.12
N SER E 245 8.74 54.06 34.95
CA SER E 245 9.33 52.74 34.77
C SER E 245 10.26 52.82 33.58
N LEU E 246 11.55 52.68 33.82
CA LEU E 246 12.57 52.83 32.80
C LEU E 246 13.45 51.60 32.80
N THR E 247 13.33 50.78 31.76
CA THR E 247 14.17 49.61 31.59
C THR E 247 15.23 49.88 30.53
N LYS E 248 16.41 49.31 30.74
CA LYS E 248 17.52 49.46 29.81
C LYS E 248 18.28 48.15 29.78
N ASP E 249 18.33 47.50 28.64
CA ASP E 249 19.12 46.29 28.47
C ASP E 249 20.10 46.48 27.32
N TYR E 250 21.22 45.77 27.38
CA TYR E 250 22.32 46.04 26.46
C TYR E 250 23.06 44.72 26.24
N LEU E 251 22.69 44.03 25.16
CA LEU E 251 23.24 42.73 24.83
C LEU E 251 24.33 42.89 23.78
N SER E 252 25.40 42.11 23.92
CA SER E 252 26.49 42.18 22.94
C SER E 252 27.22 40.84 22.90
N ASN E 253 26.89 40.03 21.90
CA ASN E 253 27.71 38.87 21.57
C ASN E 253 28.96 39.30 20.85
N ARG E 254 29.98 38.45 20.89
CA ARG E 254 31.19 38.65 20.10
C ARG E 254 31.81 37.28 19.90
N THR E 255 31.77 36.78 18.67
CA THR E 255 32.26 35.45 18.35
C THR E 255 33.50 35.56 17.47
N ASN E 256 34.50 34.74 17.74
CA ASN E 256 35.62 34.56 16.84
C ASN E 256 35.69 33.11 16.41
N SER E 257 36.57 32.85 15.46
CA SER E 257 36.84 31.50 14.99
C SER E 257 38.05 31.55 14.10
N ARG E 258 38.91 30.55 14.17
CA ARG E 258 40.09 30.56 13.32
C ARG E 258 40.58 29.14 13.17
N VAL E 259 40.30 28.51 12.05
CA VAL E 259 40.93 27.24 11.77
C VAL E 259 42.20 27.57 11.03
N GLN E 260 43.19 26.68 11.13
CA GLN E 260 44.43 26.87 10.40
C GLN E 260 44.99 25.48 10.17
N SER E 261 44.70 24.91 9.01
CA SER E 261 45.03 23.52 8.73
C SER E 261 46.06 23.47 7.63
N PHE E 262 47.04 22.58 7.78
CA PHE E 262 47.94 22.27 6.68
C PHE E 262 48.51 20.89 6.95
N GLY E 263 48.16 19.94 6.10
CA GLY E 263 47.25 20.21 5.01
C GLY E 263 46.40 19.00 4.74
N GLY E 264 45.10 19.21 4.57
CA GLY E 264 44.24 18.10 4.28
C GLY E 264 43.32 18.42 3.12
N VAL E 265 42.02 18.22 3.30
CA VAL E 265 41.05 18.61 2.29
C VAL E 265 40.73 20.07 2.57
N PRO E 266 40.50 20.91 1.55
CA PRO E 266 40.16 22.31 1.81
C PRO E 266 39.12 22.47 2.89
N PHE E 267 39.50 23.09 3.99
CA PHE E 267 38.63 23.16 5.15
C PHE E 267 37.40 24.01 4.88
N TYR E 268 36.36 23.75 5.66
CA TYR E 268 35.14 24.54 5.63
C TYR E 268 34.44 24.35 6.96
N PRO E 269 33.72 25.36 7.46
CA PRO E 269 33.27 25.31 8.86
C PRO E 269 32.45 24.08 9.21
N GLY E 270 31.45 23.76 8.42
CA GLY E 270 30.59 22.67 8.80
C GLY E 270 31.22 21.30 8.74
N ILE E 271 32.52 21.19 8.48
CA ILE E 271 33.15 19.90 8.30
C ILE E 271 33.22 19.19 9.64
N THR E 272 33.04 17.87 9.61
CA THR E 272 33.24 17.10 10.82
C THR E 272 34.72 17.06 11.15
N LEU E 273 35.01 16.62 12.36
CA LEU E 273 36.39 16.35 12.71
C LEU E 273 36.87 15.05 12.12
N GLU E 274 36.02 14.36 11.38
CA GLU E 274 36.29 13.05 10.79
C GLU E 274 36.54 13.13 9.30
N THR E 275 35.54 13.57 8.53
CA THR E 275 35.72 13.66 7.08
C THR E 275 36.97 14.41 6.71
N TRP E 276 37.44 15.30 7.58
CA TRP E 276 38.81 15.78 7.49
C TRP E 276 39.78 14.62 7.41
N GLN E 277 39.76 13.76 8.43
CA GLN E 277 40.74 12.68 8.51
C GLN E 277 40.63 11.72 7.33
N LYS E 278 39.46 11.13 7.15
CA LYS E 278 39.32 10.16 6.07
C LYS E 278 39.76 10.73 4.73
N GLY E 279 39.68 12.04 4.57
CA GLY E 279 40.08 12.67 3.33
C GLY E 279 41.53 13.11 3.31
N ILE E 280 42.37 12.43 4.09
CA ILE E 280 43.78 12.78 4.14
C ILE E 280 44.62 11.82 3.31
N THR E 281 43.98 11.05 2.41
CA THR E 281 44.66 9.94 1.76
C THR E 281 45.92 10.40 1.05
N ASN E 282 45.78 11.18 0.00
CA ASN E 282 46.82 12.13 -0.37
C ASN E 282 46.42 13.45 0.27
N HIS E 283 47.01 14.56 -0.17
CA HIS E 283 46.99 15.82 0.57
C HIS E 283 47.85 15.71 1.82
N LEU E 284 49.01 15.10 1.69
CA LEU E 284 49.97 15.12 2.79
C LEU E 284 50.90 16.31 2.61
N VAL E 285 51.50 16.72 3.72
CA VAL E 285 52.30 17.94 3.72
C VAL E 285 53.47 17.72 4.66
N ALA E 286 54.62 18.24 4.29
CA ALA E 286 55.80 18.11 5.13
C ALA E 286 55.57 18.93 6.38
N ILE E 287 55.27 18.27 7.50
CA ILE E 287 55.05 18.99 8.74
C ILE E 287 56.33 19.20 9.53
N ASP E 288 57.40 18.52 9.14
CA ASP E 288 58.66 18.63 9.86
C ASP E 288 59.76 18.10 8.95
N ARG E 289 60.92 18.74 9.00
CA ARG E 289 61.97 18.38 8.06
C ARG E 289 63.33 18.64 8.69
N ALA E 290 64.32 17.92 8.18
CA ALA E 290 65.69 18.04 8.65
C ALA E 290 66.62 17.65 7.52
N GLY E 291 67.74 18.37 7.41
CA GLY E 291 68.68 18.10 6.36
C GLY E 291 70.07 18.54 6.77
N LEU E 292 70.92 18.72 5.78
CA LEU E 292 72.31 19.05 5.99
C LEU E 292 72.68 20.28 5.18
N PRO E 293 73.76 20.97 5.54
CA PRO E 293 74.22 22.08 4.70
C PRO E 293 74.75 21.54 3.38
N LEU E 294 74.40 22.23 2.30
CA LEU E 294 74.65 21.65 0.98
C LEU E 294 76.13 21.50 0.69
N HIS E 295 76.97 22.35 1.30
CA HIS E 295 78.40 22.19 1.11
C HIS E 295 78.85 20.79 1.51
N PHE E 296 78.12 20.17 2.44
CA PHE E 296 78.42 18.80 2.83
C PHE E 296 78.24 17.83 1.67
N PHE E 297 77.34 18.14 0.74
CA PHE E 297 77.05 17.23 -0.35
C PHE E 297 77.97 17.43 -1.54
N ILE E 298 78.87 18.40 -1.48
CA ILE E 298 79.82 18.64 -2.56
C ILE E 298 81.11 17.93 -2.16
N LYS E 299 81.20 16.65 -2.51
CA LYS E 299 82.32 15.81 -2.17
C LYS E 299 82.65 14.92 -3.36
N PRO E 300 83.92 14.55 -3.53
CA PRO E 300 84.30 13.84 -4.75
C PRO E 300 83.57 12.53 -4.96
N ASP E 301 83.15 11.86 -3.89
CA ASP E 301 82.40 10.62 -4.07
C ASP E 301 81.02 10.92 -4.66
N LYS E 302 80.30 11.88 -4.06
CA LYS E 302 79.00 12.26 -4.59
C LYS E 302 79.11 12.93 -5.95
N LEU E 303 80.26 13.34 -6.32
CA LEU E 303 80.36 13.93 -7.65
C LEU E 303 80.93 12.92 -8.64
N PRO E 304 80.55 13.03 -9.90
CA PRO E 304 81.13 12.14 -10.92
C PRO E 304 82.59 12.47 -11.17
N GLY E 305 83.19 11.82 -12.15
CA GLY E 305 84.60 12.01 -12.44
C GLY E 305 85.00 13.47 -12.55
N LEU E 306 85.80 13.91 -11.59
CA LEU E 306 86.27 15.30 -11.54
C LEU E 306 87.54 15.32 -10.71
N PRO E 307 88.39 16.34 -10.89
CA PRO E 307 89.66 16.37 -10.17
C PRO E 307 89.46 16.52 -8.67
N GLY E 308 90.20 15.72 -7.90
CA GLY E 308 90.05 15.65 -6.47
C GLY E 308 90.14 17.00 -5.78
N PRO E 309 91.34 17.60 -5.78
CA PRO E 309 91.49 18.88 -5.06
C PRO E 309 90.61 19.98 -5.61
N LEU E 310 90.24 19.90 -6.89
CA LEU E 310 89.36 20.92 -7.45
C LEU E 310 87.98 20.89 -6.80
N VAL E 311 87.51 19.71 -6.42
CA VAL E 311 86.22 19.69 -5.74
C VAL E 311 86.35 20.24 -4.33
N LYS E 312 87.53 20.12 -3.73
CA LYS E 312 87.78 20.81 -2.46
C LYS E 312 87.68 22.31 -2.65
N LYS E 313 88.35 22.83 -3.68
CA LYS E 313 88.22 24.23 -4.04
C LYS E 313 86.76 24.62 -4.20
N LEU E 314 86.01 23.81 -4.95
CA LEU E 314 84.63 24.12 -5.24
C LEU E 314 83.79 24.16 -3.98
N SER E 315 83.98 23.17 -3.10
CA SER E 315 83.24 23.13 -1.85
C SER E 315 83.55 24.36 -1.01
N LYS E 316 84.82 24.75 -0.93
CA LYS E 316 85.16 25.93 -0.17
C LYS E 316 84.51 27.18 -0.76
N THR E 317 84.51 27.29 -2.08
CA THR E 317 83.90 28.45 -2.72
C THR E 317 82.42 28.52 -2.45
N VAL E 318 81.72 27.40 -2.64
CA VAL E 318 80.28 27.37 -2.37
C VAL E 318 80.00 27.72 -0.93
N GLU E 319 80.78 27.15 -0.01
CA GLU E 319 80.57 27.40 1.41
C GLU E 319 80.78 28.87 1.75
N THR E 320 81.83 29.47 1.19
CA THR E 320 82.07 30.89 1.43
C THR E 320 80.96 31.74 0.84
N ALA E 321 80.45 31.36 -0.33
CA ALA E 321 79.31 32.08 -0.90
C ALA E 321 78.12 32.01 0.04
N VAL E 322 77.85 30.83 0.60
CA VAL E 322 76.80 30.69 1.59
C VAL E 322 77.04 31.66 2.75
N ARG E 323 78.19 31.51 3.39
CA ARG E 323 78.64 32.38 4.47
C ARG E 323 78.31 33.84 4.19
N HIS E 324 78.76 34.32 3.03
CA HIS E 324 78.42 35.66 2.59
C HIS E 324 76.91 35.87 2.63
N TYR E 325 76.17 35.05 1.89
CA TYR E 325 74.72 35.19 1.84
C TYR E 325 74.09 34.97 3.21
N TYR E 326 74.79 34.30 4.11
CA TYR E 326 74.19 33.95 5.39
C TYR E 326 74.25 35.12 6.37
N THR E 327 75.46 35.60 6.67
CA THR E 327 75.63 36.65 7.68
C THR E 327 74.92 37.93 7.26
N PHE E 328 75.41 38.57 6.21
CA PHE E 328 74.78 39.70 5.58
C PHE E 328 74.26 39.25 4.22
N ASN E 329 73.79 40.21 3.42
CA ASN E 329 73.28 39.90 2.09
C ASN E 329 74.44 39.93 1.09
N THR E 330 75.48 39.14 1.39
CA THR E 330 76.58 38.82 0.47
C THR E 330 77.01 39.99 -0.42
N HIS E 331 77.21 41.16 0.17
CA HIS E 331 77.37 42.40 -0.56
C HIS E 331 78.80 42.62 -1.02
N PRO E 332 79.13 42.48 -2.31
CA PRO E 332 80.39 43.03 -2.82
C PRO E 332 80.35 44.54 -2.86
N GLY E 333 79.32 45.11 -3.50
CA GLY E 333 79.23 46.56 -3.61
C GLY E 333 77.97 47.26 -3.14
N CYS E 334 76.81 46.58 -3.21
CA CYS E 334 75.53 47.25 -2.94
C CYS E 334 74.34 46.31 -3.00
N THR E 335 73.18 46.79 -2.57
CA THR E 335 71.92 46.09 -2.82
C THR E 335 71.54 46.27 -4.29
N ASN E 336 71.24 45.16 -4.96
CA ASN E 336 71.24 45.28 -6.42
C ASN E 336 69.88 45.08 -7.07
N VAL E 337 69.14 44.03 -6.72
CA VAL E 337 67.94 43.71 -7.51
C VAL E 337 66.79 44.65 -7.17
N ASP E 338 66.71 45.12 -5.93
CA ASP E 338 65.67 46.05 -5.54
C ASP E 338 65.95 47.40 -6.19
N SER E 339 65.00 47.90 -7.00
CA SER E 339 65.15 49.12 -7.76
C SER E 339 66.45 49.07 -8.56
N PRO E 340 66.49 48.32 -9.67
CA PRO E 340 67.79 48.05 -10.31
C PRO E 340 68.40 49.27 -10.99
N ASN E 341 67.82 50.45 -10.76
CA ASN E 341 68.26 51.67 -11.43
C ASN E 341 69.71 52.06 -11.14
N PHE E 342 70.03 52.40 -9.89
CA PHE E 342 71.33 52.97 -9.56
C PHE E 342 72.21 52.02 -8.76
N ASN E 343 72.07 50.72 -8.96
CA ASN E 343 72.75 49.72 -8.15
C ASN E 343 73.78 48.94 -8.97
N PHE E 344 74.82 48.47 -8.28
CA PHE E 344 75.79 47.56 -8.86
C PHE E 344 75.20 46.16 -8.84
N GLN E 345 74.87 45.64 -10.02
CA GLN E 345 74.00 44.47 -10.13
C GLN E 345 74.68 43.29 -10.83
N ALA E 346 75.99 43.12 -10.62
CA ALA E 346 76.62 41.87 -10.98
C ALA E 346 76.55 40.85 -9.86
N ASN E 347 76.19 41.28 -8.65
CA ASN E 347 75.97 40.41 -7.50
C ASN E 347 74.48 40.12 -7.35
N MET E 348 74.11 39.59 -6.19
CA MET E 348 72.71 39.43 -5.81
C MET E 348 72.52 39.99 -4.40
N ASP E 349 71.51 40.86 -4.26
CA ASP E 349 71.25 41.51 -2.98
C ASP E 349 69.87 42.17 -2.98
N ASP E 350 69.06 41.86 -1.97
CA ASP E 350 67.66 42.29 -1.91
C ASP E 350 67.32 42.84 -0.52
N ASP E 351 68.15 43.76 -0.02
CA ASP E 351 67.96 44.30 1.33
C ASP E 351 66.59 44.93 1.55
N SER E 352 66.32 46.07 0.91
CA SER E 352 65.03 46.75 0.99
C SER E 352 65.01 47.96 0.06
N CYS E 353 63.84 48.57 -0.12
CA CYS E 353 63.64 49.61 -1.14
C CYS E 353 63.25 50.95 -0.57
N ASP E 354 62.44 50.98 0.49
CA ASP E 354 61.87 52.24 0.98
C ASP E 354 62.85 53.08 1.81
N ALA E 355 64.14 52.82 1.69
CA ALA E 355 65.14 53.56 2.46
C ALA E 355 65.16 55.02 1.99
N LYS E 356 64.98 55.95 2.93
CA LYS E 356 65.14 57.37 2.67
C LYS E 356 66.04 58.06 3.69
N VAL E 357 66.32 57.41 4.82
CA VAL E 357 67.16 57.99 5.86
C VAL E 357 68.38 57.10 6.07
N THR E 358 69.44 57.69 6.63
CA THR E 358 70.62 56.97 7.04
C THR E 358 70.86 57.08 8.54
N ASN E 359 69.81 57.23 9.35
CA ASN E 359 69.94 57.46 10.77
C ASN E 359 70.43 56.20 11.48
N PHE E 360 70.70 56.33 12.78
CA PHE E 360 71.42 55.30 13.51
C PHE E 360 70.44 54.36 14.21
N THR E 361 70.99 53.41 14.96
CA THR E 361 70.19 52.42 15.67
C THR E 361 69.49 53.05 16.88
N PHE E 362 68.26 53.52 16.65
CA PHE E 362 67.51 54.23 17.67
C PHE E 362 66.47 53.30 18.30
N GLY E 363 66.97 52.43 19.17
CA GLY E 363 66.13 51.44 19.83
C GLY E 363 65.31 52.02 20.96
N GLY E 364 64.63 51.12 21.68
CA GLY E 364 63.82 51.51 22.82
C GLY E 364 62.35 51.68 22.54
N VAL E 365 61.51 51.46 23.55
CA VAL E 365 60.06 51.59 23.42
C VAL E 365 59.47 52.06 24.75
N TYR E 366 58.71 53.16 24.71
CA TYR E 366 58.31 53.82 25.94
C TYR E 366 57.08 54.69 25.70
N GLN E 367 56.37 55.00 26.78
CA GLN E 367 55.12 55.74 26.71
C GLN E 367 54.72 56.19 28.11
N GLU E 368 53.48 56.68 28.23
CA GLU E 368 52.91 57.12 29.50
C GLU E 368 51.39 57.06 29.40
N CYS E 369 50.77 56.28 30.28
CA CYS E 369 49.31 56.14 30.33
C CYS E 369 48.78 56.93 31.52
N THR E 370 48.31 58.14 31.23
CA THR E 370 47.79 59.00 32.29
C THR E 370 46.27 58.92 32.36
N GLU E 371 45.76 58.82 33.58
CA GLU E 371 44.33 58.74 33.84
C GLU E 371 43.77 60.15 34.04
N LEU E 372 42.63 60.43 33.39
CA LEU E 372 41.94 61.69 33.64
C LEU E 372 40.81 61.55 34.64
N SER E 373 40.05 60.46 34.59
CA SER E 373 38.96 60.23 35.53
C SER E 373 38.59 58.77 35.53
N GLY E 374 38.15 58.26 36.68
CA GLY E 374 37.85 56.85 36.83
C GLY E 374 39.10 56.00 36.77
N ASP E 375 38.96 54.68 36.97
CA ASP E 375 40.08 53.74 36.85
C ASP E 375 39.63 52.58 35.96
N VAL E 376 39.72 52.77 34.65
CA VAL E 376 39.38 51.71 33.70
C VAL E 376 40.51 51.57 32.67
N LEU E 377 40.83 52.67 32.00
CA LEU E 377 41.67 52.61 30.81
C LEU E 377 43.15 52.47 31.14
N CYS E 378 43.56 52.80 32.37
CA CYS E 378 44.96 52.66 32.74
C CYS E 378 45.43 51.21 32.74
N GLN E 379 44.52 50.27 33.00
CA GLN E 379 44.94 48.87 33.16
C GLN E 379 45.29 48.24 31.83
N ASN E 380 44.71 48.73 30.72
CA ASN E 380 44.95 48.14 29.42
C ASN E 380 45.74 49.04 28.47
N LEU E 381 45.76 50.34 28.68
CA LEU E 381 46.61 51.22 27.89
C LEU E 381 47.98 51.42 28.50
N GLU E 382 48.40 50.53 29.39
CA GLU E 382 49.72 50.64 30.02
C GLU E 382 50.76 49.89 29.19
N GLN E 383 51.34 50.55 28.21
CA GLN E 383 52.29 49.92 27.29
C GLN E 383 53.72 50.11 27.77
N LYS E 384 53.95 49.73 29.03
CA LYS E 384 55.17 50.12 29.72
C LYS E 384 56.40 49.64 28.98
N ASN E 385 57.52 50.30 29.24
CA ASN E 385 58.78 50.01 28.57
C ASN E 385 59.20 48.58 28.86
N LEU E 386 59.76 47.90 27.86
CA LEU E 386 60.32 46.58 28.06
C LEU E 386 61.79 46.62 28.42
N LEU E 387 62.56 47.59 27.90
CA LEU E 387 64.00 47.56 28.07
C LEU E 387 64.42 47.82 29.51
N THR E 388 63.48 48.24 30.36
CA THR E 388 63.78 48.55 31.76
C THR E 388 62.90 47.82 32.76
N GLY E 389 61.78 47.25 32.34
CA GLY E 389 60.87 46.60 33.25
C GLY E 389 59.90 47.52 33.94
N ASP E 390 59.93 48.82 33.63
CA ASP E 390 59.03 49.80 34.21
C ASP E 390 59.04 51.02 33.30
N PHE E 391 58.43 52.11 33.79
CA PHE E 391 58.35 53.35 33.02
C PHE E 391 59.69 54.07 33.10
N SER E 392 60.57 53.75 32.15
CA SER E 392 61.86 54.41 32.03
C SER E 392 62.39 54.17 30.63
N CYS E 393 63.38 54.97 30.24
CA CYS E 393 64.15 54.67 29.05
C CYS E 393 65.37 53.83 29.44
N PRO E 394 65.99 53.13 28.49
CA PRO E 394 67.23 52.43 28.78
C PRO E 394 68.41 53.40 28.80
N PRO E 395 69.46 53.07 29.53
CA PRO E 395 70.63 53.95 29.58
C PRO E 395 71.23 54.17 28.19
N GLY E 396 71.57 55.43 27.90
CA GLY E 396 72.04 55.81 26.59
C GLY E 396 70.95 56.20 25.62
N TYR E 397 69.69 56.23 26.06
CA TYR E 397 68.57 56.57 25.21
C TYR E 397 67.78 57.70 25.86
N SER E 398 66.89 58.30 25.08
CA SER E 398 66.12 59.43 25.59
C SER E 398 64.63 59.20 25.38
N PRO E 399 63.84 59.23 26.45
CA PRO E 399 62.40 59.00 26.33
C PRO E 399 61.67 60.25 25.89
N VAL E 400 61.91 60.65 24.65
CA VAL E 400 61.33 61.88 24.12
C VAL E 400 59.88 61.62 23.70
N HIS E 401 59.01 62.58 24.01
CA HIS E 401 57.58 62.38 23.95
C HIS E 401 57.06 62.17 22.54
N LEU E 402 56.62 60.95 22.22
CA LEU E 402 56.13 60.64 20.89
C LEU E 402 54.85 61.41 20.58
N LEU E 403 53.79 61.18 21.36
CA LEU E 403 52.53 61.88 21.14
C LEU E 403 51.64 61.75 22.36
N SER E 404 50.91 62.82 22.68
CA SER E 404 49.89 62.80 23.72
C SER E 404 48.52 62.73 23.09
N GLN E 405 47.60 62.03 23.75
CA GLN E 405 46.26 61.87 23.21
C GLN E 405 45.32 61.47 24.34
N THR E 406 44.04 61.72 24.14
CA THR E 406 43.03 61.45 25.16
C THR E 406 41.85 60.70 24.54
N HIS E 407 41.17 59.92 25.39
CA HIS E 407 40.00 59.16 24.98
C HIS E 407 38.92 59.29 26.04
N GLU E 408 37.69 59.01 25.65
CA GLU E 408 36.54 59.14 26.55
C GLU E 408 35.62 57.95 26.31
N GLU E 409 35.66 56.99 27.22
CA GLU E 409 34.83 55.80 27.12
C GLU E 409 34.05 55.64 28.41
N GLY E 410 32.92 54.95 28.31
CA GLY E 410 32.05 54.75 29.45
C GLY E 410 31.80 53.30 29.72
N TYR E 411 32.00 52.89 30.97
CA TYR E 411 31.70 51.55 31.42
C TYR E 411 30.81 51.62 32.65
N SER E 412 29.72 50.85 32.63
CA SER E 412 28.86 50.71 33.78
C SER E 412 29.60 49.90 34.84
N ARG E 413 30.13 50.57 35.85
CA ARG E 413 31.07 49.96 36.77
C ARG E 413 30.37 48.96 37.67
N LEU E 414 31.14 48.40 38.60
CA LEU E 414 30.64 47.49 39.61
C LEU E 414 30.32 48.26 40.89
N GLU E 415 29.21 47.89 41.54
CA GLU E 415 28.84 48.55 42.78
C GLU E 415 28.03 47.59 43.63
N CYS E 416 28.65 47.00 44.64
CA CYS E 416 27.99 46.12 45.60
C CYS E 416 28.29 46.70 46.98
N LYS E 417 27.46 47.63 47.43
CA LYS E 417 27.67 48.37 48.65
C LYS E 417 26.52 48.13 49.61
N LYS E 418 26.84 48.07 50.90
CA LYS E 418 25.85 47.92 51.96
C LYS E 418 25.57 49.27 52.59
N LYS E 419 24.30 49.53 52.88
CA LYS E 419 23.88 50.79 53.47
C LYS E 419 23.01 50.52 54.69
N CYS E 420 23.37 51.12 55.82
CA CYS E 420 22.57 51.04 57.03
C CYS E 420 21.40 52.00 56.94
N THR E 421 20.25 51.59 57.49
CA THR E 421 19.07 52.46 57.49
C THR E 421 19.14 53.45 58.66
N LEU E 422 19.12 52.94 59.88
CA LEU E 422 19.24 53.78 61.08
C LEU E 422 20.18 53.13 62.09
N LYS E 423 21.31 52.62 61.61
CA LYS E 423 22.38 51.99 62.37
C LYS E 423 21.96 50.68 63.03
N ILE E 424 20.70 50.28 62.90
CA ILE E 424 20.24 49.02 63.49
C ILE E 424 20.31 47.94 62.42
N PHE E 425 19.64 48.16 61.31
CA PHE E 425 19.71 47.24 60.19
C PHE E 425 20.39 47.90 59.00
N CYS E 426 20.93 47.07 58.12
CA CYS E 426 21.61 47.54 56.94
C CYS E 426 21.11 46.75 55.74
N LYS E 427 21.05 47.41 54.60
CA LYS E 427 20.70 46.80 53.33
C LYS E 427 21.88 46.95 52.38
N THR E 428 22.03 45.98 51.48
CA THR E 428 23.05 46.06 50.44
C THR E 428 22.35 46.48 49.16
N VAL E 429 22.61 47.71 48.73
CA VAL E 429 21.95 48.28 47.55
C VAL E 429 22.92 48.16 46.38
N CYS E 430 22.87 47.03 45.69
CA CYS E 430 23.69 46.84 44.52
C CYS E 430 23.08 47.60 43.37
N GLU E 431 23.77 48.62 42.86
CA GLU E 431 23.23 49.44 41.79
C GLU E 431 24.40 49.98 40.98
N ASP E 432 24.68 49.33 39.85
CA ASP E 432 25.82 49.66 39.01
C ASP E 432 25.54 50.97 38.27
N VAL E 433 26.54 51.85 38.24
CA VAL E 433 26.35 53.22 37.80
C VAL E 433 27.19 53.49 36.56
N PHE E 434 26.66 54.35 35.70
CA PHE E 434 27.39 54.84 34.54
C PHE E 434 28.58 55.69 34.98
N ARG E 435 29.60 55.74 34.12
CA ARG E 435 30.75 56.59 34.37
C ARG E 435 31.55 56.72 33.08
N VAL E 436 31.76 57.94 32.61
CA VAL E 436 32.67 58.22 31.50
C VAL E 436 34.06 58.36 32.09
N ALA E 437 34.87 57.33 31.95
CA ALA E 437 36.27 57.45 32.30
C ALA E 437 37.04 58.09 31.15
N LYS E 438 38.18 58.68 31.46
CA LYS E 438 39.05 59.26 30.45
C LYS E 438 40.50 58.99 30.84
N ALA E 439 41.32 58.73 29.83
CA ALA E 439 42.75 58.57 30.01
C ALA E 439 43.48 59.38 28.95
N GLU E 440 44.57 60.02 29.34
CA GLU E 440 45.40 60.78 28.42
C GLU E 440 46.60 59.91 28.06
N PHE E 441 46.59 59.40 26.84
CA PHE E 441 47.65 58.51 26.34
C PHE E 441 48.84 59.35 25.90
N ARG E 442 49.94 59.24 26.62
CA ARG E 442 51.17 59.97 26.32
C ARG E 442 52.20 58.96 25.83
N ALA E 443 52.46 58.96 24.53
CA ALA E 443 53.50 58.11 23.98
C ALA E 443 54.83 58.86 24.01
N TYR E 444 55.89 58.14 24.38
CA TYR E 444 57.22 58.74 24.52
C TYR E 444 58.19 57.88 23.72
N TRP E 445 58.45 58.29 22.48
CA TRP E 445 59.33 57.52 21.63
C TRP E 445 60.74 57.47 22.22
N CYS E 446 61.28 56.27 22.32
CA CYS E 446 62.61 56.07 22.87
C CYS E 446 63.62 56.05 21.74
N VAL E 447 64.64 56.90 21.85
CA VAL E 447 65.67 57.04 20.82
C VAL E 447 67.02 57.16 21.51
N ALA E 448 68.04 56.57 20.89
CA ALA E 448 69.38 56.64 21.45
C ALA E 448 69.89 58.08 21.43
N ALA E 449 70.69 58.42 22.45
CA ALA E 449 71.28 59.75 22.53
C ALA E 449 72.47 59.87 21.58
N GLY E 450 73.42 58.95 21.69
CA GLY E 450 74.60 58.97 20.84
C GLY E 450 75.02 57.59 20.39
N GLN E 451 76.34 57.36 20.35
CA GLN E 451 76.86 56.06 19.95
C GLN E 451 76.47 55.00 20.98
N VAL E 452 75.95 53.88 20.51
CA VAL E 452 75.42 52.85 21.41
C VAL E 452 76.49 51.83 21.71
N PRO E 453 76.60 51.34 22.95
CA PRO E 453 77.37 50.11 23.21
C PRO E 453 76.54 48.90 22.82
N ASP E 454 77.13 48.01 22.02
CA ASP E 454 76.38 46.88 21.50
C ASP E 454 75.95 45.90 22.58
N ASN E 455 76.47 46.04 23.80
CA ASN E 455 76.05 45.17 24.89
C ASN E 455 74.60 45.44 25.29
N SER E 456 74.17 46.70 25.26
CA SER E 456 72.82 47.06 25.69
C SER E 456 72.18 48.04 24.71
N GLY E 457 72.53 47.91 23.43
CA GLY E 457 71.90 48.71 22.38
C GLY E 457 71.36 47.82 21.29
N LEU E 458 70.05 47.84 21.08
CA LEU E 458 69.40 46.88 20.21
C LEU E 458 68.63 47.57 19.10
N LEU E 459 68.44 46.83 18.00
CA LEU E 459 67.67 47.24 16.83
C LEU E 459 66.38 46.44 16.76
N PHE E 460 65.36 47.03 16.12
CA PHE E 460 64.03 46.46 16.15
C PHE E 460 63.36 46.73 14.80
N GLY E 461 62.03 46.57 14.77
CA GLY E 461 61.27 46.85 13.57
C GLY E 461 59.91 46.18 13.54
N GLY E 462 58.94 46.81 12.88
CA GLY E 462 57.62 46.23 12.71
C GLY E 462 56.51 47.00 13.41
N VAL E 463 55.69 47.70 12.64
CA VAL E 463 54.61 48.53 13.17
C VAL E 463 53.39 48.39 12.28
N PHE E 464 52.21 48.30 12.91
CA PHE E 464 50.95 48.12 12.18
C PHE E 464 49.81 48.23 13.16
N THR E 465 48.62 48.50 12.63
CA THR E 465 47.40 48.51 13.43
C THR E 465 46.56 47.29 13.07
N ASP E 466 45.41 47.17 13.75
CA ASP E 466 44.45 46.14 13.37
C ASP E 466 43.83 46.42 12.01
N LYS E 467 43.83 47.68 11.58
CA LYS E 467 43.26 48.07 10.30
C LYS E 467 44.30 48.29 9.21
N THR E 468 45.42 48.91 9.55
CA THR E 468 46.51 49.10 8.60
C THR E 468 47.38 47.86 8.54
N ILE E 469 47.65 47.40 7.33
CA ILE E 469 48.45 46.21 7.12
C ILE E 469 49.90 46.50 7.49
N ASN E 470 50.63 45.45 7.88
CA ASN E 470 52.05 45.57 8.17
C ASN E 470 52.84 45.26 6.90
N PRO E 471 53.29 46.26 6.14
CA PRO E 471 54.08 45.96 4.94
C PRO E 471 55.43 45.37 5.25
N MET E 472 55.93 45.57 6.48
CA MET E 472 57.08 44.83 6.96
C MET E 472 56.92 43.33 6.73
N THR E 473 55.85 42.75 7.24
CA THR E 473 55.61 41.32 7.10
C THR E 473 54.50 41.01 6.10
N ASN E 474 53.85 42.03 5.54
CA ASN E 474 52.69 41.83 4.65
C ASN E 474 51.59 41.04 5.34
N ALA E 475 51.34 41.35 6.60
CA ALA E 475 50.32 40.63 7.38
C ALA E 475 49.75 41.60 8.41
N GLN E 476 48.98 41.06 9.35
CA GLN E 476 48.40 41.83 10.46
C GLN E 476 48.80 41.26 11.80
N SER E 477 50.02 40.70 11.88
CA SER E 477 50.50 40.07 13.10
C SER E 477 51.99 40.35 13.23
N CYS E 478 52.61 39.70 14.18
CA CYS E 478 54.03 39.86 14.40
C CYS E 478 54.82 38.81 13.63
N PRO E 479 55.91 39.21 12.98
CA PRO E 479 56.81 38.22 12.38
C PRO E 479 57.50 37.39 13.45
N ALA E 480 58.07 36.27 13.02
CA ALA E 480 58.68 35.34 13.95
C ALA E 480 59.84 36.00 14.69
N GLY E 481 59.91 35.73 16.00
CA GLY E 481 60.91 36.37 16.83
C GLY E 481 60.59 37.80 17.20
N TYR E 482 59.32 38.16 17.30
CA TYR E 482 58.90 39.52 17.60
C TYR E 482 57.77 39.49 18.62
N ILE E 483 57.94 40.22 19.71
CA ILE E 483 56.83 40.53 20.60
C ILE E 483 56.13 41.75 20.01
N PRO E 484 54.84 41.70 19.77
CA PRO E 484 54.15 42.93 19.35
C PRO E 484 53.89 43.83 20.54
N LEU E 485 54.67 44.89 20.66
CA LEU E 485 54.54 45.83 21.77
C LEU E 485 53.49 46.87 21.38
N ASN E 486 52.35 46.83 22.07
CA ASN E 486 51.19 47.63 21.67
C ASN E 486 51.32 49.07 22.17
N LEU E 487 52.46 49.68 21.86
CA LEU E 487 52.79 51.01 22.34
C LEU E 487 51.67 52.02 22.14
N PHE E 488 50.94 51.94 21.05
CA PHE E 488 50.01 53.00 20.69
C PHE E 488 48.57 52.57 20.95
N GLU E 489 47.62 53.43 20.55
CA GLU E 489 46.21 53.09 20.66
C GLU E 489 45.89 51.78 19.97
N SER E 490 46.36 51.60 18.74
CA SER E 490 46.13 50.37 17.99
C SER E 490 47.39 49.78 17.37
N LEU E 491 48.53 50.43 17.48
CA LEU E 491 49.77 49.90 16.94
C LEU E 491 50.27 48.77 17.83
N LYS E 492 50.90 47.78 17.22
CA LYS E 492 51.59 46.73 17.95
C LYS E 492 53.03 46.74 17.42
N VAL E 493 53.86 47.58 18.02
CA VAL E 493 55.22 47.77 17.53
C VAL E 493 56.02 46.51 17.83
N CYS E 494 56.30 45.74 16.79
CA CYS E 494 57.05 44.51 16.91
C CYS E 494 58.48 44.81 17.33
N VAL E 495 59.06 43.92 18.14
CA VAL E 495 60.38 44.12 18.69
C VAL E 495 61.32 43.05 18.13
N SER E 496 62.46 43.49 17.58
CA SER E 496 63.54 42.56 17.24
C SER E 496 64.42 42.36 18.47
N LEU E 497 63.80 41.78 19.50
CA LEU E 497 64.45 41.59 20.78
C LEU E 497 65.65 40.66 20.69
N ASP E 498 65.78 39.88 19.62
CA ASP E 498 66.90 38.96 19.44
C ASP E 498 67.55 39.19 18.08
N TYR E 499 68.86 38.92 18.04
CA TYR E 499 69.64 39.11 16.82
C TYR E 499 69.22 38.16 15.71
N GLU E 500 68.63 37.02 16.08
CA GLU E 500 68.78 35.79 15.32
C GLU E 500 68.45 35.98 13.84
N LEU E 501 67.19 36.27 13.54
CA LEU E 501 66.83 36.57 12.16
C LEU E 501 66.69 38.08 11.94
N GLY E 502 66.74 38.85 13.01
CA GLY E 502 66.66 40.29 12.89
C GLY E 502 67.81 40.86 12.08
N PHE E 503 69.02 40.32 12.25
CA PHE E 503 70.17 40.84 11.51
C PHE E 503 69.89 40.96 10.02
N LYS E 504 69.10 40.06 9.46
CA LYS E 504 68.73 40.13 8.05
C LYS E 504 67.32 40.61 7.82
N PHE E 505 66.47 40.65 8.86
CA PHE E 505 65.13 41.24 8.76
C PHE E 505 65.01 42.20 9.94
N SER E 506 65.58 43.39 9.80
CA SER E 506 65.51 44.45 10.80
C SER E 506 64.96 45.74 10.24
N VAL E 507 65.52 46.22 9.12
CA VAL E 507 65.17 47.51 8.54
C VAL E 507 65.43 48.59 9.58
N PRO E 508 66.70 48.99 9.77
CA PRO E 508 67.09 49.77 10.96
C PRO E 508 66.45 51.14 11.06
N PHE E 509 65.26 51.16 11.63
CA PHE E 509 64.37 52.30 11.67
C PHE E 509 64.98 53.49 12.43
N GLY E 510 64.22 54.58 12.43
CA GLY E 510 64.41 55.65 13.39
C GLY E 510 63.08 55.99 14.04
N GLY E 511 63.01 57.22 14.58
CA GLY E 511 61.81 57.65 15.25
C GLY E 511 61.28 59.00 14.81
N PHE E 512 59.98 59.24 15.02
CA PHE E 512 59.39 60.50 14.61
C PHE E 512 58.07 60.68 15.36
N PHE E 513 57.85 61.89 15.87
CA PHE E 513 56.64 62.23 16.61
C PHE E 513 55.49 62.43 15.61
N SER E 514 54.39 63.00 16.08
CA SER E 514 53.33 63.36 15.16
C SER E 514 53.71 64.61 14.38
N CYS E 515 52.95 64.89 13.31
CA CYS E 515 53.25 66.06 12.50
C CYS E 515 53.08 67.36 13.27
N ILE E 516 52.29 67.33 14.35
CA ILE E 516 52.18 68.49 15.21
C ILE E 516 53.24 68.47 16.32
N MET E 517 53.57 67.29 16.84
CA MET E 517 54.64 67.14 17.81
C MET E 517 55.99 67.28 17.11
N GLY E 518 57.07 67.18 17.87
CA GLY E 518 58.40 67.44 17.33
C GLY E 518 59.01 66.27 16.58
N ASN E 519 60.26 65.96 16.89
CA ASN E 519 61.02 64.90 16.23
C ASN E 519 62.31 64.68 17.00
N PRO E 520 62.85 63.46 16.97
CA PRO E 520 64.04 63.18 17.79
C PRO E 520 65.37 63.53 17.15
N LEU E 521 65.45 63.56 15.81
CA LEU E 521 66.75 63.65 15.15
C LEU E 521 66.80 64.85 14.21
N VAL E 522 68.01 65.07 13.69
CA VAL E 522 68.30 66.27 12.91
C VAL E 522 68.02 66.02 11.43
N ASN E 523 67.77 67.12 10.71
CA ASN E 523 67.63 67.08 9.26
C ASN E 523 68.82 67.80 8.62
N ALA E 532 69.82 70.58 22.74
CA ALA E 532 69.72 71.90 22.13
C ALA E 532 68.52 71.97 21.19
N PRO E 533 67.33 72.21 21.76
CA PRO E 533 66.12 72.24 20.93
C PRO E 533 66.06 73.47 20.04
N SER E 534 66.33 73.28 18.75
CA SER E 534 66.21 74.33 17.75
C SER E 534 65.43 73.91 16.52
N LEU E 535 65.28 72.61 16.27
CA LEU E 535 64.59 72.12 15.10
C LEU E 535 63.28 71.46 15.48
N LYS E 536 62.28 71.61 14.61
CA LYS E 536 61.01 70.88 14.77
C LYS E 536 60.45 70.61 13.38
N LYS E 537 60.84 69.48 12.79
CA LYS E 537 60.34 68.99 11.53
C LYS E 537 60.99 67.63 11.28
N CYS E 538 60.45 66.90 10.29
CA CYS E 538 60.79 65.50 10.10
C CYS E 538 62.27 65.25 10.33
N PRO E 539 62.63 64.26 11.16
CA PRO E 539 64.03 64.09 11.56
C PRO E 539 64.88 63.47 10.46
N GLY E 540 65.39 64.31 9.57
CA GLY E 540 66.14 63.83 8.43
C GLY E 540 65.25 63.70 7.21
N GLY E 541 65.36 62.59 6.50
CA GLY E 541 64.51 62.35 5.36
C GLY E 541 63.28 61.56 5.73
N PHE E 542 63.08 60.43 5.04
CA PHE E 542 61.91 59.57 5.22
C PHE E 542 60.62 60.36 5.06
N SER E 543 60.37 60.73 3.80
CA SER E 543 59.15 61.43 3.42
C SER E 543 57.92 60.66 3.90
N GLN E 544 56.75 61.27 3.78
CA GLN E 544 55.60 60.89 4.59
C GLN E 544 55.15 59.48 4.20
N HIS E 545 55.80 58.50 4.81
CA HIS E 545 55.42 57.10 4.69
C HIS E 545 54.47 56.77 5.84
N LEU E 546 53.16 56.83 5.56
CA LEU E 546 52.17 56.73 6.62
C LEU E 546 52.30 55.43 7.40
N ALA E 547 52.04 55.51 8.70
CA ALA E 547 51.92 54.35 9.55
C ALA E 547 50.58 54.28 10.26
N VAL E 548 50.08 55.43 10.74
CA VAL E 548 48.80 55.49 11.45
C VAL E 548 48.38 56.94 11.56
N ILE E 549 47.07 57.20 11.55
CA ILE E 549 46.55 58.52 11.82
C ILE E 549 45.93 58.49 13.22
N SER E 550 46.10 59.60 13.95
CA SER E 550 45.47 59.76 15.26
C SER E 550 44.74 61.09 15.26
N ASP E 551 43.41 61.03 15.17
CA ASP E 551 42.51 62.19 15.17
C ASP E 551 43.06 63.37 14.39
N GLY E 552 43.59 63.11 13.18
CA GLY E 552 44.02 64.19 12.32
C GLY E 552 45.51 64.23 12.06
N CYS E 553 46.32 63.98 13.09
CA CYS E 553 47.76 63.98 12.94
C CYS E 553 48.22 62.60 12.48
N GLN E 554 49.20 62.58 11.58
CA GLN E 554 49.78 61.33 11.11
C GLN E 554 51.06 61.03 11.89
N VAL E 555 51.23 59.75 12.24
CA VAL E 555 52.39 59.30 13.00
C VAL E 555 53.26 58.45 12.09
N SER E 556 54.46 58.93 11.81
CA SER E 556 55.39 58.23 10.92
C SER E 556 56.73 58.06 11.63
N TYR E 557 57.76 57.65 10.88
CA TYR E 557 59.07 57.39 11.46
C TYR E 557 60.14 57.90 10.51
N CYS E 558 61.38 57.45 10.74
CA CYS E 558 62.47 57.55 9.76
C CYS E 558 63.09 56.17 9.71
N VAL E 559 62.51 55.29 8.90
CA VAL E 559 62.90 53.88 8.90
C VAL E 559 63.97 53.67 7.84
N LYS E 560 65.22 53.57 8.28
CA LYS E 560 66.34 53.28 7.40
C LYS E 560 66.33 51.81 7.06
N ALA E 561 66.83 51.47 5.87
CA ALA E 561 66.80 50.12 5.35
C ALA E 561 68.21 49.67 4.94
N GLY E 562 69.18 49.89 5.81
CA GLY E 562 70.57 49.63 5.48
C GLY E 562 70.95 48.16 5.43
N ILE E 563 72.16 47.84 5.89
CA ILE E 563 72.71 46.51 5.74
C ILE E 563 71.98 45.48 6.60
N THR F 13 54.41 23.22 -28.06
CA THR F 13 54.15 23.68 -26.70
C THR F 13 52.68 23.49 -26.35
N GLY F 14 52.04 22.53 -27.01
CA GLY F 14 50.62 22.28 -26.83
C GLY F 14 50.43 21.20 -25.78
N PHE F 15 50.00 21.60 -24.59
CA PHE F 15 49.74 20.61 -23.55
C PHE F 15 48.56 19.72 -23.86
N GLN F 16 47.80 20.03 -24.91
CA GLN F 16 46.59 19.27 -25.19
C GLN F 16 46.88 17.80 -25.43
N ILE F 17 48.08 17.46 -25.86
CA ILE F 17 48.39 16.07 -26.18
C ILE F 17 48.21 15.19 -24.96
N CYS F 18 48.82 15.56 -23.84
CA CYS F 18 48.76 14.67 -22.70
C CYS F 18 47.66 15.04 -21.72
N LYS F 19 47.20 16.30 -21.74
CA LYS F 19 45.90 16.58 -21.16
C LYS F 19 44.85 15.68 -21.77
N ASN F 20 45.07 15.23 -23.00
CA ASN F 20 44.20 14.25 -23.63
C ASN F 20 44.59 12.83 -23.22
N ALA F 21 45.88 12.54 -23.14
CA ALA F 21 46.32 11.22 -22.71
C ALA F 21 45.78 10.89 -21.32
N LEU F 22 46.23 11.64 -20.33
CA LEU F 22 45.71 11.52 -18.97
C LEU F 22 44.79 12.70 -18.70
N LYS F 23 43.68 12.44 -18.02
CA LYS F 23 42.55 13.36 -18.07
C LYS F 23 42.64 14.50 -17.07
N LEU F 24 43.80 14.80 -16.54
CA LEU F 24 43.83 15.83 -15.52
C LEU F 24 43.82 17.22 -16.14
N PRO F 25 43.37 18.23 -15.40
CA PRO F 25 43.39 19.60 -15.90
C PRO F 25 44.71 20.29 -15.59
N VAL F 26 45.16 21.10 -16.54
CA VAL F 26 46.43 21.79 -16.37
C VAL F 26 46.29 22.85 -15.29
N LEU F 27 47.35 23.00 -14.49
CA LEU F 27 47.38 24.08 -13.52
C LEU F 27 47.24 25.42 -14.23
N GLU F 28 46.57 26.36 -13.58
CA GLU F 28 46.34 27.65 -14.22
C GLU F 28 47.46 28.64 -13.94
N VAL F 29 47.86 28.74 -12.70
CA VAL F 29 48.90 29.70 -12.33
C VAL F 29 50.24 29.13 -12.74
N LEU F 30 51.08 29.96 -13.34
CA LEU F 30 52.37 29.49 -13.81
C LEU F 30 53.38 30.60 -13.64
N PRO F 31 54.57 30.29 -13.20
CA PRO F 31 55.54 31.33 -12.88
C PRO F 31 56.26 31.91 -14.08
N GLY F 32 56.51 31.10 -15.09
CA GLY F 32 57.35 31.57 -16.18
C GLY F 32 56.66 32.60 -17.04
N GLY F 33 56.42 33.78 -16.47
CA GLY F 33 55.74 34.82 -17.20
C GLY F 33 56.07 36.20 -16.68
N GLY F 34 56.42 37.11 -17.59
CA GLY F 34 56.76 38.45 -17.20
C GLY F 34 55.64 39.14 -16.44
N TRP F 35 55.99 40.24 -15.79
CA TRP F 35 55.08 40.86 -14.85
C TRP F 35 55.46 42.33 -14.69
N ASP F 36 54.52 43.23 -15.00
CA ASP F 36 54.77 44.66 -14.84
C ASP F 36 54.62 45.00 -13.38
N ASN F 37 55.69 45.52 -12.77
CA ASN F 37 55.64 45.88 -11.37
C ASN F 37 54.99 47.24 -11.15
N LEU F 38 54.94 48.08 -12.18
CA LEU F 38 54.32 49.39 -12.00
C LEU F 38 52.80 49.31 -12.13
N ARG F 39 52.32 48.92 -13.31
CA ARG F 39 50.89 48.69 -13.47
C ARG F 39 50.39 47.57 -12.58
N ASN F 40 51.28 46.66 -12.16
CA ASN F 40 50.94 45.55 -11.28
C ASN F 40 49.97 44.58 -11.95
N VAL F 41 50.39 44.00 -13.07
CA VAL F 41 49.56 43.08 -13.85
C VAL F 41 50.45 42.22 -14.74
N ASP F 42 50.10 40.94 -14.87
CA ASP F 42 50.89 40.01 -15.69
C ASP F 42 51.05 40.55 -17.11
N MET F 43 52.15 40.17 -17.76
CA MET F 43 52.46 40.74 -19.07
C MET F 43 52.64 39.71 -20.17
N GLY F 44 53.38 38.63 -19.95
CA GLY F 44 53.58 37.69 -21.04
C GLY F 44 54.64 36.68 -20.70
N ARG F 45 54.70 35.62 -21.50
CA ARG F 45 55.68 34.57 -21.28
C ARG F 45 57.09 35.14 -21.29
N VAL F 46 57.95 34.61 -20.43
CA VAL F 46 59.36 34.89 -20.55
C VAL F 46 60.13 33.57 -20.58
N MET F 47 59.97 32.77 -19.54
CA MET F 47 60.55 31.43 -19.51
C MET F 47 59.59 30.48 -20.21
N ASP F 48 60.09 29.78 -21.22
CA ASP F 48 59.20 28.95 -22.02
C ASP F 48 58.67 27.80 -21.20
N LEU F 49 57.45 27.37 -21.51
CA LEU F 49 56.78 26.28 -20.82
C LEU F 49 56.42 25.23 -21.85
N THR F 50 57.15 24.13 -21.86
CA THR F 50 56.84 23.01 -22.73
C THR F 50 55.99 22.01 -21.97
N TYR F 51 55.63 20.92 -22.64
CA TYR F 51 54.95 19.83 -21.99
C TYR F 51 55.42 18.49 -22.53
N THR F 52 56.69 18.40 -22.89
CA THR F 52 57.18 17.24 -23.61
C THR F 52 57.05 15.96 -22.80
N ASN F 53 57.85 15.84 -21.74
CA ASN F 53 57.80 14.65 -20.91
C ASN F 53 56.72 14.84 -19.86
N CYS F 54 55.49 15.08 -20.31
CA CYS F 54 54.59 15.96 -19.57
C CYS F 54 54.45 15.51 -18.12
N LYS F 55 54.79 16.41 -17.21
CA LYS F 55 54.85 16.16 -15.80
C LYS F 55 53.44 16.07 -15.25
N THR F 56 53.32 16.01 -13.93
CA THR F 56 52.07 16.13 -13.22
C THR F 56 52.42 16.25 -11.75
N THR F 57 51.60 16.97 -11.01
CA THR F 57 51.84 17.11 -9.59
C THR F 57 51.78 15.75 -8.93
N GLU F 58 52.47 15.63 -7.79
CA GLU F 58 52.58 14.33 -7.14
C GLU F 58 51.21 13.75 -6.83
N ASP F 59 50.40 14.47 -6.07
CA ASP F 59 49.02 14.08 -5.87
C ASP F 59 48.31 14.38 -7.18
N GLY F 60 48.46 13.47 -8.13
CA GLY F 60 48.18 13.84 -9.49
C GLY F 60 46.77 14.32 -9.68
N GLN F 61 46.62 15.64 -9.72
CA GLN F 61 45.39 16.25 -10.18
C GLN F 61 45.68 17.54 -10.93
N TYR F 62 46.85 17.63 -11.55
CA TYR F 62 47.18 18.74 -12.43
C TYR F 62 48.27 18.28 -13.39
N ILE F 63 48.56 19.12 -14.37
CA ILE F 63 49.63 18.85 -15.34
C ILE F 63 50.50 20.10 -15.37
N ILE F 64 51.52 20.13 -14.53
CA ILE F 64 52.42 21.28 -14.55
C ILE F 64 53.24 21.18 -15.83
N PRO F 65 53.75 22.28 -16.35
CA PRO F 65 54.70 22.20 -17.44
C PRO F 65 56.05 21.79 -16.91
N ASP F 66 56.83 21.13 -17.75
CA ASP F 66 58.02 20.47 -17.27
C ASP F 66 59.16 21.43 -17.00
N GLU F 67 58.90 22.71 -16.89
CA GLU F 67 59.88 23.65 -16.40
C GLU F 67 59.52 24.20 -15.03
N VAL F 68 58.56 23.58 -14.34
CA VAL F 68 58.20 24.03 -13.00
C VAL F 68 58.04 22.81 -12.11
N TYR F 69 58.23 23.02 -10.82
CA TYR F 69 58.01 21.99 -9.82
C TYR F 69 57.20 22.59 -8.70
N THR F 70 56.38 21.76 -8.06
CA THR F 70 55.46 22.22 -7.04
C THR F 70 55.81 21.61 -5.70
N ILE F 71 55.39 22.29 -4.64
CA ILE F 71 55.58 21.81 -3.27
C ILE F 71 54.31 22.12 -2.48
N PRO F 72 53.51 21.13 -2.17
CA PRO F 72 52.11 21.37 -1.84
C PRO F 72 51.83 21.57 -0.36
N GLN F 73 51.05 22.60 -0.01
CA GLN F 73 50.55 22.78 1.35
C GLN F 73 49.59 23.95 1.42
N LYS F 74 48.48 23.85 2.19
CA LYS F 74 47.94 24.96 2.97
C LYS F 74 46.57 24.69 3.56
N GLU F 75 46.09 25.62 4.40
CA GLU F 75 44.71 26.09 4.54
C GLU F 75 44.68 27.09 5.68
N SER F 76 43.73 28.02 5.62
CA SER F 76 43.58 28.97 6.72
C SER F 76 42.32 29.78 6.53
N ASN F 77 41.55 29.95 7.59
CA ASN F 77 40.42 30.88 7.52
C ASN F 77 40.09 31.34 8.93
N LEU F 78 39.23 32.36 9.02
CA LEU F 78 38.87 32.87 10.32
C LEU F 78 37.54 33.62 10.22
N GLU F 79 36.60 33.26 11.08
CA GLU F 79 35.32 33.91 11.18
C GLU F 79 35.29 34.75 12.44
N MET F 80 34.50 35.83 12.41
CA MET F 80 34.33 36.65 13.59
C MET F 80 33.17 37.59 13.35
N ASN F 81 32.39 37.83 14.40
CA ASN F 81 31.25 38.73 14.30
C ASN F 81 30.96 39.32 15.68
N SER F 82 30.06 40.29 15.72
CA SER F 82 29.75 41.00 16.95
C SER F 82 28.25 41.28 16.98
N GLU F 83 27.81 41.94 18.05
CA GLU F 83 26.40 42.12 18.32
C GLU F 83 26.21 43.31 19.24
N VAL F 84 25.07 43.98 19.12
CA VAL F 84 24.72 45.11 19.97
C VAL F 84 23.20 45.26 19.98
N LEU F 85 22.61 45.39 21.16
CA LEU F 85 21.18 45.62 21.30
C LEU F 85 20.91 46.76 22.29
N GLU F 86 19.64 47.14 22.39
CA GLU F 86 19.18 48.15 23.33
C GLU F 86 17.67 47.99 23.52
N SER F 87 17.13 48.69 24.53
CA SER F 87 15.70 48.84 24.70
C SER F 87 15.45 49.82 25.84
N TRP F 88 14.44 50.68 25.68
CA TRP F 88 14.09 51.70 26.67
C TRP F 88 12.59 51.70 26.90
N MET F 89 12.15 52.42 27.95
CA MET F 89 10.73 52.56 28.28
C MET F 89 10.51 53.86 29.04
N ASN F 90 9.25 54.12 29.41
CA ASN F 90 8.86 55.24 30.28
C ASN F 90 7.44 55.03 30.77
N TYR F 91 6.91 56.05 31.45
CA TYR F 91 5.62 55.96 32.15
C TYR F 91 5.09 57.37 32.41
N GLN F 92 4.08 57.47 33.29
CA GLN F 92 3.15 58.61 33.31
C GLN F 92 2.90 59.25 34.67
N SER F 93 1.92 60.15 34.72
CA SER F 93 1.56 60.92 35.92
C SER F 93 0.10 61.33 35.83
N THR F 94 -0.50 61.68 36.97
CA THR F 94 -1.94 61.92 37.06
C THR F 94 -2.29 62.76 38.29
N THR F 95 -3.27 63.65 38.12
CA THR F 95 -3.84 64.39 39.24
C THR F 95 -5.36 64.45 39.07
N SER F 96 -6.06 64.75 40.17
CA SER F 96 -7.51 64.85 40.15
C SER F 96 -7.99 65.45 41.46
N LEU F 97 -8.97 66.35 41.39
CA LEU F 97 -9.57 66.97 42.57
C LEU F 97 -11.05 67.19 42.30
N SER F 98 -11.91 66.71 43.22
CA SER F 98 -13.37 66.74 43.07
C SER F 98 -13.96 67.38 44.32
N ILE F 99 -14.29 68.67 44.25
CA ILE F 99 -14.53 69.44 45.46
C ILE F 99 -15.75 70.36 45.35
N ASN F 100 -16.76 70.13 46.18
CA ASN F 100 -17.48 71.18 46.91
C ASN F 100 -18.74 70.59 47.52
N THR F 101 -19.45 71.43 48.28
CA THR F 101 -20.82 71.17 48.70
C THR F 101 -21.37 72.49 49.25
N GLU F 102 -22.69 72.54 49.47
CA GLU F 102 -23.32 73.67 50.14
C GLU F 102 -24.78 73.31 50.47
N LEU F 103 -25.29 73.93 51.54
CA LEU F 103 -26.69 73.83 51.95
C LEU F 103 -26.98 74.92 52.97
N ALA F 104 -28.28 75.24 53.11
CA ALA F 104 -28.81 75.98 54.25
C ALA F 104 -30.32 76.00 54.12
N LEU F 105 -30.99 76.36 55.22
CA LEU F 105 -32.43 76.52 55.25
C LEU F 105 -32.88 77.95 55.42
N PHE F 106 -31.95 78.91 55.49
CA PHE F 106 -32.29 80.31 55.71
C PHE F 106 -31.92 81.19 54.52
N SER F 107 -30.66 81.21 54.11
CA SER F 107 -30.24 82.10 53.03
C SER F 107 -29.33 81.49 51.98
N ARG F 108 -28.55 80.45 52.29
CA ARG F 108 -27.46 80.04 51.41
C ARG F 108 -27.47 78.52 51.22
N VAL F 109 -28.28 78.03 50.29
CA VAL F 109 -28.28 76.63 49.88
C VAL F 109 -27.89 76.53 48.42
N ASN F 110 -26.79 75.85 48.13
CA ASN F 110 -26.25 75.75 46.79
C ASN F 110 -25.73 74.33 46.53
N GLY F 111 -25.04 74.18 45.42
CA GLY F 111 -24.34 72.95 45.10
C GLY F 111 -23.17 73.24 44.20
N LYS F 112 -22.07 72.50 44.33
CA LYS F 112 -20.92 72.70 43.48
C LYS F 112 -20.06 71.44 43.48
N PHE F 113 -19.51 71.10 42.32
CA PHE F 113 -18.51 70.03 42.19
C PHE F 113 -17.62 70.40 41.01
N SER F 114 -16.50 71.07 41.29
CA SER F 114 -15.57 71.47 40.23
C SER F 114 -14.51 70.41 40.03
N THR F 115 -14.97 69.20 39.73
CA THR F 115 -14.08 68.05 39.61
C THR F 115 -13.19 68.18 38.38
N GLU F 116 -11.95 67.73 38.51
CA GLU F 116 -10.96 67.85 37.45
C GLU F 116 -10.14 66.57 37.35
N PHE F 117 -9.55 66.36 36.17
CA PHE F 117 -8.69 65.22 35.93
C PHE F 117 -7.63 65.65 34.93
N GLN F 118 -6.37 65.35 35.22
CA GLN F 118 -5.28 65.54 34.27
C GLN F 118 -4.44 64.28 34.25
N ARG F 119 -4.38 63.61 33.10
CA ARG F 119 -3.55 62.43 32.92
C ARG F 119 -2.71 62.62 31.68
N MET F 120 -1.45 62.21 31.74
CA MET F 120 -0.53 62.30 30.61
C MET F 120 0.33 61.04 30.62
N LYS F 121 -0.02 60.09 29.75
CA LYS F 121 0.75 58.86 29.61
C LYS F 121 1.67 58.99 28.41
N THR F 122 2.97 58.90 28.64
CA THR F 122 3.95 58.90 27.57
C THR F 122 4.79 57.64 27.66
N LEU F 123 4.89 56.93 26.54
CA LEU F 123 5.81 55.82 26.40
C LEU F 123 6.89 56.20 25.39
N GLN F 124 8.06 55.59 25.55
CA GLN F 124 9.14 55.77 24.59
C GLN F 124 9.93 54.47 24.56
N VAL F 125 9.57 53.60 23.64
CA VAL F 125 10.37 52.42 23.36
C VAL F 125 11.45 52.83 22.37
N LYS F 126 12.63 52.24 22.49
CA LYS F 126 13.72 52.58 21.58
C LYS F 126 14.62 51.35 21.46
N ASP F 127 14.55 50.67 20.32
CA ASP F 127 15.27 49.44 20.08
C ASP F 127 16.30 49.66 18.99
N GLN F 128 17.47 49.02 19.14
CA GLN F 128 18.56 49.24 18.18
C GLN F 128 19.40 47.98 18.08
N ALA F 129 19.13 47.15 17.09
CA ALA F 129 19.93 45.96 16.84
C ALA F 129 21.06 46.30 15.87
N VAL F 130 22.19 45.62 16.05
CA VAL F 130 23.34 45.79 15.18
C VAL F 130 24.09 44.48 15.04
N THR F 131 24.22 43.98 13.82
CA THR F 131 24.99 42.77 13.54
C THR F 131 26.11 43.12 12.57
N THR F 132 27.22 42.40 12.70
CA THR F 132 28.38 42.69 11.86
C THR F 132 29.23 41.42 11.78
N ARG F 133 29.16 40.71 10.67
CA ARG F 133 29.99 39.54 10.43
C ARG F 133 31.09 39.87 9.46
N VAL F 134 32.25 39.24 9.65
CA VAL F 134 33.37 39.29 8.73
C VAL F 134 34.03 37.94 8.80
N GLN F 135 34.28 37.32 7.64
CA GLN F 135 34.93 36.02 7.68
C GLN F 135 35.65 35.79 6.36
N VAL F 136 36.86 35.24 6.44
CA VAL F 136 37.81 35.27 5.36
C VAL F 136 38.49 33.91 5.25
N ARG F 137 38.61 33.39 4.03
CA ARG F 137 39.25 32.11 3.76
C ARG F 137 40.52 32.30 2.96
N ASN F 138 41.48 31.40 3.13
CA ASN F 138 42.70 31.39 2.34
C ASN F 138 43.16 29.96 2.09
N ARG F 139 43.71 29.74 0.90
CA ARG F 139 44.36 28.49 0.54
C ARG F 139 45.63 28.82 -0.21
N ILE F 140 46.64 27.98 -0.10
CA ILE F 140 47.78 28.13 -1.01
C ILE F 140 48.20 26.74 -1.49
N TYR F 141 48.89 26.68 -2.63
CA TYR F 141 49.54 25.45 -3.07
C TYR F 141 50.62 25.84 -4.10
N THR F 142 51.85 26.03 -3.63
CA THR F 142 52.79 26.90 -4.34
C THR F 142 53.44 26.21 -5.53
N VAL F 143 54.17 27.02 -6.31
CA VAL F 143 54.71 26.63 -7.61
C VAL F 143 55.97 27.46 -7.86
N LYS F 144 57.05 26.80 -8.24
CA LYS F 144 58.31 27.46 -8.55
C LYS F 144 58.73 27.12 -9.96
N THR F 145 59.51 28.00 -10.58
CA THR F 145 60.08 27.72 -11.87
C THR F 145 61.38 26.96 -11.69
N THR F 146 61.60 25.96 -12.54
CA THR F 146 62.78 25.13 -12.38
C THR F 146 64.03 25.99 -12.58
N PRO F 147 65.11 25.69 -11.86
CA PRO F 147 66.29 26.56 -11.94
C PRO F 147 67.05 26.46 -13.24
N THR F 148 66.62 25.62 -14.17
CA THR F 148 67.36 25.40 -15.39
C THR F 148 66.51 25.59 -16.64
N SER F 149 65.44 26.38 -16.55
CA SER F 149 64.63 26.58 -17.73
C SER F 149 65.24 27.68 -18.60
N GLU F 150 64.75 27.76 -19.84
CA GLU F 150 65.28 28.68 -20.82
C GLU F 150 64.23 29.71 -21.20
N LEU F 151 64.69 30.79 -21.82
CA LEU F 151 63.78 31.84 -22.22
C LEU F 151 62.78 31.34 -23.25
N SER F 152 61.67 32.05 -23.36
CA SER F 152 60.66 31.67 -24.33
C SER F 152 61.16 31.98 -25.73
N LEU F 153 60.33 31.66 -26.72
CA LEU F 153 60.70 31.96 -28.10
C LEU F 153 60.58 33.44 -28.37
N GLY F 154 59.40 34.01 -28.13
CA GLY F 154 59.19 35.42 -28.40
C GLY F 154 60.16 36.31 -27.65
N PHE F 155 60.50 35.92 -26.42
CA PHE F 155 61.44 36.72 -25.64
C PHE F 155 62.81 36.74 -26.30
N THR F 156 63.34 35.56 -26.63
CA THR F 156 64.61 35.53 -27.33
C THR F 156 64.55 36.28 -28.64
N LYS F 157 63.42 36.20 -29.34
CA LYS F 157 63.29 36.94 -30.59
C LYS F 157 63.47 38.43 -30.35
N ALA F 158 62.71 38.99 -29.41
CA ALA F 158 62.83 40.41 -29.13
C ALA F 158 64.25 40.76 -28.67
N LEU F 159 64.85 39.88 -27.87
CA LEU F 159 66.16 40.18 -27.33
C LEU F 159 67.21 40.24 -28.42
N MET F 160 67.33 39.17 -29.20
CA MET F 160 68.30 39.19 -30.29
C MET F 160 67.93 40.20 -31.35
N ASP F 161 66.68 40.66 -31.40
CA ASP F 161 66.35 41.76 -32.29
C ASP F 161 67.01 43.05 -31.81
N ILE F 162 66.86 43.35 -30.52
CA ILE F 162 67.56 44.50 -29.98
C ILE F 162 69.07 44.35 -30.15
N CYS F 163 69.57 43.11 -30.05
CA CYS F 163 71.00 42.91 -30.22
C CYS F 163 71.44 43.17 -31.65
N ASP F 164 70.63 42.76 -32.63
CA ASP F 164 70.94 43.10 -34.01
C ASP F 164 70.83 44.60 -34.24
N GLN F 165 69.96 45.27 -33.50
CA GLN F 165 69.89 46.73 -33.61
C GLN F 165 71.14 47.38 -33.06
N LEU F 166 71.68 46.85 -31.97
CA LEU F 166 72.88 47.45 -31.39
C LEU F 166 74.11 47.14 -32.26
N GLU F 167 74.22 45.92 -32.78
CA GLU F 167 75.28 45.63 -33.73
C GLU F 167 75.14 46.46 -34.99
N LYS F 168 73.92 46.74 -35.43
CA LYS F 168 73.65 47.59 -36.57
C LYS F 168 73.74 49.07 -36.20
N ASN F 169 74.13 49.37 -34.96
CA ASN F 169 74.52 50.70 -34.51
C ASN F 169 73.34 51.68 -34.45
N GLN F 170 72.15 51.26 -34.86
CA GLN F 170 70.97 52.13 -34.86
C GLN F 170 70.46 52.27 -33.44
N THR F 171 70.98 53.28 -32.73
CA THR F 171 70.65 53.45 -31.33
C THR F 171 69.17 53.76 -31.13
N LYS F 172 68.64 54.70 -31.91
CA LYS F 172 67.26 55.14 -31.73
C LYS F 172 66.29 53.96 -31.86
N MET F 173 66.34 53.26 -32.98
CA MET F 173 65.49 52.10 -33.15
C MET F 173 65.76 51.06 -32.07
N ALA F 174 67.03 50.93 -31.64
CA ALA F 174 67.35 49.95 -30.62
C ALA F 174 66.69 50.31 -29.29
N THR F 175 66.88 51.54 -28.83
CA THR F 175 66.29 51.91 -27.55
C THR F 175 64.77 51.90 -27.61
N TYR F 176 64.20 52.24 -28.77
CA TYR F 176 62.75 52.14 -28.88
C TYR F 176 62.30 50.69 -28.81
N LEU F 177 63.06 49.78 -29.42
CA LEU F 177 62.71 48.38 -29.36
C LEU F 177 62.81 47.87 -27.93
N ALA F 178 63.80 48.34 -27.18
CA ALA F 178 63.90 47.94 -25.77
C ALA F 178 62.72 48.47 -24.98
N GLU F 179 62.31 49.71 -25.25
CA GLU F 179 61.15 50.27 -24.58
C GLU F 179 59.90 49.46 -24.91
N LEU F 180 59.76 49.07 -26.18
CA LEU F 180 58.65 48.21 -26.55
C LEU F 180 58.71 46.88 -25.82
N LEU F 181 59.91 46.31 -25.71
CA LEU F 181 60.09 45.08 -24.97
C LEU F 181 59.57 45.21 -23.55
N ILE F 182 59.96 46.29 -22.87
CA ILE F 182 59.56 46.44 -21.48
C ILE F 182 58.07 46.70 -21.38
N LEU F 183 57.49 47.34 -22.39
CA LEU F 183 56.04 47.53 -22.40
C LEU F 183 55.31 46.24 -22.70
N ASN F 184 55.96 45.31 -23.39
CA ASN F 184 55.32 44.12 -23.90
C ASN F 184 55.54 42.90 -23.03
N TYR F 185 56.52 42.93 -22.14
CA TYR F 185 56.87 41.78 -21.32
C TYR F 185 57.05 42.14 -19.85
N GLY F 186 56.69 43.35 -19.44
CA GLY F 186 56.77 43.72 -18.05
C GLY F 186 58.19 43.90 -17.55
N THR F 187 58.31 44.51 -16.38
CA THR F 187 59.61 44.83 -15.82
C THR F 187 60.13 43.77 -14.86
N HIS F 188 59.45 42.64 -14.73
CA HIS F 188 59.93 41.58 -13.87
C HIS F 188 59.39 40.26 -14.38
N VAL F 189 60.16 39.21 -14.15
CA VAL F 189 59.73 37.86 -14.46
C VAL F 189 59.49 37.12 -13.16
N ILE F 190 58.39 36.40 -13.10
CA ILE F 190 57.97 35.74 -11.88
C ILE F 190 58.68 34.40 -11.78
N THR F 191 59.15 34.06 -10.59
CA THR F 191 59.76 32.77 -10.35
C THR F 191 59.05 31.97 -9.28
N SER F 192 57.90 32.44 -8.80
CA SER F 192 57.20 31.75 -7.74
C SER F 192 55.80 32.32 -7.63
N VAL F 193 54.81 31.44 -7.58
CA VAL F 193 53.43 31.81 -7.28
C VAL F 193 52.88 30.80 -6.30
N ASP F 194 51.73 31.12 -5.73
CA ASP F 194 51.08 30.25 -4.77
C ASP F 194 49.66 29.98 -5.26
N ALA F 195 49.47 28.84 -5.90
CA ALA F 195 48.16 28.47 -6.38
C ALA F 195 47.22 28.34 -5.20
N GLY F 196 46.31 29.28 -5.07
CA GLY F 196 45.36 29.22 -3.99
C GLY F 196 44.11 29.96 -4.35
N ALA F 197 43.26 30.17 -3.36
CA ALA F 197 42.08 30.99 -3.51
C ALA F 197 41.78 31.64 -2.19
N ALA F 198 40.99 32.70 -2.25
CA ALA F 198 40.62 33.44 -1.05
C ALA F 198 39.17 33.82 -1.16
N LEU F 199 38.62 34.25 -0.03
CA LEU F 199 37.25 34.70 0.04
C LEU F 199 37.11 35.59 1.25
N VAL F 200 36.69 36.82 1.03
CA VAL F 200 36.57 37.81 2.09
C VAL F 200 35.14 38.34 2.00
N GLN F 201 34.30 37.94 2.92
CA GLN F 201 32.91 38.35 2.87
C GLN F 201 32.50 38.90 4.21
N GLU F 202 31.56 39.85 4.19
CA GLU F 202 31.17 40.56 5.39
C GLU F 202 29.82 41.21 5.16
N ASP F 203 29.19 41.62 6.25
CA ASP F 203 27.90 42.28 6.14
C ASP F 203 27.59 42.97 7.45
N HIS F 204 26.81 44.04 7.36
CA HIS F 204 26.36 44.79 8.53
C HIS F 204 24.84 44.88 8.50
N VAL F 205 24.24 44.80 9.67
CA VAL F 205 22.82 45.08 9.85
C VAL F 205 22.70 46.14 10.93
N ARG F 206 21.82 47.10 10.70
CA ARG F 206 21.66 48.18 11.68
C ARG F 206 20.17 48.51 11.76
N SER F 207 19.47 47.84 12.67
CA SER F 207 18.07 48.14 12.91
C SER F 207 17.96 49.31 13.88
N SER F 208 16.93 50.12 13.68
CA SER F 208 16.63 51.23 14.57
C SER F 208 15.12 51.30 14.72
N PHE F 209 14.66 51.35 15.97
CA PHE F 209 13.23 51.28 16.24
C PHE F 209 12.93 52.28 17.34
N LEU F 210 12.30 53.39 16.98
CA LEU F 210 11.99 54.45 17.91
C LEU F 210 10.48 54.63 17.95
N LEU F 211 9.89 54.43 19.12
CA LEU F 211 8.46 54.51 19.31
C LEU F 211 8.12 55.63 20.28
N ASP F 212 6.99 56.29 20.04
CA ASP F 212 6.54 57.38 20.90
C ASP F 212 5.10 57.12 21.31
N ASN F 213 4.65 57.92 22.27
CA ASN F 213 3.27 57.88 22.72
C ASN F 213 3.05 59.07 23.64
N GLN F 214 1.89 59.71 23.50
CA GLN F 214 1.49 60.78 24.41
C GLN F 214 -0.03 60.63 24.59
N ASN F 215 -0.42 59.86 25.60
CA ASN F 215 -1.82 59.51 25.78
C ASN F 215 -2.39 60.33 26.93
N SER F 216 -2.79 61.56 26.63
CA SER F 216 -3.28 62.47 27.66
C SER F 216 -4.79 62.37 27.80
N GLN F 217 -5.31 62.99 28.86
CA GLN F 217 -6.74 62.97 29.12
C GLN F 217 -7.12 64.17 29.99
N ASN F 218 -8.39 64.54 29.92
CA ASN F 218 -8.96 65.59 30.76
C ASN F 218 -10.38 65.20 31.12
N THR F 219 -10.84 65.71 32.26
CA THR F 219 -12.22 65.50 32.67
C THR F 219 -12.61 66.63 33.61
N VAL F 220 -13.43 67.56 33.13
CA VAL F 220 -13.89 68.71 33.89
C VAL F 220 -15.39 68.58 34.09
N THR F 221 -15.84 68.75 35.33
CA THR F 221 -17.26 68.69 35.64
C THR F 221 -17.59 69.84 36.58
N ALA F 222 -18.76 70.43 36.38
CA ALA F 222 -19.29 71.48 37.23
C ALA F 222 -20.62 71.03 37.81
N SER F 223 -21.15 71.81 38.76
CA SER F 223 -22.40 71.45 39.40
C SER F 223 -23.05 72.68 39.99
N ALA F 224 -24.32 72.53 40.34
CA ALA F 224 -25.17 73.55 40.93
C ALA F 224 -26.18 72.85 41.82
N GLY F 225 -27.31 73.50 42.06
CA GLY F 225 -28.27 72.94 42.98
C GLY F 225 -28.74 73.89 44.06
N ILE F 226 -28.73 75.19 43.75
CA ILE F 226 -29.29 76.18 44.65
C ILE F 226 -30.80 76.03 44.65
N ALA F 227 -31.32 75.24 45.60
CA ALA F 227 -32.75 75.00 45.62
C ALA F 227 -33.33 74.70 47.00
N PHE F 228 -33.71 75.72 47.74
CA PHE F 228 -34.82 75.58 48.68
C PHE F 228 -35.72 76.81 48.65
N LEU F 229 -35.12 77.97 48.39
CA LEU F 229 -35.81 79.23 48.62
C LEU F 229 -35.88 80.03 47.33
N ASN F 230 -37.08 80.55 47.07
CA ASN F 230 -37.42 81.46 45.96
C ASN F 230 -37.41 80.71 44.63
N ILE F 231 -36.83 79.52 44.63
CA ILE F 231 -36.96 78.49 43.61
C ILE F 231 -36.78 77.17 44.33
N VAL F 232 -37.83 76.35 44.40
CA VAL F 232 -37.71 75.14 45.20
C VAL F 232 -36.79 74.14 44.53
N ASN F 233 -36.61 74.24 43.21
CA ASN F 233 -35.68 73.37 42.52
C ASN F 233 -35.24 73.91 41.16
N PHE F 234 -33.92 73.98 40.96
CA PHE F 234 -33.34 73.98 39.61
C PHE F 234 -31.88 73.59 39.72
N LYS F 235 -31.43 72.72 38.83
CA LYS F 235 -30.12 72.09 38.95
C LYS F 235 -29.34 72.30 37.67
N VAL F 236 -28.04 72.56 37.81
CA VAL F 236 -27.16 72.79 36.67
C VAL F 236 -25.90 71.98 36.87
N GLU F 237 -25.49 71.24 35.85
CA GLU F 237 -24.19 70.56 35.86
C GLU F 237 -23.73 70.37 34.43
N THR F 238 -22.50 70.77 34.14
CA THR F 238 -21.87 70.51 32.86
C THR F 238 -20.85 69.40 33.00
N ASP F 239 -20.55 68.76 31.88
CA ASP F 239 -19.51 67.73 31.82
C ASP F 239 -18.59 68.00 30.65
N TYR F 240 -17.36 67.52 30.74
CA TYR F 240 -16.36 67.82 29.71
C TYR F 240 -15.23 66.81 29.86
N ILE F 241 -14.97 66.04 28.82
CA ILE F 241 -13.88 65.09 28.80
C ILE F 241 -13.18 65.16 27.46
N SER F 242 -11.86 65.23 27.50
CA SER F 242 -11.04 65.34 26.31
C SER F 242 -9.92 64.31 26.38
N GLN F 243 -9.64 63.68 25.24
CA GLN F 243 -8.59 62.68 25.15
C GLN F 243 -7.64 63.04 24.02
N THR F 244 -6.43 62.51 24.10
CA THR F 244 -5.45 62.74 23.05
C THR F 244 -4.42 61.62 23.16
N SER F 245 -4.37 60.76 22.15
CA SER F 245 -3.43 59.65 22.14
C SER F 245 -2.70 59.71 20.80
N LEU F 246 -1.40 59.98 20.83
CA LEU F 246 -0.60 60.16 19.64
C LEU F 246 0.61 59.26 19.72
N THR F 247 0.63 58.22 18.90
CA THR F 247 1.78 57.32 18.81
C THR F 247 2.57 57.61 17.56
N LYS F 248 3.88 57.45 17.66
CA LYS F 248 4.78 57.68 16.53
C LYS F 248 5.90 56.67 16.63
N ASP F 249 6.02 55.81 15.64
CA ASP F 249 7.12 54.87 15.58
C ASP F 249 7.86 55.04 14.24
N TYR F 250 9.14 54.70 14.25
CA TYR F 250 10.01 55.04 13.13
C TYR F 250 11.09 53.97 13.02
N LEU F 251 10.83 52.97 12.19
CA LEU F 251 11.71 51.82 12.01
C LEU F 251 12.58 52.03 10.78
N SER F 252 13.84 51.63 10.88
CA SER F 252 14.75 51.77 9.73
C SER F 252 15.84 50.71 9.81
N ASN F 253 15.67 49.62 9.07
CA ASN F 253 16.76 48.69 8.83
C ASN F 253 17.74 49.27 7.83
N ARG F 254 18.96 48.77 7.86
CA ARG F 254 19.96 49.10 6.84
C ARG F 254 20.95 47.95 6.80
N THR F 255 20.92 47.19 5.72
CA THR F 255 21.77 46.00 5.58
C THR F 255 22.80 46.25 4.49
N ASN F 256 24.03 45.81 4.73
CA ASN F 256 25.04 45.75 3.70
C ASN F 256 25.51 44.31 3.55
N SER F 257 26.33 44.10 2.54
CA SER F 257 26.93 42.79 2.29
C SER F 257 27.97 42.97 1.20
N ARG F 258 29.09 42.29 1.31
CA ARG F 258 30.12 42.43 0.29
C ARG F 258 31.00 41.20 0.34
N VAL F 259 30.80 40.28 -0.59
CA VAL F 259 31.76 39.19 -0.72
C VAL F 259 32.78 39.68 -1.72
N GLN F 260 33.99 39.15 -1.62
CA GLN F 260 35.03 39.50 -2.58
C GLN F 260 35.95 38.30 -2.64
N SER F 261 35.74 37.42 -3.60
CA SER F 261 36.44 36.15 -3.66
C SER F 261 37.31 36.12 -4.90
N PHE F 262 38.52 35.60 -4.75
CA PHE F 262 39.35 35.31 -5.91
C PHE F 262 40.35 34.25 -5.48
N GLY F 263 40.21 33.06 -6.06
CA GLY F 263 39.15 32.80 -7.00
C GLY F 263 38.68 31.38 -6.89
N GLY F 264 37.38 31.17 -6.86
CA GLY F 264 36.87 29.83 -6.78
C GLY F 264 35.78 29.61 -7.80
N VAL F 265 34.63 29.11 -7.36
CA VAL F 265 33.48 28.96 -8.24
C VAL F 265 32.77 30.30 -8.20
N PRO F 266 32.18 30.78 -9.30
CA PRO F 266 31.45 32.05 -9.26
C PRO F 266 30.53 32.17 -8.07
N PHE F 267 30.82 33.11 -7.19
CA PHE F 267 30.11 33.21 -5.93
C PHE F 267 28.65 33.58 -6.14
N TYR F 268 27.84 33.24 -5.15
CA TYR F 268 26.44 33.65 -5.12
C TYR F 268 25.98 33.58 -3.67
N PRO F 269 25.06 34.45 -3.27
CA PRO F 269 24.79 34.61 -1.82
C PRO F 269 24.43 33.33 -1.11
N GLY F 270 23.50 32.56 -1.63
CA GLY F 270 23.07 31.39 -0.91
C GLY F 270 24.07 30.27 -0.81
N ILE F 271 25.31 30.48 -1.26
CA ILE F 271 26.28 29.39 -1.30
C ILE F 271 26.71 29.06 0.11
N THR F 272 26.94 27.78 0.37
CA THR F 272 27.51 27.40 1.65
C THR F 272 28.96 27.85 1.72
N LEU F 273 29.50 27.81 2.92
CA LEU F 273 30.92 28.02 3.08
C LEU F 273 31.72 26.80 2.66
N GLU F 274 31.03 25.75 2.23
CA GLU F 274 31.63 24.47 1.86
C GLU F 274 31.68 24.26 0.36
N THR F 275 30.52 24.22 -0.29
CA THR F 275 30.49 24.00 -1.73
C THR F 275 31.40 24.96 -2.47
N TRP F 276 31.67 26.12 -1.87
CA TRP F 276 32.80 26.93 -2.29
C TRP F 276 34.08 26.09 -2.31
N GLN F 277 34.43 25.52 -1.16
CA GLN F 277 35.70 24.81 -1.05
C GLN F 277 35.76 23.62 -1.98
N LYS F 278 34.82 22.69 -1.84
CA LYS F 278 34.87 21.50 -2.67
C LYS F 278 34.95 21.84 -4.15
N GLY F 279 34.45 23.00 -4.55
CA GLY F 279 34.51 23.41 -5.94
C GLY F 279 35.74 24.20 -6.28
N ILE F 280 36.82 24.00 -5.56
CA ILE F 280 38.06 24.71 -5.80
C ILE F 280 39.05 23.85 -6.59
N THR F 281 38.59 22.75 -7.18
CA THR F 281 39.51 21.74 -7.72
C THR F 281 40.47 22.37 -8.71
N ASN F 282 39.99 22.81 -9.87
CA ASN F 282 40.63 23.89 -10.58
C ASN F 282 39.92 25.17 -10.15
N HIS F 283 40.09 26.26 -10.88
CA HIS F 283 39.76 27.60 -10.41
C HIS F 283 40.75 28.02 -9.33
N LEU F 284 42.02 27.74 -9.54
CA LEU F 284 43.03 28.29 -8.65
C LEU F 284 43.53 29.61 -9.20
N VAL F 285 44.09 30.43 -8.34
CA VAL F 285 44.48 31.78 -8.70
C VAL F 285 45.75 32.12 -7.95
N ALA F 286 46.65 32.83 -8.62
CA ALA F 286 47.89 33.23 -7.98
C ALA F 286 47.56 34.23 -6.89
N ILE F 287 47.60 33.79 -5.63
CA ILE F 287 47.31 34.70 -4.53
C ILE F 287 48.54 35.43 -4.04
N ASP F 288 49.72 35.00 -4.46
CA ASP F 288 50.95 35.62 -4.02
C ASP F 288 52.05 35.22 -4.98
N ARG F 289 52.96 36.14 -5.26
CA ARG F 289 53.95 35.87 -6.27
C ARG F 289 55.23 36.64 -5.96
N ALA F 290 56.34 36.12 -6.48
CA ALA F 290 57.65 36.73 -6.29
C ALA F 290 58.53 36.35 -7.47
N GLY F 291 59.34 37.30 -7.91
CA GLY F 291 60.19 37.07 -9.04
C GLY F 291 61.42 37.94 -8.97
N LEU F 292 62.06 38.12 -10.12
CA LEU F 292 63.30 38.87 -10.22
C LEU F 292 63.18 39.93 -11.30
N PRO F 293 64.03 40.95 -11.28
CA PRO F 293 64.04 41.92 -12.38
C PRO F 293 64.55 41.26 -13.64
N LEU F 294 63.89 41.54 -14.76
CA LEU F 294 64.16 40.75 -15.96
C LEU F 294 65.57 40.96 -16.47
N HIS F 295 66.17 42.12 -16.19
CA HIS F 295 67.56 42.33 -16.58
C HIS F 295 68.45 41.25 -16.01
N PHE F 296 68.06 40.68 -14.88
CA PHE F 296 68.81 39.57 -14.29
C PHE F 296 68.81 38.35 -15.19
N PHE F 297 67.76 38.17 -15.98
CA PHE F 297 67.64 36.99 -16.82
C PHE F 297 68.32 37.15 -18.17
N ILE F 298 68.88 38.31 -18.45
CA ILE F 298 69.58 38.56 -19.71
C ILE F 298 71.06 38.34 -19.40
N LYS F 299 71.50 37.09 -19.52
CA LYS F 299 72.86 36.70 -19.23
C LYS F 299 73.31 35.68 -20.25
N PRO F 300 74.61 35.64 -20.58
CA PRO F 300 75.06 34.80 -21.68
C PRO F 300 74.75 33.32 -21.51
N ASP F 301 74.68 32.83 -20.28
CA ASP F 301 74.32 31.43 -20.08
C ASP F 301 72.86 31.19 -20.46
N LYS F 302 71.96 32.03 -19.94
CA LYS F 302 70.55 31.90 -20.31
C LYS F 302 70.30 32.24 -21.76
N LEU F 303 71.22 32.85 -22.41
CA LEU F 303 70.99 33.11 -23.81
C LEU F 303 71.73 32.10 -24.68
N PRO F 304 71.20 31.79 -25.85
CA PRO F 304 71.91 30.90 -26.77
C PRO F 304 73.16 31.54 -27.32
N GLY F 305 73.82 30.87 -28.25
CA GLY F 305 75.06 31.37 -28.82
C GLY F 305 74.97 32.80 -29.27
N LEU F 306 75.69 33.68 -28.56
CA LEU F 306 75.72 35.10 -28.86
C LEU F 306 77.01 35.67 -28.29
N PRO F 307 77.47 36.81 -28.80
CA PRO F 307 78.75 37.37 -28.33
C PRO F 307 78.67 37.80 -26.88
N GLY F 308 79.70 37.44 -26.12
CA GLY F 308 79.74 37.67 -24.70
C GLY F 308 79.50 39.11 -24.30
N PRO F 309 80.43 40.01 -24.62
CA PRO F 309 80.26 41.41 -24.21
C PRO F 309 79.03 42.06 -24.80
N LEU F 310 78.57 41.58 -25.95
CA LEU F 310 77.37 42.16 -26.53
C LEU F 310 76.15 41.91 -25.66
N VAL F 311 76.10 40.76 -24.97
CA VAL F 311 74.96 40.55 -24.09
C VAL F 311 75.07 41.43 -22.86
N LYS F 312 76.29 41.78 -22.46
CA LYS F 312 76.46 42.79 -21.41
C LYS F 312 75.87 44.12 -21.86
N LYS F 313 76.23 44.54 -23.07
CA LYS F 313 75.64 45.74 -23.67
C LYS F 313 74.12 45.66 -23.64
N LEU F 314 73.58 44.52 -24.09
CA LEU F 314 72.15 44.36 -24.18
C LEU F 314 71.48 44.45 -22.82
N SER F 315 72.06 43.79 -21.82
CA SER F 315 71.51 43.85 -20.47
C SER F 315 71.52 45.28 -19.95
N LYS F 316 72.61 46.01 -20.18
CA LYS F 316 72.65 47.39 -19.72
C LYS F 316 71.59 48.23 -20.42
N THR F 317 71.41 48.01 -21.72
CA THR F 317 70.41 48.79 -22.46
C THR F 317 69.01 48.50 -21.94
N VAL F 318 68.67 47.22 -21.78
CA VAL F 318 67.35 46.86 -21.28
C VAL F 318 67.14 47.45 -19.90
N GLU F 319 68.15 47.34 -19.04
CA GLU F 319 68.03 47.85 -17.68
C GLU F 319 67.83 49.36 -17.67
N THR F 320 68.56 50.08 -18.52
CA THR F 320 68.39 51.53 -18.60
C THR F 320 67.01 51.87 -19.14
N ALA F 321 66.51 51.11 -20.10
CA ALA F 321 65.15 51.32 -20.59
C ALA F 321 64.15 51.15 -19.46
N VAL F 322 64.33 50.12 -18.65
CA VAL F 322 63.48 49.92 -17.48
C VAL F 322 63.54 51.15 -16.59
N ARG F 323 64.75 51.49 -16.13
CA ARG F 323 65.01 52.68 -15.34
C ARG F 323 64.23 53.88 -15.84
N HIS F 324 64.38 54.18 -17.13
CA HIS F 324 63.59 55.23 -17.75
C HIS F 324 62.11 55.02 -17.49
N TYR F 325 61.57 53.88 -17.91
CA TYR F 325 60.16 53.61 -17.73
C TYR F 325 59.77 53.54 -16.27
N TYR F 326 60.75 53.32 -15.39
CA TYR F 326 60.44 53.14 -13.98
C TYR F 326 60.24 54.47 -13.26
N THR F 327 61.27 55.32 -13.28
CA THR F 327 61.21 56.58 -12.53
C THR F 327 60.10 57.49 -13.06
N PHE F 328 60.26 57.97 -14.28
CA PHE F 328 59.23 58.69 -15.01
C PHE F 328 58.73 57.81 -16.14
N ASN F 329 57.91 58.40 -17.00
CA ASN F 329 57.38 57.65 -18.15
C ASN F 329 58.35 57.77 -19.32
N THR F 330 59.61 57.39 -19.07
CA THR F 330 60.65 57.18 -20.07
C THR F 330 60.59 58.16 -21.24
N HIS F 331 60.49 59.46 -20.92
CA HIS F 331 60.18 60.49 -21.91
C HIS F 331 61.43 60.97 -22.64
N PRO F 332 61.62 60.63 -23.92
CA PRO F 332 62.59 61.38 -24.72
C PRO F 332 62.08 62.77 -25.06
N GLY F 333 60.86 62.87 -25.59
CA GLY F 333 60.33 64.17 -25.96
C GLY F 333 58.97 64.57 -25.42
N CYS F 334 58.08 63.62 -25.16
CA CYS F 334 56.70 63.95 -24.81
C CYS F 334 55.84 62.73 -24.48
N THR F 335 54.65 62.96 -23.95
CA THR F 335 53.64 61.90 -23.84
C THR F 335 53.09 61.61 -25.22
N ASN F 336 53.06 60.34 -25.61
CA ASN F 336 52.86 60.10 -27.04
C ASN F 336 51.56 59.39 -27.40
N VAL F 337 51.22 58.29 -26.72
CA VAL F 337 50.11 57.48 -27.21
C VAL F 337 48.76 58.12 -26.87
N ASP F 338 48.68 58.81 -25.74
CA ASP F 338 47.45 59.51 -25.36
C ASP F 338 47.23 60.69 -26.29
N SER F 339 46.08 60.69 -27.01
CA SER F 339 45.78 61.70 -28.01
C SER F 339 46.93 61.81 -28.99
N PRO F 340 47.09 60.87 -29.93
CA PRO F 340 48.31 60.81 -30.73
C PRO F 340 48.45 61.97 -31.72
N ASN F 341 47.56 62.96 -31.63
CA ASN F 341 47.53 64.06 -32.57
C ASN F 341 48.80 64.90 -32.63
N PHE F 342 49.14 65.59 -31.53
CA PHE F 342 50.24 66.56 -31.56
C PHE F 342 51.45 66.11 -30.75
N ASN F 343 51.69 64.80 -30.68
CA ASN F 343 52.74 64.26 -29.82
C ASN F 343 53.85 63.62 -30.64
N PHE F 344 55.05 63.63 -30.07
CA PHE F 344 56.19 62.91 -30.63
C PHE F 344 56.07 61.44 -30.23
N GLN F 345 55.78 60.59 -31.22
CA GLN F 345 55.31 59.24 -30.95
C GLN F 345 56.23 58.17 -31.51
N ALA F 346 57.55 58.42 -31.52
CA ALA F 346 58.49 57.34 -31.74
C ALA F 346 58.86 56.64 -30.44
N ASN F 347 58.52 57.23 -29.29
CA ASN F 347 58.71 56.63 -27.98
C ASN F 347 57.41 55.98 -27.51
N MET F 348 57.34 55.65 -26.23
CA MET F 348 56.13 55.20 -25.58
C MET F 348 55.92 56.00 -24.30
N ASP F 349 54.72 56.57 -24.15
CA ASP F 349 54.40 57.40 -22.99
C ASP F 349 52.90 57.64 -22.88
N ASP F 350 52.33 57.36 -21.71
CA ASP F 350 50.89 57.40 -21.48
C ASP F 350 50.55 58.13 -20.19
N ASP F 351 51.10 59.35 -20.03
CA ASP F 351 50.92 60.12 -18.80
C ASP F 351 49.44 60.36 -18.46
N SER F 352 48.78 61.20 -19.26
CA SER F 352 47.35 61.50 -19.08
C SER F 352 46.87 62.40 -20.20
N CYS F 353 45.55 62.61 -20.30
CA CYS F 353 44.92 63.28 -21.44
C CYS F 353 44.20 64.57 -21.08
N ASP F 354 43.55 64.63 -19.92
CA ASP F 354 42.68 65.74 -19.58
C ASP F 354 43.43 66.98 -19.12
N ALA F 355 44.73 67.08 -19.40
CA ALA F 355 45.52 68.23 -18.98
C ALA F 355 45.05 69.48 -19.71
N LYS F 356 44.69 70.52 -18.95
CA LYS F 356 44.38 71.82 -19.52
C LYS F 356 45.13 72.95 -18.82
N VAL F 357 45.71 72.70 -17.65
CA VAL F 357 46.44 73.71 -16.89
C VAL F 357 47.89 73.26 -16.74
N THR F 358 48.77 74.24 -16.50
CA THR F 358 50.17 73.99 -16.17
C THR F 358 50.52 74.52 -14.79
N ASN F 359 49.57 74.56 -13.86
CA ASN F 359 49.77 75.14 -12.55
C ASN F 359 50.70 74.27 -11.71
N PHE F 360 51.06 74.76 -10.52
CA PHE F 360 52.14 74.17 -9.74
C PHE F 360 51.57 73.19 -8.71
N THR F 361 52.47 72.63 -7.90
CA THR F 361 52.10 71.65 -6.89
C THR F 361 51.38 72.33 -5.73
N PHE F 362 50.05 72.38 -5.82
CA PHE F 362 49.23 73.08 -4.84
C PHE F 362 48.61 72.08 -3.86
N GLY F 363 49.44 71.60 -2.94
CA GLY F 363 49.03 70.60 -1.97
C GLY F 363 48.19 71.18 -0.85
N GLY F 364 47.90 70.33 0.13
CA GLY F 364 47.15 70.73 1.30
C GLY F 364 45.67 70.42 1.25
N VAL F 365 45.06 70.22 2.42
CA VAL F 365 43.63 69.92 2.53
C VAL F 365 43.08 70.50 3.82
N TYR F 366 42.02 71.30 3.71
CA TYR F 366 41.57 72.10 4.83
C TYR F 366 40.12 72.51 4.64
N GLN F 367 39.47 72.86 5.76
CA GLN F 367 38.05 73.19 5.77
C GLN F 367 37.69 73.83 7.11
N GLU F 368 36.37 73.96 7.34
CA GLU F 368 35.84 74.53 8.59
C GLU F 368 34.42 74.02 8.77
N CYS F 369 34.17 73.33 9.87
CA CYS F 369 32.84 72.80 10.20
C CYS F 369 32.22 73.68 11.29
N THR F 370 31.37 74.61 10.87
CA THR F 370 30.74 75.51 11.82
C THR F 370 29.32 75.04 12.16
N GLU F 371 29.02 75.09 13.45
CA GLU F 371 27.71 74.69 13.97
C GLU F 371 26.77 75.88 13.99
N LEU F 372 25.54 75.68 13.51
CA LEU F 372 24.53 76.72 13.62
C LEU F 372 23.61 76.52 14.82
N SER F 373 23.23 75.28 15.12
CA SER F 373 22.36 74.99 16.25
C SER F 373 22.45 73.51 16.59
N GLY F 374 22.33 73.20 17.88
CA GLY F 374 22.50 71.83 18.35
C GLY F 374 23.94 71.37 18.24
N ASP F 375 24.23 70.15 18.71
CA ASP F 375 25.56 69.55 18.58
C ASP F 375 25.39 68.14 18.02
N VAL F 376 25.28 68.03 16.70
CA VAL F 376 25.19 66.73 16.04
C VAL F 376 26.17 66.66 14.88
N LEU F 377 26.07 67.63 13.96
CA LEU F 377 26.75 67.52 12.68
C LEU F 377 28.23 67.88 12.77
N CYS F 378 28.65 68.59 13.82
CA CYS F 378 30.06 68.93 13.95
C CYS F 378 30.93 67.71 14.16
N GLN F 379 30.40 66.64 14.75
CA GLN F 379 31.24 65.49 15.10
C GLN F 379 31.62 64.69 13.87
N ASN F 380 30.82 64.72 12.81
CA ASN F 380 31.07 63.93 11.62
C ASN F 380 31.44 64.76 10.39
N LEU F 381 31.08 66.03 10.35
CA LEU F 381 31.52 66.91 9.27
C LEU F 381 32.83 67.61 9.58
N GLU F 382 33.60 67.11 10.53
CA GLU F 382 34.87 67.72 10.88
C GLU F 382 36.00 67.12 10.05
N GLN F 383 36.23 67.66 8.86
CA GLN F 383 37.22 67.11 7.93
C GLN F 383 38.58 67.80 8.12
N LYS F 384 39.04 67.80 9.37
CA LYS F 384 40.15 68.66 9.75
C LYS F 384 41.39 68.38 8.91
N ASN F 385 42.26 69.37 8.84
CA ASN F 385 43.47 69.29 8.02
C ASN F 385 44.34 68.14 8.50
N LEU F 386 44.97 67.44 7.56
CA LEU F 386 45.93 66.41 7.92
C LEU F 386 47.35 66.93 8.00
N LEU F 387 47.72 67.92 7.18
CA LEU F 387 49.11 68.33 7.10
C LEU F 387 49.57 69.03 8.37
N THR F 388 48.66 69.36 9.27
CA THR F 388 49.00 70.06 10.51
C THR F 388 48.50 69.37 11.77
N GLY F 389 47.57 68.43 11.67
CA GLY F 389 47.02 67.80 12.84
C GLY F 389 45.88 68.55 13.49
N ASP F 390 45.48 69.68 12.94
CA ASP F 390 44.39 70.49 13.47
C ASP F 390 43.93 71.42 12.35
N PHE F 391 43.07 72.38 12.72
CA PHE F 391 42.54 73.33 11.76
C PHE F 391 43.58 74.39 11.47
N SER F 392 44.41 74.11 10.46
CA SER F 392 45.41 75.06 9.99
C SER F 392 45.84 74.65 8.59
N CYS F 393 46.48 75.59 7.88
CA CYS F 393 47.17 75.23 6.66
C CYS F 393 48.62 74.87 6.98
N PRO F 394 49.32 74.17 6.09
CA PRO F 394 50.74 73.92 6.29
C PRO F 394 51.56 75.15 5.91
N PRO F 395 52.74 75.31 6.50
CA PRO F 395 53.58 76.49 6.17
C PRO F 395 53.92 76.52 4.70
N GLY F 396 53.82 77.70 4.11
CA GLY F 396 54.00 77.88 2.69
C GLY F 396 52.75 77.73 1.87
N TYR F 397 51.60 77.51 2.50
CA TYR F 397 50.33 77.31 1.82
C TYR F 397 49.32 78.31 2.37
N SER F 398 48.20 78.43 1.66
CA SER F 398 47.19 79.40 2.06
C SER F 398 45.83 78.73 2.16
N PRO F 399 45.19 78.78 3.33
CA PRO F 399 43.88 78.14 3.51
C PRO F 399 42.75 79.02 2.97
N VAL F 400 42.73 79.15 1.65
CA VAL F 400 41.74 80.01 1.00
C VAL F 400 40.41 79.28 0.91
N HIS F 401 39.33 80.01 1.18
CA HIS F 401 38.03 79.40 1.41
C HIS F 401 37.45 78.74 0.17
N LEU F 402 37.37 77.41 0.18
CA LEU F 402 36.86 76.66 -0.97
C LEU F 402 35.37 76.95 -1.19
N LEU F 403 34.53 76.64 -0.21
CA LEU F 403 33.09 76.88 -0.33
C LEU F 403 32.43 76.81 1.03
N SER F 404 31.46 77.68 1.26
CA SER F 404 30.61 77.63 2.44
C SER F 404 29.26 77.03 2.09
N GLN F 405 28.69 76.29 3.01
CA GLN F 405 27.40 75.64 2.76
C GLN F 405 26.76 75.26 4.10
N THR F 406 25.45 75.11 4.09
CA THR F 406 24.70 74.81 5.29
C THR F 406 23.75 73.64 5.05
N HIS F 407 23.43 72.93 6.12
CA HIS F 407 22.52 71.80 6.08
C HIS F 407 21.58 71.87 7.28
N GLU F 408 20.45 71.18 7.16
CA GLU F 408 19.43 71.20 8.20
C GLU F 408 18.90 69.77 8.36
N GLU F 409 19.33 69.10 9.42
CA GLU F 409 18.91 67.74 9.70
C GLU F 409 18.35 67.67 11.11
N GLY F 410 17.49 66.71 11.35
CA GLY F 410 16.84 66.55 12.65
C GLY F 410 17.09 65.18 13.22
N TYR F 411 17.54 65.16 14.47
CA TYR F 411 17.72 63.91 15.22
C TYR F 411 16.99 64.03 16.55
N SER F 412 16.20 63.00 16.85
CA SER F 412 15.55 62.91 18.15
C SER F 412 16.62 62.61 19.19
N ARG F 413 17.01 63.63 19.95
CA ARG F 413 18.20 63.53 20.79
C ARG F 413 17.95 62.61 21.98
N LEU F 414 18.95 62.52 22.85
CA LEU F 414 18.87 61.77 24.09
C LEU F 414 18.46 62.69 25.23
N GLU F 415 17.61 62.20 26.12
CA GLU F 415 17.19 63.01 27.27
C GLU F 415 16.81 62.08 28.40
N CYS F 416 17.70 61.94 29.38
CA CYS F 416 17.44 61.17 30.60
C CYS F 416 17.70 62.12 31.77
N LYS F 417 16.67 62.86 32.17
CA LYS F 417 16.79 63.90 33.17
C LYS F 417 15.88 63.58 34.35
N LYS F 418 16.34 63.91 35.54
CA LYS F 418 15.56 63.75 36.76
C LYS F 418 14.95 65.08 37.17
N LYS F 419 13.70 65.05 37.62
CA LYS F 419 12.99 66.24 38.02
C LYS F 419 12.38 66.03 39.41
N CYS F 420 12.66 66.95 40.31
CA CYS F 420 12.06 66.94 41.64
C CYS F 420 10.65 67.50 41.58
N THR F 421 9.75 66.93 42.39
CA THR F 421 8.37 67.42 42.42
C THR F 421 8.25 68.63 43.35
N LEU F 422 8.52 68.44 44.64
CA LEU F 422 8.52 69.52 45.61
C LEU F 422 9.72 69.42 46.54
N LYS F 423 10.89 69.14 45.97
CA LYS F 423 12.18 69.03 46.64
C LYS F 423 12.26 67.85 47.61
N ILE F 424 11.18 67.09 47.79
CA ILE F 424 11.19 65.94 48.67
C ILE F 424 11.48 64.70 47.84
N PHE F 425 10.65 64.46 46.84
CA PHE F 425 10.88 63.35 45.93
C PHE F 425 11.18 63.87 44.53
N CYS F 426 11.85 63.04 43.75
CA CYS F 426 12.21 63.40 42.39
C CYS F 426 11.86 62.23 41.47
N LYS F 427 11.46 62.57 40.25
CA LYS F 427 11.19 61.61 39.20
C LYS F 427 12.16 61.85 38.06
N THR F 428 12.49 60.78 37.35
CA THR F 428 13.32 60.88 36.15
C THR F 428 12.39 60.79 34.95
N VAL F 429 12.20 61.91 34.25
CA VAL F 429 11.28 61.97 33.13
C VAL F 429 12.11 61.86 31.84
N CYS F 430 12.33 60.62 31.41
CA CYS F 430 13.04 60.40 30.16
C CYS F 430 12.09 60.67 29.01
N GLU F 431 12.39 61.69 28.22
CA GLU F 431 11.50 62.06 27.11
C GLU F 431 12.36 62.69 26.02
N ASP F 432 12.69 61.90 25.01
CA ASP F 432 13.57 62.33 23.93
C ASP F 432 12.83 63.29 23.02
N VAL F 433 13.50 64.38 22.65
CA VAL F 433 12.85 65.50 21.99
C VAL F 433 13.42 65.70 20.60
N PHE F 434 12.56 66.16 19.69
CA PHE F 434 12.97 66.53 18.35
C PHE F 434 13.89 67.76 18.41
N ARG F 435 14.74 67.88 17.39
CA ARG F 435 15.60 69.05 17.25
C ARG F 435 16.18 69.09 15.85
N VAL F 436 15.94 70.17 15.13
CA VAL F 436 16.59 70.43 13.84
C VAL F 436 17.92 71.09 14.15
N ALA F 437 19.00 70.31 14.07
CA ALA F 437 20.32 70.90 14.12
C ALA F 437 20.72 71.43 12.76
N LYS F 438 21.66 72.37 12.76
CA LYS F 438 22.20 72.91 11.51
C LYS F 438 23.68 73.15 11.69
N ALA F 439 24.42 72.90 10.62
CA ALA F 439 25.85 73.18 10.58
C ALA F 439 26.17 73.89 9.27
N GLU F 440 27.06 74.87 9.33
CA GLU F 440 27.51 75.61 8.15
C GLU F 440 28.87 75.05 7.77
N PHE F 441 28.88 74.27 6.68
CA PHE F 441 30.09 73.63 6.19
C PHE F 441 30.91 74.64 5.39
N ARG F 442 32.07 75.00 5.92
CA ARG F 442 32.97 75.94 5.28
C ARG F 442 34.20 75.19 4.82
N ALA F 443 34.30 74.93 3.52
CA ALA F 443 35.49 74.31 2.96
C ALA F 443 36.52 75.39 2.62
N TYR F 444 37.78 75.09 2.93
CA TYR F 444 38.87 76.04 2.72
C TYR F 444 39.97 75.34 1.93
N TRP F 445 39.95 75.49 0.62
CA TRP F 445 40.93 74.81 -0.21
C TRP F 445 42.34 75.30 0.12
N CYS F 446 43.23 74.35 0.35
CA CYS F 446 44.61 74.66 0.69
C CYS F 446 45.44 74.65 -0.58
N VAL F 447 46.15 75.76 -0.82
CA VAL F 447 46.96 75.94 -2.01
C VAL F 447 48.29 76.58 -1.60
N ALA F 448 49.37 76.16 -2.26
CA ALA F 448 50.67 76.73 -1.98
C ALA F 448 50.71 78.21 -2.36
N ALA F 449 51.47 78.97 -1.57
CA ALA F 449 51.63 80.40 -1.85
C ALA F 449 52.61 80.62 -3.01
N GLY F 450 53.81 80.05 -2.89
CA GLY F 450 54.81 80.20 -3.93
C GLY F 450 55.60 78.93 -4.16
N GLN F 451 56.91 79.05 -4.39
CA GLN F 451 57.75 77.88 -4.61
C GLN F 451 57.82 77.05 -3.34
N VAL F 452 57.63 75.74 -3.49
CA VAL F 452 57.53 74.86 -2.34
C VAL F 452 58.90 74.26 -2.04
N PRO F 453 59.29 74.13 -0.77
CA PRO F 453 60.42 73.26 -0.41
C PRO F 453 59.97 71.81 -0.41
N ASP F 454 60.71 70.96 -1.12
CA ASP F 454 60.29 69.56 -1.28
C ASP F 454 60.31 68.79 0.03
N ASN F 455 60.90 69.36 1.08
CA ASN F 455 60.88 68.69 2.38
C ASN F 455 59.48 68.63 2.97
N SER F 456 58.68 69.67 2.77
CA SER F 456 57.33 69.74 3.36
C SER F 456 56.33 70.25 2.34
N GLY F 457 56.55 69.92 1.06
CA GLY F 457 55.59 70.25 0.02
C GLY F 457 55.24 69.02 -0.79
N LEU F 458 53.97 68.62 -0.75
CA LEU F 458 53.55 67.33 -1.30
C LEU F 458 52.50 67.51 -2.38
N LEU F 459 52.42 66.51 -3.25
CA LEU F 459 51.44 66.41 -4.33
C LEU F 459 50.46 65.28 -4.03
N PHE F 460 49.25 65.41 -4.57
CA PHE F 460 48.16 64.51 -4.21
C PHE F 460 47.29 64.26 -5.44
N GLY F 461 46.09 63.73 -5.21
CA GLY F 461 45.15 63.51 -6.29
C GLY F 461 44.07 62.50 -5.95
N GLY F 462 42.88 62.67 -6.55
CA GLY F 462 41.80 61.73 -6.36
C GLY F 462 40.60 62.30 -5.65
N VAL F 463 39.51 62.55 -6.38
CA VAL F 463 38.29 63.15 -5.83
C VAL F 463 37.09 62.47 -6.45
N PHE F 464 36.07 62.21 -5.63
CA PHE F 464 34.86 61.52 -6.08
C PHE F 464 33.85 61.54 -4.94
N THR F 465 32.58 61.34 -5.30
CA THR F 465 31.52 61.20 -4.33
C THR F 465 31.05 59.76 -4.29
N ASP F 466 30.08 59.47 -3.41
CA ASP F 466 29.46 58.16 -3.41
C ASP F 466 28.63 57.93 -4.67
N LYS F 467 28.20 59.00 -5.33
CA LYS F 467 27.39 58.92 -6.54
C LYS F 467 28.20 59.15 -7.81
N THR F 468 29.10 60.11 -7.80
CA THR F 468 29.96 60.37 -8.95
C THR F 468 31.15 59.44 -8.92
N ILE F 469 31.42 58.81 -10.05
CA ILE F 469 32.53 57.86 -10.16
C ILE F 469 33.85 58.61 -10.10
N ASN F 470 34.89 57.94 -9.66
CA ASN F 470 36.24 58.51 -9.66
C ASN F 470 36.94 58.15 -10.95
N PRO F 471 36.98 59.02 -11.96
CA PRO F 471 37.68 58.67 -13.20
C PRO F 471 39.17 58.56 -13.01
N MET F 472 39.71 59.18 -11.96
CA MET F 472 41.09 58.93 -11.55
C MET F 472 41.37 57.43 -11.47
N THR F 473 40.59 56.72 -10.67
CA THR F 473 40.79 55.29 -10.49
C THR F 473 39.73 54.45 -11.21
N ASN F 474 38.73 55.08 -11.83
CA ASN F 474 37.61 54.38 -12.44
C ASN F 474 36.88 53.49 -11.43
N ALA F 475 36.69 54.01 -10.23
CA ALA F 475 36.04 53.25 -9.17
C ALA F 475 35.31 54.23 -8.26
N GLN F 476 34.85 53.74 -7.11
CA GLN F 476 34.19 54.55 -6.09
C GLN F 476 34.90 54.44 -4.75
N SER F 477 36.22 54.28 -4.77
CA SER F 477 37.01 54.11 -3.57
C SER F 477 38.34 54.81 -3.75
N CYS F 478 39.22 54.59 -2.82
CA CYS F 478 40.54 55.19 -2.89
C CYS F 478 41.53 54.25 -3.57
N PRO F 479 42.36 54.77 -4.46
CA PRO F 479 43.45 53.96 -5.01
C PRO F 479 44.48 53.63 -3.93
N ALA F 480 45.31 52.64 -4.24
CA ALA F 480 46.29 52.16 -3.27
C ALA F 480 47.25 53.26 -2.88
N GLY F 481 47.56 53.34 -1.58
CA GLY F 481 48.39 54.41 -1.06
C GLY F 481 47.69 55.74 -0.94
N TYR F 482 46.39 55.75 -0.69
CA TYR F 482 45.61 56.98 -0.60
C TYR F 482 44.67 56.87 0.60
N ILE F 483 44.72 57.86 1.50
CA ILE F 483 43.66 58.04 2.48
C ILE F 483 42.57 58.86 1.81
N PRO F 484 41.34 58.40 1.80
CA PRO F 484 40.26 59.24 1.28
C PRO F 484 39.88 60.29 2.31
N LEU F 485 40.29 61.53 2.08
CA LEU F 485 40.01 62.62 3.00
C LEU F 485 38.65 63.22 2.60
N ASN F 486 37.67 63.03 3.47
CA ASN F 486 36.27 63.36 3.15
C ASN F 486 36.00 64.85 3.33
N LEU F 487 36.88 65.66 2.72
CA LEU F 487 36.83 67.11 2.86
C LEU F 487 35.44 67.70 2.68
N PHE F 488 34.64 67.17 1.76
CA PHE F 488 33.40 67.82 1.37
C PHE F 488 32.20 67.08 1.95
N GLU F 489 31.01 67.52 1.57
CA GLU F 489 29.78 66.85 1.99
C GLU F 489 29.81 65.36 1.63
N SER F 490 30.17 65.04 0.39
CA SER F 490 30.24 63.66 -0.05
C SER F 490 31.55 63.30 -0.75
N LEU F 491 32.44 64.26 -0.98
CA LEU F 491 33.72 63.97 -1.61
C LEU F 491 34.64 63.28 -0.62
N LYS F 492 35.47 62.37 -1.13
CA LYS F 492 36.52 61.76 -0.35
C LYS F 492 37.81 62.03 -1.11
N VAL F 493 38.42 63.19 -0.84
CA VAL F 493 39.58 63.63 -1.58
C VAL F 493 40.76 62.74 -1.19
N CYS F 494 41.15 61.86 -2.11
CA CYS F 494 42.25 60.95 -1.87
C CYS F 494 43.56 61.72 -1.78
N VAL F 495 44.46 61.24 -0.93
CA VAL F 495 45.72 61.92 -0.67
C VAL F 495 46.87 61.06 -1.17
N SER F 496 47.75 61.65 -1.98
CA SER F 496 49.02 61.00 -2.32
C SER F 496 50.05 61.34 -1.25
N LEU F 497 49.75 60.87 -0.04
CA LEU F 497 50.57 61.18 1.13
C LEU F 497 51.97 60.62 1.01
N ASP F 498 52.22 59.67 0.10
CA ASP F 498 53.54 59.09 -0.09
C ASP F 498 53.95 59.16 -1.56
N TYR F 499 55.25 59.27 -1.78
CA TYR F 499 55.81 59.37 -3.13
C TYR F 499 55.58 58.11 -3.95
N GLU F 500 55.40 56.97 -3.27
CA GLU F 500 55.84 55.69 -3.79
C GLU F 500 55.31 55.42 -5.20
N LEU F 501 53.99 55.28 -5.34
CA LEU F 501 53.41 55.14 -6.66
C LEU F 501 52.80 56.44 -7.13
N GLY F 502 52.71 57.44 -6.26
CA GLY F 502 52.20 58.72 -6.63
C GLY F 502 53.01 59.38 -7.72
N PHE F 503 54.34 59.25 -7.66
CA PHE F 503 55.19 59.88 -8.68
C PHE F 503 54.73 59.57 -10.09
N LYS F 504 54.19 58.37 -10.33
CA LYS F 504 53.67 58.01 -11.64
C LYS F 504 52.15 58.02 -11.71
N PHE F 505 51.46 58.06 -10.57
CA PHE F 505 50.01 58.22 -10.53
C PHE F 505 49.71 59.35 -9.56
N SER F 506 49.88 60.60 -10.02
CA SER F 506 49.60 61.79 -9.25
C SER F 506 48.61 62.72 -9.95
N VAL F 507 48.87 63.05 -11.20
CA VAL F 507 48.08 64.02 -11.96
C VAL F 507 48.11 65.35 -11.21
N PRO F 508 49.21 66.12 -11.32
CA PRO F 508 49.47 67.22 -10.38
C PRO F 508 48.46 68.36 -10.44
N PHE F 509 47.39 68.18 -9.68
CA PHE F 509 46.20 69.00 -9.70
C PHE F 509 46.49 70.45 -9.31
N GLY F 510 45.44 71.27 -9.39
CA GLY F 510 45.39 72.54 -8.70
C GLY F 510 44.10 72.64 -7.91
N GLY F 511 43.72 73.89 -7.62
CA GLY F 511 42.52 74.12 -6.83
C GLY F 511 41.56 75.13 -7.42
N PHE F 512 40.28 75.05 -7.03
CA PHE F 512 39.29 75.96 -7.57
C PHE F 512 38.07 75.94 -6.65
N PHE F 513 37.55 77.12 -6.36
CA PHE F 513 36.38 77.29 -5.51
C PHE F 513 35.13 76.93 -6.29
N SER F 514 33.96 77.25 -5.76
CA SER F 514 32.75 77.08 -6.53
C SER F 514 32.64 78.17 -7.59
N CYS F 515 31.72 77.97 -8.54
CA CYS F 515 31.54 78.95 -9.61
C CYS F 515 31.07 80.30 -9.07
N ILE F 516 30.45 80.31 -7.90
CA ILE F 516 30.09 81.57 -7.26
C ILE F 516 31.21 82.10 -6.37
N MET F 517 31.95 81.21 -5.70
CA MET F 517 33.11 81.59 -4.92
C MET F 517 34.27 81.93 -5.87
N GLY F 518 35.41 82.31 -5.31
CA GLY F 518 36.52 82.78 -6.10
C GLY F 518 37.38 81.70 -6.71
N ASN F 519 38.69 81.83 -6.57
CA ASN F 519 39.66 80.89 -7.13
C ASN F 519 41.03 81.22 -6.58
N PRO F 520 41.91 80.23 -6.46
CA PRO F 520 43.21 80.48 -5.83
C PRO F 520 44.29 81.02 -6.75
N LEU F 521 44.21 80.77 -8.05
CA LEU F 521 45.33 81.05 -8.93
C LEU F 521 44.92 81.97 -10.08
N VAL F 522 45.93 82.38 -10.84
CA VAL F 522 45.76 83.40 -11.88
C VAL F 522 45.39 82.74 -13.20
N ASN F 523 44.75 83.52 -14.07
CA ASN F 523 44.46 83.11 -15.44
C ASN F 523 45.30 83.96 -16.40
N ALA F 532 46.94 90.14 -3.48
CA ALA F 532 46.38 91.20 -4.30
C ALA F 532 45.12 90.72 -5.01
N PRO F 533 43.99 90.75 -4.30
CA PRO F 533 42.74 90.24 -4.90
C PRO F 533 42.21 91.17 -5.99
N SER F 534 42.38 90.76 -7.24
CA SER F 534 41.83 91.47 -8.38
C SER F 534 41.08 90.58 -9.35
N LEU F 535 41.32 89.27 -9.32
CA LEU F 535 40.69 88.34 -10.25
C LEU F 535 39.69 87.46 -9.51
N LYS F 536 38.60 87.11 -10.20
CA LYS F 536 37.65 86.13 -9.69
C LYS F 536 37.05 85.39 -10.89
N LYS F 537 37.71 84.31 -11.30
CA LYS F 537 37.24 83.41 -12.35
C LYS F 537 38.24 82.27 -12.43
N CYS F 538 37.85 81.22 -13.16
CA CYS F 538 38.57 79.95 -13.14
C CYS F 538 40.09 80.17 -13.12
N PRO F 539 40.82 79.55 -12.19
CA PRO F 539 42.24 79.87 -12.02
C PRO F 539 43.11 79.28 -13.11
N GLY F 540 43.24 79.99 -14.22
CA GLY F 540 43.96 79.47 -15.36
C GLY F 540 43.03 78.83 -16.36
N GLY F 541 43.41 77.65 -16.85
CA GLY F 541 42.54 76.92 -17.76
C GLY F 541 41.66 75.93 -17.04
N PHE F 542 41.75 74.67 -17.45
CA PHE F 542 40.93 73.59 -16.90
C PHE F 542 39.44 73.93 -16.98
N SER F 543 38.95 73.90 -18.22
CA SER F 543 37.55 74.14 -18.51
C SER F 543 36.68 73.19 -17.69
N GLN F 544 35.37 73.40 -17.72
CA GLN F 544 34.48 72.93 -16.66
C GLN F 544 34.44 71.40 -16.69
N HIS F 545 35.44 70.81 -16.03
CA HIS F 545 35.49 69.36 -15.81
C HIS F 545 34.82 69.07 -14.47
N LEU F 546 33.55 68.71 -14.52
CA LEU F 546 32.75 68.58 -13.30
C LEU F 546 33.36 67.59 -12.33
N ALA F 547 33.23 67.89 -11.05
CA ALA F 547 33.56 66.98 -9.97
C ALA F 547 32.39 66.72 -9.04
N VAL F 548 31.62 67.75 -8.71
CA VAL F 548 30.47 67.62 -7.82
C VAL F 548 29.64 68.90 -7.91
N ILE F 549 28.33 68.77 -7.75
CA ILE F 549 27.45 69.92 -7.65
C ILE F 549 27.03 70.06 -6.18
N SER F 550 26.94 71.30 -5.72
CA SER F 550 26.43 71.58 -4.38
C SER F 550 25.34 72.62 -4.50
N ASP F 551 24.09 72.17 -4.35
CA ASP F 551 22.88 73.01 -4.40
C ASP F 551 22.95 74.07 -5.49
N GLY F 552 23.39 73.70 -6.68
CA GLY F 552 23.37 74.62 -7.81
C GLY F 552 24.74 75.01 -8.33
N CYS F 553 25.69 75.23 -7.42
CA CYS F 553 27.04 75.61 -7.82
C CYS F 553 27.85 74.35 -8.08
N GLN F 554 28.68 74.38 -9.12
CA GLN F 554 29.57 73.27 -9.43
C GLN F 554 30.95 73.51 -8.84
N VAL F 555 31.55 72.46 -8.30
CA VAL F 555 32.86 72.54 -7.68
C VAL F 555 33.84 71.77 -8.54
N SER F 556 34.81 72.48 -9.12
CA SER F 556 35.80 71.88 -10.00
C SER F 556 37.20 72.25 -9.52
N TYR F 557 38.22 71.98 -10.34
CA TYR F 557 39.59 72.24 -9.96
C TYR F 557 40.36 72.77 -11.17
N CYS F 558 41.69 72.76 -11.07
CA CYS F 558 42.58 72.93 -12.23
C CYS F 558 43.59 71.80 -12.12
N VAL F 559 43.22 70.62 -12.63
CA VAL F 559 44.02 69.42 -12.44
C VAL F 559 44.98 69.27 -13.61
N LYS F 560 46.24 69.62 -13.37
CA LYS F 560 47.28 69.46 -14.37
C LYS F 560 47.69 68.00 -14.41
N ALA F 561 48.13 67.54 -15.59
CA ALA F 561 48.47 66.16 -15.82
C ALA F 561 49.88 66.03 -16.38
N GLY F 562 50.84 66.71 -15.75
CA GLY F 562 52.19 66.77 -16.26
C GLY F 562 53.00 65.49 -16.09
N ILE F 563 54.28 65.64 -15.80
CA ILE F 563 55.22 64.52 -15.79
C ILE F 563 54.93 63.56 -14.63
N THR G 13 41.28 30.06 -40.91
CA THR G 13 41.04 30.73 -39.64
C THR G 13 39.75 30.24 -39.01
N GLY G 14 39.36 29.01 -39.35
CA GLY G 14 38.11 28.43 -38.89
C GLY G 14 38.38 27.62 -37.64
N PHE G 15 37.98 28.14 -36.48
CA PHE G 15 38.15 27.39 -35.25
C PHE G 15 37.26 26.17 -35.18
N GLN G 16 36.34 26.01 -36.12
CA GLN G 16 35.39 24.91 -36.05
C GLN G 16 36.06 23.56 -36.06
N ILE G 17 37.28 23.46 -36.61
CA ILE G 17 37.95 22.17 -36.71
C ILE G 17 38.18 21.57 -35.33
N CYS G 18 38.76 22.35 -34.42
CA CYS G 18 39.10 21.76 -33.15
C CYS G 18 38.05 22.04 -32.09
N LYS G 19 37.25 23.08 -32.26
CA LYS G 19 35.99 23.13 -31.52
C LYS G 19 35.19 21.86 -31.76
N ASN G 20 35.40 21.23 -32.91
CA ASN G 20 34.81 19.93 -33.18
C ASN G 20 35.64 18.80 -32.59
N ALA G 21 36.97 18.91 -32.68
CA ALA G 21 37.83 17.88 -32.09
C ALA G 21 37.58 17.75 -30.60
N LEU G 22 37.88 18.79 -29.84
CA LEU G 22 37.58 18.85 -28.43
C LEU G 22 36.38 19.77 -28.23
N LYS G 23 35.48 19.38 -27.34
CA LYS G 23 34.13 19.92 -27.35
C LYS G 23 33.98 21.24 -26.62
N LEU G 24 35.04 21.95 -26.36
CA LEU G 24 34.88 23.17 -25.57
C LEU G 24 34.38 24.32 -26.43
N PRO G 25 33.73 25.31 -25.82
CA PRO G 25 33.29 26.47 -26.57
C PRO G 25 34.35 27.55 -26.62
N VAL G 26 34.44 28.22 -27.77
CA VAL G 26 35.45 29.24 -27.96
C VAL G 26 35.13 30.45 -27.09
N LEU G 27 36.17 31.06 -26.54
CA LEU G 27 35.98 32.30 -25.80
C LEU G 27 35.36 33.34 -26.72
N GLU G 28 34.52 34.21 -26.14
CA GLU G 28 33.84 35.20 -26.96
C GLU G 28 34.63 36.49 -27.07
N VAL G 29 35.12 36.98 -25.96
CA VAL G 29 35.86 38.23 -25.96
C VAL G 29 37.26 37.97 -26.48
N LEU G 30 37.74 38.84 -27.36
CA LEU G 30 39.04 38.63 -27.95
C LEU G 30 39.68 39.99 -28.17
N PRO G 31 40.96 40.12 -27.90
CA PRO G 31 41.60 41.43 -27.95
C PRO G 31 41.97 41.89 -29.34
N GLY G 32 42.34 40.97 -30.21
CA GLY G 32 42.87 41.38 -31.50
C GLY G 32 41.81 41.97 -32.39
N GLY G 33 41.30 43.13 -32.03
CA GLY G 33 40.25 43.76 -32.81
C GLY G 33 40.20 45.25 -32.63
N GLY G 34 40.16 45.99 -33.74
CA GLY G 34 40.12 47.43 -33.67
C GLY G 34 38.94 47.93 -32.86
N TRP G 35 39.02 49.21 -32.50
CA TRP G 35 38.06 49.77 -31.56
C TRP G 35 38.00 51.27 -31.74
N ASP G 36 36.82 51.79 -32.05
CA ASP G 36 36.63 53.22 -32.21
C ASP G 36 36.55 53.86 -30.82
N ASN G 37 37.48 54.76 -30.53
CA ASN G 37 37.48 55.41 -29.23
C ASN G 37 36.47 56.54 -29.16
N LEU G 38 36.06 57.09 -30.29
CA LEU G 38 35.10 58.19 -30.27
C LEU G 38 33.67 57.67 -30.12
N ARG G 39 33.19 56.91 -31.09
CA ARG G 39 31.90 56.27 -30.96
C ARG G 39 31.86 55.29 -29.81
N ASN G 40 33.02 54.78 -29.39
CA ASN G 40 33.13 53.85 -28.26
C ASN G 40 32.43 52.52 -28.57
N VAL G 41 32.87 51.84 -29.61
CA VAL G 41 32.28 50.57 -30.05
C VAL G 41 33.28 49.81 -30.91
N ASP G 42 33.33 48.48 -30.73
CA ASP G 42 34.26 47.64 -31.49
C ASP G 42 34.09 47.86 -32.98
N MET G 43 35.18 47.66 -33.73
CA MET G 43 35.16 47.98 -35.15
C MET G 43 35.51 46.80 -36.05
N GLY G 44 36.56 46.06 -35.78
CA GLY G 44 36.92 44.97 -36.68
C GLY G 44 38.27 44.40 -36.35
N ARG G 45 38.55 43.24 -36.93
CA ARG G 45 39.82 42.57 -36.70
C ARG G 45 40.98 43.48 -37.06
N VAL G 46 42.04 43.40 -36.27
CA VAL G 46 43.29 44.03 -36.68
C VAL G 46 44.41 43.00 -36.60
N MET G 47 44.61 42.44 -35.42
CA MET G 47 45.57 41.36 -35.23
C MET G 47 44.87 40.05 -35.57
N ASP G 48 45.44 39.29 -36.50
CA ASP G 48 44.76 38.10 -36.97
C ASP G 48 44.70 37.06 -35.86
N LEU G 49 43.63 36.26 -35.88
CA LEU G 49 43.41 35.22 -34.89
C LEU G 49 43.27 33.90 -35.63
N THR G 50 44.28 33.07 -35.56
CA THR G 50 44.23 31.74 -36.12
C THR G 50 43.82 30.74 -35.06
N TYR G 51 43.73 29.48 -35.46
CA TYR G 51 43.48 28.42 -34.49
C TYR G 51 44.27 27.17 -34.85
N THR G 52 45.46 27.35 -35.41
CA THR G 52 46.20 26.23 -35.97
C THR G 52 46.55 25.19 -34.92
N ASN G 53 47.46 25.53 -34.01
CA ASN G 53 47.87 24.60 -32.96
C ASN G 53 46.90 24.72 -31.81
N CYS G 54 45.62 24.52 -32.08
CA CYS G 54 44.59 25.27 -31.36
C CYS G 54 44.74 25.14 -29.87
N LYS G 55 44.89 26.28 -29.22
CA LYS G 55 45.18 26.39 -27.80
C LYS G 55 43.93 26.05 -27.02
N THR G 56 44.00 26.27 -25.71
CA THR G 56 42.85 26.21 -24.83
C THR G 56 43.31 26.74 -23.49
N THR G 57 42.39 27.36 -22.77
CA THR G 57 42.74 27.89 -21.47
C THR G 57 43.17 26.75 -20.55
N GLU G 58 43.98 27.08 -19.56
CA GLU G 58 44.55 26.05 -18.70
C GLU G 58 43.46 25.21 -18.05
N ASP G 59 42.56 25.84 -17.31
CA ASP G 59 41.39 25.13 -16.81
C ASP G 59 40.48 24.93 -18.00
N GLY G 60 40.79 23.90 -18.78
CA GLY G 60 40.27 23.86 -20.12
C GLY G 60 38.76 23.88 -20.15
N GLN G 61 38.22 25.07 -20.40
CA GLN G 61 36.82 25.21 -20.76
C GLN G 61 36.63 26.31 -21.77
N TYR G 62 37.63 26.57 -22.60
CA TYR G 62 37.52 27.50 -23.71
C TYR G 62 38.58 27.15 -24.73
N ILE G 63 38.50 27.77 -25.90
CA ILE G 63 39.48 27.60 -26.96
C ILE G 63 39.93 28.99 -27.37
N ILE G 64 40.97 29.50 -26.75
CA ILE G 64 41.48 30.81 -27.14
C ILE G 64 42.15 30.65 -28.49
N PRO G 65 42.23 31.69 -29.31
CA PRO G 65 43.04 31.62 -30.51
C PRO G 65 44.51 31.72 -30.14
N ASP G 66 45.34 31.12 -30.97
CA ASP G 66 46.72 30.94 -30.59
C ASP G 66 47.55 32.19 -30.70
N GLU G 67 46.92 33.36 -30.79
CA GLU G 67 47.62 34.62 -30.66
C GLU G 67 47.27 35.34 -29.39
N VAL G 68 46.63 34.68 -28.43
CA VAL G 68 46.29 35.29 -27.16
C VAL G 68 46.61 34.31 -26.05
N TYR G 69 46.87 34.86 -24.87
CA TYR G 69 47.09 34.06 -23.67
C TYR G 69 46.26 34.67 -22.55
N THR G 70 45.81 33.81 -21.64
CA THR G 70 44.91 34.23 -20.59
C THR G 70 45.57 34.05 -19.23
N ILE G 71 45.09 34.82 -18.26
CA ILE G 71 45.57 34.74 -16.88
C ILE G 71 44.36 34.87 -15.96
N PRO G 72 43.94 33.80 -15.33
CA PRO G 72 42.57 33.72 -14.81
C PRO G 72 42.41 34.17 -13.38
N GLN G 73 41.40 35.00 -13.09
CA GLN G 73 41.02 35.35 -11.72
C GLN G 73 39.77 36.20 -11.71
N LYS G 74 38.84 35.98 -10.76
CA LYS G 74 38.07 37.06 -10.11
C LYS G 74 36.93 36.56 -9.25
N GLU G 75 36.28 37.49 -8.53
CA GLU G 75 34.85 37.59 -8.25
C GLU G 75 34.65 38.79 -7.33
N SER G 76 33.46 39.39 -7.39
CA SER G 76 33.16 40.47 -6.48
C SER G 76 31.70 40.85 -6.61
N ASN G 77 31.03 41.05 -5.48
CA ASN G 77 29.68 41.60 -5.51
C ASN G 77 29.38 42.26 -4.18
N LEU G 78 28.29 43.00 -4.14
CA LEU G 78 27.91 43.68 -2.92
C LEU G 78 26.43 44.00 -2.92
N GLU G 79 25.74 43.60 -1.86
CA GLU G 79 24.34 43.89 -1.66
C GLU G 79 24.20 44.96 -0.60
N MET G 80 23.12 45.74 -0.69
CA MET G 80 22.84 46.75 0.32
C MET G 80 21.43 47.25 0.12
N ASN G 81 20.74 47.50 1.22
CA ASN G 81 19.38 48.02 1.15
C ASN G 81 19.09 48.80 2.43
N SER G 82 17.95 49.48 2.44
CA SER G 82 17.57 50.33 3.55
C SER G 82 16.07 50.20 3.78
N GLU G 83 15.58 50.94 4.77
CA GLU G 83 14.21 50.79 5.24
C GLU G 83 13.78 52.06 5.95
N VAL G 84 12.48 52.35 5.91
CA VAL G 84 11.90 53.52 6.58
C VAL G 84 10.42 53.24 6.82
N LEU G 85 9.95 53.48 8.04
CA LEU G 85 8.54 53.34 8.38
C LEU G 85 8.06 54.55 9.17
N GLU G 86 6.75 54.59 9.42
CA GLU G 86 6.11 55.63 10.21
C GLU G 86 4.76 55.12 10.69
N SER G 87 4.15 55.84 11.62
CA SER G 87 2.76 55.64 12.02
C SER G 87 2.36 56.76 12.97
N TRP G 88 1.13 57.26 12.83
CA TRP G 88 0.60 58.34 13.66
C TRP G 88 -0.79 57.99 14.14
N MET G 89 -1.31 58.77 15.10
CA MET G 89 -2.65 58.60 15.63
C MET G 89 -3.17 59.94 16.16
N ASN G 90 -4.41 59.93 16.68
CA ASN G 90 -5.02 61.06 17.39
C ASN G 90 -6.25 60.59 18.16
N TYR G 91 -6.98 61.56 18.71
CA TYR G 91 -8.09 61.29 19.63
C TYR G 91 -9.00 62.52 19.71
N GLN G 92 -9.89 62.54 20.71
CA GLN G 92 -11.10 63.36 20.68
C GLN G 92 -11.38 64.21 21.92
N SER G 93 -12.59 64.80 21.97
CA SER G 93 -13.01 65.68 23.05
C SER G 93 -14.54 65.65 23.14
N THR G 94 -15.08 66.08 24.28
CA THR G 94 -16.50 65.94 24.56
C THR G 94 -16.95 66.91 25.65
N THR G 95 -18.17 67.44 25.50
CA THR G 95 -18.81 68.24 26.54
C THR G 95 -20.28 67.84 26.63
N SER G 96 -20.90 68.19 27.75
CA SER G 96 -22.33 67.88 27.97
C SER G 96 -22.81 68.62 29.20
N LEU G 97 -24.02 69.17 29.14
CA LEU G 97 -24.64 69.86 30.27
C LEU G 97 -26.14 69.60 30.23
N SER G 98 -26.70 69.14 31.35
CA SER G 98 -28.11 68.74 31.45
C SER G 98 -28.72 69.45 32.65
N ILE G 99 -29.43 70.56 32.38
CA ILE G 99 -29.76 71.49 33.46
C ILE G 99 -31.20 71.99 33.39
N ASN G 100 -32.00 71.70 34.42
CA ASN G 100 -32.92 72.66 35.03
C ASN G 100 -33.86 71.90 35.96
N THR G 101 -34.71 72.67 36.67
CA THR G 101 -35.88 72.16 37.36
C THR G 101 -36.74 73.37 37.74
N GLU G 102 -37.98 73.11 38.16
CA GLU G 102 -38.84 74.14 38.71
C GLU G 102 -40.07 73.50 39.35
N LEU G 103 -40.63 74.17 40.35
CA LEU G 103 -41.87 73.80 41.02
C LEU G 103 -42.38 74.98 41.85
N ALA G 104 -43.67 74.96 42.15
CA ALA G 104 -44.28 75.76 43.20
C ALA G 104 -45.73 75.35 43.34
N LEU G 105 -46.34 75.76 44.45
CA LEU G 105 -47.75 75.51 44.69
C LEU G 105 -48.59 76.78 44.67
N PHE G 106 -47.99 77.94 44.40
CA PHE G 106 -48.72 79.22 44.41
C PHE G 106 -48.76 79.86 43.03
N SER G 107 -47.61 80.12 42.41
CA SER G 107 -47.61 80.82 41.13
C SER G 107 -46.68 80.26 40.07
N ARG G 108 -45.59 79.56 40.43
CA ARG G 108 -44.54 79.27 39.46
C ARG G 108 -44.10 77.81 39.57
N VAL G 109 -44.83 76.92 38.89
CA VAL G 109 -44.45 75.51 38.77
C VAL G 109 -44.22 75.18 37.30
N ASN G 110 -43.00 74.79 36.97
CA ASN G 110 -42.61 74.52 35.59
C ASN G 110 -41.72 73.29 35.52
N GLY G 111 -41.14 73.07 34.35
CA GLY G 111 -40.15 72.04 34.15
C GLY G 111 -39.23 72.42 33.02
N LYS G 112 -37.95 72.06 33.10
CA LYS G 112 -37.01 72.36 32.03
C LYS G 112 -35.82 71.42 32.13
N PHE G 113 -35.33 70.98 30.97
CA PHE G 113 -34.07 70.22 30.87
C PHE G 113 -33.47 70.54 29.50
N SER G 114 -32.58 71.54 29.46
CA SER G 114 -31.94 71.91 28.20
C SER G 114 -30.63 71.16 28.01
N THR G 115 -30.74 69.83 28.04
CA THR G 115 -29.56 68.97 27.99
C THR G 115 -28.90 69.05 26.62
N GLU G 116 -27.57 69.01 26.61
CA GLU G 116 -26.79 69.14 25.40
C GLU G 116 -25.64 68.14 25.39
N PHE G 117 -25.16 67.83 24.20
CA PHE G 117 -24.01 66.93 24.02
C PHE G 117 -23.25 67.39 22.79
N GLN G 118 -21.94 67.52 22.91
CA GLN G 118 -21.07 67.77 21.76
C GLN G 118 -19.90 66.82 21.85
N ARG G 119 -19.76 65.96 20.84
CA ARG G 119 -18.65 65.04 20.74
C ARG G 119 -18.04 65.17 19.36
N MET G 120 -16.72 65.13 19.28
CA MET G 120 -16.00 65.20 18.02
C MET G 120 -14.81 64.26 18.11
N LYS G 121 -14.94 63.07 17.51
CA LYS G 121 -13.87 62.10 17.47
C LYS G 121 -13.17 62.19 16.12
N THR G 122 -11.88 62.51 16.14
CA THR G 122 -11.07 62.54 14.94
C THR G 122 -9.89 61.60 15.11
N LEU G 123 -9.70 60.71 14.14
CA LEU G 123 -8.51 59.89 14.06
C LEU G 123 -7.71 60.30 12.83
N GLN G 124 -6.41 60.09 12.89
CA GLN G 124 -5.54 60.33 11.74
C GLN G 124 -4.40 59.32 11.81
N VAL G 125 -4.59 58.19 11.15
CA VAL G 125 -3.50 57.25 10.97
C VAL G 125 -2.72 57.69 9.75
N LYS G 126 -1.40 57.49 9.77
CA LYS G 126 -0.58 57.88 8.63
C LYS G 126 0.63 56.96 8.59
N ASP G 127 0.63 56.04 7.64
CA ASP G 127 1.67 55.02 7.51
C ASP G 127 2.46 55.26 6.23
N GLN G 128 3.77 55.02 6.29
CA GLN G 128 4.63 55.30 5.14
C GLN G 128 5.80 54.32 5.13
N ALA G 129 5.68 53.25 4.37
CA ALA G 129 6.77 52.29 4.21
C ALA G 129 7.63 52.69 3.02
N VAL G 130 8.93 52.40 3.13
CA VAL G 130 9.86 52.68 2.05
C VAL G 130 10.96 51.62 2.04
N THR G 131 11.09 50.91 0.92
CA THR G 131 12.14 49.93 0.74
C THR G 131 13.00 50.33 -0.45
N THR G 132 14.28 50.00 -0.39
CA THR G 132 15.20 50.37 -1.46
C THR G 132 16.38 49.41 -1.43
N ARG G 133 16.40 48.47 -2.37
CA ARG G 133 17.52 47.55 -2.51
C ARG G 133 18.36 47.93 -3.71
N VAL G 134 19.66 47.68 -3.61
CA VAL G 134 20.61 47.84 -4.71
C VAL G 134 21.64 46.75 -4.50
N GLN G 135 21.93 45.99 -5.54
CA GLN G 135 22.95 44.96 -5.38
C GLN G 135 23.55 44.64 -6.73
N VAL G 136 24.86 44.47 -6.76
CA VAL G 136 25.65 44.50 -7.99
C VAL G 136 26.69 43.39 -7.94
N ARG G 137 26.82 42.66 -9.05
CA ARG G 137 27.79 41.56 -9.18
C ARG G 137 28.84 41.90 -10.22
N ASN G 138 30.03 41.37 -10.05
CA ASN G 138 31.11 41.50 -11.02
C ASN G 138 31.95 40.24 -11.08
N ARG G 139 32.40 39.91 -12.27
CA ARG G 139 33.35 38.83 -12.51
C ARG G 139 34.37 39.31 -13.52
N ILE G 140 35.60 38.83 -13.42
CA ILE G 140 36.52 39.06 -14.53
C ILE G 140 37.28 37.76 -14.80
N TYR G 141 37.83 37.63 -16.02
CA TYR G 141 38.78 36.56 -16.33
C TYR G 141 39.56 36.97 -17.57
N THR G 142 40.72 37.60 -17.37
CA THR G 142 41.27 38.50 -18.38
C THR G 142 41.96 37.75 -19.53
N VAL G 143 42.32 38.52 -20.55
CA VAL G 143 42.82 38.02 -21.83
C VAL G 143 43.73 39.08 -22.45
N LYS G 144 44.91 38.66 -22.88
CA LYS G 144 45.86 39.55 -23.51
C LYS G 144 46.21 39.01 -24.89
N THR G 145 46.61 39.92 -25.78
CA THR G 145 47.10 39.51 -27.09
C THR G 145 48.58 39.19 -26.99
N THR G 146 48.99 38.13 -27.66
CA THR G 146 50.37 37.71 -27.55
C THR G 146 51.27 38.80 -28.13
N PRO G 147 52.47 38.98 -27.56
CA PRO G 147 53.32 40.09 -27.99
C PRO G 147 53.92 39.91 -29.37
N THR G 148 53.66 38.79 -30.03
CA THR G 148 54.30 38.50 -31.32
C THR G 148 53.29 38.17 -32.40
N SER G 149 52.05 38.63 -32.28
CA SER G 149 51.09 38.33 -33.33
C SER G 149 51.24 39.33 -34.47
N GLU G 150 50.62 38.99 -35.59
CA GLU G 150 50.73 39.76 -36.81
C GLU G 150 49.39 40.36 -37.19
N LEU G 151 49.43 41.35 -38.08
CA LEU G 151 48.21 42.00 -38.50
C LEU G 151 47.31 41.01 -39.23
N SER G 152 46.01 41.35 -39.27
CA SER G 152 45.07 40.51 -39.96
C SER G 152 45.29 40.61 -41.47
N LEU G 153 44.49 39.85 -42.22
CA LEU G 153 44.61 39.92 -43.67
C LEU G 153 44.00 41.21 -44.19
N GLY G 154 42.75 41.47 -43.86
CA GLY G 154 42.10 42.68 -44.35
C GLY G 154 42.83 43.94 -43.96
N PHE G 155 43.41 43.96 -42.75
CA PHE G 155 44.14 45.13 -42.31
C PHE G 155 45.35 45.37 -43.19
N THR G 156 46.17 44.34 -43.39
CA THR G 156 47.32 44.49 -44.28
C THR G 156 46.88 44.88 -45.67
N LYS G 157 45.76 44.34 -46.15
CA LYS G 157 45.27 44.71 -47.46
C LYS G 157 45.02 46.21 -47.54
N ALA G 158 44.23 46.73 -46.60
CA ALA G 158 43.96 48.17 -46.61
C ALA G 158 45.24 48.97 -46.48
N LEU G 159 46.17 48.50 -45.65
CA LEU G 159 47.39 49.27 -45.41
C LEU G 159 48.24 49.34 -46.65
N MET G 160 48.59 48.21 -47.24
CA MET G 160 49.38 48.24 -48.46
C MET G 160 48.61 48.85 -49.61
N ASP G 161 47.28 48.91 -49.53
CA ASP G 161 46.53 49.65 -50.54
C ASP G 161 46.82 51.14 -50.43
N ILE G 162 46.74 51.67 -49.21
CA ILE G 162 47.11 53.07 -49.03
C ILE G 162 48.57 53.29 -49.42
N CYS G 163 49.42 52.30 -49.18
CA CYS G 163 50.82 52.45 -49.56
C CYS G 163 51.00 52.50 -51.07
N ASP G 164 50.24 51.66 -51.79
CA ASP G 164 50.28 51.75 -53.24
C ASP G 164 49.70 53.07 -53.73
N GLN G 165 48.75 53.63 -52.99
CA GLN G 165 48.24 54.94 -53.36
C GLN G 165 49.30 56.02 -53.17
N LEU G 166 50.08 55.92 -52.10
CA LEU G 166 51.10 56.94 -51.88
C LEU G 166 52.26 56.79 -52.85
N GLU G 167 52.68 55.56 -53.14
CA GLU G 167 53.66 55.35 -54.19
C GLU G 167 53.14 55.80 -55.55
N LYS G 168 51.85 55.63 -55.81
CA LYS G 168 51.21 56.10 -57.02
C LYS G 168 50.89 57.59 -56.96
N ASN G 169 51.30 58.27 -55.89
CA ASN G 169 51.33 59.71 -55.78
C ASN G 169 49.93 60.32 -55.69
N GLN G 170 48.88 59.52 -55.80
CA GLN G 170 47.50 60.00 -55.77
C GLN G 170 47.13 60.33 -54.33
N THR G 171 47.40 61.57 -53.93
CA THR G 171 47.18 61.97 -52.54
C THR G 171 45.71 61.89 -52.16
N LYS G 172 44.84 62.46 -53.00
CA LYS G 172 43.42 62.53 -52.67
C LYS G 172 42.85 61.15 -52.40
N MET G 173 42.97 60.24 -53.37
CA MET G 173 42.50 58.88 -53.15
C MET G 173 43.20 58.24 -51.96
N ALA G 174 44.48 58.55 -51.74
CA ALA G 174 45.20 57.96 -50.63
C ALA G 174 44.62 58.42 -49.29
N THR G 175 44.48 59.74 -49.11
CA THR G 175 43.95 60.22 -47.84
C THR G 175 42.50 59.78 -47.64
N TYR G 176 41.73 59.68 -48.72
CA TYR G 176 40.37 59.17 -48.57
C TYR G 176 40.39 57.70 -48.15
N LEU G 177 41.32 56.92 -48.70
CA LEU G 177 41.41 55.52 -48.31
C LEU G 177 41.82 55.40 -46.85
N ALA G 178 42.70 56.28 -46.38
CA ALA G 178 43.07 56.27 -44.97
C ALA G 178 41.88 56.62 -44.09
N GLU G 179 41.10 57.61 -44.52
CA GLU G 179 39.90 57.97 -43.77
C GLU G 179 38.93 56.80 -43.73
N LEU G 180 38.77 56.11 -44.85
CA LEU G 180 37.93 54.92 -44.86
C LEU G 180 38.47 53.86 -43.93
N LEU G 181 39.79 53.69 -43.91
CA LEU G 181 40.42 52.74 -42.99
C LEU G 181 40.05 53.06 -41.55
N ILE G 182 40.16 54.33 -41.18
CA ILE G 182 39.89 54.67 -39.79
C ILE G 182 38.41 54.53 -39.48
N LEU G 183 37.56 54.74 -40.48
CA LEU G 183 36.13 54.52 -40.27
C LEU G 183 35.79 53.06 -40.19
N ASN G 184 36.62 52.21 -40.79
CA ASN G 184 36.31 50.80 -40.96
C ASN G 184 36.99 49.91 -39.93
N TYR G 185 38.01 50.42 -39.24
CA TYR G 185 38.77 49.63 -38.29
C TYR G 185 38.99 50.35 -36.97
N GLY G 186 38.33 51.47 -36.75
CA GLY G 186 38.46 52.16 -35.48
C GLY G 186 39.79 52.82 -35.26
N THR G 187 39.86 53.70 -34.28
CA THR G 187 41.06 54.47 -34.02
C THR G 187 41.98 53.85 -32.99
N HIS G 188 41.69 52.64 -32.53
CA HIS G 188 42.55 51.98 -31.58
C HIS G 188 42.39 50.49 -31.73
N VAL G 189 43.45 49.76 -31.44
CA VAL G 189 43.42 48.30 -31.42
C VAL G 189 43.56 47.85 -29.98
N ILE G 190 42.75 46.89 -29.60
CA ILE G 190 42.68 46.43 -28.22
C ILE G 190 43.77 45.39 -28.00
N THR G 191 44.44 45.48 -26.86
CA THR G 191 45.44 44.48 -26.51
C THR G 191 45.12 43.79 -25.19
N SER G 192 43.95 44.04 -24.62
CA SER G 192 43.61 43.45 -23.34
C SER G 192 42.12 43.62 -23.10
N VAL G 193 41.46 42.55 -22.71
CA VAL G 193 40.08 42.59 -22.26
C VAL G 193 39.97 41.73 -21.03
N ASP G 194 38.85 41.84 -20.34
CA ASP G 194 38.60 41.07 -19.13
C ASP G 194 37.29 40.32 -19.31
N ALA G 195 37.39 39.05 -19.69
CA ALA G 195 36.19 38.24 -19.85
C ALA G 195 35.47 38.15 -18.52
N GLY G 196 34.33 38.81 -18.40
CA GLY G 196 33.58 38.74 -17.19
C GLY G 196 32.12 39.01 -17.46
N ALA G 197 31.38 39.20 -16.39
CA ALA G 197 30.00 39.62 -16.50
C ALA G 197 29.65 40.44 -15.28
N ALA G 198 28.58 41.21 -15.41
CA ALA G 198 28.15 42.08 -14.33
C ALA G 198 26.64 42.02 -14.23
N LEU G 199 26.13 42.53 -13.14
CA LEU G 199 24.69 42.59 -12.93
C LEU G 199 24.44 43.67 -11.90
N VAL G 200 23.64 44.65 -12.26
CA VAL G 200 23.34 45.79 -11.40
C VAL G 200 21.83 45.88 -11.35
N GLN G 201 21.24 45.49 -10.22
CA GLN G 201 19.79 45.49 -10.12
C GLN G 201 19.38 46.20 -8.85
N GLU G 202 18.21 46.83 -8.89
CA GLU G 202 17.76 47.67 -7.79
C GLU G 202 16.26 47.85 -7.91
N ASP G 203 15.67 48.32 -6.82
CA ASP G 203 14.23 48.55 -6.82
C ASP G 203 13.88 49.42 -5.62
N HIS G 204 12.81 50.18 -5.78
CA HIS G 204 12.28 51.03 -4.72
C HIS G 204 10.82 50.70 -4.49
N VAL G 205 10.40 50.74 -3.25
CA VAL G 205 9.00 50.65 -2.88
C VAL G 205 8.68 51.85 -2.02
N ARG G 206 7.52 52.47 -2.25
CA ARG G 206 7.16 53.66 -1.48
C ARG G 206 5.66 53.59 -1.21
N SER G 207 5.30 52.98 -0.09
CA SER G 207 3.91 52.93 0.34
C SER G 207 3.56 54.21 1.06
N SER G 208 2.33 54.65 0.91
CA SER G 208 1.81 55.81 1.61
C SER G 208 0.37 55.50 2.00
N PHE G 209 0.05 55.70 3.27
CA PHE G 209 -1.25 55.32 3.80
C PHE G 209 -1.72 56.42 4.73
N LEU G 210 -2.68 57.21 4.28
CA LEU G 210 -3.20 58.33 5.03
C LEU G 210 -4.67 58.10 5.30
N LEU G 211 -5.04 58.02 6.57
CA LEU G 211 -6.40 57.75 6.98
C LEU G 211 -6.95 58.92 7.78
N ASP G 212 -8.24 59.19 7.61
CA ASP G 212 -8.91 60.28 8.32
C ASP G 212 -10.14 59.75 9.01
N ASN G 213 -10.71 60.59 9.87
CA ASN G 213 -11.95 60.28 10.55
C ASN G 213 -12.42 61.54 11.26
N GLN G 214 -13.72 61.80 11.19
CA GLN G 214 -14.33 62.90 11.95
C GLN G 214 -15.69 62.40 12.41
N ASN G 215 -15.72 61.80 13.59
CA ASN G 215 -16.92 61.14 14.09
C ASN G 215 -17.57 62.01 15.14
N SER G 216 -18.36 62.98 14.71
CA SER G 216 -18.98 63.94 15.60
C SER G 216 -20.37 63.47 16.02
N GLN G 217 -20.92 64.15 17.01
CA GLN G 217 -22.25 63.81 17.52
C GLN G 217 -22.87 65.02 18.19
N ASN G 218 -24.19 65.01 18.29
CA ASN G 218 -24.96 66.03 19.00
C ASN G 218 -26.14 65.36 19.67
N THR G 219 -26.61 65.97 20.76
CA THR G 219 -27.81 65.49 21.43
C THR G 219 -28.41 66.67 22.19
N VAL G 220 -29.53 67.20 21.69
CA VAL G 220 -30.21 68.32 22.30
C VAL G 220 -31.58 67.85 22.77
N THR G 221 -31.92 68.16 24.02
CA THR G 221 -33.21 67.81 24.58
C THR G 221 -33.77 69.01 25.33
N ALA G 222 -35.08 69.19 25.23
CA ALA G 222 -35.79 70.23 25.94
C ALA G 222 -36.85 69.57 26.83
N SER G 223 -37.48 70.38 27.68
CA SER G 223 -38.49 69.85 28.59
C SER G 223 -39.41 70.97 29.04
N ALA G 224 -40.54 70.55 29.62
CA ALA G 224 -41.58 71.42 30.15
C ALA G 224 -42.21 70.69 31.32
N GLY G 225 -43.46 71.05 31.63
CA GLY G 225 -44.11 70.48 32.78
C GLY G 225 -44.72 71.49 33.72
N ILE G 226 -45.13 72.64 33.18
CA ILE G 226 -45.85 73.62 33.97
C ILE G 226 -47.25 73.07 34.27
N ALA G 227 -47.39 72.40 35.41
CA ALA G 227 -48.67 71.80 35.73
C ALA G 227 -48.97 71.68 37.21
N PHE G 228 -49.57 72.70 37.81
CA PHE G 228 -50.46 72.48 38.94
C PHE G 228 -51.69 73.38 38.83
N LEU G 229 -51.50 74.57 38.26
CA LEU G 229 -52.51 75.62 38.37
C LEU G 229 -52.97 76.05 36.98
N ASN G 230 -54.29 76.16 36.84
CA ASN G 230 -54.99 76.65 35.66
C ASN G 230 -54.92 75.65 34.51
N ILE G 231 -54.01 74.69 34.64
CA ILE G 231 -53.93 73.46 33.86
C ILE G 231 -53.28 72.44 34.77
N VAL G 232 -54.02 71.41 35.17
CA VAL G 232 -53.46 70.49 36.15
C VAL G 232 -52.35 69.66 35.54
N ASN G 233 -52.37 69.50 34.22
CA ASN G 233 -51.30 68.78 33.54
C ASN G 233 -51.20 69.09 32.05
N PHE G 234 -49.99 69.46 31.60
CA PHE G 234 -49.59 69.30 30.21
C PHE G 234 -48.08 69.36 30.13
N LYS G 235 -47.49 68.47 29.36
CA LYS G 235 -46.05 68.27 29.37
C LYS G 235 -45.52 68.37 27.95
N VAL G 236 -44.35 69.00 27.82
CA VAL G 236 -43.71 69.20 26.52
C VAL G 236 -42.24 68.83 26.65
N GLU G 237 -41.74 68.01 25.72
CA GLU G 237 -40.31 67.72 25.64
C GLU G 237 -39.98 67.34 24.20
N THR G 238 -38.96 67.98 23.65
CA THR G 238 -38.43 67.63 22.34
C THR G 238 -37.11 66.89 22.51
N ASP G 239 -36.75 66.11 21.50
CA ASP G 239 -35.48 65.42 21.46
C ASP G 239 -34.82 65.66 20.11
N TYR G 240 -33.50 65.55 20.07
CA TYR G 240 -32.76 65.87 18.85
C TYR G 240 -31.37 65.28 18.99
N ILE G 241 -31.01 64.38 18.07
CA ILE G 241 -29.69 63.77 18.06
C ILE G 241 -29.20 63.73 16.63
N SER G 242 -27.96 64.16 16.42
CA SER G 242 -27.34 64.21 15.11
C SER G 242 -25.97 63.56 15.17
N GLN G 243 -25.65 62.79 14.14
CA GLN G 243 -24.36 62.12 14.05
C GLN G 243 -23.69 62.45 12.72
N THR G 244 -22.38 62.30 12.70
CA THR G 244 -21.63 62.54 11.47
C THR G 244 -20.31 61.80 11.61
N SER G 245 -20.11 60.77 10.79
CA SER G 245 -18.89 59.99 10.82
C SER G 245 -18.36 59.93 9.39
N LEU G 246 -17.22 60.55 9.15
CA LEU G 246 -16.64 60.66 7.82
C LEU G 246 -15.21 60.17 7.85
N THR G 247 -14.97 59.01 7.25
CA THR G 247 -13.63 58.46 7.14
C THR G 247 -13.11 58.67 5.73
N LYS G 248 -11.80 58.88 5.63
CA LYS G 248 -11.15 59.09 4.35
C LYS G 248 -9.77 58.47 4.43
N ASP G 249 -9.50 57.46 3.62
CA ASP G 249 -8.19 56.86 3.54
C ASP G 249 -7.70 56.92 2.10
N TYR G 250 -6.37 56.95 1.94
CA TYR G 250 -5.78 57.25 0.64
C TYR G 250 -4.44 56.51 0.56
N LEU G 251 -4.48 55.31 -0.02
CA LEU G 251 -3.32 54.44 -0.13
C LEU G 251 -2.69 54.59 -1.50
N SER G 252 -1.37 54.58 -1.56
CA SER G 252 -0.68 54.69 -2.85
C SER G 252 0.69 54.01 -2.75
N ASN G 253 0.76 52.79 -3.25
CA ASN G 253 2.06 52.15 -3.49
C ASN G 253 2.69 52.73 -4.74
N ARG G 254 4.00 52.60 -4.83
CA ARG G 254 4.73 52.95 -6.05
C ARG G 254 6.02 52.13 -6.04
N THR G 255 6.10 51.16 -6.94
CA THR G 255 7.24 50.25 -7.00
C THR G 255 8.02 50.51 -8.27
N ASN G 256 9.35 50.49 -8.17
CA ASN G 256 10.21 50.46 -9.33
C ASN G 256 11.07 49.21 -9.30
N SER G 257 11.80 49.00 -10.37
CA SER G 257 12.73 47.89 -10.47
C SER G 257 13.53 48.09 -11.74
N ARG G 258 14.83 47.78 -11.70
CA ARG G 258 15.64 47.95 -12.89
C ARG G 258 16.85 47.05 -12.77
N VAL G 259 16.83 45.93 -13.45
CA VAL G 259 18.06 45.14 -13.55
C VAL G 259 18.77 45.64 -14.78
N GLN G 260 20.08 45.51 -14.80
CA GLN G 260 20.85 45.89 -15.97
C GLN G 260 22.09 45.00 -15.96
N SER G 261 22.03 43.90 -16.69
CA SER G 261 23.08 42.88 -16.63
C SER G 261 23.77 42.80 -17.97
N PHE G 262 25.09 42.68 -17.94
CA PHE G 262 25.84 42.37 -19.14
C PHE G 262 27.15 41.74 -18.71
N GLY G 263 27.31 40.46 -19.02
CA GLY G 263 26.28 39.72 -19.70
C GLY G 263 26.28 38.30 -19.25
N GLY G 264 25.12 37.76 -18.96
CA GLY G 264 25.04 36.37 -18.54
C GLY G 264 23.97 35.64 -19.29
N VAL G 265 23.08 34.96 -18.58
CA VAL G 265 21.94 34.31 -19.21
C VAL G 265 20.85 35.38 -19.29
N PRO G 266 20.04 35.42 -20.34
CA PRO G 266 18.97 36.42 -20.41
C PRO G 266 18.19 36.55 -19.12
N PHE G 267 18.28 37.71 -18.50
CA PHE G 267 17.72 37.91 -17.17
C PHE G 267 16.21 37.82 -17.20
N TYR G 268 15.64 37.50 -16.04
CA TYR G 268 14.20 37.51 -15.84
C TYR G 268 13.94 37.65 -14.35
N PRO G 269 12.85 38.30 -13.95
CA PRO G 269 12.72 38.72 -12.55
C PRO G 269 12.84 37.58 -11.55
N GLY G 270 12.13 36.49 -11.76
CA GLY G 270 12.15 35.44 -10.76
C GLY G 270 13.46 34.70 -10.63
N ILE G 271 14.51 35.12 -11.33
CA ILE G 271 15.75 34.36 -11.33
C ILE G 271 16.43 34.49 -9.97
N THR G 272 17.05 33.41 -9.52
CA THR G 272 17.85 33.50 -8.32
C THR G 272 19.09 34.34 -8.57
N LEU G 273 19.74 34.71 -7.50
CA LEU G 273 21.05 35.33 -7.64
C LEU G 273 22.12 34.31 -7.94
N GLU G 274 21.74 33.04 -8.06
CA GLU G 274 22.66 31.93 -8.27
C GLU G 274 22.60 31.40 -9.69
N THR G 275 21.43 30.89 -10.11
CA THR G 275 21.32 30.36 -11.46
C THR G 275 21.81 31.34 -12.51
N TRP G 276 21.78 32.63 -12.19
CA TRP G 276 22.56 33.59 -12.95
C TRP G 276 24.02 33.15 -13.03
N GLN G 277 24.66 32.97 -11.88
CA GLN G 277 26.08 32.69 -11.85
C GLN G 277 26.39 31.37 -12.54
N LYS G 278 25.80 30.28 -12.06
CA LYS G 278 26.11 28.99 -12.66
C LYS G 278 25.93 28.99 -14.16
N GLY G 279 25.06 29.85 -14.68
CA GLY G 279 24.84 29.92 -16.11
C GLY G 279 25.72 30.93 -16.81
N ILE G 280 26.89 31.19 -16.26
CA ILE G 280 27.82 32.13 -16.85
C ILE G 280 28.94 31.42 -17.61
N THR G 281 28.76 30.13 -17.90
CA THR G 281 29.87 29.32 -18.38
C THR G 281 30.49 29.93 -19.63
N ASN G 282 29.77 29.94 -20.74
CA ASN G 282 29.98 30.97 -21.74
C ASN G 282 28.97 32.07 -21.45
N HIS G 283 28.71 32.97 -22.40
CA HIS G 283 28.06 34.24 -22.13
C HIS G 283 28.98 35.15 -21.33
N LEU G 284 30.24 35.19 -21.71
CA LEU G 284 31.14 36.17 -21.13
C LEU G 284 31.15 37.41 -22.00
N VAL G 285 31.53 38.53 -21.39
CA VAL G 285 31.45 39.82 -22.07
C VAL G 285 32.63 40.65 -21.64
N ALA G 286 33.19 41.40 -22.56
CA ALA G 286 34.33 42.26 -22.24
C ALA G 286 33.83 43.36 -21.31
N ILE G 287 34.14 43.24 -20.02
CA ILE G 287 33.71 44.26 -19.08
C ILE G 287 34.72 45.39 -18.96
N ASP G 288 35.91 45.22 -19.49
CA ASP G 288 36.95 46.24 -19.39
C ASP G 288 38.00 45.93 -20.43
N ARG G 289 38.55 46.98 -21.03
CA ARG G 289 39.46 46.77 -22.13
C ARG G 289 40.47 47.90 -22.19
N ALA G 290 41.62 47.59 -22.79
CA ALA G 290 42.69 48.55 -22.95
C ALA G 290 43.51 48.17 -24.17
N GLY G 291 43.95 49.17 -24.91
CA GLY G 291 44.70 48.93 -26.12
C GLY G 291 45.61 50.10 -26.42
N LEU G 292 46.03 50.17 -27.67
CA LEU G 292 46.96 51.19 -28.13
C LEU G 292 46.42 51.89 -29.35
N PRO G 293 46.91 53.09 -29.66
CA PRO G 293 46.51 53.74 -30.90
C PRO G 293 47.06 52.97 -32.09
N LEU G 294 46.22 52.79 -33.11
CA LEU G 294 46.58 51.86 -34.17
C LEU G 294 47.79 52.33 -34.96
N HIS G 295 48.04 53.64 -35.01
CA HIS G 295 49.25 54.12 -35.67
C HIS G 295 50.49 53.47 -35.06
N PHE G 296 50.41 53.09 -33.79
CA PHE G 296 51.52 52.40 -33.15
C PHE G 296 51.79 51.05 -33.79
N PHE G 297 50.76 50.41 -34.34
CA PHE G 297 50.91 49.09 -34.91
C PHE G 297 51.36 49.11 -36.36
N ILE G 298 51.51 50.29 -36.95
CA ILE G 298 51.97 50.42 -38.33
C ILE G 298 53.46 50.69 -38.25
N LYS G 299 54.24 49.61 -38.21
CA LYS G 299 55.68 49.68 -38.08
C LYS G 299 56.30 48.60 -38.97
N PRO G 300 57.50 48.86 -39.50
CA PRO G 300 58.06 47.93 -40.49
C PRO G 300 58.22 46.51 -39.98
N ASP G 301 58.44 46.31 -38.69
CA ASP G 301 58.55 44.95 -38.17
C ASP G 301 57.19 44.25 -38.25
N LYS G 302 56.15 44.89 -37.75
CA LYS G 302 54.81 44.31 -37.82
C LYS G 302 54.31 44.23 -39.26
N LEU G 303 54.93 44.90 -40.15
CA LEU G 303 54.47 44.77 -41.52
C LEU G 303 55.38 43.83 -42.30
N PRO G 304 54.84 43.13 -43.28
CA PRO G 304 55.67 42.26 -44.12
C PRO G 304 56.60 43.08 -45.00
N GLY G 305 57.33 42.42 -45.89
CA GLY G 305 58.29 43.08 -46.74
C GLY G 305 57.73 44.31 -47.43
N LEU G 306 58.23 45.47 -47.04
CA LEU G 306 57.80 46.74 -47.60
C LEU G 306 58.91 47.76 -47.38
N PRO G 307 58.94 48.83 -48.16
CA PRO G 307 60.04 49.80 -48.04
C PRO G 307 60.00 50.53 -46.70
N GLY G 308 61.17 50.63 -46.07
CA GLY G 308 61.29 51.19 -44.75
C GLY G 308 60.67 52.56 -44.59
N PRO G 309 61.25 53.57 -45.23
CA PRO G 309 60.72 54.94 -45.06
C PRO G 309 59.29 55.08 -45.55
N LEU G 310 58.86 54.25 -46.49
CA LEU G 310 57.48 54.33 -46.95
C LEU G 310 56.51 53.96 -45.85
N VAL G 311 56.88 53.03 -44.97
CA VAL G 311 55.96 52.72 -43.88
C VAL G 311 55.94 53.86 -42.87
N LYS G 312 57.04 54.62 -42.76
CA LYS G 312 57.00 55.84 -41.97
C LYS G 312 56.00 56.83 -42.55
N LYS G 313 56.08 57.03 -43.86
CA LYS G 313 55.09 57.86 -44.56
C LYS G 313 53.69 57.38 -44.25
N LEU G 314 53.46 56.07 -44.37
CA LEU G 314 52.14 55.50 -44.19
C LEU G 314 51.63 55.73 -42.77
N SER G 315 52.50 55.50 -41.78
CA SER G 315 52.10 55.71 -40.39
C SER G 315 51.74 57.17 -40.16
N LYS G 316 52.53 58.09 -40.71
CA LYS G 316 52.20 59.50 -40.54
C LYS G 316 50.87 59.84 -41.18
N THR G 317 50.61 59.29 -42.36
CA THR G 317 49.35 59.57 -43.04
C THR G 317 48.17 59.05 -42.26
N VAL G 318 48.26 57.80 -41.81
CA VAL G 318 47.17 57.22 -41.02
C VAL G 318 46.95 58.02 -39.76
N GLU G 319 48.03 58.40 -39.09
CA GLU G 319 47.92 59.16 -37.84
C GLU G 319 47.27 60.51 -38.08
N THR G 320 47.65 61.19 -39.15
CA THR G 320 47.03 62.46 -39.48
C THR G 320 45.57 62.30 -39.81
N ALA G 321 45.22 61.24 -40.53
CA ALA G 321 43.82 60.95 -40.81
C ALA G 321 43.05 60.78 -39.50
N VAL G 322 43.62 60.04 -38.56
CA VAL G 322 43.00 59.90 -37.24
C VAL G 322 42.78 61.28 -36.63
N ARG G 323 43.88 62.03 -36.46
CA ARG G 323 43.87 63.39 -35.96
C ARG G 323 42.70 64.18 -36.53
N HIS G 324 42.61 64.21 -37.86
CA HIS G 324 41.48 64.84 -38.52
C HIS G 324 40.16 64.31 -37.98
N TYR G 325 39.96 62.99 -38.08
CA TYR G 325 38.72 62.39 -37.61
C TYR G 325 38.54 62.57 -36.11
N TYR G 326 39.62 62.82 -35.38
CA TYR G 326 39.54 62.89 -33.94
C TYR G 326 39.04 64.25 -33.47
N THR G 327 39.74 65.32 -33.81
CA THR G 327 39.39 66.65 -33.32
C THR G 327 38.01 67.07 -33.80
N PHE G 328 37.88 67.29 -35.11
CA PHE G 328 36.61 67.53 -35.76
C PHE G 328 36.27 66.31 -36.61
N ASN G 329 35.22 66.43 -37.42
CA ASN G 329 34.82 65.33 -38.28
C ASN G 329 35.58 65.43 -39.60
N THR G 330 36.92 65.48 -39.51
CA THR G 330 37.85 65.32 -40.63
C THR G 330 37.37 65.97 -41.92
N HIS G 331 36.92 67.22 -41.84
CA HIS G 331 36.20 67.88 -42.94
C HIS G 331 37.15 68.50 -43.95
N PRO G 332 37.29 67.94 -45.15
CA PRO G 332 37.91 68.71 -46.25
C PRO G 332 36.97 69.81 -46.74
N GLY G 333 35.73 69.44 -47.07
CA GLY G 333 34.78 70.42 -47.57
C GLY G 333 33.44 70.56 -46.89
N CYS G 334 32.90 69.48 -46.31
CA CYS G 334 31.54 69.51 -45.78
C CYS G 334 31.15 68.20 -45.09
N THR G 335 30.00 68.22 -44.41
CA THR G 335 29.37 66.99 -43.94
C THR G 335 28.77 66.25 -45.12
N ASN G 336 29.09 64.96 -45.25
CA ASN G 336 28.81 64.36 -46.56
C ASN G 336 27.75 63.26 -46.55
N VAL G 337 27.84 62.29 -45.63
CA VAL G 337 26.98 61.12 -45.75
C VAL G 337 25.55 61.43 -45.32
N ASP G 338 25.38 62.32 -44.34
CA ASP G 338 24.05 62.72 -43.89
C ASP G 338 23.39 63.55 -44.98
N SER G 339 22.23 63.08 -45.46
CA SER G 339 21.52 63.72 -46.57
C SER G 339 22.48 63.90 -47.73
N PRO G 340 22.79 62.84 -48.50
CA PRO G 340 23.88 62.95 -49.48
C PRO G 340 23.56 63.84 -50.67
N ASN G 341 22.43 64.55 -50.61
CA ASN G 341 21.96 65.34 -51.73
C ASN G 341 22.90 66.47 -52.16
N PHE G 342 23.14 67.46 -51.29
CA PHE G 342 23.88 68.65 -51.69
C PHE G 342 25.26 68.74 -51.03
N ASN G 343 25.89 67.60 -50.76
CA ASN G 343 27.13 67.57 -50.01
C ASN G 343 28.30 67.09 -50.87
N PHE G 344 29.49 67.55 -50.53
CA PHE G 344 30.72 67.06 -51.13
C PHE G 344 31.09 65.75 -50.46
N GLN G 345 30.97 64.64 -51.20
CA GLN G 345 30.96 63.31 -50.60
C GLN G 345 32.10 62.44 -51.10
N ALA G 346 33.27 63.03 -51.38
CA ALA G 346 34.46 62.22 -51.55
C ALA G 346 35.16 61.96 -50.23
N ASN G 347 34.80 62.69 -49.17
CA ASN G 347 35.30 62.47 -47.83
C ASN G 347 34.31 61.62 -47.03
N MET G 348 34.49 61.59 -45.71
CA MET G 348 33.55 60.99 -44.79
C MET G 348 33.25 61.97 -43.67
N ASP G 349 31.96 62.22 -43.42
CA ASP G 349 31.54 63.18 -42.42
C ASP G 349 30.06 63.02 -42.08
N ASP G 350 29.74 62.88 -40.80
CA ASP G 350 28.38 62.57 -40.34
C ASP G 350 27.99 63.47 -39.17
N ASP G 351 28.16 64.79 -39.33
CA ASP G 351 27.89 65.74 -38.26
C ASP G 351 26.46 65.65 -37.73
N SER G 352 25.48 66.06 -38.54
CA SER G 352 24.06 66.00 -38.17
C SER G 352 23.20 66.47 -39.34
N CYS G 353 21.88 66.27 -39.24
CA CYS G 353 20.97 66.47 -40.37
C CYS G 353 19.93 67.56 -40.14
N ASP G 354 19.43 67.70 -38.91
CA ASP G 354 18.30 68.59 -38.64
C ASP G 354 18.69 70.06 -38.56
N ALA G 355 19.86 70.44 -39.08
CA ALA G 355 20.31 71.82 -39.02
C ALA G 355 19.41 72.69 -39.88
N LYS G 356 18.84 73.74 -39.28
CA LYS G 356 18.08 74.76 -40.01
C LYS G 356 18.54 76.16 -39.68
N VAL G 357 19.29 76.36 -38.60
CA VAL G 357 19.77 77.68 -38.18
C VAL G 357 21.29 77.68 -38.20
N THR G 358 21.85 78.89 -38.31
CA THR G 358 23.29 79.11 -38.17
C THR G 358 23.63 80.02 -37.00
N ASN G 359 22.81 80.00 -35.95
CA ASN G 359 22.97 80.91 -34.82
C ASN G 359 24.21 80.53 -34.01
N PHE G 360 24.53 81.37 -33.02
CA PHE G 360 25.81 81.28 -32.34
C PHE G 360 25.70 80.45 -31.07
N THR G 361 26.80 80.36 -30.34
CA THR G 361 26.86 79.58 -29.10
C THR G 361 26.09 80.29 -27.98
N PHE G 362 24.82 79.95 -27.85
CA PHE G 362 23.94 80.61 -26.89
C PHE G 362 23.75 79.72 -25.66
N GLY G 363 24.79 79.71 -24.82
CA GLY G 363 24.81 78.89 -23.62
C GLY G 363 23.97 79.47 -22.50
N GLY G 364 24.07 78.80 -21.34
CA GLY G 364 23.36 79.26 -20.15
C GLY G 364 22.04 78.55 -19.89
N VAL G 365 21.65 78.47 -18.62
CA VAL G 365 20.42 77.81 -18.21
C VAL G 365 19.85 78.51 -16.99
N TYR G 366 18.59 78.94 -17.05
CA TYR G 366 18.06 79.84 -16.03
C TYR G 366 16.53 79.79 -16.05
N GLN G 367 15.94 80.20 -14.92
CA GLN G 367 14.50 80.11 -14.72
C GLN G 367 14.11 80.92 -13.48
N GLU G 368 12.85 80.75 -13.06
CA GLU G 368 12.32 81.41 -11.86
C GLU G 368 11.14 80.59 -11.35
N CYS G 369 11.23 80.14 -10.10
CA CYS G 369 10.17 79.35 -9.46
C CYS G 369 9.44 80.26 -8.47
N THR G 370 8.31 80.81 -8.90
CA THR G 370 7.54 81.70 -8.05
C THR G 370 6.39 80.95 -7.38
N GLU G 371 6.22 81.21 -6.08
CA GLU G 371 5.16 80.60 -5.28
C GLU G 371 3.92 81.48 -5.33
N LEU G 372 2.76 80.85 -5.54
CA LEU G 372 1.50 81.55 -5.45
C LEU G 372 0.82 81.39 -4.09
N SER G 373 0.86 80.20 -3.51
CA SER G 373 0.26 79.96 -2.21
C SER G 373 0.83 78.68 -1.62
N GLY G 374 0.95 78.65 -0.29
CA GLY G 374 1.58 77.53 0.38
C GLY G 374 3.06 77.46 0.11
N ASP G 375 3.76 76.50 0.76
CA ASP G 375 5.18 76.27 0.51
C ASP G 375 5.39 74.78 0.27
N VAL G 376 5.17 74.34 -0.97
CA VAL G 376 5.40 72.95 -1.36
C VAL G 376 6.23 72.89 -2.63
N LEU G 377 5.73 73.55 -3.69
CA LEU G 377 6.27 73.35 -5.02
C LEU G 377 7.57 74.10 -5.26
N CYS G 378 7.87 75.13 -4.45
CA CYS G 378 9.12 75.86 -4.62
C CYS G 378 10.34 74.98 -4.36
N GLN G 379 10.22 73.98 -3.49
CA GLN G 379 11.40 73.21 -3.09
C GLN G 379 11.87 72.28 -4.19
N ASN G 380 10.97 71.85 -5.07
CA ASN G 380 11.32 70.91 -6.12
C ASN G 380 11.29 71.51 -7.53
N LEU G 381 10.56 72.60 -7.75
CA LEU G 381 10.59 73.27 -9.04
C LEU G 381 11.65 74.36 -9.09
N GLU G 382 12.65 74.32 -8.21
CA GLU G 382 13.71 75.32 -8.21
C GLU G 382 14.86 74.86 -9.08
N GLN G 383 14.79 75.17 -10.38
CA GLN G 383 15.79 74.71 -11.35
C GLN G 383 16.88 75.76 -11.53
N LYS G 384 17.46 76.18 -10.41
CA LYS G 384 18.29 77.36 -10.38
C LYS G 384 19.45 77.24 -11.36
N ASN G 385 19.98 78.40 -11.77
CA ASN G 385 21.06 78.45 -12.75
C ASN G 385 22.28 77.73 -12.22
N LEU G 386 22.98 77.02 -13.10
CA LEU G 386 24.24 76.39 -12.73
C LEU G 386 25.44 77.29 -13.00
N LEU G 387 25.38 78.13 -14.04
CA LEU G 387 26.58 78.87 -14.44
C LEU G 387 26.95 79.94 -13.42
N THR G 388 26.09 80.21 -12.45
CA THR G 388 26.33 81.23 -11.45
C THR G 388 26.22 80.75 -10.02
N GLY G 389 25.60 79.60 -9.78
CA GLY G 389 25.40 79.12 -8.42
C GLY G 389 24.17 79.67 -7.73
N ASP G 390 23.39 80.49 -8.42
CA ASP G 390 22.18 81.07 -7.87
C ASP G 390 21.32 81.56 -9.04
N PHE G 391 20.27 82.30 -8.71
CA PHE G 391 19.37 82.84 -9.73
C PHE G 391 20.01 84.05 -10.40
N SER G 392 20.77 83.77 -11.46
CA SER G 392 21.38 84.82 -12.26
C SER G 392 21.75 84.23 -13.62
N CYS G 393 21.99 85.11 -14.58
CA CYS G 393 22.62 84.69 -15.82
C CYS G 393 24.14 84.83 -15.69
N PRO G 394 24.90 84.15 -16.54
CA PRO G 394 26.35 84.35 -16.56
C PRO G 394 26.71 85.64 -17.29
N PRO G 395 27.85 86.24 -16.96
CA PRO G 395 28.26 87.49 -17.63
C PRO G 395 28.40 87.27 -19.13
N GLY G 396 27.89 88.22 -19.90
CA GLY G 396 27.85 88.11 -21.34
C GLY G 396 26.61 87.44 -21.89
N TYR G 397 25.66 87.07 -21.03
CA TYR G 397 24.45 86.39 -21.43
C TYR G 397 23.25 87.17 -20.92
N SER G 398 22.07 86.82 -21.43
CA SER G 398 20.86 87.55 -21.06
C SER G 398 19.79 86.57 -20.59
N PRO G 399 19.30 86.72 -19.37
CA PRO G 399 18.28 85.81 -18.84
C PRO G 399 16.89 86.19 -19.34
N VAL G 400 16.67 86.01 -20.63
CA VAL G 400 15.41 86.40 -21.25
C VAL G 400 14.35 85.33 -20.97
N HIS G 401 13.14 85.79 -20.66
CA HIS G 401 12.11 84.91 -20.10
C HIS G 401 11.64 83.86 -21.07
N LEU G 402 11.96 82.59 -20.80
CA LEU G 402 11.56 81.50 -21.68
C LEU G 402 10.05 81.31 -21.69
N LEU G 403 9.46 81.02 -20.54
CA LEU G 403 8.01 80.83 -20.46
C LEU G 403 7.56 80.89 -19.01
N SER G 404 6.39 81.49 -18.78
CA SER G 404 5.75 81.49 -17.48
C SER G 404 4.60 80.49 -17.49
N GLN G 405 4.39 79.85 -16.34
CA GLN G 405 3.34 78.83 -16.24
C GLN G 405 3.00 78.62 -14.78
N THR G 406 1.80 78.12 -14.53
CA THR G 406 1.30 77.91 -13.17
C THR G 406 0.73 76.50 -13.03
N HIS G 407 0.77 76.00 -11.80
CA HIS G 407 0.24 74.69 -11.47
C HIS G 407 -0.54 74.77 -10.17
N GLU G 408 -1.41 73.79 -9.95
CA GLU G 408 -2.27 73.77 -8.77
C GLU G 408 -2.33 72.34 -8.26
N GLU G 409 -1.59 72.07 -7.19
CA GLU G 409 -1.56 70.75 -6.58
C GLU G 409 -1.91 70.86 -5.10
N GLY G 410 -2.41 69.77 -4.55
CA GLY G 410 -2.82 69.75 -3.16
C GLY G 410 -2.12 68.66 -2.38
N TYR G 411 -1.54 69.05 -1.25
CA TYR G 411 -0.92 68.11 -0.34
C TYR G 411 -1.49 68.33 1.06
N SER G 412 -1.90 67.23 1.69
CA SER G 412 -2.34 67.27 3.07
C SER G 412 -1.12 67.51 3.95
N ARG G 413 -0.97 68.74 4.43
CA ARG G 413 0.28 69.16 5.05
C ARG G 413 0.45 68.51 6.41
N LEU G 414 1.52 68.89 7.09
CA LEU G 414 1.81 68.45 8.45
C LEU G 414 1.27 69.47 9.45
N GLU G 415 0.71 68.98 10.55
CA GLU G 415 0.20 69.88 11.58
C GLU G 415 0.24 69.18 12.92
N CYS G 416 1.23 69.52 13.75
CA CYS G 416 1.35 69.00 15.11
C CYS G 416 1.44 70.23 16.01
N LYS G 417 0.29 70.73 16.43
CA LYS G 417 0.21 71.96 17.19
C LYS G 417 -0.44 71.69 18.54
N LYS G 418 0.04 72.40 19.57
CA LYS G 418 -0.51 72.31 20.91
C LYS G 418 -1.44 73.50 21.16
N LYS G 419 -2.57 73.22 21.81
CA LYS G 419 -3.57 74.24 22.10
C LYS G 419 -3.91 74.20 23.58
N CYS G 420 -3.83 75.34 24.24
CA CYS G 420 -4.25 75.47 25.63
C CYS G 420 -5.76 75.60 25.71
N THR G 421 -6.35 75.01 26.76
CA THR G 421 -7.79 75.11 26.94
C THR G 421 -8.18 76.41 27.63
N LEU G 422 -7.71 76.60 28.86
CA LEU G 422 -7.94 77.84 29.59
C LEU G 422 -6.67 78.28 30.31
N LYS G 423 -5.54 78.21 29.62
CA LYS G 423 -4.20 78.60 30.06
C LYS G 423 -3.67 77.75 31.20
N ILE G 424 -4.45 76.78 31.69
CA ILE G 424 -3.99 75.91 32.76
C ILE G 424 -3.44 74.64 32.15
N PHE G 425 -4.26 73.97 31.36
CA PHE G 425 -3.81 72.78 30.65
C PHE G 425 -3.84 73.03 29.15
N CYS G 426 -3.04 72.25 28.43
CA CYS G 426 -2.95 72.37 26.99
C CYS G 426 -3.04 70.97 26.38
N LYS G 427 -3.65 70.91 25.21
CA LYS G 427 -3.73 69.69 24.42
C LYS G 427 -3.02 69.92 23.10
N THR G 428 -2.46 68.85 22.55
CA THR G 428 -1.84 68.89 21.24
C THR G 428 -2.83 68.28 20.25
N VAL G 429 -3.42 69.11 19.41
CA VAL G 429 -4.43 68.67 18.47
C VAL G 429 -3.76 68.49 17.11
N CYS G 430 -3.23 67.28 16.87
CA CYS G 430 -2.63 67.00 15.59
C CYS G 430 -3.73 66.71 14.58
N GLU G 431 -3.86 67.58 13.57
CA GLU G 431 -4.93 67.43 12.59
C GLU G 431 -4.43 68.00 11.27
N ASP G 432 -3.98 67.11 10.38
CA ASP G 432 -3.40 67.51 9.11
C ASP G 432 -4.48 67.99 8.18
N VAL G 433 -4.22 69.11 7.50
CA VAL G 433 -5.25 69.83 6.77
C VAL G 433 -4.92 69.85 5.28
N PHE G 434 -5.97 69.84 4.47
CA PHE G 434 -5.85 70.00 3.03
C PHE G 434 -5.35 71.40 2.69
N ARG G 435 -4.69 71.51 1.54
CA ARG G 435 -4.25 72.81 1.04
C ARG G 435 -3.86 72.68 -0.42
N VAL G 436 -4.50 73.46 -1.28
CA VAL G 436 -4.10 73.58 -2.68
C VAL G 436 -3.00 74.63 -2.75
N ALA G 437 -1.76 74.18 -2.87
CA ALA G 437 -0.68 75.09 -3.14
C ALA G 437 -0.61 75.39 -4.64
N LYS G 438 0.00 76.52 -4.97
CA LYS G 438 0.20 76.88 -6.36
C LYS G 438 1.56 77.55 -6.50
N ALA G 439 2.22 77.27 -7.62
CA ALA G 439 3.48 77.92 -7.97
C ALA G 439 3.42 78.37 -9.41
N GLU G 440 3.97 79.54 -9.68
CA GLU G 440 4.05 80.07 -11.05
C GLU G 440 5.46 79.82 -11.55
N PHE G 441 5.59 78.86 -12.46
CA PHE G 441 6.87 78.47 -13.02
C PHE G 441 7.25 79.45 -14.12
N ARG G 442 8.30 80.23 -13.87
CA ARG G 442 8.80 81.21 -14.84
C ARG G 442 10.15 80.72 -15.35
N ALA G 443 10.17 80.21 -16.58
CA ALA G 443 11.42 79.83 -17.20
C ALA G 443 12.04 81.03 -17.92
N TYR G 444 13.35 81.17 -17.79
CA TYR G 444 14.07 82.31 -18.34
C TYR G 444 15.24 81.77 -19.16
N TRP G 445 15.03 81.59 -20.46
CA TRP G 445 16.07 81.04 -21.31
C TRP G 445 17.29 81.94 -21.32
N CYS G 446 18.45 81.36 -21.07
CA CYS G 446 19.70 82.10 -21.04
C CYS G 446 20.35 82.03 -22.41
N VAL G 447 20.66 83.20 -22.97
CA VAL G 447 21.25 83.31 -24.30
C VAL G 447 22.36 84.35 -24.25
N ALA G 448 23.43 84.11 -25.00
CA ALA G 448 24.53 85.06 -25.06
C ALA G 448 24.07 86.36 -25.71
N ALA G 449 24.65 87.47 -25.23
CA ALA G 449 24.34 88.78 -25.79
C ALA G 449 25.07 88.99 -27.11
N GLY G 450 26.39 88.81 -27.10
CA GLY G 450 27.18 88.97 -28.30
C GLY G 450 28.29 87.95 -28.43
N GLN G 451 29.46 88.37 -28.91
CA GLN G 451 30.59 87.46 -29.05
C GLN G 451 31.04 86.98 -27.68
N VAL G 452 31.23 85.67 -27.55
CA VAL G 452 31.55 85.09 -26.24
C VAL G 452 33.06 84.97 -26.08
N PRO G 453 33.60 85.23 -24.90
CA PRO G 453 34.97 84.81 -24.59
C PRO G 453 34.98 83.34 -24.24
N ASP G 454 35.86 82.58 -24.89
CA ASP G 454 35.87 81.12 -24.71
C ASP G 454 36.26 80.71 -23.30
N ASN G 455 36.76 81.64 -22.48
CA ASN G 455 37.10 81.30 -21.10
C ASN G 455 35.85 81.00 -20.28
N SER G 456 34.75 81.72 -20.52
CA SER G 456 33.53 81.56 -19.75
C SER G 456 32.30 81.51 -20.66
N GLY G 457 32.47 80.99 -21.86
CA GLY G 457 31.36 80.79 -22.77
C GLY G 457 31.30 79.36 -23.25
N LEU G 458 30.22 78.65 -22.93
CA LEU G 458 30.16 77.22 -23.15
C LEU G 458 28.98 76.84 -24.04
N LEU G 459 29.11 75.68 -24.68
CA LEU G 459 28.10 75.09 -25.54
C LEU G 459 27.54 73.83 -24.86
N PHE G 460 26.30 73.50 -25.20
CA PHE G 460 25.57 72.45 -24.49
C PHE G 460 24.70 71.70 -25.49
N GLY G 461 23.74 70.93 -24.96
CA GLY G 461 22.79 70.22 -25.80
C GLY G 461 22.11 69.06 -25.10
N GLY G 462 20.87 68.76 -25.50
CA GLY G 462 20.15 67.63 -24.96
C GLY G 462 18.92 68.01 -24.16
N VAL G 463 17.74 67.78 -24.73
CA VAL G 463 16.46 68.13 -24.10
C VAL G 463 15.45 67.02 -24.36
N PHE G 464 14.66 66.69 -23.35
CA PHE G 464 13.67 65.63 -23.44
C PHE G 464 12.83 65.62 -22.17
N THR G 465 11.66 65.01 -22.26
CA THR G 465 10.80 64.83 -21.11
C THR G 465 10.80 63.35 -20.72
N ASP G 466 10.06 63.03 -19.66
CA ASP G 466 9.86 61.63 -19.31
C ASP G 466 9.01 60.90 -20.33
N LYS G 467 8.20 61.64 -21.10
CA LYS G 467 7.33 61.06 -22.11
C LYS G 467 7.88 61.21 -23.51
N THR G 468 8.45 62.36 -23.85
CA THR G 468 9.05 62.56 -25.15
C THR G 468 10.48 62.03 -25.16
N ILE G 469 10.79 61.25 -26.18
CA ILE G 469 12.12 60.64 -26.30
C ILE G 469 13.14 61.72 -26.62
N ASN G 470 14.39 61.46 -26.24
CA ASN G 470 15.49 62.36 -26.58
C ASN G 470 16.11 61.91 -27.88
N PRO G 471 15.77 62.51 -29.03
CA PRO G 471 16.41 62.10 -30.29
C PRO G 471 17.88 62.43 -30.34
N MET G 472 18.32 63.40 -29.54
CA MET G 472 19.74 63.63 -29.32
C MET G 472 20.47 62.33 -29.02
N THR G 473 20.03 61.63 -27.97
CA THR G 473 20.68 60.38 -27.57
C THR G 473 19.84 59.16 -27.91
N ASN G 474 18.64 59.34 -28.46
CA ASN G 474 17.72 58.23 -28.73
C ASN G 474 17.42 57.44 -27.47
N ALA G 475 17.20 58.14 -26.37
CA ALA G 475 16.93 57.50 -25.09
C ALA G 475 16.05 58.42 -24.26
N GLN G 476 15.90 58.12 -22.98
CA GLN G 476 15.13 58.92 -22.03
C GLN G 476 15.99 59.33 -20.83
N SER G 477 17.28 59.51 -21.06
CA SER G 477 18.21 59.86 -20.00
C SER G 477 19.25 60.82 -20.53
N CYS G 478 20.25 61.08 -19.76
CA CYS G 478 21.32 61.97 -20.15
C CYS G 478 22.46 61.20 -20.81
N PRO G 479 22.99 61.72 -21.91
CA PRO G 479 24.21 61.13 -22.48
C PRO G 479 25.40 61.34 -21.56
N ALA G 480 26.46 60.57 -21.81
CA ALA G 480 27.62 60.60 -20.95
C ALA G 480 28.26 61.99 -20.94
N GLY G 481 28.66 62.44 -19.76
CA GLY G 481 29.18 63.79 -19.60
C GLY G 481 28.14 64.87 -19.61
N TYR G 482 26.92 64.59 -19.14
CA TYR G 482 25.83 65.54 -19.15
C TYR G 482 25.10 65.47 -17.81
N ILE G 483 24.96 66.61 -17.14
CA ILE G 483 24.01 66.72 -16.03
C ILE G 483 22.66 67.03 -16.65
N PRO G 484 21.62 66.27 -16.35
CA PRO G 484 20.28 66.65 -16.83
C PRO G 484 19.72 67.76 -15.96
N LEU G 485 19.73 68.98 -16.50
CA LEU G 485 19.22 70.13 -15.76
C LEU G 485 17.73 70.23 -16.01
N ASN G 486 16.93 69.98 -14.97
CA ASN G 486 15.49 69.84 -15.11
C ASN G 486 14.80 71.21 -15.16
N LEU G 487 15.31 72.06 -16.06
CA LEU G 487 14.84 73.44 -16.19
C LEU G 487 13.32 73.57 -16.23
N PHE G 488 12.63 72.64 -16.88
CA PHE G 488 11.22 72.82 -17.17
C PHE G 488 10.38 71.93 -16.26
N GLU G 489 9.06 71.95 -16.50
CA GLU G 489 8.15 71.07 -15.76
C GLU G 489 8.58 69.62 -15.83
N SER G 490 8.89 69.13 -17.03
CA SER G 490 9.33 67.75 -17.22
C SER G 490 10.59 67.61 -18.06
N LEU G 491 11.13 68.70 -18.60
CA LEU G 491 12.35 68.64 -19.38
C LEU G 491 13.54 68.45 -18.46
N LYS G 492 14.53 67.72 -18.92
CA LYS G 492 15.82 67.60 -18.23
C LYS G 492 16.87 68.04 -19.24
N VAL G 493 17.12 69.35 -19.30
CA VAL G 493 18.01 69.92 -20.31
C VAL G 493 19.43 69.48 -19.97
N CYS G 494 19.96 68.55 -20.75
CA CYS G 494 21.31 68.05 -20.54
C CYS G 494 22.33 69.15 -20.83
N VAL G 495 23.42 69.14 -20.08
CA VAL G 495 24.44 70.18 -20.17
C VAL G 495 25.73 69.56 -20.68
N SER G 496 26.30 70.16 -21.73
CA SER G 496 27.66 69.83 -22.16
C SER G 496 28.65 70.67 -21.37
N LEU G 497 28.64 70.43 -20.06
CA LEU G 497 29.45 71.21 -19.13
C LEU G 497 30.94 71.05 -19.38
N ASP G 498 31.35 70.01 -20.12
CA ASP G 498 32.76 69.77 -20.43
C ASP G 498 32.96 69.61 -21.94
N TYR G 499 34.14 70.02 -22.40
CA TYR G 499 34.49 69.96 -23.81
C TYR G 499 34.55 68.53 -24.33
N GLU G 500 34.81 67.57 -23.43
CA GLU G 500 35.56 66.36 -23.77
C GLU G 500 34.97 65.66 -24.99
N LEU G 501 33.76 65.14 -24.87
CA LEU G 501 33.10 64.54 -26.01
C LEU G 501 32.07 65.48 -26.61
N GLY G 502 31.79 66.59 -25.94
CA GLY G 502 30.87 67.58 -26.46
C GLY G 502 31.32 68.16 -27.77
N PHE G 503 32.62 68.41 -27.92
CA PHE G 503 33.13 68.99 -29.17
C PHE G 503 32.63 68.25 -30.40
N LYS G 504 32.45 66.93 -30.31
CA LYS G 504 31.92 66.15 -31.42
C LYS G 504 30.47 65.73 -31.22
N PHE G 505 29.93 65.84 -30.01
CA PHE G 505 28.51 65.61 -29.75
C PHE G 505 28.01 66.82 -28.97
N SER G 506 27.74 67.91 -29.68
CA SER G 506 27.19 69.13 -29.11
C SER G 506 25.90 69.58 -29.79
N VAL G 507 25.92 69.66 -31.11
CA VAL G 507 24.79 70.19 -31.89
C VAL G 507 24.50 71.61 -31.42
N PRO G 508 25.29 72.61 -31.85
CA PRO G 508 25.31 73.93 -31.20
C PRO G 508 24.01 74.69 -31.29
N PHE G 509 23.13 74.41 -30.34
CA PHE G 509 21.75 74.86 -30.30
C PHE G 509 21.64 76.38 -30.25
N GLY G 510 20.39 76.84 -30.30
CA GLY G 510 20.03 78.17 -29.86
C GLY G 510 18.87 78.11 -28.89
N GLY G 511 18.17 79.23 -28.76
CA GLY G 511 17.05 79.30 -27.85
C GLY G 511 15.77 79.85 -28.44
N PHE G 512 14.64 79.52 -27.84
CA PHE G 512 13.35 79.97 -28.35
C PHE G 512 12.30 79.85 -27.25
N PHE G 513 11.49 80.88 -27.10
CA PHE G 513 10.43 80.91 -26.10
C PHE G 513 9.26 80.05 -26.58
N SER G 514 8.12 80.16 -25.92
CA SER G 514 6.93 79.50 -26.43
C SER G 514 6.38 80.25 -27.64
N CYS G 515 5.47 79.59 -28.36
CA CYS G 515 4.89 80.21 -29.54
C CYS G 515 4.10 81.47 -29.19
N ILE G 516 3.64 81.58 -27.95
CA ILE G 516 2.98 82.80 -27.52
C ILE G 516 3.99 83.81 -26.95
N MET G 517 5.03 83.33 -26.27
CA MET G 517 6.10 84.19 -25.78
C MET G 517 6.98 84.60 -26.96
N GLY G 518 8.02 85.39 -26.67
CA GLY G 518 8.83 85.95 -27.73
C GLY G 518 9.90 85.02 -28.26
N ASN G 519 11.12 85.54 -28.38
CA ASN G 519 12.26 84.79 -28.92
C ASN G 519 13.53 85.60 -28.67
N PRO G 520 14.67 84.94 -28.54
CA PRO G 520 15.90 85.67 -28.18
C PRO G 520 16.66 86.26 -29.37
N LEU G 521 16.51 85.69 -30.57
CA LEU G 521 17.39 86.07 -31.67
C LEU G 521 16.60 86.54 -32.88
N VAL G 522 17.34 87.04 -33.87
CA VAL G 522 16.76 87.69 -35.03
C VAL G 522 16.46 86.68 -36.13
N ASN G 523 15.52 87.05 -37.00
CA ASN G 523 15.22 86.26 -38.20
C ASN G 523 15.65 87.06 -39.42
N ALA G 532 16.79 96.25 -28.38
CA ALA G 532 15.84 96.90 -29.28
C ALA G 532 14.71 95.95 -29.65
N PRO G 533 13.71 95.83 -28.77
CA PRO G 533 12.61 94.88 -29.05
C PRO G 533 11.71 95.36 -30.17
N SER G 534 11.86 94.73 -31.33
CA SER G 534 10.99 94.99 -32.48
C SER G 534 10.45 93.72 -33.12
N LEU G 535 11.06 92.57 -32.88
CA LEU G 535 10.65 91.32 -33.50
C LEU G 535 10.06 90.39 -32.46
N LYS G 536 9.05 89.61 -32.88
CA LYS G 536 8.50 88.56 -32.02
C LYS G 536 8.02 87.44 -32.95
N LYS G 537 8.92 86.50 -33.25
CA LYS G 537 8.63 85.30 -34.01
C LYS G 537 9.92 84.48 -34.06
N CYS G 538 9.79 83.22 -34.48
CA CYS G 538 10.86 82.24 -34.36
C CYS G 538 12.22 82.87 -34.65
N PRO G 539 13.20 82.70 -33.76
CA PRO G 539 14.47 83.42 -33.90
C PRO G 539 15.36 82.84 -34.99
N GLY G 540 15.15 83.29 -36.22
CA GLY G 540 15.85 82.75 -37.35
C GLY G 540 15.05 81.66 -38.04
N GLY G 541 15.71 80.54 -38.36
CA GLY G 541 15.01 79.42 -38.95
C GLY G 541 14.55 78.42 -37.91
N PHE G 542 14.96 77.16 -38.09
CA PHE G 542 14.58 76.06 -37.22
C PHE G 542 13.06 75.96 -37.11
N SER G 543 12.47 75.52 -38.21
CA SER G 543 11.04 75.30 -38.29
C SER G 543 10.60 74.36 -37.17
N GLN G 544 9.28 74.19 -37.01
CA GLN G 544 8.71 73.76 -35.74
C GLN G 544 9.13 72.32 -35.48
N HIS G 545 10.31 72.18 -34.90
CA HIS G 545 10.82 70.89 -34.43
C HIS G 545 10.43 70.75 -32.97
N LEU G 546 9.32 70.05 -32.71
CA LEU G 546 8.74 69.99 -31.38
C LEU G 546 9.74 69.46 -30.36
N ALA G 547 9.66 70.01 -29.16
CA ALA G 547 10.36 69.48 -28.00
C ALA G 547 9.44 69.13 -26.85
N VAL G 548 8.44 69.97 -26.59
CA VAL G 548 7.48 69.74 -25.51
C VAL G 548 6.30 70.69 -25.69
N ILE G 549 5.12 70.25 -25.29
CA ILE G 549 3.95 71.12 -25.24
C ILE G 549 3.68 71.46 -23.79
N SER G 550 3.27 72.71 -23.56
CA SER G 550 2.85 73.14 -22.22
C SER G 550 1.49 73.79 -22.35
N ASP G 551 0.45 73.07 -21.90
CA ASP G 551 -0.94 73.51 -21.90
C ASP G 551 -1.33 74.28 -23.16
N GLY G 552 -0.93 73.77 -24.32
CA GLY G 552 -1.34 74.37 -25.58
C GLY G 552 -0.21 74.98 -26.39
N CYS G 553 0.70 75.66 -25.73
CA CYS G 553 1.83 76.28 -26.41
C CYS G 553 2.95 75.26 -26.57
N GLN G 554 3.62 75.28 -27.72
CA GLN G 554 4.75 74.41 -27.97
C GLN G 554 6.05 75.15 -27.68
N VAL G 555 7.00 74.45 -27.06
CA VAL G 555 8.28 75.02 -26.70
C VAL G 555 9.36 74.36 -27.57
N SER G 556 9.98 75.16 -28.42
CA SER G 556 11.01 74.66 -29.34
C SER G 556 12.28 75.50 -29.18
N TYR G 557 13.23 75.34 -30.10
CA TYR G 557 14.50 76.04 -30.02
C TYR G 557 14.92 76.47 -31.41
N CYS G 558 16.20 76.83 -31.56
CA CYS G 558 16.86 76.96 -32.85
C CYS G 558 18.17 76.21 -32.72
N VAL G 559 18.12 74.90 -32.93
CA VAL G 559 19.26 74.03 -32.65
C VAL G 559 20.08 73.88 -33.92
N LYS G 560 21.20 74.60 -33.98
CA LYS G 560 22.13 74.51 -35.09
C LYS G 560 22.95 73.23 -34.94
N ALA G 561 23.37 72.66 -36.06
CA ALA G 561 24.09 71.41 -36.08
C ALA G 561 25.40 71.54 -36.85
N GLY G 562 26.17 72.58 -36.54
CA GLY G 562 27.38 72.88 -37.27
C GLY G 562 28.54 71.95 -37.02
N ILE G 563 29.75 72.50 -36.97
CA ILE G 563 30.97 71.70 -36.91
C ILE G 563 31.11 71.00 -35.56
N THR H 13 25.39 29.98 -52.48
CA THR H 13 25.10 30.84 -51.32
C THR H 13 24.10 30.17 -50.41
N GLY H 14 24.05 28.84 -50.45
CA GLY H 14 23.09 28.05 -49.67
C GLY H 14 23.74 27.65 -48.36
N PHE H 15 23.33 28.30 -47.27
CA PHE H 15 23.86 27.92 -45.96
C PHE H 15 23.39 26.55 -45.51
N GLN H 16 22.46 25.94 -46.24
CA GLN H 16 21.90 24.67 -45.81
C GLN H 16 22.95 23.58 -45.68
N ILE H 17 24.06 23.70 -46.41
CA ILE H 17 25.07 22.65 -46.38
C ILE H 17 25.62 22.47 -44.98
N CYS H 18 26.05 23.56 -44.35
CA CYS H 18 26.69 23.39 -43.06
C CYS H 18 25.73 23.62 -41.89
N LYS H 19 24.63 24.32 -42.11
CA LYS H 19 23.51 24.19 -41.20
C LYS H 19 23.11 22.73 -41.06
N ASN H 20 23.38 21.93 -42.09
CA ASN H 20 23.18 20.50 -42.01
C ASN H 20 24.38 19.81 -41.38
N ALA H 21 25.59 20.24 -41.71
CA ALA H 21 26.77 19.64 -41.10
C ALA H 21 26.73 19.79 -39.59
N LEU H 22 26.80 21.03 -39.10
CA LEU H 22 26.65 21.32 -37.69
C LEU H 22 25.26 21.89 -37.47
N LYS H 23 24.63 21.49 -36.37
CA LYS H 23 23.18 21.63 -36.25
C LYS H 23 22.73 22.99 -35.76
N LEU H 24 23.54 24.00 -35.83
CA LEU H 24 23.11 25.27 -35.26
C LEU H 24 22.20 26.02 -36.21
N PRO H 25 21.35 26.91 -35.70
CA PRO H 25 20.49 27.71 -36.56
C PRO H 25 21.18 29.00 -36.99
N VAL H 26 20.92 29.37 -38.23
CA VAL H 26 21.55 30.57 -38.78
C VAL H 26 20.98 31.81 -38.11
N LEU H 27 21.84 32.79 -37.86
CA LEU H 27 21.37 34.06 -37.35
C LEU H 27 20.36 34.66 -38.32
N GLU H 28 19.37 35.36 -37.78
CA GLU H 28 18.34 35.92 -38.64
C GLU H 28 18.69 37.32 -39.11
N VAL H 29 19.12 38.17 -38.21
CA VAL H 29 19.44 39.53 -38.57
C VAL H 29 20.79 39.54 -39.27
N LEU H 30 20.89 40.30 -40.36
CA LEU H 30 22.11 40.33 -41.12
C LEU H 30 22.29 41.72 -41.70
N PRO H 31 23.48 42.26 -41.67
CA PRO H 31 23.69 43.64 -42.07
C PRO H 31 23.75 43.86 -43.57
N GLY H 32 24.28 42.90 -44.31
CA GLY H 32 24.52 43.13 -45.71
C GLY H 32 23.24 43.19 -46.50
N GLY H 33 22.45 44.23 -46.28
CA GLY H 33 21.19 44.35 -46.98
C GLY H 33 20.69 45.78 -47.07
N GLY H 34 20.31 46.20 -48.27
CA GLY H 34 19.86 47.56 -48.46
C GLY H 34 18.67 47.90 -47.57
N TRP H 35 18.40 49.18 -47.47
CA TRP H 35 17.43 49.67 -46.50
C TRP H 35 16.90 51.02 -46.94
N ASP H 36 15.58 51.11 -47.12
CA ASP H 36 14.95 52.36 -47.51
C ASP H 36 14.84 53.24 -46.28
N ASN H 37 15.48 54.40 -46.32
CA ASN H 37 15.43 55.30 -45.17
C ASN H 37 14.13 56.11 -45.14
N LEU H 38 13.45 56.26 -46.27
CA LEU H 38 12.22 57.03 -46.28
C LEU H 38 11.05 56.19 -45.79
N ARG H 39 10.72 55.12 -46.52
CA ARG H 39 9.69 54.20 -46.05
C ARG H 39 10.08 53.54 -44.75
N ASN H 40 11.38 53.47 -44.45
CA ASN H 40 11.89 52.89 -43.21
C ASN H 40 11.60 51.39 -43.13
N VAL H 41 12.11 50.62 -44.10
CA VAL H 41 11.88 49.18 -44.18
C VAL H 41 12.97 48.54 -45.05
N ASP H 42 13.43 47.37 -44.64
CA ASP H 42 14.48 46.66 -45.38
C ASP H 42 14.08 46.48 -46.84
N MET H 43 15.09 46.41 -47.71
CA MET H 43 14.83 46.38 -49.14
C MET H 43 15.40 45.17 -49.86
N GLY H 44 16.66 44.83 -49.64
CA GLY H 44 17.22 43.70 -50.36
C GLY H 44 18.71 43.61 -50.18
N ARG H 45 19.26 42.47 -50.58
CA ARG H 45 20.69 42.24 -50.45
C ARG H 45 21.47 43.33 -51.16
N VAL H 46 22.59 43.73 -50.57
CA VAL H 46 23.54 44.56 -51.30
C VAL H 46 24.92 43.92 -51.22
N MET H 47 25.41 43.72 -50.01
CA MET H 47 26.66 43.01 -49.80
C MET H 47 26.37 41.52 -49.77
N ASP H 48 27.03 40.75 -50.62
CA ASP H 48 26.69 39.34 -50.73
C ASP H 48 27.06 38.60 -49.46
N LEU H 49 26.30 37.56 -49.15
CA LEU H 49 26.52 36.75 -47.96
C LEU H 49 26.69 35.31 -48.41
N THR H 50 27.92 34.82 -48.36
CA THR H 50 28.21 33.44 -48.66
C THR H 50 28.24 32.64 -47.38
N TYR H 51 28.49 31.35 -47.50
CA TYR H 51 28.68 30.51 -46.34
C TYR H 51 29.76 29.48 -46.59
N THR H 52 30.78 29.84 -47.37
CA THR H 52 31.75 28.86 -47.83
C THR H 52 32.51 28.22 -46.69
N ASN H 53 33.37 28.99 -46.03
CA ASN H 53 34.15 28.47 -44.91
C ASN H 53 33.33 28.58 -43.65
N CYS H 54 32.14 27.98 -43.66
CA CYS H 54 31.02 28.56 -42.92
C CYS H 54 31.38 28.82 -41.47
N LYS H 55 31.24 30.09 -41.09
CA LYS H 55 31.64 30.58 -39.78
C LYS H 55 30.65 30.10 -38.75
N THR H 56 30.79 30.61 -37.54
CA THR H 56 29.82 30.45 -36.47
C THR H 56 30.24 31.37 -35.35
N THR H 57 29.27 31.87 -34.61
CA THR H 57 29.58 32.75 -33.51
C THR H 57 30.43 32.00 -32.49
N GLU H 58 31.21 32.77 -31.72
CA GLU H 58 32.15 32.15 -30.80
C GLU H 58 31.45 31.21 -29.84
N ASP H 59 30.49 31.73 -29.09
CA ASP H 59 29.65 30.87 -28.26
C ASP H 59 28.72 30.15 -29.22
N GLY H 60 29.25 29.10 -29.84
CA GLY H 60 28.61 28.62 -31.04
C GLY H 60 27.18 28.22 -30.81
N GLN H 61 26.27 29.12 -31.19
CA GLN H 61 24.87 28.80 -31.30
C GLN H 61 24.24 29.55 -32.46
N TYR H 62 25.02 29.88 -33.48
CA TYR H 62 24.50 30.46 -34.71
C TYR H 62 25.51 30.18 -35.82
N ILE H 63 25.11 30.50 -37.05
CA ILE H 63 25.97 30.35 -38.21
C ILE H 63 25.93 31.68 -38.95
N ILE H 64 26.84 32.58 -38.61
CA ILE H 64 26.88 33.85 -39.31
C ILE H 64 27.40 33.58 -40.71
N PRO H 65 27.08 34.40 -41.69
CA PRO H 65 27.74 34.28 -43.00
C PRO H 65 29.14 34.85 -42.92
N ASP H 66 30.01 34.33 -43.74
CA ASP H 66 31.43 34.62 -43.58
C ASP H 66 31.81 36.00 -44.06
N GLU H 67 30.85 36.89 -44.26
CA GLU H 67 31.15 38.29 -44.49
C GLU H 67 30.73 39.17 -43.32
N VAL H 68 30.44 38.58 -42.17
CA VAL H 68 30.08 39.36 -40.99
C VAL H 68 30.79 38.78 -39.78
N TYR H 69 31.01 39.62 -38.79
CA TYR H 69 31.58 39.21 -37.52
C TYR H 69 30.74 39.80 -36.41
N THR H 70 30.68 39.09 -35.29
CA THR H 70 29.82 39.47 -34.19
C THR H 70 30.65 39.80 -32.96
N ILE H 71 30.07 40.60 -32.08
CA ILE H 71 30.69 40.97 -30.81
C ILE H 71 29.63 40.97 -29.74
N PRO H 72 29.62 39.99 -28.86
CA PRO H 72 28.40 39.66 -28.11
C PRO H 72 28.28 40.37 -26.78
N GLN H 73 27.10 40.93 -26.48
CA GLN H 73 26.78 41.47 -25.16
C GLN H 73 25.34 41.93 -25.07
N LYS H 74 24.64 41.68 -23.96
CA LYS H 74 23.65 42.63 -23.40
C LYS H 74 22.82 42.05 -22.29
N GLU H 75 22.01 42.90 -21.65
CA GLU H 75 20.65 42.68 -21.15
C GLU H 75 20.20 43.94 -20.44
N SER H 76 18.89 44.17 -20.40
CA SER H 76 18.37 45.31 -19.67
C SER H 76 16.87 45.24 -19.61
N ASN H 77 16.29 45.50 -18.44
CA ASN H 77 14.85 45.63 -18.34
C ASN H 77 14.51 46.47 -17.12
N LEU H 78 13.26 46.87 -17.03
CA LEU H 78 12.84 47.69 -15.91
C LEU H 78 11.33 47.58 -15.73
N GLU H 79 10.92 47.27 -14.50
CA GLU H 79 9.53 47.20 -14.12
C GLU H 79 9.19 48.41 -13.27
N MET H 80 7.93 48.82 -13.31
CA MET H 80 7.47 49.91 -12.46
C MET H 80 5.96 49.95 -12.51
N ASN H 81 5.35 50.25 -11.37
CA ASN H 81 3.90 50.35 -11.30
C ASN H 81 3.53 51.29 -10.17
N SER H 82 2.24 51.61 -10.08
CA SER H 82 1.75 52.56 -9.09
C SER H 82 0.40 52.09 -8.59
N GLU H 83 -0.18 52.87 -7.68
CA GLU H 83 -1.38 52.46 -6.96
C GLU H 83 -2.09 53.70 -6.44
N VAL H 84 -3.41 53.61 -6.30
CA VAL H 84 -4.24 54.69 -5.78
C VAL H 84 -5.53 54.08 -5.24
N LEU H 85 -5.91 54.46 -4.01
CA LEU H 85 -7.17 54.02 -3.42
C LEU H 85 -7.90 55.20 -2.79
N GLU H 86 -9.12 54.93 -2.34
CA GLU H 86 -9.95 55.91 -1.65
C GLU H 86 -11.03 55.17 -0.86
N SER H 87 -11.73 55.90 0.02
CA SER H 87 -12.93 55.42 0.67
C SER H 87 -13.54 56.57 1.46
N TRP H 88 -14.88 56.67 1.45
CA TRP H 88 -15.60 57.73 2.13
C TRP H 88 -16.78 57.13 2.91
N MET H 89 -17.38 57.94 3.78
CA MET H 89 -18.56 57.53 4.56
C MET H 89 -19.39 58.76 4.92
N ASN H 90 -20.49 58.53 5.65
CA ASN H 90 -21.33 59.59 6.22
C ASN H 90 -22.28 58.99 7.25
N TYR H 91 -23.21 59.82 7.74
CA TYR H 91 -24.07 59.47 8.86
C TYR H 91 -25.29 60.41 8.87
N GLN H 92 -26.03 60.40 9.99
CA GLN H 92 -27.43 60.84 10.02
C GLN H 92 -27.81 61.83 11.12
N SER H 93 -29.12 62.07 11.26
CA SER H 93 -29.67 63.03 12.21
C SER H 93 -31.10 62.60 12.57
N THR H 94 -31.61 63.12 13.68
CA THR H 94 -32.89 62.65 14.24
C THR H 94 -33.49 63.70 15.19
N THR H 95 -34.81 63.83 15.14
CA THR H 95 -35.55 64.63 16.12
C THR H 95 -36.81 63.88 16.53
N SER H 96 -37.38 64.28 17.67
CA SER H 96 -38.61 63.66 18.18
C SER H 96 -39.16 64.50 19.32
N LEU H 97 -40.47 64.67 19.36
CA LEU H 97 -41.15 65.40 20.44
C LEU H 97 -42.49 64.74 20.71
N SER H 98 -42.76 64.41 21.97
CA SER H 98 -43.96 63.68 22.38
C SER H 98 -44.63 64.45 23.51
N ILE H 99 -45.65 65.23 23.18
CA ILE H 99 -46.13 66.26 24.11
C ILE H 99 -47.66 66.33 24.20
N ASN H 100 -48.21 66.06 25.38
CA ASN H 100 -49.29 66.86 25.97
C ASN H 100 -49.86 66.09 27.15
N THR H 101 -50.81 66.74 27.85
CA THR H 101 -51.69 66.11 28.81
C THR H 101 -52.83 67.09 29.10
N GLU H 102 -53.87 66.60 29.77
CA GLU H 102 -54.95 67.46 30.26
C GLU H 102 -55.84 66.67 31.21
N LEU H 103 -56.46 67.38 32.16
CA LEU H 103 -57.45 66.84 33.08
C LEU H 103 -58.20 68.00 33.76
N ALA H 104 -59.38 67.68 34.27
CA ALA H 104 -60.08 68.52 35.24
C ALA H 104 -61.33 67.76 35.71
N LEU H 105 -61.90 68.22 36.81
CA LEU H 105 -63.14 67.67 37.34
C LEU H 105 -64.32 68.62 37.22
N PHE H 106 -64.13 69.81 36.64
CA PHE H 106 -65.19 70.81 36.55
C PHE H 106 -65.59 71.09 35.10
N SER H 107 -64.65 71.51 34.25
CA SER H 107 -65.00 71.88 32.88
C SER H 107 -64.06 71.36 31.81
N ARG H 108 -62.79 71.09 32.09
CA ARG H 108 -61.80 70.88 31.02
C ARG H 108 -60.94 69.65 31.32
N VAL H 109 -61.43 68.48 30.96
CA VAL H 109 -60.67 67.23 31.04
C VAL H 109 -60.52 66.66 29.63
N ASN H 110 -59.27 66.54 29.17
CA ASN H 110 -58.97 66.09 27.82
C ASN H 110 -57.76 65.15 27.84
N GLY H 111 -57.28 64.85 26.64
CA GLY H 111 -56.05 64.11 26.47
C GLY H 111 -55.43 64.46 25.13
N LYS H 112 -54.10 64.48 25.07
CA LYS H 112 -53.41 64.78 23.81
C LYS H 112 -51.99 64.24 23.87
N PHE H 113 -51.52 63.70 22.75
CA PHE H 113 -50.11 63.31 22.58
C PHE H 113 -49.80 63.47 21.10
N SER H 114 -49.25 64.63 20.71
CA SER H 114 -48.91 64.87 19.31
C SER H 114 -47.45 64.49 19.05
N THR H 115 -47.16 63.22 19.34
CA THR H 115 -45.79 62.72 19.24
C THR H 115 -45.34 62.66 17.79
N GLU H 116 -44.06 62.98 17.56
CA GLU H 116 -43.50 63.04 16.22
C GLU H 116 -42.11 62.43 16.21
N PHE H 117 -41.69 61.99 15.02
CA PHE H 117 -40.36 61.43 14.82
C PHE H 117 -39.92 61.78 13.41
N GLN H 118 -38.70 62.29 13.28
CA GLN H 118 -38.08 62.50 11.97
C GLN H 118 -36.67 61.94 12.03
N ARG H 119 -36.40 60.95 11.20
CA ARG H 119 -35.07 60.37 11.08
C ARG H 119 -34.69 60.34 9.61
N MET H 120 -33.43 60.65 9.32
CA MET H 120 -32.92 60.61 7.95
C MET H 120 -31.49 60.08 8.00
N LYS H 121 -31.33 58.81 7.68
CA LYS H 121 -30.02 58.17 7.63
C LYS H 121 -29.54 58.15 6.18
N THR H 122 -28.41 58.80 5.92
CA THR H 122 -27.78 58.77 4.61
C THR H 122 -26.37 58.25 4.75
N LEU H 123 -26.03 57.25 3.94
CA LEU H 123 -24.66 56.79 3.81
C LEU H 123 -24.17 57.12 2.41
N GLN H 124 -22.86 57.28 2.28
CA GLN H 124 -22.24 57.49 0.98
C GLN H 124 -20.85 56.87 1.03
N VAL H 125 -20.75 55.62 0.64
CA VAL H 125 -19.46 54.99 0.45
C VAL H 125 -19.00 55.33 -0.95
N LYS H 126 -17.68 55.51 -1.12
CA LYS H 126 -17.15 55.84 -2.44
C LYS H 126 -15.73 55.30 -2.52
N ASP H 127 -15.55 54.22 -3.27
CA ASP H 127 -14.28 53.53 -3.38
C ASP H 127 -13.75 53.68 -4.80
N GLN H 128 -12.43 53.81 -4.93
CA GLN H 128 -11.83 54.04 -6.25
C GLN H 128 -10.42 53.45 -6.26
N ALA H 129 -10.29 52.24 -6.78
CA ALA H 129 -9.00 51.61 -6.95
C ALA H 129 -8.43 51.95 -8.32
N VAL H 130 -7.10 52.06 -8.40
CA VAL H 130 -6.42 52.32 -9.65
C VAL H 130 -5.07 51.63 -9.66
N THR H 131 -4.85 50.76 -10.62
CA THR H 131 -3.57 50.07 -10.80
C THR H 131 -3.01 50.41 -12.17
N THR H 132 -1.69 50.47 -12.27
CA THR H 132 -1.06 50.83 -13.53
C THR H 132 0.35 50.25 -13.55
N ARG H 133 0.55 49.16 -14.27
CA ARG H 133 1.86 48.57 -14.44
C ARG H 133 2.42 48.89 -15.82
N VAL H 134 3.73 49.04 -15.90
CA VAL H 134 4.46 49.19 -17.14
C VAL H 134 5.79 48.49 -16.93
N GLN H 135 6.18 47.64 -17.84
CA GLN H 135 7.47 46.99 -17.67
C GLN H 135 7.99 46.53 -19.02
N VAL H 136 9.29 46.73 -19.25
CA VAL H 136 9.88 46.69 -20.57
C VAL H 136 11.21 45.95 -20.51
N ARG H 137 11.43 45.05 -21.47
CA ARG H 137 12.65 44.27 -21.55
C ARG H 137 13.44 44.62 -22.81
N ASN H 138 14.75 44.49 -22.75
CA ASN H 138 15.62 44.68 -23.90
C ASN H 138 16.79 43.72 -23.87
N ARG H 139 17.18 43.26 -25.04
CA ARG H 139 18.38 42.46 -25.23
C ARG H 139 19.08 42.96 -26.47
N ILE H 140 20.41 42.85 -26.51
CA ILE H 140 21.10 43.08 -27.78
C ILE H 140 22.18 42.02 -27.93
N TYR H 141 22.60 41.76 -29.18
CA TYR H 141 23.78 40.95 -29.45
C TYR H 141 24.27 41.27 -30.86
N THR H 142 25.19 42.21 -30.99
CA THR H 142 25.33 42.97 -32.22
C THR H 142 26.08 42.21 -33.31
N VAL H 143 26.08 42.79 -34.50
CA VAL H 143 26.56 42.17 -35.74
C VAL H 143 27.03 43.26 -36.68
N LYS H 144 28.23 43.10 -37.23
CA LYS H 144 28.79 44.04 -38.16
C LYS H 144 29.12 43.33 -39.46
N THR H 145 29.15 44.08 -40.56
CA THR H 145 29.57 43.54 -41.83
C THR H 145 31.08 43.65 -41.93
N THR H 146 31.73 42.62 -42.46
CA THR H 146 33.17 42.64 -42.51
C THR H 146 33.63 43.77 -43.43
N PRO H 147 34.77 44.40 -43.12
CA PRO H 147 35.18 45.56 -43.90
C PRO H 147 35.67 45.24 -45.29
N THR H 148 35.67 43.98 -45.69
CA THR H 148 36.22 43.59 -46.98
C THR H 148 35.24 42.76 -47.80
N SER H 149 33.96 42.88 -47.55
CA SER H 149 33.03 42.10 -48.34
C SER H 149 32.73 42.81 -49.66
N GLU H 150 32.12 42.08 -50.58
CA GLU H 150 31.86 42.55 -51.92
C GLU H 150 30.37 42.67 -52.16
N LEU H 151 30.01 43.40 -53.21
CA LEU H 151 28.61 43.58 -53.53
C LEU H 151 27.97 42.25 -53.90
N SER H 152 26.65 42.20 -53.77
CA SER H 152 25.92 41.00 -54.13
C SER H 152 25.94 40.81 -55.64
N LEU H 153 25.32 39.72 -56.09
CA LEU H 153 25.25 39.49 -57.52
C LEU H 153 24.24 40.42 -58.17
N GLY H 154 23.00 40.40 -57.68
CA GLY H 154 21.96 41.24 -58.27
C GLY H 154 22.32 42.70 -58.23
N PHE H 155 22.99 43.14 -57.18
CA PHE H 155 23.38 44.54 -57.09
C PHE H 155 24.37 44.90 -58.20
N THR H 156 25.43 44.12 -58.34
CA THR H 156 26.37 44.36 -59.42
C THR H 156 25.68 44.30 -60.77
N LYS H 157 24.74 43.37 -60.93
CA LYS H 157 24.01 43.29 -62.20
C LYS H 157 23.32 44.61 -62.50
N ALA H 158 22.52 45.10 -61.56
CA ALA H 158 21.82 46.36 -61.78
C ALA H 158 22.80 47.49 -62.02
N LEU H 159 23.92 47.50 -61.30
CA LEU H 159 24.87 48.59 -61.41
C LEU H 159 25.51 48.62 -62.78
N MET H 160 26.12 47.51 -63.19
CA MET H 160 26.72 47.49 -64.51
C MET H 160 25.68 47.58 -65.61
N ASP H 161 24.42 47.30 -65.32
CA ASP H 161 23.37 47.56 -66.30
C ASP H 161 23.21 49.06 -66.51
N ILE H 162 23.10 49.82 -65.42
CA ILE H 162 23.06 51.26 -65.56
C ILE H 162 24.32 51.78 -66.23
N CYS H 163 25.46 51.14 -65.97
CA CYS H 163 26.70 51.57 -66.60
C CYS H 163 26.69 51.31 -68.09
N ASP H 164 26.15 50.18 -68.53
CA ASP H 164 25.99 49.93 -69.94
C ASP H 164 25.00 50.90 -70.55
N GLN H 165 24.00 51.34 -69.79
CA GLN H 165 23.08 52.34 -70.29
C GLN H 165 23.77 53.67 -70.49
N LEU H 166 24.67 54.04 -69.58
CA LEU H 166 25.36 55.33 -69.72
C LEU H 166 26.38 55.28 -70.84
N GLU H 167 27.12 54.17 -70.97
CA GLU H 167 28.00 54.01 -72.11
C GLU H 167 27.22 53.98 -73.42
N LYS H 168 26.02 53.41 -73.42
CA LYS H 168 25.14 53.40 -74.57
C LYS H 168 24.39 54.72 -74.72
N ASN H 169 24.70 55.70 -73.89
CA ASN H 169 24.30 57.09 -74.04
C ASN H 169 22.80 57.30 -73.83
N GLN H 170 22.03 56.24 -73.61
CA GLN H 170 20.59 56.32 -73.43
C GLN H 170 20.29 56.86 -72.04
N THR H 171 20.22 58.18 -71.92
CA THR H 171 20.05 58.81 -70.61
C THR H 171 18.73 58.43 -69.98
N LYS H 172 17.63 58.52 -70.74
CA LYS H 172 16.31 58.28 -70.19
C LYS H 172 16.21 56.89 -69.58
N MET H 173 16.50 55.87 -70.37
CA MET H 173 16.49 54.52 -69.83
C MET H 173 17.47 54.37 -68.68
N ALA H 174 18.61 55.06 -68.75
CA ALA H 174 19.60 54.96 -67.68
C ALA H 174 19.05 55.53 -66.38
N THR H 175 18.55 56.76 -66.42
CA THR H 175 18.04 57.35 -65.19
C THR H 175 16.83 56.60 -64.66
N TYR H 176 16.00 56.05 -65.55
CA TYR H 176 14.89 55.24 -65.08
C TYR H 176 15.39 53.96 -64.41
N LEU H 177 16.44 53.37 -64.96
CA LEU H 177 17.00 52.17 -64.34
C LEU H 177 17.60 52.50 -62.98
N ALA H 178 18.21 53.66 -62.83
CA ALA H 178 18.72 54.06 -61.53
C ALA H 178 17.58 54.27 -60.54
N GLU H 179 16.50 54.90 -61.00
CA GLU H 179 15.33 55.07 -60.14
C GLU H 179 14.77 53.73 -59.71
N LEU H 180 14.70 52.78 -60.64
CA LEU H 180 14.27 51.43 -60.29
C LEU H 180 15.21 50.80 -59.28
N LEU H 181 16.51 51.00 -59.46
CA LEU H 181 17.48 50.50 -58.51
C LEU H 181 17.20 51.01 -57.11
N ILE H 182 16.97 52.32 -57.00
CA ILE H 182 16.77 52.89 -55.67
C ILE H 182 15.44 52.42 -55.10
N LEU H 183 14.46 52.16 -55.95
CA LEU H 183 13.20 51.62 -55.47
C LEU H 183 13.33 50.17 -55.06
N ASN H 184 14.30 49.46 -55.63
CA ASN H 184 14.41 48.03 -55.48
C ASN H 184 15.44 47.62 -54.44
N TYR H 185 16.32 48.52 -54.03
CA TYR H 185 17.39 48.20 -53.11
C TYR H 185 17.53 49.24 -52.00
N GLY H 186 16.59 50.16 -51.87
CA GLY H 186 16.64 51.12 -50.79
C GLY H 186 17.73 52.15 -50.94
N THR H 187 17.65 53.22 -50.16
CA THR H 187 18.58 54.33 -50.26
C THR H 187 19.74 54.22 -49.30
N HIS H 188 19.89 53.11 -48.59
CA HIS H 188 21.01 52.95 -47.69
C HIS H 188 21.28 51.46 -47.54
N VAL H 189 22.55 51.14 -47.31
CA VAL H 189 22.96 49.78 -47.02
C VAL H 189 23.38 49.72 -45.56
N ILE H 190 22.95 48.69 -44.87
CA ILE H 190 23.18 48.55 -43.44
C ILE H 190 24.54 47.93 -43.23
N THR H 191 25.29 48.45 -42.27
CA THR H 191 26.57 47.87 -41.90
C THR H 191 26.62 47.44 -40.45
N SER H 192 25.50 47.47 -39.74
CA SER H 192 25.50 47.12 -38.33
C SER H 192 24.07 46.94 -37.87
N VAL H 193 23.80 45.83 -37.19
CA VAL H 193 22.54 45.60 -36.53
C VAL H 193 22.83 45.04 -35.15
N ASP H 194 21.81 44.99 -34.31
CA ASP H 194 21.94 44.48 -32.95
C ASP H 194 20.91 43.38 -32.76
N ALA H 195 21.34 42.14 -32.92
CA ALA H 195 20.43 41.02 -32.72
C ALA H 195 19.93 41.04 -31.29
N GLY H 196 18.67 41.37 -31.11
CA GLY H 196 18.10 41.38 -29.78
C GLY H 196 16.62 41.17 -29.85
N ALA H 197 15.97 41.40 -28.72
CA ALA H 197 14.52 41.38 -28.66
C ALA H 197 14.08 42.34 -27.58
N ALA H 198 12.83 42.74 -27.66
CA ALA H 198 12.28 43.67 -26.70
C ALA H 198 10.88 43.23 -26.34
N LEU H 199 10.35 43.82 -25.28
CA LEU H 199 9.01 43.53 -24.84
C LEU H 199 8.56 44.70 -24.00
N VAL H 200 7.45 45.32 -24.39
CA VAL H 200 6.92 46.50 -23.72
C VAL H 200 5.47 46.19 -23.42
N GLN H 201 5.16 45.91 -22.17
CA GLN H 201 3.81 45.55 -21.81
C GLN H 201 3.34 46.39 -20.63
N GLU H 202 2.04 46.64 -20.60
CA GLU H 202 1.49 47.55 -19.62
C GLU H 202 -0.01 47.30 -19.50
N ASP H 203 -0.59 47.82 -18.44
CA ASP H 203 -2.02 47.65 -18.21
C ASP H 203 -2.49 48.63 -17.17
N HIS H 204 -3.75 49.02 -17.27
CA HIS H 204 -4.38 49.90 -16.31
C HIS H 204 -5.64 49.26 -15.79
N VAL H 205 -5.91 49.46 -14.51
CA VAL H 205 -7.18 49.07 -13.90
C VAL H 205 -7.74 50.31 -13.23
N ARG H 206 -9.05 50.52 -13.38
CA ARG H 206 -9.67 51.70 -12.79
C ARG H 206 -11.04 51.29 -12.25
N SER H 207 -11.07 50.87 -10.99
CA SER H 207 -12.32 50.56 -10.33
C SER H 207 -12.96 51.82 -9.81
N SER H 208 -14.28 51.86 -9.83
CA SER H 208 -15.04 52.96 -9.26
C SER H 208 -16.26 52.37 -8.58
N PHE H 209 -16.48 52.76 -7.34
CA PHE H 209 -17.55 52.17 -6.52
C PHE H 209 -18.22 53.29 -5.75
N LEU H 210 -19.42 53.66 -6.17
CA LEU H 210 -20.16 54.74 -5.55
C LEU H 210 -21.45 54.18 -5.00
N LEU H 211 -21.64 54.30 -3.69
CA LEU H 211 -22.80 53.77 -3.00
C LEU H 211 -23.59 54.89 -2.37
N ASP H 212 -24.91 54.76 -2.36
CA ASP H 212 -25.79 55.75 -1.75
C ASP H 212 -26.72 55.08 -0.76
N ASN H 213 -27.42 55.91 0.00
CA ASN H 213 -28.42 55.43 0.93
C ASN H 213 -29.17 56.65 1.47
N GLN H 214 -30.48 56.52 1.58
CA GLN H 214 -31.31 57.55 2.21
C GLN H 214 -32.40 56.81 2.99
N ASN H 215 -32.11 56.51 4.25
CA ASN H 215 -33.00 55.68 5.05
C ASN H 215 -33.77 56.56 6.03
N SER H 216 -34.85 57.15 5.55
CA SER H 216 -35.63 58.08 6.35
C SER H 216 -36.75 57.36 7.09
N GLN H 217 -37.38 58.08 8.02
CA GLN H 217 -38.47 57.51 8.80
C GLN H 217 -39.35 58.63 9.34
N ASN H 218 -40.58 58.28 9.65
CA ASN H 218 -41.54 59.18 10.29
C ASN H 218 -42.39 58.39 11.27
N THR H 219 -42.89 59.09 12.29
CA THR H 219 -43.81 58.46 13.23
C THR H 219 -44.65 59.58 13.85
N VAL H 220 -45.92 59.65 13.47
CA VAL H 220 -46.84 60.65 13.97
C VAL H 220 -47.94 59.94 14.75
N THR H 221 -48.22 60.43 15.95
CA THR H 221 -49.27 59.87 16.78
C THR H 221 -50.08 61.00 17.38
N ALA H 222 -51.39 60.80 17.48
CA ALA H 222 -52.30 61.74 18.10
C ALA H 222 -53.00 61.05 19.27
N SER H 223 -53.75 61.82 20.05
CA SER H 223 -54.44 61.26 21.20
C SER H 223 -55.60 62.15 21.59
N ALA H 224 -56.47 61.59 22.42
CA ALA H 224 -57.66 62.24 22.94
C ALA H 224 -57.92 61.65 24.32
N GLY H 225 -59.17 61.71 24.77
CA GLY H 225 -59.48 61.26 26.11
C GLY H 225 -60.27 62.25 26.94
N ILE H 226 -61.06 63.09 26.27
CA ILE H 226 -61.96 63.99 26.98
C ILE H 226 -63.07 63.16 27.60
N ALA H 227 -62.88 62.77 28.86
CA ALA H 227 -63.88 61.92 29.49
C ALA H 227 -63.96 62.07 31.01
N PHE H 228 -64.77 62.99 31.50
CA PHE H 228 -65.43 62.81 32.79
C PHE H 228 -66.87 63.29 32.73
N LEU H 229 -67.11 64.32 31.93
CA LEU H 229 -68.37 65.05 32.01
C LEU H 229 -69.09 65.02 30.66
N ASN H 230 -70.39 64.73 30.74
CA ASN H 230 -71.34 64.73 29.63
C ASN H 230 -71.09 63.55 28.69
N ILE H 231 -69.92 62.94 28.82
CA ILE H 231 -69.57 61.62 28.28
C ILE H 231 -68.54 61.05 29.25
N VAL H 232 -68.89 59.98 29.95
CA VAL H 232 -67.97 59.49 30.99
C VAL H 232 -66.73 58.88 30.34
N ASN H 233 -66.86 58.42 29.09
CA ASN H 233 -65.69 57.89 28.39
C ASN H 233 -65.86 57.88 26.88
N PHE H 234 -64.87 58.44 26.17
CA PHE H 234 -64.61 58.09 24.78
C PHE H 234 -63.20 58.54 24.42
N LYS H 235 -62.45 57.68 23.74
CA LYS H 235 -61.02 57.89 23.54
C LYS H 235 -60.72 57.81 22.06
N VAL H 236 -59.82 58.69 21.61
CA VAL H 236 -59.42 58.76 20.21
C VAL H 236 -57.90 58.83 20.16
N GLU H 237 -57.29 58.00 19.33
CA GLU H 237 -55.86 58.10 19.04
C GLU H 237 -55.58 57.50 17.67
N THR H 238 -54.87 58.27 16.84
CA THR H 238 -54.40 57.77 15.56
C THR H 238 -52.91 57.48 15.63
N ASP H 239 -52.45 56.62 14.73
CA ASP H 239 -51.05 56.31 14.60
C ASP H 239 -50.64 56.40 13.13
N TYR H 240 -49.37 56.67 12.89
CA TYR H 240 -48.90 56.89 11.52
C TYR H 240 -47.38 56.74 11.51
N ILE H 241 -46.87 55.79 10.74
CA ILE H 241 -45.44 55.57 10.61
C ILE H 241 -45.12 55.35 9.14
N SER H 242 -44.10 56.04 8.65
CA SER H 242 -43.68 55.96 7.27
C SER H 242 -42.18 55.74 7.22
N GLN H 243 -41.75 54.87 6.31
CA GLN H 243 -40.34 54.57 6.12
C GLN H 243 -39.96 54.77 4.66
N THR H 244 -38.67 54.98 4.43
CA THR H 244 -38.17 55.13 3.08
C THR H 244 -36.68 54.83 3.11
N SER H 245 -36.27 53.73 2.48
CA SER H 245 -34.87 53.34 2.44
C SER H 245 -34.52 53.09 0.97
N LEU H 246 -33.65 53.94 0.43
CA LEU H 246 -33.29 53.90 -0.97
C LEU H 246 -31.78 53.82 -1.09
N THR H 247 -31.27 52.68 -1.51
CA THR H 247 -29.84 52.50 -1.75
C THR H 247 -29.56 52.51 -3.24
N LYS H 248 -28.41 53.05 -3.60
CA LYS H 248 -28.00 53.14 -4.99
C LYS H 248 -26.49 52.94 -5.02
N ASP H 249 -26.03 51.89 -5.67
CA ASP H 249 -24.61 51.67 -5.87
C ASP H 249 -24.32 51.53 -7.37
N TYR H 250 -23.10 51.89 -7.74
CA TYR H 250 -22.77 52.03 -9.16
C TYR H 250 -21.29 51.69 -9.34
N LEU H 251 -21.02 50.43 -9.67
CA LEU H 251 -19.68 49.90 -9.82
C LEU H 251 -19.28 49.89 -11.28
N SER H 252 -18.02 50.23 -11.56
CA SER H 252 -17.56 50.23 -12.95
C SER H 252 -16.05 50.00 -12.96
N ASN H 253 -15.65 48.75 -13.23
CA ASN H 253 -14.27 48.46 -13.57
C ASN H 253 -13.98 48.89 -15.00
N ARG H 254 -12.70 49.12 -15.29
CA ARG H 254 -12.26 49.35 -16.65
C ARG H 254 -10.80 48.93 -16.71
N THR H 255 -10.52 47.84 -17.42
CA THR H 255 -9.17 47.30 -17.51
C THR H 255 -8.66 47.46 -18.93
N ASN H 256 -7.39 47.82 -19.05
CA ASN H 256 -6.69 47.77 -20.31
C ASN H 256 -5.50 46.85 -20.19
N SER H 257 -4.86 46.60 -21.32
CA SER H 257 -3.65 45.80 -21.38
C SER H 257 -3.08 45.91 -22.78
N ARG H 258 -1.77 45.98 -22.91
CA ARG H 258 -1.19 46.10 -24.23
C ARG H 258 0.25 45.60 -24.16
N VAL H 259 0.50 44.40 -24.62
CA VAL H 259 1.88 43.97 -24.76
C VAL H 259 2.27 44.36 -26.17
N GLN H 260 3.55 44.58 -26.39
CA GLN H 260 4.04 44.88 -27.73
C GLN H 260 5.48 44.39 -27.77
N SER H 261 5.68 43.18 -28.26
CA SER H 261 6.97 42.54 -28.20
C SER H 261 7.51 42.35 -29.60
N PHE H 262 8.80 42.60 -29.77
CA PHE H 262 9.47 42.22 -31.02
C PHE H 262 10.94 42.09 -30.70
N GLY H 263 11.46 40.88 -30.80
CA GLY H 263 10.62 39.75 -31.14
C GLY H 263 11.11 38.51 -30.44
N GLY H 264 10.20 37.76 -29.86
CA GLY H 264 10.59 36.53 -29.19
C GLY H 264 9.71 35.39 -29.60
N VAL H 265 9.15 34.68 -28.62
CA VAL H 265 8.19 33.63 -28.92
C VAL H 265 6.84 34.31 -29.00
N PRO H 266 5.93 33.88 -29.89
CA PRO H 266 4.61 34.52 -29.97
C PRO H 266 3.99 34.71 -28.60
N PHE H 267 3.79 35.97 -28.23
CA PHE H 267 3.35 36.30 -26.89
C PHE H 267 1.94 35.80 -26.63
N TYR H 268 1.63 35.60 -25.35
CA TYR H 268 0.28 35.27 -24.92
C TYR H 268 0.16 35.67 -23.46
N PRO H 269 -1.03 36.07 -23.00
CA PRO H 269 -1.12 36.74 -21.70
C PRO H 269 -0.55 35.93 -20.55
N GLY H 270 -0.92 34.68 -20.42
CA GLY H 270 -0.47 33.93 -19.27
C GLY H 270 1.01 33.62 -19.23
N ILE H 271 1.80 34.14 -20.16
CA ILE H 271 3.20 33.76 -20.24
C ILE H 271 3.95 34.38 -19.06
N THR H 272 4.92 33.65 -18.54
CA THR H 272 5.77 34.21 -17.53
C THR H 272 6.67 35.27 -18.15
N LEU H 273 7.30 36.05 -17.29
CA LEU H 273 8.33 36.96 -17.75
C LEU H 273 9.62 36.21 -18.05
N GLU H 274 9.63 34.90 -17.86
CA GLU H 274 10.81 34.06 -18.01
C GLU H 274 10.76 33.22 -19.28
N THR H 275 9.76 32.34 -19.41
CA THR H 275 9.66 31.50 -20.59
C THR H 275 9.72 32.32 -21.86
N TRP H 276 9.33 33.59 -21.80
CA TRP H 276 9.71 34.53 -22.84
C TRP H 276 11.20 34.50 -23.10
N GLN H 277 11.98 34.77 -22.05
CA GLN H 277 13.43 34.89 -22.22
C GLN H 277 14.05 33.59 -22.69
N LYS H 278 13.86 32.51 -21.94
CA LYS H 278 14.49 31.25 -22.32
C LYS H 278 14.15 30.86 -23.74
N GLY H 279 13.00 31.32 -24.25
CA GLY H 279 12.61 31.00 -25.61
C GLY H 279 13.07 32.02 -26.63
N ILE H 280 14.16 32.71 -26.35
CA ILE H 280 14.69 33.71 -27.24
C ILE H 280 15.87 33.18 -28.05
N THR H 281 16.07 31.85 -28.06
CA THR H 281 17.31 31.29 -28.58
C THR H 281 17.57 31.74 -30.00
N ASN H 282 16.77 31.31 -30.95
CA ASN H 282 16.53 32.10 -32.15
C ASN H 282 15.28 32.93 -31.88
N HIS H 283 14.66 33.47 -32.92
CA HIS H 283 13.68 34.56 -32.79
C HIS H 283 14.37 35.83 -32.34
N LEU H 284 15.52 36.13 -32.93
CA LEU H 284 16.13 37.42 -32.70
C LEU H 284 15.67 38.39 -33.78
N VAL H 285 15.76 39.68 -33.47
CA VAL H 285 15.23 40.70 -34.34
C VAL H 285 16.14 41.90 -34.27
N ALA H 286 16.34 42.56 -35.41
CA ALA H 286 17.19 43.73 -35.45
C ALA H 286 16.49 44.83 -34.68
N ILE H 287 16.96 45.10 -33.45
CA ILE H 287 16.36 46.15 -32.66
C ILE H 287 16.98 47.50 -32.91
N ASP H 288 18.10 47.55 -33.61
CA ASP H 288 18.79 48.80 -33.87
C ASP H 288 19.76 48.57 -35.01
N ARG H 289 19.90 49.57 -35.87
CA ARG H 289 20.71 49.37 -37.07
C ARG H 289 21.31 50.68 -37.51
N ALA H 290 22.42 50.58 -38.22
CA ALA H 290 23.14 51.73 -38.74
C ALA H 290 23.89 51.32 -39.99
N GLY H 291 23.92 52.21 -40.97
CA GLY H 291 24.57 51.92 -42.22
C GLY H 291 25.04 53.19 -42.89
N LEU H 292 25.28 53.09 -44.18
CA LEU H 292 25.81 54.18 -44.97
C LEU H 292 24.94 54.42 -46.19
N PRO H 293 25.01 55.61 -46.80
CA PRO H 293 24.29 55.82 -48.05
C PRO H 293 24.91 54.98 -49.14
N LEU H 294 24.06 54.36 -49.96
CA LEU H 294 24.56 53.34 -50.88
C LEU H 294 25.48 53.94 -51.93
N HIS H 295 25.32 55.21 -52.26
CA HIS H 295 26.25 55.84 -53.20
C HIS H 295 27.68 55.71 -52.70
N PHE H 296 27.87 55.63 -51.40
CA PHE H 296 29.20 55.42 -50.84
C PHE H 296 29.79 54.09 -51.26
N PHE H 297 28.94 53.09 -51.50
CA PHE H 297 29.43 51.77 -51.82
C PHE H 297 29.67 51.58 -53.31
N ILE H 298 29.40 52.59 -54.12
CA ILE H 298 29.64 52.51 -55.55
C ILE H 298 30.99 53.20 -55.79
N LYS H 299 32.05 52.40 -55.68
CA LYS H 299 33.41 52.89 -55.82
C LYS H 299 34.22 51.86 -56.59
N PRO H 300 35.23 52.29 -57.35
CA PRO H 300 35.93 51.36 -58.24
C PRO H 300 36.56 50.19 -57.52
N ASP H 301 36.97 50.36 -56.27
CA ASP H 301 37.54 49.23 -55.54
C ASP H 301 36.46 48.19 -55.25
N LYS H 302 35.33 48.62 -54.70
CA LYS H 302 34.23 47.69 -54.43
C LYS H 302 33.63 47.16 -55.72
N LEU H 303 33.92 47.76 -56.82
CA LEU H 303 33.37 47.19 -58.04
C LEU H 303 34.43 46.38 -58.78
N PRO H 304 34.02 45.35 -59.50
CA PRO H 304 34.98 44.58 -60.30
C PRO H 304 35.52 45.41 -61.46
N GLY H 305 36.31 44.78 -62.32
CA GLY H 305 36.92 45.48 -63.43
C GLY H 305 35.93 46.30 -64.23
N LEU H 306 36.09 47.63 -64.16
CA LEU H 306 35.24 48.57 -64.85
C LEU H 306 36.01 49.86 -65.02
N PRO H 307 35.64 50.70 -65.99
CA PRO H 307 36.40 51.94 -66.23
C PRO H 307 36.29 52.90 -65.06
N GLY H 308 37.43 53.47 -64.68
CA GLY H 308 37.53 54.32 -63.52
C GLY H 308 36.54 55.48 -63.51
N PRO H 309 36.72 56.43 -64.41
CA PRO H 309 35.82 57.60 -64.41
C PRO H 309 34.37 57.24 -64.66
N LEU H 310 34.11 56.13 -65.35
CA LEU H 310 32.73 55.73 -65.57
C LEU H 310 32.04 55.37 -64.27
N VAL H 311 32.78 54.79 -63.31
CA VAL H 311 32.12 54.50 -62.04
C VAL H 311 31.86 55.79 -61.27
N LYS H 312 32.68 56.83 -61.49
CA LYS H 312 32.37 58.14 -60.94
C LYS H 312 31.07 58.66 -61.51
N LYS H 313 30.93 58.58 -62.84
CA LYS H 313 29.67 58.93 -63.49
C LYS H 313 28.52 58.15 -62.87
N LEU H 314 28.69 56.85 -62.71
CA LEU H 314 27.61 56.00 -62.20
C LEU H 314 27.23 56.40 -60.78
N SER H 315 28.23 56.63 -59.92
CA SER H 315 27.95 57.04 -58.56
C SER H 315 27.19 58.36 -58.53
N LYS H 316 27.60 59.32 -59.37
CA LYS H 316 26.89 60.58 -59.40
C LYS H 316 25.45 60.39 -59.86
N THR H 317 25.23 59.53 -60.86
CA THR H 317 23.88 59.30 -61.36
C THR H 317 23.01 58.67 -60.29
N VAL H 318 23.51 57.62 -59.64
CA VAL H 318 22.75 56.97 -58.59
C VAL H 318 22.43 57.95 -57.47
N GLU H 319 23.43 58.75 -57.08
CA GLU H 319 23.23 59.70 -56.00
C GLU H 319 22.18 60.74 -56.37
N THR H 320 22.22 61.24 -57.60
CA THR H 320 21.21 62.19 -58.04
C THR H 320 19.83 61.56 -58.09
N ALA H 321 19.75 60.30 -58.52
CA ALA H 321 18.48 59.60 -58.49
C ALA H 321 17.94 59.53 -57.07
N VAL H 322 18.81 59.20 -56.12
CA VAL H 322 18.41 59.20 -54.71
C VAL H 322 17.86 60.57 -54.33
N ARG H 323 18.69 61.60 -54.50
CA ARG H 323 18.32 62.98 -54.25
C ARG H 323 16.92 63.29 -54.76
N HIS H 324 16.67 62.98 -56.03
CA HIS H 324 15.34 63.11 -56.60
C HIS H 324 14.32 62.38 -55.74
N TYR H 325 14.51 61.08 -55.56
CA TYR H 325 13.57 60.28 -54.78
C TYR H 325 13.52 60.74 -53.34
N TYR H 326 14.54 61.44 -52.87
CA TYR H 326 14.60 61.80 -51.46
C TYR H 326 13.76 63.04 -51.16
N THR H 327 14.08 64.15 -51.83
CA THR H 327 13.40 65.42 -51.53
C THR H 327 11.91 65.33 -51.84
N PHE H 328 11.58 65.19 -53.12
CA PHE H 328 10.23 64.93 -53.57
C PHE H 328 10.19 63.51 -54.11
N ASN H 329 9.07 63.15 -54.74
CA ASN H 329 8.91 61.82 -55.31
C ASN H 329 9.45 61.83 -56.73
N THR H 330 10.72 62.25 -56.87
CA THR H 330 11.52 62.10 -58.10
C THR H 330 10.73 62.29 -59.39
N HIS H 331 9.93 63.35 -59.46
CA HIS H 331 8.94 63.52 -60.51
C HIS H 331 9.54 64.14 -61.77
N PRO H 332 9.70 63.38 -62.86
CA PRO H 332 9.92 64.02 -64.16
C PRO H 332 8.66 64.68 -64.68
N GLY H 333 7.55 63.92 -64.71
CA GLY H 333 6.31 64.47 -65.23
C GLY H 333 5.07 64.39 -64.37
N CYS H 334 4.95 63.37 -63.50
CA CYS H 334 3.71 63.13 -62.77
C CYS H 334 3.80 61.97 -61.80
N THR H 335 2.79 61.82 -60.94
CA THR H 335 2.63 60.61 -60.15
C THR H 335 2.16 59.48 -61.05
N ASN H 336 2.83 58.34 -61.00
CA ASN H 336 2.60 57.40 -62.10
C ASN H 336 1.93 56.10 -61.70
N VAL H 337 2.41 55.42 -60.65
CA VAL H 337 1.92 54.06 -60.41
C VAL H 337 0.54 54.07 -59.80
N ASP H 338 0.21 55.07 -58.99
CA ASP H 338 -1.11 55.18 -58.40
C ASP H 338 -2.11 55.54 -59.49
N SER H 339 -3.12 54.67 -59.67
CA SER H 339 -4.11 54.82 -60.74
C SER H 339 -3.40 54.99 -62.07
N PRO H 340 -2.86 53.92 -62.66
CA PRO H 340 -1.97 54.08 -63.81
C PRO H 340 -2.68 54.56 -65.08
N ASN H 341 -3.95 54.93 -64.95
CA ASN H 341 -4.76 55.29 -66.11
C ASN H 341 -4.25 56.50 -66.89
N PHE H 342 -4.24 57.69 -66.28
CA PHE H 342 -3.93 58.92 -67.00
C PHE H 342 -2.59 59.53 -66.62
N ASN H 343 -1.62 58.70 -66.25
CA ASN H 343 -0.34 59.18 -65.74
C ASN H 343 0.81 58.84 -66.69
N PHE H 344 1.84 59.68 -66.65
CA PHE H 344 3.09 59.42 -67.36
C PHE H 344 3.91 58.44 -66.52
N GLN H 345 4.04 57.21 -67.01
CA GLN H 345 4.51 56.10 -66.20
C GLN H 345 5.78 55.47 -66.71
N ALA H 346 6.68 56.28 -67.29
CA ALA H 346 8.04 55.81 -67.52
C ALA H 346 8.92 56.05 -66.30
N ASN H 347 8.47 56.87 -65.36
CA ASN H 347 9.17 57.12 -64.10
C ASN H 347 8.59 56.23 -63.00
N MET H 348 8.91 56.56 -61.75
CA MET H 348 8.29 55.94 -60.59
C MET H 348 7.84 57.04 -59.63
N ASP H 349 6.57 56.97 -59.22
CA ASP H 349 5.99 57.99 -58.34
C ASP H 349 4.68 57.51 -57.74
N ASP H 350 4.56 57.58 -56.41
CA ASP H 350 3.43 57.02 -55.68
C ASP H 350 2.91 58.02 -54.65
N ASP H 351 2.66 59.27 -55.07
CA ASP H 351 2.22 60.32 -54.16
C ASP H 351 0.96 59.97 -53.38
N SER H 352 -0.18 59.91 -54.07
CA SER H 352 -1.47 59.55 -53.47
C SER H 352 -2.54 59.48 -54.54
N CYS H 353 -3.72 58.97 -54.18
CA CYS H 353 -4.78 58.65 -55.14
C CYS H 353 -6.06 59.44 -54.95
N ASP H 354 -6.45 59.71 -53.69
CA ASP H 354 -7.76 60.30 -53.41
C ASP H 354 -7.81 61.80 -53.67
N ALA H 355 -6.88 62.35 -54.44
CA ALA H 355 -6.86 63.78 -54.71
C ALA H 355 -8.08 64.15 -55.55
N LYS H 356 -8.87 65.11 -55.07
CA LYS H 356 -9.96 65.69 -55.83
C LYS H 356 -9.94 67.21 -55.84
N VAL H 357 -9.15 67.84 -54.97
CA VAL H 357 -9.05 69.30 -54.89
C VAL H 357 -7.62 69.72 -55.17
N THR H 358 -7.46 70.97 -55.60
CA THR H 358 -6.16 71.60 -55.76
C THR H 358 -5.99 72.80 -54.84
N ASN H 359 -6.63 72.80 -53.67
CA ASN H 359 -6.63 73.95 -52.79
C ASN H 359 -5.25 74.12 -52.15
N PHE H 360 -5.08 75.22 -51.40
CA PHE H 360 -3.77 75.63 -50.94
C PHE H 360 -3.49 75.12 -49.53
N THR H 361 -2.33 75.50 -49.01
CA THR H 361 -1.91 75.06 -47.68
C THR H 361 -2.72 75.76 -46.58
N PHE H 362 -3.81 75.14 -46.18
CA PHE H 362 -4.74 75.73 -45.22
C PHE H 362 -4.51 75.13 -43.83
N GLY H 363 -3.43 75.59 -43.20
CA GLY H 363 -3.03 75.10 -41.89
C GLY H 363 -3.88 75.66 -40.76
N GLY H 364 -3.46 75.33 -39.54
CA GLY H 364 -4.13 75.83 -38.35
C GLY H 364 -5.14 74.87 -37.74
N VAL H 365 -5.33 74.98 -36.43
CA VAL H 365 -6.27 74.12 -35.70
C VAL H 365 -6.88 74.90 -34.55
N TYR H 366 -8.20 74.94 -34.47
CA TYR H 366 -8.87 75.87 -33.55
C TYR H 366 -10.30 75.41 -33.29
N GLN H 367 -10.86 75.87 -32.18
CA GLN H 367 -12.18 75.45 -31.72
C GLN H 367 -12.65 76.38 -30.61
N GLU H 368 -13.74 75.97 -29.95
CA GLU H 368 -14.31 76.73 -28.82
C GLU H 368 -15.13 75.75 -27.97
N CYS H 369 -14.76 75.63 -26.70
CA CYS H 369 -15.46 74.76 -25.74
C CYS H 369 -16.31 75.63 -24.82
N THR H 370 -17.59 75.74 -25.15
CA THR H 370 -18.50 76.55 -24.35
C THR H 370 -19.29 75.70 -23.37
N GLU H 371 -19.38 76.18 -22.14
CA GLU H 371 -20.11 75.51 -21.07
C GLU H 371 -21.56 75.97 -21.06
N LEU H 372 -22.49 75.02 -20.95
CA LEU H 372 -23.89 75.37 -20.78
C LEU H 372 -24.33 75.34 -19.33
N SER H 373 -23.87 74.36 -18.55
CA SER H 373 -24.22 74.28 -17.13
C SER H 373 -23.22 73.37 -16.42
N GLY H 374 -22.97 73.67 -15.16
CA GLY H 374 -21.95 72.94 -14.41
C GLY H 374 -20.55 73.22 -14.91
N ASP H 375 -19.54 72.66 -14.24
CA ASP H 375 -18.15 72.77 -14.68
C ASP H 375 -17.52 71.38 -14.67
N VAL H 376 -17.74 70.64 -15.76
CA VAL H 376 -17.15 69.31 -15.91
C VAL H 376 -16.49 69.18 -17.27
N LEU H 377 -17.27 69.44 -18.33
CA LEU H 377 -16.85 69.08 -19.68
C LEU H 377 -15.87 70.08 -20.27
N CYS H 378 -15.81 71.30 -19.73
CA CYS H 378 -14.87 72.29 -20.25
C CYS H 378 -13.41 71.87 -20.04
N GLN H 379 -13.12 71.11 -18.99
CA GLN H 379 -11.74 70.79 -18.67
C GLN H 379 -11.13 69.80 -19.64
N ASN H 380 -11.94 68.96 -20.27
CA ASN H 380 -11.45 67.93 -21.17
C ASN H 380 -11.82 68.16 -22.63
N LEU H 381 -12.87 68.93 -22.92
CA LEU H 381 -13.18 69.28 -24.29
C LEU H 381 -12.52 70.58 -24.73
N GLU H 382 -11.46 71.00 -24.03
CA GLU H 382 -10.75 72.22 -24.40
C GLU H 382 -9.62 71.92 -25.37
N GLN H 383 -9.93 71.88 -26.67
CA GLN H 383 -8.95 71.50 -27.69
C GLN H 383 -8.25 72.75 -28.25
N LYS H 384 -7.71 73.54 -27.34
CA LYS H 384 -7.27 74.89 -27.68
C LYS H 384 -6.24 74.88 -28.80
N ASN H 385 -6.14 76.01 -29.50
CA ASN H 385 -5.25 76.13 -30.64
C ASN H 385 -3.81 75.90 -30.20
N LEU H 386 -3.03 75.24 -31.05
CA LEU H 386 -1.61 75.08 -30.79
C LEU H 386 -0.77 76.17 -31.43
N LEU H 387 -1.18 76.71 -32.57
CA LEU H 387 -0.33 77.64 -33.30
C LEU H 387 -0.19 78.97 -32.58
N THR H 388 -0.98 79.21 -31.54
CA THR H 388 -0.95 80.46 -30.80
C THR H 388 -0.75 80.30 -29.30
N GLY H 389 -0.95 79.10 -28.76
CA GLY H 389 -0.85 78.91 -27.32
C GLY H 389 -2.11 79.25 -26.55
N ASP H 390 -3.18 79.64 -27.23
CA ASP H 390 -4.44 79.99 -26.59
C ASP H 390 -5.52 79.95 -27.67
N PHE H 391 -6.70 80.43 -27.31
CA PHE H 391 -7.84 80.45 -28.23
C PHE H 391 -7.66 81.60 -29.22
N SER H 392 -6.98 81.31 -30.32
CA SER H 392 -6.81 82.28 -31.40
C SER H 392 -6.43 81.53 -32.67
N CYS H 393 -6.58 82.20 -33.81
CA CYS H 393 -5.99 81.69 -35.03
C CYS H 393 -4.58 82.26 -35.19
N PRO H 394 -3.75 81.65 -36.02
CA PRO H 394 -2.44 82.23 -36.32
C PRO H 394 -2.56 83.35 -37.33
N PRO H 395 -1.63 84.31 -37.32
CA PRO H 395 -1.70 85.43 -38.27
C PRO H 395 -1.66 84.93 -39.71
N GLY H 396 -2.52 85.51 -40.54
CA GLY H 396 -2.69 85.07 -41.90
C GLY H 396 -3.71 83.97 -42.10
N TYR H 397 -4.41 83.57 -41.03
CA TYR H 397 -5.39 82.51 -41.10
C TYR H 397 -6.71 83.03 -40.54
N SER H 398 -7.77 82.27 -40.77
CA SER H 398 -9.09 82.70 -40.32
C SER H 398 -9.76 81.60 -39.50
N PRO H 399 -10.13 81.89 -38.27
CA PRO H 399 -10.77 80.87 -37.41
C PRO H 399 -12.27 80.74 -37.72
N VAL H 400 -12.56 80.23 -38.90
CA VAL H 400 -13.94 80.10 -39.35
C VAL H 400 -14.58 78.88 -38.71
N HIS H 401 -15.83 79.05 -38.29
CA HIS H 401 -16.48 78.08 -37.41
C HIS H 401 -16.73 76.74 -38.07
N LEU H 402 -16.00 75.71 -37.63
CA LEU H 402 -16.14 74.38 -38.21
C LEU H 402 -17.52 73.79 -37.92
N LEU H 403 -17.87 73.61 -36.65
CA LEU H 403 -19.17 73.06 -36.29
C LEU H 403 -19.46 73.33 -34.82
N SER H 404 -20.71 73.63 -34.52
CA SER H 404 -21.18 73.74 -33.15
C SER H 404 -21.97 72.49 -32.77
N GLN H 405 -21.85 72.08 -31.50
CA GLN H 405 -22.53 70.88 -31.05
C GLN H 405 -22.62 70.92 -29.52
N THR H 406 -23.58 70.17 -28.99
CA THR H 406 -23.83 70.16 -27.55
C THR H 406 -23.93 68.71 -27.06
N HIS H 407 -23.60 68.54 -25.78
CA HIS H 407 -23.68 67.24 -25.13
C HIS H 407 -24.29 67.41 -23.75
N GLU H 408 -24.80 66.30 -23.21
CA GLU H 408 -25.47 66.31 -21.92
C GLU H 408 -25.05 65.07 -21.14
N GLU H 409 -24.14 65.25 -20.19
CA GLU H 409 -23.65 64.17 -19.36
C GLU H 409 -23.85 64.51 -17.90
N GLY H 410 -23.93 63.49 -17.08
CA GLY H 410 -24.17 63.67 -15.65
C GLY H 410 -23.08 63.02 -14.82
N TYR H 411 -22.53 63.79 -13.88
CA TYR H 411 -21.55 63.29 -12.94
C TYR H 411 -22.01 63.65 -11.53
N SER H 412 -21.99 62.66 -10.66
CA SER H 412 -22.27 62.89 -9.24
C SER H 412 -21.09 63.64 -8.65
N ARG H 413 -21.26 64.95 -8.45
CA ARG H 413 -20.13 65.82 -8.14
C ARG H 413 -19.62 65.57 -6.72
N LEU H 414 -18.65 66.37 -6.31
CA LEU H 414 -18.10 66.34 -4.97
C LEU H 414 -18.80 67.37 -4.10
N GLU H 415 -19.07 67.01 -2.85
CA GLU H 415 -19.71 67.95 -1.93
C GLU H 415 -19.30 67.61 -0.51
N CYS H 416 -18.38 68.37 0.05
CA CYS H 416 -17.96 68.24 1.45
C CYS H 416 -18.13 69.61 2.08
N LYS H 417 -19.33 69.86 2.59
CA LYS H 417 -19.71 71.16 3.12
C LYS H 417 -20.08 71.05 4.59
N LYS H 418 -19.73 72.07 5.36
CA LYS H 418 -20.08 72.13 6.77
C LYS H 418 -21.29 73.04 6.96
N LYS H 419 -22.20 72.63 7.83
CA LYS H 419 -23.42 73.39 8.10
C LYS H 419 -23.58 73.58 9.60
N CYS H 420 -23.77 74.83 10.01
CA CYS H 420 -24.04 75.15 11.41
C CYS H 420 -25.51 74.87 11.72
N THR H 421 -25.77 74.39 12.94
CA THR H 421 -27.14 74.13 13.35
C THR H 421 -27.82 75.40 13.84
N LEU H 422 -27.31 75.99 14.92
CA LEU H 422 -27.81 77.25 15.44
C LEU H 422 -26.67 78.17 15.83
N LYS H 423 -25.65 78.26 14.98
CA LYS H 423 -24.46 79.09 15.11
C LYS H 423 -23.57 78.69 16.28
N ILE H 424 -23.95 77.69 17.07
CA ILE H 424 -23.13 77.24 18.19
C ILE H 424 -22.30 76.06 17.73
N PHE H 425 -22.97 75.03 17.23
CA PHE H 425 -22.26 73.88 16.69
C PHE H 425 -22.53 73.77 15.20
N CYS H 426 -21.62 73.10 14.50
CA CYS H 426 -21.73 72.90 13.07
C CYS H 426 -21.45 71.44 12.75
N LYS H 427 -22.15 70.95 11.73
CA LYS H 427 -21.95 69.61 11.22
C LYS H 427 -21.48 69.71 9.77
N THR H 428 -20.69 68.74 9.34
CA THR H 428 -20.26 68.65 7.95
C THR H 428 -21.12 67.59 7.29
N VAL H 429 -22.03 68.01 6.41
CA VAL H 429 -22.96 67.11 5.75
C VAL H 429 -22.42 66.81 4.36
N CYS H 430 -21.58 65.78 4.26
CA CYS H 430 -21.06 65.38 2.96
C CYS H 430 -22.14 64.60 2.24
N GLU H 431 -22.62 65.14 1.12
CA GLU H 431 -23.70 64.49 0.38
C GLU H 431 -23.55 64.86 -1.09
N ASP H 432 -22.96 63.95 -1.86
CA ASP H 432 -22.66 64.20 -3.27
C ASP H 432 -23.95 64.14 -4.07
N VAL H 433 -24.11 65.10 -4.98
CA VAL H 433 -25.39 65.33 -5.65
C VAL H 433 -25.24 65.10 -7.14
N PHE H 434 -26.33 64.62 -7.74
CA PHE H 434 -26.42 64.48 -9.18
C PHE H 434 -26.40 65.85 -9.86
N ARG H 435 -25.94 65.88 -11.10
CA ARG H 435 -25.98 67.10 -11.90
C ARG H 435 -25.73 66.75 -13.36
N VAL H 436 -26.66 67.11 -14.22
CA VAL H 436 -26.47 67.02 -15.67
C VAL H 436 -25.76 68.28 -16.12
N ALA H 437 -24.46 68.16 -16.36
CA ALA H 437 -23.74 69.25 -16.98
C ALA H 437 -23.93 69.21 -18.50
N LYS H 438 -23.74 70.35 -19.14
CA LYS H 438 -23.81 70.44 -20.59
C LYS H 438 -22.74 71.40 -21.08
N ALA H 439 -22.15 71.07 -22.22
CA ALA H 439 -21.20 71.93 -22.88
C ALA H 439 -21.55 72.01 -24.36
N GLU H 440 -21.41 73.20 -24.94
CA GLU H 440 -21.65 73.41 -26.36
C GLU H 440 -20.29 73.44 -27.05
N PHE H 441 -19.98 72.36 -27.77
CA PHE H 441 -18.71 72.22 -28.47
C PHE H 441 -18.76 72.99 -29.78
N ARG H 442 -17.99 74.07 -29.86
CA ARG H 442 -17.91 74.90 -31.05
C ARG H 442 -16.55 74.70 -31.70
N ALA H 443 -16.51 73.96 -32.80
CA ALA H 443 -15.28 73.79 -33.55
C ALA H 443 -15.14 74.93 -34.56
N TYR H 444 -13.92 75.44 -34.69
CA TYR H 444 -13.64 76.57 -35.56
C TYR H 444 -12.46 76.19 -36.46
N TRP H 445 -12.76 75.68 -37.65
CA TRP H 445 -11.70 75.26 -38.55
C TRP H 445 -10.82 76.44 -38.93
N CYS H 446 -9.52 76.26 -38.78
CA CYS H 446 -8.55 77.29 -39.11
C CYS H 446 -8.06 77.09 -40.53
N VAL H 447 -8.18 78.14 -41.33
CA VAL H 447 -7.81 78.11 -42.75
C VAL H 447 -7.08 79.40 -43.08
N ALA H 448 -6.07 79.29 -43.94
CA ALA H 448 -5.32 80.47 -44.37
C ALA H 448 -6.22 81.42 -45.16
N ALA H 449 -5.96 82.72 -45.00
CA ALA H 449 -6.70 83.73 -45.73
C ALA H 449 -6.22 83.82 -47.17
N GLY H 450 -4.92 84.01 -47.36
CA GLY H 450 -4.35 84.12 -48.69
C GLY H 450 -3.00 83.42 -48.81
N GLN H 451 -2.08 84.03 -49.55
CA GLN H 451 -0.75 83.45 -49.71
C GLN H 451 -0.02 83.44 -48.37
N VAL H 452 0.57 82.30 -48.05
CA VAL H 452 1.18 82.14 -46.73
C VAL H 452 2.67 82.46 -46.81
N PRO H 453 3.23 83.14 -45.81
CA PRO H 453 4.70 83.18 -45.67
C PRO H 453 5.18 81.88 -45.06
N ASP H 454 6.18 81.26 -45.70
CA ASP H 454 6.64 79.94 -45.26
C ASP H 454 7.30 79.98 -43.88
N ASN H 455 7.58 81.17 -43.35
CA ASN H 455 8.16 81.26 -42.01
C ASN H 455 7.15 80.83 -40.94
N SER H 456 5.87 81.14 -41.13
CA SER H 456 4.85 80.84 -40.14
C SER H 456 3.61 80.26 -40.80
N GLY H 457 3.79 79.53 -41.89
CA GLY H 457 2.69 78.84 -42.55
C GLY H 457 3.02 77.39 -42.73
N LEU H 458 2.25 76.50 -42.11
CA LEU H 458 2.59 75.08 -42.05
C LEU H 458 1.48 74.22 -42.64
N LEU H 459 1.89 73.03 -43.07
CA LEU H 459 1.02 72.00 -43.61
C LEU H 459 0.95 70.82 -42.63
N PHE H 460 -0.17 70.10 -42.68
CA PHE H 460 -0.46 69.09 -41.67
C PHE H 460 -1.18 67.92 -42.35
N GLY H 461 -1.78 67.06 -41.54
CA GLY H 461 -2.56 65.94 -42.06
C GLY H 461 -2.79 64.83 -41.04
N GLY H 462 -3.91 64.13 -41.17
CA GLY H 462 -4.19 62.99 -40.30
C GLY H 462 -5.39 63.19 -39.40
N VAL H 463 -6.50 62.53 -39.71
CA VAL H 463 -7.74 62.66 -38.94
C VAL H 463 -8.39 61.29 -38.82
N PHE H 464 -8.93 61.00 -37.63
CA PHE H 464 -9.55 59.71 -37.36
C PHE H 464 -10.20 59.76 -35.98
N THR H 465 -11.14 58.86 -35.76
CA THR H 465 -11.77 58.71 -34.46
C THR H 465 -11.28 57.41 -33.81
N ASP H 466 -11.77 57.15 -32.60
CA ASP H 466 -11.50 55.87 -31.95
C ASP H 466 -12.19 54.72 -32.67
N LYS H 467 -13.27 55.02 -33.41
CA LYS H 467 -14.03 54.02 -34.13
C LYS H 467 -13.71 53.98 -35.61
N THR H 468 -13.55 55.14 -36.24
CA THR H 468 -13.19 55.20 -37.65
C THR H 468 -11.68 55.08 -37.80
N ILE H 469 -11.26 54.20 -38.71
CA ILE H 469 -9.84 53.97 -38.94
C ILE H 469 -9.23 55.18 -39.61
N ASN H 470 -7.92 55.37 -39.42
CA ASN H 470 -7.19 56.44 -40.10
C ASN H 470 -6.61 55.89 -41.40
N PRO H 471 -7.24 56.11 -42.55
CA PRO H 471 -6.66 55.59 -43.80
C PRO H 471 -5.38 56.31 -44.17
N MET H 472 -5.15 57.51 -43.65
CA MET H 472 -3.85 58.16 -43.73
C MET H 472 -2.74 57.20 -43.32
N THR H 473 -2.82 56.67 -42.09
CA THR H 473 -1.80 55.77 -41.59
C THR H 473 -2.25 54.32 -41.55
N ASN H 474 -3.51 54.04 -41.92
CA ASN H 474 -4.08 52.69 -41.81
C ASN H 474 -3.98 52.15 -40.39
N ALA H 475 -4.27 53.00 -39.41
CA ALA H 475 -4.19 52.62 -38.01
C ALA H 475 -5.22 53.43 -37.24
N GLN H 476 -5.12 53.39 -35.91
CA GLN H 476 -5.99 54.15 -35.01
C GLN H 476 -5.17 55.03 -34.08
N SER H 477 -4.03 55.51 -34.55
CA SER H 477 -3.13 56.32 -33.75
C SER H 477 -2.50 57.39 -34.63
N CYS H 478 -1.54 58.08 -34.08
CA CYS H 478 -0.85 59.11 -34.82
C CYS H 478 0.39 58.56 -35.51
N PRO H 479 0.62 58.93 -36.76
CA PRO H 479 1.89 58.57 -37.41
C PRO H 479 3.05 59.31 -36.76
N ALA H 480 4.26 58.82 -37.05
CA ALA H 480 5.45 59.36 -36.42
C ALA H 480 5.63 60.83 -36.78
N GLY H 481 6.01 61.63 -35.79
CA GLY H 481 6.12 63.06 -35.97
C GLY H 481 4.80 63.80 -35.99
N TYR H 482 3.79 63.30 -35.28
CA TYR H 482 2.46 63.90 -35.28
C TYR H 482 1.95 63.93 -33.84
N ILE H 483 1.54 65.12 -33.38
CA ILE H 483 0.73 65.21 -32.18
C ILE H 483 -0.72 64.99 -32.59
N PRO H 484 -1.43 64.06 -31.99
CA PRO H 484 -2.86 63.95 -32.29
C PRO H 484 -3.63 65.03 -31.56
N LEU H 485 -4.07 66.06 -32.29
CA LEU H 485 -4.81 67.17 -31.71
C LEU H 485 -6.28 66.79 -31.71
N ASN H 486 -6.84 66.59 -30.52
CA ASN H 486 -8.19 66.02 -30.38
C ASN H 486 -9.25 67.10 -30.57
N LEU H 487 -9.13 67.84 -31.68
CA LEU H 487 -9.99 68.97 -31.98
C LEU H 487 -11.47 68.67 -31.78
N PHE H 488 -11.93 67.47 -32.12
CA PHE H 488 -13.35 67.19 -32.19
C PHE H 488 -13.78 66.35 -31.00
N GLU H 489 -15.05 65.93 -31.00
CA GLU H 489 -15.57 65.05 -29.97
C GLU H 489 -14.73 63.78 -29.85
N SER H 490 -14.43 63.13 -30.97
CA SER H 490 -13.61 61.92 -30.98
C SER H 490 -12.47 61.94 -31.98
N LEU H 491 -12.36 62.99 -32.80
CA LEU H 491 -11.26 63.08 -33.76
C LEU H 491 -9.98 63.45 -33.04
N LYS H 492 -8.87 62.93 -33.52
CA LYS H 492 -7.54 63.32 -33.05
C LYS H 492 -6.79 63.79 -34.29
N VAL H 493 -6.96 65.06 -34.63
CA VAL H 493 -6.39 65.60 -35.86
C VAL H 493 -4.88 65.66 -35.70
N CYS H 494 -4.18 64.77 -36.38
CA CYS H 494 -2.73 64.71 -36.32
C CYS H 494 -2.13 65.95 -36.97
N VAL H 495 -1.01 66.40 -36.42
CA VAL H 495 -0.37 67.62 -36.88
C VAL H 495 0.98 67.29 -37.49
N SER H 496 1.22 67.77 -38.71
CA SER H 496 2.56 67.73 -39.30
C SER H 496 3.33 68.97 -38.86
N LEU H 497 3.54 69.03 -37.54
CA LEU H 497 4.18 70.19 -36.93
C LEU H 497 5.62 70.38 -37.40
N ASP H 498 6.23 69.36 -37.99
CA ASP H 498 7.60 69.45 -38.49
C ASP H 498 7.67 69.02 -39.95
N TYR H 499 8.62 69.61 -40.68
CA TYR H 499 8.80 69.33 -42.10
C TYR H 499 9.25 67.89 -42.34
N GLU H 500 9.87 67.27 -41.35
CA GLU H 500 10.91 66.27 -41.58
C GLU H 500 10.44 65.17 -42.52
N LEU H 501 9.45 64.38 -42.10
CA LEU H 501 8.88 63.39 -43.00
C LEU H 501 7.55 63.85 -43.57
N GLY H 502 7.03 64.96 -43.07
CA GLY H 502 5.80 65.52 -43.59
C GLY H 502 5.91 65.88 -45.06
N PHE H 503 7.06 66.44 -45.47
CA PHE H 503 7.22 66.84 -46.87
C PHE H 503 6.83 65.73 -47.84
N LYS H 504 7.07 64.48 -47.47
CA LYS H 504 6.68 63.35 -48.31
C LYS H 504 5.46 62.62 -47.80
N PHE H 505 5.05 62.84 -46.56
CA PHE H 505 3.81 62.30 -46.02
C PHE H 505 3.04 63.47 -45.39
N SER H 506 2.38 64.25 -46.24
CA SER H 506 1.56 65.38 -45.81
C SER H 506 0.13 65.29 -46.33
N VAL H 507 -0.04 65.07 -47.63
CA VAL H 507 -1.34 65.08 -48.28
C VAL H 507 -1.99 66.44 -48.04
N PRO H 508 -1.59 67.49 -48.78
CA PRO H 508 -1.89 68.87 -48.39
C PRO H 508 -3.38 69.22 -48.40
N PHE H 509 -4.01 68.93 -47.27
CA PHE H 509 -5.46 68.98 -47.09
C PHE H 509 -6.01 70.39 -47.30
N GLY H 510 -7.34 70.47 -47.22
CA GLY H 510 -8.03 71.72 -46.98
C GLY H 510 -9.00 71.56 -45.82
N GLY H 511 -9.99 72.45 -45.79
CA GLY H 511 -10.97 72.42 -44.72
C GLY H 511 -12.42 72.45 -45.18
N PHE H 512 -13.32 71.97 -44.33
CA PHE H 512 -14.73 71.93 -44.69
C PHE H 512 -15.56 71.77 -43.42
N PHE H 513 -16.63 72.56 -43.32
CA PHE H 513 -17.54 72.52 -42.18
C PHE H 513 -18.43 71.29 -42.29
N SER H 514 -19.47 71.23 -41.48
CA SER H 514 -20.45 70.17 -41.64
C SER H 514 -21.33 70.45 -42.86
N CYS H 515 -22.08 69.43 -43.27
CA CYS H 515 -22.95 69.59 -44.43
C CYS H 515 -24.04 70.62 -44.19
N ILE H 516 -24.37 70.89 -42.93
CA ILE H 516 -25.32 71.95 -42.62
C ILE H 516 -24.60 73.28 -42.43
N MET H 517 -23.39 73.28 -41.86
CA MET H 517 -22.58 74.48 -41.73
C MET H 517 -22.01 74.84 -43.10
N GLY H 518 -21.24 75.92 -43.15
CA GLY H 518 -20.74 76.43 -44.41
C GLY H 518 -19.50 75.74 -44.94
N ASN H 519 -18.52 76.52 -45.36
CA ASN H 519 -17.29 76.01 -45.94
C ASN H 519 -16.31 77.16 -46.07
N PRO H 520 -15.00 76.89 -46.02
CA PRO H 520 -14.03 77.99 -46.02
C PRO H 520 -13.62 78.48 -47.40
N LEU H 521 -13.71 77.63 -48.44
CA LEU H 521 -13.11 77.97 -49.73
C LEU H 521 -14.15 77.93 -50.84
N VAL H 522 -13.70 78.37 -52.02
CA VAL H 522 -14.59 78.57 -53.17
C VAL H 522 -14.67 77.29 -53.99
N ASN H 523 -15.77 77.18 -54.74
CA ASN H 523 -15.95 76.10 -55.70
C ASN H 523 -15.92 76.68 -57.12
N ALA H 532 -16.40 88.08 -48.30
CA ALA H 532 -17.59 88.23 -49.13
C ALA H 532 -18.42 86.95 -49.12
N PRO H 533 -19.23 86.76 -48.07
CA PRO H 533 -20.01 85.52 -47.98
C PRO H 533 -21.13 85.46 -49.00
N SER H 534 -20.94 84.65 -50.03
CA SER H 534 -21.95 84.40 -51.05
C SER H 534 -22.16 82.93 -51.34
N LEU H 535 -21.21 82.07 -51.01
CA LEU H 535 -21.29 80.65 -51.30
C LEU H 535 -21.45 79.84 -50.01
N LYS H 536 -22.22 78.76 -50.11
CA LYS H 536 -22.33 77.81 -49.00
C LYS H 536 -22.54 76.43 -49.59
N LYS H 537 -21.44 75.72 -49.87
CA LYS H 537 -21.43 74.35 -50.34
C LYS H 537 -19.98 73.92 -50.45
N CYS H 538 -19.77 72.62 -50.61
CA CYS H 538 -18.45 72.01 -50.50
C CYS H 538 -17.38 72.90 -51.13
N PRO H 539 -16.30 73.21 -50.40
CA PRO H 539 -15.33 74.20 -50.89
C PRO H 539 -14.44 73.65 -51.99
N GLY H 540 -14.92 73.75 -53.23
CA GLY H 540 -14.20 73.17 -54.35
C GLY H 540 -14.71 71.78 -54.66
N GLY H 541 -13.79 70.84 -54.88
CA GLY H 541 -14.17 69.47 -55.13
C GLY H 541 -14.19 68.64 -53.87
N PHE H 542 -13.44 67.54 -53.88
CA PHE H 542 -13.37 66.60 -52.76
C PHE H 542 -14.77 66.12 -52.37
N SER H 543 -15.32 65.29 -53.27
CA SER H 543 -16.61 64.67 -53.05
C SER H 543 -16.63 63.93 -51.72
N GLN H 544 -17.81 63.46 -51.32
CA GLN H 544 -18.08 63.18 -49.90
C GLN H 544 -17.21 62.00 -49.46
N HIS H 545 -15.98 62.33 -49.08
CA HIS H 545 -15.06 61.37 -48.47
C HIS H 545 -15.23 61.46 -46.96
N LEU H 546 -16.04 60.56 -46.40
CA LEU H 546 -16.43 60.66 -45.00
C LEU H 546 -15.22 60.65 -44.07
N ALA H 547 -15.31 61.42 -43.00
CA ALA H 547 -14.35 61.38 -41.91
C ALA H 547 -15.00 61.06 -40.57
N VAL H 548 -16.17 61.63 -40.30
CA VAL H 548 -16.88 61.41 -39.05
C VAL H 548 -18.30 61.93 -39.20
N ILE H 549 -19.25 61.29 -38.51
CA ILE H 549 -20.62 61.79 -38.43
C ILE H 549 -20.82 62.37 -37.04
N SER H 550 -21.56 63.47 -36.98
CA SER H 550 -21.93 64.07 -35.70
C SER H 550 -23.44 64.28 -35.70
N ASP H 551 -24.15 63.43 -34.95
CA ASP H 551 -25.60 63.46 -34.80
C ASP H 551 -26.33 63.79 -36.09
N GLY H 552 -25.93 63.16 -37.19
CA GLY H 552 -26.65 63.32 -38.45
C GLY H 552 -25.85 64.01 -39.54
N CYS H 553 -25.11 65.06 -39.18
CA CYS H 553 -24.31 65.78 -40.15
C CYS H 553 -22.96 65.09 -40.31
N GLN H 554 -22.46 65.03 -41.54
CA GLN H 554 -21.15 64.47 -41.82
C GLN H 554 -20.11 65.59 -41.90
N VAL H 555 -18.94 65.33 -41.33
CA VAL H 555 -17.85 66.29 -41.31
C VAL H 555 -16.74 65.76 -42.22
N SER H 556 -16.47 66.49 -43.30
CA SER H 556 -15.46 66.10 -44.26
C SER H 556 -14.49 67.26 -44.50
N TYR H 557 -13.65 67.17 -45.51
CA TYR H 557 -12.64 68.18 -45.78
C TYR H 557 -12.53 68.38 -47.29
N CYS H 558 -11.44 69.04 -47.71
CA CYS H 558 -11.01 69.05 -49.10
C CYS H 558 -9.52 68.72 -49.06
N VAL H 559 -9.19 67.44 -49.01
CA VAL H 559 -7.83 67.00 -48.78
C VAL H 559 -7.14 66.80 -50.12
N LYS H 560 -6.30 67.77 -50.50
CA LYS H 560 -5.52 67.67 -51.72
C LYS H 560 -4.34 66.75 -51.48
N ALA H 561 -3.90 66.08 -52.53
CA ALA H 561 -2.84 65.08 -52.44
C ALA H 561 -1.73 65.40 -53.44
N GLY H 562 -1.27 66.65 -53.46
CA GLY H 562 -0.30 67.09 -54.43
C GLY H 562 1.11 66.59 -54.21
N ILE H 563 2.09 67.45 -54.48
CA ILE H 563 3.49 67.04 -54.49
C ILE H 563 4.00 66.73 -53.08
N THR I 13 9.10 22.82 -60.71
CA THR I 13 8.71 23.80 -59.71
C THR I 13 8.04 23.12 -58.53
N GLY I 14 8.40 21.85 -58.31
CA GLY I 14 7.80 21.04 -57.27
C GLY I 14 8.69 21.11 -56.03
N PHE I 15 8.23 21.86 -55.03
CA PHE I 15 8.98 21.94 -53.77
C PHE I 15 8.99 20.63 -53.01
N GLN I 16 8.21 19.64 -53.44
CA GLN I 16 8.10 18.40 -52.70
C GLN I 16 9.43 17.70 -52.55
N ILE I 17 10.37 17.94 -53.47
CA ILE I 17 11.65 17.22 -53.43
C ILE I 17 12.38 17.51 -52.13
N CYS I 18 12.53 18.79 -51.78
CA CYS I 18 13.32 19.09 -50.61
C CYS I 18 12.48 19.30 -49.37
N LYS I 19 11.21 19.63 -49.52
CA LYS I 19 10.28 19.42 -48.42
C LYS I 19 10.35 17.97 -47.95
N ASN I 20 10.72 17.06 -48.85
CA ASN I 20 10.96 15.68 -48.48
C ASN I 20 12.37 15.49 -47.94
N ALA I 21 13.36 16.15 -48.55
CA ALA I 21 14.72 16.04 -48.05
C ALA I 21 14.83 16.50 -46.61
N LEU I 22 14.57 17.78 -46.38
CA LEU I 22 14.50 18.34 -45.04
C LEU I 22 13.03 18.56 -44.68
N LYS I 23 12.67 18.26 -43.44
CA LYS I 23 11.27 18.03 -43.11
C LYS I 23 10.50 19.30 -42.80
N LEU I 24 10.96 20.45 -43.19
CA LEU I 24 10.25 21.65 -42.80
C LEU I 24 9.05 21.90 -43.71
N PRO I 25 8.04 22.62 -43.23
CA PRO I 25 6.90 22.95 -44.06
C PRO I 25 7.12 24.24 -44.83
N VAL I 26 6.62 24.25 -46.06
CA VAL I 26 6.81 25.42 -46.91
C VAL I 26 5.98 26.57 -46.39
N LEU I 27 6.53 27.79 -46.48
CA LEU I 27 5.76 28.97 -46.13
C LEU I 27 4.54 29.05 -47.01
N GLU I 28 3.44 29.57 -46.45
CA GLU I 28 2.21 29.62 -47.21
C GLU I 28 2.07 30.91 -47.98
N VAL I 29 2.33 32.03 -47.34
CA VAL I 29 2.20 33.31 -47.99
C VAL I 29 3.39 33.54 -48.90
N LEU I 30 3.13 34.01 -50.11
CA LEU I 30 4.21 34.20 -51.06
C LEU I 30 3.91 35.42 -51.90
N PRO I 31 4.88 36.25 -52.17
CA PRO I 31 4.63 37.51 -52.85
C PRO I 31 4.45 37.40 -54.36
N GLY I 32 5.16 36.47 -54.98
CA GLY I 32 5.15 36.44 -56.42
C GLY I 32 3.84 35.98 -56.99
N GLY I 33 2.80 36.79 -56.83
CA GLY I 33 1.49 36.41 -57.30
C GLY I 33 0.59 37.61 -57.57
N GLY I 34 -0.03 37.63 -58.75
CA GLY I 34 -0.89 38.74 -59.09
C GLY I 34 -2.01 38.94 -58.10
N TRP I 35 -2.63 40.11 -58.19
CA TRP I 35 -3.59 40.52 -57.17
C TRP I 35 -4.53 41.53 -57.76
N ASP I 36 -5.83 41.23 -57.72
CA ASP I 36 -6.84 42.16 -58.23
C ASP I 36 -7.07 43.22 -57.17
N ASN I 37 -6.80 44.48 -57.53
CA ASN I 37 -7.00 45.56 -56.59
C ASN I 37 -8.45 45.99 -56.48
N LEU I 38 -9.27 45.69 -57.48
CA LEU I 38 -10.67 46.09 -57.42
C LEU I 38 -11.49 45.10 -56.60
N ARG I 39 -11.57 43.85 -57.05
CA ARG I 39 -12.21 42.82 -56.25
C ARG I 39 -11.50 42.59 -54.93
N ASN I 40 -10.22 42.94 -54.85
CA ASN I 40 -9.43 42.80 -53.64
C ASN I 40 -9.25 41.34 -53.24
N VAL I 41 -8.65 40.54 -54.13
CA VAL I 41 -8.45 39.11 -53.90
C VAL I 41 -7.33 38.60 -54.80
N ASP I 42 -6.50 37.71 -54.27
CA ASP I 42 -5.38 37.16 -55.04
C ASP I 42 -5.86 36.56 -56.35
N MET I 43 -4.99 36.57 -57.35
CA MET I 43 -5.38 36.15 -58.69
C MET I 43 -4.56 35.01 -59.26
N GLY I 44 -3.24 35.07 -59.20
CA GLY I 44 -2.46 34.00 -59.80
C GLY I 44 -0.99 34.36 -59.85
N ARG I 45 -0.18 33.34 -60.13
CA ARG I 45 1.26 33.53 -60.20
C ARG I 45 1.61 34.61 -61.22
N VAL I 46 2.61 35.40 -60.91
CA VAL I 46 3.19 36.27 -61.93
C VAL I 46 4.69 36.06 -61.97
N MET I 47 5.36 36.27 -60.84
CA MET I 47 6.78 35.98 -60.72
C MET I 47 6.94 34.51 -60.36
N ASP I 48 7.69 33.77 -61.17
CA ASP I 48 7.77 32.34 -60.96
C ASP I 48 8.49 32.03 -59.66
N LEU I 49 8.11 30.93 -59.04
CA LEU I 49 8.68 30.49 -57.78
C LEU I 49 9.22 29.07 -57.97
N THR I 50 10.53 28.96 -58.05
CA THR I 50 11.18 27.67 -58.13
C THR I 50 11.59 27.21 -56.75
N TYR I 51 12.19 26.03 -56.69
CA TYR I 51 12.75 25.56 -55.44
C TYR I 51 14.07 24.82 -55.67
N THR I 52 14.83 25.25 -56.66
CA THR I 52 15.99 24.49 -57.11
C THR I 52 17.03 24.35 -56.00
N ASN I 53 17.68 25.45 -55.66
CA ASN I 53 18.71 25.42 -54.61
C ASN I 53 18.03 25.58 -53.27
N CYS I 54 17.08 24.71 -52.96
CA CYS I 54 15.94 25.12 -52.17
C CYS I 54 16.35 25.78 -50.88
N LYS I 55 15.90 27.01 -50.71
CA LYS I 55 16.27 27.88 -49.60
C LYS I 55 15.59 27.40 -48.34
N THR I 56 15.70 28.19 -47.29
CA THR I 56 14.95 28.01 -46.06
C THR I 56 15.21 29.24 -45.21
N THR I 57 14.21 29.61 -44.42
CA THR I 57 14.38 30.77 -43.56
C THR I 57 15.52 30.53 -42.59
N GLU I 58 16.11 31.61 -42.12
CA GLU I 58 17.30 31.50 -41.28
C GLU I 58 17.01 30.65 -40.05
N ASP I 59 16.03 31.04 -39.25
CA ASP I 59 15.58 30.20 -38.15
C ASP I 59 14.80 29.07 -38.80
N GLY I 60 15.54 28.08 -39.29
CA GLY I 60 14.95 27.19 -40.26
C GLY I 60 13.72 26.49 -39.73
N GLN I 61 12.56 27.02 -40.10
CA GLN I 61 11.31 26.31 -39.91
C GLN I 61 10.36 26.58 -41.07
N TYR I 62 10.90 26.88 -42.25
CA TYR I 62 10.10 27.01 -43.45
C TYR I 62 11.01 26.77 -44.65
N ILE I 63 10.40 26.68 -45.82
CA ILE I 63 11.14 26.51 -47.07
C ILE I 63 10.61 27.59 -48.02
N ILE I 64 11.25 28.74 -48.02
CA ILE I 64 10.84 29.79 -48.94
C ILE I 64 11.27 29.36 -50.33
N PRO I 65 10.61 29.82 -51.38
CA PRO I 65 11.13 29.60 -52.72
C PRO I 65 12.28 30.52 -52.98
N ASP I 66 13.18 30.09 -53.85
CA ASP I 66 14.45 30.76 -53.99
C ASP I 66 14.37 32.05 -54.77
N GLU I 67 13.17 32.59 -54.95
CA GLU I 67 13.01 33.93 -55.48
C GLU I 67 12.49 34.90 -54.44
N VAL I 68 12.52 34.53 -53.16
CA VAL I 68 12.07 35.42 -52.10
C VAL I 68 13.05 35.34 -50.96
N TYR I 69 13.12 36.41 -50.18
CA TYR I 69 13.93 36.46 -48.98
C TYR I 69 13.08 37.04 -47.87
N THR I 70 13.35 36.61 -46.64
CA THR I 70 12.55 36.99 -45.50
C THR I 70 13.38 37.79 -44.51
N ILE I 71 12.69 38.58 -43.71
CA ILE I 71 13.31 39.38 -42.66
C ILE I 71 12.41 39.33 -41.43
N PRO I 72 12.79 38.61 -40.41
CA PRO I 72 11.82 38.15 -39.41
C PRO I 72 11.64 39.08 -38.22
N GLN I 73 10.39 39.36 -37.84
CA GLN I 73 10.08 40.07 -36.60
C GLN I 73 8.59 40.14 -36.36
N LYS I 74 8.11 39.97 -35.11
CA LYS I 74 6.96 40.73 -34.58
C LYS I 74 6.46 40.21 -33.25
N GLU I 75 5.51 40.95 -32.65
CA GLU I 75 4.35 40.47 -31.89
C GLU I 75 3.63 41.70 -31.37
N SER I 76 2.32 41.58 -31.15
CA SER I 76 1.58 42.68 -30.56
C SER I 76 0.16 42.22 -30.23
N ASN I 77 -0.31 42.58 -29.05
CA ASN I 77 -1.72 42.34 -28.73
C ASN I 77 -2.14 43.31 -27.66
N LEU I 78 -3.45 43.38 -27.43
CA LEU I 78 -3.97 44.29 -26.41
C LEU I 78 -5.34 43.83 -25.96
N GLU I 79 -5.50 43.69 -24.64
CA GLU I 79 -6.76 43.35 -24.03
C GLU I 79 -7.34 44.58 -23.36
N MET I 80 -8.67 44.62 -23.26
CA MET I 80 -9.32 45.71 -22.57
C MET I 80 -10.78 45.34 -22.36
N ASN I 81 -11.32 45.71 -21.21
CA ASN I 81 -12.71 45.44 -20.91
C ASN I 81 -13.22 46.48 -19.93
N SER I 82 -14.53 46.45 -19.68
CA SER I 82 -15.16 47.44 -18.81
C SER I 82 -16.25 46.75 -18.00
N GLU I 83 -16.93 47.53 -17.18
CA GLU I 83 -17.87 46.99 -16.20
C GLU I 83 -18.85 48.08 -15.80
N VAL I 84 -20.06 47.67 -15.42
CA VAL I 84 -21.11 48.58 -14.97
C VAL I 84 -22.09 47.80 -14.12
N LEU I 85 -22.43 48.32 -12.94
CA LEU I 85 -23.42 47.71 -12.07
C LEU I 85 -24.39 48.76 -11.55
N GLU I 86 -25.43 48.29 -10.86
CA GLU I 86 -26.43 49.14 -10.23
C GLU I 86 -27.16 48.34 -9.15
N SER I 87 -27.92 49.03 -8.31
CA SER I 87 -28.85 48.41 -7.38
C SER I 87 -29.69 49.50 -6.73
N TRP I 88 -30.98 49.24 -6.53
CA TRP I 88 -31.91 50.19 -5.94
C TRP I 88 -32.75 49.50 -4.87
N MET I 89 -33.48 50.29 -4.07
CA MET I 89 -34.38 49.77 -3.04
C MET I 89 -35.49 50.79 -2.78
N ASN I 90 -36.40 50.44 -1.86
CA ASN I 90 -37.44 51.33 -1.34
C ASN I 90 -38.05 50.75 -0.07
N TYR I 91 -39.12 51.39 0.40
CA TYR I 91 -39.71 51.10 1.70
C TYR I 91 -41.15 51.64 1.75
N GLN I 92 -41.71 51.70 2.96
CA GLN I 92 -43.17 51.73 3.15
C GLN I 92 -43.71 52.81 4.09
N SER I 93 -45.01 52.72 4.41
CA SER I 93 -45.71 53.68 5.25
C SER I 93 -46.89 52.99 5.91
N THR I 94 -47.41 53.59 6.99
CA THR I 94 -48.42 52.94 7.82
C THR I 94 -49.19 53.97 8.65
N THR I 95 -50.49 53.73 8.82
CA THR I 95 -51.32 54.51 9.74
C THR I 95 -52.25 53.56 10.49
N SER I 96 -52.78 54.04 11.62
CA SER I 96 -53.70 53.25 12.43
C SER I 96 -54.34 54.15 13.48
N LEU I 97 -55.64 53.97 13.71
CA LEU I 97 -56.38 54.72 14.73
C LEU I 97 -57.43 53.80 15.33
N SER I 98 -57.45 53.71 16.67
CA SER I 98 -58.32 52.79 17.40
C SER I 98 -59.06 53.59 18.48
N ILE I 99 -60.30 53.98 18.19
CA ILE I 99 -60.96 55.02 18.98
C ILE I 99 -62.41 54.69 19.31
N ASN I 100 -62.72 54.56 20.60
CA ASN I 100 -63.92 55.15 21.20
C ASN I 100 -64.11 54.56 22.59
N THR I 101 -65.12 55.07 23.30
CA THR I 101 -65.66 54.45 24.51
C THR I 101 -67.00 55.14 24.80
N GLU I 102 -67.78 54.56 25.72
CA GLU I 102 -68.99 55.19 26.22
C GLU I 102 -69.50 54.42 27.44
N LEU I 103 -70.19 55.13 28.33
CA LEU I 103 -70.88 54.57 29.49
C LEU I 103 -71.84 55.60 30.05
N ALA I 104 -72.82 55.12 30.82
CA ALA I 104 -73.62 55.92 31.73
C ALA I 104 -74.52 55.00 32.52
N LEU I 105 -75.09 55.53 33.60
CA LEU I 105 -76.03 54.80 34.42
C LEU I 105 -77.45 55.35 34.33
N PHE I 106 -77.69 56.39 33.53
CA PHE I 106 -79.00 57.01 33.43
C PHE I 106 -79.62 56.85 32.05
N SER I 107 -78.95 57.30 31.00
CA SER I 107 -79.55 57.25 29.66
C SER I 107 -78.61 56.77 28.55
N ARG I 108 -77.30 56.91 28.66
CA ARG I 108 -76.41 56.74 27.50
C ARG I 108 -75.21 55.89 27.86
N VAL I 109 -75.37 54.57 27.81
CA VAL I 109 -74.27 53.63 27.98
C VAL I 109 -74.11 52.81 26.70
N ASN I 110 -72.94 52.92 26.07
CA ASN I 110 -72.68 52.29 24.79
C ASN I 110 -71.26 51.73 24.77
N GLY I 111 -70.83 51.30 23.58
CA GLY I 111 -69.47 50.90 23.34
C GLY I 111 -69.13 51.09 21.88
N LYS I 112 -67.88 51.45 21.58
CA LYS I 112 -67.46 51.64 20.20
C LYS I 112 -65.95 51.52 20.12
N PHE I 113 -65.46 50.88 19.05
CA PHE I 113 -64.04 50.86 18.71
C PHE I 113 -63.94 50.75 17.19
N SER I 114 -63.82 51.90 16.52
CA SER I 114 -63.71 51.92 15.06
C SER I 114 -62.25 51.87 14.63
N THR I 115 -61.56 50.83 15.10
CA THR I 115 -60.13 50.71 14.85
C THR I 115 -59.84 50.45 13.38
N GLU I 116 -58.75 51.03 12.89
CA GLU I 116 -58.39 50.93 11.48
C GLU I 116 -56.89 50.72 11.35
N PHE I 117 -56.50 50.16 10.20
CA PHE I 117 -55.08 49.94 9.89
C PHE I 117 -54.92 50.08 8.38
N GLN I 118 -53.93 50.84 7.96
CA GLN I 118 -53.56 50.91 6.54
C GLN I 118 -52.05 50.78 6.45
N ARG I 119 -51.59 49.72 5.78
CA ARG I 119 -50.17 49.51 5.56
C ARG I 119 -49.96 49.25 4.08
N MET I 120 -48.90 49.81 3.52
CA MET I 120 -48.55 49.62 2.11
C MET I 120 -47.03 49.50 2.03
N LYS I 121 -46.53 48.28 1.91
CA LYS I 121 -45.11 48.02 1.75
C LYS I 121 -44.81 47.80 0.28
N THR I 122 -43.95 48.65 -0.28
CA THR I 122 -43.50 48.50 -1.65
C THR I 122 -41.98 48.42 -1.67
N LEU I 123 -41.46 47.40 -2.32
CA LEU I 123 -40.03 47.29 -2.61
C LEU I 123 -39.83 47.41 -4.10
N GLN I 124 -38.65 47.89 -4.49
CA GLN I 124 -38.27 47.96 -5.89
C GLN I 124 -36.76 47.75 -5.95
N VAL I 125 -36.34 46.51 -6.12
CA VAL I 125 -34.96 46.22 -6.41
C VAL I 125 -34.77 46.36 -7.91
N LYS I 126 -33.59 46.84 -8.33
CA LYS I 126 -33.33 46.99 -9.76
C LYS I 126 -31.83 46.85 -9.98
N ASP I 127 -31.42 45.71 -10.54
CA ASP I 127 -30.04 45.37 -10.74
C ASP I 127 -29.72 45.33 -12.23
N GLN I 128 -28.52 45.79 -12.60
CA GLN I 128 -28.17 45.87 -14.02
C GLN I 128 -26.66 45.69 -14.17
N ALA I 129 -26.25 44.46 -14.48
CA ALA I 129 -24.84 44.17 -14.74
C ALA I 129 -24.56 44.34 -16.22
N VAL I 130 -23.34 44.77 -16.54
CA VAL I 130 -22.91 44.92 -17.92
C VAL I 130 -21.42 44.63 -18.03
N THR I 131 -21.07 43.65 -18.85
CA THR I 131 -19.68 43.31 -19.11
C THR I 131 -19.40 43.47 -20.59
N THR I 132 -18.16 43.84 -20.92
CA THR I 132 -17.81 44.07 -22.33
C THR I 132 -16.30 43.90 -22.47
N ARG I 133 -15.87 42.77 -23.01
CA ARG I 133 -14.47 42.53 -23.28
C ARG I 133 -14.19 42.66 -24.77
N VAL I 134 -13.00 43.14 -25.10
CA VAL I 134 -12.50 43.20 -26.46
C VAL I 134 -11.00 42.95 -26.34
N GLN I 135 -10.47 42.04 -27.14
CA GLN I 135 -9.04 41.80 -27.08
C GLN I 135 -8.56 41.22 -28.39
N VAL I 136 -7.42 41.70 -28.87
CA VAL I 136 -6.99 41.52 -30.24
C VAL I 136 -5.51 41.19 -30.26
N ARG I 137 -5.14 40.18 -31.07
CA ARG I 137 -3.75 39.75 -31.22
C ARG I 137 -3.26 40.02 -32.63
N ASN I 138 -1.96 40.26 -32.78
CA ASN I 138 -1.32 40.42 -34.07
C ASN I 138 0.08 39.82 -34.06
N ARG I 139 0.45 39.23 -35.19
CA ARG I 139 1.80 38.76 -35.43
C ARG I 139 2.19 39.14 -36.84
N ILE I 140 3.48 39.38 -37.07
CA ILE I 140 3.92 39.49 -38.47
C ILE I 140 5.24 38.74 -38.60
N TYR I 141 5.58 38.35 -39.84
CA TYR I 141 6.91 37.84 -40.15
C TYR I 141 7.11 37.94 -41.66
N THR I 142 7.71 39.05 -42.11
CA THR I 142 7.48 39.52 -43.47
C THR I 142 8.29 38.76 -44.51
N VAL I 143 7.98 39.04 -45.78
CA VAL I 143 8.47 38.31 -46.93
C VAL I 143 8.51 39.24 -48.13
N LYS I 144 9.62 39.29 -48.83
CA LYS I 144 9.78 40.12 -50.01
C LYS I 144 10.16 39.24 -51.19
N THR I 145 9.83 39.71 -52.40
CA THR I 145 10.26 39.03 -53.60
C THR I 145 11.65 39.52 -53.98
N THR I 146 12.51 38.60 -54.41
CA THR I 146 13.87 38.98 -54.70
C THR I 146 13.87 39.96 -55.88
N PRO I 147 14.79 40.92 -55.89
CA PRO I 147 14.77 41.95 -56.92
C PRO I 147 15.16 41.47 -58.29
N THR I 148 15.50 40.19 -58.46
CA THR I 148 15.99 39.69 -59.73
C THR I 148 15.22 38.46 -60.20
N SER I 149 13.98 38.30 -59.77
CA SER I 149 13.24 37.14 -60.23
C SER I 149 12.60 37.44 -61.58
N GLU I 150 12.15 36.38 -62.23
CA GLU I 150 11.61 36.47 -63.59
C GLU I 150 10.13 36.10 -63.58
N LEU I 151 9.46 36.48 -64.66
CA LEU I 151 8.03 36.19 -64.77
C LEU I 151 7.78 34.70 -64.77
N SER I 152 6.55 34.33 -64.42
CA SER I 152 6.17 32.93 -64.43
C SER I 152 6.08 32.42 -65.85
N LEU I 153 5.77 31.13 -65.99
CA LEU I 153 5.61 30.58 -67.32
C LEU I 153 4.30 31.04 -67.94
N GLY I 154 3.19 30.79 -67.26
CA GLY I 154 1.90 31.18 -67.80
C GLY I 154 1.81 32.66 -68.10
N PHE I 155 2.43 33.49 -67.27
CA PHE I 155 2.40 34.92 -67.51
C PHE I 155 3.10 35.27 -68.81
N THR I 156 4.33 34.79 -68.99
CA THR I 156 5.03 35.02 -70.24
C THR I 156 4.24 34.48 -71.42
N LYS I 157 3.60 33.32 -71.25
CA LYS I 157 2.79 32.77 -72.32
C LYS I 157 1.72 33.75 -72.75
N ALA I 158 0.92 34.21 -71.79
CA ALA I 158 -0.14 35.16 -72.12
C ALA I 158 0.43 36.43 -72.73
N LEU I 159 1.57 36.89 -72.21
CA LEU I 159 2.13 38.15 -72.68
C LEU I 159 2.59 38.04 -74.12
N MET I 160 3.45 37.06 -74.42
CA MET I 160 3.88 36.91 -75.80
C MET I 160 2.74 36.47 -76.71
N ASP I 161 1.65 35.94 -76.15
CA ASP I 161 0.48 35.69 -76.97
C ASP I 161 -0.15 37.01 -77.42
N ILE I 162 -0.35 37.93 -76.49
CA ILE I 162 -0.83 39.25 -76.89
C ILE I 162 0.15 39.90 -77.85
N CYS I 163 1.44 39.67 -77.66
CA CYS I 163 2.43 40.27 -78.56
C CYS I 163 2.32 39.69 -79.96
N ASP I 164 2.09 38.38 -80.07
CA ASP I 164 1.86 37.79 -81.38
C ASP I 164 0.56 38.30 -81.99
N GLN I 165 -0.43 38.61 -81.14
CA GLN I 165 -1.66 39.20 -81.67
C GLN I 165 -1.41 40.59 -82.22
N LEU I 166 -0.57 41.38 -81.55
CA LEU I 166 -0.31 42.73 -82.03
C LEU I 166 0.56 42.71 -83.29
N GLU I 167 1.56 41.83 -83.34
CA GLU I 167 2.32 41.66 -84.57
C GLU I 167 1.44 41.14 -85.70
N LYS I 168 0.48 40.28 -85.38
CA LYS I 168 -0.49 39.78 -86.34
C LYS I 168 -1.60 40.79 -86.62
N ASN I 169 -1.51 41.98 -86.03
CA ASN I 169 -2.32 43.15 -86.37
C ASN I 169 -3.77 42.98 -85.95
N GLN I 170 -4.17 41.84 -85.40
CA GLN I 170 -5.55 41.58 -85.01
C GLN I 170 -5.82 42.31 -83.70
N THR I 171 -6.27 43.56 -83.82
CA THR I 171 -6.47 44.39 -82.64
C THR I 171 -7.55 43.83 -81.73
N LYS I 172 -8.69 43.47 -82.30
CA LYS I 172 -9.83 43.01 -81.50
C LYS I 172 -9.44 41.81 -80.63
N MET I 173 -8.95 40.75 -81.27
CA MET I 173 -8.50 39.60 -80.49
C MET I 173 -7.40 39.98 -79.52
N ALA I 174 -6.53 40.90 -79.91
CA ALA I 174 -5.44 41.31 -79.03
C ALA I 174 -5.98 41.99 -77.77
N THR I 175 -6.83 43.01 -77.94
CA THR I 175 -7.35 43.70 -76.78
C THR I 175 -8.22 42.79 -75.93
N TYR I 176 -8.94 41.86 -76.55
CA TYR I 176 -9.70 40.92 -75.75
C TYR I 176 -8.78 40.00 -74.96
N LEU I 177 -7.65 39.60 -75.56
CA LEU I 177 -6.71 38.77 -74.84
C LEU I 177 -6.10 39.53 -73.67
N ALA I 178 -5.84 40.82 -73.86
CA ALA I 178 -5.33 41.62 -72.75
C ALA I 178 -6.36 41.73 -71.64
N GLU I 179 -7.62 41.92 -72.01
CA GLU I 179 -8.68 41.99 -71.01
C GLU I 179 -8.77 40.67 -70.26
N LEU I 180 -8.67 39.55 -70.97
CA LEU I 180 -8.64 38.26 -70.32
C LEU I 180 -7.45 38.13 -69.39
N LEU I 181 -6.29 38.63 -69.82
CA LEU I 181 -5.10 38.62 -68.96
C LEU I 181 -5.38 39.35 -67.66
N ILE I 182 -5.98 40.53 -67.75
CA ILE I 182 -6.18 41.31 -66.53
C ILE I 182 -7.24 40.65 -65.66
N LEU I 183 -8.20 39.95 -66.28
CA LEU I 183 -9.18 39.22 -65.50
C LEU I 183 -8.58 37.98 -64.85
N ASN I 184 -7.52 37.45 -65.45
CA ASN I 184 -6.97 36.17 -65.05
C ASN I 184 -5.76 36.29 -64.14
N TYR I 185 -5.14 37.46 -64.07
CA TYR I 185 -3.92 37.66 -63.30
C TYR I 185 -3.97 38.90 -62.44
N GLY I 186 -5.13 39.55 -62.32
CA GLY I 186 -5.24 40.71 -61.47
C GLY I 186 -4.52 41.94 -61.98
N THR I 187 -4.83 43.08 -61.40
CA THR I 187 -4.29 44.35 -61.86
C THR I 187 -3.04 44.77 -61.12
N HIS I 188 -2.50 43.93 -60.24
CA HIS I 188 -1.29 44.27 -59.54
C HIS I 188 -0.58 42.99 -59.17
N VAL I 189 0.74 43.08 -59.10
CA VAL I 189 1.57 41.98 -58.64
C VAL I 189 2.16 42.36 -57.29
N ILE I 190 2.12 41.43 -56.36
CA ILE I 190 2.54 41.68 -54.99
C ILE I 190 4.04 41.50 -54.90
N THR I 191 4.71 42.40 -54.19
CA THR I 191 6.13 42.29 -53.95
C THR I 191 6.47 42.21 -52.48
N SER I 192 5.49 42.11 -51.60
CA SER I 192 5.74 42.09 -50.17
C SER I 192 4.47 41.64 -49.45
N VAL I 193 4.63 40.69 -48.55
CA VAL I 193 3.56 40.28 -47.64
C VAL I 193 4.17 40.15 -46.26
N ASP I 194 3.30 40.01 -45.27
CA ASP I 194 3.72 39.87 -43.88
C ASP I 194 3.10 38.61 -43.33
N ALA I 195 3.86 37.53 -43.31
CA ALA I 195 3.34 36.28 -42.77
C ALA I 195 3.02 36.49 -41.30
N GLY I 196 1.75 36.50 -40.97
CA GLY I 196 1.36 36.66 -39.59
C GLY I 196 0.00 36.05 -39.37
N ALA I 197 -0.56 36.34 -38.20
CA ALA I 197 -1.92 35.96 -37.90
C ALA I 197 -2.50 36.98 -36.94
N ALA I 198 -3.82 37.01 -36.88
CA ALA I 198 -4.51 37.95 -36.03
C ALA I 198 -5.67 37.25 -35.36
N LEU I 199 -6.22 37.90 -34.35
CA LEU I 199 -7.37 37.37 -33.65
C LEU I 199 -8.05 38.53 -32.97
N VAL I 200 -9.32 38.74 -33.28
CA VAL I 200 -10.09 39.85 -32.75
C VAL I 200 -11.34 39.24 -32.16
N GLN I 201 -11.42 39.18 -30.84
CA GLN I 201 -12.56 38.55 -30.20
C GLN I 201 -13.12 39.48 -29.14
N GLU I 202 -14.42 39.39 -28.92
CA GLU I 202 -15.11 40.32 -28.04
C GLU I 202 -16.43 39.71 -27.63
N ASP I 203 -17.03 40.28 -26.58
CA ASP I 203 -18.30 39.78 -26.11
C ASP I 203 -18.92 40.82 -25.20
N HIS I 204 -20.24 40.83 -25.15
CA HIS I 204 -21.00 41.71 -24.28
C HIS I 204 -21.95 40.88 -23.43
N VAL I 205 -22.12 41.28 -22.18
CA VAL I 205 -23.14 40.73 -21.31
C VAL I 205 -23.97 41.88 -20.79
N ARG I 206 -25.29 41.70 -20.75
CA ARG I 206 -26.16 42.77 -20.29
C ARG I 206 -27.27 42.15 -19.47
N SER I 207 -27.05 42.03 -18.16
CA SER I 207 -28.06 41.55 -17.26
C SER I 207 -28.98 42.70 -16.86
N SER I 208 -30.25 42.37 -16.66
CA SER I 208 -31.24 43.32 -16.19
C SER I 208 -32.15 42.60 -15.22
N PHE I 209 -32.33 43.19 -14.05
CA PHE I 209 -33.08 42.53 -12.97
C PHE I 209 -33.96 43.57 -12.31
N LEU I 210 -35.25 43.51 -12.59
CA LEU I 210 -36.21 44.47 -12.06
C LEU I 210 -37.21 43.72 -11.20
N LEU I 211 -37.27 44.09 -9.92
CA LEU I 211 -38.15 43.42 -8.96
C LEU I 211 -39.16 44.42 -8.42
N ASP I 212 -40.36 43.94 -8.15
CA ASP I 212 -41.42 44.77 -7.60
C ASP I 212 -42.00 44.10 -6.36
N ASN I 213 -42.83 44.88 -5.66
CA ASN I 213 -43.54 44.37 -4.50
C ASN I 213 -44.54 45.43 -4.08
N GLN I 214 -45.74 44.99 -3.72
CA GLN I 214 -46.76 45.88 -3.15
C GLN I 214 -47.48 45.07 -2.08
N ASN I 215 -46.98 45.15 -0.86
CA ASN I 215 -47.49 44.31 0.23
C ASN I 215 -48.36 45.16 1.13
N SER I 216 -49.62 45.31 0.76
CA SER I 216 -50.55 46.17 1.50
C SER I 216 -51.32 45.36 2.53
N GLN I 217 -52.01 46.06 3.41
CA GLN I 217 -52.81 45.42 4.45
C GLN I 217 -53.91 46.36 4.92
N ASN I 218 -54.95 45.76 5.50
CA ASN I 218 -56.04 46.51 6.11
C ASN I 218 -56.51 45.76 7.34
N THR I 219 -57.07 46.50 8.28
CA THR I 219 -57.66 45.89 9.47
C THR I 219 -58.72 46.85 10.02
N VAL I 220 -59.99 46.49 9.84
CA VAL I 220 -61.10 47.31 10.31
C VAL I 220 -61.84 46.52 11.38
N THR I 221 -62.12 47.17 12.50
CA THR I 221 -62.87 46.55 13.59
C THR I 221 -63.90 47.55 14.09
N ALA I 222 -65.07 47.02 14.45
CA ALA I 222 -66.15 47.80 15.04
C ALA I 222 -66.48 47.22 16.41
N SER I 223 -67.33 47.92 17.15
CA SER I 223 -67.69 47.47 18.48
C SER I 223 -69.02 48.09 18.90
N ALA I 224 -69.58 47.52 19.96
CA ALA I 224 -70.85 47.93 20.55
C ALA I 224 -70.76 47.61 22.03
N GLY I 225 -71.92 47.44 22.66
CA GLY I 225 -71.93 47.24 24.09
C GLY I 225 -72.88 48.15 24.85
N ILE I 226 -73.94 48.57 24.20
CA ILE I 226 -74.99 49.35 24.87
C ILE I 226 -75.73 48.40 25.80
N ALA I 227 -75.30 48.37 27.07
CA ALA I 227 -75.92 47.45 28.01
C ALA I 227 -75.87 47.90 29.46
N PHE I 228 -76.86 48.66 29.91
CA PHE I 228 -77.28 48.60 31.30
C PHE I 228 -78.80 48.66 31.39
N LEU I 229 -79.42 49.38 30.48
CA LEU I 229 -80.82 49.76 30.63
C LEU I 229 -81.65 49.24 29.46
N ASN I 230 -82.79 48.64 29.79
CA ASN I 230 -83.82 48.14 28.89
C ASN I 230 -83.33 46.89 28.15
N ILE I 231 -82.02 46.65 28.20
CA ILE I 231 -81.37 45.40 27.86
C ILE I 231 -80.12 45.35 28.72
N VAL I 232 -80.05 44.40 29.65
CA VAL I 232 -78.93 44.42 30.58
C VAL I 232 -77.64 44.03 29.87
N ASN I 233 -77.76 43.29 28.76
CA ASN I 233 -76.58 42.94 27.99
C ASN I 233 -76.89 42.54 26.54
N PHE I 234 -76.21 43.18 25.59
CA PHE I 234 -76.01 42.61 24.26
C PHE I 234 -74.84 43.33 23.60
N LYS I 235 -73.96 42.57 22.96
CA LYS I 235 -72.69 43.09 22.50
C LYS I 235 -72.54 42.77 21.02
N VAL I 236 -71.99 43.73 20.28
CA VAL I 236 -71.79 43.59 18.84
C VAL I 236 -70.37 44.06 18.51
N GLU I 237 -69.63 43.24 17.75
CA GLU I 237 -68.35 43.65 17.22
C GLU I 237 -68.06 42.87 15.95
N THR I 238 -67.69 43.58 14.89
CA THR I 238 -67.26 42.95 13.66
C THR I 238 -65.75 43.09 13.52
N ASP I 239 -65.16 42.20 12.73
CA ASP I 239 -63.74 42.26 12.42
C ASP I 239 -63.55 42.12 10.92
N TYR I 240 -62.44 42.65 10.42
CA TYR I 240 -62.21 42.69 8.97
C TYR I 240 -60.73 42.94 8.73
N ILE I 241 -60.06 42.01 8.07
CA ILE I 241 -58.66 42.16 7.74
C ILE I 241 -58.44 41.70 6.31
N SER I 242 -57.73 42.52 5.54
CA SER I 242 -57.46 42.24 4.14
C SER I 242 -55.98 42.42 3.86
N GLN I 243 -55.42 41.52 3.08
CA GLN I 243 -54.01 41.58 2.71
C GLN I 243 -53.87 41.53 1.19
N THR I 244 -52.73 42.02 0.71
CA THR I 244 -52.45 41.98 -0.71
C THR I 244 -50.95 42.10 -0.87
N SER I 245 -50.31 41.04 -1.36
CA SER I 245 -48.87 41.03 -1.57
C SER I 245 -48.63 40.57 -2.99
N LEU I 246 -48.11 41.48 -3.81
CA LEU I 246 -47.91 41.21 -5.23
C LEU I 246 -46.47 41.52 -5.59
N THR I 247 -45.69 40.49 -5.87
CA THR I 247 -44.32 40.64 -6.31
C THR I 247 -44.22 40.40 -7.81
N LYS I 248 -43.32 41.13 -8.45
CA LYS I 248 -43.11 41.00 -9.89
C LYS I 248 -41.62 41.22 -10.14
N ASP I 249 -40.96 40.21 -10.66
CA ASP I 249 -39.56 40.33 -11.05
C ASP I 249 -39.41 39.96 -12.51
N TYR I 250 -38.39 40.53 -13.16
CA TYR I 250 -38.28 40.43 -14.62
C TYR I 250 -36.80 40.45 -14.97
N LEU I 251 -36.22 39.26 -15.11
CA LEU I 251 -34.80 39.10 -15.38
C LEU I 251 -34.58 38.87 -16.86
N SER I 252 -33.53 39.46 -17.41
CA SER I 252 -33.23 39.28 -18.84
C SER I 252 -31.73 39.45 -19.07
N ASN I 253 -31.01 38.33 -19.17
CA ASN I 253 -29.65 38.34 -19.68
C ASN I 253 -29.67 38.50 -21.18
N ARG I 254 -28.55 38.99 -21.72
CA ARG I 254 -28.35 39.03 -23.17
C ARG I 254 -26.85 39.01 -23.40
N THR I 255 -26.34 37.91 -23.92
CA THR I 255 -24.92 37.72 -24.15
C THR I 255 -24.63 37.69 -25.63
N ASN I 256 -23.54 38.34 -26.03
CA ASN I 256 -23.01 38.19 -27.37
C ASN I 256 -21.59 37.68 -27.29
N SER I 257 -21.04 37.36 -28.45
CA SER I 257 -19.66 36.92 -28.56
C SER I 257 -19.31 36.86 -30.03
N ARG I 258 -18.10 37.24 -30.39
CA ARG I 258 -17.72 37.21 -31.79
C ARG I 258 -16.21 37.15 -31.88
N VAL I 259 -15.66 35.98 -32.14
CA VAL I 259 -14.25 35.91 -32.45
C VAL I 259 -14.15 36.06 -33.94
N GLN I 260 -13.02 36.56 -34.42
CA GLN I 260 -12.80 36.67 -35.84
C GLN I 260 -11.30 36.59 -36.04
N SER I 261 -10.80 35.40 -36.33
CA SER I 261 -9.38 35.14 -36.38
C SER I 261 -8.96 34.80 -37.79
N PHE I 262 -7.83 35.33 -38.22
CA PHE I 262 -7.22 34.89 -39.47
C PHE I 262 -5.75 35.22 -39.40
N GLY I 263 -4.92 34.19 -39.36
CA GLY I 263 -5.42 32.84 -39.34
C GLY I 263 -4.51 31.96 -38.51
N GLY I 264 -5.10 31.15 -37.65
CA GLY I 264 -4.29 30.25 -36.85
C GLY I 264 -4.83 28.85 -36.88
N VAL I 265 -5.04 28.26 -35.72
CA VAL I 265 -5.67 26.95 -35.65
C VAL I 265 -7.17 27.21 -35.63
N PRO I 266 -8.00 26.37 -36.25
CA PRO I 266 -9.44 26.60 -36.21
C PRO I 266 -9.95 26.93 -34.83
N PHE I 267 -10.47 28.13 -34.66
CA PHE I 267 -10.83 28.63 -33.35
C PHE I 267 -11.99 27.83 -32.77
N TYR I 268 -12.09 27.86 -31.44
CA TYR I 268 -13.22 27.29 -30.73
C TYR I 268 -13.29 27.96 -29.37
N PRO I 269 -14.49 28.12 -28.80
CA PRO I 269 -14.63 29.01 -27.64
C PRO I 269 -13.72 28.67 -26.48
N GLY I 270 -13.69 27.42 -26.06
CA GLY I 270 -12.91 27.09 -24.89
C GLY I 270 -11.42 27.20 -25.04
N ILE I 271 -10.92 27.69 -26.17
CA ILE I 271 -9.49 27.70 -26.41
C ILE I 271 -8.83 28.73 -25.53
N THR I 272 -7.63 28.42 -25.05
CA THR I 272 -6.87 29.40 -24.31
C THR I 272 -6.41 30.50 -25.26
N LEU I 273 -5.94 31.58 -24.68
CA LEU I 273 -5.27 32.60 -25.47
C LEU I 273 -3.87 32.18 -25.84
N GLU I 274 -3.45 31.00 -25.42
CA GLU I 274 -2.10 30.49 -25.61
C GLU I 274 -2.04 29.41 -26.69
N THR I 275 -2.75 28.28 -26.47
CA THR I 275 -2.73 27.21 -27.45
C THR I 275 -3.05 27.71 -28.84
N TRP I 276 -3.78 28.80 -28.94
CA TRP I 276 -3.82 29.56 -30.18
C TRP I 276 -2.43 29.87 -30.68
N GLN I 277 -1.64 30.56 -29.85
CA GLN I 277 -0.33 31.02 -30.28
C GLN I 277 0.59 29.86 -30.61
N LYS I 278 0.81 28.96 -29.65
CA LYS I 278 1.73 27.86 -29.89
C LYS I 278 1.36 27.09 -31.15
N GLY I 279 0.10 27.10 -31.53
CA GLY I 279 -0.34 26.40 -32.72
C GLY I 279 -0.32 27.25 -33.96
N ILE I 280 0.55 28.25 -34.00
CA ILE I 280 0.65 29.13 -35.14
C ILE I 280 1.84 28.76 -36.02
N THR I 281 2.42 27.56 -35.83
CA THR I 281 3.70 27.24 -36.44
C THR I 281 3.66 27.43 -37.95
N ASN I 282 2.92 26.59 -38.65
CA ASN I 282 2.33 27.01 -39.92
C ASN I 282 0.93 27.51 -39.60
N HIS I 283 0.07 27.63 -40.60
CA HIS I 283 -1.17 28.41 -40.50
C HIS I 283 -0.84 29.90 -40.42
N LEU I 284 0.10 30.34 -41.23
CA LEU I 284 0.33 31.76 -41.36
C LEU I 284 -0.52 32.32 -42.50
N VAL I 285 -0.78 33.61 -42.44
CA VAL I 285 -1.68 34.24 -43.39
C VAL I 285 -1.16 35.62 -43.70
N ALA I 286 -1.29 36.03 -44.95
CA ALA I 286 -0.84 37.35 -45.34
C ALA I 286 -1.74 38.38 -44.68
N ILE I 287 -1.23 39.03 -43.63
CA ILE I 287 -2.03 40.03 -42.94
C ILE I 287 -1.87 41.41 -43.55
N ASP I 288 -0.89 41.59 -44.42
CA ASP I 288 -0.64 42.89 -45.02
C ASP I 288 0.23 42.68 -46.24
N ARG I 289 -0.03 43.45 -47.29
CA ARG I 289 0.66 43.21 -48.55
C ARG I 289 0.81 44.51 -49.31
N ALA I 290 1.80 44.54 -50.18
CA ALA I 290 2.08 45.70 -51.01
C ALA I 290 2.78 45.23 -52.27
N GLY I 291 2.44 45.86 -53.39
CA GLY I 291 3.01 45.48 -54.66
C GLY I 291 3.00 46.65 -55.61
N LEU I 292 3.11 46.33 -56.89
CA LEU I 292 3.21 47.32 -57.95
C LEU I 292 2.18 47.04 -59.02
N PRO I 293 1.83 48.02 -59.84
CA PRO I 293 0.94 47.76 -60.97
C PRO I 293 1.66 46.89 -61.99
N LEU I 294 0.94 45.90 -62.51
CA LEU I 294 1.61 44.88 -63.30
C LEU I 294 2.20 45.44 -64.58
N HIS I 295 1.63 46.52 -65.11
CA HIS I 295 2.23 47.14 -66.29
C HIS I 295 3.67 47.51 -66.03
N PHE I 296 4.02 47.78 -64.78
CA PHE I 296 5.41 48.07 -64.42
C PHE I 296 6.31 46.87 -64.69
N PHE I 297 5.78 45.66 -64.59
CA PHE I 297 6.59 44.47 -64.75
C PHE I 297 6.72 44.03 -66.20
N ILE I 298 6.06 44.71 -67.12
CA ILE I 298 6.16 44.40 -68.55
C ILE I 298 7.21 45.34 -69.12
N LYS I 299 8.46 44.90 -69.05
CA LYS I 299 9.60 45.69 -69.51
C LYS I 299 10.59 44.77 -70.20
N PRO I 300 11.33 45.27 -71.20
CA PRO I 300 12.16 44.37 -72.00
C PRO I 300 13.20 43.60 -71.20
N ASP I 301 13.68 44.16 -70.08
CA ASP I 301 14.63 43.41 -69.27
C ASP I 301 13.95 42.21 -68.61
N LYS I 302 12.80 42.45 -67.96
CA LYS I 302 12.07 41.34 -67.36
C LYS I 302 11.50 40.39 -68.40
N LEU I 303 11.47 40.78 -69.63
CA LEU I 303 11.00 39.84 -70.61
C LEU I 303 12.15 39.19 -71.36
N PRO I 304 11.98 37.96 -71.81
CA PRO I 304 13.04 37.31 -72.60
C PRO I 304 13.17 37.96 -73.95
N GLY I 305 14.01 37.39 -74.82
CA GLY I 305 14.27 37.96 -76.12
C GLY I 305 13.00 38.30 -76.89
N LEU I 306 12.78 39.60 -77.07
CA LEU I 306 11.60 40.10 -77.78
C LEU I 306 11.94 41.49 -78.31
N PRO I 307 11.22 41.96 -79.33
CA PRO I 307 11.56 43.27 -79.93
C PRO I 307 11.30 44.40 -78.94
N GLY I 308 12.26 45.32 -78.87
CA GLY I 308 12.23 46.40 -77.92
C GLY I 308 10.95 47.22 -77.96
N PRO I 309 10.74 47.97 -79.05
CA PRO I 309 9.54 48.82 -79.10
C PRO I 309 8.24 48.05 -79.02
N LEU I 310 8.24 46.78 -79.44
CA LEU I 310 7.03 45.99 -79.36
C LEU I 310 6.63 45.76 -77.91
N VAL I 311 7.60 45.63 -77.00
CA VAL I 311 7.20 45.47 -75.61
C VAL I 311 6.67 46.78 -75.06
N LYS I 312 7.12 47.92 -75.60
CA LYS I 312 6.49 49.19 -75.24
C LYS I 312 5.04 49.20 -75.67
N LYS I 313 4.78 48.80 -76.92
CA LYS I 313 3.42 48.63 -77.40
C LYS I 313 2.61 47.76 -76.46
N LEU I 314 3.18 46.60 -76.09
CA LEU I 314 2.48 45.65 -75.26
C LEU I 314 2.15 46.23 -73.89
N SER I 315 3.12 46.91 -73.28
CA SER I 315 2.89 47.53 -71.99
C SER I 315 1.77 48.56 -72.08
N LYS I 316 1.80 49.38 -73.13
CA LYS I 316 0.73 50.37 -73.27
C LYS I 316 -0.62 49.71 -73.44
N THR I 317 -0.68 48.63 -74.21
CA THR I 317 -1.95 47.95 -74.42
C THR I 317 -2.47 47.36 -73.12
N VAL I 318 -1.62 46.65 -72.39
CA VAL I 318 -2.03 46.06 -71.11
C VAL I 318 -2.49 47.16 -70.16
N GLU I 319 -1.75 48.25 -70.10
CA GLU I 319 -2.10 49.34 -69.20
C GLU I 319 -3.44 49.95 -69.56
N THR I 320 -3.69 50.15 -70.85
CA THR I 320 -4.97 50.68 -71.28
C THR I 320 -6.09 49.72 -70.98
N ALA I 321 -5.86 48.41 -71.15
CA ALA I 321 -6.86 47.43 -70.78
C ALA I 321 -7.18 47.53 -69.30
N VAL I 322 -6.15 47.67 -68.46
CA VAL I 322 -6.38 47.88 -67.04
C VAL I 322 -7.26 49.10 -66.83
N ARG I 323 -6.80 50.25 -67.31
CA ARG I 323 -7.53 51.51 -67.27
C ARG I 323 -9.00 51.31 -67.57
N HIS I 324 -9.28 50.68 -68.71
CA HIS I 324 -10.65 50.32 -69.05
C HIS I 324 -11.31 49.55 -67.92
N TYR I 325 -10.73 48.42 -67.54
CA TYR I 325 -11.30 47.59 -66.48
C TYR I 325 -11.33 48.32 -65.14
N TYR I 326 -10.50 49.36 -65.00
CA TYR I 326 -10.40 50.03 -63.72
C TYR I 326 -11.52 51.04 -63.51
N THR I 327 -11.62 52.03 -64.41
CA THR I 327 -12.61 53.09 -64.25
C THR I 327 -14.03 52.54 -64.28
N PHE I 328 -14.45 52.05 -65.43
CA PHE I 328 -15.70 51.34 -65.59
C PHE I 328 -15.40 49.87 -65.84
N ASN I 329 -16.42 49.11 -66.19
CA ASN I 329 -16.23 47.69 -66.47
C ASN I 329 -15.87 47.52 -67.94
N THR I 330 -14.81 48.22 -68.38
CA THR I 330 -14.15 48.03 -69.67
C THR I 330 -15.10 47.70 -70.82
N HIS I 331 -16.17 48.46 -70.95
CA HIS I 331 -17.28 48.13 -71.83
C HIS I 331 -17.04 48.58 -73.27
N PRO I 332 -16.78 47.67 -74.21
CA PRO I 332 -16.90 48.05 -75.63
C PRO I 332 -18.35 48.20 -76.03
N GLY I 333 -19.18 47.20 -75.74
CA GLY I 333 -20.58 47.27 -76.12
C GLY I 333 -21.64 47.05 -75.06
N CYS I 334 -21.35 46.26 -74.02
CA CYS I 334 -22.38 45.87 -73.06
C CYS I 334 -21.84 45.02 -71.91
N THR I 335 -22.67 44.81 -70.89
CA THR I 335 -22.38 43.81 -69.87
C THR I 335 -22.59 42.42 -70.46
N ASN I 336 -21.61 41.53 -70.31
CA ASN I 336 -21.67 40.35 -71.17
C ASN I 336 -21.88 39.04 -70.44
N VAL I 337 -21.11 38.76 -69.38
CA VAL I 337 -21.14 37.42 -68.82
C VAL I 337 -22.39 37.19 -67.98
N ASP I 338 -22.90 38.23 -67.32
CA ASP I 338 -24.13 38.12 -66.55
C ASP I 338 -25.31 37.93 -67.50
N SER I 339 -26.03 36.81 -67.35
CA SER I 339 -27.13 36.45 -68.24
C SER I 339 -26.65 36.50 -69.68
N PRO I 340 -25.89 35.51 -70.15
CA PRO I 340 -25.22 35.65 -71.45
C PRO I 340 -26.18 35.62 -72.64
N ASN I 341 -27.48 35.66 -72.37
CA ASN I 341 -28.49 35.52 -73.42
C ASN I 341 -28.44 36.63 -74.48
N PHE I 342 -28.71 37.88 -74.11
CA PHE I 342 -28.87 38.95 -75.09
C PHE I 342 -27.72 39.97 -75.06
N ASN I 343 -26.51 39.52 -74.72
CA ASN I 343 -25.40 40.42 -74.52
C ASN I 343 -24.31 40.20 -75.57
N PHE I 344 -23.57 41.28 -75.86
CA PHE I 344 -22.39 41.20 -76.71
C PHE I 344 -21.23 40.69 -75.87
N GLN I 345 -20.79 39.46 -76.14
CA GLN I 345 -19.94 38.73 -75.22
C GLN I 345 -18.59 38.35 -75.83
N ALA I 346 -18.05 39.22 -76.69
CA ALA I 346 -16.65 39.09 -77.05
C ALA I 346 -15.74 39.83 -76.07
N ASN I 347 -16.30 40.69 -75.23
CA ASN I 347 -15.57 41.38 -74.18
C ASN I 347 -15.75 40.65 -72.85
N MET I 348 -15.39 41.31 -71.76
CA MET I 348 -15.68 40.83 -70.41
C MET I 348 -16.32 41.95 -69.61
N ASP I 349 -17.46 41.64 -68.98
CA ASP I 349 -18.20 42.64 -68.22
C ASP I 349 -19.25 41.97 -67.32
N ASP I 350 -19.23 42.31 -66.04
CA ASP I 350 -20.06 41.66 -65.03
C ASP I 350 -20.74 42.68 -64.12
N ASP I 351 -21.39 43.69 -64.72
CA ASP I 351 -22.00 44.77 -63.95
C ASP I 351 -23.01 44.27 -62.92
N SER I 352 -24.16 43.76 -63.39
CA SER I 352 -25.21 43.22 -62.52
C SER I 352 -26.33 42.63 -63.35
N CYS I 353 -27.25 41.91 -62.71
CA CYS I 353 -28.27 41.13 -63.41
C CYS I 353 -29.70 41.57 -63.14
N ASP I 354 -30.01 41.99 -61.92
CA ASP I 354 -31.38 42.26 -61.53
C ASP I 354 -31.91 43.60 -62.04
N ALA I 355 -31.28 44.19 -63.05
CA ALA I 355 -31.72 45.48 -63.58
C ALA I 355 -33.08 45.32 -64.24
N LYS I 356 -34.05 46.13 -63.82
CA LYS I 356 -35.35 46.20 -64.48
C LYS I 356 -35.77 47.64 -64.77
N VAL I 357 -35.11 48.63 -64.17
CA VAL I 357 -35.44 50.03 -64.38
C VAL I 357 -34.23 50.75 -64.97
N THR I 358 -34.50 51.87 -65.64
CA THR I 358 -33.47 52.77 -66.13
C THR I 358 -33.55 54.15 -65.50
N ASN I 359 -34.04 54.23 -64.26
CA ASN I 359 -34.27 55.51 -63.61
C ASN I 359 -32.94 56.19 -63.25
N PHE I 360 -33.03 57.42 -62.75
CA PHE I 360 -31.86 58.27 -62.61
C PHE I 360 -31.28 58.16 -61.20
N THR I 361 -30.23 58.95 -60.96
CA THR I 361 -29.56 58.94 -59.67
C THR I 361 -30.41 59.63 -58.60
N PHE I 362 -31.21 58.84 -57.90
CA PHE I 362 -32.16 59.37 -56.92
C PHE I 362 -31.61 59.18 -55.51
N GLY I 363 -30.65 60.04 -55.16
CA GLY I 363 -29.98 59.98 -53.88
C GLY I 363 -30.83 60.53 -52.75
N GLY I 364 -30.20 60.61 -51.57
CA GLY I 364 -30.85 61.16 -50.40
C GLY I 364 -31.46 60.14 -49.46
N VAL I 365 -31.53 60.47 -48.17
CA VAL I 365 -32.09 59.58 -47.16
C VAL I 365 -32.76 60.42 -46.07
N TYR I 366 -34.02 60.12 -45.78
CA TYR I 366 -34.82 61.01 -44.95
C TYR I 366 -36.01 60.26 -44.37
N GLN I 367 -36.57 60.80 -43.28
CA GLN I 367 -37.64 60.15 -42.53
C GLN I 367 -38.24 61.15 -41.56
N GLU I 368 -39.08 60.63 -40.65
CA GLU I 368 -39.72 61.44 -39.61
C GLU I 368 -40.11 60.49 -38.46
N CYS I 369 -39.59 60.76 -37.27
CA CYS I 369 -39.89 59.98 -36.07
C CYS I 369 -40.85 60.78 -35.19
N THR I 370 -42.14 60.47 -35.31
CA THR I 370 -43.15 61.16 -34.54
C THR I 370 -43.54 60.36 -33.29
N GLU I 371 -43.63 61.07 -32.17
CA GLU I 371 -44.01 60.48 -30.89
C GLU I 371 -45.51 60.54 -30.72
N LEU I 372 -46.10 59.43 -30.28
CA LEU I 372 -47.52 59.43 -29.94
C LEU I 372 -47.76 59.60 -28.45
N SER I 373 -46.95 58.98 -27.59
CA SER I 373 -47.11 59.12 -26.15
C SER I 373 -45.82 58.69 -25.47
N GLY I 374 -45.50 59.33 -24.34
CA GLY I 374 -44.26 59.08 -23.65
C GLY I 374 -43.06 59.61 -24.42
N ASP I 375 -41.86 59.49 -23.85
CA ASP I 375 -40.62 59.88 -24.54
C ASP I 375 -39.62 58.73 -24.38
N VAL I 376 -39.73 57.73 -25.25
CA VAL I 376 -38.79 56.61 -25.26
C VAL I 376 -38.28 56.36 -26.67
N LEU I 377 -39.21 56.15 -27.60
CA LEU I 377 -38.86 55.64 -28.92
C LEU I 377 -38.29 56.71 -29.84
N CYS I 378 -38.52 57.99 -29.55
CA CYS I 378 -37.98 59.04 -30.39
C CYS I 378 -36.46 59.09 -30.36
N GLN I 379 -35.84 58.68 -29.26
CA GLN I 379 -34.40 58.82 -29.12
C GLN I 379 -33.63 57.83 -29.99
N ASN I 380 -34.23 56.68 -30.30
CA ASN I 380 -33.56 55.65 -31.08
C ASN I 380 -34.14 55.44 -32.47
N LEU I 381 -35.39 55.83 -32.71
CA LEU I 381 -35.94 55.77 -34.04
C LEU I 381 -35.74 57.06 -34.82
N GLU I 382 -34.80 57.89 -34.40
CA GLU I 382 -34.53 59.15 -35.11
C GLU I 382 -33.46 58.94 -36.17
N GLN I 383 -33.89 58.54 -37.38
CA GLN I 383 -32.97 58.22 -38.46
C GLN I 383 -32.73 59.43 -39.36
N LYS I 384 -32.35 60.54 -38.70
CA LYS I 384 -32.37 61.84 -39.36
C LYS I 384 -31.51 61.84 -40.61
N ASN I 385 -31.83 62.78 -41.52
CA ASN I 385 -31.14 62.87 -42.81
C ASN I 385 -29.67 63.14 -42.57
N LEU I 386 -28.83 62.53 -43.40
CA LEU I 386 -27.40 62.81 -43.37
C LEU I 386 -27.00 63.92 -44.33
N LEU I 387 -27.68 64.06 -45.46
CA LEU I 387 -27.21 65.00 -46.49
C LEU I 387 -27.39 66.45 -46.06
N THR I 388 -28.11 66.69 -44.95
CA THR I 388 -28.35 68.03 -44.48
C THR I 388 -27.95 68.27 -43.02
N GLY I 389 -27.73 67.22 -42.24
CA GLY I 389 -27.43 67.39 -40.84
C GLY I 389 -28.62 67.55 -39.94
N ASP I 390 -29.84 67.48 -40.48
CA ASP I 390 -31.06 67.61 -39.72
C ASP I 390 -32.19 67.05 -40.57
N PHE I 391 -33.43 67.26 -40.11
CA PHE I 391 -34.60 66.78 -40.82
C PHE I 391 -34.89 67.69 -42.00
N SER I 392 -34.28 67.34 -43.14
CA SER I 392 -34.52 68.06 -44.38
C SER I 392 -34.08 67.17 -45.54
N CYS I 393 -34.54 67.50 -46.74
CA CYS I 393 -33.97 66.91 -47.94
C CYS I 393 -32.82 67.78 -48.44
N PRO I 394 -31.94 67.24 -49.27
CA PRO I 394 -30.91 68.06 -49.89
C PRO I 394 -31.47 68.86 -51.05
N PRO I 395 -30.86 70.01 -51.36
CA PRO I 395 -31.36 70.83 -52.48
C PRO I 395 -31.35 70.05 -53.79
N GLY I 396 -32.42 70.18 -54.55
CA GLY I 396 -32.60 69.42 -55.77
C GLY I 396 -33.27 68.08 -55.58
N TYR I 397 -33.69 67.75 -54.36
CA TYR I 397 -34.32 66.48 -54.05
C TYR I 397 -35.66 66.74 -53.38
N SER I 398 -36.47 65.70 -53.29
CA SER I 398 -37.81 65.85 -52.72
C SER I 398 -38.02 64.83 -51.61
N PRO I 399 -38.32 65.27 -50.40
CA PRO I 399 -38.54 64.35 -49.28
C PRO I 399 -39.95 63.75 -49.31
N VAL I 400 -40.21 62.93 -50.30
CA VAL I 400 -41.53 62.35 -50.48
C VAL I 400 -41.71 61.18 -49.53
N HIS I 401 -42.90 61.09 -48.93
CA HIS I 401 -43.13 60.22 -47.79
C HIS I 401 -43.04 58.74 -48.14
N LEU I 402 -42.00 58.07 -47.65
CA LEU I 402 -41.81 56.66 -47.95
C LEU I 402 -42.91 55.80 -47.33
N LEU I 403 -43.05 55.82 -46.02
CA LEU I 403 -44.08 55.04 -45.34
C LEU I 403 -44.27 55.54 -43.92
N SER I 404 -45.52 55.56 -43.47
CA SER I 404 -45.84 55.85 -42.07
C SER I 404 -46.17 54.55 -41.34
N GLN I 405 -45.80 54.48 -40.07
CA GLN I 405 -46.04 53.28 -39.28
C GLN I 405 -45.97 53.63 -37.81
N THR I 406 -46.60 52.80 -36.99
CA THR I 406 -46.68 53.04 -35.55
C THR I 406 -46.29 51.77 -34.80
N HIS I 407 -45.79 51.97 -33.57
CA HIS I 407 -45.40 50.88 -32.70
C HIS I 407 -45.89 51.18 -31.28
N GLU I 408 -45.98 50.13 -30.47
CA GLU I 408 -46.48 50.25 -29.11
C GLU I 408 -45.62 49.38 -28.22
N GLU I 409 -44.72 50.00 -27.47
CA GLU I 409 -43.83 49.30 -26.56
C GLU I 409 -43.96 49.90 -25.17
N GLY I 410 -43.65 49.09 -24.17
CA GLY I 410 -43.76 49.52 -22.79
C GLY I 410 -42.45 49.39 -22.05
N TYR I 411 -42.05 50.47 -21.39
CA TYR I 411 -40.87 50.47 -20.54
C TYR I 411 -41.25 51.00 -19.16
N SER I 412 -40.85 50.27 -18.14
CA SER I 412 -41.01 50.72 -16.77
C SER I 412 -40.05 51.88 -16.52
N ARG I 413 -40.58 53.10 -16.53
CA ARG I 413 -39.74 54.29 -16.59
C ARG I 413 -39.02 54.49 -15.26
N LEU I 414 -38.29 55.60 -15.18
CA LEU I 414 -37.61 56.02 -13.96
C LEU I 414 -38.49 57.00 -13.19
N GLU I 415 -38.48 56.86 -11.87
CA GLU I 415 -39.26 57.79 -11.04
C GLU I 415 -38.62 57.88 -9.67
N CYS I 416 -37.91 58.98 -9.42
CA CYS I 416 -37.31 59.27 -8.12
C CYS I 416 -37.81 60.65 -7.73
N LYS I 417 -38.97 60.69 -7.07
CA LYS I 417 -39.65 61.93 -6.74
C LYS I 417 -39.81 62.04 -5.23
N LYS I 418 -39.69 63.27 -4.73
CA LYS I 418 -39.88 63.56 -3.32
C LYS I 418 -41.28 64.13 -3.10
N LYS I 419 -41.93 63.71 -2.02
CA LYS I 419 -43.27 64.14 -1.69
C LYS I 419 -43.31 64.62 -0.25
N CYS I 420 -43.82 65.83 -0.05
CA CYS I 420 -44.03 66.37 1.29
C CYS I 420 -45.29 65.79 1.90
N THR I 421 -45.27 65.55 3.21
CA THR I 421 -46.45 65.03 3.89
C THR I 421 -47.41 66.16 4.25
N LEU I 422 -46.98 67.08 5.09
CA LEU I 422 -47.77 68.25 5.46
C LEU I 422 -46.90 69.50 5.48
N LYS I 423 -46.06 69.66 4.46
CA LYS I 423 -45.16 70.79 4.23
C LYS I 423 -44.07 70.90 5.29
N ILE I 424 -44.06 70.04 6.30
CA ILE I 424 -43.02 70.09 7.33
C ILE I 424 -41.93 69.10 6.95
N PHE I 425 -42.31 67.85 6.77
CA PHE I 425 -41.37 66.83 6.33
C PHE I 425 -41.76 66.32 4.96
N CYS I 426 -40.77 65.78 4.26
CA CYS I 426 -40.98 65.24 2.92
C CYS I 426 -40.33 63.88 2.84
N LYS I 427 -40.95 63.00 2.05
CA LYS I 427 -40.43 61.68 1.76
C LYS I 427 -40.17 61.58 0.28
N THR I 428 -39.18 60.78 -0.10
CA THR I 428 -38.91 60.50 -1.50
C THR I 428 -39.49 59.13 -1.81
N VAL I 429 -40.56 59.10 -2.57
CA VAL I 429 -41.26 57.85 -2.89
C VAL I 429 -40.80 57.41 -4.29
N CYS I 430 -39.72 56.64 -4.33
CA CYS I 430 -39.25 56.11 -5.59
C CYS I 430 -40.12 54.93 -5.98
N GLU I 431 -40.87 55.06 -7.07
CA GLU I 431 -41.78 54.00 -7.48
C GLU I 431 -41.91 54.06 -9.00
N ASP I 432 -41.17 53.19 -9.68
CA ASP I 432 -41.11 53.17 -11.14
C ASP I 432 -42.41 52.61 -11.70
N VAL I 433 -42.94 53.26 -12.73
CA VAL I 433 -44.30 53.00 -13.19
C VAL I 433 -44.26 52.48 -14.62
N PHE I 434 -45.22 51.60 -14.93
CA PHE I 434 -45.42 51.13 -16.29
C PHE I 434 -45.88 52.27 -17.19
N ARG I 435 -45.58 52.13 -18.48
CA ARG I 435 -46.06 53.09 -19.47
C ARG I 435 -45.90 52.50 -20.86
N VAL I 436 -46.99 52.40 -21.62
CA VAL I 436 -46.95 52.04 -23.03
C VAL I 436 -46.68 53.32 -23.80
N ALA I 437 -45.44 53.50 -24.25
CA ALA I 437 -45.15 54.58 -25.17
C ALA I 437 -45.48 54.14 -26.59
N LYS I 438 -45.71 55.13 -27.46
CA LYS I 438 -45.97 54.86 -28.86
C LYS I 438 -45.29 55.94 -29.69
N ALA I 439 -44.76 55.53 -30.84
CA ALA I 439 -44.18 56.44 -31.80
C ALA I 439 -44.71 56.09 -33.19
N GLU I 440 -44.99 57.11 -33.99
CA GLU I 440 -45.43 56.92 -35.36
C GLU I 440 -44.24 57.17 -36.26
N PHE I 441 -43.71 56.08 -36.82
CA PHE I 441 -42.53 56.13 -37.68
C PHE I 441 -42.95 56.55 -39.08
N ARG I 442 -42.54 57.74 -39.50
CA ARG I 442 -42.85 58.28 -40.82
C ARG I 442 -41.57 58.30 -41.64
N ALA I 443 -41.43 57.36 -42.57
CA ALA I 443 -40.30 57.37 -43.48
C ALA I 443 -40.61 58.24 -44.69
N TYR I 444 -39.62 59.02 -45.11
CA TYR I 444 -39.79 59.96 -46.22
C TYR I 444 -38.66 59.72 -47.21
N TRP I 445 -38.92 58.90 -48.22
CA TRP I 445 -37.90 58.58 -49.19
C TRP I 445 -37.45 59.83 -49.93
N CYS I 446 -36.14 60.04 -49.98
CA CYS I 446 -35.56 61.20 -50.64
C CYS I 446 -35.21 60.82 -52.07
N VAL I 447 -35.71 61.59 -53.03
CA VAL I 447 -35.51 61.35 -54.45
C VAL I 447 -35.22 62.68 -55.13
N ALA I 448 -34.33 62.65 -56.11
CA ALA I 448 -34.02 63.85 -56.88
C ALA I 448 -35.24 64.33 -57.65
N ALA I 449 -35.35 65.66 -57.77
CA ALA I 449 -36.44 66.24 -58.55
C ALA I 449 -36.17 66.14 -60.04
N GLY I 450 -35.01 66.62 -60.48
CA GLY I 450 -34.65 66.57 -61.89
C GLY I 450 -33.18 66.24 -62.10
N GLN I 451 -32.57 66.90 -63.09
CA GLN I 451 -31.15 66.67 -63.36
C GLN I 451 -30.31 67.15 -62.19
N VAL I 452 -29.38 66.31 -61.77
CA VAL I 452 -28.60 66.61 -60.56
C VAL I 452 -27.29 67.30 -60.96
N PRO I 453 -26.85 68.30 -60.20
CA PRO I 453 -25.46 68.76 -60.33
C PRO I 453 -24.53 67.81 -59.58
N ASP I 454 -23.49 67.35 -60.26
CA ASP I 454 -22.61 66.33 -59.67
C ASP I 454 -21.85 66.85 -58.46
N ASN I 455 -21.86 68.16 -58.21
CA ASN I 455 -21.20 68.69 -57.02
C ASN I 455 -21.90 68.26 -55.74
N SER I 456 -23.23 68.18 -55.76
CA SER I 456 -24.00 67.84 -54.56
C SER I 456 -25.09 66.82 -54.89
N GLY I 457 -24.82 65.95 -55.85
CA GLY I 457 -25.74 64.87 -56.17
C GLY I 457 -25.01 63.54 -56.14
N LEU I 458 -25.42 62.65 -55.25
CA LEU I 458 -24.66 61.43 -54.98
C LEU I 458 -25.53 60.19 -55.21
N LEU I 459 -24.84 59.08 -55.48
CA LEU I 459 -25.42 57.75 -55.66
C LEU I 459 -25.04 56.86 -54.49
N PHE I 460 -25.89 55.87 -54.21
CA PHE I 460 -25.76 55.06 -53.01
C PHE I 460 -26.16 53.62 -53.33
N GLY I 461 -26.40 52.84 -52.28
CA GLY I 461 -26.85 51.48 -52.44
C GLY I 461 -26.64 50.61 -51.22
N GLY I 462 -27.51 49.62 -51.02
CA GLY I 462 -27.35 48.67 -49.93
C GLY I 462 -28.44 48.75 -48.89
N VAL I 463 -29.33 47.75 -48.87
CA VAL I 463 -30.46 47.72 -47.95
C VAL I 463 -30.66 46.28 -47.47
N PHE I 464 -30.96 46.14 -46.17
CA PHE I 464 -31.14 44.82 -45.57
C PHE I 464 -31.62 45.02 -44.13
N THR I 465 -32.21 43.96 -43.59
CA THR I 465 -32.62 43.94 -42.19
C THR I 465 -31.71 43.01 -41.42
N ASP I 466 -31.96 42.90 -40.11
CA ASP I 466 -31.25 41.91 -39.31
C ASP I 466 -31.66 40.50 -39.68
N LYS I 467 -32.84 40.33 -40.25
CA LYS I 467 -33.35 39.02 -40.65
C LYS I 467 -33.21 38.74 -42.13
N THR I 468 -33.47 39.72 -42.98
CA THR I 468 -33.29 39.57 -44.41
C THR I 468 -31.85 39.82 -44.79
N ILE I 469 -31.28 38.91 -45.58
CA ILE I 469 -29.90 39.01 -46.00
C ILE I 469 -29.75 40.16 -46.98
N ASN I 470 -28.54 40.73 -47.05
CA ASN I 470 -28.24 41.76 -48.02
C ASN I 470 -27.67 41.12 -49.28
N PRO I 471 -28.46 40.89 -50.33
CA PRO I 471 -27.90 40.30 -51.55
C PRO I 471 -26.92 41.21 -52.25
N MET I 472 -27.02 42.52 -52.00
CA MET I 472 -25.98 43.46 -52.43
C MET I 472 -24.59 42.95 -52.03
N THR I 473 -24.38 42.70 -50.75
CA THR I 473 -23.09 42.24 -50.26
C THR I 473 -23.09 40.77 -49.89
N ASN I 474 -24.23 40.09 -49.98
CA ASN I 474 -24.36 38.70 -49.53
C ASN I 474 -23.96 38.54 -48.07
N ALA I 475 -24.38 39.47 -47.23
CA ALA I 475 -24.03 39.44 -45.82
C ALA I 475 -25.16 40.12 -45.04
N GLN I 476 -24.92 40.39 -43.76
CA GLN I 476 -25.86 41.09 -42.88
C GLN I 476 -25.24 42.33 -42.28
N SER I 477 -24.34 42.98 -43.02
CA SER I 477 -23.64 44.15 -42.54
C SER I 477 -23.46 45.13 -43.70
N CYS I 478 -22.68 46.15 -43.46
CA CYS I 478 -22.42 47.14 -44.48
C CYS I 478 -21.15 46.79 -45.25
N PRO I 479 -21.18 46.93 -46.58
CA PRO I 479 -19.95 46.78 -47.35
C PRO I 479 -18.99 47.92 -47.06
N ALA I 480 -17.73 47.72 -47.46
CA ALA I 480 -16.69 48.69 -47.15
C ALA I 480 -17.00 50.03 -47.79
N GLY I 481 -16.76 51.11 -47.04
CA GLY I 481 -17.10 52.44 -47.51
C GLY I 481 -18.57 52.77 -47.44
N TYR I 482 -19.30 52.19 -46.49
CA TYR I 482 -20.74 52.41 -46.36
C TYR I 482 -21.08 52.62 -44.89
N ILE I 483 -21.76 53.72 -44.59
CA ILE I 483 -22.42 53.87 -43.30
C ILE I 483 -23.78 53.19 -43.43
N PRO I 484 -24.12 52.26 -42.54
CA PRO I 484 -25.47 51.71 -42.58
C PRO I 484 -26.44 52.68 -41.94
N LEU I 485 -27.23 53.37 -42.75
CA LEU I 485 -28.21 54.34 -42.26
C LEU I 485 -29.49 53.59 -41.95
N ASN I 486 -29.83 53.52 -40.67
CA ASN I 486 -30.92 52.67 -40.20
C ASN I 486 -32.28 53.36 -40.39
N LEU I 487 -32.50 53.84 -41.62
CA LEU I 487 -33.69 54.59 -41.97
C LEU I 487 -34.98 53.97 -41.48
N PHE I 488 -35.09 52.65 -41.51
CA PHE I 488 -36.36 51.99 -41.29
C PHE I 488 -36.40 51.35 -39.90
N GLU I 489 -37.49 50.63 -39.62
CA GLU I 489 -37.60 49.88 -38.37
C GLU I 489 -36.41 48.95 -38.17
N SER I 490 -36.07 48.17 -39.18
CA SER I 490 -34.94 47.25 -39.10
C SER I 490 -33.97 47.35 -40.27
N LEU I 491 -34.26 48.17 -41.27
CA LEU I 491 -33.35 48.34 -42.41
C LEU I 491 -32.17 49.18 -41.99
N LYS I 492 -31.01 48.88 -42.56
CA LYS I 492 -29.82 49.70 -42.40
C LYS I 492 -29.38 50.07 -43.82
N VAL I 493 -29.95 51.14 -44.35
CA VAL I 493 -29.71 51.52 -45.73
C VAL I 493 -28.27 52.02 -45.85
N CYS I 494 -27.41 51.21 -46.45
CA CYS I 494 -26.02 51.56 -46.64
C CYS I 494 -25.89 52.73 -47.60
N VAL I 495 -24.90 53.58 -47.33
CA VAL I 495 -24.70 54.79 -48.11
C VAL I 495 -23.38 54.70 -48.87
N SER I 496 -23.44 54.94 -50.18
CA SER I 496 -22.22 55.12 -50.97
C SER I 496 -21.80 56.59 -50.90
N LEU I 497 -21.48 57.01 -49.68
CA LEU I 497 -21.14 58.40 -49.40
C LEU I 497 -19.89 58.84 -50.13
N ASP I 498 -19.07 57.92 -50.64
CA ASP I 498 -17.86 58.26 -51.37
C ASP I 498 -17.82 57.54 -52.72
N TYR I 499 -17.18 58.19 -53.68
CA TYR I 499 -17.08 57.66 -55.04
C TYR I 499 -16.27 56.37 -55.09
N GLU I 500 -15.37 56.17 -54.11
CA GLU I 500 -14.12 55.46 -54.33
C GLU I 500 -14.35 54.09 -54.97
N LEU I 501 -15.00 53.19 -54.25
CA LEU I 501 -15.35 51.90 -54.83
C LEU I 501 -16.81 51.86 -55.25
N GLY I 502 -17.58 52.88 -54.88
CA GLY I 502 -18.96 52.95 -55.27
C GLY I 502 -19.14 52.99 -56.78
N PHE I 503 -18.26 53.74 -57.48
CA PHE I 503 -18.38 53.84 -58.93
C PHE I 503 -18.53 52.48 -59.61
N LYS I 504 -17.88 51.45 -59.07
CA LYS I 504 -18.02 50.10 -59.60
C LYS I 504 -18.90 49.20 -58.76
N PHE I 505 -19.22 49.59 -57.53
CA PHE I 505 -20.18 48.86 -56.70
C PHE I 505 -21.18 49.89 -56.17
N SER I 506 -22.13 50.27 -57.03
CA SER I 506 -23.20 51.20 -56.68
C SER I 506 -24.59 50.62 -56.92
N VAL I 507 -24.83 50.08 -58.12
CA VAL I 507 -26.14 49.60 -58.52
C VAL I 507 -27.14 50.75 -58.43
N PRO I 508 -27.15 51.68 -59.41
CA PRO I 508 -27.80 52.98 -59.23
C PRO I 508 -29.30 52.91 -59.05
N PHE I 509 -29.70 52.72 -57.80
CA PHE I 509 -31.06 52.43 -57.38
C PHE I 509 -32.02 53.56 -57.74
N GLY I 510 -33.30 53.31 -57.45
CA GLY I 510 -34.30 54.35 -57.33
C GLY I 510 -35.06 54.20 -56.02
N GLY I 511 -36.25 54.77 -55.99
CA GLY I 511 -37.05 54.73 -54.78
C GLY I 511 -38.49 54.27 -54.98
N PHE I 512 -39.11 53.77 -53.92
CA PHE I 512 -40.48 53.28 -54.02
C PHE I 512 -41.06 53.20 -52.62
N PHE I 513 -42.30 53.66 -52.49
CA PHE I 513 -43.02 53.65 -51.23
C PHE I 513 -43.53 52.23 -50.94
N SER I 514 -44.41 52.08 -49.97
CA SER I 514 -45.04 50.79 -49.77
C SER I 514 -46.10 50.55 -50.85
N CYS I 515 -46.55 49.30 -50.94
CA CYS I 515 -47.55 48.96 -51.95
C CYS I 515 -48.86 49.69 -51.71
N ILE I 516 -49.11 50.14 -50.49
CA ILE I 516 -50.29 50.96 -50.22
C ILE I 516 -49.98 52.44 -50.40
N MET I 517 -48.77 52.88 -50.05
CA MET I 517 -48.35 54.25 -50.28
C MET I 517 -48.06 54.44 -51.77
N GLY I 518 -47.64 55.64 -52.14
CA GLY I 518 -47.47 55.98 -53.55
C GLY I 518 -46.15 55.52 -54.15
N ASN I 519 -45.49 56.44 -54.87
CA ASN I 519 -44.23 56.15 -55.54
C ASN I 519 -43.66 57.46 -56.05
N PRO I 520 -42.34 57.56 -56.16
CA PRO I 520 -41.73 58.85 -56.54
C PRO I 520 -41.65 59.11 -58.03
N LEU I 521 -41.59 58.06 -58.86
CA LEU I 521 -41.27 58.24 -60.28
C LEU I 521 -42.37 57.68 -61.17
N VAL I 522 -42.20 57.95 -62.47
CA VAL I 522 -43.22 57.66 -63.46
C VAL I 522 -43.03 56.24 -64.01
N ASN I 523 -44.12 55.67 -64.53
CA ASN I 523 -44.07 54.40 -65.24
C ASN I 523 -44.38 54.64 -66.71
N ALA I 532 -47.21 67.18 -60.19
CA ALA I 532 -48.48 66.81 -60.81
C ALA I 532 -48.88 65.40 -60.42
N PRO I 533 -49.48 65.24 -59.25
CA PRO I 533 -49.85 63.89 -58.79
C PRO I 533 -51.01 63.31 -59.57
N SER I 534 -50.70 62.37 -60.47
CA SER I 534 -51.70 61.64 -61.22
C SER I 534 -51.50 60.14 -61.20
N LEU I 535 -50.31 59.66 -60.88
CA LEU I 535 -50.00 58.25 -60.90
C LEU I 535 -49.77 57.74 -59.48
N LYS I 536 -50.19 56.49 -59.24
CA LYS I 536 -49.88 55.82 -57.97
C LYS I 536 -49.75 54.33 -58.26
N LYS I 537 -48.53 53.91 -58.59
CA LYS I 537 -48.16 52.51 -58.79
C LYS I 537 -46.67 52.47 -59.07
N CYS I 538 -46.11 51.26 -59.02
CA CYS I 538 -44.66 51.07 -59.02
C CYS I 538 -43.98 52.05 -59.98
N PRO I 539 -42.97 52.78 -59.51
CA PRO I 539 -42.40 53.87 -60.33
C PRO I 539 -41.51 53.34 -61.45
N GLY I 540 -42.13 53.02 -62.58
CA GLY I 540 -41.41 52.42 -63.69
C GLY I 540 -41.51 50.91 -63.65
N GLY I 541 -40.39 50.23 -63.85
CA GLY I 541 -40.38 48.78 -63.77
C GLY I 541 -40.00 48.29 -62.40
N PHE I 542 -38.97 47.45 -62.33
CA PHE I 542 -38.50 46.83 -61.10
C PHE I 542 -39.64 46.10 -60.39
N SER I 543 -40.03 44.98 -61.01
CA SER I 543 -41.05 44.10 -60.47
C SER I 543 -40.70 43.71 -59.04
N GLN I 544 -41.63 43.04 -58.36
CA GLN I 544 -41.64 43.03 -56.90
C GLN I 544 -40.43 42.24 -56.40
N HIS I 545 -39.31 42.96 -56.29
CA HIS I 545 -38.09 42.44 -55.69
C HIS I 545 -38.11 42.83 -54.22
N LEU I 546 -38.55 41.89 -53.37
CA LEU I 546 -38.78 42.19 -51.96
C LEU I 546 -37.54 42.71 -51.29
N ALA I 547 -37.74 43.64 -50.36
CA ALA I 547 -36.70 44.11 -49.46
C ALA I 547 -37.07 43.94 -48.01
N VAL I 548 -38.32 44.22 -47.65
CA VAL I 548 -38.79 44.11 -46.27
C VAL I 548 -40.31 44.18 -46.27
N ILE I 549 -40.94 43.48 -45.33
CA ILE I 549 -42.36 43.61 -45.11
C ILE I 549 -42.57 44.41 -43.84
N SER I 550 -43.60 45.26 -43.84
CA SER I 550 -43.98 46.00 -42.65
C SER I 550 -45.47 45.80 -42.44
N ASP I 551 -45.82 44.99 -41.44
CA ASP I 551 -47.18 44.67 -41.04
C ASP I 551 -48.12 44.49 -42.24
N GLY I 552 -47.68 43.76 -43.25
CA GLY I 552 -48.54 43.44 -44.38
C GLY I 552 -48.12 44.06 -45.70
N CYS I 553 -47.68 45.31 -45.66
CA CYS I 553 -47.24 45.98 -46.87
C CYS I 553 -45.78 45.67 -47.13
N GLN I 554 -45.43 45.46 -48.40
CA GLN I 554 -44.05 45.22 -48.78
C GLN I 554 -43.40 46.52 -49.24
N VAL I 555 -42.14 46.72 -48.85
CA VAL I 555 -41.40 47.91 -49.19
C VAL I 555 -40.28 47.52 -50.16
N SER I 556 -40.36 48.03 -51.38
CA SER I 556 -39.39 47.72 -52.41
C SER I 556 -38.84 49.01 -53.02
N TYR I 557 -38.13 48.91 -54.13
CA TYR I 557 -37.50 50.07 -54.75
C TYR I 557 -37.62 49.96 -56.26
N CYS I 558 -36.84 50.76 -56.98
CA CYS I 558 -36.57 50.57 -58.41
C CYS I 558 -35.06 50.68 -58.55
N VAL I 559 -34.36 49.56 -58.33
CA VAL I 559 -32.92 49.57 -58.25
C VAL I 559 -32.35 49.27 -59.63
N LYS I 560 -31.90 50.30 -60.32
CA LYS I 560 -31.25 50.16 -61.62
C LYS I 560 -29.84 49.65 -61.41
N ALA I 561 -29.33 48.90 -62.38
CA ALA I 561 -28.02 48.27 -62.30
C ALA I 561 -27.18 48.64 -63.51
N GLY I 562 -27.11 49.93 -63.83
CA GLY I 562 -26.43 50.39 -65.02
C GLY I 562 -24.91 50.34 -64.96
N ILE I 563 -24.26 51.34 -65.54
CA ILE I 563 -22.82 51.33 -65.71
C ILE I 563 -22.10 51.49 -64.38
N THR J 13 -4.92 9.78 -64.61
CA THR J 13 -5.49 10.82 -63.76
C THR J 13 -5.77 10.26 -62.37
N GLY J 14 -5.03 9.23 -61.99
CA GLY J 14 -5.23 8.54 -60.72
C GLY J 14 -4.29 9.15 -59.68
N PHE J 15 -4.83 9.95 -58.77
CA PHE J 15 -4.01 10.51 -57.71
C PHE J 15 -3.52 9.46 -56.74
N GLN J 16 -4.01 8.24 -56.82
CA GLN J 16 -3.66 7.22 -55.86
C GLN J 16 -2.16 6.94 -55.82
N ILE J 17 -1.44 7.22 -56.91
CA ILE J 17 -0.02 6.91 -56.95
C ILE J 17 0.73 7.68 -55.88
N CYS J 18 0.53 8.99 -55.81
CA CYS J 18 1.31 9.76 -54.87
C CYS J 18 0.59 10.01 -53.56
N LYS J 19 -0.73 9.94 -53.55
CA LYS J 19 -1.43 9.73 -52.29
C LYS J 19 -0.87 8.51 -51.57
N ASN J 20 -0.34 7.56 -52.34
CA ASN J 20 0.35 6.41 -51.76
C ASN J 20 1.80 6.75 -51.43
N ALA J 21 2.47 7.49 -52.33
CA ALA J 21 3.85 7.87 -52.06
C ALA J 21 3.95 8.67 -50.77
N LEU J 22 3.35 9.85 -50.74
CA LEU J 22 3.26 10.66 -49.53
C LEU J 22 1.84 10.54 -48.98
N LYS J 23 1.72 10.45 -47.67
CA LYS J 23 0.51 9.93 -47.06
C LYS J 23 -0.57 10.97 -46.87
N LEU J 24 -0.52 12.09 -47.54
CA LEU J 24 -1.52 13.10 -47.26
C LEU J 24 -2.83 12.80 -47.98
N PRO J 25 -3.95 13.31 -47.47
CA PRO J 25 -5.23 13.12 -48.15
C PRO J 25 -5.49 14.20 -49.17
N VAL J 26 -6.10 13.80 -50.28
CA VAL J 26 -6.36 14.75 -51.35
C VAL J 26 -7.45 15.72 -50.93
N LEU J 27 -7.30 16.98 -51.33
CA LEU J 27 -8.35 17.96 -51.09
C LEU J 27 -9.64 17.49 -51.74
N GLU J 28 -10.76 17.80 -51.11
CA GLU J 28 -12.03 17.34 -51.64
C GLU J 28 -12.64 18.34 -52.61
N VAL J 29 -12.65 19.60 -52.24
CA VAL J 29 -13.24 20.61 -53.09
C VAL J 29 -12.28 20.93 -54.21
N LEU J 30 -12.80 21.04 -55.43
CA LEU J 30 -11.95 21.29 -56.56
C LEU J 30 -12.70 22.15 -57.56
N PRO J 31 -12.04 23.13 -58.15
CA PRO J 31 -12.75 24.08 -59.00
C PRO J 31 -13.05 23.59 -60.39
N GLY J 32 -12.16 22.77 -60.94
CA GLY J 32 -12.31 22.41 -62.34
C GLY J 32 -13.49 21.49 -62.57
N GLY J 33 -14.70 22.00 -62.39
CA GLY J 33 -15.87 21.18 -62.55
C GLY J 33 -17.11 21.99 -62.88
N GLY J 34 -17.83 21.58 -63.92
CA GLY J 34 -19.02 22.29 -64.32
C GLY J 34 -20.03 22.41 -63.20
N TRP J 35 -20.99 23.30 -63.39
CA TRP J 35 -21.91 23.66 -62.32
C TRP J 35 -23.18 24.22 -62.92
N ASP J 36 -24.31 23.59 -62.61
CA ASP J 36 -25.60 24.06 -63.09
C ASP J 36 -26.03 25.25 -62.23
N ASN J 37 -26.20 26.41 -62.86
CA ASN J 37 -26.61 27.59 -62.11
C ASN J 37 -28.10 27.61 -61.84
N LEU J 38 -28.89 26.88 -62.61
CA LEU J 38 -30.33 26.88 -62.40
C LEU J 38 -30.71 25.92 -61.27
N ARG J 39 -30.46 24.62 -61.46
CA ARG J 39 -30.67 23.67 -60.39
C ARG J 39 -29.79 23.95 -59.19
N ASN J 40 -28.66 24.65 -59.40
CA ASN J 40 -27.75 25.01 -58.32
C ASN J 40 -27.09 23.78 -57.70
N VAL J 41 -26.38 23.00 -58.51
CA VAL J 41 -25.73 21.77 -58.06
C VAL J 41 -24.61 21.40 -59.03
N ASP J 42 -23.49 20.91 -58.49
CA ASP J 42 -22.35 20.53 -59.32
C ASP J 42 -22.77 19.54 -60.39
N MET J 43 -22.06 19.55 -61.52
CA MET J 43 -22.46 18.74 -62.66
C MET J 43 -21.38 17.78 -63.15
N GLY J 44 -20.15 18.20 -63.32
CA GLY J 44 -19.15 17.28 -63.84
C GLY J 44 -17.88 18.00 -64.20
N ARG J 45 -16.83 17.21 -64.42
CA ARG J 45 -15.53 17.76 -64.77
C ARG J 45 -15.64 18.62 -66.02
N VAL J 46 -14.90 19.71 -66.05
CA VAL J 46 -14.73 20.45 -67.29
C VAL J 46 -13.24 20.65 -67.55
N MET J 47 -12.56 21.28 -66.62
CA MET J 47 -11.11 21.43 -66.69
C MET J 47 -10.48 20.18 -66.09
N ASP J 48 -9.63 19.52 -66.87
CA ASP J 48 -9.09 18.25 -66.41
C ASP J 48 -8.17 18.45 -65.21
N LEU J 49 -8.13 17.45 -64.34
CA LEU J 49 -7.32 17.50 -63.13
C LEU J 49 -6.41 16.28 -63.15
N THR J 50 -5.14 16.51 -63.44
CA THR J 50 -4.14 15.46 -63.39
C THR J 50 -3.46 15.46 -62.03
N TYR J 51 -2.53 14.54 -61.85
CA TYR J 51 -1.72 14.54 -60.65
C TYR J 51 -0.28 14.15 -60.96
N THR J 52 0.21 14.54 -62.13
CA THR J 52 1.49 14.04 -62.62
C THR J 52 2.64 14.45 -61.70
N ASN J 53 2.97 15.73 -61.68
CA ASN J 53 4.06 16.22 -60.85
C ASN J 53 3.51 16.50 -59.47
N CYS J 54 2.91 15.50 -58.84
CA CYS J 54 1.79 15.74 -57.95
C CYS J 54 2.12 16.78 -56.89
N LYS J 55 1.34 17.84 -56.89
CA LYS J 55 1.55 19.01 -56.05
C LYS J 55 1.19 18.66 -54.62
N THR J 56 1.18 19.67 -53.77
CA THR J 56 0.65 19.58 -52.42
C THR J 56 0.61 21.00 -51.88
N THR J 57 -0.36 21.25 -51.01
CA THR J 57 -0.46 22.57 -50.43
C THR J 57 0.80 22.88 -49.64
N GLU J 58 1.09 24.17 -49.48
CA GLU J 58 2.33 24.57 -48.85
C GLU J 58 2.46 23.99 -47.46
N ASP J 59 1.50 24.28 -46.59
CA ASP J 59 1.45 23.60 -45.29
C ASP J 59 0.98 22.19 -45.58
N GLY J 60 1.93 21.36 -45.99
CA GLY J 60 1.53 20.14 -46.66
C GLY J 60 0.64 19.28 -45.79
N GLN J 61 -0.65 19.36 -46.05
CA GLN J 61 -1.61 18.41 -45.53
C GLN J 61 -2.71 18.14 -46.54
N TYR J 62 -2.42 18.30 -47.82
CA TYR J 62 -3.35 17.92 -48.87
C TYR J 62 -2.56 17.67 -50.14
N ILE J 63 -3.23 17.15 -51.15
CA ILE J 63 -2.62 16.91 -52.46
C ILE J 63 -3.54 17.55 -53.50
N ILE J 64 -3.29 18.81 -53.81
CA ILE J 64 -4.09 19.47 -54.83
C ILE J 64 -3.72 18.85 -56.17
N PRO J 65 -4.60 18.87 -57.16
CA PRO J 65 -4.19 18.49 -58.50
C PRO J 65 -3.40 19.61 -59.13
N ASP J 66 -2.51 19.25 -60.04
CA ASP J 66 -1.53 20.20 -60.52
C ASP J 66 -2.09 21.19 -61.50
N GLU J 67 -3.40 21.33 -61.57
CA GLU J 67 -4.01 22.42 -62.32
C GLU J 67 -4.68 23.43 -61.40
N VAL J 68 -4.41 23.37 -60.10
CA VAL J 68 -4.99 24.33 -59.16
C VAL J 68 -3.91 24.79 -58.20
N TYR J 69 -4.08 25.98 -57.67
CA TYR J 69 -3.20 26.53 -56.65
C TYR J 69 -4.05 27.10 -55.53
N THR J 70 -3.54 27.04 -54.32
CA THR J 70 -4.28 27.44 -53.14
C THR J 70 -3.63 28.64 -52.48
N ILE J 71 -4.44 29.38 -51.74
CA ILE J 71 -3.98 30.54 -50.97
C ILE J 71 -4.68 30.53 -49.63
N PRO J 72 -3.99 30.19 -48.56
CA PRO J 72 -4.66 29.74 -47.35
C PRO J 72 -4.98 30.82 -46.34
N GLN J 73 -6.22 30.83 -45.81
CA GLN J 73 -6.58 31.69 -44.69
C GLN J 73 -7.99 31.40 -44.22
N LYS J 74 -8.25 31.41 -42.90
CA LYS J 74 -9.51 31.92 -42.33
C LYS J 74 -9.69 31.60 -40.86
N GLU J 75 -10.74 32.17 -40.26
CA GLU J 75 -11.61 31.60 -39.23
C GLU J 75 -12.61 32.66 -38.82
N SER J 76 -13.79 32.24 -38.37
CA SER J 76 -14.77 33.20 -37.88
C SER J 76 -15.92 32.46 -37.24
N ASN J 77 -16.36 32.94 -36.07
CA ASN J 77 -17.58 32.40 -35.48
C ASN J 77 -18.15 33.45 -34.55
N LEU J 78 -19.38 33.20 -34.11
CA LEU J 78 -20.04 34.15 -33.22
C LEU J 78 -21.15 33.44 -32.45
N GLU J 79 -21.12 33.58 -31.13
CA GLU J 79 -22.14 33.05 -30.25
C GLU J 79 -22.99 34.19 -29.75
N MET J 80 -24.24 33.89 -29.43
CA MET J 80 -25.13 34.90 -28.85
C MET J 80 -26.37 34.20 -28.33
N ASN J 81 -26.87 34.67 -27.19
CA ASN J 81 -28.07 34.10 -26.61
C ASN J 81 -28.75 35.16 -25.76
N SER J 82 -29.96 34.85 -25.30
CA SER J 82 -30.76 35.79 -24.54
C SER J 82 -31.49 35.02 -23.44
N GLU J 83 -32.28 35.76 -22.66
CA GLU J 83 -32.90 35.22 -21.46
C GLU J 83 -34.12 36.07 -21.10
N VAL J 84 -35.10 35.45 -20.46
CA VAL J 84 -36.32 36.11 -20.02
C VAL J 84 -36.92 35.31 -18.87
N LEU J 85 -37.26 35.97 -17.77
CA LEU J 85 -37.93 35.34 -16.64
C LEU J 85 -39.11 36.16 -16.17
N GLU J 86 -39.88 35.61 -15.24
CA GLU J 86 -41.01 36.27 -14.61
C GLU J 86 -41.33 35.58 -13.30
N SER J 87 -42.18 36.21 -12.48
CA SER J 87 -42.77 35.59 -11.31
C SER J 87 -43.81 36.52 -10.74
N TRP J 88 -44.94 35.98 -10.28
CA TRP J 88 -46.05 36.75 -9.72
C TRP J 88 -46.52 36.11 -8.41
N MET J 89 -47.36 36.84 -7.67
CA MET J 89 -47.93 36.35 -6.42
C MET J 89 -49.27 37.05 -6.16
N ASN J 90 -49.91 36.69 -5.05
CA ASN J 90 -51.13 37.36 -4.54
C ASN J 90 -51.38 36.94 -3.10
N TYR J 91 -52.54 37.36 -2.57
CA TYR J 91 -52.86 37.22 -1.16
C TYR J 91 -54.38 37.35 -0.97
N GLN J 92 -54.80 37.53 0.29
CA GLN J 92 -56.17 37.21 0.71
C GLN J 92 -56.91 38.29 1.51
N SER J 93 -58.07 37.92 2.06
CA SER J 93 -58.93 38.82 2.81
C SER J 93 -59.78 38.00 3.79
N THR J 94 -60.33 38.66 4.81
CA THR J 94 -61.00 37.98 5.91
C THR J 94 -61.94 38.93 6.65
N THR J 95 -63.09 38.38 7.09
CA THR J 95 -64.01 39.09 7.97
C THR J 95 -64.51 38.12 9.04
N SER J 96 -65.05 38.69 10.11
CA SER J 96 -65.59 37.88 11.21
C SER J 96 -66.35 38.78 12.17
N LEU J 97 -67.50 38.32 12.65
CA LEU J 97 -68.31 39.06 13.63
C LEU J 97 -68.96 38.05 14.57
N SER J 98 -68.80 38.27 15.87
CA SER J 98 -69.28 37.33 16.91
C SER J 98 -70.10 38.13 17.92
N ILE J 99 -71.43 38.09 17.78
CA ILE J 99 -72.28 39.07 18.45
C ILE J 99 -73.52 38.44 19.09
N ASN J 100 -73.63 38.53 20.42
CA ASN J 100 -74.88 38.88 21.10
C ASN J 100 -74.72 38.60 22.59
N THR J 101 -75.75 38.97 23.35
CA THR J 101 -75.94 38.52 24.72
C THR J 101 -77.39 38.87 25.11
N GLU J 102 -77.85 38.33 26.24
CA GLU J 102 -79.14 38.70 26.82
C GLU J 102 -79.25 38.11 28.22
N LEU J 103 -80.03 38.80 29.07
CA LEU J 103 -80.37 38.36 30.41
C LEU J 103 -81.54 39.19 30.93
N ALA J 104 -82.24 38.64 31.93
CA ALA J 104 -83.15 39.39 32.80
C ALA J 104 -83.62 38.46 33.89
N LEU J 105 -84.20 39.05 34.94
CA LEU J 105 -84.79 38.30 36.03
C LEU J 105 -86.31 38.41 36.09
N PHE J 106 -86.94 39.13 35.16
CA PHE J 106 -88.38 39.33 35.17
C PHE J 106 -89.06 38.69 33.96
N SER J 107 -88.68 39.05 32.74
CA SER J 107 -89.37 38.53 31.57
C SER J 107 -88.47 38.09 30.43
N ARG J 108 -87.26 38.60 30.28
CA ARG J 108 -86.50 38.42 29.04
C ARG J 108 -85.05 38.03 29.35
N VAL J 109 -84.81 36.74 29.57
CA VAL J 109 -83.46 36.20 29.72
C VAL J 109 -83.22 35.19 28.61
N ASN J 110 -82.22 35.47 27.77
CA ASN J 110 -81.90 34.65 26.61
C ASN J 110 -80.40 34.52 26.45
N GLY J 111 -80.00 33.96 25.31
CA GLY J 111 -78.61 33.90 24.92
C GLY J 111 -78.50 33.84 23.42
N LYS J 112 -77.47 34.45 22.84
CA LYS J 112 -77.27 34.40 21.40
C LYS J 112 -75.81 34.70 21.07
N PHE J 113 -75.28 34.00 20.07
CA PHE J 113 -73.96 34.28 19.51
C PHE J 113 -74.00 33.86 18.05
N SER J 114 -74.30 34.80 17.16
CA SER J 114 -74.37 34.51 15.74
C SER J 114 -73.01 34.78 15.07
N THR J 115 -72.00 34.09 15.59
CA THR J 115 -70.63 34.31 15.14
C THR J 115 -70.45 33.81 13.72
N GLU J 116 -69.65 34.54 12.94
CA GLU J 116 -69.42 34.22 11.54
C GLU J 116 -67.95 34.40 11.19
N PHE J 117 -67.54 33.73 10.12
CA PHE J 117 -66.17 33.83 9.61
C PHE J 117 -66.22 33.66 8.11
N GLN J 118 -65.56 34.54 7.38
CA GLN J 118 -65.39 34.40 5.94
C GLN J 118 -63.92 34.66 5.62
N ARG J 119 -63.25 33.65 5.08
CA ARG J 119 -61.86 33.77 4.66
C ARG J 119 -61.75 33.25 3.24
N MET J 120 -60.97 33.94 2.42
CA MET J 120 -60.73 33.53 1.04
C MET J 120 -59.27 33.81 0.70
N LYS J 121 -58.45 32.77 0.74
CA LYS J 121 -57.04 32.88 0.39
C LYS J 121 -56.84 32.43 -1.04
N THR J 122 -56.36 33.33 -1.89
CA THR J 122 -56.04 32.99 -3.27
C THR J 122 -54.58 33.33 -3.53
N LEU J 123 -53.84 32.36 -4.06
CA LEU J 123 -52.50 32.59 -4.56
C LEU J 123 -52.50 32.41 -6.07
N GLN J 124 -51.56 33.10 -6.73
CA GLN J 124 -51.38 32.94 -8.16
C GLN J 124 -49.89 33.14 -8.45
N VAL J 125 -49.14 32.07 -8.45
CA VAL J 125 -47.76 32.10 -8.91
C VAL J 125 -47.80 31.94 -10.42
N LYS J 126 -46.88 32.60 -11.12
CA LYS J 126 -46.83 32.50 -12.57
C LYS J 126 -45.39 32.71 -13.01
N ASP J 127 -44.73 31.64 -13.42
CA ASP J 127 -43.33 31.65 -13.78
C ASP J 127 -43.18 31.36 -15.27
N GLN J 128 -42.23 32.02 -15.93
CA GLN J 128 -42.08 31.88 -17.37
C GLN J 128 -40.61 32.07 -17.74
N ALA J 129 -39.88 30.98 -17.87
CA ALA J 129 -38.49 31.03 -18.32
C ALA J 129 -38.44 30.92 -19.84
N VAL J 130 -37.45 31.59 -20.44
CA VAL J 130 -37.24 31.53 -21.87
C VAL J 130 -35.75 31.63 -22.17
N THR J 131 -35.20 30.62 -22.84
CA THR J 131 -33.82 30.63 -23.27
C THR J 131 -33.76 30.52 -24.79
N THR J 132 -32.75 31.12 -25.38
CA THR J 132 -32.63 31.12 -26.84
C THR J 132 -31.17 31.33 -27.20
N ARG J 133 -30.48 30.26 -27.60
CA ARG J 133 -29.10 30.36 -28.06
C ARG J 133 -29.06 30.22 -29.56
N VAL J 134 -28.10 30.91 -30.18
CA VAL J 134 -27.79 30.79 -31.60
C VAL J 134 -26.28 30.99 -31.69
N GLN J 135 -25.60 30.09 -32.38
CA GLN J 135 -24.17 30.29 -32.52
C GLN J 135 -23.67 29.57 -33.77
N VAL J 136 -22.79 30.21 -34.51
CA VAL J 136 -22.49 29.86 -35.88
C VAL J 136 -20.98 29.94 -36.11
N ARG J 137 -20.41 28.92 -36.75
CA ARG J 137 -19.00 28.86 -37.06
C ARG J 137 -18.76 28.93 -38.55
N ASN J 138 -17.61 29.47 -38.96
CA ASN J 138 -17.20 29.49 -40.35
C ASN J 138 -15.70 29.32 -40.47
N ARG J 139 -15.29 28.61 -41.52
CA ARG J 139 -13.90 28.49 -41.88
C ARG J 139 -13.80 28.62 -43.39
N ILE J 140 -12.68 29.14 -43.89
CA ILE J 140 -12.44 29.05 -45.33
C ILE J 140 -10.99 28.68 -45.56
N TYR J 141 -10.67 28.11 -46.73
CA TYR J 141 -9.29 27.92 -47.16
C TYR J 141 -9.30 27.74 -48.68
N THR J 142 -9.12 28.82 -49.42
CA THR J 142 -9.64 28.89 -50.79
C THR J 142 -8.74 28.17 -51.79
N VAL J 143 -9.26 28.05 -53.01
CA VAL J 143 -8.70 27.23 -54.08
C VAL J 143 -9.09 27.84 -55.42
N LYS J 144 -8.11 28.03 -56.29
CA LYS J 144 -8.35 28.57 -57.62
C LYS J 144 -7.85 27.58 -58.67
N THR J 145 -8.43 27.66 -59.85
CA THR J 145 -7.95 26.86 -60.98
C THR J 145 -6.83 27.61 -61.66
N THR J 146 -5.79 26.89 -62.06
CA THR J 146 -4.65 27.55 -62.66
C THR J 146 -5.07 28.20 -63.97
N PRO J 147 -4.49 29.34 -64.32
CA PRO J 147 -4.94 30.07 -65.50
C PRO J 147 -4.57 29.40 -66.81
N THR J 148 -3.88 28.26 -66.78
CA THR J 148 -3.41 27.63 -68.00
C THR J 148 -3.82 26.17 -68.11
N SER J 149 -4.89 25.77 -67.44
CA SER J 149 -5.30 24.39 -67.54
C SER J 149 -6.13 24.18 -68.80
N GLU J 150 -6.32 22.92 -69.15
CA GLU J 150 -7.00 22.54 -70.37
C GLU J 150 -8.29 21.80 -70.06
N LEU J 151 -9.15 21.71 -71.05
CA LEU J 151 -10.43 21.05 -70.86
C LEU J 151 -10.23 19.58 -70.54
N SER J 152 -11.23 18.98 -69.92
CA SER J 152 -11.16 17.57 -69.59
C SER J 152 -11.26 16.74 -70.86
N LEU J 153 -11.17 15.42 -70.70
CA LEU J 153 -11.30 14.56 -71.86
C LEU J 153 -12.74 14.48 -72.32
N GLY J 154 -13.65 14.11 -71.42
CA GLY J 154 -15.05 13.99 -71.79
C GLY J 154 -15.62 15.27 -72.35
N PHE J 155 -15.19 16.41 -71.80
CA PHE J 155 -15.68 17.69 -72.31
C PHE J 155 -15.26 17.91 -73.75
N THR J 156 -13.97 17.75 -74.04
CA THR J 156 -13.51 17.87 -75.41
C THR J 156 -14.23 16.88 -76.31
N LYS J 157 -14.47 15.67 -75.82
CA LYS J 157 -15.18 14.68 -76.62
C LYS J 157 -16.55 15.22 -77.03
N ALA J 158 -17.34 15.64 -76.05
CA ALA J 158 -18.66 16.17 -76.37
C ALA J 158 -18.57 17.37 -77.29
N LEU J 159 -17.57 18.23 -77.07
CA LEU J 159 -17.48 19.44 -77.86
C LEU J 159 -17.17 19.13 -79.31
N MET J 160 -16.10 18.39 -79.57
CA MET J 160 -15.79 18.05 -80.94
C MET J 160 -16.83 17.12 -81.54
N ASP J 161 -17.64 16.45 -80.72
CA ASP J 161 -18.77 15.71 -81.27
C ASP J 161 -19.80 16.66 -81.85
N ILE J 162 -20.17 17.69 -81.08
CA ILE J 162 -21.07 18.70 -81.63
C ILE J 162 -20.45 19.36 -82.84
N CYS J 163 -19.13 19.53 -82.84
CA CYS J 163 -18.49 20.15 -83.99
C CYS J 163 -18.57 19.26 -85.23
N ASP J 164 -18.39 17.94 -85.05
CA ASP J 164 -18.58 17.04 -86.16
C ASP J 164 -20.03 17.01 -86.62
N GLN J 165 -20.97 17.23 -85.70
CA GLN J 165 -22.36 17.33 -86.10
C GLN J 165 -22.61 18.57 -86.93
N LEU J 166 -21.98 19.69 -86.59
CA LEU J 166 -22.20 20.91 -87.35
C LEU J 166 -21.51 20.83 -88.71
N GLU J 167 -20.30 20.29 -88.76
CA GLU J 167 -19.67 20.04 -90.05
C GLU J 167 -20.46 19.05 -90.89
N LYS J 168 -21.08 18.07 -90.26
CA LYS J 168 -21.95 17.11 -90.93
C LYS J 168 -23.34 17.70 -91.19
N ASN J 169 -23.55 18.96 -90.88
CA ASN J 169 -24.71 19.76 -91.27
C ASN J 169 -25.99 19.31 -90.59
N GLN J 170 -25.94 18.26 -89.78
CA GLN J 170 -27.13 17.72 -89.11
C GLN J 170 -27.47 18.63 -87.93
N THR J 171 -28.29 19.65 -88.20
CA THR J 171 -28.60 20.64 -87.18
C THR J 171 -29.35 20.03 -86.01
N LYS J 172 -30.39 19.25 -86.30
CA LYS J 172 -31.23 18.70 -85.25
C LYS J 172 -30.41 17.89 -84.25
N MET J 173 -29.69 16.87 -84.75
CA MET J 173 -28.84 16.11 -83.86
C MET J 173 -27.81 16.99 -83.18
N ALA J 174 -27.30 18.00 -83.87
CA ALA J 174 -26.30 18.89 -83.28
C ALA J 174 -26.88 19.66 -82.11
N THR J 175 -28.01 20.33 -82.33
CA THR J 175 -28.58 21.11 -81.24
C THR J 175 -29.04 20.21 -80.09
N TYR J 176 -29.50 19.01 -80.39
CA TYR J 176 -29.86 18.10 -79.31
C TYR J 176 -28.61 17.68 -78.53
N LEU J 177 -27.50 17.47 -79.23
CA LEU J 177 -26.27 17.12 -78.55
C LEU J 177 -25.79 18.25 -77.67
N ALA J 178 -25.96 19.50 -78.13
CA ALA J 178 -25.60 20.65 -77.30
C ALA J 178 -26.48 20.72 -76.06
N GLU J 179 -27.78 20.47 -76.24
CA GLU J 179 -28.69 20.46 -75.11
C GLU J 179 -28.30 19.38 -74.11
N LEU J 180 -27.93 18.21 -74.62
CA LEU J 180 -27.45 17.15 -73.74
C LEU J 180 -26.18 17.58 -73.03
N LEU J 181 -25.28 18.26 -73.73
CA LEU J 181 -24.06 18.77 -73.10
C LEU J 181 -24.40 19.67 -71.94
N ILE J 182 -25.33 20.61 -72.14
CA ILE J 182 -25.63 21.55 -71.08
C ILE J 182 -26.34 20.84 -69.93
N LEU J 183 -27.09 19.79 -70.23
CA LEU J 183 -27.72 19.01 -69.17
C LEU J 183 -26.71 18.17 -68.42
N ASN J 184 -25.60 17.82 -69.07
CA ASN J 184 -24.65 16.87 -68.55
C ASN J 184 -23.45 17.51 -67.90
N TYR J 185 -23.21 18.79 -68.16
CA TYR J 185 -22.03 19.49 -67.65
C TYR J 185 -22.36 20.84 -67.04
N GLY J 186 -23.63 21.16 -66.86
CA GLY J 186 -24.00 22.40 -66.22
C GLY J 186 -23.75 23.62 -67.08
N THR J 187 -24.33 24.74 -66.68
CA THR J 187 -24.25 25.97 -67.45
C THR J 187 -23.11 26.88 -67.03
N HIS J 188 -22.25 26.43 -66.13
CA HIS J 188 -21.12 27.25 -65.71
C HIS J 188 -20.02 26.34 -65.23
N VAL J 189 -18.80 26.79 -65.41
CA VAL J 189 -17.63 26.09 -64.90
C VAL J 189 -17.04 26.91 -63.77
N ILE J 190 -16.69 26.25 -62.69
CA ILE J 190 -16.22 26.91 -61.49
C ILE J 190 -14.74 27.18 -61.62
N THR J 191 -14.31 28.37 -61.21
CA THR J 191 -12.89 28.70 -61.21
C THR J 191 -12.38 29.07 -59.83
N SER J 192 -13.20 28.90 -58.79
CA SER J 192 -12.80 29.27 -57.45
C SER J 192 -13.77 28.68 -56.46
N VAL J 193 -13.24 28.04 -55.42
CA VAL J 193 -14.02 27.58 -54.30
C VAL J 193 -13.26 27.94 -53.03
N ASP J 194 -13.94 27.80 -51.90
CA ASP J 194 -13.33 28.11 -50.60
C ASP J 194 -13.49 26.89 -49.72
N ALA J 195 -12.45 26.08 -49.64
CA ALA J 195 -12.50 24.90 -48.78
C ALA J 195 -12.69 25.34 -47.35
N GLY J 196 -13.88 25.08 -46.82
CA GLY J 196 -14.13 25.44 -45.45
C GLY J 196 -15.21 24.55 -44.88
N ALA J 197 -15.70 24.95 -43.71
CA ALA J 197 -16.84 24.29 -43.11
C ALA J 197 -17.59 25.30 -42.29
N ALA J 198 -18.85 24.98 -42.00
CA ALA J 198 -19.69 25.88 -41.24
C ALA J 198 -20.50 25.05 -40.27
N LEU J 199 -21.11 25.73 -39.31
CA LEU J 199 -21.96 25.10 -38.33
C LEU J 199 -22.88 26.15 -37.77
N VAL J 200 -24.17 25.93 -37.90
CA VAL J 200 -25.19 26.87 -37.47
C VAL J 200 -26.12 26.11 -36.56
N GLN J 201 -26.04 26.33 -35.26
CA GLN J 201 -26.85 25.58 -34.32
C GLN J 201 -27.54 26.53 -33.38
N GLU J 202 -28.73 26.15 -32.93
CA GLU J 202 -29.57 27.03 -32.14
C GLU J 202 -30.59 26.19 -31.39
N ASP J 203 -31.22 26.80 -30.39
CA ASP J 203 -32.21 26.10 -29.62
C ASP J 203 -33.02 27.11 -28.82
N HIS J 204 -34.27 26.77 -28.56
CA HIS J 204 -35.15 27.59 -27.74
C HIS J 204 -35.71 26.74 -26.60
N VAL J 205 -35.86 27.36 -25.44
CA VAL J 205 -36.56 26.76 -24.32
C VAL J 205 -37.64 27.74 -23.89
N ARG J 206 -38.82 27.22 -23.59
CA ARG J 206 -39.92 28.09 -23.20
C ARG J 206 -40.70 27.39 -22.09
N SER J 207 -40.30 27.65 -20.85
CA SER J 207 -41.02 27.12 -19.70
C SER J 207 -42.19 28.03 -19.39
N SER J 208 -43.27 27.42 -18.92
CA SER J 208 -44.45 28.16 -18.47
C SER J 208 -44.99 27.46 -17.23
N PHE J 209 -45.20 28.22 -16.18
CA PHE J 209 -45.59 27.66 -14.89
C PHE J 209 -46.66 28.54 -14.30
N LEU J 210 -47.91 28.07 -14.31
CA LEU J 210 -49.05 28.82 -13.82
C LEU J 210 -49.67 28.05 -12.69
N LEU J 211 -49.71 28.66 -11.51
CA LEU J 211 -50.22 28.03 -10.31
C LEU J 211 -51.42 28.80 -9.79
N ASP J 212 -52.39 28.10 -9.24
CA ASP J 212 -53.58 28.71 -8.68
C ASP J 212 -53.80 28.22 -7.26
N ASN J 213 -54.73 28.87 -6.58
CA ASN J 213 -55.12 28.48 -5.24
C ASN J 213 -56.34 29.29 -4.85
N GLN J 214 -57.31 28.63 -4.22
CA GLN J 214 -58.48 29.31 -3.67
C GLN J 214 -58.81 28.61 -2.36
N ASN J 215 -58.23 29.10 -1.26
CA ASN J 215 -58.33 28.43 0.02
C ASN J 215 -59.32 29.19 0.90
N SER J 216 -60.60 28.90 0.72
CA SER J 216 -61.65 29.62 1.43
C SER J 216 -62.02 28.88 2.70
N GLN J 217 -62.80 29.55 3.55
CA GLN J 217 -63.24 28.98 4.82
C GLN J 217 -64.52 29.66 5.28
N ASN J 218 -65.26 28.96 6.13
CA ASN J 218 -66.45 29.50 6.77
C ASN J 218 -66.53 28.95 8.18
N THR J 219 -67.19 29.71 9.06
CA THR J 219 -67.43 29.25 10.42
C THR J 219 -68.66 29.99 10.95
N VAL J 220 -69.77 29.27 11.06
CA VAL J 220 -71.02 29.83 11.55
C VAL J 220 -71.37 29.14 12.86
N THR J 221 -71.71 29.92 13.87
CA THR J 221 -72.10 29.40 15.17
C THR J 221 -73.33 30.16 15.65
N ALA J 222 -74.24 29.43 16.29
CA ALA J 222 -75.43 30.01 16.90
C ALA J 222 -75.41 29.68 18.39
N SER J 223 -76.35 30.28 19.12
CA SER J 223 -76.41 30.07 20.56
C SER J 223 -77.81 30.38 21.07
N ALA J 224 -78.06 29.93 22.30
CA ALA J 224 -79.31 30.10 23.01
C ALA J 224 -78.97 30.18 24.50
N GLY J 225 -79.95 29.84 25.34
CA GLY J 225 -79.75 29.98 26.76
C GLY J 225 -80.83 30.74 27.48
N ILE J 226 -82.05 30.70 26.95
CA ILE J 226 -83.19 31.29 27.63
C ILE J 226 -83.51 30.43 28.85
N ALA J 227 -82.95 30.79 30.00
CA ALA J 227 -83.16 29.98 31.19
C ALA J 227 -83.09 30.75 32.50
N PHE J 228 -84.20 31.31 32.96
CA PHE J 228 -84.44 31.45 34.38
C PHE J 228 -85.87 31.12 34.74
N LEU J 229 -86.80 31.41 33.82
CA LEU J 229 -88.21 31.41 34.13
C LEU J 229 -88.96 30.43 33.24
N ASN J 230 -89.82 29.63 33.88
CA ASN J 230 -90.74 28.69 33.26
C ASN J 230 -89.99 27.48 32.71
N ILE J 231 -88.67 27.62 32.58
CA ILE J 231 -87.71 26.54 32.37
C ILE J 231 -86.42 27.05 32.99
N VAL J 232 -85.96 26.40 34.06
CA VAL J 232 -84.80 26.93 34.77
C VAL J 232 -83.55 26.74 33.92
N ASN J 233 -83.55 25.78 33.01
CA ASN J 233 -82.42 25.59 32.12
C ASN J 233 -82.76 24.80 30.87
N PHE J 234 -82.40 25.36 29.70
CA PHE J 234 -82.18 24.58 28.49
C PHE J 234 -81.38 25.42 27.52
N LYS J 235 -80.37 24.80 26.89
CA LYS J 235 -79.38 25.53 26.12
C LYS J 235 -79.30 24.94 24.73
N VAL J 236 -79.15 25.81 23.74
CA VAL J 236 -79.07 25.40 22.34
C VAL J 236 -77.92 26.14 21.69
N GLU J 237 -77.05 25.41 20.98
CA GLU J 237 -76.02 26.03 20.16
C GLU J 237 -75.65 25.08 19.04
N THR J 238 -75.64 25.60 17.82
CA THR J 238 -75.17 24.85 16.66
C THR J 238 -73.79 25.36 16.25
N ASP J 239 -73.06 24.51 15.55
CA ASP J 239 -71.76 24.87 14.99
C ASP J 239 -71.70 24.46 13.53
N TYR J 240 -70.87 25.14 12.75
CA TYR J 240 -70.81 24.90 11.31
C TYR J 240 -69.53 25.48 10.79
N ILE J 241 -68.68 24.65 10.21
CA ILE J 241 -67.43 25.10 9.61
C ILE J 241 -67.25 24.40 8.27
N SER J 242 -66.91 25.18 7.26
CA SER J 242 -66.72 24.67 5.90
C SER J 242 -65.40 25.18 5.36
N GLN J 243 -64.68 24.30 4.67
CA GLN J 243 -63.41 24.65 4.06
C GLN J 243 -63.43 24.31 2.58
N THR J 244 -62.55 24.96 1.83
CA THR J 244 -62.43 24.67 0.41
C THR J 244 -61.06 25.16 -0.03
N SER J 245 -60.19 24.24 -0.41
CA SER J 245 -58.84 24.58 -0.86
C SER J 245 -58.63 23.88 -2.19
N LEU J 246 -58.50 24.68 -3.25
CA LEU J 246 -58.39 24.16 -4.60
C LEU J 246 -57.16 24.76 -5.25
N THR J 247 -56.14 23.94 -5.47
CA THR J 247 -54.93 24.36 -6.15
C THR J 247 -54.94 23.81 -7.57
N LYS J 248 -54.37 24.60 -8.48
CA LYS J 248 -54.29 24.21 -9.89
C LYS J 248 -52.99 24.75 -10.44
N ASP J 249 -52.09 23.87 -10.86
CA ASP J 249 -50.86 24.28 -11.50
C ASP J 249 -50.76 23.63 -12.87
N TYR J 250 -50.04 24.29 -13.78
CA TYR J 250 -50.07 23.89 -15.19
C TYR J 250 -48.71 24.24 -15.79
N LEU J 251 -47.81 23.26 -15.80
CA LEU J 251 -46.45 23.43 -16.28
C LEU J 251 -46.34 22.93 -17.71
N SER J 252 -45.57 23.65 -18.53
CA SER J 252 -45.39 23.23 -19.92
C SER J 252 -44.06 23.74 -20.43
N ASN J 253 -43.05 22.87 -20.45
CA ASN J 253 -41.82 23.13 -21.17
C ASN J 253 -42.04 22.94 -22.66
N ARG J 254 -41.20 23.57 -23.45
CA ARG J 254 -41.17 23.33 -24.90
C ARG J 254 -39.77 23.66 -25.38
N THR J 255 -39.01 22.65 -25.77
CA THR J 255 -37.63 22.82 -26.19
C THR J 255 -37.52 22.53 -27.68
N ASN J 256 -36.73 23.34 -28.37
CA ASN J 256 -36.33 23.04 -29.73
C ASN J 256 -34.81 22.96 -29.79
N SER J 257 -34.32 22.55 -30.95
CA SER J 257 -32.90 22.48 -31.21
C SER J 257 -32.71 22.19 -32.68
N ARG J 258 -31.72 22.80 -33.31
CA ARG J 258 -31.51 22.54 -34.73
C ARG J 258 -30.06 22.88 -35.07
N VAL J 259 -29.23 21.88 -35.19
CA VAL J 259 -27.89 22.13 -35.71
C VAL J 259 -28.02 21.95 -37.21
N GLN J 260 -27.14 22.61 -37.95
CA GLN J 260 -27.13 22.46 -39.39
C GLN J 260 -25.70 22.74 -39.82
N SER J 261 -24.90 21.69 -39.96
CA SER J 261 -23.48 21.84 -40.21
C SER J 261 -23.14 21.30 -41.58
N PHE J 262 -22.28 22.02 -42.29
CA PHE J 262 -21.71 21.48 -43.52
C PHE J 262 -20.41 22.21 -43.77
N GLY J 263 -19.30 21.49 -43.67
CA GLY J 263 -19.36 20.08 -43.33
C GLY J 263 -18.15 19.70 -42.51
N GLY J 264 -18.36 18.97 -41.43
CA GLY J 264 -17.24 18.55 -40.62
C GLY J 264 -17.32 17.08 -40.30
N VAL J 265 -17.22 16.74 -39.02
CA VAL J 265 -17.41 15.36 -38.60
C VAL J 265 -18.91 15.20 -38.37
N PRO J 266 -19.50 14.05 -38.68
CA PRO J 266 -20.94 13.88 -38.44
C PRO J 266 -21.36 14.36 -37.07
N PHE J 267 -22.20 15.38 -37.05
CA PHE J 267 -22.55 16.04 -35.81
C PHE J 267 -23.35 15.12 -34.90
N TYR J 268 -23.30 15.43 -33.61
CA TYR J 268 -24.12 14.75 -32.61
C TYR J 268 -24.24 15.67 -31.41
N PRO J 269 -25.36 15.63 -30.69
CA PRO J 269 -25.64 16.69 -29.70
C PRO J 269 -24.55 16.88 -28.68
N GLY J 270 -24.09 15.81 -28.05
CA GLY J 270 -23.14 16.00 -26.98
C GLY J 270 -21.76 16.46 -27.41
N ILE J 271 -21.57 16.80 -28.68
CA ILE J 271 -20.24 17.14 -29.16
C ILE J 271 -19.84 18.49 -28.60
N THR J 272 -18.56 18.64 -28.29
CA THR J 272 -18.05 19.94 -27.90
C THR J 272 -18.04 20.87 -29.09
N LEU J 273 -17.87 22.14 -28.82
CA LEU J 273 -17.64 23.09 -29.89
C LEU J 273 -16.22 23.00 -30.41
N GLU J 274 -15.41 22.10 -29.85
CA GLU J 274 -14.01 21.94 -30.18
C GLU J 274 -13.75 20.70 -31.03
N THR J 275 -14.04 19.52 -30.48
CA THR J 275 -13.81 18.29 -31.23
C THR J 275 -14.42 18.35 -32.61
N TRP J 276 -15.46 19.15 -32.79
CA TRP J 276 -15.86 19.56 -34.13
C TRP J 276 -14.67 20.12 -34.90
N GLN J 277 -14.06 21.16 -34.37
CA GLN J 277 -13.00 21.85 -35.09
C GLN J 277 -11.82 20.94 -35.35
N LYS J 278 -11.23 20.39 -34.30
CA LYS J 278 -10.05 19.55 -34.48
C LYS J 278 -10.31 18.44 -35.49
N GLY J 279 -11.55 18.02 -35.64
CA GLY J 279 -11.87 16.97 -36.59
C GLY J 279 -12.25 17.49 -37.96
N ILE J 280 -11.74 18.65 -38.33
CA ILE J 280 -12.03 19.24 -39.62
C ILE J 280 -10.88 19.01 -40.60
N THR J 281 -9.96 18.10 -40.29
CA THR J 281 -8.71 18.02 -41.04
C THR J 281 -8.98 17.82 -42.52
N ASN J 282 -9.51 16.68 -42.92
CA ASN J 282 -10.31 16.61 -44.12
C ASN J 282 -11.76 16.78 -43.67
N HIS J 283 -12.73 16.42 -44.51
CA HIS J 283 -14.13 16.83 -44.34
C HIS J 283 -14.25 18.33 -44.60
N LEU J 284 -13.59 18.83 -45.63
CA LEU J 284 -13.82 20.18 -46.06
C LEU J 284 -14.91 20.20 -47.12
N VAL J 285 -15.54 21.36 -47.27
CA VAL J 285 -16.69 21.48 -48.14
C VAL J 285 -16.65 22.84 -48.80
N ALA J 286 -17.03 22.90 -50.06
CA ALA J 286 -17.06 24.17 -50.77
C ALA J 286 -18.14 25.04 -50.16
N ILE J 287 -17.74 26.02 -49.35
CA ILE J 287 -18.73 26.90 -48.73
C ILE J 287 -19.06 28.10 -49.61
N ASP J 288 -18.28 28.33 -50.66
CA ASP J 288 -18.51 29.48 -51.52
C ASP J 288 -17.76 29.23 -52.81
N ARG J 289 -18.35 29.64 -53.92
CA ARG J 289 -17.77 29.31 -55.21
C ARG J 289 -18.11 30.39 -56.23
N ALA J 290 -17.25 30.50 -57.24
CA ALA J 290 -17.44 31.46 -58.31
C ALA J 290 -16.77 30.93 -59.56
N GLY J 291 -17.41 31.16 -60.70
CA GLY J 291 -16.90 30.67 -61.95
C GLY J 291 -17.35 31.54 -63.10
N LEU J 292 -17.30 30.97 -64.29
CA LEU J 292 -17.62 31.69 -65.51
C LEU J 292 -18.63 30.90 -66.33
N PRO J 293 -19.35 31.54 -67.24
CA PRO J 293 -20.23 30.79 -68.13
C PRO J 293 -19.40 29.95 -69.07
N LEU J 294 -19.84 28.70 -69.28
CA LEU J 294 -18.97 27.74 -69.96
C LEU J 294 -18.73 28.13 -71.41
N HIS J 295 -19.66 28.87 -72.03
CA HIS J 295 -19.41 29.34 -73.38
C HIS J 295 -18.13 30.14 -73.46
N PHE J 296 -17.74 30.77 -72.35
CA PHE J 296 -16.48 31.50 -72.30
C PHE J 296 -15.29 30.57 -72.48
N PHE J 297 -15.41 29.32 -72.08
CA PHE J 297 -14.30 28.38 -72.15
C PHE J 297 -14.21 27.68 -73.48
N ILE J 298 -15.13 27.93 -74.39
CA ILE J 298 -15.11 27.33 -75.72
C ILE J 298 -14.46 28.35 -76.64
N LYS J 299 -13.13 28.32 -76.71
CA LYS J 299 -12.34 29.25 -77.49
C LYS J 299 -11.21 28.50 -78.16
N PRO J 300 -10.77 28.94 -79.33
CA PRO J 300 -9.78 28.15 -80.09
C PRO J 300 -8.49 27.90 -79.35
N ASP J 301 -8.08 28.80 -78.46
CA ASP J 301 -6.87 28.54 -77.70
C ASP J 301 -7.08 27.40 -76.72
N LYS J 302 -8.16 27.45 -75.94
CA LYS J 302 -8.46 26.36 -75.03
C LYS J 302 -8.81 25.07 -75.76
N LEU J 303 -9.08 25.15 -77.00
CA LEU J 303 -9.38 23.91 -77.70
C LEU J 303 -8.16 23.46 -78.49
N PRO J 304 -7.99 22.16 -78.67
CA PRO J 304 -6.89 21.65 -79.50
C PRO J 304 -7.11 21.98 -80.96
N GLY J 305 -6.23 21.49 -81.83
CA GLY J 305 -6.31 21.79 -83.24
C GLY J 305 -7.69 21.58 -83.83
N LEU J 306 -8.32 22.68 -84.21
CA LEU J 306 -9.66 22.68 -84.78
C LEU J 306 -9.82 23.94 -85.62
N PRO J 307 -10.76 23.95 -86.57
CA PRO J 307 -10.89 25.12 -87.44
C PRO J 307 -11.38 26.35 -86.66
N GLY J 308 -10.74 27.49 -86.94
CA GLY J 308 -10.99 28.71 -86.22
C GLY J 308 -12.45 29.11 -86.19
N PRO J 309 -13.00 29.50 -87.34
CA PRO J 309 -14.40 29.97 -87.34
C PRO J 309 -15.39 28.90 -86.90
N LEU J 310 -15.04 27.62 -87.07
CA LEU J 310 -15.95 26.57 -86.62
C LEU J 310 -16.10 26.57 -85.11
N VAL J 311 -15.04 26.94 -84.38
CA VAL J 311 -15.22 27.00 -82.94
C VAL J 311 -16.06 28.20 -82.56
N LYS J 312 -16.03 29.26 -83.37
CA LYS J 312 -16.97 30.36 -83.16
C LYS J 312 -18.40 29.87 -83.33
N LYS J 313 -18.66 29.14 -84.42
CA LYS J 313 -19.95 28.51 -84.61
C LYS J 313 -20.35 27.68 -83.39
N LEU J 314 -19.42 26.85 -82.93
CA LEU J 314 -19.70 25.95 -81.82
C LEU J 314 -20.04 26.72 -80.56
N SER J 315 -19.26 27.75 -80.26
CA SER J 315 -19.53 28.57 -79.08
C SER J 315 -20.90 29.21 -79.17
N LYS J 316 -21.25 29.74 -80.34
CA LYS J 316 -22.56 30.35 -80.48
C LYS J 316 -23.66 29.33 -80.28
N THR J 317 -23.48 28.12 -80.82
CA THR J 317 -24.50 27.09 -80.68
C THR J 317 -24.68 26.68 -79.22
N VAL J 318 -23.57 26.44 -78.53
CA VAL J 318 -23.64 26.07 -77.12
C VAL J 318 -24.31 27.18 -76.33
N GLU J 319 -23.92 28.42 -76.59
CA GLU J 319 -24.49 29.55 -75.87
C GLU J 319 -25.99 29.67 -76.10
N THR J 320 -26.42 29.50 -77.34
CA THR J 320 -27.84 29.54 -77.64
C THR J 320 -28.58 28.40 -76.96
N ALA J 321 -27.98 27.21 -76.93
CA ALA J 321 -28.59 26.10 -76.22
C ALA J 321 -28.77 26.45 -74.75
N VAL J 322 -27.75 27.05 -74.15
CA VAL J 322 -27.86 27.51 -72.77
C VAL J 322 -29.04 28.46 -72.64
N ARG J 323 -29.01 29.55 -73.41
CA ARG J 323 -30.07 30.53 -73.48
C ARG J 323 -31.44 29.88 -73.47
N HIS J 324 -31.64 28.94 -74.41
CA HIS J 324 -32.87 28.16 -74.44
C HIS J 324 -33.14 27.52 -73.08
N TYR J 325 -32.20 26.72 -72.60
CA TYR J 325 -32.37 26.03 -71.33
C TYR J 325 -32.48 27.02 -70.17
N TYR J 326 -31.99 28.25 -70.37
CA TYR J 326 -31.95 29.19 -69.26
C TYR J 326 -33.31 29.88 -69.07
N THR J 327 -33.80 30.56 -70.11
CA THR J 327 -35.03 31.32 -69.97
C THR J 327 -36.22 30.42 -69.65
N PHE J 328 -36.59 29.58 -70.60
CA PHE J 328 -37.58 28.54 -70.41
C PHE J 328 -36.86 27.20 -70.44
N ASN J 329 -37.64 26.12 -70.45
CA ASN J 329 -37.07 24.78 -70.49
C ASN J 329 -36.84 24.37 -71.94
N THR J 330 -36.10 25.22 -72.67
CA THR J 330 -35.54 24.92 -74.00
C THR J 330 -36.47 24.09 -74.89
N HIS J 331 -37.73 24.49 -74.98
CA HIS J 331 -38.79 23.67 -75.57
C HIS J 331 -38.85 23.83 -77.09
N PRO J 332 -38.43 22.84 -77.88
CA PRO J 332 -38.81 22.82 -79.29
C PRO J 332 -40.29 22.48 -79.47
N GLY J 333 -40.73 21.39 -78.85
CA GLY J 333 -42.12 20.98 -78.99
C GLY J 333 -42.94 20.73 -77.75
N CYS J 334 -42.31 20.32 -76.64
CA CYS J 334 -43.07 19.90 -75.46
C CYS J 334 -42.17 19.50 -74.28
N THR J 335 -42.77 19.32 -73.11
CA THR J 335 -42.08 18.69 -71.99
C THR J 335 -41.94 17.21 -72.27
N ASN J 336 -40.72 16.68 -72.13
CA ASN J 336 -40.52 15.36 -72.72
C ASN J 336 -40.22 14.24 -71.73
N VAL J 337 -39.30 14.44 -70.79
CA VAL J 337 -38.86 13.30 -69.98
C VAL J 337 -39.89 12.94 -68.92
N ASP J 338 -40.61 13.92 -68.40
CA ASP J 338 -41.65 13.66 -67.41
C ASP J 338 -42.82 12.96 -68.09
N SER J 339 -43.14 11.75 -67.61
CA SER J 339 -44.17 10.91 -68.21
C SER J 339 -43.90 10.76 -69.71
N PRO J 340 -42.92 9.93 -70.11
CA PRO J 340 -42.48 9.94 -71.51
C PRO J 340 -43.50 9.38 -72.48
N ASN J 341 -44.72 9.12 -72.00
CA ASN J 341 -45.75 8.48 -72.82
C ASN J 341 -46.16 9.27 -74.06
N PHE J 342 -46.74 10.46 -73.89
CA PHE J 342 -47.33 11.19 -75.01
C PHE J 342 -46.55 12.45 -75.37
N ASN J 343 -45.24 12.45 -75.16
CA ASN J 343 -44.42 13.65 -75.33
C ASN J 343 -43.44 13.49 -76.49
N PHE J 344 -43.11 14.62 -77.10
CA PHE J 344 -42.06 14.68 -78.11
C PHE J 344 -40.71 14.71 -77.40
N GLN J 345 -39.96 13.62 -77.51
CA GLN J 345 -38.81 13.38 -76.63
C GLN J 345 -37.50 13.26 -77.38
N ALA J 346 -37.34 14.02 -78.47
CA ALA J 346 -36.01 14.21 -79.03
C ALA J 346 -35.27 15.36 -78.39
N ASN J 347 -35.97 16.21 -77.63
CA ASN J 347 -35.38 17.29 -76.87
C ASN J 347 -35.18 16.86 -75.42
N MET J 348 -34.93 17.83 -74.55
CA MET J 348 -34.90 17.62 -73.10
C MET J 348 -35.75 18.67 -72.43
N ASP J 349 -36.67 18.22 -71.57
CA ASP J 349 -37.59 19.12 -70.89
C ASP J 349 -38.28 18.43 -69.72
N ASP J 350 -38.23 19.03 -68.54
CA ASP J 350 -38.71 18.42 -67.30
C ASP J 350 -39.56 19.41 -66.50
N ASP J 351 -40.55 20.04 -67.15
CA ASP J 351 -41.37 21.05 -66.51
C ASP J 351 -42.07 20.55 -65.25
N SER J 352 -43.05 19.65 -65.40
CA SER J 352 -43.78 19.06 -64.29
C SER J 352 -44.76 18.01 -64.79
N CYS J 353 -45.34 17.24 -63.88
CA CYS J 353 -46.14 16.07 -64.22
C CYS J 353 -47.60 16.15 -63.81
N ASP J 354 -47.88 16.75 -62.65
CA ASP J 354 -49.24 16.71 -62.08
C ASP J 354 -50.19 17.70 -62.73
N ALA J 355 -49.88 18.19 -63.93
CA ALA J 355 -50.74 19.15 -64.61
C ALA J 355 -52.05 18.49 -65.00
N LYS J 356 -53.17 19.07 -64.57
CA LYS J 356 -54.50 18.64 -64.99
C LYS J 356 -55.36 19.80 -65.48
N VAL J 357 -54.97 21.04 -65.19
CA VAL J 357 -55.73 22.21 -65.61
C VAL J 357 -54.87 23.07 -66.52
N THR J 358 -55.54 23.89 -67.33
CA THR J 358 -54.89 24.90 -68.16
C THR J 358 -55.32 26.32 -67.78
N ASN J 359 -55.67 26.56 -66.52
CA ASN J 359 -56.20 27.83 -66.08
C ASN J 359 -55.11 28.90 -66.10
N PHE J 360 -55.52 30.15 -65.83
CA PHE J 360 -54.64 31.29 -66.05
C PHE J 360 -53.91 31.67 -64.77
N THR J 361 -53.13 32.75 -64.86
CA THR J 361 -52.34 33.23 -63.72
C THR J 361 -53.24 33.88 -62.68
N PHE J 362 -53.70 33.09 -61.71
CA PHE J 362 -54.64 33.55 -60.71
C PHE J 362 -53.91 33.84 -59.40
N GLY J 363 -53.23 34.98 -59.39
CA GLY J 363 -52.44 35.40 -58.25
C GLY J 363 -53.28 35.96 -57.11
N GLY J 364 -52.58 36.47 -56.10
CA GLY J 364 -53.24 37.07 -54.96
C GLY J 364 -53.38 36.16 -53.75
N VAL J 365 -53.42 36.76 -52.56
CA VAL J 365 -53.57 36.01 -51.31
C VAL J 365 -54.35 36.85 -50.31
N TYR J 366 -55.42 36.30 -49.75
CA TYR J 366 -56.36 37.10 -48.98
C TYR J 366 -57.19 36.21 -48.08
N GLN J 367 -57.75 36.81 -47.03
CA GLN J 367 -58.49 36.09 -46.00
C GLN J 367 -59.26 37.08 -45.13
N GLU J 368 -59.80 36.57 -44.02
CA GLU J 368 -60.53 37.39 -43.04
C GLU J 368 -60.50 36.67 -41.70
N CYS J 369 -59.94 37.33 -40.68
CA CYS J 369 -59.86 36.79 -39.33
C CYS J 369 -60.91 37.48 -38.46
N THR J 370 -62.05 36.81 -38.30
CA THR J 370 -63.14 37.37 -37.50
C THR J 370 -63.13 36.80 -36.09
N GLU J 371 -63.31 37.69 -35.12
CA GLU J 371 -63.34 37.33 -33.71
C GLU J 371 -64.78 37.02 -33.29
N LEU J 372 -64.95 35.92 -32.55
CA LEU J 372 -66.24 35.61 -31.98
C LEU J 372 -66.37 36.05 -30.52
N SER J 373 -65.32 35.89 -29.73
CA SER J 373 -65.35 36.31 -28.34
C SER J 373 -63.92 36.42 -27.82
N GLY J 374 -63.70 37.35 -26.89
CA GLY J 374 -62.36 37.62 -26.40
C GLY J 374 -61.47 38.25 -27.45
N ASP J 375 -60.24 38.61 -27.08
CA ASP J 375 -59.26 39.15 -28.02
C ASP J 375 -57.95 38.39 -27.83
N VAL J 376 -57.84 37.23 -28.47
CA VAL J 376 -56.62 36.44 -28.43
C VAL J 376 -56.22 36.02 -29.84
N LEU J 377 -57.13 35.35 -30.54
CA LEU J 377 -56.79 34.67 -31.77
C LEU J 377 -56.68 35.61 -32.96
N CYS J 378 -57.26 36.80 -32.88
CA CYS J 378 -57.15 37.74 -33.99
C CYS J 378 -55.72 38.21 -34.23
N GLN J 379 -54.89 38.24 -33.19
CA GLN J 379 -53.56 38.80 -33.33
C GLN J 379 -52.63 37.90 -34.11
N ASN J 380 -52.87 36.58 -34.10
CA ASN J 380 -52.01 35.62 -34.77
C ASN J 380 -52.65 34.95 -35.98
N LEU J 381 -53.97 34.91 -36.07
CA LEU J 381 -54.63 34.40 -37.25
C LEU J 381 -54.92 35.49 -38.28
N GLU J 382 -54.22 36.61 -38.21
CA GLU J 382 -54.43 37.70 -39.16
C GLU J 382 -53.48 37.55 -40.34
N GLN J 383 -53.89 36.79 -41.35
CA GLN J 383 -53.04 36.49 -42.50
C GLN J 383 -53.28 37.48 -43.63
N LYS J 384 -53.18 38.77 -43.27
CA LYS J 384 -53.67 39.83 -44.15
C LYS J 384 -53.00 39.77 -45.51
N ASN J 385 -53.67 40.36 -46.50
CA ASN J 385 -53.20 40.33 -47.88
C ASN J 385 -51.85 41.04 -47.97
N LEU J 386 -50.96 40.50 -48.81
CA LEU J 386 -49.69 41.17 -49.06
C LEU J 386 -49.76 42.09 -50.27
N LEU J 387 -50.57 41.78 -51.28
CA LEU J 387 -50.53 42.54 -52.53
C LEU J 387 -51.09 43.95 -52.35
N THR J 388 -51.71 44.23 -51.20
CA THR J 388 -52.30 45.54 -50.95
C THR J 388 -51.84 46.19 -49.66
N GLY J 389 -51.23 45.45 -48.75
CA GLY J 389 -50.83 46.02 -47.48
C GLY J 389 -51.92 46.05 -46.43
N ASP J 390 -53.10 45.53 -46.73
CA ASP J 390 -54.22 45.49 -45.81
C ASP J 390 -55.21 44.46 -46.33
N PHE J 391 -56.39 44.44 -45.71
CA PHE J 391 -57.44 43.49 -46.10
C PHE J 391 -58.12 44.00 -47.37
N SER J 392 -57.56 43.58 -48.51
CA SER J 392 -58.14 43.89 -49.81
C SER J 392 -57.59 42.92 -50.83
N CYS J 393 -58.25 42.83 -51.98
CA CYS J 393 -57.66 42.16 -53.12
C CYS J 393 -56.90 43.17 -53.97
N PRO J 394 -55.98 42.72 -54.82
CA PRO J 394 -55.32 43.62 -55.75
C PRO J 394 -56.23 43.95 -56.92
N PRO J 395 -56.03 45.11 -57.55
CA PRO J 395 -56.88 45.48 -58.71
C PRO J 395 -56.77 44.47 -59.83
N GLY J 396 -57.91 44.12 -60.39
CA GLY J 396 -57.97 43.07 -61.40
C GLY J 396 -58.19 41.68 -60.85
N TYR J 397 -58.35 41.54 -59.54
CA TYR J 397 -58.53 40.26 -58.89
C TYR J 397 -59.81 40.29 -58.07
N SER J 398 -60.25 39.12 -57.64
CA SER J 398 -61.50 39.03 -56.88
C SER J 398 -61.27 38.26 -55.59
N PRO J 399 -61.55 38.88 -54.45
CA PRO J 399 -61.35 38.21 -53.15
C PRO J 399 -62.51 37.27 -52.82
N VAL J 400 -62.61 36.20 -53.58
CA VAL J 400 -63.71 35.25 -53.42
C VAL J 400 -63.42 34.33 -52.25
N HIS J 401 -64.45 34.06 -51.46
CA HIS J 401 -64.28 33.44 -50.15
C HIS J 401 -63.79 32.00 -50.23
N LEU J 402 -62.55 31.78 -49.80
CA LEU J 402 -61.97 30.44 -49.87
C LEU J 402 -62.69 29.48 -48.92
N LEU J 403 -62.68 29.77 -47.62
CA LEU J 403 -63.35 28.91 -46.65
C LEU J 403 -63.52 29.65 -45.33
N SER J 404 -64.66 29.43 -44.67
CA SER J 404 -64.90 29.93 -43.34
C SER J 404 -64.75 28.80 -42.34
N GLN J 405 -64.24 29.14 -41.15
CA GLN J 405 -64.01 28.13 -40.13
C GLN J 405 -63.89 28.81 -38.76
N THR J 406 -64.15 28.05 -37.71
CA THR J 406 -64.13 28.57 -36.35
C THR J 406 -63.29 27.68 -35.45
N HIS J 407 -62.75 28.27 -34.40
CA HIS J 407 -61.95 27.56 -33.41
C HIS J 407 -62.35 28.05 -32.02
N GLU J 408 -62.03 27.22 -31.02
CA GLU J 408 -62.39 27.51 -29.64
C GLU J 408 -61.21 27.14 -28.75
N GLU J 409 -60.47 28.14 -28.31
CA GLU J 409 -59.31 27.92 -27.45
C GLU J 409 -59.46 28.77 -26.19
N GLY J 410 -58.81 28.34 -25.12
CA GLY J 410 -58.91 29.02 -23.85
C GLY J 410 -57.53 29.42 -23.34
N TYR J 411 -57.41 30.70 -22.97
CA TYR J 411 -56.20 31.21 -22.35
C TYR J 411 -56.58 31.91 -21.06
N SER J 412 -55.86 31.58 -19.99
CA SER J 412 -56.01 32.28 -18.72
C SER J 412 -55.42 33.67 -18.87
N ARG J 413 -56.29 34.67 -19.02
CA ARG J 413 -55.86 36.00 -19.44
C ARG J 413 -55.10 36.69 -18.32
N LEU J 414 -54.73 37.94 -18.57
CA LEU J 414 -54.07 38.79 -17.59
C LEU J 414 -55.12 39.65 -16.88
N GLU J 415 -54.94 39.83 -15.58
CA GLU J 415 -55.86 40.66 -14.82
C GLU J 415 -55.14 41.25 -13.61
N CYS J 416 -54.77 42.53 -13.71
CA CYS J 416 -54.15 43.26 -12.61
C CYS J 416 -55.00 44.50 -12.40
N LYS J 417 -56.04 44.37 -11.57
CA LYS J 417 -57.01 45.43 -11.36
C LYS J 417 -57.03 45.84 -9.90
N LYS J 418 -57.24 47.13 -9.67
CA LYS J 418 -57.35 47.67 -8.32
C LYS J 418 -58.83 47.87 -7.98
N LYS J 419 -59.19 47.55 -6.74
CA LYS J 419 -60.56 47.66 -6.27
C LYS J 419 -60.58 48.43 -4.96
N CYS J 420 -61.41 49.47 -4.90
CA CYS J 420 -61.62 50.23 -3.67
C CYS J 420 -62.58 49.48 -2.77
N THR J 421 -62.33 49.56 -1.46
CA THR J 421 -63.22 48.90 -0.50
C THR J 421 -64.44 49.78 -0.20
N LEU J 422 -64.21 50.95 0.38
CA LEU J 422 -65.28 51.91 0.64
C LEU J 422 -64.84 53.33 0.27
N LYS J 423 -64.21 53.47 -0.88
CA LYS J 423 -63.72 54.71 -1.48
C LYS J 423 -62.61 55.37 -0.66
N ILE J 424 -62.22 54.80 0.48
CA ILE J 424 -61.14 55.36 1.29
C ILE J 424 -59.84 54.64 0.92
N PHE J 425 -59.85 53.33 1.05
CA PHE J 425 -58.69 52.54 0.65
C PHE J 425 -59.06 51.64 -0.52
N CYS J 426 -58.04 51.24 -1.27
CA CYS J 426 -58.22 50.38 -2.42
C CYS J 426 -57.20 49.26 -2.36
N LYS J 427 -57.61 48.09 -2.83
CA LYS J 427 -56.74 46.93 -2.97
C LYS J 427 -56.64 46.57 -4.44
N THR J 428 -55.50 46.00 -4.81
CA THR J 428 -55.30 45.50 -6.17
C THR J 428 -55.47 43.98 -6.10
N VAL J 429 -56.56 43.48 -6.66
CA VAL J 429 -56.87 42.06 -6.61
C VAL J 429 -56.47 41.45 -7.94
N CYS J 430 -55.22 41.01 -8.03
CA CYS J 430 -54.75 40.35 -9.25
C CYS J 430 -55.26 38.93 -9.24
N GLU J 431 -56.13 38.59 -10.19
CA GLU J 431 -56.71 37.26 -10.24
C GLU J 431 -57.02 36.93 -11.69
N ASP J 432 -56.12 36.16 -12.32
CA ASP J 432 -56.24 35.84 -13.73
C ASP J 432 -57.34 34.82 -13.94
N VAL J 433 -58.16 35.05 -14.96
CA VAL J 433 -59.41 34.32 -15.13
C VAL J 433 -59.38 33.52 -16.42
N PHE J 434 -60.05 32.38 -16.39
CA PHE J 434 -60.25 31.57 -17.58
C PHE J 434 -61.13 32.29 -18.59
N ARG J 435 -60.96 31.96 -19.87
CA ARG J 435 -61.81 32.49 -20.92
C ARG J 435 -61.62 31.66 -22.19
N VAL J 436 -62.70 31.11 -22.70
CA VAL J 436 -62.71 30.46 -24.01
C VAL J 436 -62.93 31.55 -25.05
N ALA J 437 -61.86 31.95 -25.72
CA ALA J 437 -62.02 32.82 -26.86
C ALA J 437 -62.35 32.00 -28.10
N LYS J 438 -62.97 32.66 -29.08
CA LYS J 438 -63.28 32.02 -30.35
C LYS J 438 -63.05 33.01 -31.47
N ALA J 439 -62.55 32.51 -32.59
CA ALA J 439 -62.39 33.30 -33.79
C ALA J 439 -62.93 32.51 -34.98
N GLU J 440 -63.59 33.21 -35.90
CA GLU J 440 -64.11 32.59 -37.12
C GLU J 440 -63.14 32.94 -38.24
N PHE J 441 -62.37 31.94 -38.66
CA PHE J 441 -61.37 32.11 -39.70
C PHE J 441 -62.06 32.05 -41.07
N ARG J 442 -62.06 33.19 -41.76
CA ARG J 442 -62.67 33.31 -43.09
C ARG J 442 -61.55 33.49 -44.11
N ALA J 443 -61.25 32.43 -44.86
CA ALA J 443 -60.27 32.54 -45.93
C ALA J 443 -60.96 33.00 -47.21
N TYR J 444 -60.31 33.90 -47.93
CA TYR J 444 -60.87 34.47 -49.16
C TYR J 444 -59.83 34.33 -50.26
N TRP J 445 -59.95 33.25 -51.04
CA TRP J 445 -58.99 33.01 -52.09
C TRP J 445 -59.02 34.14 -53.12
N CYS J 446 -57.85 34.68 -53.43
CA CYS J 446 -57.73 35.77 -54.39
C CYS J 446 -57.43 35.19 -55.76
N VAL J 447 -58.25 35.55 -56.75
CA VAL J 447 -58.14 35.05 -58.11
C VAL J 447 -58.35 36.21 -59.07
N ALA J 448 -57.61 36.20 -60.17
CA ALA J 448 -57.75 37.23 -61.18
C ALA J 448 -59.15 37.17 -61.81
N ALA J 449 -59.66 38.35 -62.16
CA ALA J 449 -60.96 38.42 -62.82
C ALA J 449 -60.84 38.06 -64.30
N GLY J 450 -59.93 38.72 -65.02
CA GLY J 450 -59.73 38.45 -66.43
C GLY J 450 -58.27 38.50 -66.83
N GLN J 451 -57.98 39.05 -68.01
CA GLN J 451 -56.61 39.16 -68.48
C GLN J 451 -55.83 40.11 -67.58
N VAL J 452 -54.65 39.67 -67.17
CA VAL J 452 -53.86 40.45 -66.20
C VAL J 452 -52.88 41.36 -66.93
N PRO J 453 -52.68 42.59 -66.47
CA PRO J 453 -51.51 43.37 -66.91
C PRO J 453 -50.27 42.89 -66.17
N ASP J 454 -49.21 42.59 -66.92
CA ASP J 454 -48.01 42.02 -66.31
C ASP J 454 -47.32 42.99 -65.37
N ASN J 455 -47.70 44.27 -65.37
CA ASN J 455 -47.11 45.22 -64.44
C ASN J 455 -47.50 44.93 -63.00
N SER J 456 -48.74 44.47 -62.76
CA SER J 456 -49.23 44.23 -61.42
C SER J 456 -49.99 42.91 -61.36
N GLY J 457 -49.57 41.94 -62.17
CA GLY J 457 -50.14 40.61 -62.11
C GLY J 457 -49.05 39.56 -61.96
N LEU J 458 -49.07 38.83 -60.85
CA LEU J 458 -47.96 37.95 -60.51
C LEU J 458 -48.42 36.51 -60.35
N LEU J 459 -47.46 35.60 -60.51
CA LEU J 459 -47.64 34.17 -60.34
C LEU J 459 -46.88 33.70 -59.10
N PHE J 460 -47.35 32.61 -58.51
CA PHE J 460 -46.85 32.17 -57.21
C PHE J 460 -46.83 30.64 -57.18
N GLY J 461 -46.71 30.08 -55.98
CA GLY J 461 -46.75 28.65 -55.81
C GLY J 461 -46.13 28.17 -54.50
N GLY J 462 -46.63 27.05 -53.97
CA GLY J 462 -46.08 26.47 -52.76
C GLY J 462 -47.03 26.48 -51.58
N VAL J 463 -47.56 25.31 -51.22
CA VAL J 463 -48.52 25.19 -50.13
C VAL J 463 -48.23 23.91 -49.36
N PHE J 464 -48.32 23.98 -48.04
CA PHE J 464 -48.03 22.85 -47.17
C PHE J 464 -48.38 23.21 -45.74
N THR J 465 -48.57 22.20 -44.91
CA THR J 465 -48.79 22.39 -43.49
C THR J 465 -47.56 21.94 -42.72
N ASP J 466 -47.62 22.08 -41.39
CA ASP J 466 -46.57 21.53 -40.55
C ASP J 466 -46.56 20.01 -40.56
N LYS J 467 -47.70 19.39 -40.89
CA LYS J 467 -47.83 17.95 -40.94
C LYS J 467 -47.76 17.39 -42.35
N THR J 468 -48.40 18.04 -43.31
CA THR J 468 -48.34 17.61 -44.70
C THR J 468 -47.09 18.16 -45.36
N ILE J 469 -46.37 17.28 -46.04
CA ILE J 469 -45.13 17.65 -46.71
C ILE J 469 -45.45 18.54 -47.91
N ASN J 470 -44.49 19.38 -48.29
CA ASN J 470 -44.62 20.21 -49.47
C ASN J 470 -44.03 19.47 -50.66
N PRO J 471 -44.82 18.81 -51.50
CA PRO J 471 -44.24 18.12 -52.66
C PRO J 471 -43.68 19.08 -53.68
N MET J 472 -44.13 20.33 -53.67
CA MET J 472 -43.48 21.39 -54.43
C MET J 472 -41.97 21.38 -54.20
N THR J 473 -41.55 21.51 -52.94
CA THR J 473 -40.13 21.55 -52.62
C THR J 473 -39.64 20.26 -51.97
N ASN J 474 -40.54 19.28 -51.73
CA ASN J 474 -40.19 18.05 -51.02
C ASN J 474 -39.60 18.35 -49.65
N ALA J 475 -40.19 19.30 -48.95
CA ALA J 475 -39.70 19.70 -47.63
C ALA J 475 -40.88 20.19 -46.80
N GLN J 476 -40.60 20.81 -45.66
CA GLN J 476 -41.60 21.39 -44.79
C GLN J 476 -41.32 22.88 -44.53
N SER J 477 -40.76 23.55 -45.53
CA SER J 477 -40.39 24.96 -45.41
C SER J 477 -40.64 25.64 -46.74
N CYS J 478 -40.19 26.87 -46.83
CA CYS J 478 -40.36 27.63 -48.06
C CYS J 478 -39.14 27.48 -48.96
N PRO J 479 -39.34 27.29 -50.25
CA PRO J 479 -38.22 27.31 -51.19
C PRO J 479 -37.63 28.71 -51.29
N ALA J 480 -36.43 28.76 -51.84
CA ALA J 480 -35.69 30.02 -51.91
C ALA J 480 -36.46 31.05 -52.73
N GLY J 481 -36.48 32.28 -52.25
CA GLY J 481 -37.26 33.33 -52.89
C GLY J 481 -38.74 33.25 -52.63
N TYR J 482 -39.16 32.75 -51.48
CA TYR J 482 -40.56 32.58 -51.15
C TYR J 482 -40.80 33.02 -49.71
N ILE J 483 -41.74 33.93 -49.51
CA ILE J 483 -42.27 34.19 -48.18
C ILE J 483 -43.36 33.16 -47.93
N PRO J 484 -43.30 32.40 -46.85
CA PRO J 484 -44.42 31.51 -46.54
C PRO J 484 -45.57 32.30 -45.93
N LEU J 485 -46.61 32.54 -46.73
CA LEU J 485 -47.77 33.29 -46.27
C LEU J 485 -48.73 32.32 -45.60
N ASN J 486 -48.89 32.45 -44.29
CA ASN J 486 -49.61 31.46 -43.50
C ASN J 486 -51.12 31.69 -43.58
N LEU J 487 -51.61 31.79 -44.81
CA LEU J 487 -53.01 32.10 -45.09
C LEU J 487 -53.99 31.28 -44.27
N PHE J 488 -53.70 30.01 -44.03
CA PHE J 488 -54.68 29.10 -43.47
C PHE J 488 -54.36 28.81 -42.01
N GLU J 489 -55.14 27.90 -41.42
CA GLU J 489 -54.89 27.46 -40.04
C GLU J 489 -53.46 26.96 -39.87
N SER J 490 -53.01 26.09 -40.78
CA SER J 490 -51.65 25.56 -40.72
C SER J 490 -50.89 25.65 -42.04
N LEU J 491 -51.52 26.11 -43.11
CA LEU J 491 -50.84 26.24 -44.39
C LEU J 491 -49.93 27.46 -44.35
N LYS J 492 -48.80 27.36 -45.04
CA LYS J 492 -47.90 28.50 -45.25
C LYS J 492 -47.75 28.63 -46.76
N VAL J 493 -48.68 29.35 -47.38
CA VAL J 493 -48.72 29.46 -48.84
C VAL J 493 -47.52 30.28 -49.29
N CYS J 494 -46.54 29.62 -49.87
CA CYS J 494 -45.34 30.28 -50.35
C CYS J 494 -45.67 31.20 -51.52
N VAL J 495 -44.96 32.31 -51.59
CA VAL J 495 -45.23 33.33 -52.61
C VAL J 495 -44.04 33.42 -53.56
N SER J 496 -44.31 33.33 -54.85
CA SER J 496 -43.30 33.65 -55.86
C SER J 496 -43.33 35.15 -56.14
N LEU J 497 -43.02 35.91 -55.09
CA LEU J 497 -43.10 37.36 -55.14
C LEU J 497 -42.13 37.96 -56.16
N ASP J 498 -41.12 37.21 -56.60
CA ASP J 498 -40.16 37.68 -57.58
C ASP J 498 -40.06 36.71 -58.75
N TYR J 499 -39.75 37.26 -59.93
CA TYR J 499 -39.64 36.49 -61.16
C TYR J 499 -38.48 35.50 -61.10
N GLU J 500 -37.48 35.78 -60.28
CA GLU J 500 -36.09 35.40 -60.57
C GLU J 500 -35.97 33.92 -60.90
N LEU J 501 -36.24 33.06 -59.91
CA LEU J 501 -36.23 31.63 -60.18
C LEU J 501 -37.65 31.09 -60.31
N GLY J 502 -38.65 31.92 -60.02
CA GLY J 502 -40.03 31.53 -60.18
C GLY J 502 -40.37 31.17 -61.61
N PHE J 503 -39.84 31.93 -62.57
CA PHE J 503 -40.14 31.67 -63.98
C PHE J 503 -39.95 30.20 -64.35
N LYS J 504 -38.96 29.53 -63.75
CA LYS J 504 -38.73 28.12 -63.99
C LYS J 504 -39.22 27.23 -62.85
N PHE J 505 -39.50 27.78 -61.68
CA PHE J 505 -40.10 27.04 -60.58
C PHE J 505 -41.29 27.85 -60.09
N SER J 506 -42.41 27.75 -60.83
CA SER J 506 -43.66 28.41 -60.47
C SER J 506 -44.82 27.44 -60.36
N VAL J 507 -45.02 26.59 -61.38
CA VAL J 507 -46.16 25.69 -61.45
C VAL J 507 -47.44 26.52 -61.41
N PRO J 508 -47.83 27.16 -62.53
CA PRO J 508 -48.83 28.24 -62.49
C PRO J 508 -50.22 27.79 -62.05
N PHE J 509 -50.40 27.81 -60.73
CA PHE J 509 -51.55 27.25 -60.04
C PHE J 509 -52.84 27.97 -60.43
N GLY J 510 -53.94 27.44 -59.88
CA GLY J 510 -55.19 28.17 -59.79
C GLY J 510 -55.72 28.13 -58.37
N GLY J 511 -57.02 28.35 -58.24
CA GLY J 511 -57.63 28.36 -56.92
C GLY J 511 -58.87 27.51 -56.79
N PHE J 512 -59.19 27.10 -55.56
CA PHE J 512 -60.35 26.26 -55.32
C PHE J 512 -60.73 26.33 -53.86
N PHE J 513 -62.03 26.47 -53.60
CA PHE J 513 -62.58 26.54 -52.25
C PHE J 513 -62.58 25.15 -51.63
N SER J 514 -63.27 25.00 -50.52
CA SER J 514 -63.46 23.67 -49.96
C SER J 514 -64.50 22.91 -50.78
N CYS J 515 -64.56 21.59 -50.56
CA CYS J 515 -65.51 20.76 -51.30
C CYS J 515 -66.95 21.15 -50.98
N ILE J 516 -67.19 21.77 -49.83
CA ILE J 516 -68.52 22.28 -49.52
C ILE J 516 -68.70 23.71 -50.04
N MET J 517 -67.65 24.53 -49.99
CA MET J 517 -67.69 25.88 -50.54
C MET J 517 -67.63 25.79 -52.06
N GLY J 518 -67.66 26.94 -52.73
CA GLY J 518 -67.74 26.97 -54.17
C GLY J 518 -66.41 26.77 -54.90
N ASN J 519 -66.14 27.64 -55.87
CA ASN J 519 -64.95 27.56 -56.69
C ASN J 519 -64.85 28.83 -57.53
N PRO J 520 -63.65 29.26 -57.89
CA PRO J 520 -63.50 30.54 -58.59
C PRO J 520 -63.66 30.46 -60.10
N LEU J 521 -63.40 29.31 -60.71
CA LEU J 521 -63.30 29.24 -62.17
C LEU J 521 -64.27 28.21 -62.74
N VAL J 522 -64.33 28.21 -64.08
CA VAL J 522 -65.32 27.42 -64.81
C VAL J 522 -64.76 26.03 -65.11
N ASN J 523 -65.68 25.09 -65.32
CA ASN J 523 -65.33 23.75 -65.77
C ASN J 523 -65.85 23.55 -67.19
N ALA J 532 -71.62 35.99 -62.73
CA ALA J 532 -72.77 35.16 -63.06
C ALA J 532 -72.68 33.82 -62.35
N PRO J 533 -73.07 33.77 -61.08
CA PRO J 533 -72.96 32.52 -60.31
C PRO J 533 -73.97 31.48 -60.77
N SER J 534 -73.49 30.48 -61.51
CA SER J 534 -74.31 29.36 -61.93
C SER J 534 -73.65 28.00 -61.67
N LEU J 535 -72.34 27.96 -61.48
CA LEU J 535 -71.62 26.72 -61.27
C LEU J 535 -71.11 26.63 -59.85
N LYS J 536 -71.09 25.41 -59.30
CA LYS J 536 -70.46 25.15 -58.01
C LYS J 536 -69.91 23.73 -58.03
N LYS J 537 -68.67 23.60 -58.48
CA LYS J 537 -67.93 22.34 -58.47
C LYS J 537 -66.53 22.64 -58.99
N CYS J 538 -65.62 21.68 -58.82
CA CYS J 538 -64.19 21.90 -59.03
C CYS J 538 -63.95 22.78 -60.26
N PRO J 539 -63.16 23.85 -60.12
CA PRO J 539 -63.04 24.83 -61.22
C PRO J 539 -62.16 24.33 -62.35
N GLY J 540 -62.77 23.60 -63.28
CA GLY J 540 -62.03 22.98 -64.36
C GLY J 540 -61.66 21.55 -64.02
N GLY J 541 -60.42 21.16 -64.28
CA GLY J 541 -59.97 19.84 -63.94
C GLY J 541 -59.31 19.79 -62.57
N PHE J 542 -58.07 19.30 -62.53
CA PHE J 542 -57.30 19.15 -61.30
C PHE J 542 -58.09 18.30 -60.29
N SER J 543 -58.18 17.02 -60.61
CA SER J 543 -58.81 16.04 -59.74
C SER J 543 -58.22 16.10 -58.35
N GLN J 544 -58.82 15.38 -57.41
CA GLN J 544 -58.66 15.69 -55.99
C GLN J 544 -57.22 15.41 -55.57
N HIS J 545 -56.37 16.40 -55.79
CA HIS J 545 -55.00 16.40 -55.32
C HIS J 545 -54.97 17.09 -53.96
N LEU J 546 -55.01 16.29 -52.90
CA LEU J 546 -55.16 16.82 -51.55
C LEU J 546 -54.06 17.81 -51.20
N ALA J 547 -54.44 18.84 -50.46
CA ALA J 547 -53.49 19.75 -49.85
C ALA J 547 -53.63 19.83 -48.35
N VAL J 548 -54.87 19.84 -47.84
CA VAL J 548 -55.12 19.91 -46.41
C VAL J 548 -56.58 19.58 -46.15
N ILE J 549 -56.86 18.97 -45.00
CA ILE J 549 -58.24 18.75 -44.57
C ILE J 549 -58.54 19.73 -43.45
N SER J 550 -59.76 20.24 -43.45
CA SER J 550 -60.22 21.11 -42.36
C SER J 550 -61.55 20.57 -41.86
N ASP J 551 -61.51 19.94 -40.68
CA ASP J 551 -62.68 19.36 -40.01
C ASP J 551 -63.64 18.66 -40.96
N GLY J 552 -63.11 17.86 -41.89
CA GLY J 552 -63.95 17.08 -42.77
C GLY J 552 -63.89 17.47 -44.23
N CYS J 553 -63.84 18.76 -44.51
CA CYS J 553 -63.76 19.25 -45.88
C CYS J 553 -62.31 19.28 -46.32
N GLN J 554 -62.05 18.89 -47.57
CA GLN J 554 -60.72 18.96 -48.14
C GLN J 554 -60.55 20.24 -48.94
N VAL J 555 -59.38 20.86 -48.80
CA VAL J 555 -59.06 22.10 -49.49
C VAL J 555 -58.01 21.81 -50.54
N SER J 556 -58.37 21.99 -51.81
CA SER J 556 -57.46 21.73 -52.92
C SER J 556 -57.40 22.94 -53.84
N TYR J 557 -56.81 22.79 -55.02
CA TYR J 557 -56.65 23.90 -55.94
C TYR J 557 -56.88 23.41 -57.36
N CYS J 558 -56.47 24.22 -58.34
CA CYS J 558 -56.31 23.79 -59.73
C CYS J 558 -54.93 24.26 -60.15
N VAL J 559 -53.91 23.46 -59.84
CA VAL J 559 -52.53 23.88 -60.02
C VAL J 559 -52.06 23.42 -61.39
N LYS J 560 -52.01 24.37 -62.34
CA LYS J 560 -51.51 24.10 -63.68
C LYS J 560 -49.99 24.06 -63.63
N ALA J 561 -49.40 23.28 -64.51
CA ALA J 561 -47.95 23.06 -64.54
C ALA J 561 -47.39 23.36 -65.92
N GLY J 562 -47.77 24.51 -66.48
CA GLY J 562 -47.38 24.85 -67.84
C GLY J 562 -45.93 25.24 -68.03
N ILE J 563 -45.68 26.22 -68.90
CA ILE J 563 -44.32 26.56 -69.30
C ILE J 563 -43.54 27.21 -68.17
N THR K 13 -14.72 -7.07 -63.54
CA THR K 13 -15.48 -6.06 -62.81
C THR K 13 -15.42 -6.34 -61.31
N GLY K 14 -14.37 -7.01 -60.89
CA GLY K 14 -14.21 -7.41 -59.49
C GLY K 14 -13.38 -6.36 -58.77
N PHE K 15 -14.05 -5.55 -57.94
CA PHE K 15 -13.32 -4.55 -57.17
C PHE K 15 -12.43 -5.17 -56.11
N GLN K 16 -12.53 -6.48 -55.88
CA GLN K 16 -11.78 -7.11 -54.82
C GLN K 16 -10.28 -6.93 -54.98
N ILE K 17 -9.81 -6.74 -56.21
CA ILE K 17 -8.37 -6.64 -56.44
C ILE K 17 -7.78 -5.47 -55.68
N CYS K 18 -8.36 -4.29 -55.82
CA CYS K 18 -7.74 -3.14 -55.19
C CYS K 18 -8.36 -2.80 -53.85
N LYS K 19 -9.59 -3.24 -53.60
CA LYS K 19 -10.05 -3.32 -52.22
C LYS K 19 -9.07 -4.15 -51.40
N ASN K 20 -8.36 -5.07 -52.04
CA ASN K 20 -7.31 -5.82 -51.39
C ASN K 20 -6.00 -5.03 -51.39
N ALA K 21 -5.69 -4.36 -52.51
CA ALA K 21 -4.47 -3.57 -52.56
C ALA K 21 -4.47 -2.49 -51.48
N LEU K 22 -5.39 -1.55 -51.56
CA LEU K 22 -5.59 -0.55 -50.54
C LEU K 22 -6.83 -0.91 -49.74
N LYS K 23 -6.77 -0.73 -48.43
CA LYS K 23 -7.70 -1.40 -47.54
C LYS K 23 -9.02 -0.68 -47.35
N LEU K 24 -9.38 0.21 -48.22
CA LEU K 24 -10.60 0.95 -47.97
C LEU K 24 -11.83 0.15 -48.39
N PRO K 25 -12.99 0.43 -47.80
CA PRO K 25 -14.22 -0.24 -48.20
C PRO K 25 -14.91 0.46 -49.34
N VAL K 26 -15.48 -0.35 -50.24
CA VAL K 26 -16.15 0.23 -51.40
C VAL K 26 -17.42 0.93 -50.98
N LEU K 27 -17.70 2.05 -51.64
CA LEU K 27 -18.96 2.74 -51.41
C LEU K 27 -20.11 1.81 -51.72
N GLU K 28 -21.21 1.93 -50.98
CA GLU K 28 -22.32 1.04 -51.18
C GLU K 28 -23.31 1.58 -52.20
N VAL K 29 -23.67 2.84 -52.09
CA VAL K 29 -24.63 3.43 -52.99
C VAL K 29 -23.94 3.73 -54.30
N LEU K 30 -24.60 3.40 -55.42
CA LEU K 30 -23.99 3.61 -56.71
C LEU K 30 -25.07 3.99 -57.70
N PRO K 31 -24.81 4.93 -58.56
CA PRO K 31 -25.87 5.44 -59.43
C PRO K 31 -26.14 4.57 -60.64
N GLY K 32 -25.13 3.92 -61.18
CA GLY K 32 -25.32 3.22 -62.44
C GLY K 32 -26.16 1.99 -62.29
N GLY K 33 -27.45 2.18 -62.00
CA GLY K 33 -28.33 1.05 -61.80
C GLY K 33 -29.78 1.39 -62.05
N GLY K 34 -30.46 0.58 -62.85
CA GLY K 34 -31.84 0.83 -63.17
C GLY K 34 -32.71 0.92 -61.94
N TRP K 35 -33.91 1.44 -62.12
CA TRP K 35 -34.77 1.78 -61.00
C TRP K 35 -36.21 1.81 -61.46
N ASP K 36 -37.05 0.99 -60.84
CA ASP K 36 -38.47 0.96 -61.18
C ASP K 36 -39.14 2.14 -60.50
N ASN K 37 -39.72 3.04 -61.29
CA ASN K 37 -40.38 4.20 -60.72
C ASN K 37 -41.78 3.88 -60.20
N LEU K 38 -42.39 2.80 -60.67
CA LEU K 38 -43.73 2.45 -60.21
C LEU K 38 -43.67 1.72 -58.88
N ARG K 39 -43.06 0.54 -58.87
CA ARG K 39 -42.85 -0.16 -57.61
C ARG K 39 -41.97 0.61 -56.66
N ASN K 40 -41.14 1.52 -57.19
CA ASN K 40 -40.27 2.36 -56.38
C ASN K 40 -39.20 1.54 -55.65
N VAL K 41 -38.38 0.81 -56.41
CA VAL K 41 -37.34 -0.06 -55.86
C VAL K 41 -36.28 -0.32 -56.92
N ASP K 42 -35.01 -0.34 -56.51
CA ASP K 42 -33.91 -0.59 -57.43
C ASP K 42 -34.11 -1.87 -58.21
N MET K 43 -33.57 -1.92 -59.42
CA MET K 43 -33.83 -3.05 -60.31
C MET K 43 -32.57 -3.77 -60.78
N GLY K 44 -31.55 -3.07 -61.25
CA GLY K 44 -30.38 -3.78 -61.74
C GLY K 44 -29.44 -2.84 -62.45
N ARG K 45 -28.23 -3.35 -62.69
CA ARG K 45 -27.21 -2.56 -63.36
C ARG K 45 -27.72 -2.06 -64.71
N VAL K 46 -27.34 -0.86 -65.07
CA VAL K 46 -27.54 -0.41 -66.44
C VAL K 46 -26.22 0.13 -66.99
N MET K 47 -25.66 1.12 -66.31
CA MET K 47 -24.35 1.64 -66.66
C MET K 47 -23.30 0.79 -65.96
N ASP K 48 -22.39 0.22 -66.73
CA ASP K 48 -21.44 -0.72 -66.15
C ASP K 48 -20.51 0.00 -65.19
N LEU K 49 -20.07 -0.72 -64.17
CA LEU K 49 -19.17 -0.18 -63.15
C LEU K 49 -17.94 -1.07 -63.10
N THR K 50 -16.84 -0.58 -63.63
CA THR K 50 -15.58 -1.27 -63.56
C THR K 50 -14.78 -0.77 -62.36
N TYR K 51 -13.60 -1.33 -62.17
CA TYR K 51 -12.71 -0.84 -61.15
C TYR K 51 -11.27 -0.88 -61.63
N THR K 52 -11.05 -0.65 -62.93
CA THR K 52 -9.74 -0.87 -63.52
C THR K 52 -8.68 0.03 -62.91
N ASN K 53 -8.76 1.32 -63.19
CA ASN K 53 -7.77 2.26 -62.66
C ASN K 53 -8.22 2.69 -61.28
N CYS K 54 -8.42 1.74 -60.38
CA CYS K 54 -9.46 1.87 -59.38
C CYS K 54 -9.33 3.17 -58.61
N LYS K 55 -10.40 3.95 -58.67
CA LYS K 55 -10.46 5.28 -58.10
C LYS K 55 -10.54 5.19 -56.60
N THR K 56 -10.77 6.32 -55.96
CA THR K 56 -11.09 6.42 -54.55
C THR K 56 -11.51 7.85 -54.29
N THR K 57 -12.39 8.02 -53.32
CA THR K 57 -12.83 9.37 -53.00
C THR K 57 -11.65 10.18 -52.50
N GLU K 58 -11.75 11.50 -52.65
CA GLU K 58 -10.63 12.36 -52.33
C GLU K 58 -10.18 12.16 -50.89
N ASP K 59 -11.07 12.37 -49.94
CA ASP K 59 -10.78 12.03 -48.55
C ASP K 59 -10.82 10.52 -48.47
N GLY K 60 -9.71 9.91 -48.89
CA GLY K 60 -9.80 8.50 -49.24
C GLY K 60 -10.29 7.66 -48.09
N GLN K 61 -11.57 7.32 -48.14
CA GLN K 61 -12.11 6.29 -47.28
C GLN K 61 -13.19 5.50 -48.01
N TYR K 62 -13.10 5.43 -49.33
CA TYR K 62 -13.98 4.58 -50.12
C TYR K 62 -13.30 4.28 -51.43
N ILE K 63 -13.89 3.38 -52.20
CA ILE K 63 -13.39 3.02 -53.53
C ILE K 63 -14.55 3.13 -54.48
N ILE K 64 -14.74 4.30 -55.07
CA ILE K 64 -15.81 4.45 -56.04
C ILE K 64 -15.41 3.68 -57.29
N PRO K 65 -16.36 3.23 -58.09
CA PRO K 65 -16.00 2.67 -59.39
C PRO K 65 -15.66 3.79 -60.35
N ASP K 66 -14.81 3.49 -61.31
CA ASP K 66 -14.23 4.53 -62.12
C ASP K 66 -15.17 5.08 -63.16
N GLU K 67 -16.46 4.83 -63.03
CA GLU K 67 -17.45 5.51 -63.84
C GLU K 67 -18.30 6.48 -63.03
N VAL K 68 -17.89 6.81 -61.81
CA VAL K 68 -18.62 7.76 -60.99
C VAL K 68 -17.62 8.70 -60.33
N TYR K 69 -18.09 9.90 -60.01
CA TYR K 69 -17.31 10.87 -59.28
C TYR K 69 -18.18 11.43 -58.16
N THR K 70 -17.53 11.80 -57.06
CA THR K 70 -18.24 12.23 -55.87
C THR K 70 -17.91 13.69 -55.58
N ILE K 71 -18.82 14.33 -54.85
CA ILE K 71 -18.65 15.71 -54.41
C ILE K 71 -19.16 15.82 -52.98
N PRO K 72 -18.29 15.94 -52.02
CA PRO K 72 -18.65 15.60 -50.64
C PRO K 72 -19.18 16.77 -49.81
N GLN K 73 -20.28 16.56 -49.08
CA GLN K 73 -20.77 17.52 -48.11
C GLN K 73 -21.97 16.98 -47.35
N LYS K 74 -22.07 17.21 -46.02
CA LYS K 74 -23.35 17.49 -45.36
C LYS K 74 -23.25 17.47 -43.85
N GLU K 75 -24.36 17.85 -43.19
CA GLU K 75 -24.91 17.31 -41.93
C GLU K 75 -26.13 18.13 -41.57
N SER K 76 -27.06 17.52 -40.85
CA SER K 76 -28.23 18.26 -40.38
C SER K 76 -29.02 17.41 -39.42
N ASN K 77 -29.45 18.00 -38.32
CA ASN K 77 -30.38 17.30 -37.44
C ASN K 77 -31.14 18.33 -36.63
N LEU K 78 -32.18 17.86 -35.94
CA LEU K 78 -32.99 18.77 -35.14
C LEU K 78 -33.74 17.99 -34.08
N GLU K 79 -33.61 18.42 -32.84
CA GLU K 79 -34.32 17.86 -31.71
C GLU K 79 -35.42 18.82 -31.29
N MET K 80 -36.47 18.26 -30.70
CA MET K 80 -37.55 19.09 -30.19
C MET K 80 -38.46 18.22 -29.34
N ASN K 81 -38.94 18.78 -28.24
CA ASN K 81 -39.85 18.06 -27.36
C ASN K 81 -40.72 19.05 -26.62
N SER K 82 -41.72 18.53 -25.91
CA SER K 82 -42.68 19.37 -25.20
C SER K 82 -43.02 18.71 -23.88
N GLU K 83 -43.91 19.36 -23.13
CA GLU K 83 -44.20 18.96 -21.76
C GLU K 83 -45.57 19.51 -21.36
N VAL K 84 -46.23 18.80 -20.45
CA VAL K 84 -47.54 19.20 -19.94
C VAL K 84 -47.74 18.54 -18.58
N LEU K 85 -48.15 19.32 -17.58
CA LEU K 85 -48.45 18.80 -16.25
C LEU K 85 -49.78 19.36 -15.75
N GLU K 86 -50.22 18.85 -14.61
CA GLU K 86 -51.43 19.30 -13.93
C GLU K 86 -51.37 18.87 -12.48
N SER K 87 -52.28 19.42 -11.67
CA SER K 87 -52.53 18.93 -10.30
C SER K 87 -53.74 19.67 -9.75
N TRP K 88 -54.59 18.94 -9.01
CA TRP K 88 -55.80 19.50 -8.42
C TRP K 88 -55.91 19.07 -6.96
N MET K 89 -56.85 19.69 -6.23
CA MET K 89 -57.11 19.36 -4.83
C MET K 89 -58.55 19.71 -4.48
N ASN K 90 -58.93 19.46 -3.23
CA ASN K 90 -60.23 19.87 -2.65
C ASN K 90 -60.18 19.75 -1.14
N TYR K 91 -61.35 19.93 -0.50
CA TYR K 91 -61.46 20.04 0.94
C TYR K 91 -62.92 19.79 1.36
N GLN K 92 -63.23 20.13 2.62
CA GLN K 92 -64.38 19.56 3.33
C GLN K 92 -65.32 20.54 4.03
N SER K 93 -66.25 20.01 4.83
CA SER K 93 -67.25 20.79 5.54
C SER K 93 -67.70 20.02 6.77
N THR K 94 -68.30 20.72 7.73
CA THR K 94 -68.61 20.14 9.04
C THR K 94 -69.72 20.94 9.75
N THR K 95 -70.58 20.22 10.46
CA THR K 95 -71.56 20.84 11.35
C THR K 95 -71.64 20.04 12.64
N SER K 96 -72.20 20.68 13.68
CA SER K 96 -72.34 20.03 14.98
C SER K 96 -73.23 20.88 15.87
N LEU K 97 -74.13 20.24 16.62
CA LEU K 97 -75.01 20.92 17.56
C LEU K 97 -75.22 20.02 18.78
N SER K 98 -74.99 20.57 19.97
CA SER K 98 -75.05 19.81 21.22
C SER K 98 -75.95 20.56 22.19
N ILE K 99 -77.21 20.13 22.31
CA ILE K 99 -78.24 20.96 22.92
C ILE K 99 -79.14 20.19 23.87
N ASN K 100 -79.13 20.54 25.15
CA ASN K 100 -80.36 20.70 25.95
C ASN K 100 -79.96 20.81 27.42
N THR K 101 -80.95 21.05 28.27
CA THR K 101 -80.85 20.89 29.72
C THR K 101 -82.28 20.92 30.28
N GLU K 102 -82.43 20.54 31.55
CA GLU K 102 -83.70 20.67 32.26
C GLU K 102 -83.47 20.41 33.74
N LEU K 103 -84.32 21.03 34.58
CA LEU K 103 -84.36 20.84 36.01
C LEU K 103 -85.66 21.41 36.57
N ALA K 104 -86.05 20.94 37.75
CA ALA K 104 -87.03 21.58 38.60
C ALA K 104 -87.09 20.84 39.92
N LEU K 105 -87.70 21.48 40.92
CA LEU K 105 -87.91 20.86 42.21
C LEU K 105 -89.37 20.57 42.51
N PHE K 106 -90.28 20.85 41.59
CA PHE K 106 -91.71 20.65 41.81
C PHE K 106 -92.30 19.59 40.89
N SER K 107 -92.18 19.75 39.57
CA SER K 107 -92.80 18.80 38.65
C SER K 107 -91.95 18.37 37.47
N ARG K 108 -90.96 19.15 37.02
CA ARG K 108 -90.33 18.91 35.73
C ARG K 108 -88.81 19.01 35.84
N VAL K 109 -88.17 17.92 36.27
CA VAL K 109 -86.71 17.82 36.28
C VAL K 109 -86.29 16.68 35.35
N ASN K 110 -85.52 17.03 34.32
CA ASN K 110 -85.10 16.08 33.30
C ASN K 110 -83.65 16.33 32.90
N GLY K 111 -83.23 15.66 31.84
CA GLY K 111 -81.94 15.88 31.23
C GLY K 111 -81.99 15.52 29.76
N LYS K 112 -81.26 16.24 28.92
CA LYS K 112 -81.22 15.93 27.50
C LYS K 112 -79.96 16.52 26.88
N PHE K 113 -79.35 15.78 25.96
CA PHE K 113 -78.26 16.28 25.13
C PHE K 113 -78.33 15.53 23.80
N SER K 114 -78.99 16.13 22.82
CA SER K 114 -79.12 15.51 21.50
C SER K 114 -78.00 15.98 20.58
N THR K 115 -76.77 15.73 21.04
CA THR K 115 -75.60 16.21 20.32
C THR K 115 -75.43 15.47 19.00
N GLU K 116 -74.97 16.19 17.98
CA GLU K 116 -74.82 15.63 16.65
C GLU K 116 -73.53 16.12 16.02
N PHE K 117 -73.04 15.35 15.05
CA PHE K 117 -71.84 15.71 14.29
C PHE K 117 -72.00 15.18 12.88
N GLN K 118 -71.72 16.03 11.89
CA GLN K 118 -71.67 15.61 10.50
C GLN K 118 -70.40 16.18 9.89
N ARG K 119 -69.51 15.30 9.44
CA ARG K 119 -68.28 15.70 8.77
C ARG K 119 -68.17 14.91 7.48
N MET K 120 -67.74 15.58 6.41
CA MET K 120 -67.54 14.95 5.13
C MET K 120 -66.29 15.53 4.50
N LYS K 121 -65.18 14.80 4.58
CA LYS K 121 -63.92 15.20 3.98
C LYS K 121 -63.76 14.50 2.65
N THR K 122 -63.67 15.28 1.57
CA THR K 122 -63.40 14.74 0.25
C THR K 122 -62.16 15.38 -0.32
N LEU K 123 -61.23 14.57 -0.78
CA LEU K 123 -60.07 15.03 -1.54
C LEU K 123 -60.19 14.53 -2.96
N GLN K 124 -59.59 15.27 -3.89
CA GLN K 124 -59.52 14.84 -5.27
C GLN K 124 -58.21 15.37 -5.85
N VAL K 125 -57.17 14.56 -5.77
CA VAL K 125 -55.93 14.86 -6.47
C VAL K 125 -56.08 14.36 -7.89
N LYS K 126 -55.49 15.07 -8.85
CA LYS K 126 -55.58 14.65 -10.25
C LYS K 126 -54.32 15.14 -10.97
N ASP K 127 -53.41 14.23 -11.27
CA ASP K 127 -52.13 14.55 -11.86
C ASP K 127 -52.06 13.97 -13.27
N GLN K 128 -51.45 14.70 -14.19
CA GLN K 128 -51.41 14.27 -15.59
C GLN K 128 -50.12 14.77 -16.23
N ALA K 129 -49.11 13.92 -16.29
CA ALA K 129 -47.87 14.24 -16.97
C ALA K 129 -47.94 13.80 -18.42
N VAL K 130 -47.28 14.56 -19.29
CA VAL K 130 -47.22 14.23 -20.71
C VAL K 130 -45.88 14.67 -21.28
N THR K 131 -45.13 13.72 -21.84
CA THR K 131 -43.86 14.01 -22.48
C THR K 131 -43.95 13.57 -23.94
N THR K 132 -43.24 14.28 -24.81
CA THR K 132 -43.28 13.96 -26.24
C THR K 132 -42.00 14.48 -26.88
N ARG K 133 -41.07 13.58 -27.18
CA ARG K 133 -39.85 13.94 -27.88
C ARG K 133 -39.93 13.48 -29.32
N VAL K 134 -39.29 14.25 -30.20
CA VAL K 134 -39.12 13.90 -31.61
C VAL K 134 -37.78 14.47 -32.00
N GLN K 135 -36.93 13.67 -32.62
CA GLN K 135 -35.64 14.20 -33.04
C GLN K 135 -35.10 13.38 -34.18
N VAL K 136 -34.54 14.05 -35.18
CA VAL K 136 -34.29 13.49 -36.49
C VAL K 136 -32.92 13.93 -36.98
N ARG K 137 -32.14 12.98 -37.52
CA ARG K 137 -30.81 13.24 -38.05
C ARG K 137 -30.78 13.01 -39.55
N ASN K 138 -29.91 13.74 -40.23
CA ASN K 138 -29.67 13.56 -41.66
C ASN K 138 -28.22 13.78 -42.00
N ARG K 139 -27.72 13.00 -42.95
CA ARG K 139 -26.40 13.18 -43.53
C ARG K 139 -26.51 12.97 -45.03
N ILE K 140 -25.68 13.65 -45.80
CA ILE K 140 -25.58 13.29 -47.21
C ILE K 140 -24.12 13.31 -47.61
N TYR K 141 -23.78 12.59 -48.69
CA TYR K 141 -22.47 12.70 -49.32
C TYR K 141 -22.58 12.16 -50.75
N THR K 142 -22.82 13.06 -51.70
CA THR K 142 -23.48 12.68 -52.94
C THR K 142 -22.53 12.00 -53.93
N VAL K 143 -23.11 11.48 -55.00
CA VAL K 143 -22.45 10.61 -55.98
C VAL K 143 -23.15 10.78 -57.32
N LYS K 144 -22.38 11.01 -58.38
CA LYS K 144 -22.91 11.16 -59.71
C LYS K 144 -22.26 10.13 -60.62
N THR K 145 -22.96 9.76 -61.69
CA THR K 145 -22.38 8.90 -62.70
C THR K 145 -21.63 9.74 -63.71
N THR K 146 -20.47 9.26 -64.13
CA THR K 146 -19.65 10.05 -65.02
C THR K 146 -20.40 10.24 -66.35
N PRO K 147 -20.23 11.38 -67.00
CA PRO K 147 -21.02 11.66 -68.20
C PRO K 147 -20.61 10.84 -69.41
N THR K 148 -19.60 9.98 -69.28
CA THR K 148 -19.09 9.24 -70.43
C THR K 148 -19.05 7.74 -70.18
N SER K 149 -19.87 7.23 -69.27
CA SER K 149 -19.84 5.80 -69.04
C SER K 149 -20.70 5.09 -70.08
N GLU K 150 -20.54 3.78 -70.15
CA GLU K 150 -21.20 2.95 -71.15
C GLU K 150 -22.17 1.99 -70.48
N LEU K 151 -23.07 1.43 -71.28
CA LEU K 151 -24.05 0.51 -70.75
C LEU K 151 -23.36 -0.73 -70.20
N SER K 152 -24.07 -1.42 -69.31
CA SER K 152 -23.54 -2.65 -68.74
C SER K 152 -23.52 -3.75 -69.80
N LEU K 153 -23.02 -4.91 -69.41
CA LEU K 153 -23.01 -6.02 -70.34
C LEU K 153 -24.40 -6.59 -70.53
N GLY K 154 -25.05 -6.98 -69.42
CA GLY K 154 -26.38 -7.56 -69.52
C GLY K 154 -27.37 -6.65 -70.21
N PHE K 155 -27.25 -5.34 -69.97
CA PHE K 155 -28.15 -4.39 -70.61
C PHE K 155 -27.98 -4.41 -72.11
N THR K 156 -26.74 -4.27 -72.58
CA THR K 156 -26.50 -4.34 -74.01
C THR K 156 -26.97 -5.68 -74.57
N LYS K 157 -26.77 -6.76 -73.83
CA LYS K 157 -27.24 -8.06 -74.30
C LYS K 157 -28.74 -8.03 -74.56
N ALA K 158 -29.51 -7.63 -73.56
CA ALA K 158 -30.96 -7.57 -73.73
C ALA K 158 -31.34 -6.63 -74.87
N LEU K 159 -30.63 -5.52 -74.98
CA LEU K 159 -31.00 -4.52 -75.99
C LEU K 159 -30.77 -5.07 -77.39
N MET K 160 -29.56 -5.52 -77.69
CA MET K 160 -29.32 -6.08 -79.00
C MET K 160 -30.08 -7.37 -79.23
N ASP K 161 -30.55 -8.03 -78.17
CA ASP K 161 -31.46 -9.15 -78.36
C ASP K 161 -32.79 -8.67 -78.92
N ILE K 162 -33.36 -7.64 -78.32
CA ILE K 162 -34.58 -7.07 -78.87
C ILE K 162 -34.34 -6.57 -80.29
N CYS K 163 -33.14 -6.04 -80.54
CA CYS K 163 -32.84 -5.56 -81.89
C CYS K 163 -32.78 -6.69 -82.90
N ASP K 164 -32.20 -7.83 -82.51
CA ASP K 164 -32.22 -8.99 -83.38
C ASP K 164 -33.63 -9.50 -83.57
N GLN K 165 -34.49 -9.34 -82.56
CA GLN K 165 -35.89 -9.73 -82.72
C GLN K 165 -36.60 -8.84 -83.72
N LEU K 166 -36.29 -7.53 -83.69
CA LEU K 166 -36.95 -6.63 -84.63
C LEU K 166 -36.44 -6.82 -86.05
N GLU K 167 -35.13 -7.02 -86.21
CA GLU K 167 -34.59 -7.37 -87.51
C GLU K 167 -35.13 -8.70 -88.01
N LYS K 168 -35.35 -9.65 -87.10
CA LYS K 168 -35.96 -10.92 -87.42
C LYS K 168 -37.47 -10.83 -87.54
N ASN K 169 -38.02 -9.63 -87.44
CA ASN K 169 -39.40 -9.29 -87.77
C ASN K 169 -40.41 -9.91 -86.81
N GLN K 170 -39.96 -10.70 -85.84
CA GLN K 170 -40.85 -11.36 -84.88
C GLN K 170 -41.31 -10.34 -83.86
N THR K 171 -42.43 -9.67 -84.17
CA THR K 171 -42.91 -8.59 -83.31
C THR K 171 -43.31 -9.10 -81.94
N LYS K 172 -44.09 -10.18 -81.89
CA LYS K 172 -44.60 -10.68 -80.62
C LYS K 172 -43.47 -10.99 -79.65
N MET K 173 -42.54 -11.85 -80.06
CA MET K 173 -41.39 -12.14 -79.21
C MET K 173 -40.60 -10.87 -78.90
N ALA K 174 -40.52 -9.95 -79.84
CA ALA K 174 -39.77 -8.71 -79.61
C ALA K 174 -40.43 -7.88 -78.52
N THR K 175 -41.72 -7.60 -78.66
CA THR K 175 -42.39 -6.79 -77.66
C THR K 175 -42.42 -7.48 -76.30
N TYR K 176 -42.52 -8.81 -76.28
CA TYR K 176 -42.45 -9.50 -75.01
C TYR K 176 -41.08 -9.38 -74.39
N LEU K 177 -40.03 -9.42 -75.22
CA LEU K 177 -38.68 -9.26 -74.70
C LEU K 177 -38.48 -7.85 -74.15
N ALA K 178 -39.07 -6.86 -74.80
CA ALA K 178 -38.98 -5.50 -74.28
C ALA K 178 -39.71 -5.38 -72.95
N GLU K 179 -40.89 -6.02 -72.85
CA GLU K 179 -41.62 -6.01 -71.59
C GLU K 179 -40.81 -6.69 -70.49
N LEU K 180 -40.15 -7.80 -70.83
CA LEU K 180 -39.28 -8.45 -69.86
C LEU K 180 -38.14 -7.53 -69.47
N LEU K 181 -37.56 -6.82 -70.43
CA LEU K 181 -36.50 -5.86 -70.14
C LEU K 181 -36.97 -4.84 -69.11
N ILE K 182 -38.15 -4.28 -69.33
CA ILE K 182 -38.61 -3.23 -68.43
C ILE K 182 -38.94 -3.83 -67.07
N LEU K 183 -39.36 -5.08 -67.03
CA LEU K 183 -39.60 -5.73 -65.75
C LEU K 183 -38.30 -6.07 -65.04
N ASN K 184 -37.24 -6.23 -65.79
CA ASN K 184 -35.98 -6.75 -65.28
C ASN K 184 -34.96 -5.67 -64.98
N TYR K 185 -35.15 -4.46 -65.50
CA TYR K 185 -34.20 -3.38 -65.35
C TYR K 185 -34.86 -2.07 -64.96
N GLY K 186 -36.13 -2.09 -64.61
CA GLY K 186 -36.79 -0.88 -64.18
C GLY K 186 -37.02 0.13 -65.27
N THR K 187 -37.87 1.12 -65.00
CA THR K 187 -38.24 2.11 -65.98
C THR K 187 -37.40 3.36 -65.94
N HIS K 188 -36.36 3.39 -65.13
CA HIS K 188 -35.49 4.56 -65.09
C HIS K 188 -34.11 4.12 -64.64
N VAL K 189 -33.11 4.84 -65.11
CA VAL K 189 -31.74 4.62 -64.69
C VAL K 189 -31.31 5.82 -63.85
N ILE K 190 -30.66 5.54 -62.74
CA ILE K 190 -30.28 6.56 -61.78
C ILE K 190 -28.97 7.18 -62.21
N THR K 191 -28.88 8.51 -62.12
CA THR K 191 -27.65 9.20 -62.42
C THR K 191 -27.13 10.00 -61.25
N SER K 192 -27.73 9.86 -60.07
CA SER K 192 -27.31 10.63 -58.91
C SER K 192 -27.95 10.04 -57.67
N VAL K 193 -27.14 9.82 -56.65
CA VAL K 193 -27.61 9.44 -55.33
C VAL K 193 -26.87 10.27 -54.31
N ASP K 194 -27.33 10.23 -53.07
CA ASP K 194 -26.72 10.97 -51.99
C ASP K 194 -26.40 9.99 -50.87
N ALA K 195 -25.16 9.54 -50.82
CA ALA K 195 -24.74 8.62 -49.76
C ALA K 195 -24.91 9.31 -48.43
N GLY K 196 -25.89 8.86 -47.66
CA GLY K 196 -26.10 9.45 -46.35
C GLY K 196 -26.78 8.46 -45.46
N ALA K 197 -27.24 8.95 -44.31
CA ALA K 197 -28.05 8.16 -43.41
C ALA K 197 -28.98 9.10 -42.68
N ALA K 198 -30.04 8.52 -42.12
CA ALA K 198 -31.03 9.30 -41.41
C ALA K 198 -31.43 8.53 -40.17
N LEU K 199 -32.11 9.23 -39.28
CA LEU K 199 -32.61 8.62 -38.05
C LEU K 199 -33.75 9.48 -37.56
N VAL K 200 -34.92 8.89 -37.41
CA VAL K 200 -36.12 9.60 -37.00
C VAL K 200 -36.66 8.83 -35.82
N GLN K 201 -36.50 9.35 -34.62
CA GLN K 201 -36.95 8.66 -33.43
C GLN K 201 -37.79 9.58 -32.58
N GLU K 202 -38.75 8.99 -31.87
CA GLU K 202 -39.72 9.77 -31.12
C GLU K 202 -40.35 8.87 -30.07
N ASP K 203 -41.02 9.51 -29.11
CA ASP K 203 -41.67 8.75 -28.06
C ASP K 203 -42.64 9.66 -27.33
N HIS K 204 -43.70 9.06 -26.79
CA HIS K 204 -44.68 9.77 -26.01
C HIS K 204 -44.83 9.09 -24.65
N VAL K 205 -45.04 9.90 -23.63
CA VAL K 205 -45.39 9.41 -22.30
C VAL K 205 -46.66 10.12 -21.88
N ARG K 206 -47.60 9.38 -21.30
CA ARG K 206 -48.85 9.99 -20.88
C ARG K 206 -49.26 9.38 -19.55
N SER K 207 -48.83 10.01 -18.47
CA SER K 207 -49.22 9.58 -17.14
C SER K 207 -50.57 10.18 -16.80
N SER K 208 -51.35 9.43 -16.04
CA SER K 208 -52.64 9.89 -15.54
C SER K 208 -52.81 9.38 -14.13
N PHE K 209 -53.12 10.28 -13.21
CA PHE K 209 -53.18 9.94 -11.79
C PHE K 209 -54.40 10.61 -11.20
N LEU K 210 -55.43 9.81 -10.92
CA LEU K 210 -56.68 10.33 -10.39
C LEU K 210 -56.92 9.70 -9.03
N LEU K 211 -57.00 10.53 -7.99
CA LEU K 211 -57.17 10.08 -6.63
C LEU K 211 -58.48 10.59 -6.07
N ASP K 212 -59.13 9.79 -5.24
CA ASP K 212 -60.38 10.16 -4.60
C ASP K 212 -60.27 9.97 -3.10
N ASN K 213 -61.28 10.48 -2.40
CA ASN K 213 -61.39 10.31 -0.96
C ASN K 213 -62.75 10.82 -0.54
N GLN K 214 -63.39 10.09 0.37
CA GLN K 214 -64.65 10.55 0.97
C GLN K 214 -64.60 10.09 2.43
N ASN K 215 -64.08 10.96 3.30
CA ASN K 215 -63.83 10.60 4.68
C ASN K 215 -64.90 11.24 5.55
N SER K 216 -66.04 10.59 5.66
CA SER K 216 -67.18 11.12 6.39
C SER K 216 -67.17 10.63 7.83
N GLN K 217 -68.01 11.24 8.66
CA GLN K 217 -68.11 10.88 10.07
C GLN K 217 -69.47 11.28 10.61
N ASN K 218 -69.87 10.61 11.68
CA ASN K 218 -71.10 10.93 12.41
C ASN K 218 -70.84 10.73 13.89
N THR K 219 -71.60 11.46 14.71
CA THR K 219 -71.54 11.28 16.15
C THR K 219 -72.87 11.74 16.73
N VAL K 220 -73.69 10.79 17.18
CA VAL K 220 -75.00 11.09 17.75
C VAL K 220 -74.97 10.66 19.21
N THR K 221 -75.42 11.53 20.10
CA THR K 221 -75.49 11.22 21.52
C THR K 221 -76.83 11.70 22.06
N ALA K 222 -77.40 10.93 22.97
CA ALA K 222 -78.63 11.28 23.66
C ALA K 222 -78.36 11.32 25.15
N SER K 223 -79.34 11.80 25.92
CA SER K 223 -79.18 11.91 27.35
C SER K 223 -80.54 11.93 28.03
N ALA K 224 -80.50 11.74 29.35
CA ALA K 224 -81.66 11.72 30.22
C ALA K 224 -81.21 12.22 31.58
N GLY K 225 -81.94 11.83 32.63
CA GLY K 225 -81.62 12.35 33.94
C GLY K 225 -82.81 12.93 34.69
N ILE K 226 -84.00 12.43 34.39
CA ILE K 226 -85.18 12.82 35.14
C ILE K 226 -85.09 12.22 36.53
N ALA K 227 -84.55 12.98 37.47
CA ALA K 227 -84.37 12.44 38.81
C ALA K 227 -84.39 13.48 39.92
N PHE K 228 -85.56 13.79 40.45
CA PHE K 228 -85.67 14.19 41.84
C PHE K 228 -86.89 13.56 42.50
N LEU K 229 -87.95 13.38 41.72
CA LEU K 229 -89.26 13.06 42.26
C LEU K 229 -89.77 11.73 41.71
N ASN K 230 -90.27 10.91 42.63
CA ASN K 230 -90.92 9.63 42.38
C ASN K 230 -89.91 8.57 41.93
N ILE K 231 -88.72 9.03 41.54
CA ILE K 231 -87.50 8.25 41.38
C ILE K 231 -86.36 9.21 41.67
N VAL K 232 -85.61 8.97 42.75
CA VAL K 232 -84.60 9.96 43.12
C VAL K 232 -83.45 9.94 42.13
N ASN K 233 -83.26 8.81 41.44
CA ASN K 233 -82.23 8.75 40.41
C ASN K 233 -82.44 7.63 39.40
N PHE K 234 -82.42 7.98 38.11
CA PHE K 234 -82.10 7.03 37.05
C PHE K 234 -81.69 7.81 35.80
N LYS K 235 -80.63 7.37 35.15
CA LYS K 235 -80.00 8.14 34.09
C LYS K 235 -79.89 7.29 32.85
N VAL K 236 -80.14 7.92 31.70
CA VAL K 236 -80.09 7.24 30.41
C VAL K 236 -79.28 8.10 29.43
N GLU K 237 -78.32 7.49 28.74
CA GLU K 237 -77.62 8.16 27.66
C GLU K 237 -77.10 7.12 26.69
N THR K 238 -77.39 7.32 25.41
CA THR K 238 -76.84 6.49 24.35
C THR K 238 -75.74 7.24 23.62
N ASP K 239 -74.86 6.49 22.97
CA ASP K 239 -73.80 7.05 22.14
C ASP K 239 -73.79 6.34 20.80
N TYR K 240 -73.29 7.03 19.78
CA TYR K 240 -73.33 6.48 18.42
C TYR K 240 -72.34 7.27 17.58
N ILE K 241 -71.35 6.59 17.02
CA ILE K 241 -70.37 7.21 16.15
C ILE K 241 -70.12 6.30 14.95
N SER K 242 -70.16 6.88 13.76
CA SER K 242 -69.98 6.15 12.53
C SER K 242 -68.94 6.86 11.67
N GLN K 243 -68.07 6.09 11.04
CA GLN K 243 -67.04 6.63 10.17
C GLN K 243 -67.11 5.96 8.81
N THR K 244 -66.57 6.63 7.81
CA THR K 244 -66.52 6.06 6.46
C THR K 244 -65.42 6.80 5.71
N SER K 245 -64.36 6.08 5.37
CA SER K 245 -63.24 6.66 4.64
C SER K 245 -62.98 5.77 3.44
N LEU K 246 -63.21 6.30 2.25
CA LEU K 246 -63.09 5.53 1.02
C LEU K 246 -62.18 6.29 0.06
N THR K 247 -60.99 5.74 -0.17
CA THR K 247 -60.06 6.31 -1.11
C THR K 247 -60.05 5.48 -2.39
N LYS K 248 -59.86 6.15 -3.51
CA LYS K 248 -59.81 5.49 -4.81
C LYS K 248 -58.80 6.23 -5.66
N ASP K 249 -57.73 5.55 -6.06
CA ASP K 249 -56.77 6.12 -6.97
C ASP K 249 -56.62 5.22 -8.19
N TYR K 250 -56.24 5.83 -9.32
CA TYR K 250 -56.30 5.13 -10.60
C TYR K 250 -55.18 5.69 -11.48
N LEU K 251 -54.04 5.02 -11.46
CA LEU K 251 -52.86 5.44 -12.19
C LEU K 251 -52.76 4.68 -13.50
N SER K 252 -52.34 5.36 -14.57
CA SER K 252 -52.20 4.70 -15.86
C SER K 252 -51.14 5.43 -16.68
N ASN K 253 -49.93 4.88 -16.71
CA ASN K 253 -48.93 5.30 -17.67
C ASN K 253 -49.24 4.71 -19.04
N ARG K 254 -48.72 5.35 -20.08
CA ARG K 254 -48.78 4.80 -21.42
C ARG K 254 -47.62 5.39 -22.19
N THR K 255 -46.63 4.56 -22.51
CA THR K 255 -45.43 5.00 -23.19
C THR K 255 -45.38 4.42 -24.59
N ASN K 256 -44.96 5.23 -25.55
CA ASN K 256 -44.64 4.75 -26.88
C ASN K 256 -43.19 5.08 -27.19
N SER K 257 -42.74 4.56 -28.31
CA SER K 257 -41.39 4.83 -28.80
C SER K 257 -41.28 4.26 -30.19
N ARG K 258 -40.60 4.96 -31.09
CA ARG K 258 -40.48 4.46 -32.45
C ARG K 258 -39.26 5.08 -33.08
N VAL K 259 -38.16 4.36 -33.16
CA VAL K 259 -37.04 4.82 -33.95
C VAL K 259 -37.26 4.29 -35.34
N GLN K 260 -36.73 4.98 -36.32
CA GLN K 260 -36.82 4.50 -37.70
C GLN K 260 -35.60 5.06 -38.42
N SER K 261 -34.55 4.25 -38.49
CA SER K 261 -33.27 4.73 -39.00
C SER K 261 -32.93 4.00 -40.28
N PHE K 262 -32.41 4.74 -41.26
CA PHE K 262 -31.85 4.12 -42.44
C PHE K 262 -30.86 5.10 -43.04
N GLY K 263 -29.59 4.74 -43.01
CA GLY K 263 -29.18 3.50 -42.39
C GLY K 263 -27.84 3.66 -41.75
N GLY K 264 -27.69 3.18 -40.53
CA GLY K 264 -26.41 3.27 -39.86
C GLY K 264 -26.01 1.95 -39.26
N VAL K 265 -25.66 1.95 -37.99
CA VAL K 265 -25.38 0.70 -37.28
C VAL K 265 -26.72 0.21 -36.78
N PRO K 266 -26.97 -1.11 -36.75
CA PRO K 266 -28.25 -1.61 -36.23
C PRO K 266 -28.64 -0.96 -34.93
N PHE K 267 -29.75 -0.22 -34.95
CA PHE K 267 -30.15 0.59 -33.82
C PHE K 267 -30.53 -0.28 -32.62
N TYR K 268 -30.43 0.31 -31.45
CA TYR K 268 -30.89 -0.32 -30.22
C TYR K 268 -31.15 0.78 -29.21
N PRO K 269 -32.11 0.60 -28.30
CA PRO K 269 -32.59 1.74 -27.51
C PRO K 269 -31.50 2.46 -26.74
N GLY K 270 -30.67 1.74 -26.01
CA GLY K 270 -29.71 2.41 -25.17
C GLY K 270 -28.60 3.12 -25.92
N ILE K 271 -28.66 3.19 -27.24
CA ILE K 271 -27.56 3.77 -28.00
C ILE K 271 -27.52 5.27 -27.79
N THR K 272 -26.32 5.82 -27.72
CA THR K 272 -26.20 7.26 -27.67
C THR K 272 -26.60 7.86 -29.02
N LEU K 273 -26.80 9.16 -29.02
CA LEU K 273 -26.99 9.86 -30.27
C LEU K 273 -25.68 10.05 -31.00
N GLU K 274 -24.58 9.56 -30.43
CA GLU K 274 -23.24 9.73 -30.96
C GLU K 274 -22.70 8.44 -31.58
N THR K 275 -22.57 7.37 -30.79
CA THR K 275 -22.05 6.13 -31.32
C THR K 275 -22.79 5.69 -32.56
N TRP K 276 -24.04 6.12 -32.71
CA TRP K 276 -24.69 6.09 -34.01
C TRP K 276 -23.83 6.75 -35.07
N GLN K 277 -23.51 8.02 -34.85
CA GLN K 277 -22.79 8.78 -35.87
C GLN K 277 -21.43 8.20 -36.15
N LYS K 278 -20.59 8.09 -35.12
CA LYS K 278 -19.23 7.59 -35.36
C LYS K 278 -19.25 6.25 -36.08
N GLY K 279 -20.31 5.48 -35.93
CA GLY K 279 -20.40 4.19 -36.58
C GLY K 279 -21.07 4.25 -37.95
N ILE K 280 -20.99 5.39 -38.61
CA ILE K 280 -21.58 5.56 -39.93
C ILE K 280 -20.53 5.44 -41.02
N THR K 281 -19.35 4.92 -40.72
CA THR K 281 -18.22 5.01 -41.64
C THR K 281 -18.58 4.41 -42.99
N ASN K 282 -18.77 3.11 -43.06
CA ASN K 282 -19.65 2.55 -44.08
C ASN K 282 -21.02 2.41 -43.42
N HIS K 283 -21.92 1.63 -43.99
CA HIS K 283 -23.35 1.67 -43.68
C HIS K 283 -23.95 2.97 -44.19
N LEU K 284 -23.59 3.37 -45.40
CA LEU K 284 -24.27 4.49 -46.02
C LEU K 284 -25.42 3.96 -46.86
N VAL K 285 -26.39 4.83 -47.11
CA VAL K 285 -27.62 4.42 -47.78
C VAL K 285 -28.06 5.56 -48.67
N ALA K 286 -28.58 5.22 -49.84
CA ALA K 286 -29.06 6.24 -50.76
C ALA K 286 -30.28 6.89 -50.14
N ILE K 287 -30.12 8.09 -49.62
CA ILE K 287 -31.25 8.80 -49.02
C ILE K 287 -32.02 9.62 -50.03
N ASP K 288 -31.48 9.81 -51.22
CA ASP K 288 -32.13 10.62 -52.23
C ASP K 288 -31.49 10.30 -53.56
N ARG K 289 -32.30 10.26 -54.61
CA ARG K 289 -31.78 9.83 -55.90
C ARG K 289 -32.54 10.50 -57.02
N ALA K 290 -31.89 10.60 -58.18
CA ALA K 290 -32.47 11.21 -59.35
C ALA K 290 -31.81 10.60 -60.57
N GLY K 291 -32.61 10.38 -61.61
CA GLY K 291 -32.11 9.78 -62.82
C GLY K 291 -32.94 10.20 -64.01
N LEU K 292 -32.84 9.42 -65.07
CA LEU K 292 -33.50 9.71 -66.32
C LEU K 292 -34.31 8.51 -66.79
N PRO K 293 -35.28 8.70 -67.67
CA PRO K 293 -35.98 7.56 -68.25
C PRO K 293 -35.05 6.78 -69.14
N LEU K 294 -35.11 5.44 -69.02
CA LEU K 294 -34.08 4.63 -69.66
C LEU K 294 -34.12 4.73 -71.17
N HIS K 295 -35.28 5.02 -71.74
CA HIS K 295 -35.35 5.22 -73.19
C HIS K 295 -34.37 6.30 -73.63
N PHE K 296 -34.09 7.25 -72.75
CA PHE K 296 -33.11 8.28 -73.05
C PHE K 296 -31.72 7.70 -73.26
N PHE K 297 -31.41 6.59 -72.61
CA PHE K 297 -30.08 6.00 -72.70
C PHE K 297 -29.93 5.07 -73.87
N ILE K 298 -30.98 4.84 -74.64
CA ILE K 298 -30.92 3.98 -75.82
C ILE K 298 -30.71 4.91 -77.01
N LYS K 299 -29.46 5.21 -77.30
CA LYS K 299 -29.09 6.12 -78.36
C LYS K 299 -27.85 5.57 -79.06
N PRO K 300 -27.70 5.85 -80.36
CA PRO K 300 -26.62 5.20 -81.12
C PRO K 300 -25.23 5.49 -80.58
N ASP K 301 -25.02 6.65 -79.96
CA ASP K 301 -23.71 6.92 -79.38
C ASP K 301 -23.45 6.01 -78.18
N LYS K 302 -24.40 5.94 -77.25
CA LYS K 302 -24.27 5.05 -76.11
C LYS K 302 -24.29 3.59 -76.51
N LEU K 303 -24.70 3.30 -77.68
CA LEU K 303 -24.67 1.91 -78.07
C LEU K 303 -23.47 1.62 -78.98
N PRO K 304 -22.94 0.41 -78.93
CA PRO K 304 -21.83 0.06 -79.82
C PRO K 304 -22.30 -0.03 -81.25
N GLY K 305 -21.41 -0.45 -82.15
CA GLY K 305 -21.74 -0.53 -83.57
C GLY K 305 -23.05 -1.23 -83.85
N LEU K 306 -24.02 -0.45 -84.33
CA LEU K 306 -25.35 -0.96 -84.65
C LEU K 306 -25.97 -0.01 -85.66
N PRO K 307 -26.96 -0.48 -86.42
CA PRO K 307 -27.56 0.38 -87.47
C PRO K 307 -28.30 1.56 -86.87
N GLY K 308 -28.07 2.73 -87.44
CA GLY K 308 -28.60 3.97 -86.93
C GLY K 308 -30.10 3.97 -86.73
N PRO K 309 -30.87 3.92 -87.82
CA PRO K 309 -32.34 3.96 -87.67
C PRO K 309 -32.89 2.80 -86.88
N LEU K 310 -32.19 1.66 -86.86
CA LEU K 310 -32.68 0.53 -86.07
C LEU K 310 -32.66 0.85 -84.59
N VAL K 311 -31.69 1.63 -84.13
CA VAL K 311 -31.72 1.98 -82.71
C VAL K 311 -32.84 2.97 -82.43
N LYS K 312 -33.23 3.77 -83.41
CA LYS K 312 -34.42 4.59 -83.26
C LYS K 312 -35.65 3.71 -83.09
N LYS K 313 -35.79 2.70 -83.95
CA LYS K 313 -36.85 1.71 -83.80
C LYS K 313 -36.83 1.11 -82.41
N LEU K 314 -35.65 0.69 -81.95
CA LEU K 314 -35.52 0.02 -80.67
C LEU K 314 -35.93 0.94 -79.53
N SER K 315 -35.48 2.20 -79.56
CA SER K 315 -35.85 3.16 -78.53
C SER K 315 -37.36 3.36 -78.50
N LYS K 316 -37.98 3.49 -79.68
CA LYS K 316 -39.42 3.66 -79.70
C LYS K 316 -40.13 2.45 -79.13
N THR K 317 -39.65 1.25 -79.45
CA THR K 317 -40.28 0.04 -78.94
C THR K 317 -40.17 -0.04 -77.43
N VAL K 318 -38.97 0.18 -76.90
CA VAL K 318 -38.77 0.14 -75.46
C VAL K 318 -39.65 1.18 -74.79
N GLU K 319 -39.69 2.38 -75.34
CA GLU K 319 -40.49 3.46 -74.75
C GLU K 319 -41.97 3.11 -74.74
N THR K 320 -42.47 2.54 -75.84
CA THR K 320 -43.86 2.12 -75.88
C THR K 320 -44.14 1.00 -74.90
N ALA K 321 -43.20 0.07 -74.74
CA ALA K 321 -43.36 -0.97 -73.73
C ALA K 321 -43.47 -0.36 -72.34
N VAL K 322 -42.63 0.62 -72.06
CA VAL K 322 -42.72 1.34 -70.79
C VAL K 322 -44.11 1.94 -70.64
N ARG K 323 -44.50 2.79 -71.60
CA ARG K 323 -45.81 3.39 -71.66
C ARG K 323 -46.91 2.41 -71.30
N HIS K 324 -46.92 1.27 -71.99
CA HIS K 324 -47.83 0.19 -71.66
C HIS K 324 -47.75 -0.17 -70.19
N TYR K 325 -46.56 -0.55 -69.73
CA TYR K 325 -46.38 -0.95 -68.33
C TYR K 325 -46.65 0.22 -67.40
N TYR K 326 -46.59 1.45 -67.89
CA TYR K 326 -46.72 2.60 -67.01
C TYR K 326 -48.18 2.91 -66.72
N THR K 327 -48.97 3.17 -67.76
CA THR K 327 -50.36 3.58 -67.56
C THR K 327 -51.18 2.49 -66.88
N PHE K 328 -51.37 1.38 -67.57
CA PHE K 328 -51.97 0.18 -67.03
C PHE K 328 -50.89 -0.89 -66.93
N ASN K 329 -51.30 -2.10 -66.60
CA ASN K 329 -50.35 -3.21 -66.49
C ASN K 329 -50.17 -3.85 -67.86
N THR K 330 -49.81 -3.03 -68.85
CA THR K 330 -49.34 -3.47 -70.18
C THR K 330 -50.07 -4.70 -70.72
N HIS K 331 -51.39 -4.70 -70.66
CA HIS K 331 -52.20 -5.88 -70.90
C HIS K 331 -52.47 -6.10 -72.38
N PRO K 332 -51.85 -7.10 -73.03
CA PRO K 332 -52.37 -7.53 -74.33
C PRO K 332 -53.68 -8.29 -74.18
N GLY K 333 -53.70 -9.30 -73.31
CA GLY K 333 -54.91 -10.09 -73.13
C GLY K 333 -55.47 -10.26 -71.72
N CYS K 334 -54.63 -10.22 -70.69
CA CYS K 334 -55.08 -10.55 -69.34
C CYS K 334 -53.98 -10.40 -68.29
N THR K 335 -54.37 -10.47 -67.01
CA THR K 335 -53.41 -10.61 -65.93
C THR K 335 -52.85 -12.02 -65.95
N ASN K 336 -51.52 -12.14 -65.92
CA ASN K 336 -51.00 -13.46 -66.29
C ASN K 336 -50.27 -14.20 -65.17
N VAL K 337 -49.35 -13.54 -64.45
CA VAL K 337 -48.50 -14.30 -63.54
C VAL K 337 -49.24 -14.68 -62.26
N ASP K 338 -50.17 -13.83 -61.82
CA ASP K 338 -50.97 -14.14 -60.64
C ASP K 338 -51.93 -15.27 -60.96
N SER K 339 -51.83 -16.38 -60.21
CA SER K 339 -52.61 -17.59 -60.46
C SER K 339 -52.46 -17.99 -61.91
N PRO K 340 -51.33 -18.59 -62.31
CA PRO K 340 -51.07 -18.78 -63.75
C PRO K 340 -51.97 -19.80 -64.41
N ASN K 341 -53.00 -20.27 -63.70
CA ASN K 341 -53.86 -21.34 -64.18
C ASN K 341 -54.62 -20.99 -65.45
N PHE K 342 -55.52 -20.01 -65.42
CA PHE K 342 -56.42 -19.75 -66.53
C PHE K 342 -56.10 -18.44 -67.25
N ASN K 343 -54.84 -18.03 -67.28
CA ASN K 343 -54.46 -16.73 -67.81
C ASN K 343 -53.61 -16.88 -69.07
N PHE K 344 -53.70 -15.86 -69.93
CA PHE K 344 -52.84 -15.75 -71.10
C PHE K 344 -51.50 -15.19 -70.65
N GLN K 345 -50.46 -16.03 -70.69
CA GLN K 345 -49.22 -15.75 -69.99
C GLN K 345 -48.02 -15.66 -70.92
N ALA K 346 -48.21 -15.17 -72.13
CA ALA K 346 -47.07 -14.76 -72.94
C ALA K 346 -46.65 -13.33 -72.66
N ASN K 347 -47.50 -12.56 -71.97
CA ASN K 347 -47.18 -11.21 -71.54
C ASN K 347 -46.69 -11.22 -70.09
N MET K 348 -46.65 -10.04 -69.48
CA MET K 348 -46.40 -9.90 -68.05
C MET K 348 -47.46 -9.00 -67.44
N ASP K 349 -48.09 -9.47 -66.37
CA ASP K 349 -49.17 -8.73 -65.72
C ASP K 349 -49.48 -9.30 -64.35
N ASP K 350 -49.49 -8.44 -63.32
CA ASP K 350 -49.63 -8.86 -61.93
C ASP K 350 -50.64 -7.98 -61.19
N ASP K 351 -51.83 -7.83 -61.78
CA ASP K 351 -52.85 -6.95 -61.19
C ASP K 351 -53.22 -7.32 -59.76
N SER K 352 -53.89 -8.46 -59.58
CA SER K 352 -54.28 -8.96 -58.26
C SER K 352 -54.94 -10.31 -58.38
N CYS K 353 -55.16 -10.99 -57.25
CA CYS K 353 -55.60 -12.38 -57.23
C CYS K 353 -56.96 -12.61 -56.59
N ASP K 354 -57.28 -11.86 -55.53
CA ASP K 354 -58.48 -12.13 -54.75
C ASP K 354 -59.76 -11.62 -55.40
N ALA K 355 -59.75 -11.36 -56.70
CA ALA K 355 -60.93 -10.84 -57.39
C ALA K 355 -62.01 -11.92 -57.40
N LYS K 356 -63.20 -11.58 -56.91
CA LYS K 356 -64.37 -12.45 -57.01
C LYS K 356 -65.59 -11.71 -57.55
N VAL K 357 -65.57 -10.39 -57.58
CA VAL K 357 -66.69 -9.58 -58.06
C VAL K 357 -66.24 -8.76 -59.25
N THR K 358 -67.21 -8.35 -60.07
CA THR K 358 -66.99 -7.42 -61.17
C THR K 358 -67.79 -6.14 -61.00
N ASN K 359 -68.05 -5.72 -59.76
CA ASN K 359 -68.90 -4.57 -59.49
C ASN K 359 -68.20 -3.28 -59.90
N PHE K 360 -68.92 -2.17 -59.80
CA PHE K 360 -68.47 -0.91 -60.38
C PHE K 360 -67.76 -0.06 -59.34
N THR K 361 -67.36 1.14 -59.77
CA THR K 361 -66.64 2.06 -58.89
C THR K 361 -67.57 2.67 -57.85
N PHE K 362 -67.65 2.02 -56.69
CA PHE K 362 -68.58 2.42 -55.64
C PHE K 362 -67.83 3.20 -54.56
N GLY K 363 -67.52 4.46 -54.87
CA GLY K 363 -66.78 5.32 -53.99
C GLY K 363 -67.61 5.87 -52.85
N GLY K 364 -67.00 6.78 -52.08
CA GLY K 364 -67.68 7.43 -50.98
C GLY K 364 -67.41 6.81 -49.62
N VAL K 365 -67.50 7.63 -48.57
CA VAL K 365 -67.27 7.18 -47.20
C VAL K 365 -68.15 7.99 -46.25
N TYR K 366 -68.94 7.30 -45.42
CA TYR K 366 -69.99 7.97 -44.67
C TYR K 366 -70.40 7.12 -43.48
N GLN K 367 -71.01 7.77 -42.48
CA GLN K 367 -71.38 7.13 -41.23
C GLN K 367 -72.30 8.04 -40.45
N GLU K 368 -72.54 7.68 -39.18
CA GLU K 368 -73.37 8.46 -38.27
C GLU K 368 -72.96 8.10 -36.83
N CYS K 369 -72.53 9.11 -36.07
CA CYS K 369 -72.15 8.94 -34.67
C CYS K 369 -73.26 9.49 -33.78
N THR K 370 -74.12 8.60 -33.30
CA THR K 370 -75.22 9.00 -32.45
C THR K 370 -74.89 8.80 -30.98
N GLU K 371 -75.22 9.81 -30.18
CA GLU K 371 -74.99 9.79 -28.73
C GLU K 371 -76.20 9.20 -28.03
N LEU K 372 -75.95 8.30 -27.08
CA LEU K 372 -77.02 7.78 -26.24
C LEU K 372 -77.11 8.49 -24.90
N SER K 373 -75.98 8.82 -24.28
CA SER K 373 -75.99 9.52 -23.01
C SER K 373 -74.61 10.13 -22.77
N GLY K 374 -74.58 11.28 -22.09
CA GLY K 374 -73.34 12.01 -21.90
C GLY K 374 -72.81 12.60 -23.18
N ASP K 375 -71.72 13.36 -23.11
CA ASP K 375 -71.05 13.90 -24.29
C ASP K 375 -69.56 13.60 -24.19
N VAL K 376 -69.17 12.40 -24.61
CA VAL K 376 -67.77 12.01 -24.63
C VAL K 376 -67.41 11.40 -25.98
N LEU K 377 -68.16 10.37 -26.37
CA LEU K 377 -67.76 9.54 -27.50
C LEU K 377 -68.07 10.17 -28.84
N CYS K 378 -68.98 11.15 -28.90
CA CYS K 378 -69.28 11.80 -30.15
C CYS K 378 -68.10 12.57 -30.72
N GLN K 379 -67.21 13.07 -29.87
CA GLN K 379 -66.13 13.94 -30.34
C GLN K 379 -65.06 13.15 -31.08
N ASN K 380 -64.90 11.87 -30.78
CA ASN K 380 -63.87 11.05 -31.40
C ASN K 380 -64.40 9.97 -32.33
N LEU K 381 -65.65 9.56 -32.18
CA LEU K 381 -66.24 8.62 -33.12
C LEU K 381 -66.96 9.32 -34.28
N GLU K 382 -66.64 10.59 -34.52
CA GLU K 382 -67.26 11.32 -35.62
C GLU K 382 -66.44 11.16 -36.89
N GLN K 383 -66.72 10.11 -37.66
CA GLN K 383 -65.94 9.79 -38.86
C GLN K 383 -66.61 10.41 -40.10
N LYS K 384 -66.86 11.70 -40.01
CA LYS K 384 -67.74 12.37 -40.97
C LYS K 384 -67.24 12.18 -42.40
N ASN K 385 -68.16 12.32 -43.35
CA ASN K 385 -67.86 12.11 -44.76
C ASN K 385 -66.81 13.12 -45.21
N LEU K 386 -65.89 12.67 -46.06
CA LEU K 386 -64.93 13.57 -46.67
C LEU K 386 -65.40 14.15 -47.99
N LEU K 387 -66.18 13.39 -48.77
CA LEU K 387 -66.51 13.84 -50.12
C LEU K 387 -67.45 15.04 -50.12
N THR K 388 -68.00 15.39 -48.96
CA THR K 388 -68.93 16.51 -48.85
C THR K 388 -68.56 17.55 -47.82
N GLY K 389 -67.65 17.23 -46.90
CA GLY K 389 -67.30 18.16 -45.84
C GLY K 389 -68.22 18.12 -44.64
N ASP K 390 -69.22 17.25 -44.65
CA ASP K 390 -70.17 17.13 -43.54
C ASP K 390 -70.85 15.77 -43.69
N PHE K 391 -71.89 15.57 -42.88
CA PHE K 391 -72.64 14.30 -42.90
C PHE K 391 -73.57 14.30 -44.10
N SER K 392 -73.04 13.81 -45.22
CA SER K 392 -73.84 13.64 -46.43
C SER K 392 -73.12 12.65 -47.34
N CYS K 393 -73.85 12.11 -48.31
CA CYS K 393 -73.22 11.39 -49.40
C CYS K 393 -72.88 12.35 -50.53
N PRO K 394 -71.98 11.98 -51.44
CA PRO K 394 -71.73 12.79 -52.63
C PRO K 394 -72.82 12.58 -53.66
N PRO K 395 -73.06 13.57 -54.52
CA PRO K 395 -74.10 13.43 -55.55
C PRO K 395 -73.81 12.24 -56.46
N GLY K 396 -74.85 11.47 -56.76
CA GLY K 396 -74.70 10.25 -57.52
C GLY K 396 -74.42 9.02 -56.69
N TYR K 397 -74.39 9.15 -55.37
CA TYR K 397 -74.09 8.04 -54.48
C TYR K 397 -75.22 7.92 -53.45
N SER K 398 -75.24 6.79 -52.75
CA SER K 398 -76.31 6.55 -51.79
C SER K 398 -75.71 6.20 -50.42
N PRO K 399 -76.05 6.95 -49.39
CA PRO K 399 -75.51 6.68 -48.05
C PRO K 399 -76.28 5.56 -47.35
N VAL K 400 -76.14 4.36 -47.87
CA VAL K 400 -76.87 3.21 -47.35
C VAL K 400 -76.18 2.70 -46.09
N HIS K 401 -77.00 2.34 -45.10
CA HIS K 401 -76.50 2.12 -43.75
C HIS K 401 -75.60 0.90 -43.64
N LEU K 402 -74.31 1.11 -43.39
CA LEU K 402 -73.37 0.00 -43.30
C LEU K 402 -73.66 -0.87 -42.09
N LEU K 403 -73.59 -0.29 -40.89
CA LEU K 403 -73.85 -1.05 -39.66
C LEU K 403 -74.10 -0.10 -38.50
N SER K 404 -75.04 -0.47 -37.63
CA SER K 404 -75.27 0.24 -36.39
C SER K 404 -74.66 -0.55 -35.24
N GLN K 405 -74.15 0.18 -34.24
CA GLN K 405 -73.52 -0.46 -33.10
C GLN K 405 -73.47 0.52 -31.95
N THR K 406 -73.36 -0.02 -30.73
CA THR K 406 -73.36 0.78 -29.51
C THR K 406 -72.20 0.39 -28.62
N HIS K 407 -71.75 1.34 -27.81
CA HIS K 407 -70.67 1.12 -26.86
C HIS K 407 -71.04 1.77 -25.53
N GLU K 408 -70.37 1.32 -24.47
CA GLU K 408 -70.65 1.81 -23.13
C GLU K 408 -69.33 1.98 -22.40
N GLU K 409 -68.87 3.23 -22.29
CA GLU K 409 -67.62 3.55 -21.61
C GLU K 409 -67.89 4.58 -20.53
N GLY K 410 -67.02 4.60 -19.53
CA GLY K 410 -67.17 5.51 -18.42
C GLY K 410 -65.95 6.37 -18.23
N TYR K 411 -66.18 7.68 -18.13
CA TYR K 411 -65.12 8.64 -17.84
C TYR K 411 -65.55 9.49 -16.66
N SER K 412 -64.64 9.63 -15.69
CA SER K 412 -64.86 10.52 -14.56
C SER K 412 -64.74 11.95 -15.07
N ARG K 413 -65.89 12.61 -15.26
CA ARG K 413 -65.93 13.86 -15.99
C ARG K 413 -65.30 14.98 -15.16
N LEU K 414 -65.36 16.19 -15.70
CA LEU K 414 -64.89 17.40 -15.03
C LEU K 414 -66.07 18.07 -14.32
N GLU K 415 -65.80 18.60 -13.13
CA GLU K 415 -66.84 19.30 -12.39
C GLU K 415 -66.21 20.32 -11.46
N CYS K 416 -66.26 21.58 -11.85
CA CYS K 416 -65.77 22.69 -11.04
C CYS K 416 -66.93 23.68 -10.91
N LYS K 417 -67.78 23.45 -9.91
CA LYS K 417 -69.01 24.21 -9.74
C LYS K 417 -68.98 24.93 -8.40
N LYS K 418 -69.55 26.13 -8.38
CA LYS K 418 -69.68 26.92 -7.17
C LYS K 418 -71.09 26.78 -6.62
N LYS K 419 -71.20 26.67 -5.30
CA LYS K 419 -72.48 26.51 -4.63
C LYS K 419 -72.59 27.52 -3.50
N CYS K 420 -73.69 28.28 -3.50
CA CYS K 420 -73.98 29.21 -2.42
C CYS K 420 -74.55 28.46 -1.23
N THR K 421 -74.21 28.90 -0.02
CA THR K 421 -74.74 28.27 1.18
C THR K 421 -76.13 28.82 1.52
N LEU K 422 -76.21 30.11 1.81
CA LEU K 422 -77.48 30.78 2.08
C LEU K 422 -77.54 32.13 1.38
N LYS K 423 -77.10 32.18 0.12
CA LYS K 423 -77.09 33.34 -0.76
C LYS K 423 -76.14 34.43 -0.30
N ILE K 424 -75.48 34.27 0.84
CA ILE K 424 -74.54 35.28 1.33
C ILE K 424 -73.14 34.88 0.90
N PHE K 425 -72.73 33.68 1.26
CA PHE K 425 -71.44 33.16 0.83
C PHE K 425 -71.65 31.96 -0.07
N CYS K 426 -70.63 31.69 -0.89
CA CYS K 426 -70.67 30.57 -1.81
C CYS K 426 -69.35 29.82 -1.72
N LYS K 427 -69.44 28.50 -1.90
CA LYS K 427 -68.28 27.64 -1.95
C LYS K 427 -68.23 26.98 -3.32
N THR K 428 -67.03 26.68 -3.78
CA THR K 428 -66.83 25.95 -5.03
C THR K 428 -66.52 24.51 -4.65
N VAL K 429 -67.47 23.61 -4.90
CA VAL K 429 -67.32 22.21 -4.54
C VAL K 429 -66.90 21.44 -5.79
N CYS K 430 -65.59 21.36 -6.01
CA CYS K 430 -65.09 20.59 -7.14
C CYS K 430 -65.14 19.12 -6.77
N GLU K 431 -65.95 18.36 -7.48
CA GLU K 431 -66.11 16.93 -7.17
C GLU K 431 -66.46 16.21 -8.47
N ASP K 432 -65.45 15.59 -9.08
CA ASP K 432 -65.60 14.94 -10.37
C ASP K 432 -66.38 13.63 -10.18
N VAL K 433 -67.33 13.39 -11.07
CA VAL K 433 -68.31 12.33 -10.89
C VAL K 433 -68.18 11.29 -11.99
N PHE K 434 -68.46 10.05 -11.64
CA PHE K 434 -68.53 8.96 -12.60
C PHE K 434 -69.71 9.17 -13.56
N ARG K 435 -69.57 8.60 -14.75
CA ARG K 435 -70.66 8.63 -15.73
C ARG K 435 -70.37 7.62 -16.83
N VAL K 436 -71.28 6.68 -17.05
CA VAL K 436 -71.22 5.77 -18.18
C VAL K 436 -71.88 6.49 -19.36
N ALA K 437 -71.06 7.00 -20.26
CA ALA K 437 -71.61 7.51 -21.51
C ALA K 437 -71.81 6.37 -22.49
N LYS K 438 -72.70 6.58 -23.45
CA LYS K 438 -72.94 5.61 -24.51
C LYS K 438 -73.15 6.35 -25.82
N ALA K 439 -72.65 5.77 -26.90
CA ALA K 439 -72.86 6.27 -28.23
C ALA K 439 -73.27 5.11 -29.14
N GLU K 440 -74.20 5.37 -30.04
CA GLU K 440 -74.64 4.37 -31.01
C GLU K 440 -73.96 4.70 -32.33
N PHE K 441 -72.97 3.88 -32.68
CA PHE K 441 -72.20 4.06 -33.90
C PHE K 441 -72.97 3.53 -35.09
N ARG K 442 -73.40 4.42 -35.98
CA ARG K 442 -74.15 4.06 -37.17
C ARG K 442 -73.27 4.30 -38.39
N ALA K 443 -72.74 3.23 -38.97
CA ALA K 443 -71.97 3.35 -40.18
C ALA K 443 -72.90 3.28 -41.39
N TYR K 444 -72.63 4.14 -42.37
CA TYR K 444 -73.48 4.25 -43.56
C TYR K 444 -72.57 4.14 -44.79
N TRP K 445 -72.44 2.93 -45.32
CA TRP K 445 -71.57 2.73 -46.46
C TRP K 445 -72.07 3.53 -47.66
N CYS K 446 -71.16 4.28 -48.26
CA CYS K 446 -71.48 5.10 -49.42
C CYS K 446 -71.16 4.32 -50.68
N VAL K 447 -72.17 4.22 -51.56
CA VAL K 447 -72.06 3.47 -52.80
C VAL K 447 -72.71 4.27 -53.91
N ALA K 448 -72.12 4.22 -55.10
CA ALA K 448 -72.69 4.91 -56.25
C ALA K 448 -74.05 4.32 -56.61
N ALA K 449 -74.94 5.20 -57.08
CA ALA K 449 -76.26 4.76 -57.51
C ALA K 449 -76.20 4.12 -58.89
N GLY K 450 -75.62 4.82 -59.86
CA GLY K 450 -75.50 4.30 -61.20
C GLY K 450 -74.18 4.64 -61.86
N GLN K 451 -74.22 4.97 -63.16
CA GLN K 451 -73.00 5.34 -63.86
C GLN K 451 -72.44 6.64 -63.31
N VAL K 452 -71.14 6.66 -63.04
CA VAL K 452 -70.54 7.81 -62.37
C VAL K 452 -69.97 8.76 -63.42
N PRO K 453 -70.09 10.08 -63.25
CA PRO K 453 -69.28 11.02 -64.02
C PRO K 453 -67.88 11.09 -63.43
N ASP K 454 -66.87 10.93 -64.27
CA ASP K 454 -65.49 10.86 -63.79
C ASP K 454 -65.03 12.17 -63.18
N ASN K 455 -65.78 13.26 -63.35
CA ASN K 455 -65.40 14.53 -62.73
C ASN K 455 -65.52 14.47 -61.22
N SER K 456 -66.53 13.77 -60.70
CA SER K 456 -66.78 13.71 -59.26
C SER K 456 -67.08 12.29 -58.82
N GLY K 457 -66.49 11.31 -59.50
CA GLY K 457 -66.62 9.92 -59.10
C GLY K 457 -65.25 9.29 -58.94
N LEU K 458 -64.92 8.85 -57.73
CA LEU K 458 -63.57 8.41 -57.42
C LEU K 458 -63.54 6.97 -56.92
N LEU K 459 -62.39 6.34 -57.07
CA LEU K 459 -62.09 5.00 -56.61
C LEU K 459 -61.09 5.06 -55.46
N PHE K 460 -61.15 4.05 -54.60
CA PHE K 460 -60.39 4.07 -53.35
C PHE K 460 -59.91 2.66 -53.03
N GLY K 461 -59.49 2.44 -51.79
CA GLY K 461 -59.07 1.13 -51.34
C GLY K 461 -58.21 1.16 -50.10
N GLY K 462 -58.28 0.10 -49.29
CA GLY K 462 -57.44 -0.02 -48.11
C GLY K 462 -58.21 0.00 -46.81
N VAL K 463 -58.33 -1.15 -46.14
CA VAL K 463 -59.07 -1.28 -44.90
C VAL K 463 -58.32 -2.22 -43.97
N PHE K 464 -58.28 -1.86 -42.68
CA PHE K 464 -57.56 -2.64 -41.68
C PHE K 464 -57.86 -2.07 -40.31
N THR K 465 -57.63 -2.89 -39.29
CA THR K 465 -57.75 -2.44 -37.91
C THR K 465 -56.36 -2.35 -37.29
N ASP K 466 -56.32 -1.93 -36.02
CA ASP K 466 -55.06 -1.95 -35.28
C ASP K 466 -54.59 -3.38 -35.02
N LYS K 467 -55.51 -4.33 -35.03
CA LYS K 467 -55.20 -5.73 -34.77
C LYS K 467 -55.13 -6.56 -36.04
N THR K 468 -56.04 -6.35 -36.98
CA THR K 468 -56.00 -7.06 -38.26
C THR K 468 -55.06 -6.35 -39.21
N ILE K 469 -54.19 -7.14 -39.84
CA ILE K 469 -53.19 -6.60 -40.77
C ILE K 469 -53.90 -6.13 -42.03
N ASN K 470 -53.29 -5.17 -42.72
CA ASN K 470 -53.79 -4.71 -44.01
C ASN K 470 -53.13 -5.50 -45.12
N PRO K 471 -53.79 -6.54 -45.67
CA PRO K 471 -53.15 -7.29 -46.76
C PRO K 471 -53.02 -6.47 -48.02
N MET K 472 -53.83 -5.43 -48.18
CA MET K 472 -53.61 -4.43 -49.22
C MET K 472 -52.16 -3.97 -49.26
N THR K 473 -51.67 -3.45 -48.14
CA THR K 473 -50.31 -2.96 -48.07
C THR K 473 -49.38 -3.89 -47.28
N ASN K 474 -49.90 -4.97 -46.72
CA ASN K 474 -49.11 -5.87 -45.86
C ASN K 474 -48.50 -5.11 -44.70
N ALA K 475 -49.26 -4.22 -44.09
CA ALA K 475 -48.78 -3.41 -42.97
C ALA K 475 -49.96 -3.09 -42.06
N GLN K 476 -49.75 -2.17 -41.13
CA GLN K 476 -50.78 -1.70 -40.22
C GLN K 476 -50.94 -0.18 -40.30
N SER K 477 -50.72 0.39 -41.49
CA SER K 477 -50.79 1.82 -41.70
C SER K 477 -51.39 2.09 -43.06
N CYS K 478 -51.34 3.33 -43.46
CA CYS K 478 -51.86 3.72 -44.77
C CYS K 478 -50.75 3.69 -45.82
N PRO K 479 -51.04 3.16 -47.00
CA PRO K 479 -50.09 3.28 -48.11
C PRO K 479 -49.97 4.73 -48.56
N ALA K 480 -48.91 4.98 -49.32
CA ALA K 480 -48.60 6.34 -49.74
C ALA K 480 -49.72 6.90 -50.60
N GLY K 481 -50.07 8.16 -50.36
CA GLY K 481 -51.20 8.77 -51.04
C GLY K 481 -52.55 8.37 -50.52
N TYR K 482 -52.65 8.03 -49.24
CA TYR K 482 -53.91 7.57 -48.64
C TYR K 482 -54.10 8.25 -47.30
N ILE K 483 -55.25 8.89 -47.11
CA ILE K 483 -55.68 9.29 -45.77
C ILE K 483 -56.37 8.08 -45.16
N PRO K 484 -55.97 7.64 -43.98
CA PRO K 484 -56.73 6.58 -43.32
C PRO K 484 -57.98 7.14 -42.69
N LEU K 485 -59.12 6.89 -43.31
CA LEU K 485 -60.40 7.39 -42.82
C LEU K 485 -60.94 6.37 -41.83
N ASN K 486 -60.98 6.75 -40.55
CA ASN K 486 -61.29 5.81 -39.46
C ASN K 486 -62.79 5.60 -39.33
N LEU K 487 -63.42 5.27 -40.46
CA LEU K 487 -64.86 5.12 -40.55
C LEU K 487 -65.46 4.26 -39.44
N PHE K 488 -64.76 3.21 -39.02
CA PHE K 488 -65.36 2.22 -38.14
C PHE K 488 -64.81 2.38 -36.72
N GLU K 489 -65.20 1.45 -35.83
CA GLU K 489 -64.68 1.42 -34.47
C GLU K 489 -63.16 1.39 -34.47
N SER K 490 -62.56 0.49 -35.25
CA SER K 490 -61.11 0.38 -35.33
C SER K 490 -60.57 0.36 -36.75
N LEU K 491 -61.43 0.37 -37.77
CA LEU K 491 -60.95 0.40 -39.15
C LEU K 491 -60.45 1.78 -39.50
N LYS K 492 -59.44 1.85 -40.33
CA LYS K 492 -58.96 3.10 -40.91
C LYS K 492 -59.02 2.92 -42.42
N VAL K 493 -60.18 3.21 -42.99
CA VAL K 493 -60.42 2.96 -44.41
C VAL K 493 -59.58 3.95 -45.21
N CYS K 494 -58.52 3.47 -45.82
CA CYS K 494 -57.64 4.30 -46.62
C CYS K 494 -58.35 4.79 -47.86
N VAL K 495 -58.03 6.01 -48.27
CA VAL K 495 -58.71 6.65 -49.39
C VAL K 495 -57.72 6.85 -50.53
N SER K 496 -58.08 6.40 -51.72
CA SER K 496 -57.33 6.74 -52.93
C SER K 496 -57.86 8.07 -53.48
N LEU K 497 -57.67 9.10 -52.67
CA LEU K 497 -58.19 10.43 -52.97
C LEU K 497 -57.57 11.02 -54.22
N ASP K 498 -56.44 10.48 -54.69
CA ASP K 498 -55.78 10.96 -55.89
C ASP K 498 -55.52 9.81 -56.85
N TYR K 499 -55.52 10.15 -58.15
CA TYR K 499 -55.32 9.17 -59.21
C TYR K 499 -53.92 8.57 -59.18
N GLU K 500 -52.96 9.31 -58.61
CA GLU K 500 -51.57 9.26 -59.06
C GLU K 500 -51.04 7.83 -59.11
N LEU K 501 -50.92 7.18 -57.96
CA LEU K 501 -50.51 5.79 -57.94
C LEU K 501 -51.71 4.87 -57.73
N GLY K 502 -52.87 5.44 -57.43
CA GLY K 502 -54.07 4.65 -57.28
C GLY K 502 -54.44 3.90 -58.53
N PHE K 503 -54.28 4.54 -59.70
CA PHE K 503 -54.63 3.89 -60.96
C PHE K 503 -54.05 2.48 -61.07
N LYS K 504 -52.86 2.27 -60.53
CA LYS K 504 -52.23 0.95 -60.53
C LYS K 504 -52.29 0.25 -59.19
N PHE K 505 -52.59 0.97 -58.11
CA PHE K 505 -52.81 0.36 -56.80
C PHE K 505 -54.14 0.90 -56.28
N SER K 506 -55.25 0.32 -56.77
CA SER K 506 -56.60 0.69 -56.35
C SER K 506 -57.38 -0.52 -55.86
N VAL K 507 -57.42 -1.59 -56.64
CA VAL K 507 -58.24 -2.76 -56.35
C VAL K 507 -59.70 -2.32 -56.24
N PRO K 508 -60.39 -2.10 -57.37
CA PRO K 508 -61.65 -1.36 -57.37
C PRO K 508 -62.78 -2.05 -56.62
N PHE K 509 -62.81 -1.78 -55.31
CA PHE K 509 -63.66 -2.45 -54.35
C PHE K 509 -65.15 -2.24 -54.64
N GLY K 510 -65.96 -2.90 -53.82
CA GLY K 510 -67.35 -2.54 -53.65
C GLY K 510 -67.68 -2.39 -52.18
N GLY K 511 -68.97 -2.51 -51.87
CA GLY K 511 -69.41 -2.36 -50.49
C GLY K 511 -70.30 -3.47 -49.98
N PHE K 512 -70.35 -3.65 -48.67
CA PHE K 512 -71.16 -4.71 -48.08
C PHE K 512 -71.38 -4.41 -46.61
N PHE K 513 -72.63 -4.58 -46.17
CA PHE K 513 -73.02 -4.34 -44.79
C PHE K 513 -72.52 -5.50 -43.92
N SER K 514 -73.01 -5.57 -42.69
CA SER K 514 -72.72 -6.74 -41.87
C SER K 514 -73.57 -7.93 -42.34
N CYS K 515 -73.20 -9.12 -41.87
CA CYS K 515 -73.93 -10.33 -42.26
C CYS K 515 -75.37 -10.29 -41.79
N ILE K 516 -75.66 -9.50 -40.75
CA ILE K 516 -77.05 -9.32 -40.32
C ILE K 516 -77.71 -8.15 -41.05
N MET K 517 -76.97 -7.09 -41.34
CA MET K 517 -77.47 -5.97 -42.12
C MET K 517 -77.55 -6.39 -43.58
N GLY K 518 -77.99 -5.47 -44.43
CA GLY K 518 -78.24 -5.80 -45.83
C GLY K 518 -77.02 -5.78 -46.72
N ASN K 519 -77.13 -5.13 -47.87
CA ASN K 519 -76.05 -5.07 -48.86
C ASN K 519 -76.45 -4.04 -49.91
N PRO K 520 -75.47 -3.39 -50.55
CA PRO K 520 -75.80 -2.32 -51.50
C PRO K 520 -76.10 -2.79 -52.92
N LEU K 521 -75.56 -3.93 -53.34
CA LEU K 521 -75.61 -4.30 -54.75
C LEU K 521 -76.28 -5.66 -54.94
N VAL K 522 -76.48 -5.99 -56.23
CA VAL K 522 -77.25 -7.16 -56.61
C VAL K 522 -76.34 -8.38 -56.73
N ASN K 523 -76.94 -9.56 -56.61
CA ASN K 523 -76.26 -10.82 -56.84
C ASN K 523 -76.85 -11.48 -58.09
N ALA K 532 -85.60 -0.41 -55.13
CA ALA K 532 -86.48 -1.57 -55.09
C ALA K 532 -85.90 -2.64 -54.17
N PRO K 533 -86.12 -2.49 -52.86
CA PRO K 533 -85.55 -3.46 -51.90
C PRO K 533 -86.23 -4.81 -51.97
N SER K 534 -85.56 -5.78 -52.59
CA SER K 534 -86.04 -7.16 -52.64
C SER K 534 -84.98 -8.17 -52.25
N LEU K 535 -83.71 -7.81 -52.28
CA LEU K 535 -82.62 -8.72 -51.97
C LEU K 535 -81.95 -8.34 -50.66
N LYS K 536 -81.51 -9.35 -49.91
CA LYS K 536 -80.68 -9.12 -48.72
C LYS K 536 -79.74 -10.31 -48.57
N LYS K 537 -78.56 -10.20 -49.19
CA LYS K 537 -77.48 -11.17 -49.08
C LYS K 537 -76.31 -10.61 -49.88
N CYS K 538 -75.14 -11.23 -49.70
CA CYS K 538 -73.88 -10.68 -50.18
C CYS K 538 -74.05 -10.07 -51.58
N PRO K 539 -73.62 -8.83 -51.78
CA PRO K 539 -73.91 -8.13 -53.04
C PRO K 539 -73.06 -8.63 -54.20
N GLY K 540 -73.52 -9.68 -54.85
CA GLY K 540 -72.75 -10.31 -55.91
C GLY K 540 -71.94 -11.47 -55.38
N GLY K 541 -70.66 -11.54 -55.78
CA GLY K 541 -69.79 -12.57 -55.27
C GLY K 541 -69.00 -12.12 -54.06
N PHE K 542 -67.68 -12.24 -54.14
CA PHE K 542 -66.78 -11.89 -53.05
C PHE K 542 -67.15 -12.66 -51.78
N SER K 543 -66.87 -13.96 -51.83
CA SER K 543 -67.09 -14.84 -50.71
C SER K 543 -66.38 -14.31 -49.47
N GLN K 544 -66.63 -14.92 -48.32
CA GLN K 544 -66.42 -14.26 -47.03
C GLN K 544 -64.93 -14.04 -46.82
N HIS K 545 -64.46 -12.93 -47.38
CA HIS K 545 -63.10 -12.46 -47.15
C HIS K 545 -63.13 -11.49 -45.98
N LEU K 546 -62.81 -12.00 -44.79
CA LEU K 546 -62.98 -11.23 -43.56
C LEU K 546 -62.19 -9.93 -43.60
N ALA K 547 -62.77 -8.90 -43.00
CA ALA K 547 -62.10 -7.64 -42.76
C ALA K 547 -62.09 -7.26 -41.29
N VAL K 548 -63.20 -7.48 -40.58
CA VAL K 548 -63.31 -7.15 -39.17
C VAL K 548 -64.55 -7.80 -38.61
N ILE K 549 -64.52 -8.18 -37.33
CA ILE K 549 -65.69 -8.67 -36.64
C ILE K 549 -66.15 -7.57 -35.69
N SER K 550 -67.48 -7.43 -35.57
CA SER K 550 -68.06 -6.50 -34.61
C SER K 550 -69.09 -7.26 -33.79
N ASP K 551 -68.73 -7.57 -32.54
CA ASP K 551 -69.57 -8.27 -31.57
C ASP K 551 -70.38 -9.39 -32.20
N GLY K 552 -69.74 -10.21 -33.04
CA GLY K 552 -70.39 -11.37 -33.59
C GLY K 552 -70.61 -11.33 -35.08
N CYS K 553 -71.00 -10.17 -35.62
CA CYS K 553 -71.21 -10.02 -37.05
C CYS K 553 -69.90 -9.69 -37.73
N GLN K 554 -69.68 -10.26 -38.90
CA GLN K 554 -68.50 -9.98 -39.70
C GLN K 554 -68.81 -8.91 -40.74
N VAL K 555 -67.88 -7.98 -40.93
CA VAL K 555 -68.04 -6.90 -41.88
C VAL K 555 -67.06 -7.12 -43.03
N SER K 556 -67.60 -7.35 -44.22
CA SER K 556 -66.79 -7.60 -45.40
C SER K 556 -67.20 -6.65 -46.52
N TYR K 557 -66.73 -6.91 -47.75
CA TYR K 557 -67.00 -6.04 -48.87
C TYR K 557 -67.25 -6.88 -50.12
N CYS K 558 -67.20 -6.25 -51.28
CA CYS K 558 -67.08 -6.93 -52.57
C CYS K 558 -65.95 -6.20 -53.30
N VAL K 559 -64.72 -6.60 -53.04
CA VAL K 559 -63.56 -5.88 -53.52
C VAL K 559 -63.13 -6.48 -54.85
N LYS K 560 -63.46 -5.81 -55.95
CA LYS K 560 -63.06 -6.22 -57.27
C LYS K 560 -61.61 -5.83 -57.48
N ALA K 561 -60.90 -6.60 -58.29
CA ALA K 561 -59.48 -6.41 -58.53
C ALA K 561 -59.18 -6.30 -60.02
N GLY K 562 -59.95 -5.46 -60.72
CA GLY K 562 -59.84 -5.36 -62.16
C GLY K 562 -58.60 -4.64 -62.66
N ILE K 563 -58.76 -3.86 -63.73
CA ILE K 563 -57.63 -3.25 -64.42
C ILE K 563 -56.96 -2.18 -63.57
N THR L 13 -18.75 -25.25 -57.57
CA THR L 13 -19.69 -24.33 -56.93
C THR L 13 -19.39 -24.23 -55.44
N GLY L 14 -18.14 -24.48 -55.08
CA GLY L 14 -17.71 -24.48 -53.68
C GLY L 14 -17.18 -23.11 -53.32
N PHE L 15 -17.96 -22.34 -52.56
CA PHE L 15 -17.49 -21.03 -52.12
C PHE L 15 -16.35 -21.12 -51.14
N GLN L 16 -16.02 -22.32 -50.66
CA GLN L 16 -14.99 -22.46 -49.63
C GLN L 16 -13.65 -21.93 -50.09
N ILE L 17 -13.39 -21.90 -51.39
CA ILE L 17 -12.08 -21.48 -51.89
C ILE L 17 -11.80 -20.04 -51.47
N CYS L 18 -12.72 -19.13 -51.74
CA CYS L 18 -12.42 -17.74 -51.44
C CYS L 18 -12.96 -17.28 -50.11
N LYS L 19 -13.97 -17.96 -49.57
CA LYS L 19 -14.21 -17.85 -48.14
C LYS L 19 -12.95 -18.16 -47.36
N ASN L 20 -12.08 -18.98 -47.93
CA ASN L 20 -10.78 -19.23 -47.35
C ASN L 20 -9.77 -18.15 -47.72
N ALA L 21 -9.80 -17.70 -48.98
CA ALA L 21 -8.90 -16.64 -49.39
C ALA L 21 -9.10 -15.39 -48.54
N LEU L 22 -10.27 -14.77 -48.66
CA LEU L 22 -10.66 -13.64 -47.81
C LEU L 22 -11.63 -14.15 -46.76
N LYS L 23 -11.49 -13.66 -45.54
CA LYS L 23 -12.06 -14.34 -44.38
C LYS L 23 -13.51 -13.97 -44.11
N LEU L 24 -14.23 -13.44 -45.07
CA LEU L 24 -15.58 -13.02 -44.75
C LEU L 24 -16.54 -14.21 -44.78
N PRO L 25 -17.65 -14.12 -44.07
CA PRO L 25 -18.65 -15.18 -44.11
C PRO L 25 -19.65 -14.97 -45.23
N VAL L 26 -20.05 -16.09 -45.85
CA VAL L 26 -20.98 -16.02 -46.97
C VAL L 26 -22.34 -15.60 -46.48
N LEU L 27 -23.03 -14.79 -47.27
CA LEU L 27 -24.41 -14.43 -46.96
C LEU L 27 -25.25 -15.69 -46.90
N GLU L 28 -26.24 -15.69 -46.00
CA GLU L 28 -27.05 -16.89 -45.84
C GLU L 28 -28.26 -16.89 -46.77
N VAL L 29 -28.96 -15.78 -46.82
CA VAL L 29 -30.15 -15.70 -47.65
C VAL L 29 -29.73 -15.54 -49.10
N LEU L 30 -30.39 -16.28 -49.99
CA LEU L 30 -30.01 -16.21 -51.38
C LEU L 30 -31.26 -16.39 -52.23
N PRO L 31 -31.40 -15.64 -53.28
CA PRO L 31 -32.64 -15.65 -54.05
C PRO L 31 -32.77 -16.82 -55.00
N GLY L 32 -31.67 -17.27 -55.57
CA GLY L 32 -31.78 -18.26 -56.61
C GLY L 32 -32.19 -19.61 -56.09
N GLY L 33 -33.43 -19.71 -55.62
CA GLY L 33 -33.90 -20.96 -55.07
C GLY L 33 -35.41 -21.10 -55.13
N GLY L 34 -35.88 -22.23 -55.63
CA GLY L 34 -37.30 -22.45 -55.75
C GLY L 34 -38.03 -22.32 -54.42
N TRP L 35 -39.34 -22.20 -54.50
CA TRP L 35 -40.13 -21.87 -53.32
C TRP L 35 -41.55 -22.32 -53.52
N ASP L 36 -42.03 -23.18 -52.63
CA ASP L 36 -43.40 -23.66 -52.70
C ASP L 36 -44.32 -22.59 -52.15
N ASN L 37 -45.23 -22.10 -52.99
CA ASN L 37 -46.15 -21.06 -52.54
C ASN L 37 -47.31 -21.63 -51.74
N LEU L 38 -47.61 -22.91 -51.89
CA LEU L 38 -48.72 -23.49 -51.15
C LEU L 38 -48.31 -23.85 -49.73
N ARG L 39 -47.36 -24.79 -49.60
CA ARG L 39 -46.82 -25.10 -48.28
C ARG L 39 -46.11 -23.91 -47.67
N ASN L 40 -45.66 -22.95 -48.49
CA ASN L 40 -44.99 -21.74 -48.02
C ASN L 40 -43.67 -22.06 -47.34
N VAL L 41 -42.75 -22.68 -48.08
CA VAL L 41 -41.44 -23.09 -47.57
C VAL L 41 -40.47 -23.29 -48.72
N ASP L 42 -39.22 -22.87 -48.54
CA ASP L 42 -38.20 -23.01 -49.58
C ASP L 42 -38.09 -24.45 -50.04
N MET L 43 -37.70 -24.62 -51.31
CA MET L 43 -37.69 -25.95 -51.90
C MET L 43 -36.34 -26.39 -52.44
N GLY L 44 -35.64 -25.57 -53.20
CA GLY L 44 -34.37 -26.02 -53.75
C GLY L 44 -33.84 -25.06 -54.77
N ARG L 45 -32.56 -25.26 -55.11
CA ARG L 45 -31.92 -24.39 -56.09
C ARG L 45 -32.69 -24.39 -57.40
N VAL L 46 -32.75 -23.23 -58.04
CA VAL L 46 -33.22 -23.18 -59.42
C VAL L 46 -32.20 -22.46 -60.27
N MET L 47 -31.90 -21.22 -59.91
CA MET L 47 -30.85 -20.46 -60.57
C MET L 47 -29.52 -20.80 -59.91
N ASP L 48 -28.56 -21.26 -60.70
CA ASP L 48 -27.33 -21.74 -60.13
C ASP L 48 -26.55 -20.60 -59.50
N LEU L 49 -25.80 -20.91 -58.45
CA LEU L 49 -25.01 -19.93 -57.73
C LEU L 49 -23.57 -20.41 -57.72
N THR L 50 -22.74 -19.77 -58.52
CA THR L 50 -21.32 -20.06 -58.53
C THR L 50 -20.60 -19.10 -57.61
N TYR L 51 -19.28 -19.26 -57.53
CA TYR L 51 -18.47 -18.32 -56.79
C TYR L 51 -17.14 -18.07 -57.49
N THR L 52 -17.15 -18.11 -58.82
CA THR L 52 -15.91 -18.10 -59.58
C THR L 52 -15.11 -16.82 -59.34
N ASN L 53 -15.61 -15.70 -59.85
CA ASN L 53 -14.91 -14.43 -59.68
C ASN L 53 -15.32 -13.83 -58.36
N CYS L 54 -15.11 -14.56 -57.27
CA CYS L 54 -16.03 -14.50 -56.15
C CYS L 54 -16.21 -13.07 -55.67
N LYS L 55 -17.47 -12.64 -55.69
CA LYS L 55 -17.87 -11.28 -55.39
C LYS L 55 -17.75 -11.05 -53.90
N THR L 56 -18.24 -9.90 -53.46
CA THR L 56 -18.42 -9.58 -52.06
C THR L 56 -19.22 -8.30 -52.01
N THR L 57 -20.01 -8.15 -50.95
CA THR L 57 -20.79 -6.94 -50.81
C THR L 57 -19.87 -5.74 -50.69
N GLU L 58 -20.38 -4.57 -51.06
CA GLU L 58 -19.53 -3.38 -51.12
C GLU L 58 -18.90 -3.11 -49.76
N ASP L 59 -19.70 -2.95 -48.73
CA ASP L 59 -19.17 -2.86 -47.37
C ASP L 59 -18.74 -4.27 -47.00
N GLY L 60 -17.55 -4.64 -47.48
CA GLY L 60 -17.24 -6.04 -47.53
C GLY L 60 -17.32 -6.71 -46.18
N GLN L 61 -18.44 -7.38 -45.94
CA GLN L 61 -18.55 -8.30 -44.83
C GLN L 61 -19.41 -9.49 -45.19
N TYR L 62 -19.45 -9.84 -46.48
CA TYR L 62 -20.12 -11.06 -46.92
C TYR L 62 -19.51 -11.45 -48.26
N ILE L 63 -19.88 -12.64 -48.73
CA ILE L 63 -19.44 -13.14 -50.03
C ILE L 63 -20.70 -13.58 -50.77
N ILE L 64 -21.29 -12.68 -51.53
CA ILE L 64 -22.45 -13.04 -52.31
C ILE L 64 -21.98 -13.95 -53.44
N PRO L 65 -22.82 -14.82 -53.97
CA PRO L 65 -22.46 -15.54 -55.18
C PRO L 65 -22.58 -14.62 -56.37
N ASP L 66 -21.80 -14.89 -57.40
CA ASP L 66 -21.65 -13.95 -58.48
C ASP L 66 -22.82 -13.92 -59.42
N GLU L 67 -23.96 -14.49 -59.02
CA GLU L 67 -25.19 -14.31 -59.77
C GLU L 67 -26.19 -13.45 -59.02
N VAL L 68 -25.76 -12.75 -57.98
CA VAL L 68 -26.65 -11.87 -57.23
C VAL L 68 -25.93 -10.57 -56.95
N TYR L 69 -26.71 -9.50 -56.79
CA TYR L 69 -26.18 -8.20 -56.40
C TYR L 69 -27.04 -7.67 -55.27
N THR L 70 -26.42 -6.90 -54.39
CA THR L 70 -27.09 -6.40 -53.20
C THR L 70 -27.19 -4.88 -53.24
N ILE L 71 -28.16 -4.37 -52.51
CA ILE L 71 -28.38 -2.93 -52.38
C ILE L 71 -28.74 -2.63 -50.92
N PRO L 72 -27.84 -2.06 -50.15
CA PRO L 72 -27.94 -2.15 -48.70
C PRO L 72 -28.69 -1.02 -48.03
N GLN L 73 -29.60 -1.35 -47.11
CA GLN L 73 -30.25 -0.36 -46.26
C GLN L 73 -31.13 -1.02 -45.22
N LYS L 74 -31.15 -0.52 -43.96
CA LYS L 74 -32.37 -0.46 -43.14
C LYS L 74 -32.12 -0.09 -41.70
N GLU L 75 -33.21 0.11 -40.94
CA GLU L 75 -33.41 -0.26 -39.53
C GLU L 75 -34.78 0.26 -39.14
N SER L 76 -35.40 -0.40 -38.16
CA SER L 76 -36.68 0.09 -37.65
C SER L 76 -37.06 -0.71 -36.40
N ASN L 77 -37.53 -0.02 -35.38
CA ASN L 77 -38.10 -0.71 -34.24
C ASN L 77 -39.05 0.23 -33.51
N LEU L 78 -39.82 -0.34 -32.59
CA LEU L 78 -40.76 0.47 -31.85
C LEU L 78 -41.12 -0.21 -30.54
N GLU L 79 -41.00 0.52 -29.45
CA GLU L 79 -41.37 0.05 -28.12
C GLU L 79 -42.65 0.75 -27.70
N MET L 80 -43.43 0.08 -26.86
CA MET L 80 -44.63 0.67 -26.33
C MET L 80 -45.13 -0.19 -25.19
N ASN L 81 -45.65 0.45 -24.15
CA ASN L 81 -46.18 -0.26 -23.00
C ASN L 81 -47.24 0.60 -22.33
N SER L 82 -47.94 0.01 -21.36
CA SER L 82 -49.03 0.69 -20.68
C SER L 82 -49.00 0.29 -19.22
N GLU L 83 -49.95 0.83 -18.46
CA GLU L 83 -49.97 0.70 -17.00
C GLU L 83 -51.37 0.91 -16.49
N VAL L 84 -51.69 0.28 -15.37
CA VAL L 84 -52.99 0.42 -14.71
C VAL L 84 -52.83 0.07 -13.24
N LEU L 85 -53.35 0.92 -12.35
CA LEU L 85 -53.33 0.66 -10.91
C LEU L 85 -54.70 0.94 -10.31
N GLU L 86 -54.84 0.60 -9.02
CA GLU L 86 -56.05 0.85 -8.26
C GLU L 86 -55.70 0.79 -6.77
N SER L 87 -56.64 1.24 -5.94
CA SER L 87 -56.58 1.04 -4.50
C SER L 87 -57.88 1.53 -3.88
N TRP L 88 -58.39 0.80 -2.88
CA TRP L 88 -59.64 1.11 -2.21
C TRP L 88 -59.46 1.03 -0.70
N MET L 89 -60.45 1.52 0.06
CA MET L 89 -60.44 1.46 1.52
C MET L 89 -61.88 1.47 2.04
N ASN L 90 -62.02 1.42 3.36
CA ASN L 90 -63.30 1.58 4.06
C ASN L 90 -63.06 1.83 5.55
N TYR L 91 -64.15 1.84 6.31
CA TYR L 91 -64.13 2.24 7.73
C TYR L 91 -65.38 1.71 8.42
N GLN L 92 -65.65 2.23 9.64
CA GLN L 92 -66.48 1.54 10.61
C GLN L 92 -67.59 2.37 11.26
N SER L 93 -68.23 1.81 12.30
CA SER L 93 -69.34 2.42 13.02
C SER L 93 -69.38 1.87 14.44
N THR L 94 -70.06 2.58 15.34
CA THR L 94 -70.04 2.27 16.76
C THR L 94 -71.25 2.87 17.49
N THR L 95 -71.77 2.13 18.46
CA THR L 95 -72.79 2.64 19.37
C THR L 95 -72.48 2.17 20.78
N SER L 96 -73.08 2.85 21.77
CA SER L 96 -72.89 2.51 23.17
C SER L 96 -73.88 3.27 24.02
N LEU L 97 -74.46 2.60 25.02
CA LEU L 97 -75.40 3.22 25.96
C LEU L 97 -75.19 2.60 27.33
N SER L 98 -75.00 3.45 28.35
CA SER L 98 -74.69 3.02 29.71
C SER L 98 -75.67 3.69 30.67
N ILE L 99 -76.71 2.98 31.07
CA ILE L 99 -77.87 3.62 31.68
C ILE L 99 -78.39 2.86 32.90
N ASN L 100 -78.35 3.49 34.08
CA ASN L 100 -79.46 3.49 35.04
C ASN L 100 -78.95 4.04 36.36
N THR L 101 -79.89 4.19 37.31
CA THR L 101 -79.58 4.40 38.73
C THR L 101 -80.88 4.16 39.50
N GLU L 102 -80.76 4.06 40.83
CA GLU L 102 -81.92 4.00 41.72
C GLU L 102 -81.47 4.17 43.16
N LEU L 103 -82.37 4.72 43.98
CA LEU L 103 -82.20 4.85 45.43
C LEU L 103 -83.55 5.16 46.07
N ALA L 104 -83.63 4.89 47.37
CA ALA L 104 -84.67 5.42 48.25
C ALA L 104 -84.35 5.01 49.68
N LEU L 105 -85.01 5.67 50.62
CA LEU L 105 -84.88 5.34 52.03
C LEU L 105 -86.14 4.73 52.64
N PHE L 106 -87.19 4.54 51.83
CA PHE L 106 -88.45 4.01 52.34
C PHE L 106 -88.79 2.65 51.75
N SER L 107 -88.88 2.53 50.42
CA SER L 107 -89.28 1.26 49.82
C SER L 107 -88.46 0.82 48.62
N ARG L 108 -87.82 1.71 47.86
CA ARG L 108 -87.29 1.35 46.55
C ARG L 108 -85.87 1.89 46.38
N VAL L 109 -84.89 1.15 46.87
CA VAL L 109 -83.47 1.46 46.66
C VAL L 109 -82.83 0.30 45.90
N ASN L 110 -82.32 0.58 44.71
CA ASN L 110 -81.75 -0.41 43.83
C ASN L 110 -80.50 0.12 43.15
N GLY L 111 -80.01 -0.65 42.18
CA GLY L 111 -78.93 -0.21 41.33
C GLY L 111 -79.02 -0.91 39.98
N LYS L 112 -78.63 -0.23 38.90
CA LYS L 112 -78.66 -0.85 37.59
C LYS L 112 -77.72 -0.09 36.66
N PHE L 113 -77.02 -0.84 35.79
CA PHE L 113 -76.23 -0.26 34.71
C PHE L 113 -76.22 -1.28 33.57
N SER L 114 -77.14 -1.13 32.63
CA SER L 114 -77.22 -2.06 31.50
C SER L 114 -76.39 -1.52 30.32
N THR L 115 -75.11 -1.31 30.60
CA THR L 115 -74.21 -0.71 29.61
C THR L 115 -73.97 -1.67 28.46
N GLU L 116 -73.88 -1.10 27.25
CA GLU L 116 -73.71 -1.89 26.04
C GLU L 116 -72.70 -1.23 25.12
N PHE L 117 -72.11 -2.03 24.23
CA PHE L 117 -71.18 -1.54 23.24
C PHE L 117 -71.31 -2.41 21.99
N GLN L 118 -71.43 -1.77 20.84
CA GLN L 118 -71.39 -2.47 19.56
C GLN L 118 -70.44 -1.73 18.64
N ARG L 119 -69.37 -2.42 18.22
CA ARG L 119 -68.40 -1.87 17.28
C ARG L 119 -68.20 -2.87 16.17
N MET L 120 -68.12 -2.37 14.93
CA MET L 120 -67.88 -3.21 13.77
C MET L 120 -66.94 -2.47 12.84
N LYS L 121 -65.66 -2.83 12.87
CA LYS L 121 -64.66 -2.24 11.99
C LYS L 121 -64.44 -3.16 10.81
N THR L 122 -64.70 -2.66 9.60
CA THR L 122 -64.44 -3.40 8.39
C THR L 122 -63.52 -2.59 7.50
N LEU L 123 -62.43 -3.20 7.04
CA LEU L 123 -61.56 -2.64 6.03
C LEU L 123 -61.68 -3.47 4.77
N GLN L 124 -61.44 -2.83 3.63
CA GLN L 124 -61.39 -3.53 2.35
C GLN L 124 -60.38 -2.80 1.48
N VAL L 125 -59.15 -3.26 1.52
CA VAL L 125 -58.14 -2.80 0.57
C VAL L 125 -58.28 -3.64 -0.69
N LYS L 126 -58.04 -3.03 -1.85
CA LYS L 126 -58.15 -3.77 -3.09
C LYS L 126 -57.20 -3.13 -4.10
N ASP L 127 -56.09 -3.81 -4.37
CA ASP L 127 -55.04 -3.31 -5.24
C ASP L 127 -54.96 -4.15 -6.50
N GLN L 128 -54.69 -3.51 -7.64
CA GLN L 128 -54.69 -4.23 -8.91
C GLN L 128 -53.69 -3.56 -9.86
N ALA L 129 -52.47 -4.09 -9.92
CA ALA L 129 -51.47 -3.61 -10.85
C ALA L 129 -51.57 -4.37 -12.16
N VAL L 130 -51.27 -3.68 -13.26
CA VAL L 130 -51.26 -4.31 -14.58
C VAL L 130 -50.19 -3.67 -15.44
N THR L 131 -49.26 -4.47 -15.93
CA THR L 131 -48.22 -4.01 -16.83
C THR L 131 -48.32 -4.78 -18.14
N THR L 132 -47.96 -4.13 -19.23
CA THR L 132 -48.07 -4.77 -20.55
C THR L 132 -47.09 -4.08 -21.49
N ARG L 133 -45.97 -4.73 -21.77
CA ARG L 133 -44.99 -4.22 -22.72
C ARG L 133 -45.08 -5.01 -24.01
N VAL L 134 -44.81 -4.33 -25.13
CA VAL L 134 -44.70 -4.93 -26.45
C VAL L 134 -43.64 -4.12 -27.16
N GLN L 135 -42.66 -4.78 -27.76
CA GLN L 135 -41.65 -4.03 -28.49
C GLN L 135 -41.02 -4.92 -29.54
N VAL L 136 -40.80 -4.36 -30.73
CA VAL L 136 -40.54 -5.13 -31.93
C VAL L 136 -39.43 -4.46 -32.71
N ARG L 137 -38.47 -5.25 -33.20
CA ARG L 137 -37.34 -4.77 -33.98
C ARG L 137 -37.41 -5.31 -35.40
N ASN L 138 -36.88 -4.55 -36.35
CA ASN L 138 -36.76 -4.99 -37.73
C ASN L 138 -35.48 -4.47 -38.37
N ARG L 139 -34.88 -5.29 -39.21
CA ARG L 139 -33.76 -4.90 -40.03
C ARG L 139 -33.96 -5.46 -41.42
N ILE L 140 -33.46 -4.77 -42.45
CA ILE L 140 -33.42 -5.40 -43.75
C ILE L 140 -32.07 -5.09 -44.40
N TYR L 141 -31.66 -5.92 -45.37
CA TYR L 141 -30.51 -5.60 -46.22
C TYR L 141 -30.62 -6.46 -47.49
N THR L 142 -31.23 -5.92 -48.53
CA THR L 142 -31.86 -6.75 -49.54
C THR L 142 -30.86 -7.34 -50.54
N VAL L 143 -31.38 -8.24 -51.38
CA VAL L 143 -30.60 -9.08 -52.27
C VAL L 143 -31.45 -9.43 -53.47
N LYS L 144 -30.92 -9.25 -54.67
CA LYS L 144 -31.61 -9.58 -55.90
C LYS L 144 -30.78 -10.57 -56.70
N THR L 145 -31.46 -11.34 -57.54
CA THR L 145 -30.76 -12.23 -58.46
C THR L 145 -30.41 -11.46 -59.71
N THR L 146 -29.21 -11.69 -60.23
CA THR L 146 -28.78 -10.94 -61.39
C THR L 146 -29.68 -11.28 -62.57
N PRO L 147 -29.94 -10.32 -63.45
CA PRO L 147 -30.90 -10.55 -64.54
C PRO L 147 -30.40 -11.47 -65.61
N THR L 148 -29.18 -11.98 -65.51
CA THR L 148 -28.59 -12.79 -66.56
C THR L 148 -28.07 -14.12 -66.04
N SER L 149 -28.59 -14.61 -64.93
CA SER L 149 -28.11 -15.89 -64.44
C SER L 149 -28.82 -17.03 -65.16
N GLU L 150 -28.27 -18.23 -65.00
CA GLU L 150 -28.76 -19.41 -65.70
C GLU L 150 -29.31 -20.42 -64.70
N LEU L 151 -30.08 -21.36 -65.22
CA LEU L 151 -30.67 -22.37 -64.35
C LEU L 151 -29.59 -23.22 -63.70
N SER L 152 -29.95 -23.86 -62.60
CA SER L 152 -29.02 -24.72 -61.91
C SER L 152 -28.78 -25.98 -62.73
N LEU L 153 -27.91 -26.85 -62.22
CA LEU L 153 -27.65 -28.10 -62.90
C LEU L 153 -28.82 -29.05 -62.74
N GLY L 154 -29.20 -29.34 -61.49
CA GLY L 154 -30.29 -30.26 -61.24
C GLY L 154 -31.58 -29.83 -61.91
N PHE L 155 -31.83 -28.52 -61.96
CA PHE L 155 -33.05 -28.04 -62.59
C PHE L 155 -33.05 -28.36 -64.06
N THR L 156 -31.97 -28.00 -64.76
CA THR L 156 -31.88 -28.33 -66.18
C THR L 156 -31.98 -29.83 -66.39
N LYS L 157 -31.38 -30.63 -65.50
CA LYS L 157 -31.48 -32.06 -65.62
C LYS L 157 -32.93 -32.51 -65.62
N ALA L 158 -33.68 -32.10 -64.59
CA ALA L 158 -35.08 -32.49 -64.52
C ALA L 158 -35.85 -31.98 -65.74
N LEU L 159 -35.54 -30.78 -66.18
CA LEU L 159 -36.29 -30.18 -67.28
C LEU L 159 -36.07 -30.95 -68.57
N MET L 160 -34.81 -31.12 -68.97
CA MET L 160 -34.56 -31.87 -70.19
C MET L 160 -34.93 -33.34 -70.03
N ASP L 161 -35.06 -33.84 -68.80
CA ASP L 161 -35.59 -35.18 -68.62
C ASP L 161 -37.05 -35.23 -69.02
N ILE L 162 -37.85 -34.28 -68.52
CA ILE L 162 -39.23 -34.21 -68.96
C ILE L 162 -39.31 -34.00 -70.46
N CYS L 163 -38.36 -33.24 -71.02
CA CYS L 163 -38.37 -33.01 -72.47
C CYS L 163 -38.09 -34.29 -73.23
N ASP L 164 -37.15 -35.11 -72.74
CA ASP L 164 -36.90 -36.40 -73.36
C ASP L 164 -38.12 -37.31 -73.20
N GLN L 165 -38.85 -37.15 -72.11
CA GLN L 165 -40.08 -37.94 -71.95
C GLN L 165 -41.13 -37.53 -72.97
N LEU L 166 -41.25 -36.22 -73.24
CA LEU L 166 -42.24 -35.77 -74.20
C LEU L 166 -41.85 -36.14 -75.62
N GLU L 167 -40.57 -36.00 -75.97
CA GLU L 167 -40.09 -36.49 -77.26
C GLU L 167 -40.27 -38.00 -77.39
N LYS L 168 -40.09 -38.72 -76.30
CA LYS L 168 -40.30 -40.16 -76.26
C LYS L 168 -41.78 -40.51 -76.13
N ASN L 169 -42.65 -39.51 -76.17
CA ASN L 169 -44.10 -39.66 -76.31
C ASN L 169 -44.76 -40.27 -75.09
N GLN L 170 -43.99 -40.67 -74.08
CA GLN L 170 -44.51 -41.31 -72.87
C GLN L 170 -45.16 -40.24 -72.00
N THR L 171 -46.45 -40.00 -72.23
CA THR L 171 -47.14 -38.92 -71.53
C THR L 171 -47.21 -39.19 -70.03
N LYS L 172 -47.62 -40.40 -69.65
CA LYS L 172 -47.80 -40.71 -68.24
C LYS L 172 -46.54 -40.47 -67.44
N MET L 173 -45.44 -41.11 -67.83
CA MET L 173 -44.18 -40.87 -67.15
C MET L 173 -43.78 -39.40 -67.22
N ALA L 174 -44.09 -38.73 -68.33
CA ALA L 174 -43.73 -37.32 -68.47
C ALA L 174 -44.48 -36.46 -67.46
N THR L 175 -45.80 -36.60 -67.42
CA THR L 175 -46.57 -35.79 -66.49
C THR L 175 -46.24 -36.13 -65.05
N TYR L 176 -45.93 -37.39 -64.76
CA TYR L 176 -45.52 -37.73 -63.41
C TYR L 176 -44.18 -37.09 -63.08
N LEU L 177 -43.27 -37.05 -64.04
CA LEU L 177 -41.99 -36.41 -63.80
C LEU L 177 -42.17 -34.92 -63.57
N ALA L 178 -43.10 -34.30 -64.29
CA ALA L 178 -43.37 -32.88 -64.06
C ALA L 178 -43.95 -32.66 -62.67
N GLU L 179 -44.85 -33.55 -62.25
CA GLU L 179 -45.41 -33.45 -60.91
C GLU L 179 -44.32 -33.61 -59.86
N LEU L 180 -43.41 -34.54 -60.08
CA LEU L 180 -42.27 -34.68 -59.18
C LEU L 180 -41.41 -33.43 -59.17
N LEU L 181 -41.20 -32.83 -60.33
CA LEU L 181 -40.46 -31.58 -60.41
C LEU L 181 -41.09 -30.52 -59.54
N ILE L 182 -42.41 -30.36 -59.64
CA ILE L 182 -43.05 -29.31 -58.89
C ILE L 182 -43.04 -29.63 -57.40
N LEU L 183 -43.06 -30.91 -57.05
CA LEU L 183 -42.95 -31.29 -55.66
C LEU L 183 -41.54 -31.09 -55.13
N ASN L 184 -40.55 -31.13 -56.02
CA ASN L 184 -39.15 -31.14 -55.63
C ASN L 184 -38.49 -29.79 -55.73
N TYR L 185 -39.09 -28.83 -56.43
CA TYR L 185 -38.50 -27.53 -56.65
C TYR L 185 -39.48 -26.39 -56.41
N GLY L 186 -40.64 -26.68 -55.86
CA GLY L 186 -41.59 -25.62 -55.54
C GLY L 186 -42.23 -24.99 -56.75
N THR L 187 -43.31 -24.24 -56.52
CA THR L 187 -44.07 -23.65 -57.60
C THR L 187 -43.64 -22.23 -57.95
N HIS L 188 -42.58 -21.74 -57.35
CA HIS L 188 -42.11 -20.40 -57.67
C HIS L 188 -40.62 -20.34 -57.40
N VAL L 189 -39.94 -19.50 -58.16
CA VAL L 189 -38.53 -19.23 -57.94
C VAL L 189 -38.39 -17.80 -57.44
N ILE L 190 -37.58 -17.64 -56.42
CA ILE L 190 -37.42 -16.36 -55.76
C ILE L 190 -36.42 -15.51 -56.52
N THR L 191 -36.72 -14.23 -56.70
CA THR L 191 -35.80 -13.31 -57.33
C THR L 191 -35.42 -12.16 -56.44
N SER L 192 -35.82 -12.18 -55.17
CA SER L 192 -35.53 -11.08 -54.27
C SER L 192 -35.81 -11.52 -52.85
N VAL L 193 -34.87 -11.26 -51.95
CA VAL L 193 -35.06 -11.44 -50.53
C VAL L 193 -34.50 -10.23 -49.82
N ASP L 194 -34.79 -10.11 -48.54
CA ASP L 194 -34.30 -8.99 -47.74
C ASP L 194 -33.59 -9.56 -46.54
N ALA L 195 -32.26 -9.63 -46.61
CA ALA L 195 -31.49 -10.13 -45.49
C ALA L 195 -31.71 -9.23 -44.30
N GLY L 196 -32.41 -9.73 -43.30
CA GLY L 196 -32.64 -8.95 -42.11
C GLY L 196 -32.89 -9.85 -40.94
N ALA L 197 -33.35 -9.25 -39.85
CA ALA L 197 -33.78 -9.99 -38.69
C ALA L 197 -34.86 -9.21 -37.99
N ALA L 198 -35.62 -9.90 -37.17
CA ALA L 198 -36.71 -9.28 -36.45
C ALA L 198 -36.73 -9.83 -35.04
N LEU L 199 -37.49 -9.16 -34.19
CA LEU L 199 -37.65 -9.57 -32.81
C LEU L 199 -38.92 -8.97 -32.30
N VAL L 200 -39.84 -9.81 -31.84
CA VAL L 200 -41.14 -9.38 -31.36
C VAL L 200 -41.30 -9.97 -29.98
N GLN L 201 -41.18 -9.14 -28.95
CA GLN L 201 -41.25 -9.66 -27.60
C GLN L 201 -42.24 -8.83 -26.80
N GLU L 202 -42.88 -9.47 -25.84
CA GLU L 202 -43.96 -8.84 -25.09
C GLU L 202 -44.17 -9.60 -23.79
N ASP L 203 -44.88 -8.97 -22.88
CA ASP L 203 -45.16 -9.61 -21.60
C ASP L 203 -46.28 -8.86 -20.91
N HIS L 204 -47.04 -9.58 -20.09
CA HIS L 204 -48.10 -9.00 -19.29
C HIS L 204 -47.88 -9.36 -17.84
N VAL L 205 -48.20 -8.43 -16.95
CA VAL L 205 -48.24 -8.68 -15.53
C VAL L 205 -49.62 -8.27 -15.04
N ARG L 206 -50.21 -9.07 -14.17
CA ARG L 206 -51.56 -8.76 -13.66
C ARG L 206 -51.60 -9.13 -12.18
N SER L 207 -51.26 -8.18 -11.33
CA SER L 207 -51.36 -8.36 -9.90
C SER L 207 -52.78 -8.10 -9.45
N SER L 208 -53.22 -8.84 -8.45
CA SER L 208 -54.51 -8.64 -7.82
C SER L 208 -54.36 -8.84 -6.33
N PHE L 209 -54.84 -7.87 -5.56
CA PHE L 209 -54.63 -7.88 -4.11
C PHE L 209 -55.92 -7.45 -3.45
N LEU L 210 -56.62 -8.40 -2.86
CA LEU L 210 -57.91 -8.15 -2.23
C LEU L 210 -57.78 -8.48 -0.75
N LEU L 211 -58.01 -7.49 0.10
CA LEU L 211 -57.87 -7.64 1.54
C LEU L 211 -59.22 -7.39 2.21
N ASP L 212 -59.49 -8.13 3.28
CA ASP L 212 -60.71 -7.97 4.04
C ASP L 212 -60.40 -7.77 5.50
N ASN L 213 -61.42 -7.41 6.26
CA ASN L 213 -61.32 -7.26 7.70
C ASN L 213 -62.71 -7.06 8.24
N GLN L 214 -63.01 -7.70 9.38
CA GLN L 214 -64.26 -7.49 10.09
C GLN L 214 -63.91 -7.56 11.57
N ASN L 215 -63.60 -6.41 12.16
CA ASN L 215 -63.09 -6.36 13.52
C ASN L 215 -64.20 -5.84 14.43
N SER L 216 -65.08 -6.75 14.85
CA SER L 216 -66.23 -6.38 15.66
C SER L 216 -65.92 -6.51 17.14
N GLN L 217 -66.81 -5.97 17.97
CA GLN L 217 -66.64 -6.01 19.41
C GLN L 217 -68.00 -5.89 20.09
N ASN L 218 -68.05 -6.38 21.33
CA ASN L 218 -69.22 -6.24 22.18
C ASN L 218 -68.76 -6.02 23.62
N THR L 219 -69.61 -5.35 24.40
CA THR L 219 -69.34 -5.18 25.83
C THR L 219 -70.68 -4.97 26.52
N VAL L 220 -71.12 -5.97 27.27
CA VAL L 220 -72.38 -5.92 28.00
C VAL L 220 -72.06 -5.98 29.49
N THR L 221 -72.65 -5.08 30.25
CA THR L 221 -72.47 -5.06 31.70
C THR L 221 -73.82 -4.85 32.36
N ALA L 222 -74.03 -5.52 33.49
CA ALA L 222 -75.23 -5.37 34.30
C ALA L 222 -74.81 -4.91 35.69
N SER L 223 -75.81 -4.56 36.51
CA SER L 223 -75.53 -4.08 37.85
C SER L 223 -76.75 -4.26 38.74
N ALA L 224 -76.51 -4.13 40.03
CA ALA L 224 -77.51 -4.27 41.08
C ALA L 224 -77.07 -3.36 42.23
N GLY L 225 -77.53 -3.67 43.43
CA GLY L 225 -77.25 -2.81 44.56
C GLY L 225 -78.46 -2.41 45.36
N ILE L 226 -79.48 -3.28 45.39
CA ILE L 226 -80.63 -3.06 46.24
C ILE L 226 -80.21 -3.29 47.68
N ALA L 227 -79.83 -2.20 48.36
CA ALA L 227 -79.34 -2.35 49.72
C ALA L 227 -79.56 -1.13 50.60
N PHE L 228 -80.71 -1.03 51.26
CA PHE L 228 -80.77 -0.36 52.55
C PHE L 228 -81.67 -1.14 53.51
N LEU L 229 -82.70 -1.78 52.97
CA LEU L 229 -83.79 -2.30 53.79
C LEU L 229 -83.92 -3.80 53.59
N ASN L 230 -84.04 -4.51 54.72
CA ASN L 230 -84.30 -5.94 54.83
C ASN L 230 -83.07 -6.74 54.42
N ILE L 231 -82.12 -6.07 53.76
CA ILE L 231 -80.75 -6.52 53.54
C ILE L 231 -79.93 -5.24 53.43
N VAL L 232 -79.03 -5.01 54.40
CA VAL L 232 -78.33 -3.73 54.40
C VAL L 232 -77.35 -3.67 53.25
N ASN L 233 -76.91 -4.82 52.75
CA ASN L 233 -76.02 -4.84 51.59
C ASN L 233 -75.99 -6.18 50.86
N PHE L 234 -76.21 -6.14 49.55
CA PHE L 234 -75.75 -7.19 48.65
C PHE L 234 -75.73 -6.63 47.23
N LYS L 235 -74.67 -6.91 46.49
CA LYS L 235 -74.42 -6.25 45.22
C LYS L 235 -74.19 -7.31 44.15
N VAL L 236 -74.74 -7.06 42.96
CA VAL L 236 -74.63 -7.98 41.83
C VAL L 236 -74.25 -7.18 40.60
N GLU L 237 -73.23 -7.65 39.88
CA GLU L 237 -72.88 -7.08 38.59
C GLU L 237 -72.17 -8.14 37.75
N THR L 238 -72.65 -8.32 36.52
CA THR L 238 -72.00 -9.20 35.56
C THR L 238 -71.27 -8.36 34.52
N ASP L 239 -70.28 -8.98 33.88
CA ASP L 239 -69.55 -8.35 32.80
C ASP L 239 -69.46 -9.32 31.63
N TYR L 240 -69.31 -8.78 30.43
CA TYR L 240 -69.33 -9.61 29.22
C TYR L 240 -68.72 -8.81 28.09
N ILE L 241 -67.64 -9.30 27.51
CA ILE L 241 -67.00 -8.65 26.38
C ILE L 241 -66.63 -9.72 25.36
N SER L 242 -66.96 -9.45 24.10
CA SER L 242 -66.70 -10.37 23.01
C SER L 242 -66.03 -9.63 21.87
N GLN L 243 -65.04 -10.26 21.26
CA GLN L 243 -64.33 -9.68 20.14
C GLN L 243 -64.34 -10.64 18.97
N THR L 244 -64.14 -10.09 17.77
CA THR L 244 -64.07 -10.91 16.57
C THR L 244 -63.33 -10.10 15.52
N SER L 245 -62.14 -10.56 15.13
CA SER L 245 -61.35 -9.88 14.12
C SER L 245 -60.96 -10.92 13.09
N LEU L 246 -61.47 -10.77 11.88
CA LEU L 246 -61.27 -11.74 10.81
C LEU L 246 -60.73 -11.00 9.59
N THR L 247 -59.47 -11.24 9.26
CA THR L 247 -58.86 -10.67 8.07
C THR L 247 -58.73 -11.75 7.00
N LYS L 248 -58.89 -11.33 5.76
CA LYS L 248 -58.79 -12.23 4.63
C LYS L 248 -58.15 -11.46 3.48
N ASP L 249 -56.97 -11.89 3.04
CA ASP L 249 -56.33 -11.30 1.88
C ASP L 249 -56.05 -12.38 0.84
N TYR L 250 -56.00 -11.99 -0.42
CA TYR L 250 -55.98 -12.94 -1.52
C TYR L 250 -55.20 -12.32 -2.66
N LEU L 251 -53.91 -12.64 -2.72
CA LEU L 251 -53.00 -12.09 -3.71
C LEU L 251 -52.82 -13.07 -4.85
N SER L 252 -52.74 -12.57 -6.08
CA SER L 252 -52.55 -13.44 -7.22
C SER L 252 -51.86 -12.67 -8.34
N ASN L 253 -50.55 -12.85 -8.47
CA ASN L 253 -49.84 -12.41 -9.66
C ASN L 253 -50.11 -13.36 -10.81
N ARG L 254 -49.92 -12.86 -12.03
CA ARG L 254 -49.96 -13.70 -13.21
C ARG L 254 -49.12 -13.01 -14.27
N THR L 255 -47.97 -13.59 -14.59
CA THR L 255 -47.04 -13.01 -15.54
C THR L 255 -46.98 -13.87 -16.79
N ASN L 256 -46.94 -13.22 -17.94
CA ASN L 256 -46.63 -13.88 -19.19
C ASN L 256 -45.38 -13.25 -19.81
N SER L 257 -44.91 -13.88 -20.87
CA SER L 257 -43.78 -13.37 -21.63
C SER L 257 -43.67 -14.19 -22.89
N ARG L 258 -43.34 -13.57 -24.00
CA ARG L 258 -43.21 -14.32 -25.24
C ARG L 258 -42.31 -13.54 -26.19
N VAL L 259 -41.07 -13.95 -26.31
CA VAL L 259 -40.24 -13.38 -27.36
C VAL L 259 -40.43 -14.27 -28.56
N GLN L 260 -40.24 -13.70 -29.74
CA GLN L 260 -40.33 -14.49 -30.96
C GLN L 260 -39.43 -13.81 -31.97
N SER L 261 -38.20 -14.27 -32.07
CA SER L 261 -37.19 -13.61 -32.88
C SER L 261 -36.80 -14.49 -34.03
N PHE L 262 -36.63 -13.89 -35.20
CA PHE L 262 -36.03 -14.59 -36.33
C PHE L 262 -35.47 -13.54 -37.26
N GLY L 263 -34.15 -13.52 -37.38
CA GLY L 263 -33.31 -14.43 -36.63
C GLY L 263 -32.02 -13.75 -36.26
N GLY L 264 -31.60 -13.89 -35.02
CA GLY L 264 -30.35 -13.29 -34.62
C GLY L 264 -29.50 -14.28 -33.85
N VAL L 265 -29.04 -13.89 -32.68
CA VAL L 265 -28.31 -14.81 -31.82
C VAL L 265 -29.37 -15.53 -31.00
N PRO L 266 -29.21 -16.82 -30.69
CA PRO L 266 -30.21 -17.51 -29.87
C PRO L 266 -30.64 -16.71 -28.66
N PHE L 267 -31.91 -16.33 -28.63
CA PHE L 267 -32.41 -15.42 -27.62
C PHE L 267 -32.37 -16.07 -26.24
N TYR L 268 -32.33 -15.21 -25.23
CA TYR L 268 -32.44 -15.64 -23.84
C TYR L 268 -32.91 -14.45 -23.03
N PRO L 269 -33.67 -14.68 -21.95
CA PRO L 269 -34.38 -13.56 -21.32
C PRO L 269 -33.49 -12.41 -20.89
N GLY L 270 -32.40 -12.69 -20.19
CA GLY L 270 -31.60 -11.61 -19.69
C GLY L 270 -30.85 -10.80 -20.72
N ILE L 271 -31.07 -11.07 -22.01
CA ILE L 271 -30.29 -10.40 -23.04
C ILE L 271 -30.69 -8.94 -23.12
N THR L 272 -29.71 -8.08 -23.38
CA THR L 272 -30.02 -6.69 -23.62
C THR L 272 -30.73 -6.55 -24.97
N LEU L 273 -31.32 -5.39 -25.18
CA LEU L 273 -31.84 -5.08 -26.48
C LEU L 273 -30.74 -4.72 -27.45
N GLU L 274 -29.49 -4.74 -27.00
CA GLU L 274 -28.33 -4.35 -27.78
C GLU L 274 -27.50 -5.54 -28.23
N THR L 275 -26.96 -6.32 -27.29
CA THR L 275 -26.15 -7.47 -27.65
C THR L 275 -26.86 -8.36 -28.65
N TRP L 276 -28.19 -8.34 -28.65
CA TRP L 276 -28.94 -8.85 -29.78
C TRP L 276 -28.43 -8.24 -31.09
N GLN L 277 -28.50 -6.91 -31.17
CA GLN L 277 -28.16 -6.24 -32.42
C GLN L 277 -26.71 -6.48 -32.82
N LYS L 278 -25.78 -6.11 -31.96
CA LYS L 278 -24.38 -6.27 -32.32
C LYS L 278 -24.06 -7.69 -32.76
N GLY L 279 -24.82 -8.67 -32.28
CA GLY L 279 -24.59 -10.04 -32.66
C GLY L 279 -25.38 -10.48 -33.87
N ILE L 280 -25.72 -9.54 -34.74
CA ILE L 280 -26.48 -9.85 -35.94
C ILE L 280 -25.58 -9.93 -37.17
N THR L 281 -24.26 -10.03 -36.97
CA THR L 281 -23.32 -9.85 -38.07
C THR L 281 -23.62 -10.82 -39.21
N ASN L 282 -23.43 -12.10 -39.00
CA ASN L 282 -24.20 -13.10 -39.72
C ASN L 282 -25.38 -13.45 -38.82
N HIS L 283 -26.06 -14.57 -39.08
CA HIS L 283 -27.39 -14.85 -38.53
C HIS L 283 -28.41 -13.92 -39.17
N LEU L 284 -28.32 -13.71 -40.47
CA LEU L 284 -29.37 -13.01 -41.17
C LEU L 284 -30.39 -14.00 -41.68
N VAL L 285 -31.59 -13.51 -41.92
CA VAL L 285 -32.71 -14.38 -42.28
C VAL L 285 -33.57 -13.65 -43.28
N ALA L 286 -34.09 -14.38 -44.26
CA ALA L 286 -34.95 -13.77 -45.25
C ALA L 286 -36.24 -13.36 -44.57
N ILE L 287 -36.39 -12.06 -44.31
CA ILE L 287 -37.61 -11.58 -43.67
C ILE L 287 -38.70 -11.25 -44.67
N ASP L 288 -38.38 -11.20 -45.95
CA ASP L 288 -39.35 -10.86 -46.97
C ASP L 288 -38.80 -11.29 -48.31
N ARG L 289 -39.66 -11.79 -49.18
CA ARG L 289 -39.19 -12.34 -50.43
C ARG L 289 -40.23 -12.18 -51.51
N ALA L 290 -39.76 -12.18 -52.76
CA ALA L 290 -40.64 -12.05 -53.91
C ALA L 290 -39.97 -12.72 -55.09
N GLY L 291 -40.77 -13.38 -55.92
CA GLY L 291 -40.25 -14.09 -57.06
C GLY L 291 -41.28 -14.19 -58.14
N LEU L 292 -41.07 -15.14 -59.03
CA LEU L 292 -41.93 -15.35 -60.19
C LEU L 292 -42.37 -16.79 -60.27
N PRO L 293 -43.45 -17.08 -60.99
CA PRO L 293 -43.83 -18.47 -61.21
C PRO L 293 -42.80 -19.16 -62.08
N LEU L 294 -42.45 -20.38 -61.71
CA LEU L 294 -41.29 -21.00 -62.35
C LEU L 294 -41.53 -21.27 -63.82
N HIS L 295 -42.78 -21.46 -64.23
CA HIS L 295 -43.06 -21.63 -65.66
C HIS L 295 -42.52 -20.45 -66.46
N PHE L 296 -42.43 -19.28 -65.83
CA PHE L 296 -41.86 -18.11 -66.48
C PHE L 296 -40.39 -18.34 -66.82
N PHE L 297 -39.69 -19.14 -66.04
CA PHE L 297 -38.26 -19.33 -66.24
C PHE L 297 -37.96 -20.45 -67.22
N ILE L 298 -38.97 -21.12 -67.74
CA ILE L 298 -38.79 -22.18 -68.73
C ILE L 298 -39.00 -21.53 -70.09
N LYS L 299 -37.94 -20.98 -70.65
CA LYS L 299 -37.98 -20.26 -71.91
C LYS L 299 -36.72 -20.60 -72.70
N PRO L 300 -36.80 -20.61 -74.03
CA PRO L 300 -35.67 -21.09 -74.82
C PRO L 300 -34.39 -20.32 -74.59
N ASP L 301 -34.47 -19.04 -74.25
CA ASP L 301 -33.24 -18.30 -73.97
C ASP L 301 -32.59 -18.80 -72.69
N LYS L 302 -33.37 -18.90 -71.61
CA LYS L 302 -32.83 -19.43 -70.36
C LYS L 302 -32.46 -20.89 -70.48
N LEU L 303 -32.89 -21.56 -71.47
CA LEU L 303 -32.48 -22.94 -71.60
C LEU L 303 -31.36 -23.08 -72.62
N PRO L 304 -30.49 -24.05 -72.44
CA PRO L 304 -29.43 -24.29 -73.43
C PRO L 304 -30.02 -24.83 -74.72
N GLY L 305 -29.14 -25.20 -75.65
CA GLY L 305 -29.58 -25.68 -76.95
C GLY L 305 -30.64 -26.75 -76.88
N LEU L 306 -31.84 -26.40 -77.31
CA LEU L 306 -32.98 -27.31 -77.30
C LEU L 306 -33.98 -26.84 -78.34
N PRO L 307 -34.86 -27.72 -78.82
CA PRO L 307 -35.79 -27.32 -79.89
C PRO L 307 -36.78 -26.27 -79.40
N GLY L 308 -36.99 -25.25 -80.23
CA GLY L 308 -37.80 -24.12 -79.87
C GLY L 308 -39.20 -24.50 -79.41
N PRO L 309 -40.03 -25.00 -80.33
CA PRO L 309 -41.42 -25.32 -79.94
C PRO L 309 -41.50 -26.38 -78.86
N LEU L 310 -40.50 -27.25 -78.74
CA LEU L 310 -40.52 -28.25 -77.69
C LEU L 310 -40.44 -27.61 -76.31
N VAL L 311 -39.72 -26.49 -76.18
CA VAL L 311 -39.68 -25.86 -74.87
C VAL L 311 -41.02 -25.18 -74.59
N LYS L 312 -41.74 -24.76 -75.63
CA LYS L 312 -43.10 -24.29 -75.43
C LYS L 312 -43.98 -25.41 -74.88
N LYS L 313 -43.90 -26.58 -75.51
CA LYS L 313 -44.58 -27.76 -74.99
C LYS L 313 -44.23 -28.00 -73.53
N LEU L 314 -42.94 -27.96 -73.23
CA LEU L 314 -42.47 -28.24 -71.87
C LEU L 314 -43.02 -27.24 -70.87
N SER L 315 -42.97 -25.96 -71.22
CA SER L 315 -43.50 -24.92 -70.35
C SER L 315 -44.98 -25.13 -70.10
N LYS L 316 -45.74 -25.45 -71.15
CA LYS L 316 -47.16 -25.69 -70.96
C LYS L 316 -47.39 -26.89 -70.04
N THR L 317 -46.61 -27.94 -70.22
CA THR L 317 -46.79 -29.13 -69.39
C THR L 317 -46.49 -28.83 -67.92
N VAL L 318 -45.36 -28.17 -67.67
CA VAL L 318 -45.01 -27.81 -66.30
C VAL L 318 -46.08 -26.93 -65.69
N GLU L 319 -46.55 -25.95 -66.45
CA GLU L 319 -47.56 -25.04 -65.94
C GLU L 319 -48.85 -25.76 -65.61
N THR L 320 -49.27 -26.69 -66.48
CA THR L 320 -50.47 -27.46 -66.21
C THR L 320 -50.29 -28.35 -64.99
N ALA L 321 -49.10 -28.93 -64.83
CA ALA L 321 -48.82 -29.71 -63.63
C ALA L 321 -48.97 -28.85 -62.39
N VAL L 322 -48.43 -27.64 -62.43
CA VAL L 322 -48.60 -26.70 -61.33
C VAL L 322 -50.08 -26.49 -61.06
N ARG L 323 -50.80 -26.02 -62.08
CA ARG L 323 -52.25 -25.82 -62.03
C ARG L 323 -52.94 -26.96 -61.30
N HIS L 324 -52.68 -28.19 -61.75
CA HIS L 324 -53.19 -29.37 -61.08
C HIS L 324 -52.83 -29.34 -59.60
N TYR L 325 -51.54 -29.28 -59.29
CA TYR L 325 -51.10 -29.26 -57.90
C TYR L 325 -51.60 -28.04 -57.16
N TYR L 326 -51.97 -26.99 -57.88
CA TYR L 326 -52.35 -25.74 -57.22
C TYR L 326 -53.80 -25.79 -56.75
N THR L 327 -54.74 -26.00 -57.66
CA THR L 327 -56.16 -25.94 -57.31
C THR L 327 -56.52 -27.03 -56.31
N PHE L 328 -56.44 -28.28 -56.74
CA PHE L 328 -56.59 -29.43 -55.88
C PHE L 328 -55.23 -30.11 -55.75
N ASN L 329 -55.22 -31.29 -55.15
CA ASN L 329 -53.97 -32.04 -55.00
C ASN L 329 -53.75 -32.91 -56.23
N THR L 330 -53.76 -32.27 -57.40
CA THR L 330 -53.34 -32.85 -58.68
C THR L 330 -53.71 -34.33 -58.85
N HIS L 331 -54.96 -34.67 -58.57
CA HIS L 331 -55.39 -36.06 -58.44
C HIS L 331 -55.74 -36.67 -59.78
N PRO L 332 -54.93 -37.58 -60.32
CA PRO L 332 -55.43 -38.44 -61.41
C PRO L 332 -56.42 -39.47 -60.89
N GLY L 333 -56.03 -40.22 -59.85
CA GLY L 333 -56.92 -41.24 -59.33
C GLY L 333 -57.25 -41.22 -57.84
N CYS L 334 -56.35 -40.73 -56.99
CA CYS L 334 -56.53 -40.84 -55.54
C CYS L 334 -55.43 -40.15 -54.75
N THR L 335 -55.62 -40.03 -53.44
CA THR L 335 -54.55 -39.65 -52.52
C THR L 335 -53.59 -40.82 -52.37
N ASN L 336 -52.29 -40.57 -52.56
CA ASN L 336 -51.44 -41.74 -52.75
C ASN L 336 -50.41 -41.97 -51.65
N VAL L 337 -49.66 -40.94 -51.24
CA VAL L 337 -48.53 -41.20 -50.37
C VAL L 337 -48.97 -41.46 -48.94
N ASP L 338 -50.05 -40.83 -48.50
CA ASP L 338 -50.59 -41.05 -47.16
C ASP L 338 -51.19 -42.45 -47.09
N SER L 339 -50.67 -43.28 -46.18
CA SER L 339 -51.08 -44.69 -46.06
C SER L 339 -50.97 -45.36 -47.42
N PRO L 340 -49.76 -45.71 -47.89
CA PRO L 340 -49.61 -46.14 -49.28
C PRO L 340 -50.24 -47.50 -49.57
N ASN L 341 -50.98 -48.04 -48.62
CA ASN L 341 -51.52 -49.39 -48.74
C ASN L 341 -52.50 -49.57 -49.90
N PHE L 342 -53.65 -48.88 -49.89
CA PHE L 342 -54.70 -49.15 -50.87
C PHE L 342 -54.87 -48.00 -51.87
N ASN L 343 -53.81 -47.28 -52.19
CA ASN L 343 -53.89 -46.09 -53.01
C ASN L 343 -53.19 -46.29 -54.35
N PHE L 344 -53.68 -45.56 -55.36
CA PHE L 344 -53.02 -45.49 -56.65
C PHE L 344 -51.87 -44.50 -56.55
N GLN L 345 -50.64 -45.01 -56.61
CA GLN L 345 -49.47 -44.24 -56.20
C GLN L 345 -48.46 -44.06 -57.33
N ALA L 346 -48.93 -43.92 -58.56
CA ALA L 346 -48.07 -43.42 -59.62
C ALA L 346 -48.08 -41.91 -59.69
N ASN L 347 -49.02 -41.26 -59.03
CA ASN L 347 -49.09 -39.81 -58.92
C ASN L 347 -48.48 -39.35 -57.59
N MET L 348 -48.72 -38.10 -57.23
CA MET L 348 -48.37 -37.58 -55.92
C MET L 348 -49.58 -36.88 -55.32
N ASP L 349 -49.92 -37.24 -54.08
CA ASP L 349 -51.09 -36.69 -53.41
C ASP L 349 -51.06 -36.99 -51.92
N ASP L 350 -51.22 -35.96 -51.09
CA ASP L 350 -51.06 -36.06 -49.64
C ASP L 350 -52.21 -35.35 -48.93
N ASP L 351 -53.45 -35.66 -49.31
CA ASP L 351 -54.62 -34.99 -48.74
C ASP L 351 -54.70 -35.10 -47.22
N SER L 352 -54.97 -36.30 -46.71
CA SER L 352 -55.03 -36.56 -45.28
C SER L 352 -55.26 -38.05 -45.02
N CYS L 353 -55.14 -38.48 -43.76
CA CYS L 353 -55.13 -39.89 -43.41
C CYS L 353 -56.28 -40.32 -42.51
N ASP L 354 -56.69 -39.47 -41.57
CA ASP L 354 -57.66 -39.87 -40.55
C ASP L 354 -59.10 -39.90 -41.06
N ALA L 355 -59.32 -39.94 -42.37
CA ALA L 355 -60.67 -39.95 -42.93
C ALA L 355 -61.36 -41.25 -42.56
N LYS L 356 -62.54 -41.15 -41.93
CA LYS L 356 -63.39 -42.29 -41.66
C LYS L 356 -64.82 -42.07 -42.11
N VAL L 357 -65.21 -40.82 -42.39
CA VAL L 357 -66.57 -40.50 -42.82
C VAL L 357 -66.53 -39.88 -44.20
N THR L 358 -67.65 -39.96 -44.91
CA THR L 358 -67.85 -39.28 -46.19
C THR L 358 -68.97 -38.25 -46.12
N ASN L 359 -69.22 -37.66 -44.96
CA ASN L 359 -70.34 -36.75 -44.77
C ASN L 359 -70.11 -35.44 -45.53
N PHE L 360 -71.12 -34.58 -45.52
CA PHE L 360 -71.15 -33.43 -46.39
C PHE L 360 -70.61 -32.19 -45.67
N THR L 361 -70.64 -31.06 -46.38
CA THR L 361 -70.15 -29.80 -45.83
C THR L 361 -71.10 -29.25 -44.78
N PHE L 362 -70.85 -29.61 -43.52
CA PHE L 362 -71.73 -29.24 -42.41
C PHE L 362 -71.14 -28.06 -41.65
N GLY L 363 -71.28 -26.87 -42.25
CA GLY L 363 -70.73 -25.65 -41.69
C GLY L 363 -71.57 -25.11 -40.54
N GLY L 364 -71.17 -23.92 -40.08
CA GLY L 364 -71.90 -23.24 -39.02
C GLY L 364 -71.30 -23.43 -37.63
N VAL L 365 -71.51 -22.45 -36.76
CA VAL L 365 -71.02 -22.49 -35.39
C VAL L 365 -71.99 -21.75 -34.47
N TYR L 366 -72.43 -22.42 -33.40
CA TYR L 366 -73.55 -21.89 -32.62
C TYR L 366 -73.55 -22.54 -31.24
N GLN L 367 -74.21 -21.87 -30.30
CA GLN L 367 -74.23 -22.27 -28.90
C GLN L 367 -75.30 -21.48 -28.15
N GLU L 368 -75.27 -21.60 -26.82
CA GLU L 368 -76.20 -20.88 -25.93
C GLU L 368 -75.54 -20.77 -24.55
N CYS L 369 -75.37 -19.54 -24.09
CA CYS L 369 -74.79 -19.28 -22.77
C CYS L 369 -75.91 -18.85 -21.81
N THR L 370 -76.40 -19.81 -21.03
CA THR L 370 -77.47 -19.54 -20.09
C THR L 370 -76.93 -19.29 -18.69
N GLU L 371 -77.47 -18.26 -18.05
CA GLU L 371 -77.08 -17.87 -16.69
C GLU L 371 -77.97 -18.60 -15.69
N LEU L 372 -77.36 -19.16 -14.65
CA LEU L 372 -78.12 -19.73 -13.55
C LEU L 372 -78.28 -18.78 -12.38
N SER L 373 -77.24 -18.02 -12.04
CA SER L 373 -77.32 -17.07 -10.94
C SER L 373 -76.17 -16.08 -11.06
N GLY L 374 -76.42 -14.85 -10.63
CA GLY L 374 -75.45 -13.78 -10.79
C GLY L 374 -75.26 -13.38 -12.23
N ASP L 375 -74.45 -12.36 -12.49
CA ASP L 375 -74.12 -11.93 -13.86
C ASP L 375 -72.60 -11.79 -13.96
N VAL L 376 -71.92 -12.91 -14.21
CA VAL L 376 -70.47 -12.89 -14.39
C VAL L 376 -70.10 -13.67 -15.65
N LEU L 377 -70.54 -14.93 -15.70
CA LEU L 377 -70.03 -15.86 -16.70
C LEU L 377 -70.67 -15.66 -18.07
N CYS L 378 -71.82 -15.01 -18.15
CA CYS L 378 -72.45 -14.77 -19.43
C CYS L 378 -71.63 -13.86 -20.33
N GLN L 379 -70.84 -12.96 -19.75
CA GLN L 379 -70.13 -11.97 -20.56
C GLN L 379 -68.97 -12.58 -21.32
N ASN L 380 -68.39 -13.67 -20.82
CA ASN L 380 -67.23 -14.30 -21.44
C ASN L 380 -67.50 -15.65 -22.04
N LEU L 381 -68.55 -16.35 -21.60
CA LEU L 381 -68.94 -17.61 -22.23
C LEU L 381 -69.94 -17.42 -23.34
N GLU L 382 -70.05 -16.21 -23.89
CA GLU L 382 -70.98 -15.94 -24.97
C GLU L 382 -70.31 -16.15 -26.32
N GLN L 383 -70.33 -17.39 -26.81
CA GLN L 383 -69.64 -17.76 -28.05
C GLN L 383 -70.58 -17.65 -29.24
N LYS L 384 -71.21 -16.48 -29.37
CA LYS L 384 -72.35 -16.33 -30.26
C LYS L 384 -71.97 -16.69 -31.69
N ASN L 385 -72.99 -17.04 -32.48
CA ASN L 385 -72.80 -17.48 -33.86
C ASN L 385 -72.16 -16.35 -34.66
N LEU L 386 -71.26 -16.72 -35.57
CA LEU L 386 -70.68 -15.75 -36.49
C LEU L 386 -71.45 -15.65 -37.79
N LEU L 387 -72.04 -16.75 -38.26
CA LEU L 387 -72.64 -16.74 -39.59
C LEU L 387 -73.89 -15.88 -39.66
N THR L 388 -74.39 -15.42 -38.51
CA THR L 388 -75.60 -14.61 -38.47
C THR L 388 -75.45 -13.30 -37.72
N GLY L 389 -74.39 -13.13 -36.92
CA GLY L 389 -74.22 -11.93 -36.14
C GLY L 389 -74.95 -11.93 -34.82
N ASP L 390 -75.64 -13.01 -34.48
CA ASP L 390 -76.38 -13.14 -33.23
C ASP L 390 -76.63 -14.63 -32.99
N PHE L 391 -77.46 -14.92 -31.99
CA PHE L 391 -77.79 -16.30 -31.65
C PHE L 391 -78.80 -16.84 -32.65
N SER L 392 -78.28 -17.41 -33.73
CA SER L 392 -79.10 -18.07 -34.73
C SER L 392 -78.23 -19.01 -35.54
N CYS L 393 -78.87 -19.93 -36.26
CA CYS L 393 -78.16 -20.69 -37.28
C CYS L 393 -78.26 -19.96 -38.62
N PRO L 394 -77.39 -20.27 -39.57
CA PRO L 394 -77.54 -19.71 -40.92
C PRO L 394 -78.62 -20.45 -41.70
N PRO L 395 -79.24 -19.79 -42.66
CA PRO L 395 -80.29 -20.45 -43.46
C PRO L 395 -79.75 -21.68 -44.17
N GLY L 396 -80.54 -22.76 -44.13
CA GLY L 396 -80.12 -24.03 -44.66
C GLY L 396 -79.38 -24.91 -43.68
N TYR L 397 -79.25 -24.48 -42.42
CA TYR L 397 -78.53 -25.23 -41.40
C TYR L 397 -79.45 -25.41 -40.20
N SER L 398 -79.04 -26.30 -39.30
CA SER L 398 -79.87 -26.59 -38.14
C SER L 398 -79.06 -26.46 -36.86
N PRO L 399 -79.49 -25.60 -35.94
CA PRO L 399 -78.75 -25.40 -34.69
C PRO L 399 -79.07 -26.48 -33.67
N VAL L 400 -78.63 -27.70 -33.97
CA VAL L 400 -78.91 -28.84 -33.12
C VAL L 400 -77.97 -28.84 -31.93
N HIS L 401 -78.53 -29.16 -30.76
CA HIS L 401 -77.83 -28.92 -29.49
C HIS L 401 -76.61 -29.80 -29.32
N LEU L 402 -75.42 -29.20 -29.35
CA LEU L 402 -74.18 -29.94 -29.21
C LEU L 402 -74.05 -30.56 -27.82
N LEU L 403 -74.03 -29.72 -26.78
CA LEU L 403 -73.91 -30.22 -25.41
C LEU L 403 -74.31 -29.14 -24.42
N SER L 404 -74.99 -29.54 -23.35
CA SER L 404 -75.29 -28.66 -22.24
C SER L 404 -74.35 -28.95 -21.09
N GLN L 405 -73.98 -27.91 -20.34
CA GLN L 405 -73.06 -28.07 -19.24
C GLN L 405 -73.18 -26.87 -18.31
N THR L 406 -72.78 -27.06 -17.06
CA THR L 406 -72.89 -26.03 -16.03
C THR L 406 -71.57 -25.88 -15.30
N HIS L 407 -71.34 -24.67 -14.77
CA HIS L 407 -70.16 -24.37 -13.99
C HIS L 407 -70.55 -23.55 -12.77
N GLU L 408 -69.67 -23.55 -11.77
CA GLU L 408 -69.94 -22.85 -10.52
C GLU L 408 -68.66 -22.16 -10.09
N GLU L 409 -68.60 -20.85 -10.29
CA GLU L 409 -67.43 -20.06 -9.91
C GLU L 409 -67.88 -18.91 -9.01
N GLY L 410 -66.96 -18.43 -8.20
CA GLY L 410 -67.25 -17.36 -7.26
C GLY L 410 -66.34 -16.18 -7.46
N TYR L 411 -66.93 -15.00 -7.57
CA TYR L 411 -66.20 -13.75 -7.65
C TYR L 411 -66.73 -12.79 -6.60
N SER L 412 -65.81 -12.20 -5.84
CA SER L 412 -66.16 -11.17 -4.89
C SER L 412 -66.55 -9.92 -5.67
N ARG L 413 -67.85 -9.64 -5.77
CA ARG L 413 -68.35 -8.65 -6.70
C ARG L 413 -67.99 -7.25 -6.23
N LEU L 414 -68.48 -6.26 -6.98
CA LEU L 414 -68.33 -4.86 -6.63
C LEU L 414 -69.57 -4.38 -5.87
N GLU L 415 -69.35 -3.55 -4.86
CA GLU L 415 -70.47 -3.00 -4.11
C GLU L 415 -70.07 -1.67 -3.50
N CYS L 416 -70.54 -0.58 -4.12
CA CYS L 416 -70.33 0.77 -3.61
C CYS L 416 -71.71 1.40 -3.49
N LYS L 417 -72.34 1.20 -2.33
CA LYS L 417 -73.71 1.61 -2.09
C LYS L 417 -73.76 2.60 -0.94
N LYS L 418 -74.67 3.57 -1.05
CA LYS L 418 -74.88 4.55 0.00
C LYS L 418 -76.12 4.17 0.80
N LYS L 419 -76.05 4.33 2.12
CA LYS L 419 -77.13 3.99 3.02
C LYS L 419 -77.43 5.16 3.93
N CYS L 420 -78.68 5.58 3.98
CA CYS L 420 -79.13 6.62 4.90
C CYS L 420 -79.32 6.03 6.29
N THR L 421 -78.99 6.82 7.32
CA THR L 421 -79.17 6.36 8.69
C THR L 421 -80.62 6.58 9.15
N LEU L 422 -81.05 7.83 9.21
CA LEU L 422 -82.43 8.16 9.55
C LEU L 422 -82.97 9.25 8.63
N LYS L 423 -82.71 9.12 7.34
CA LYS L 423 -83.14 10.00 6.26
C LYS L 423 -82.54 11.40 6.34
N ILE L 424 -81.73 11.69 7.36
CA ILE L 424 -81.10 12.99 7.48
C ILE L 424 -79.70 12.91 6.89
N PHE L 425 -78.90 11.98 7.40
CA PHE L 425 -77.58 11.75 6.86
C PHE L 425 -77.50 10.36 6.24
N CYS L 426 -76.55 10.20 5.32
CA CYS L 426 -76.35 8.93 4.66
C CYS L 426 -74.86 8.61 4.66
N LYS L 427 -74.56 7.32 4.75
CA LYS L 427 -73.20 6.80 4.66
C LYS L 427 -73.12 5.90 3.45
N THR L 428 -71.93 5.84 2.85
CA THR L 428 -71.67 4.91 1.76
C THR L 428 -70.89 3.74 2.34
N VAL L 429 -71.54 2.59 2.43
CA VAL L 429 -70.94 1.40 3.03
C VAL L 429 -70.44 0.51 1.89
N CYS L 430 -69.21 0.74 1.46
CA CYS L 430 -68.62 -0.10 0.43
C CYS L 430 -68.17 -1.40 1.07
N GLU L 431 -68.79 -2.51 0.67
CA GLU L 431 -68.48 -3.81 1.26
C GLU L 431 -68.73 -4.88 0.21
N ASP L 432 -67.65 -5.32 -0.44
CA ASP L 432 -67.75 -6.28 -1.53
C ASP L 432 -68.06 -7.66 -0.98
N VAL L 433 -68.98 -8.35 -1.63
CA VAL L 433 -69.57 -9.56 -1.08
C VAL L 433 -69.25 -10.75 -1.98
N PHE L 434 -69.10 -11.92 -1.35
CA PHE L 434 -68.95 -13.17 -2.05
C PHE L 434 -70.22 -13.52 -2.82
N ARG L 435 -70.05 -14.28 -3.90
CA ARG L 435 -71.20 -14.77 -4.66
C ARG L 435 -70.74 -15.90 -5.57
N VAL L 436 -71.34 -17.07 -5.44
CA VAL L 436 -71.14 -18.17 -6.38
C VAL L 436 -72.11 -17.95 -7.53
N ALA L 437 -71.59 -17.46 -8.65
CA ALA L 437 -72.40 -17.42 -9.87
C ALA L 437 -72.35 -18.78 -10.56
N LYS L 438 -73.36 -19.02 -11.39
CA LYS L 438 -73.41 -20.24 -12.18
C LYS L 438 -73.98 -19.92 -13.54
N ALA L 439 -73.44 -20.58 -14.56
CA ALA L 439 -73.95 -20.48 -15.91
C ALA L 439 -74.07 -21.88 -16.50
N GLU L 440 -75.14 -22.10 -17.26
CA GLU L 440 -75.36 -23.37 -17.94
C GLU L 440 -74.96 -23.19 -19.39
N PHE L 441 -73.82 -23.77 -19.75
CA PHE L 441 -73.27 -23.66 -21.09
C PHE L 441 -73.97 -24.66 -22.01
N ARG L 442 -74.74 -24.14 -22.95
CA ARG L 442 -75.48 -24.96 -23.91
C ARG L 442 -74.85 -24.78 -25.28
N ALA L 443 -74.09 -25.77 -25.73
CA ALA L 443 -73.52 -25.72 -27.07
C ALA L 443 -74.52 -26.32 -28.07
N TYR L 444 -74.64 -25.67 -29.23
CA TYR L 444 -75.60 -26.08 -30.24
C TYR L 444 -74.85 -26.22 -31.56
N TRP L 445 -74.42 -27.43 -31.87
CA TRP L 445 -73.65 -27.65 -33.09
C TRP L 445 -74.49 -27.31 -34.31
N CYS L 446 -73.92 -26.50 -35.19
CA CYS L 446 -74.61 -26.08 -36.40
C CYS L 446 -74.22 -27.02 -37.54
N VAL L 447 -75.22 -27.59 -38.19
CA VAL L 447 -75.03 -28.55 -39.27
C VAL L 447 -76.02 -28.24 -40.38
N ALA L 448 -75.58 -28.40 -41.63
CA ALA L 448 -76.46 -28.18 -42.76
C ALA L 448 -77.61 -29.18 -42.77
N ALA L 449 -78.77 -28.71 -43.23
CA ALA L 449 -79.93 -29.59 -43.34
C ALA L 449 -79.82 -30.49 -44.57
N GLY L 450 -79.59 -29.89 -45.74
CA GLY L 450 -79.47 -30.66 -46.97
C GLY L 450 -78.40 -30.12 -47.89
N GLN L 451 -78.67 -30.13 -49.20
CA GLN L 451 -77.71 -29.62 -50.16
C GLN L 451 -77.52 -28.12 -49.96
N VAL L 452 -76.27 -27.69 -49.93
CA VAL L 452 -75.96 -26.29 -49.61
C VAL L 452 -75.83 -25.49 -50.91
N PRO L 453 -76.33 -24.27 -50.96
CA PRO L 453 -75.93 -23.34 -52.03
C PRO L 453 -74.56 -22.75 -51.71
N ASP L 454 -73.65 -22.82 -52.67
CA ASP L 454 -72.27 -22.39 -52.43
C ASP L 454 -72.16 -20.91 -52.16
N ASN L 455 -73.22 -20.13 -52.41
CA ASN L 455 -73.19 -18.70 -52.12
C ASN L 455 -73.11 -18.44 -50.62
N SER L 456 -73.80 -19.25 -49.81
CA SER L 456 -73.86 -19.04 -48.37
C SER L 456 -73.67 -20.36 -47.62
N GLY L 457 -72.88 -21.26 -48.18
CA GLY L 457 -72.53 -22.50 -47.51
C GLY L 457 -71.03 -22.69 -47.48
N LEU L 458 -70.45 -22.72 -46.29
CA LEU L 458 -69.00 -22.69 -46.14
C LEU L 458 -68.49 -23.91 -45.39
N LEU L 459 -67.22 -24.22 -45.62
CA LEU L 459 -66.48 -25.28 -44.97
C LEU L 459 -65.43 -24.70 -44.04
N PHE L 460 -65.07 -25.45 -43.01
CA PHE L 460 -64.23 -24.94 -41.93
C PHE L 460 -63.32 -26.05 -41.45
N GLY L 461 -62.72 -25.84 -40.28
CA GLY L 461 -61.87 -26.85 -39.67
C GLY L 461 -60.93 -26.31 -38.61
N GLY L 462 -60.59 -27.13 -37.62
CA GLY L 462 -59.63 -26.74 -36.61
C GLY L 462 -60.22 -26.63 -35.21
N VAL L 463 -59.91 -27.58 -34.35
CA VAL L 463 -60.44 -27.62 -32.98
C VAL L 463 -59.33 -28.08 -32.04
N PHE L 464 -59.27 -27.44 -30.87
CA PHE L 464 -58.23 -27.74 -29.88
C PHE L 464 -58.54 -26.96 -28.60
N THR L 465 -57.97 -27.43 -27.49
CA THR L 465 -58.07 -26.73 -26.23
C THR L 465 -56.71 -26.12 -25.90
N ASP L 466 -56.65 -25.42 -24.76
CA ASP L 466 -55.37 -24.92 -24.26
C ASP L 466 -54.47 -26.07 -23.81
N LYS L 467 -55.06 -27.22 -23.47
CA LYS L 467 -54.30 -28.38 -23.02
C LYS L 467 -54.12 -29.43 -24.11
N THR L 468 -55.15 -29.69 -24.90
CA THR L 468 -55.05 -30.64 -26.00
C THR L 468 -54.46 -29.95 -27.22
N ILE L 469 -53.47 -30.59 -27.82
CA ILE L 469 -52.80 -30.03 -28.99
C ILE L 469 -53.75 -30.08 -30.18
N ASN L 470 -53.54 -29.18 -31.14
CA ASN L 470 -54.30 -29.18 -32.38
C ASN L 470 -53.56 -30.00 -33.42
N PRO L 471 -53.91 -31.27 -33.65
CA PRO L 471 -53.21 -32.05 -34.67
C PRO L 471 -53.47 -31.54 -36.07
N MET L 472 -54.58 -30.81 -36.27
CA MET L 472 -54.79 -30.07 -37.50
C MET L 472 -53.56 -29.26 -37.88
N THR L 473 -53.12 -28.38 -36.98
CA THR L 473 -51.98 -27.53 -37.25
C THR L 473 -50.73 -27.96 -36.47
N ASN L 474 -50.83 -28.98 -35.63
CA ASN L 474 -49.72 -29.41 -34.76
C ASN L 474 -49.24 -28.26 -33.89
N ALA L 475 -50.17 -27.50 -33.33
CA ALA L 475 -49.84 -26.36 -32.49
C ALA L 475 -50.95 -26.16 -31.48
N GLN L 476 -50.93 -25.03 -30.78
CA GLN L 476 -51.95 -24.66 -29.81
C GLN L 476 -52.57 -23.31 -30.15
N SER L 477 -52.66 -23.00 -31.44
CA SER L 477 -53.18 -21.72 -31.91
C SER L 477 -53.98 -21.95 -33.18
N CYS L 478 -54.36 -20.88 -33.80
CA CYS L 478 -55.11 -20.96 -35.04
C CYS L 478 -54.17 -20.91 -36.24
N PRO L 479 -54.41 -21.76 -37.23
CA PRO L 479 -53.67 -21.66 -38.49
C PRO L 479 -54.03 -20.38 -39.23
N ALA L 480 -53.20 -20.02 -40.19
CA ALA L 480 -53.37 -18.76 -40.91
C ALA L 480 -54.69 -18.75 -41.65
N GLY L 481 -55.38 -17.60 -41.60
CA GLY L 481 -56.71 -17.50 -42.18
C GLY L 481 -57.80 -18.14 -41.37
N TYR L 482 -57.67 -18.18 -40.04
CA TYR L 482 -58.64 -18.81 -39.17
C TYR L 482 -58.88 -17.92 -37.96
N ILE L 483 -60.14 -17.59 -37.71
CA ILE L 483 -60.53 -17.03 -36.41
C ILE L 483 -60.75 -18.20 -35.47
N PRO L 484 -60.10 -18.23 -34.32
CA PRO L 484 -60.43 -19.27 -33.35
C PRO L 484 -61.72 -18.95 -32.62
N LEU L 485 -62.80 -19.64 -32.99
CA LEU L 485 -64.09 -19.40 -32.38
C LEU L 485 -64.19 -20.28 -31.14
N ASN L 486 -64.21 -19.64 -29.96
CA ASN L 486 -64.09 -20.34 -28.69
C ASN L 486 -65.43 -20.92 -28.25
N LEU L 487 -66.05 -21.66 -29.18
CA LEU L 487 -67.38 -22.22 -28.98
C LEU L 487 -67.56 -22.92 -27.64
N PHE L 488 -66.54 -23.62 -27.16
CA PHE L 488 -66.71 -24.50 -26.02
C PHE L 488 -66.07 -23.88 -24.77
N GLU L 489 -66.07 -24.65 -23.68
CA GLU L 489 -65.42 -24.21 -22.45
C GLU L 489 -63.97 -23.83 -22.69
N SER L 490 -63.22 -24.68 -23.39
CA SER L 490 -61.82 -24.41 -23.69
C SER L 490 -61.46 -24.60 -25.15
N LEU L 491 -62.37 -25.06 -25.99
CA LEU L 491 -62.09 -25.24 -27.42
C LEU L 491 -62.08 -23.88 -28.10
N LYS L 492 -61.23 -23.74 -29.09
CA LYS L 492 -61.22 -22.58 -29.97
C LYS L 492 -61.39 -23.11 -31.39
N VAL L 493 -62.64 -23.29 -31.79
CA VAL L 493 -62.94 -23.92 -33.08
C VAL L 493 -62.54 -22.94 -34.18
N CYS L 494 -61.44 -23.25 -34.87
CA CYS L 494 -60.95 -22.40 -35.94
C CYS L 494 -61.92 -22.43 -37.12
N VAL L 495 -62.03 -21.30 -37.80
CA VAL L 495 -62.99 -21.15 -38.89
C VAL L 495 -62.24 -20.95 -40.20
N SER L 496 -62.58 -21.76 -41.20
CA SER L 496 -62.11 -21.52 -42.56
C SER L 496 -63.07 -20.54 -43.25
N LEU L 497 -63.12 -19.34 -42.69
CA LEU L 497 -64.04 -18.32 -43.15
C LEU L 497 -63.77 -17.88 -44.58
N ASP L 498 -62.59 -18.19 -45.12
CA ASP L 498 -62.25 -17.83 -46.49
C ASP L 498 -61.76 -19.06 -47.26
N TYR L 499 -62.00 -19.04 -48.56
CA TYR L 499 -61.62 -20.14 -49.45
C TYR L 499 -60.12 -20.31 -49.54
N GLU L 500 -59.37 -19.24 -49.29
CA GLU L 500 -58.10 -19.01 -49.96
C GLU L 500 -57.16 -20.20 -49.83
N LEU L 501 -56.72 -20.50 -48.62
CA LEU L 501 -55.91 -21.70 -48.40
C LEU L 501 -56.74 -22.83 -47.82
N GLY L 502 -57.98 -22.55 -47.44
CA GLY L 502 -58.86 -23.57 -46.94
C GLY L 502 -59.12 -24.67 -47.94
N PHE L 503 -59.29 -24.30 -49.22
CA PHE L 503 -59.57 -25.30 -50.25
C PHE L 503 -58.61 -26.47 -50.20
N LYS L 504 -57.34 -26.23 -49.83
CA LYS L 504 -56.36 -27.29 -49.70
C LYS L 504 -56.05 -27.64 -48.26
N PHE L 505 -56.44 -26.81 -47.30
CA PHE L 505 -56.31 -27.13 -45.87
C PHE L 505 -57.68 -26.87 -45.25
N SER L 506 -58.60 -27.82 -45.43
CA SER L 506 -59.94 -27.75 -44.85
C SER L 506 -60.27 -28.98 -44.00
N VAL L 507 -60.07 -30.17 -44.56
CA VAL L 507 -60.45 -31.43 -43.92
C VAL L 507 -61.96 -31.39 -43.65
N PRO L 508 -62.79 -31.63 -44.66
CA PRO L 508 -64.23 -31.28 -44.58
C PRO L 508 -65.00 -32.05 -43.53
N PHE L 509 -64.96 -31.52 -42.31
CA PHE L 509 -65.46 -32.15 -41.10
C PHE L 509 -66.96 -32.42 -41.16
N GLY L 510 -67.45 -33.07 -40.10
CA GLY L 510 -68.86 -33.08 -39.77
C GLY L 510 -69.04 -32.68 -38.32
N GLY L 511 -70.19 -33.08 -37.77
CA GLY L 511 -70.51 -32.74 -36.39
C GLY L 511 -70.95 -33.90 -35.54
N PHE L 512 -70.80 -33.78 -34.22
CA PHE L 512 -71.19 -34.86 -33.32
C PHE L 512 -71.33 -34.29 -31.92
N PHE L 513 -72.40 -34.69 -31.24
CA PHE L 513 -72.69 -34.25 -29.88
C PHE L 513 -71.79 -35.00 -28.91
N SER L 514 -72.08 -34.92 -27.62
CA SER L 514 -71.37 -35.75 -26.67
C SER L 514 -71.86 -37.20 -26.75
N CYS L 515 -71.10 -38.09 -26.13
CA CYS L 515 -71.46 -39.51 -26.15
C CYS L 515 -72.80 -39.76 -25.45
N ILE L 516 -73.19 -38.86 -24.55
CA ILE L 516 -74.50 -38.97 -23.93
C ILE L 516 -75.57 -38.23 -24.73
N MET L 517 -75.21 -37.10 -25.35
CA MET L 517 -76.11 -36.37 -26.23
C MET L 517 -76.23 -37.12 -27.55
N GLY L 518 -77.02 -36.59 -28.47
CA GLY L 518 -77.31 -37.28 -29.71
C GLY L 518 -76.25 -37.14 -30.78
N ASN L 519 -76.68 -36.83 -32.00
CA ASN L 519 -75.80 -36.70 -33.16
C ASN L 519 -76.59 -36.10 -34.31
N PRO L 520 -75.93 -35.37 -35.21
CA PRO L 520 -76.69 -34.69 -36.27
C PRO L 520 -76.98 -35.53 -37.50
N LEU L 521 -76.17 -36.55 -37.78
CA LEU L 521 -76.26 -37.23 -39.07
C LEU L 521 -76.49 -38.72 -38.89
N VAL L 522 -76.73 -39.38 -40.03
CA VAL L 522 -77.14 -40.78 -40.04
C VAL L 522 -75.93 -41.70 -40.10
N ASN L 523 -76.12 -42.92 -39.64
CA ASN L 523 -75.12 -43.98 -39.75
C ASN L 523 -75.61 -45.04 -40.73
N ALA L 532 -86.93 -36.40 -38.45
CA ALA L 532 -87.40 -37.72 -38.04
C ALA L 532 -86.44 -38.35 -37.04
N PRO L 533 -86.53 -37.97 -35.77
CA PRO L 533 -85.61 -38.49 -34.77
C PRO L 533 -85.85 -39.95 -34.45
N SER L 534 -84.98 -40.82 -34.98
CA SER L 534 -85.02 -42.25 -34.69
C SER L 534 -83.67 -42.82 -34.29
N LEU L 535 -82.57 -42.13 -34.62
CA LEU L 535 -81.24 -42.63 -34.34
C LEU L 535 -80.57 -41.78 -33.26
N LYS L 536 -79.77 -42.44 -32.42
CA LYS L 536 -78.94 -41.72 -31.46
C LYS L 536 -77.65 -42.53 -31.25
N LYS L 537 -76.65 -42.26 -32.08
CA LYS L 537 -75.31 -42.84 -31.98
C LYS L 537 -74.47 -42.19 -33.05
N CYS L 538 -73.15 -42.40 -32.96
CA CYS L 538 -72.18 -41.65 -33.76
C CYS L 538 -72.68 -41.46 -35.18
N PRO L 539 -72.67 -40.23 -35.69
CA PRO L 539 -73.30 -39.95 -37.00
C PRO L 539 -72.47 -40.45 -38.17
N GLY L 540 -72.65 -41.71 -38.51
CA GLY L 540 -71.85 -42.33 -39.56
C GLY L 540 -70.67 -43.06 -38.96
N GLY L 541 -69.49 -42.87 -39.56
CA GLY L 541 -68.29 -43.49 -39.02
C GLY L 541 -67.55 -42.57 -38.07
N PHE L 542 -66.28 -42.33 -38.36
CA PHE L 542 -65.40 -41.51 -37.52
C PHE L 542 -65.38 -42.03 -36.09
N SER L 543 -64.73 -43.19 -35.95
CA SER L 543 -64.55 -43.82 -34.64
C SER L 543 -63.90 -42.84 -33.68
N GLN L 544 -63.82 -43.21 -32.40
CA GLN L 544 -63.69 -42.24 -31.32
C GLN L 544 -62.31 -41.58 -31.42
N HIS L 545 -62.26 -40.54 -32.24
CA HIS L 545 -61.10 -39.67 -32.35
C HIS L 545 -61.29 -38.50 -31.40
N LEU L 546 -60.71 -38.62 -30.20
CA LEU L 546 -60.95 -37.67 -29.14
C LEU L 546 -60.62 -36.25 -29.55
N ALA L 547 -61.42 -35.30 -29.07
CA ALA L 547 -61.12 -33.89 -29.19
C ALA L 547 -61.08 -33.19 -27.84
N VAL L 548 -61.98 -33.54 -26.92
CA VAL L 548 -62.03 -32.92 -25.60
C VAL L 548 -62.95 -33.75 -24.71
N ILE L 549 -62.66 -33.81 -23.42
CA ILE L 549 -63.55 -34.41 -22.46
C ILE L 549 -64.22 -33.31 -21.66
N SER L 550 -65.50 -33.49 -21.35
CA SER L 550 -66.22 -32.56 -20.50
C SER L 550 -66.88 -33.36 -19.38
N ASP L 551 -66.31 -33.26 -18.17
CA ASP L 551 -66.79 -33.93 -16.96
C ASP L 551 -67.28 -35.35 -17.22
N GLY L 552 -66.52 -36.12 -17.99
CA GLY L 552 -66.84 -37.52 -18.18
C GLY L 552 -67.23 -37.89 -19.62
N CYS L 553 -68.00 -37.03 -20.26
CA CYS L 553 -68.42 -37.28 -21.64
C CYS L 553 -67.34 -36.77 -22.59
N GLN L 554 -67.09 -37.52 -23.66
CA GLN L 554 -66.15 -37.11 -24.68
C GLN L 554 -66.88 -36.44 -25.84
N VAL L 555 -66.30 -35.36 -26.36
CA VAL L 555 -66.89 -34.61 -27.46
C VAL L 555 -66.02 -34.82 -28.68
N SER L 556 -66.60 -35.46 -29.71
CA SER L 556 -65.87 -35.75 -30.94
C SER L 556 -66.67 -35.23 -32.13
N TYR L 557 -66.29 -35.62 -33.35
CA TYR L 557 -66.93 -35.14 -34.55
C TYR L 557 -67.04 -36.29 -35.55
N CYS L 558 -67.33 -35.94 -36.81
CA CYS L 558 -67.14 -36.85 -37.94
C CYS L 558 -66.38 -36.04 -38.99
N VAL L 559 -65.07 -36.01 -38.87
CA VAL L 559 -64.23 -35.13 -39.68
C VAL L 559 -63.79 -35.88 -40.92
N LYS L 560 -64.43 -35.60 -42.04
CA LYS L 560 -64.07 -36.18 -43.33
C LYS L 560 -62.84 -35.47 -43.85
N ALA L 561 -62.02 -36.19 -44.61
CA ALA L 561 -60.75 -35.68 -45.12
C ALA L 561 -60.67 -35.84 -46.63
N GLY L 562 -61.73 -35.42 -47.33
CA GLY L 562 -61.82 -35.63 -48.76
C GLY L 562 -60.93 -34.73 -49.60
N ILE L 563 -61.42 -34.29 -50.75
CA ILE L 563 -60.62 -33.59 -51.73
C ILE L 563 -60.22 -32.19 -51.23
N THR M 13 -16.48 -41.86 -47.67
CA THR M 13 -17.57 -41.13 -47.06
C THR M 13 -17.17 -40.61 -45.69
N GLY M 14 -15.86 -40.41 -45.50
CA GLY M 14 -15.31 -39.98 -44.22
C GLY M 14 -15.18 -38.47 -44.23
N PHE M 15 -16.06 -37.79 -43.50
CA PHE M 15 -15.97 -36.35 -43.40
C PHE M 15 -14.75 -35.89 -42.64
N GLN M 16 -14.03 -36.80 -42.00
CA GLN M 16 -12.91 -36.41 -41.16
C GLN M 16 -11.84 -35.66 -41.92
N ILE M 17 -11.75 -35.86 -43.24
CA ILE M 17 -10.70 -35.22 -44.03
C ILE M 17 -10.81 -33.71 -43.94
N CYS M 18 -11.99 -33.17 -44.20
CA CYS M 18 -12.10 -31.72 -44.24
C CYS M 18 -12.61 -31.13 -42.94
N LYS M 19 -13.30 -31.92 -42.12
CA LYS M 19 -13.40 -31.56 -40.71
C LYS M 19 -12.03 -31.33 -40.11
N ASN M 20 -11.02 -31.98 -40.66
CA ASN M 20 -9.64 -31.73 -40.27
C ASN M 20 -9.07 -30.54 -41.02
N ALA M 21 -9.37 -30.40 -42.30
CA ALA M 21 -8.88 -29.26 -43.06
C ALA M 21 -9.37 -27.96 -42.44
N LEU M 22 -10.67 -27.73 -42.46
CA LEU M 22 -11.28 -26.59 -41.79
C LEU M 22 -11.93 -27.07 -40.51
N LYS M 23 -11.81 -26.29 -39.45
CA LYS M 23 -12.02 -26.82 -38.10
C LYS M 23 -13.48 -26.83 -37.67
N LEU M 24 -14.42 -26.73 -38.56
CA LEU M 24 -15.79 -26.64 -38.10
C LEU M 24 -16.34 -28.02 -37.75
N PRO M 25 -17.35 -28.08 -36.89
CA PRO M 25 -17.97 -29.35 -36.55
C PRO M 25 -19.11 -29.69 -37.51
N VAL M 26 -19.21 -30.97 -37.83
CA VAL M 26 -20.24 -31.42 -38.76
C VAL M 26 -21.60 -31.30 -38.12
N LEU M 27 -22.59 -30.90 -38.93
CA LEU M 27 -23.96 -30.88 -38.46
C LEU M 27 -24.36 -32.27 -38.02
N GLU M 28 -25.21 -32.33 -36.99
CA GLU M 28 -25.59 -33.64 -36.46
C GLU M 28 -26.83 -34.18 -37.14
N VAL M 29 -27.84 -33.35 -37.28
CA VAL M 29 -29.09 -33.79 -37.89
C VAL M 29 -28.90 -33.85 -39.40
N LEU M 30 -29.39 -34.93 -40.02
CA LEU M 30 -29.20 -35.09 -41.44
C LEU M 30 -30.43 -35.79 -42.01
N PRO M 31 -30.90 -35.36 -43.15
CA PRO M 31 -32.17 -35.89 -43.67
C PRO M 31 -32.03 -37.23 -44.35
N GLY M 32 -30.92 -37.49 -45.01
CA GLY M 32 -30.84 -38.68 -45.81
C GLY M 32 -30.76 -39.94 -44.98
N GLY M 33 -31.84 -40.26 -44.30
CA GLY M 33 -31.85 -41.43 -43.44
C GLY M 33 -33.24 -41.99 -43.22
N GLY M 34 -33.39 -43.29 -43.41
CA GLY M 34 -34.69 -43.91 -43.24
C GLY M 34 -35.26 -43.67 -41.85
N TRP M 35 -36.56 -43.94 -41.73
CA TRP M 35 -37.27 -43.57 -40.52
C TRP M 35 -38.51 -44.44 -40.39
N ASP M 36 -38.61 -45.16 -39.28
CA ASP M 36 -39.76 -46.02 -39.02
C ASP M 36 -40.90 -45.13 -38.53
N ASN M 37 -42.00 -45.11 -39.27
CA ASN M 37 -43.14 -44.29 -38.88
C ASN M 37 -43.98 -44.95 -37.79
N LEU M 38 -43.89 -46.27 -37.65
CA LEU M 38 -44.68 -46.94 -36.63
C LEU M 38 -44.03 -46.84 -35.26
N ARG M 39 -42.84 -47.42 -35.12
CA ARG M 39 -42.07 -47.27 -33.88
C ARG M 39 -41.70 -45.82 -33.64
N ASN M 40 -41.66 -45.00 -34.68
CA ASN M 40 -41.34 -43.58 -34.57
C ASN M 40 -39.91 -43.34 -34.09
N VAL M 41 -38.93 -43.85 -34.85
CA VAL M 41 -37.53 -43.75 -34.49
C VAL M 41 -36.67 -43.94 -35.74
N ASP M 42 -35.59 -43.17 -35.86
CA ASP M 42 -34.70 -43.25 -37.01
C ASP M 42 -34.21 -44.68 -37.21
N MET M 43 -33.92 -45.02 -38.47
CA MET M 43 -33.59 -46.40 -38.80
C MET M 43 -32.22 -46.56 -39.47
N GLY M 44 -31.89 -45.78 -40.48
CA GLY M 44 -30.62 -45.98 -41.13
C GLY M 44 -30.52 -45.17 -42.40
N ARG M 45 -29.29 -45.09 -42.91
CA ARG M 45 -29.05 -44.32 -44.14
C ARG M 45 -29.93 -44.83 -45.27
N VAL M 46 -30.40 -43.91 -46.10
CA VAL M 46 -31.01 -44.32 -47.36
C VAL M 46 -30.35 -43.56 -48.49
N MET M 47 -30.41 -42.23 -48.43
CA MET M 47 -29.71 -41.39 -49.39
C MET M 47 -28.28 -41.20 -48.92
N ASP M 48 -27.32 -41.55 -49.76
CA ASP M 48 -25.94 -41.52 -49.32
C ASP M 48 -25.48 -40.11 -49.06
N LEU M 49 -24.58 -39.95 -48.12
CA LEU M 49 -24.04 -38.65 -47.73
C LEU M 49 -22.53 -38.70 -47.89
N THR M 50 -22.02 -38.07 -48.92
CA THR M 50 -20.60 -37.94 -49.13
C THR M 50 -20.10 -36.64 -48.53
N TYR M 51 -18.80 -36.42 -48.66
CA TYR M 51 -18.23 -35.14 -48.26
C TYR M 51 -17.13 -34.71 -49.22
N THR M 52 -17.27 -35.05 -50.49
CA THR M 52 -16.19 -34.87 -51.44
C THR M 52 -15.79 -33.41 -51.59
N ASN M 53 -16.65 -32.61 -52.20
CA ASN M 53 -16.37 -31.20 -52.40
C ASN M 53 -16.79 -30.44 -51.16
N CYS M 54 -16.25 -30.82 -50.01
CA CYS M 54 -17.01 -30.75 -48.77
C CYS M 54 -17.57 -29.37 -48.55
N LYS M 55 -18.89 -29.32 -48.43
CA LYS M 55 -19.66 -28.09 -48.32
C LYS M 55 -19.45 -27.49 -46.95
N THR M 56 -20.21 -26.46 -46.66
CA THR M 56 -20.32 -25.88 -45.33
C THR M 56 -21.46 -24.88 -45.37
N THR M 57 -22.14 -24.72 -44.25
CA THR M 57 -23.23 -23.77 -44.21
C THR M 57 -22.71 -22.38 -44.48
N GLU M 58 -23.58 -21.51 -44.96
CA GLU M 58 -23.16 -20.18 -45.38
C GLU M 58 -22.48 -19.44 -44.24
N ASP M 59 -23.18 -19.27 -43.13
CA ASP M 59 -22.56 -18.73 -41.93
C ASP M 59 -21.69 -19.84 -41.39
N GLY M 60 -20.51 -19.98 -41.98
CA GLY M 60 -19.78 -21.22 -41.82
C GLY M 60 -19.51 -21.54 -40.37
N GLN M 61 -20.34 -22.42 -39.82
CA GLN M 61 -20.05 -23.06 -38.55
C GLN M 61 -20.54 -24.49 -38.54
N TYR M 62 -20.61 -25.13 -39.70
CA TYR M 62 -20.92 -26.54 -39.80
C TYR M 62 -20.37 -27.06 -41.11
N ILE M 63 -20.42 -28.37 -41.28
CA ILE M 63 -19.99 -29.02 -42.52
C ILE M 63 -21.13 -29.94 -42.94
N ILE M 64 -22.04 -29.43 -43.74
CA ILE M 64 -23.12 -30.27 -44.23
C ILE M 64 -22.52 -31.25 -45.23
N PRO M 65 -23.12 -32.41 -45.44
CA PRO M 65 -22.68 -33.27 -46.54
C PRO M 65 -23.21 -32.72 -47.84
N ASP M 66 -22.49 -32.99 -48.91
CA ASP M 66 -22.75 -32.31 -50.16
C ASP M 66 -23.98 -32.83 -50.87
N GLU M 67 -24.84 -33.57 -50.20
CA GLU M 67 -26.14 -33.91 -50.74
C GLU M 67 -27.27 -33.21 -50.00
N VAL M 68 -26.96 -32.19 -49.20
CA VAL M 68 -27.99 -31.45 -48.49
C VAL M 68 -27.67 -29.97 -48.58
N TYR M 69 -28.70 -29.16 -48.49
CA TYR M 69 -28.56 -27.71 -48.45
C TYR M 69 -29.41 -27.19 -47.31
N THR M 70 -28.98 -26.09 -46.71
CA THR M 70 -29.63 -25.53 -45.54
C THR M 70 -30.18 -24.16 -45.84
N ILE M 71 -31.18 -23.77 -45.07
CA ILE M 71 -31.80 -22.45 -45.17
C ILE M 71 -32.08 -21.95 -43.76
N PRO M 72 -31.32 -20.99 -43.28
CA PRO M 72 -31.22 -20.77 -41.84
C PRO M 72 -32.20 -19.76 -41.27
N GLN M 73 -32.86 -20.11 -40.15
CA GLN M 73 -33.68 -19.16 -39.41
C GLN M 73 -34.20 -19.77 -38.13
N LYS M 74 -34.25 -19.04 -37.00
CA LYS M 74 -35.32 -19.13 -36.01
C LYS M 74 -35.04 -18.37 -34.73
N GLU M 75 -36.04 -18.31 -33.85
CA GLU M 75 -35.97 -18.38 -32.38
C GLU M 75 -37.38 -18.18 -31.86
N SER M 76 -37.66 -18.75 -30.68
CA SER M 76 -38.96 -18.52 -30.06
C SER M 76 -38.95 -19.09 -28.65
N ASN M 77 -39.49 -18.33 -27.70
CA ASN M 77 -39.69 -18.88 -26.37
C ASN M 77 -40.79 -18.09 -25.69
N LEU M 78 -41.25 -18.62 -24.55
CA LEU M 78 -42.32 -17.95 -23.82
C LEU M 78 -42.30 -18.39 -22.37
N GLU M 79 -42.28 -17.42 -21.46
CA GLU M 79 -42.35 -17.65 -20.04
C GLU M 79 -43.73 -17.26 -19.54
N MET M 80 -44.16 -17.90 -18.47
CA MET M 80 -45.43 -17.55 -17.85
C MET M 80 -45.52 -18.24 -16.51
N ASN M 81 -46.09 -17.54 -15.53
CA ASN M 81 -46.25 -18.09 -14.20
C ASN M 81 -47.44 -17.42 -13.53
N SER M 82 -47.81 -17.94 -12.36
CA SER M 82 -48.98 -17.45 -11.64
C SER M 82 -48.67 -17.47 -10.16
N GLU M 83 -49.66 -17.06 -9.36
CA GLU M 83 -49.47 -16.84 -7.93
C GLU M 83 -50.81 -16.91 -7.24
N VAL M 84 -50.79 -17.33 -5.97
CA VAL M 84 -52.00 -17.40 -5.14
C VAL M 84 -51.58 -17.35 -3.68
N LEU M 85 -52.23 -16.50 -2.89
CA LEU M 85 -51.97 -16.41 -1.46
C LEU M 85 -53.29 -16.38 -0.69
N GLU M 86 -53.18 -16.45 0.63
CA GLU M 86 -54.32 -16.37 1.55
C GLU M 86 -53.81 -15.97 2.94
N SER M 87 -54.74 -15.62 3.82
CA SER M 87 -54.46 -15.46 5.24
C SER M 87 -55.78 -15.23 5.97
N TRP M 88 -55.92 -15.81 7.15
CA TRP M 88 -57.13 -15.71 7.96
C TRP M 88 -56.76 -15.40 9.41
N MET M 89 -57.77 -15.03 10.21
CA MET M 89 -57.59 -14.75 11.64
C MET M 89 -58.90 -15.01 12.39
N ASN M 90 -58.88 -14.79 13.70
CA ASN M 90 -60.06 -14.83 14.57
C ASN M 90 -59.74 -14.19 15.92
N TYR M 91 -60.69 -14.31 16.85
CA TYR M 91 -60.64 -13.61 18.13
C TYR M 91 -61.59 -14.28 19.12
N GLN M 92 -61.86 -13.59 20.25
CA GLN M 92 -62.34 -14.24 21.47
C GLN M 92 -63.57 -13.61 22.13
N SER M 93 -63.88 -14.07 23.34
CA SER M 93 -65.05 -13.63 24.12
C SER M 93 -64.76 -13.84 25.60
N THR M 94 -65.53 -13.16 26.46
CA THR M 94 -65.25 -13.11 27.89
C THR M 94 -66.50 -12.72 28.68
N THR M 95 -66.66 -13.33 29.86
CA THR M 95 -67.69 -12.93 30.81
C THR M 95 -67.10 -12.95 32.21
N SER M 96 -67.76 -12.26 33.13
CA SER M 96 -67.32 -12.20 34.53
C SER M 96 -68.40 -11.57 35.38
N LEU M 97 -68.63 -12.12 36.57
CA LEU M 97 -69.60 -11.58 37.52
C LEU M 97 -69.07 -11.78 38.93
N SER M 98 -69.04 -10.70 39.73
CA SER M 98 -68.46 -10.72 41.07
C SER M 98 -69.49 -10.13 42.03
N ILE M 99 -70.22 -11.00 42.74
CA ILE M 99 -71.44 -10.57 43.41
C ILE M 99 -71.58 -11.14 44.82
N ASN M 100 -71.60 -10.27 45.83
CA ASN M 100 -72.54 -10.36 46.95
C ASN M 100 -72.09 -9.39 48.05
N THR M 101 -72.91 -9.29 49.09
CA THR M 101 -72.53 -8.68 50.36
C THR M 101 -73.59 -9.09 51.39
N GLU M 102 -73.31 -8.84 52.67
CA GLU M 102 -74.30 -9.02 53.73
C GLU M 102 -73.77 -8.40 55.02
N LEU M 103 -74.69 -7.96 55.88
CA LEU M 103 -74.41 -7.44 57.21
C LEU M 103 -75.70 -7.38 58.01
N ALA M 104 -75.56 -7.35 59.34
CA ALA M 104 -76.61 -6.94 60.26
C ALA M 104 -76.02 -6.90 61.66
N LEU M 105 -76.75 -6.25 62.56
CA LEU M 105 -76.37 -6.20 63.97
C LEU M 105 -77.31 -6.98 64.88
N PHE M 106 -78.33 -7.63 64.32
CA PHE M 106 -79.32 -8.35 65.13
C PHE M 106 -79.29 -9.85 64.87
N SER M 107 -79.47 -10.29 63.62
CA SER M 107 -79.54 -11.73 63.35
C SER M 107 -78.76 -12.19 62.13
N ARG M 108 -78.51 -11.35 61.12
CA ARG M 108 -78.04 -11.85 59.83
C ARG M 108 -76.88 -11.00 59.32
N VAL M 109 -75.67 -11.31 59.77
CA VAL M 109 -74.44 -10.68 59.26
C VAL M 109 -73.57 -11.76 58.63
N ASN M 110 -73.32 -11.62 57.34
CA ASN M 110 -72.56 -12.62 56.57
C ASN M 110 -71.61 -11.92 55.61
N GLY M 111 -71.03 -12.73 54.72
CA GLY M 111 -70.22 -12.23 53.63
C GLY M 111 -70.25 -13.21 52.48
N LYS M 112 -70.21 -12.72 51.24
CA LYS M 112 -70.19 -13.61 50.08
C LYS M 112 -69.63 -12.85 48.88
N PHE M 113 -68.84 -13.55 48.07
CA PHE M 113 -68.38 -13.05 46.78
C PHE M 113 -68.18 -14.25 45.87
N SER M 114 -69.20 -14.58 45.08
CA SER M 114 -69.12 -15.73 44.18
C SER M 114 -68.63 -15.27 42.81
N THR M 115 -67.45 -14.66 42.80
CA THR M 115 -66.89 -14.08 41.59
C THR M 115 -66.50 -15.18 40.61
N GLU M 116 -66.71 -14.90 39.32
CA GLU M 116 -66.45 -15.87 38.26
C GLU M 116 -65.80 -15.19 37.08
N PHE M 117 -65.10 -15.98 36.27
CA PHE M 117 -64.46 -15.50 35.05
C PHE M 117 -64.47 -16.63 34.04
N GLN M 118 -64.89 -16.33 32.82
CA GLN M 118 -64.79 -17.27 31.71
C GLN M 118 -64.21 -16.53 30.51
N ARG M 119 -63.04 -16.98 30.06
CA ARG M 119 -62.40 -16.41 28.88
C ARG M 119 -62.03 -17.55 27.96
N MET M 120 -62.22 -17.34 26.66
CA MET M 120 -61.88 -18.33 25.64
C MET M 120 -61.30 -17.59 24.44
N LYS M 121 -59.99 -17.57 24.33
CA LYS M 121 -59.32 -16.96 23.19
C LYS M 121 -58.95 -18.03 22.17
N THR M 122 -59.48 -17.91 20.97
CA THR M 122 -59.14 -18.81 19.88
C THR M 122 -58.62 -17.99 18.72
N LEU M 123 -57.45 -18.38 18.21
CA LEU M 123 -56.92 -17.85 16.96
C LEU M 123 -56.91 -18.94 15.92
N GLN M 124 -56.99 -18.54 14.66
CA GLN M 124 -56.89 -19.48 13.55
C GLN M 124 -56.23 -18.73 12.39
N VAL M 125 -54.94 -18.80 12.30
CA VAL M 125 -54.22 -18.31 11.13
C VAL M 125 -54.24 -19.43 10.10
N LYS M 126 -54.32 -19.06 8.82
CA LYS M 126 -54.34 -20.07 7.76
C LYS M 126 -53.74 -19.44 6.51
N ASP M 127 -52.52 -19.83 6.19
CA ASP M 127 -51.76 -19.27 5.07
C ASP M 127 -51.57 -20.33 4.01
N GLN M 128 -51.63 -19.92 2.73
CA GLN M 128 -51.55 -20.88 1.63
C GLN M 128 -50.92 -20.21 0.43
N ALA M 129 -49.61 -20.39 0.25
CA ALA M 129 -48.91 -19.88 -0.91
C ALA M 129 -48.92 -20.91 -2.01
N VAL M 130 -48.96 -20.44 -3.26
CA VAL M 130 -48.92 -21.32 -4.42
C VAL M 130 -48.18 -20.63 -5.56
N THR M 131 -47.11 -21.24 -6.05
CA THR M 131 -46.37 -20.73 -7.18
C THR M 131 -46.38 -21.78 -8.28
N THR M 132 -46.35 -21.32 -9.53
CA THR M 132 -46.40 -22.24 -10.66
C THR M 132 -45.78 -21.56 -11.87
N ARG M 133 -44.55 -21.92 -12.21
CA ARG M 133 -43.89 -21.40 -13.39
C ARG M 133 -43.88 -22.46 -14.47
N VAL M 134 -43.96 -22.00 -15.73
CA VAL M 134 -43.80 -22.84 -16.91
C VAL M 134 -43.13 -21.95 -17.93
N GLN M 135 -42.06 -22.44 -18.55
CA GLN M 135 -41.42 -21.63 -19.58
C GLN M 135 -40.66 -22.52 -20.53
N VAL M 136 -40.76 -22.22 -21.82
CA VAL M 136 -40.41 -23.14 -22.89
C VAL M 136 -39.65 -22.39 -23.97
N ARG M 137 -38.55 -22.98 -24.45
CA ARG M 137 -37.72 -22.40 -25.49
C ARG M 137 -37.77 -23.26 -26.75
N ASN M 138 -37.60 -22.62 -27.90
CA ASN M 138 -37.50 -23.31 -29.18
C ASN M 138 -36.53 -22.62 -30.10
N ARG M 139 -35.81 -23.42 -30.88
CA ARG M 139 -34.95 -22.92 -31.94
C ARG M 139 -35.13 -23.83 -33.14
N ILE M 140 -34.97 -23.29 -34.35
CA ILE M 140 -34.88 -24.17 -35.50
C ILE M 140 -33.78 -23.66 -36.41
N TYR M 141 -33.24 -24.54 -37.26
CA TYR M 141 -32.34 -24.13 -38.34
C TYR M 141 -32.32 -25.25 -39.39
N THR M 142 -33.17 -25.14 -40.40
CA THR M 142 -33.63 -26.32 -41.12
C THR M 142 -32.62 -26.83 -42.14
N VAL M 143 -32.93 -28.01 -42.69
CA VAL M 143 -32.03 -28.79 -43.53
C VAL M 143 -32.87 -29.63 -44.48
N LYS M 144 -32.55 -29.58 -45.76
CA LYS M 144 -33.24 -30.36 -46.77
C LYS M 144 -32.24 -31.23 -47.51
N THR M 145 -32.72 -32.34 -48.06
CA THR M 145 -31.90 -33.19 -48.89
C THR M 145 -31.94 -32.67 -50.32
N THR M 146 -30.78 -32.68 -50.98
CA THR M 146 -30.73 -32.12 -52.32
C THR M 146 -31.62 -32.95 -53.24
N PRO M 147 -32.26 -32.33 -54.23
CA PRO M 147 -33.21 -33.05 -55.07
C PRO M 147 -32.57 -34.03 -56.02
N THR M 148 -31.25 -34.14 -56.04
CA THR M 148 -30.57 -34.99 -57.00
C THR M 148 -29.61 -35.97 -56.34
N SER M 149 -29.83 -36.31 -55.08
CA SER M 149 -28.93 -37.26 -54.45
C SER M 149 -29.34 -38.69 -54.81
N GLU M 150 -28.44 -39.62 -54.54
CA GLU M 150 -28.62 -41.01 -54.90
C GLU M 150 -28.72 -41.88 -53.65
N LEU M 151 -29.22 -43.09 -53.84
CA LEU M 151 -29.38 -44.00 -52.72
C LEU M 151 -28.02 -44.35 -52.12
N SER M 152 -28.05 -44.78 -50.86
CA SER M 152 -26.84 -45.17 -50.20
C SER M 152 -26.31 -46.48 -50.80
N LEU M 153 -25.17 -46.93 -50.29
CA LEU M 153 -24.63 -48.19 -50.77
C LEU M 153 -25.43 -49.36 -50.21
N GLY M 154 -25.55 -49.45 -48.89
CA GLY M 154 -26.29 -50.55 -48.30
C GLY M 154 -27.71 -50.65 -48.80
N PHE M 155 -28.35 -49.51 -49.03
CA PHE M 155 -29.72 -49.53 -49.53
C PHE M 155 -29.78 -50.17 -50.92
N THR M 156 -28.95 -49.70 -51.83
CA THR M 156 -28.91 -50.32 -53.15
C THR M 156 -28.58 -51.79 -53.06
N LYS M 157 -27.67 -52.16 -52.15
CA LYS M 157 -27.34 -53.57 -51.99
C LYS M 157 -28.58 -54.37 -51.65
N ALA M 158 -29.30 -53.97 -50.61
CA ALA M 158 -30.51 -54.70 -50.23
C ALA M 158 -31.52 -54.71 -51.36
N LEU M 159 -31.64 -53.60 -52.07
CA LEU M 159 -32.65 -53.50 -53.12
C LEU M 159 -32.34 -54.46 -54.26
N MET M 160 -31.15 -54.36 -54.84
CA MET M 160 -30.81 -55.28 -55.91
C MET M 160 -30.70 -56.71 -55.42
N ASP M 161 -30.54 -56.92 -54.12
CA ASP M 161 -30.62 -58.28 -53.60
C ASP M 161 -32.03 -58.82 -53.73
N ILE M 162 -33.02 -58.03 -53.28
CA ILE M 162 -34.39 -58.45 -53.48
C ILE M 162 -34.70 -58.61 -54.97
N CYS M 163 -34.09 -57.78 -55.81
CA CYS M 163 -34.33 -57.90 -57.24
C CYS M 163 -33.75 -59.20 -57.79
N ASP M 164 -32.56 -59.58 -57.34
CA ASP M 164 -32.01 -60.87 -57.73
C ASP M 164 -32.86 -62.01 -57.20
N GLN M 165 -33.49 -61.83 -56.04
CA GLN M 165 -34.39 -62.85 -55.53
C GLN M 165 -35.63 -62.99 -56.41
N LEU M 166 -36.15 -61.86 -56.91
CA LEU M 166 -37.35 -61.94 -57.74
C LEU M 166 -37.01 -62.50 -59.12
N GLU M 167 -35.88 -62.09 -59.69
CA GLU M 167 -35.43 -62.72 -60.94
C GLU M 167 -35.14 -64.20 -60.75
N LYS M 168 -34.63 -64.58 -59.59
CA LYS M 168 -34.40 -65.98 -59.25
C LYS M 168 -35.68 -66.68 -58.80
N ASN M 169 -36.81 -65.99 -58.87
CA ASN M 169 -38.15 -66.56 -58.74
C ASN M 169 -38.45 -67.04 -57.33
N GLN M 170 -37.49 -66.96 -56.40
CA GLN M 170 -37.67 -67.42 -55.04
C GLN M 170 -38.51 -66.40 -54.27
N THR M 171 -39.82 -66.58 -54.33
CA THR M 171 -40.73 -65.60 -53.73
C THR M 171 -40.55 -65.53 -52.22
N LYS M 172 -40.52 -66.68 -51.55
CA LYS M 172 -40.46 -66.70 -50.09
C LYS M 172 -39.24 -65.94 -49.58
N MET M 173 -38.05 -66.34 -50.04
CA MET M 173 -36.85 -65.61 -49.64
C MET M 173 -36.93 -64.15 -50.04
N ALA M 174 -37.54 -63.85 -51.19
CA ALA M 174 -37.65 -62.47 -51.65
C ALA M 174 -38.51 -61.65 -50.71
N THR M 175 -39.72 -62.13 -50.41
CA THR M 175 -40.59 -61.36 -49.54
C THR M 175 -40.02 -61.26 -48.13
N TYR M 176 -39.32 -62.30 -47.68
CA TYR M 176 -38.67 -62.18 -46.37
C TYR M 176 -37.56 -61.15 -46.40
N LEU M 177 -36.82 -61.08 -47.50
CA LEU M 177 -35.77 -60.07 -47.62
C LEU M 177 -36.37 -58.67 -47.63
N ALA M 178 -37.52 -58.51 -48.28
CA ALA M 178 -38.18 -57.21 -48.28
C ALA M 178 -38.64 -56.85 -46.87
N GLU M 179 -39.18 -57.82 -46.15
CA GLU M 179 -39.59 -57.58 -44.78
C GLU M 179 -38.40 -57.19 -43.92
N LEU M 180 -37.26 -57.86 -44.12
CA LEU M 180 -36.05 -57.48 -43.41
C LEU M 180 -35.63 -56.07 -43.79
N LEU M 181 -35.74 -55.73 -45.06
CA LEU M 181 -35.41 -54.37 -45.50
C LEU M 181 -36.25 -53.35 -44.75
N ILE M 182 -37.55 -53.59 -44.65
CA ILE M 182 -38.40 -52.61 -44.01
C ILE M 182 -38.13 -52.56 -42.51
N LEU M 183 -37.72 -53.68 -41.93
CA LEU M 183 -37.34 -53.68 -40.53
C LEU M 183 -36.01 -53.00 -40.30
N ASN M 184 -35.17 -52.96 -41.31
CA ASN M 184 -33.79 -52.51 -41.18
C ASN M 184 -33.59 -51.08 -41.64
N TYR M 185 -34.52 -50.52 -42.39
CA TYR M 185 -34.38 -49.19 -42.96
C TYR M 185 -35.63 -48.33 -42.77
N GLY M 186 -36.59 -48.79 -41.98
CA GLY M 186 -37.76 -47.98 -41.71
C GLY M 186 -38.70 -47.85 -42.89
N THR M 187 -39.91 -47.39 -42.63
CA THR M 187 -40.94 -47.30 -43.65
C THR M 187 -41.00 -45.95 -44.32
N HIS M 188 -40.08 -45.05 -44.02
CA HIS M 188 -40.07 -43.75 -44.66
C HIS M 188 -38.66 -43.21 -44.66
N VAL M 189 -38.35 -42.42 -45.67
CA VAL M 189 -37.07 -41.74 -45.76
C VAL M 189 -37.32 -40.25 -45.56
N ILE M 190 -36.48 -39.62 -44.75
CA ILE M 190 -36.66 -38.24 -44.37
C ILE M 190 -36.05 -37.36 -45.44
N THR M 191 -36.74 -36.29 -45.79
CA THR M 191 -36.22 -35.32 -46.73
C THR M 191 -36.11 -33.93 -46.16
N SER M 192 -36.34 -33.77 -44.86
CA SER M 192 -36.30 -32.46 -44.24
C SER M 192 -36.29 -32.62 -42.74
N VAL M 193 -35.37 -31.92 -42.09
CA VAL M 193 -35.34 -31.82 -40.64
C VAL M 193 -35.10 -30.36 -40.29
N ASP M 194 -35.27 -30.04 -39.01
CA ASP M 194 -35.07 -28.69 -38.53
C ASP M 194 -34.07 -28.74 -37.37
N ALA M 195 -32.82 -28.46 -37.67
CA ALA M 195 -31.81 -28.46 -36.63
C ALA M 195 -32.15 -27.41 -35.60
N GLY M 196 -32.56 -27.83 -34.42
CA GLY M 196 -32.89 -26.89 -33.39
C GLY M 196 -32.73 -27.53 -32.04
N ALA M 197 -33.22 -26.84 -31.02
CA ALA M 197 -33.27 -27.39 -29.69
C ALA M 197 -34.47 -26.79 -28.97
N ALA M 198 -34.88 -27.46 -27.91
CA ALA M 198 -36.02 -27.02 -27.15
C ALA M 198 -35.72 -27.20 -25.68
N LEU M 199 -36.55 -26.59 -24.85
CA LEU M 199 -36.41 -26.71 -23.40
C LEU M 199 -37.76 -26.37 -22.81
N VAL M 200 -38.32 -27.30 -22.05
CA VAL M 200 -39.63 -27.15 -21.44
C VAL M 200 -39.44 -27.43 -19.97
N GLN M 201 -39.47 -26.39 -19.15
CA GLN M 201 -39.24 -26.58 -17.73
C GLN M 201 -40.33 -25.89 -16.94
N GLU M 202 -40.65 -26.44 -15.78
CA GLU M 202 -41.77 -25.97 -14.99
C GLU M 202 -41.59 -26.45 -13.57
N ASP M 203 -42.36 -25.84 -12.67
CA ASP M 203 -42.30 -26.21 -11.27
C ASP M 203 -43.51 -25.66 -10.54
N HIS M 204 -43.91 -26.36 -9.49
CA HIS M 204 -45.00 -25.93 -8.65
C HIS M 204 -44.53 -25.87 -7.20
N VAL M 205 -45.02 -24.89 -6.47
CA VAL M 205 -44.84 -24.80 -5.04
C VAL M 205 -46.20 -24.68 -4.40
N ARG M 206 -46.42 -25.39 -3.30
CA ARG M 206 -47.73 -25.35 -2.66
C ARG M 206 -47.50 -25.37 -1.14
N SER M 207 -47.38 -24.19 -0.56
CA SER M 207 -47.25 -24.06 0.88
C SER M 207 -48.64 -24.10 1.51
N SER M 208 -48.71 -24.67 2.70
CA SER M 208 -49.93 -24.70 3.48
C SER M 208 -49.57 -24.50 4.93
N PHE M 209 -50.22 -23.56 5.59
CA PHE M 209 -49.86 -23.18 6.94
C PHE M 209 -51.14 -22.98 7.72
N LEU M 210 -51.46 -23.92 8.60
CA LEU M 210 -52.68 -23.90 9.39
C LEU M 210 -52.30 -23.83 10.85
N LEU M 211 -52.72 -22.77 11.53
CA LEU M 211 -52.39 -22.55 12.93
C LEU M 211 -53.67 -22.52 13.76
N ASP M 212 -53.58 -23.03 14.97
CA ASP M 212 -54.71 -23.06 15.89
C ASP M 212 -54.31 -22.45 17.22
N ASN M 213 -55.32 -22.22 18.06
CA ASN M 213 -55.09 -21.72 19.40
C ASN M 213 -56.42 -21.78 20.14
N GLN M 214 -56.37 -22.21 21.40
CA GLN M 214 -57.55 -22.18 22.26
C GLN M 214 -57.04 -21.81 23.65
N ASN M 215 -57.02 -20.52 23.95
CA ASN M 215 -56.41 -20.02 25.17
C ASN M 215 -57.52 -19.64 26.15
N SER M 216 -58.04 -20.62 26.87
CA SER M 216 -59.15 -20.41 27.79
C SER M 216 -58.64 -20.10 29.18
N GLN M 217 -59.57 -19.66 30.04
CA GLN M 217 -59.24 -19.32 31.41
C GLN M 217 -60.48 -19.41 32.29
N ASN M 218 -60.25 -19.60 33.58
CA ASN M 218 -61.31 -19.59 34.58
C ASN M 218 -60.78 -18.94 35.85
N THR M 219 -61.70 -18.37 36.62
CA THR M 219 -61.35 -17.80 37.91
C THR M 219 -62.59 -17.81 38.79
N VAL M 220 -62.63 -18.70 39.78
CA VAL M 220 -63.75 -18.82 40.69
C VAL M 220 -63.27 -18.46 42.08
N THR M 221 -64.02 -17.59 42.76
CA THR M 221 -63.69 -17.20 44.12
C THR M 221 -64.97 -17.22 44.95
N ALA M 222 -64.83 -17.64 46.20
CA ALA M 222 -65.92 -17.64 47.16
C ALA M 222 -65.52 -16.77 48.36
N SER M 223 -66.48 -16.54 49.25
CA SER M 223 -66.22 -15.70 50.41
C SER M 223 -67.22 -16.01 51.51
N ALA M 224 -66.88 -15.53 52.70
CA ALA M 224 -67.68 -15.68 53.91
C ALA M 224 -67.42 -14.45 54.78
N GLY M 225 -67.63 -14.60 56.08
CA GLY M 225 -67.49 -13.45 56.95
C GLY M 225 -68.68 -13.23 57.87
N ILE M 226 -69.37 -14.31 58.22
CA ILE M 226 -70.44 -14.22 59.21
C ILE M 226 -69.81 -13.98 60.58
N ALA M 227 -69.70 -12.72 60.95
CA ALA M 227 -69.05 -12.41 62.22
C ALA M 227 -69.53 -11.12 62.88
N PHE M 228 -70.57 -11.20 63.70
CA PHE M 228 -70.70 -10.29 64.84
C PHE M 228 -71.21 -11.04 66.06
N LEU M 229 -72.05 -12.05 65.84
CA LEU M 229 -72.83 -12.64 66.91
C LEU M 229 -72.52 -14.12 67.03
N ASN M 230 -72.30 -14.55 68.27
CA ASN M 230 -72.09 -15.94 68.69
C ASN M 230 -70.73 -16.45 68.24
N ILE M 231 -70.11 -15.72 67.31
CA ILE M 231 -68.70 -15.81 66.94
C ILE M 231 -68.33 -14.42 66.46
N VAL M 232 -67.45 -13.73 67.19
CA VAL M 232 -67.17 -12.35 66.83
C VAL M 232 -66.38 -12.28 65.53
N ASN M 233 -65.66 -13.35 65.20
CA ASN M 233 -64.95 -13.39 63.93
C ASN M 233 -64.60 -14.81 63.47
N PHE M 234 -64.96 -15.13 62.23
CA PHE M 234 -64.30 -16.18 61.48
C PHE M 234 -64.61 -15.99 59.99
N LYS M 235 -63.60 -16.13 59.15
CA LYS M 235 -63.70 -15.74 57.75
C LYS M 235 -63.28 -16.91 56.88
N VAL M 236 -64.00 -17.10 55.78
CA VAL M 236 -63.74 -18.19 54.84
C VAL M 236 -63.75 -17.62 53.44
N GLU M 237 -62.73 -17.94 52.65
CA GLU M 237 -62.71 -17.62 51.23
C GLU M 237 -61.83 -18.61 50.49
N THR M 238 -62.35 -19.19 49.43
CA THR M 238 -61.57 -20.04 48.55
C THR M 238 -61.25 -19.31 47.27
N ASP M 239 -60.19 -19.75 46.59
CA ASP M 239 -59.80 -19.23 45.30
C ASP M 239 -59.56 -20.37 44.34
N TYR M 240 -59.71 -20.11 43.04
CA TYR M 240 -59.61 -21.16 42.04
C TYR M 240 -59.41 -20.50 40.69
N ILE M 241 -58.29 -20.80 40.04
CA ILE M 241 -58.00 -20.27 38.70
C ILE M 241 -57.44 -21.40 37.85
N SER M 242 -57.98 -21.54 36.65
CA SER M 242 -57.57 -22.58 35.71
C SER M 242 -57.29 -21.96 34.36
N GLN M 243 -56.22 -22.42 33.72
CA GLN M 243 -55.85 -21.94 32.40
C GLN M 243 -55.69 -23.11 31.45
N THR M 244 -55.80 -22.82 30.16
CA THR M 244 -55.62 -23.84 29.14
C THR M 244 -55.28 -23.13 27.84
N SER M 245 -54.07 -23.32 27.35
CA SER M 245 -53.62 -22.70 26.12
C SER M 245 -53.05 -23.80 25.25
N LEU M 246 -53.72 -24.08 24.13
CA LEU M 246 -53.35 -25.17 23.24
C LEU M 246 -53.20 -24.62 21.83
N THR M 247 -51.97 -24.56 21.35
CA THR M 247 -51.69 -24.14 19.99
C THR M 247 -51.37 -25.36 19.13
N LYS M 248 -51.77 -25.29 17.86
CA LYS M 248 -51.53 -26.37 16.92
C LYS M 248 -51.28 -25.73 15.57
N ASP M 249 -50.09 -25.93 15.02
CA ASP M 249 -49.78 -25.46 13.68
C ASP M 249 -49.31 -26.63 12.84
N TYR M 250 -49.52 -26.53 11.53
CA TYR M 250 -49.33 -27.68 10.65
C TYR M 250 -48.90 -27.16 9.28
N LEU M 251 -47.59 -27.10 9.06
CA LEU M 251 -47.00 -26.57 7.84
C LEU M 251 -46.65 -27.70 6.90
N SER M 252 -46.88 -27.49 5.60
CA SER M 252 -46.55 -28.53 4.62
C SER M 252 -46.26 -27.87 3.27
N ASN M 253 -44.98 -27.70 2.96
CA ASN M 253 -44.57 -27.37 1.61
C ASN M 253 -44.66 -28.60 0.72
N ARG M 254 -44.76 -28.36 -0.57
CA ARG M 254 -44.68 -29.43 -1.57
C ARG M 254 -44.20 -28.80 -2.86
N THR M 255 -42.98 -29.10 -3.26
CA THR M 255 -42.37 -28.52 -4.45
C THR M 255 -42.20 -29.59 -5.51
N ASN M 256 -42.48 -29.24 -6.76
CA ASN M 256 -42.12 -30.06 -7.89
C ASN M 256 -41.20 -29.28 -8.80
N SER M 257 -40.69 -29.97 -9.81
CA SER M 257 -39.85 -29.37 -10.82
C SER M 257 -39.62 -30.38 -11.92
N ARG M 258 -39.62 -29.97 -13.17
CA ARG M 258 -39.41 -30.92 -14.25
C ARG M 258 -38.90 -30.16 -15.45
N VAL M 259 -37.61 -30.23 -15.72
CA VAL M 259 -37.12 -29.71 -16.97
C VAL M 259 -37.16 -30.87 -17.94
N GLN M 260 -37.29 -30.57 -19.21
CA GLN M 260 -37.27 -31.61 -20.23
C GLN M 260 -36.73 -30.95 -21.50
N SER M 261 -35.43 -31.08 -21.72
CA SER M 261 -34.77 -30.36 -22.79
C SER M 261 -34.26 -31.34 -23.82
N PHE M 262 -34.41 -31.01 -25.09
CA PHE M 262 -33.76 -31.76 -26.15
C PHE M 262 -33.64 -30.84 -27.35
N GLY M 263 -32.41 -30.48 -27.69
CA GLY M 263 -31.26 -30.93 -26.94
C GLY M 263 -30.21 -29.87 -26.93
N GLY M 264 -29.63 -29.59 -25.78
CA GLY M 264 -28.58 -28.61 -25.72
C GLY M 264 -27.40 -29.12 -24.94
N VAL M 265 -26.94 -28.36 -23.94
CA VAL M 265 -25.88 -28.82 -23.07
C VAL M 265 -26.58 -29.59 -21.96
N PRO M 266 -26.01 -30.69 -21.44
CA PRO M 266 -26.65 -31.41 -20.36
C PRO M 266 -27.17 -30.51 -19.26
N PHE M 267 -28.48 -30.50 -19.09
CA PHE M 267 -29.12 -29.55 -18.20
C PHE M 267 -28.74 -29.83 -16.75
N TYR M 268 -28.84 -28.78 -15.93
CA TYR M 268 -28.66 -28.89 -14.49
C TYR M 268 -29.38 -27.72 -13.85
N PRO M 269 -29.92 -27.89 -12.63
CA PRO M 269 -30.86 -26.90 -12.11
C PRO M 269 -30.32 -25.49 -12.07
N GLY M 270 -29.13 -25.29 -11.52
CA GLY M 270 -28.64 -23.94 -11.38
C GLY M 270 -28.29 -23.22 -12.66
N ILE M 271 -28.56 -23.82 -13.81
CA ILE M 271 -28.13 -23.22 -15.07
C ILE M 271 -28.97 -21.99 -15.35
N THR M 272 -28.33 -20.98 -15.93
CA THR M 272 -29.07 -19.82 -16.38
C THR M 272 -29.94 -20.20 -17.57
N LEU M 273 -30.86 -19.31 -17.90
CA LEU M 273 -31.60 -19.47 -19.13
C LEU M 273 -30.77 -19.05 -20.33
N GLU M 274 -29.53 -18.63 -20.09
CA GLU M 274 -28.63 -18.12 -21.13
C GLU M 274 -27.54 -19.12 -21.48
N THR M 275 -26.69 -19.48 -20.51
CA THR M 275 -25.61 -20.41 -20.80
C THR M 275 -26.12 -21.67 -21.45
N TRP M 276 -27.39 -22.01 -21.24
CA TRP M 276 -28.07 -22.95 -22.11
C TRP M 276 -27.93 -22.54 -23.57
N GLN M 277 -28.39 -21.35 -23.90
CA GLN M 277 -28.41 -20.91 -25.29
C GLN M 277 -27.02 -20.83 -25.87
N LYS M 278 -26.14 -20.03 -25.27
CA LYS M 278 -24.81 -19.88 -25.83
C LYS M 278 -24.13 -21.22 -26.04
N GLY M 279 -24.50 -22.23 -25.28
CA GLY M 279 -23.90 -23.55 -25.42
C GLY M 279 -24.65 -24.45 -26.38
N ILE M 280 -25.35 -23.86 -27.33
CA ILE M 280 -26.11 -24.64 -28.30
C ILE M 280 -25.36 -24.75 -29.63
N THR M 281 -24.07 -24.44 -29.64
CA THR M 281 -23.35 -24.26 -30.91
C THR M 281 -23.47 -25.50 -31.77
N ASN M 282 -22.87 -26.60 -31.37
CA ASN M 282 -23.38 -27.91 -31.74
C ASN M 282 -24.29 -28.36 -30.60
N HIS M 283 -24.62 -29.64 -30.53
CA HIS M 283 -25.73 -30.14 -29.72
C HIS M 283 -27.06 -29.69 -30.33
N LEU M 284 -27.17 -29.79 -31.64
CA LEU M 284 -28.45 -29.57 -32.27
C LEU M 284 -29.18 -30.90 -32.40
N VAL M 285 -30.49 -30.82 -32.52
CA VAL M 285 -31.32 -32.03 -32.52
C VAL M 285 -32.47 -31.80 -33.47
N ALA M 286 -32.85 -32.85 -34.20
CA ALA M 286 -33.96 -32.75 -35.12
C ALA M 286 -35.22 -32.55 -34.31
N ILE M 287 -35.75 -31.32 -34.29
CA ILE M 287 -36.97 -31.06 -33.55
C ILE M 287 -38.20 -31.28 -34.39
N ASP M 288 -38.05 -31.44 -35.69
CA ASP M 288 -39.19 -31.62 -36.57
C ASP M 288 -38.68 -32.18 -37.88
N ARG M 289 -39.45 -33.08 -38.48
CA ARG M 289 -38.96 -33.76 -39.67
C ARG M 289 -40.12 -34.14 -40.56
N ALA M 290 -39.81 -34.29 -41.84
CA ALA M 290 -40.80 -34.67 -42.84
C ALA M 290 -40.09 -35.39 -43.97
N GLY M 291 -40.75 -36.42 -44.50
CA GLY M 291 -40.16 -37.20 -45.56
C GLY M 291 -41.23 -37.83 -46.42
N LEU M 292 -40.84 -38.86 -47.14
CA LEU M 292 -41.71 -39.55 -48.08
C LEU M 292 -41.71 -41.04 -47.80
N PRO M 293 -42.71 -41.77 -48.27
CA PRO M 293 -42.68 -43.22 -48.14
C PRO M 293 -41.60 -43.79 -49.05
N LEU M 294 -40.84 -44.75 -48.51
CA LEU M 294 -39.62 -45.16 -49.21
C LEU M 294 -39.93 -45.82 -50.55
N HIS M 295 -41.11 -46.42 -50.69
CA HIS M 295 -41.47 -46.98 -51.99
C HIS M 295 -41.41 -45.92 -53.07
N PHE M 296 -41.62 -44.66 -52.70
CA PHE M 296 -41.50 -43.57 -53.66
C PHE M 296 -40.08 -43.45 -54.19
N PHE M 297 -39.09 -43.83 -53.40
CA PHE M 297 -37.70 -43.67 -53.80
C PHE M 297 -37.18 -44.84 -54.60
N ILE M 298 -37.99 -45.87 -54.80
CA ILE M 298 -37.60 -47.04 -55.60
C ILE M 298 -38.15 -46.80 -56.99
N LYS M 299 -37.37 -46.12 -57.82
CA LYS M 299 -37.76 -45.76 -59.16
C LYS M 299 -36.56 -45.91 -60.08
N PRO M 300 -36.78 -46.24 -61.35
CA PRO M 300 -35.64 -46.57 -62.23
C PRO M 300 -34.63 -45.45 -62.37
N ASP M 301 -35.07 -44.19 -62.27
CA ASP M 301 -34.11 -43.09 -62.33
C ASP M 301 -33.20 -43.10 -61.12
N LYS M 302 -33.78 -43.16 -59.92
CA LYS M 302 -32.98 -43.22 -58.71
C LYS M 302 -32.20 -44.51 -58.60
N LEU M 303 -32.51 -45.48 -59.37
CA LEU M 303 -31.72 -46.68 -59.31
C LEU M 303 -30.73 -46.74 -60.46
N PRO M 304 -29.58 -47.38 -60.25
CA PRO M 304 -28.62 -47.54 -61.35
C PRO M 304 -29.15 -48.49 -62.39
N GLY M 305 -28.31 -48.81 -63.38
CA GLY M 305 -28.72 -49.67 -64.47
C GLY M 305 -29.39 -50.95 -64.01
N LEU M 306 -30.69 -51.06 -64.29
CA LEU M 306 -31.48 -52.21 -63.92
C LEU M 306 -32.69 -52.28 -64.84
N PRO M 307 -33.30 -53.45 -64.99
CA PRO M 307 -34.42 -53.59 -65.94
C PRO M 307 -35.63 -52.76 -65.49
N GLY M 308 -36.22 -52.05 -66.44
CA GLY M 308 -37.30 -51.14 -66.17
C GLY M 308 -38.46 -51.77 -65.41
N PRO M 309 -39.19 -52.67 -66.06
CA PRO M 309 -40.35 -53.27 -65.39
C PRO M 309 -40.01 -54.02 -64.13
N LEU M 310 -38.78 -54.54 -64.03
CA LEU M 310 -38.38 -55.24 -62.82
C LEU M 310 -38.35 -54.30 -61.62
N VAL M 311 -37.98 -53.04 -61.82
CA VAL M 311 -38.00 -52.13 -60.68
C VAL M 311 -39.44 -51.80 -60.32
N LYS M 312 -40.36 -51.84 -61.27
CA LYS M 312 -41.78 -51.72 -60.93
C LYS M 312 -42.20 -52.88 -60.04
N LYS M 313 -41.84 -54.09 -60.44
CA LYS M 313 -42.07 -55.28 -59.61
C LYS M 313 -41.51 -55.06 -58.20
N LEU M 314 -40.27 -54.60 -58.14
CA LEU M 314 -39.59 -54.43 -56.86
C LEU M 314 -40.30 -53.41 -56.00
N SER M 315 -40.69 -52.28 -56.58
CA SER M 315 -41.40 -51.26 -55.83
C SER M 315 -42.71 -51.80 -55.29
N LYS M 316 -43.44 -52.55 -56.12
CA LYS M 316 -44.70 -53.11 -55.65
C LYS M 316 -44.46 -54.09 -54.49
N THR M 317 -43.41 -54.91 -54.60
CA THR M 317 -43.14 -55.87 -53.54
C THR M 317 -42.79 -55.17 -52.25
N VAL M 318 -41.89 -54.18 -52.31
CA VAL M 318 -41.51 -53.45 -51.12
C VAL M 318 -42.72 -52.77 -50.51
N GLU M 319 -43.56 -52.16 -51.34
CA GLU M 319 -44.74 -51.46 -50.85
C GLU M 319 -45.70 -52.41 -50.17
N THR M 320 -45.91 -53.59 -50.77
CA THR M 320 -46.78 -54.58 -50.16
C THR M 320 -46.20 -55.08 -48.84
N ALA M 321 -44.89 -55.26 -48.78
CA ALA M 321 -44.25 -55.64 -47.52
C ALA M 321 -44.52 -54.60 -46.46
N VAL M 322 -44.38 -53.32 -46.82
CA VAL M 322 -44.71 -52.24 -45.91
C VAL M 322 -46.14 -52.39 -45.42
N ARG M 323 -47.08 -52.38 -46.37
CA ARG M 323 -48.50 -52.58 -46.11
C ARG M 323 -48.73 -53.67 -45.08
N HIS M 324 -48.16 -54.84 -45.33
CA HIS M 324 -48.21 -55.93 -44.36
C HIS M 324 -47.73 -55.47 -43.00
N TYR M 325 -46.49 -54.98 -42.94
CA TYR M 325 -45.92 -54.54 -41.67
C TYR M 325 -46.68 -53.35 -41.10
N TYR M 326 -47.44 -52.64 -41.93
CA TYR M 326 -48.10 -51.43 -41.47
C TYR M 326 -49.40 -51.75 -40.75
N THR M 327 -50.34 -52.42 -41.43
CA THR M 327 -51.65 -52.68 -40.85
C THR M 327 -51.55 -53.56 -39.63
N PHE M 328 -51.15 -54.80 -39.81
CA PHE M 328 -50.83 -55.73 -38.74
C PHE M 328 -49.33 -55.96 -38.73
N ASN M 329 -48.90 -56.91 -37.93
CA ASN M 329 -47.48 -57.23 -37.85
C ASN M 329 -47.14 -58.28 -38.92
N THR M 330 -47.48 -57.96 -40.17
CA THR M 330 -47.04 -58.68 -41.37
C THR M 330 -46.96 -60.19 -41.20
N HIS M 331 -48.00 -60.79 -40.64
CA HIS M 331 -47.98 -62.17 -40.18
C HIS M 331 -48.27 -63.16 -41.30
N PRO M 332 -47.29 -63.91 -41.80
CA PRO M 332 -47.62 -65.10 -42.60
C PRO M 332 -48.18 -66.21 -41.74
N GLY M 333 -47.48 -66.56 -40.66
CA GLY M 333 -47.94 -67.64 -39.80
C GLY M 333 -48.10 -67.38 -38.32
N CYS M 334 -47.31 -66.47 -37.75
CA CYS M 334 -47.29 -66.29 -36.29
C CYS M 334 -46.36 -65.16 -35.84
N THR M 335 -46.44 -64.81 -34.56
CA THR M 335 -45.44 -63.94 -33.94
C THR M 335 -44.16 -64.74 -33.73
N ASN M 336 -43.03 -64.19 -34.18
CA ASN M 336 -41.89 -65.09 -34.30
C ASN M 336 -40.72 -64.78 -33.37
N VAL M 337 -40.29 -63.52 -33.30
CA VAL M 337 -39.04 -63.25 -32.59
C VAL M 337 -39.22 -63.29 -31.08
N ASP M 338 -40.40 -62.89 -30.59
CA ASP M 338 -40.68 -62.94 -29.17
C ASP M 338 -40.82 -64.40 -28.73
N SER M 339 -39.97 -64.82 -27.79
CA SER M 339 -39.92 -66.22 -27.33
C SER M 339 -39.77 -67.13 -28.54
N PRO M 340 -38.57 -67.23 -29.14
CA PRO M 340 -38.44 -67.91 -30.43
C PRO M 340 -38.66 -69.42 -30.35
N ASN M 341 -39.09 -69.91 -29.19
CA ASN M 341 -39.21 -71.35 -28.96
C ASN M 341 -40.20 -72.05 -29.89
N PHE M 342 -41.49 -71.72 -29.81
CA PHE M 342 -42.52 -72.48 -30.53
C PHE M 342 -43.15 -71.69 -31.68
N ASN M 343 -42.38 -70.79 -32.31
CA ASN M 343 -42.92 -69.89 -33.31
C ASN M 343 -42.34 -70.19 -34.69
N PHE M 344 -43.13 -69.88 -35.72
CA PHE M 344 -42.67 -69.94 -37.10
C PHE M 344 -41.87 -68.67 -37.38
N GLN M 345 -40.56 -68.82 -37.56
CA GLN M 345 -39.64 -67.68 -37.50
C GLN M 345 -38.87 -67.50 -38.80
N ALA M 346 -39.49 -67.79 -39.94
CA ALA M 346 -38.94 -67.32 -41.20
C ALA M 346 -39.41 -65.92 -41.55
N ASN M 347 -40.44 -65.42 -40.87
CA ASN M 347 -40.93 -64.06 -41.03
C ASN M 347 -40.33 -63.17 -39.95
N MET M 348 -40.91 -61.98 -39.78
CA MET M 348 -40.60 -61.09 -38.67
C MET M 348 -41.89 -60.64 -38.01
N ASP M 349 -41.96 -60.79 -36.69
CA ASP M 349 -43.17 -60.43 -35.94
C ASP M 349 -42.88 -60.37 -34.45
N ASP M 350 -43.25 -59.25 -33.82
CA ASP M 350 -42.92 -58.98 -32.42
C ASP M 350 -44.14 -58.46 -31.66
N ASP M 351 -45.26 -59.17 -31.76
CA ASP M 351 -46.51 -58.74 -31.14
C ASP M 351 -46.39 -58.52 -29.63
N SER M 352 -46.22 -59.60 -28.87
CA SER M 352 -46.04 -59.53 -27.42
C SER M 352 -45.78 -60.92 -26.85
N CYS M 353 -45.40 -61.00 -25.58
CA CYS M 353 -44.92 -62.23 -24.97
C CYS M 353 -45.78 -62.75 -23.82
N ASP M 354 -46.33 -61.85 -23.00
CA ASP M 354 -47.01 -62.26 -21.78
C ASP M 354 -48.43 -62.79 -22.01
N ALA M 355 -48.75 -63.19 -23.24
CA ALA M 355 -50.09 -63.69 -23.55
C ALA M 355 -50.31 -65.01 -22.82
N LYS M 356 -51.39 -65.09 -22.04
CA LYS M 356 -51.82 -66.33 -21.42
C LYS M 356 -53.30 -66.62 -21.65
N VAL M 357 -54.07 -65.63 -22.08
CA VAL M 357 -55.50 -65.79 -22.32
C VAL M 357 -55.80 -65.52 -23.79
N THR M 358 -56.92 -66.06 -24.26
CA THR M 358 -57.45 -65.78 -25.58
C THR M 358 -58.81 -65.12 -25.53
N ASN M 359 -59.10 -64.35 -24.48
CA ASN M 359 -60.42 -63.77 -24.27
C ASN M 359 -60.68 -62.66 -25.28
N PHE M 360 -61.90 -62.13 -25.26
CA PHE M 360 -62.36 -61.25 -26.32
C PHE M 360 -62.16 -59.79 -25.95
N THR M 361 -62.61 -58.90 -26.84
CA THR M 361 -62.46 -57.47 -26.63
C THR M 361 -63.42 -56.97 -25.55
N PHE M 362 -62.94 -56.95 -24.31
CA PHE M 362 -63.76 -56.59 -23.16
C PHE M 362 -63.48 -55.15 -22.74
N GLY M 363 -64.03 -54.22 -23.52
CA GLY M 363 -63.82 -52.80 -23.29
C GLY M 363 -64.66 -52.26 -22.14
N GLY M 364 -64.59 -50.94 -21.99
CA GLY M 364 -65.36 -50.25 -20.97
C GLY M 364 -64.60 -49.96 -19.69
N VAL M 365 -65.00 -48.89 -19.00
CA VAL M 365 -64.36 -48.48 -17.75
C VAL M 365 -65.40 -47.84 -16.84
N TYR M 366 -65.51 -48.34 -15.60
CA TYR M 366 -66.63 -47.99 -14.75
C TYR M 366 -66.29 -48.26 -13.29
N GLN M 367 -67.03 -47.60 -12.39
CA GLN M 367 -66.76 -47.67 -10.96
C GLN M 367 -67.92 -47.05 -10.20
N GLU M 368 -67.72 -46.83 -8.89
CA GLU M 368 -68.72 -46.22 -8.01
C GLU M 368 -67.98 -45.63 -6.82
N CYS M 369 -68.14 -44.32 -6.62
CA CYS M 369 -67.53 -43.61 -5.50
C CYS M 369 -68.61 -43.31 -4.46
N THR M 370 -68.69 -44.15 -3.44
CA THR M 370 -69.70 -43.97 -2.40
C THR M 370 -69.10 -43.27 -1.18
N GLU M 371 -69.85 -42.31 -0.67
CA GLU M 371 -69.47 -41.54 0.51
C GLU M 371 -69.97 -42.22 1.77
N LEU M 372 -69.11 -42.33 2.77
CA LEU M 372 -69.54 -42.83 4.07
C LEU M 372 -69.84 -41.71 5.06
N SER M 373 -69.05 -40.65 5.07
CA SER M 373 -69.30 -39.53 5.97
C SER M 373 -68.53 -38.32 5.46
N GLY M 374 -69.08 -37.13 5.70
CA GLY M 374 -68.52 -35.91 5.18
C GLY M 374 -68.62 -35.81 3.67
N ASP M 375 -68.19 -34.69 3.09
CA ASP M 375 -68.16 -34.52 1.63
C ASP M 375 -66.77 -33.99 1.24
N VAL M 376 -65.81 -34.91 1.10
CA VAL M 376 -64.46 -34.55 0.67
C VAL M 376 -64.02 -35.47 -0.46
N LEU M 377 -64.05 -36.77 -0.20
CA LEU M 377 -63.40 -37.73 -1.09
C LEU M 377 -64.21 -38.03 -2.34
N CYS M 378 -65.51 -37.75 -2.34
CA CYS M 378 -66.32 -38.01 -3.52
C CYS M 378 -65.91 -37.13 -4.70
N GLN M 379 -65.38 -35.94 -4.44
CA GLN M 379 -65.10 -35.01 -5.53
C GLN M 379 -63.90 -35.43 -6.35
N ASN M 380 -62.96 -36.18 -5.75
CA ASN M 380 -61.75 -36.59 -6.44
C ASN M 380 -61.66 -38.07 -6.73
N LEU M 381 -62.38 -38.91 -5.99
CA LEU M 381 -62.44 -40.33 -6.30
C LEU M 381 -63.58 -40.68 -7.23
N GLU M 382 -64.11 -39.71 -7.97
CA GLU M 382 -65.18 -39.97 -8.91
C GLU M 382 -64.62 -40.29 -10.29
N GLN M 383 -64.33 -41.57 -10.52
CA GLN M 383 -63.69 -41.99 -11.77
C GLN M 383 -64.75 -42.43 -12.79
N LYS M 384 -65.72 -41.54 -13.02
CA LYS M 384 -66.94 -41.91 -13.72
C LYS M 384 -66.63 -42.47 -15.10
N ASN M 385 -67.57 -43.26 -15.61
CA ASN M 385 -67.40 -43.93 -16.90
C ASN M 385 -67.23 -42.89 -18.00
N LEU M 386 -66.37 -43.19 -18.96
CA LEU M 386 -66.21 -42.34 -20.13
C LEU M 386 -67.12 -42.76 -21.27
N LEU M 387 -67.39 -44.06 -21.43
CA LEU M 387 -68.10 -44.52 -22.61
C LEU M 387 -69.56 -44.07 -22.62
N THR M 388 -70.05 -43.51 -21.52
CA THR M 388 -71.44 -43.07 -21.41
C THR M 388 -71.61 -41.64 -20.96
N GLY M 389 -70.57 -41.01 -20.41
CA GLY M 389 -70.69 -39.66 -19.90
C GLY M 389 -71.23 -39.56 -18.50
N ASP M 390 -71.52 -40.68 -17.85
CA ASP M 390 -72.03 -40.71 -16.49
C ASP M 390 -71.80 -42.11 -15.93
N PHE M 391 -72.38 -42.38 -14.78
CA PHE M 391 -72.24 -43.68 -14.13
C PHE M 391 -73.15 -44.69 -14.82
N SER M 392 -72.59 -45.34 -15.84
CA SER M 392 -73.28 -46.40 -16.55
C SER M 392 -72.27 -47.23 -17.31
N CYS M 393 -72.67 -48.43 -17.73
CA CYS M 393 -71.88 -49.18 -18.69
C CYS M 393 -72.35 -48.84 -20.10
N PRO M 394 -71.53 -49.11 -21.12
CA PRO M 394 -71.99 -48.94 -22.49
C PRO M 394 -72.87 -50.10 -22.92
N PRO M 395 -73.77 -49.88 -23.88
CA PRO M 395 -74.64 -50.96 -24.34
C PRO M 395 -73.84 -52.13 -24.89
N GLY M 396 -74.25 -53.33 -24.51
CA GLY M 396 -73.52 -54.53 -24.86
C GLY M 396 -72.45 -54.93 -23.87
N TYR M 397 -72.33 -54.20 -22.77
CA TYR M 397 -71.30 -54.47 -21.76
C TYR M 397 -71.99 -54.61 -20.40
N SER M 398 -71.23 -55.12 -19.44
CA SER M 398 -71.80 -55.37 -18.11
C SER M 398 -70.94 -54.72 -17.05
N PRO M 399 -71.50 -53.83 -16.24
CA PRO M 399 -70.73 -53.14 -15.20
C PRO M 399 -70.58 -54.02 -13.95
N VAL M 400 -69.82 -55.10 -14.10
CA VAL M 400 -69.66 -56.05 -13.01
C VAL M 400 -68.64 -55.52 -12.01
N HIS M 401 -68.94 -55.70 -10.73
CA HIS M 401 -68.22 -55.00 -9.67
C HIS M 401 -66.77 -55.45 -9.55
N LEU M 402 -65.83 -54.56 -9.89
CA LEU M 402 -64.42 -54.89 -9.83
C LEU M 402 -63.96 -55.11 -8.39
N LEU M 403 -64.08 -54.09 -7.55
CA LEU M 403 -63.67 -54.21 -6.15
C LEU M 403 -64.26 -53.08 -5.33
N SER M 404 -64.67 -53.39 -4.10
CA SER M 404 -65.10 -52.39 -3.15
C SER M 404 -64.00 -52.14 -2.13
N GLN M 405 -63.87 -50.90 -1.68
CA GLN M 405 -62.84 -50.54 -0.73
C GLN M 405 -63.21 -49.25 -0.04
N THR M 406 -62.64 -49.03 1.15
CA THR M 406 -62.95 -47.85 1.96
C THR M 406 -61.66 -47.18 2.42
N HIS M 407 -61.75 -45.88 2.66
CA HIS M 407 -60.64 -45.09 3.15
C HIS M 407 -61.13 -44.15 4.24
N GLU M 408 -60.19 -43.68 5.06
CA GLU M 408 -60.52 -42.82 6.19
C GLU M 408 -59.46 -41.72 6.26
N GLU M 409 -59.82 -40.53 5.81
CA GLU M 409 -58.92 -39.38 5.83
C GLU M 409 -59.59 -38.23 6.54
N GLY M 410 -58.78 -37.34 7.09
CA GLY M 410 -59.28 -36.21 7.84
C GLY M 410 -58.80 -34.90 7.27
N TYR M 411 -59.74 -33.98 7.05
CA TYR M 411 -59.43 -32.63 6.61
C TYR M 411 -60.10 -31.65 7.54
N SER M 412 -59.33 -30.66 8.01
CA SER M 412 -59.87 -29.57 8.79
C SER M 412 -60.70 -28.68 7.87
N ARG M 413 -62.02 -28.82 7.94
CA ARG M 413 -62.90 -28.24 6.94
C ARG M 413 -62.94 -26.72 7.08
N LEU M 414 -63.78 -26.10 6.25
CA LEU M 414 -64.03 -24.67 6.30
C LEU M 414 -65.26 -24.40 7.16
N GLU M 415 -65.19 -23.32 7.94
CA GLU M 415 -66.34 -22.95 8.77
C GLU M 415 -66.31 -21.45 9.02
N CYS M 416 -67.14 -20.71 8.31
CA CYS M 416 -67.30 -19.28 8.50
C CYS M 416 -68.79 -19.03 8.75
N LYS M 417 -69.19 -19.13 10.01
CA LYS M 417 -70.59 -19.06 10.40
C LYS M 417 -70.81 -17.89 11.34
N LYS M 418 -71.97 -17.25 11.21
CA LYS M 418 -72.36 -16.15 12.09
C LYS M 418 -73.33 -16.66 13.14
N LYS M 419 -73.16 -16.18 14.37
CA LYS M 419 -74.00 -16.60 15.48
C LYS M 419 -74.53 -15.37 16.21
N CYS M 420 -75.84 -15.32 16.39
CA CYS M 420 -76.47 -14.25 17.16
C CYS M 420 -76.32 -14.54 18.65
N THR M 421 -76.14 -13.47 19.43
CA THR M 421 -76.03 -13.64 20.88
C THR M 421 -77.40 -13.73 21.53
N LEU M 422 -78.19 -12.66 21.42
CA LEU M 422 -79.55 -12.64 21.94
C LEU M 422 -80.50 -11.99 20.93
N LYS M 423 -80.35 -12.33 19.66
CA LYS M 423 -81.15 -11.88 18.52
C LYS M 423 -80.98 -10.39 18.24
N ILE M 424 -80.20 -9.67 19.03
CA ILE M 424 -79.98 -8.24 18.80
C ILE M 424 -78.70 -8.07 18.00
N PHE M 425 -77.61 -8.61 18.53
CA PHE M 425 -76.34 -8.58 17.81
C PHE M 425 -75.92 -10.01 17.48
N CYS M 426 -75.07 -10.11 16.46
CA CYS M 426 -74.57 -11.40 16.01
C CYS M 426 -73.06 -11.28 15.82
N LYS M 427 -72.39 -12.39 16.09
CA LYS M 427 -70.95 -12.52 15.88
C LYS M 427 -70.72 -13.62 14.86
N THR M 428 -69.64 -13.49 14.09
CA THR M 428 -69.23 -14.53 13.16
C THR M 428 -68.08 -15.28 13.81
N VAL M 429 -68.34 -16.52 14.22
CA VAL M 429 -67.34 -17.33 14.91
C VAL M 429 -66.73 -18.28 13.90
N CYS M 430 -65.68 -17.83 13.23
CA CYS M 430 -64.98 -18.69 12.28
C CYS M 430 -64.09 -19.64 13.08
N GLU M 431 -64.39 -20.93 13.01
CA GLU M 431 -63.62 -21.92 13.77
C GLU M 431 -63.65 -23.24 12.98
N ASP M 432 -62.58 -23.50 12.26
CA ASP M 432 -62.49 -24.67 11.39
C ASP M 432 -62.30 -25.91 12.25
N VAL M 433 -63.04 -26.97 11.90
CA VAL M 433 -63.17 -28.13 12.76
C VAL M 433 -62.61 -29.36 12.06
N PHE M 434 -62.04 -30.26 12.86
CA PHE M 434 -61.59 -31.56 12.39
C PHE M 434 -62.77 -32.40 11.93
N ARG M 435 -62.50 -33.32 11.01
CA ARG M 435 -63.52 -34.27 10.56
C ARG M 435 -62.85 -35.40 9.80
N VAL M 436 -63.05 -36.64 10.25
CA VAL M 436 -62.62 -37.82 9.52
C VAL M 436 -63.73 -38.15 8.53
N ALA M 437 -63.51 -37.80 7.27
CA ALA M 437 -64.41 -38.26 6.23
C ALA M 437 -64.04 -39.68 5.80
N LYS M 438 -65.01 -40.38 5.23
CA LYS M 438 -64.77 -41.71 4.70
C LYS M 438 -65.56 -41.87 3.41
N ALA M 439 -64.96 -42.58 2.46
CA ALA M 439 -65.62 -42.93 1.21
C ALA M 439 -65.38 -44.41 0.93
N GLU M 440 -66.41 -45.08 0.42
CA GLU M 440 -66.30 -46.49 0.05
C GLU M 440 -66.14 -46.53 -1.47
N PHE M 441 -64.92 -46.85 -1.90
CA PHE M 441 -64.58 -46.91 -3.32
C PHE M 441 -65.05 -48.24 -3.89
N ARG M 442 -66.04 -48.19 -4.77
CA ARG M 442 -66.59 -49.38 -5.42
C ARG M 442 -66.19 -49.33 -6.89
N ALA M 443 -65.22 -50.16 -7.28
CA ALA M 443 -64.85 -50.28 -8.66
C ALA M 443 -65.71 -51.33 -9.35
N TYR M 444 -66.15 -51.02 -10.56
CA TYR M 444 -67.05 -51.90 -11.31
C TYR M 444 -66.44 -52.13 -12.69
N TRP M 445 -65.70 -53.22 -12.84
CA TRP M 445 -65.04 -53.50 -14.11
C TRP M 445 -66.07 -53.69 -15.21
N CYS M 446 -65.88 -52.97 -16.31
CA CYS M 446 -66.78 -53.05 -17.45
C CYS M 446 -66.25 -54.08 -18.43
N VAL M 447 -67.10 -55.04 -18.78
CA VAL M 447 -66.75 -56.13 -19.68
C VAL M 447 -67.90 -56.36 -20.65
N ALA M 448 -67.57 -56.68 -21.89
CA ALA M 448 -68.59 -56.96 -22.88
C ALA M 448 -69.38 -58.23 -22.50
N ALA M 449 -70.66 -58.21 -22.83
CA ALA M 449 -71.51 -59.37 -22.59
C ALA M 449 -71.27 -60.46 -23.62
N GLY M 450 -71.37 -60.11 -24.90
CA GLY M 450 -71.15 -61.07 -25.96
C GLY M 450 -70.39 -60.49 -27.14
N GLN M 451 -70.80 -60.88 -28.35
CA GLN M 451 -70.15 -60.36 -29.55
C GLN M 451 -70.40 -58.86 -29.68
N VAL M 452 -69.35 -58.11 -29.94
CA VAL M 452 -69.45 -56.65 -29.94
C VAL M 452 -69.70 -56.16 -31.37
N PRO M 453 -70.56 -55.16 -31.57
CA PRO M 453 -70.58 -54.43 -32.84
C PRO M 453 -69.43 -53.44 -32.87
N ASP M 454 -68.64 -53.48 -33.95
CA ASP M 454 -67.45 -52.65 -34.03
C ASP M 454 -67.76 -51.16 -34.08
N ASN M 455 -69.03 -50.79 -34.28
CA ASN M 455 -69.40 -49.38 -34.27
C ASN M 455 -69.25 -48.77 -32.88
N SER M 456 -69.56 -49.52 -31.83
CA SER M 456 -69.52 -49.01 -30.46
C SER M 456 -68.86 -50.01 -29.52
N GLY M 457 -67.90 -50.78 -30.04
CA GLY M 457 -67.12 -51.69 -29.22
C GLY M 457 -65.65 -51.44 -29.41
N LEU M 458 -64.95 -51.05 -28.34
CA LEU M 458 -63.58 -50.59 -28.46
C LEU M 458 -62.64 -51.41 -27.59
N LEU M 459 -61.37 -51.40 -27.97
CA LEU M 459 -60.27 -52.05 -27.27
C LEU M 459 -59.35 -51.00 -26.67
N PHE M 460 -58.68 -51.38 -25.58
CA PHE M 460 -57.92 -50.41 -24.78
C PHE M 460 -56.65 -51.09 -24.26
N GLY M 461 -56.02 -50.47 -23.27
CA GLY M 461 -54.85 -51.04 -22.64
C GLY M 461 -54.01 -50.03 -21.89
N GLY M 462 -53.33 -50.47 -20.83
CA GLY M 462 -52.43 -49.62 -20.09
C GLY M 462 -52.86 -49.35 -18.66
N VAL M 463 -52.19 -49.96 -17.69
CA VAL M 463 -52.53 -49.82 -16.28
C VAL M 463 -51.25 -49.74 -15.46
N PHE M 464 -51.25 -48.85 -14.46
CA PHE M 464 -50.08 -48.63 -13.63
C PHE M 464 -50.45 -47.69 -12.49
N THR M 465 -49.66 -47.72 -11.43
CA THR M 465 -49.81 -46.80 -10.32
C THR M 465 -48.69 -45.77 -10.35
N ASP M 466 -48.72 -44.85 -9.38
CA ASP M 466 -47.61 -43.93 -9.21
C ASP M 466 -46.36 -44.65 -8.72
N LYS M 467 -46.52 -45.80 -8.08
CA LYS M 467 -45.41 -46.58 -7.56
C LYS M 467 -45.03 -47.75 -8.44
N THR M 468 -46.02 -48.47 -8.97
CA THR M 468 -45.74 -49.58 -9.88
C THR M 468 -45.54 -49.05 -11.30
N ILE M 469 -44.47 -49.51 -11.93
CA ILE M 469 -44.14 -49.09 -13.28
C ILE M 469 -45.15 -49.66 -14.27
N ASN M 470 -45.32 -48.98 -15.39
CA ASN M 470 -46.18 -49.47 -16.45
C ASN M 470 -45.34 -50.27 -17.45
N PRO M 471 -45.32 -51.61 -17.36
CA PRO M 471 -44.53 -52.37 -18.32
C PRO M 471 -45.09 -52.30 -19.72
N MET M 472 -46.38 -51.96 -19.87
CA MET M 472 -46.94 -51.61 -21.17
C MET M 472 -46.06 -50.60 -21.89
N THR M 473 -45.81 -49.46 -21.26
CA THR M 473 -45.02 -48.41 -21.88
C THR M 473 -43.62 -48.30 -21.26
N ASN M 474 -43.31 -49.09 -20.23
CA ASN M 474 -42.04 -48.98 -19.51
C ASN M 474 -41.83 -47.57 -18.95
N ALA M 475 -42.89 -47.00 -18.41
CA ALA M 475 -42.82 -45.64 -17.86
C ALA M 475 -43.83 -45.53 -16.72
N GLN M 476 -44.08 -44.31 -16.27
CA GLN M 476 -45.05 -44.01 -15.23
C GLN M 476 -46.08 -43.01 -15.70
N SER M 477 -46.41 -43.03 -16.99
CA SER M 477 -47.33 -42.09 -17.58
C SER M 477 -48.16 -42.81 -18.64
N CYS M 478 -48.92 -42.06 -19.37
CA CYS M 478 -49.74 -42.62 -20.43
C CYS M 478 -49.00 -42.60 -21.76
N PRO M 479 -49.07 -43.70 -22.52
CA PRO M 479 -48.54 -43.68 -23.89
C PRO M 479 -49.36 -42.75 -24.77
N ALA M 480 -48.78 -42.41 -25.92
CA ALA M 480 -49.40 -41.45 -26.82
C ALA M 480 -50.74 -41.97 -27.31
N GLY M 481 -51.73 -41.08 -27.36
CA GLY M 481 -53.08 -41.47 -27.71
C GLY M 481 -53.83 -42.18 -26.61
N TYR M 482 -53.55 -41.87 -25.35
CA TYR M 482 -54.18 -42.53 -24.21
C TYR M 482 -54.55 -41.48 -23.18
N ILE M 483 -55.81 -41.46 -22.78
CA ILE M 483 -56.21 -40.74 -21.57
C ILE M 483 -55.95 -41.69 -20.40
N PRO M 484 -55.21 -41.27 -19.39
CA PRO M 484 -55.09 -42.12 -18.20
C PRO M 484 -56.33 -42.00 -17.34
N LEU M 485 -57.18 -43.02 -17.37
CA LEU M 485 -58.42 -43.01 -16.60
C LEU M 485 -58.11 -43.57 -15.22
N ASN M 486 -58.19 -42.71 -14.21
CA ASN M 486 -57.73 -43.04 -12.86
C ASN M 486 -58.77 -43.85 -12.11
N LEU M 487 -59.24 -44.92 -12.75
CA LEU M 487 -60.31 -45.76 -12.23
C LEU M 487 -60.10 -46.16 -10.77
N PHE M 488 -58.89 -46.42 -10.35
CA PHE M 488 -58.65 -47.03 -9.05
C PHE M 488 -58.11 -45.99 -8.07
N GLU M 489 -57.74 -46.45 -6.87
CA GLU M 489 -57.13 -45.58 -5.87
C GLU M 489 -55.89 -44.89 -6.43
N SER M 490 -55.00 -45.65 -7.08
CA SER M 490 -53.80 -45.07 -7.65
C SER M 490 -53.55 -45.50 -9.10
N LEU M 491 -54.38 -46.36 -9.66
CA LEU M 491 -54.21 -46.78 -11.05
C LEU M 491 -54.69 -45.67 -11.97
N LYS M 492 -54.03 -45.54 -13.12
CA LYS M 492 -54.47 -44.64 -14.17
C LYS M 492 -54.62 -45.51 -15.42
N VAL M 493 -55.80 -46.12 -15.56
CA VAL M 493 -56.04 -47.08 -16.63
C VAL M 493 -56.07 -46.31 -17.95
N CYS M 494 -55.02 -46.45 -18.74
CA CYS M 494 -54.93 -45.78 -20.03
C CYS M 494 -55.97 -46.34 -20.99
N VAL M 495 -56.49 -45.47 -21.84
CA VAL M 495 -57.56 -45.84 -22.77
C VAL M 495 -57.05 -45.75 -24.20
N SER M 496 -57.23 -46.83 -24.96
CA SER M 496 -57.01 -46.78 -26.41
C SER M 496 -58.29 -46.29 -27.08
N LEU M 497 -58.64 -45.05 -26.75
CA LEU M 497 -59.87 -44.45 -27.23
C LEU M 497 -59.91 -44.31 -28.74
N ASP M 498 -58.76 -44.40 -29.42
CA ASP M 498 -58.70 -44.27 -30.87
C ASP M 498 -57.94 -45.46 -31.46
N TYR M 499 -58.32 -45.82 -32.69
CA TYR M 499 -57.73 -46.94 -33.40
C TYR M 499 -56.26 -46.71 -33.71
N GLU M 500 -55.85 -45.45 -33.80
CA GLU M 500 -54.78 -45.03 -34.71
C GLU M 500 -53.52 -45.87 -34.53
N LEU M 501 -52.88 -45.76 -33.37
CA LEU M 501 -51.74 -46.61 -33.08
C LEU M 501 -52.11 -47.75 -32.17
N GLY M 502 -53.32 -47.75 -31.63
CA GLY M 502 -53.80 -48.82 -30.79
C GLY M 502 -53.82 -50.15 -31.53
N PHE M 503 -54.23 -50.14 -32.80
CA PHE M 503 -54.30 -51.39 -33.56
C PHE M 503 -53.02 -52.21 -33.46
N LYS M 504 -51.87 -51.55 -33.37
CA LYS M 504 -50.60 -52.24 -33.21
C LYS M 504 -50.03 -52.16 -31.80
N PHE M 505 -50.55 -51.27 -30.96
CA PHE M 505 -50.18 -51.21 -29.54
C PHE M 505 -51.49 -51.19 -28.76
N SER M 506 -52.10 -52.37 -28.60
CA SER M 506 -53.31 -52.55 -27.81
C SER M 506 -53.17 -53.58 -26.71
N VAL M 507 -52.67 -54.77 -27.06
CA VAL M 507 -52.59 -55.90 -26.14
C VAL M 507 -53.99 -56.21 -25.62
N PRO M 508 -54.82 -56.91 -26.41
CA PRO M 508 -56.27 -56.94 -26.16
C PRO M 508 -56.66 -57.64 -24.86
N PHE M 509 -56.65 -56.85 -23.80
CA PHE M 509 -56.79 -57.29 -22.42
C PHE M 509 -58.15 -57.97 -22.17
N GLY M 510 -58.29 -58.47 -20.94
CA GLY M 510 -59.58 -58.78 -20.37
C GLY M 510 -59.73 -58.13 -19.01
N GLY M 511 -60.63 -58.69 -18.21
CA GLY M 511 -60.88 -58.15 -16.89
C GLY M 511 -60.86 -59.17 -15.77
N PHE M 512 -60.61 -58.70 -14.54
CA PHE M 512 -60.55 -59.60 -13.40
C PHE M 512 -60.70 -58.80 -12.13
N PHE M 513 -61.52 -59.30 -11.21
CA PHE M 513 -61.77 -58.66 -9.93
C PHE M 513 -60.58 -58.89 -9.01
N SER M 514 -60.75 -58.60 -7.72
CA SER M 514 -59.71 -58.95 -6.77
C SER M 514 -59.75 -60.46 -6.49
N CYS M 515 -58.69 -60.95 -5.85
CA CYS M 515 -58.62 -62.38 -5.55
C CYS M 515 -59.72 -62.81 -4.60
N ILE M 516 -60.26 -61.88 -3.83
CA ILE M 516 -61.41 -62.19 -2.97
C ILE M 516 -62.73 -61.98 -3.72
N MET M 517 -62.80 -60.97 -4.58
CA MET M 517 -63.96 -60.74 -5.41
C MET M 517 -64.00 -61.78 -6.54
N GLY M 518 -65.01 -61.70 -7.39
CA GLY M 518 -65.21 -62.72 -8.41
C GLY M 518 -64.37 -62.54 -9.65
N ASN M 519 -65.00 -62.65 -10.82
CA ASN M 519 -64.33 -62.55 -12.11
C ASN M 519 -65.39 -62.46 -13.20
N PRO M 520 -65.09 -61.82 -14.31
CA PRO M 520 -66.12 -61.62 -15.34
C PRO M 520 -66.27 -62.77 -16.32
N LEU M 521 -65.24 -63.57 -16.55
CA LEU M 521 -65.25 -64.53 -17.65
C LEU M 521 -65.00 -65.94 -17.15
N VAL M 522 -65.15 -66.89 -18.09
CA VAL M 522 -65.12 -68.31 -17.78
C VAL M 522 -63.70 -68.84 -17.86
N ASN M 523 -63.45 -69.94 -17.16
CA ASN M 523 -62.20 -70.67 -17.25
C ASN M 523 -62.46 -72.03 -17.91
N ALA M 532 -75.53 -66.53 -15.37
CA ALA M 532 -75.54 -67.79 -14.64
C ALA M 532 -74.32 -67.89 -13.73
N PRO M 533 -74.40 -67.26 -12.55
CA PRO M 533 -73.25 -67.27 -11.64
C PRO M 533 -72.99 -68.64 -11.03
N SER M 534 -71.98 -69.33 -11.52
CA SER M 534 -71.55 -70.61 -10.97
C SER M 534 -70.05 -70.68 -10.72
N LEU M 535 -69.26 -69.82 -11.34
CA LEU M 535 -67.81 -69.84 -11.21
C LEU M 535 -67.32 -68.63 -10.44
N LYS M 536 -66.26 -68.82 -9.64
CA LYS M 536 -65.59 -67.71 -8.98
C LYS M 536 -64.12 -68.07 -8.85
N LYS M 537 -63.33 -67.72 -9.87
CA LYS M 537 -61.89 -67.88 -9.90
C LYS M 537 -61.39 -67.29 -11.20
N CYS M 538 -60.07 -67.10 -11.30
CA CYS M 538 -59.47 -66.33 -12.38
C CYS M 538 -60.16 -66.61 -13.71
N PRO M 539 -60.58 -65.57 -14.44
CA PRO M 539 -61.39 -65.78 -15.63
C PRO M 539 -60.59 -66.29 -16.82
N GLY M 540 -60.42 -67.60 -16.89
CA GLY M 540 -59.59 -68.19 -17.92
C GLY M 540 -58.18 -68.42 -17.41
N GLY M 541 -57.18 -68.06 -18.21
CA GLY M 541 -55.80 -68.19 -17.80
C GLY M 541 -55.28 -66.90 -17.17
N PHE M 542 -54.18 -66.40 -17.72
CA PHE M 542 -53.51 -65.21 -17.21
C PHE M 542 -53.17 -65.36 -15.73
N SER M 543 -52.19 -66.23 -15.49
CA SER M 543 -51.69 -66.47 -14.15
C SER M 543 -51.26 -65.15 -13.50
N GLN M 544 -50.93 -65.19 -12.21
CA GLN M 544 -50.98 -64.00 -11.37
C GLN M 544 -49.90 -63.02 -11.82
N HIS M 545 -50.26 -62.23 -12.83
CA HIS M 545 -49.43 -61.13 -13.30
C HIS M 545 -49.86 -59.87 -12.55
N LEU M 546 -49.14 -59.54 -11.49
CA LEU M 546 -49.55 -58.48 -10.58
C LEU M 546 -49.71 -57.15 -11.31
N ALA M 547 -50.70 -56.38 -10.89
CA ALA M 547 -50.87 -55.00 -11.31
C ALA M 547 -50.88 -54.03 -10.15
N VAL M 548 -51.54 -54.38 -9.05
CA VAL M 548 -51.62 -53.53 -7.87
C VAL M 548 -52.14 -54.35 -6.70
N ILE M 549 -51.71 -54.02 -5.50
CA ILE M 549 -52.26 -54.62 -4.29
C ILE M 549 -53.15 -53.57 -3.62
N SER M 550 -54.26 -54.02 -3.06
CA SER M 550 -55.14 -53.16 -2.28
C SER M 550 -55.40 -53.83 -0.94
N ASP M 551 -54.75 -53.31 0.11
CA ASP M 551 -54.88 -53.78 1.49
C ASP M 551 -54.94 -55.30 1.59
N GLY M 552 -54.07 -55.99 0.86
CA GLY M 552 -53.97 -57.44 0.98
C GLY M 552 -54.37 -58.20 -0.25
N CYS M 553 -55.44 -57.77 -0.91
CA CYS M 553 -55.91 -58.43 -2.13
C CYS M 553 -55.16 -57.87 -3.33
N GLN M 554 -54.80 -58.75 -4.26
CA GLN M 554 -54.14 -58.35 -5.49
C GLN M 554 -55.17 -58.19 -6.60
N VAL M 555 -55.01 -57.15 -7.41
CA VAL M 555 -55.91 -56.85 -8.52
C VAL M 555 -55.16 -57.09 -9.82
N SER M 556 -55.62 -58.08 -10.58
CA SER M 556 -54.99 -58.43 -11.85
C SER M 556 -56.03 -58.46 -12.96
N TYR M 557 -55.67 -58.99 -14.12
CA TYR M 557 -56.57 -58.99 -15.27
C TYR M 557 -56.43 -60.32 -16.00
N CYS M 558 -56.93 -60.37 -17.24
CA CYS M 558 -56.61 -61.42 -18.19
C CYS M 558 -56.25 -60.69 -19.48
N VAL M 559 -55.01 -60.29 -19.60
CA VAL M 559 -54.58 -59.42 -20.69
C VAL M 559 -54.06 -60.28 -21.83
N LYS M 560 -54.88 -60.46 -22.86
CA LYS M 560 -54.49 -61.19 -24.05
C LYS M 560 -53.60 -60.31 -24.91
N ALA M 561 -52.70 -60.93 -25.65
CA ALA M 561 -51.72 -60.23 -26.45
C ALA M 561 -51.76 -60.70 -27.90
N GLY M 562 -52.96 -60.76 -28.47
CA GLY M 562 -53.14 -61.31 -29.81
C GLY M 562 -52.65 -60.42 -30.93
N ILE M 563 -53.39 -60.41 -32.04
CA ILE M 563 -52.94 -59.75 -33.26
C ILE M 563 -52.93 -58.23 -33.10
N THR N 13 -8.19 -54.69 -35.16
CA THR N 13 -9.39 -54.16 -34.52
C THR N 13 -9.00 -53.24 -33.36
N GLY N 14 -7.81 -52.67 -33.44
CA GLY N 14 -7.26 -51.82 -32.39
C GLY N 14 -7.60 -50.38 -32.70
N PHE N 15 -8.57 -49.81 -31.97
CA PHE N 15 -8.90 -48.41 -32.16
C PHE N 15 -7.80 -47.48 -31.71
N GLN N 16 -6.77 -47.99 -31.05
CA GLN N 16 -5.73 -47.14 -30.50
C GLN N 16 -5.03 -46.32 -31.57
N ILE N 17 -5.03 -46.79 -32.82
CA ILE N 17 -4.31 -46.08 -33.87
C ILE N 17 -4.86 -44.68 -34.05
N CYS N 18 -6.18 -44.55 -34.21
CA CYS N 18 -6.72 -43.24 -34.50
C CYS N 18 -7.23 -42.53 -33.26
N LYS N 19 -7.55 -43.26 -32.21
CA LYS N 19 -7.62 -42.63 -30.89
C LYS N 19 -6.31 -41.91 -30.59
N ASN N 20 -5.21 -42.37 -31.17
CA ASN N 20 -3.94 -41.68 -31.08
C ASN N 20 -3.84 -40.57 -32.12
N ALA N 21 -4.31 -40.83 -33.34
CA ALA N 21 -4.27 -39.79 -34.37
C ALA N 21 -5.06 -38.56 -33.94
N LEU N 22 -6.37 -38.71 -33.77
CA LEU N 22 -7.21 -37.65 -33.23
C LEU N 22 -7.55 -37.99 -31.79
N LYS N 23 -7.54 -36.99 -30.92
CA LYS N 23 -7.44 -37.23 -29.50
C LYS N 23 -8.77 -37.53 -28.82
N LEU N 24 -9.79 -37.90 -29.54
CA LEU N 24 -11.06 -38.08 -28.87
C LEU N 24 -11.13 -39.43 -28.18
N PRO N 25 -11.98 -39.57 -27.17
CA PRO N 25 -12.14 -40.85 -26.50
C PRO N 25 -13.22 -41.70 -27.16
N VAL N 26 -12.96 -43.00 -27.21
CA VAL N 26 -13.90 -43.89 -27.86
C VAL N 26 -15.18 -44.00 -27.03
N LEU N 27 -16.31 -44.09 -27.71
CA LEU N 27 -17.57 -44.33 -27.02
C LEU N 27 -17.49 -45.64 -26.27
N GLU N 28 -18.14 -45.70 -25.12
CA GLU N 28 -18.06 -46.90 -24.30
C GLU N 28 -19.16 -47.89 -24.64
N VAL N 29 -20.38 -47.43 -24.76
CA VAL N 29 -21.49 -48.31 -25.06
C VAL N 29 -21.45 -48.67 -26.53
N LEU N 30 -21.66 -49.94 -26.84
CA LEU N 30 -21.60 -50.37 -28.22
C LEU N 30 -22.60 -51.48 -28.43
N PRO N 31 -23.31 -51.48 -29.53
CA PRO N 31 -24.40 -52.43 -29.72
C PRO N 31 -23.95 -53.80 -30.14
N GLY N 32 -22.89 -53.89 -30.92
CA GLY N 32 -22.53 -55.17 -31.50
C GLY N 32 -22.00 -56.14 -30.47
N GLY N 33 -22.85 -56.58 -29.56
CA GLY N 33 -22.41 -57.48 -28.52
C GLY N 33 -23.54 -58.32 -27.96
N GLY N 34 -23.32 -59.62 -27.87
CA GLY N 34 -24.35 -60.52 -27.36
C GLY N 34 -24.79 -60.13 -25.98
N TRP N 35 -25.93 -60.71 -25.57
CA TRP N 35 -26.59 -60.27 -24.35
C TRP N 35 -27.48 -61.39 -23.85
N ASP N 36 -27.23 -61.84 -22.62
CA ASP N 36 -28.04 -62.88 -22.02
C ASP N 36 -29.34 -62.25 -21.51
N ASN N 37 -30.47 -62.71 -22.05
CA ASN N 37 -31.74 -62.15 -21.62
C ASN N 37 -32.22 -62.76 -20.31
N LEU N 38 -31.73 -63.93 -19.94
CA LEU N 38 -32.17 -64.54 -18.69
C LEU N 38 -31.41 -63.96 -17.50
N ARG N 39 -30.10 -64.15 -17.46
CA ARG N 39 -29.30 -63.51 -16.42
C ARG N 39 -29.35 -61.99 -16.52
N ASN N 40 -29.67 -61.46 -17.69
CA ASN N 40 -29.79 -60.01 -17.90
C ASN N 40 -28.44 -59.30 -17.72
N VAL N 41 -27.45 -59.69 -18.53
CA VAL N 41 -26.10 -59.13 -18.45
C VAL N 41 -25.38 -59.37 -19.78
N ASP N 42 -24.60 -58.37 -20.21
CA ASP N 42 -23.86 -58.48 -21.47
C ASP N 42 -22.99 -59.73 -21.48
N MET N 43 -22.75 -60.26 -22.69
CA MET N 43 -22.05 -61.53 -22.80
C MET N 43 -20.78 -61.47 -23.64
N GLY N 44 -20.82 -60.87 -24.83
CA GLY N 44 -19.62 -60.87 -25.65
C GLY N 44 -19.91 -60.37 -27.04
N ARG N 45 -18.83 -60.09 -27.76
CA ARG N 45 -18.96 -59.59 -29.12
C ARG N 45 -19.76 -60.55 -29.98
N VAL N 46 -20.58 -60.02 -30.87
CA VAL N 46 -21.18 -60.84 -31.90
C VAL N 46 -20.92 -60.21 -33.26
N MET N 47 -21.36 -58.98 -33.44
CA MET N 47 -21.06 -58.21 -34.64
C MET N 47 -19.71 -57.55 -34.46
N ASP N 48 -18.79 -57.81 -35.38
CA ASP N 48 -17.44 -57.31 -35.20
C ASP N 48 -17.41 -55.80 -35.30
N LEU N 49 -16.48 -55.19 -34.57
CA LEU N 49 -16.32 -53.74 -34.53
C LEU N 49 -14.89 -53.42 -34.92
N THR N 50 -14.72 -52.93 -36.13
CA THR N 50 -13.43 -52.47 -36.60
C THR N 50 -13.28 -50.98 -36.36
N TYR N 51 -12.14 -50.45 -36.74
CA TYR N 51 -11.94 -49.01 -36.69
C TYR N 51 -11.14 -48.53 -37.88
N THR N 52 -11.30 -49.18 -39.03
CA THR N 52 -10.43 -48.93 -40.17
C THR N 52 -10.51 -47.50 -40.65
N ASN N 53 -11.64 -47.13 -41.25
CA ASN N 53 -11.81 -45.77 -41.75
C ASN N 53 -12.30 -44.89 -40.62
N CYS N 54 -11.54 -44.84 -39.53
CA CYS N 54 -12.16 -44.70 -38.22
C CYS N 54 -13.08 -43.50 -38.16
N LYS N 55 -14.34 -43.78 -37.83
CA LYS N 55 -15.41 -42.81 -37.83
C LYS N 55 -15.25 -41.88 -36.64
N THR N 56 -16.25 -41.05 -36.42
CA THR N 56 -16.38 -40.24 -35.23
C THR N 56 -17.76 -39.63 -35.26
N THR N 57 -18.33 -39.41 -34.08
CA THR N 57 -19.65 -38.81 -34.03
C THR N 57 -19.60 -37.41 -34.64
N GLU N 58 -20.75 -36.96 -35.13
CA GLU N 58 -20.79 -35.70 -35.86
C GLU N 58 -20.25 -34.56 -35.01
N ASP N 59 -20.84 -34.34 -33.84
CA ASP N 59 -20.28 -33.39 -32.89
C ASP N 59 -19.06 -34.07 -32.31
N GLY N 60 -17.96 -34.01 -33.06
CA GLY N 60 -16.89 -34.94 -32.79
C GLY N 60 -16.37 -34.84 -31.38
N GLN N 61 -16.83 -35.76 -30.55
CA GLN N 61 -16.22 -35.98 -29.25
C GLN N 61 -16.26 -37.45 -28.89
N TYR N 62 -16.26 -38.33 -29.88
CA TYR N 62 -16.14 -39.76 -29.65
C TYR N 62 -15.61 -40.40 -30.92
N ILE N 63 -15.28 -41.68 -30.83
CA ILE N 63 -14.81 -42.44 -31.99
C ILE N 63 -15.65 -43.71 -32.03
N ILE N 64 -16.76 -43.67 -32.74
CA ILE N 64 -17.59 -44.86 -32.86
C ILE N 64 -16.84 -45.83 -33.75
N PRO N 65 -17.07 -47.14 -33.63
CA PRO N 65 -16.53 -48.06 -34.61
C PRO N 65 -17.34 -48.00 -35.88
N ASP N 66 -16.68 -48.30 -36.99
CA ASP N 66 -17.28 -48.03 -38.28
C ASP N 66 -18.36 -49.01 -38.67
N GLU N 67 -18.88 -49.77 -37.72
CA GLU N 67 -20.07 -50.57 -37.96
C GLU N 67 -21.27 -50.04 -37.19
N VAL N 68 -21.19 -48.83 -36.65
CA VAL N 68 -22.32 -48.25 -35.93
C VAL N 68 -22.47 -46.81 -36.34
N TYR N 69 -23.68 -46.29 -36.23
CA TYR N 69 -23.98 -44.90 -36.49
C TYR N 69 -24.82 -44.37 -35.34
N THR N 70 -24.67 -43.09 -35.04
CA THR N 70 -25.32 -42.49 -33.90
C THR N 70 -26.30 -41.42 -34.36
N ILE N 71 -27.27 -41.15 -33.50
CA ILE N 71 -28.27 -40.11 -33.74
C ILE N 71 -28.53 -39.39 -32.42
N PRO N 72 -28.04 -38.18 -32.27
CA PRO N 72 -27.85 -37.61 -30.94
C PRO N 72 -29.03 -36.81 -30.40
N GLN N 73 -29.43 -37.05 -29.15
CA GLN N 73 -30.41 -36.22 -28.46
C GLN N 73 -30.57 -36.64 -27.02
N LYS N 74 -30.71 -35.71 -26.06
CA LYS N 74 -31.59 -35.85 -24.90
C LYS N 74 -31.41 -34.78 -23.85
N GLU N 75 -32.28 -34.79 -22.84
CA GLU N 75 -32.03 -34.51 -21.41
C GLU N 75 -33.37 -34.58 -20.70
N SER N 76 -33.34 -34.91 -19.41
CA SER N 76 -34.57 -34.91 -18.64
C SER N 76 -34.24 -35.12 -17.17
N ASN N 77 -34.86 -34.34 -16.30
CA ASN N 77 -34.74 -34.60 -14.87
C ASN N 77 -35.95 -34.01 -14.16
N LEU N 78 -36.10 -34.36 -12.89
CA LEU N 78 -37.23 -33.85 -12.13
C LEU N 78 -36.93 -33.93 -10.65
N GLU N 79 -37.10 -32.81 -9.96
CA GLU N 79 -36.94 -32.73 -8.52
C GLU N 79 -38.30 -32.61 -7.88
N MET N 80 -38.40 -33.08 -6.64
CA MET N 80 -39.64 -32.96 -5.89
C MET N 80 -39.37 -33.32 -4.44
N ASN N 81 -40.01 -32.59 -3.54
CA ASN N 81 -39.85 -32.84 -2.12
C ASN N 81 -41.11 -32.39 -1.39
N SER N 82 -41.18 -32.71 -0.10
CA SER N 82 -42.35 -32.40 0.70
C SER N 82 -41.89 -32.00 2.10
N GLU N 83 -42.86 -31.70 2.96
CA GLU N 83 -42.58 -31.12 4.26
C GLU N 83 -43.76 -31.39 5.18
N VAL N 84 -43.48 -31.48 6.48
CA VAL N 84 -44.50 -31.69 7.51
C VAL N 84 -43.96 -31.19 8.84
N LEU N 85 -44.75 -30.39 9.55
CA LEU N 85 -44.37 -29.91 10.88
C LEU N 85 -45.55 -30.06 11.84
N GLU N 86 -45.28 -29.79 13.11
CA GLU N 86 -46.27 -29.81 14.18
C GLU N 86 -45.76 -29.00 15.36
N SER N 87 -46.66 -28.71 16.30
CA SER N 87 -46.28 -28.16 17.61
C SER N 87 -47.52 -28.13 18.49
N TRP N 88 -47.34 -28.45 19.78
CA TRP N 88 -48.43 -28.49 20.75
C TRP N 88 -48.02 -27.77 22.02
N MET N 89 -48.99 -27.52 22.91
CA MET N 89 -48.75 -26.88 24.20
C MET N 89 -49.83 -27.31 25.20
N ASN N 90 -49.73 -26.79 26.43
CA ASN N 90 -50.75 -26.95 27.47
C ASN N 90 -50.49 -25.96 28.60
N TYR N 91 -51.25 -26.11 29.69
CA TYR N 91 -51.26 -25.15 30.79
C TYR N 91 -51.85 -25.80 32.04
N GLN N 92 -52.20 -24.98 33.03
CA GLN N 92 -52.32 -25.43 34.43
C GLN N 92 -53.60 -25.03 35.16
N SER N 93 -53.63 -25.27 36.47
CA SER N 93 -54.77 -25.01 37.34
C SER N 93 -54.27 -24.77 38.76
N THR N 94 -55.11 -24.15 39.60
CA THR N 94 -54.71 -23.70 40.93
C THR N 94 -55.93 -23.49 41.83
N THR N 95 -55.76 -23.84 43.11
CA THR N 95 -56.75 -23.52 44.13
C THR N 95 -56.03 -23.06 45.39
N SER N 96 -56.77 -22.38 46.27
CA SER N 96 -56.21 -21.89 47.53
C SER N 96 -57.33 -21.40 48.43
N LEU N 97 -57.26 -21.70 49.72
CA LEU N 97 -58.24 -21.25 50.70
C LEU N 97 -57.51 -20.97 52.01
N SER N 98 -57.72 -19.78 52.58
CA SER N 98 -57.02 -19.31 53.79
C SER N 98 -58.07 -18.82 54.78
N ILE N 99 -58.41 -19.67 55.74
CA ILE N 99 -59.63 -19.45 56.53
C ILE N 99 -59.42 -19.70 58.02
N ASN N 100 -59.60 -18.66 58.84
CA ASN N 100 -60.34 -18.74 60.10
C ASN N 100 -60.08 -17.46 60.90
N THR N 101 -60.77 -17.35 62.04
CA THR N 101 -60.46 -16.39 63.09
C THR N 101 -61.23 -16.82 64.33
N GLU N 102 -60.90 -16.22 65.48
CA GLU N 102 -61.66 -16.40 66.72
C GLU N 102 -61.20 -15.39 67.75
N LEU N 103 -62.11 -15.03 68.65
CA LEU N 103 -61.85 -14.17 69.80
C LEU N 103 -63.02 -14.27 70.79
N ALA N 104 -62.75 -13.92 72.05
CA ALA N 104 -63.75 -13.59 73.03
C ALA N 104 -63.07 -13.08 74.28
N LEU N 105 -63.84 -12.47 75.17
CA LEU N 105 -63.34 -11.99 76.44
C LEU N 105 -63.90 -12.77 77.63
N PHE N 106 -64.74 -13.78 77.40
CA PHE N 106 -65.37 -14.54 78.47
C PHE N 106 -64.91 -15.99 78.49
N SER N 107 -65.10 -16.73 77.41
CA SER N 107 -64.75 -18.16 77.43
C SER N 107 -64.01 -18.67 76.20
N ARG N 108 -64.14 -18.04 75.02
CA ARG N 108 -63.69 -18.67 73.79
C ARG N 108 -62.90 -17.67 72.93
N VAL N 109 -61.60 -17.54 73.21
CA VAL N 109 -60.69 -16.74 72.39
C VAL N 109 -59.61 -17.65 71.84
N ASN N 110 -59.54 -17.75 70.52
CA ASN N 110 -58.62 -18.66 69.83
C ASN N 110 -58.04 -17.97 68.61
N GLY N 111 -57.34 -18.77 67.80
CA GLY N 111 -56.85 -18.32 66.51
C GLY N 111 -56.70 -19.52 65.59
N LYS N 112 -56.95 -19.33 64.29
CA LYS N 112 -56.79 -20.42 63.34
C LYS N 112 -56.63 -19.85 61.94
N PHE N 113 -55.75 -20.46 61.14
CA PHE N 113 -55.61 -20.16 59.72
C PHE N 113 -55.16 -21.45 59.04
N SER N 114 -56.12 -22.21 58.52
CA SER N 114 -55.79 -23.47 57.84
C SER N 114 -55.61 -23.23 56.34
N THR N 115 -54.68 -22.34 56.03
CA THR N 115 -54.47 -21.92 54.65
C THR N 115 -53.87 -23.06 53.82
N GLU N 116 -54.29 -23.16 52.57
CA GLU N 116 -53.87 -24.23 51.68
C GLU N 116 -53.59 -23.69 50.29
N PHE N 117 -52.77 -24.42 49.54
CA PHE N 117 -52.45 -24.08 48.17
C PHE N 117 -52.24 -25.37 47.40
N GLN N 118 -52.85 -25.49 46.23
CA GLN N 118 -52.60 -26.59 45.32
C GLN N 118 -52.40 -26.01 43.93
N ARG N 119 -51.21 -26.22 43.36
CA ARG N 119 -50.90 -25.79 42.01
C ARG N 119 -50.32 -26.96 41.27
N MET N 120 -50.70 -27.13 40.00
CA MET N 120 -50.19 -28.18 39.15
C MET N 120 -50.01 -27.61 37.76
N LYS N 121 -48.77 -27.26 37.40
CA LYS N 121 -48.45 -26.77 36.08
C LYS N 121 -47.89 -27.90 35.24
N THR N 122 -48.56 -28.21 34.14
CA THR N 122 -48.09 -29.20 33.20
C THR N 122 -47.98 -28.58 31.83
N LEU N 123 -46.81 -28.74 31.20
CA LEU N 123 -46.60 -28.37 29.82
C LEU N 123 -46.38 -29.64 29.00
N GLN N 124 -46.72 -29.58 27.73
CA GLN N 124 -46.45 -30.67 26.81
C GLN N 124 -46.19 -30.06 25.43
N VAL N 125 -44.94 -29.80 25.13
CA VAL N 125 -44.55 -29.41 23.80
C VAL N 125 -44.35 -30.70 23.01
N LYS N 126 -44.67 -30.67 21.72
CA LYS N 126 -44.50 -31.86 20.88
C LYS N 126 -44.26 -31.40 19.46
N ASP N 127 -43.01 -31.51 19.00
CA ASP N 127 -42.60 -31.04 17.69
C ASP N 127 -42.21 -32.22 16.83
N GLN N 128 -42.54 -32.14 15.53
CA GLN N 128 -42.29 -33.27 14.63
C GLN N 128 -42.03 -32.74 13.23
N ALA N 129 -40.76 -32.59 12.87
CA ALA N 129 -40.38 -32.20 11.53
C ALA N 129 -40.19 -33.42 10.65
N VAL N 130 -40.51 -33.28 9.37
CA VAL N 130 -40.34 -34.35 8.40
C VAL N 130 -39.98 -33.77 7.04
N THR N 131 -38.82 -34.16 6.50
CA THR N 131 -38.39 -33.74 5.18
C THR N 131 -38.21 -34.98 4.32
N THR N 132 -38.45 -34.83 3.02
CA THR N 132 -38.36 -35.97 2.10
C THR N 132 -38.11 -35.43 0.70
N ARG N 133 -36.87 -35.51 0.23
CA ARG N 133 -36.53 -35.12 -1.12
C ARG N 133 -36.33 -36.36 -1.98
N VAL N 134 -36.68 -36.24 -3.26
CA VAL N 134 -36.41 -37.24 -4.27
C VAL N 134 -36.15 -36.47 -5.54
N GLN N 135 -35.06 -36.78 -6.24
CA GLN N 135 -34.81 -36.09 -7.49
C GLN N 135 -33.93 -36.93 -8.38
N VAL N 136 -34.25 -36.97 -9.66
CA VAL N 136 -33.76 -37.98 -10.58
C VAL N 136 -33.39 -37.32 -11.90
N ARG N 137 -32.22 -37.69 -12.44
CA ARG N 137 -31.72 -37.16 -13.71
C ARG N 137 -31.65 -38.26 -14.75
N ASN N 138 -31.81 -37.88 -16.01
CA ASN N 138 -31.65 -38.80 -17.13
C ASN N 138 -31.04 -38.10 -18.32
N ARG N 139 -30.20 -38.82 -19.05
CA ARG N 139 -29.65 -38.38 -20.32
C ARG N 139 -29.68 -39.55 -21.28
N ILE N 140 -29.83 -39.27 -22.57
CA ILE N 140 -29.60 -40.33 -23.54
C ILE N 140 -28.81 -39.77 -24.71
N TYR N 141 -28.13 -40.64 -25.46
CA TYR N 141 -27.52 -40.26 -26.73
C TYR N 141 -27.28 -41.54 -27.55
N THR N 142 -28.23 -41.90 -28.40
CA THR N 142 -28.39 -43.29 -28.78
C THR N 142 -27.39 -43.72 -29.85
N VAL N 143 -27.39 -45.04 -30.11
CA VAL N 143 -26.40 -45.72 -30.94
C VAL N 143 -27.04 -46.95 -31.55
N LYS N 144 -26.89 -47.11 -32.86
CA LYS N 144 -27.42 -48.25 -33.57
C LYS N 144 -26.30 -48.97 -34.29
N THR N 145 -26.48 -50.27 -34.53
CA THR N 145 -25.54 -51.03 -35.32
C THR N 145 -25.89 -50.88 -36.80
N THR N 146 -24.87 -50.73 -37.63
CA THR N 146 -25.15 -50.50 -39.03
C THR N 146 -25.83 -51.73 -39.62
N PRO N 147 -26.73 -51.53 -40.58
CA PRO N 147 -27.51 -52.67 -41.09
C PRO N 147 -26.71 -53.63 -41.94
N THR N 148 -25.43 -53.38 -42.16
CA THR N 148 -24.63 -54.21 -43.06
C THR N 148 -23.36 -54.72 -42.40
N SER N 149 -23.32 -54.81 -41.08
CA SER N 149 -22.11 -55.31 -40.45
C SER N 149 -22.12 -56.84 -40.46
N GLU N 150 -20.96 -57.40 -40.17
CA GLU N 150 -20.74 -58.83 -40.23
C GLU N 150 -20.44 -59.38 -38.84
N LEU N 151 -20.58 -60.70 -38.72
CA LEU N 151 -20.33 -61.33 -37.43
C LEU N 151 -18.87 -61.15 -37.01
N SER N 152 -18.63 -61.29 -35.72
CA SER N 152 -17.27 -61.17 -35.21
C SER N 152 -16.47 -62.38 -35.64
N LEU N 153 -15.19 -62.38 -35.25
CA LEU N 153 -14.35 -63.52 -35.58
C LEU N 153 -14.69 -64.71 -34.69
N GLY N 154 -14.64 -64.51 -33.37
CA GLY N 154 -14.93 -65.61 -32.47
C GLY N 154 -16.31 -66.20 -32.68
N PHE N 155 -17.28 -65.37 -33.01
CA PHE N 155 -18.63 -65.87 -33.26
C PHE N 155 -18.64 -66.80 -34.46
N THR N 156 -18.10 -66.35 -35.59
CA THR N 156 -18.03 -67.21 -36.75
C THR N 156 -17.25 -68.48 -36.44
N LYS N 157 -16.19 -68.38 -35.65
CA LYS N 157 -15.43 -69.56 -35.29
C LYS N 157 -16.32 -70.57 -34.60
N ALA N 158 -17.01 -70.15 -33.54
CA ALA N 158 -17.90 -71.06 -32.83
C ALA N 158 -18.98 -71.62 -33.75
N LEU N 159 -19.51 -70.77 -34.63
CA LEU N 159 -20.61 -71.19 -35.48
C LEU N 159 -20.15 -72.26 -36.46
N MET N 160 -19.12 -71.99 -37.24
CA MET N 160 -18.64 -72.99 -38.17
C MET N 160 -18.05 -74.18 -37.44
N ASP N 161 -17.69 -74.05 -36.17
CA ASP N 161 -17.30 -75.22 -35.40
C ASP N 161 -18.49 -76.14 -35.18
N ILE N 162 -19.60 -75.57 -34.73
CA ILE N 162 -20.81 -76.38 -34.61
C ILE N 162 -21.21 -76.94 -35.96
N CYS N 163 -20.98 -76.19 -37.04
CA CYS N 163 -21.33 -76.71 -38.36
C CYS N 163 -20.45 -77.88 -38.75
N ASP N 164 -19.16 -77.81 -38.43
CA ASP N 164 -18.29 -78.97 -38.67
C ASP N 164 -18.69 -80.14 -37.80
N GLN N 165 -19.22 -79.87 -36.61
CA GLN N 165 -19.71 -80.96 -35.77
C GLN N 165 -20.93 -81.62 -36.38
N LEU N 166 -21.83 -80.82 -36.97
CA LEU N 166 -23.02 -81.41 -37.57
C LEU N 166 -22.69 -82.16 -38.85
N GLU N 167 -21.80 -81.61 -39.68
CA GLU N 167 -21.33 -82.36 -40.83
C GLU N 167 -20.59 -83.61 -40.43
N LYS N 168 -19.86 -83.58 -39.33
CA LYS N 168 -19.19 -84.73 -38.77
C LYS N 168 -20.14 -85.64 -37.99
N ASN N 169 -21.42 -85.31 -38.00
CA ASN N 169 -22.51 -86.17 -37.52
C ASN N 169 -22.50 -86.38 -36.02
N GLN N 170 -21.51 -85.84 -35.31
CA GLN N 170 -21.38 -86.00 -33.86
C GLN N 170 -22.40 -85.10 -33.18
N THR N 171 -23.60 -85.64 -32.97
CA THR N 171 -24.68 -84.83 -32.42
C THR N 171 -24.37 -84.36 -31.00
N LYS N 172 -23.93 -85.28 -30.15
CA LYS N 172 -23.70 -84.95 -28.74
C LYS N 172 -22.72 -83.79 -28.60
N MET N 173 -21.52 -83.95 -29.17
CA MET N 173 -20.57 -82.85 -29.13
C MET N 173 -21.12 -81.60 -29.78
N ALA N 174 -21.92 -81.76 -30.85
CA ALA N 174 -22.49 -80.60 -31.52
C ALA N 174 -23.44 -79.84 -30.62
N THR N 175 -24.42 -80.55 -30.03
CA THR N 175 -25.38 -79.86 -29.18
C THR N 175 -24.70 -79.30 -27.94
N TYR N 176 -23.67 -79.97 -27.43
CA TYR N 176 -22.96 -79.40 -26.30
C TYR N 176 -22.22 -78.14 -26.71
N LEU N 177 -21.66 -78.12 -27.91
CA LEU N 177 -20.98 -76.92 -28.39
C LEU N 177 -21.97 -75.78 -28.57
N ALA N 178 -23.18 -76.09 -29.03
CA ALA N 178 -24.20 -75.05 -29.15
C ALA N 178 -24.59 -74.51 -27.78
N GLU N 179 -24.73 -75.40 -26.80
CA GLU N 179 -25.03 -74.97 -25.45
C GLU N 179 -23.92 -74.09 -24.90
N LEU N 180 -22.68 -74.46 -25.17
CA LEU N 180 -21.56 -73.62 -24.76
C LEU N 180 -21.62 -72.27 -25.46
N LEU N 181 -21.97 -72.27 -26.75
CA LEU N 181 -22.12 -71.01 -27.48
C LEU N 181 -23.14 -70.11 -26.79
N ILE N 182 -24.28 -70.66 -26.42
CA ILE N 182 -25.32 -69.83 -25.84
C ILE N 182 -24.91 -69.37 -24.45
N LEU N 183 -24.12 -70.17 -23.75
CA LEU N 183 -23.61 -69.75 -22.46
C LEU N 183 -22.53 -68.69 -22.60
N ASN N 184 -21.85 -68.67 -23.73
CA ASN N 184 -20.68 -67.85 -23.92
C ASN N 184 -20.95 -66.55 -24.67
N TYR N 185 -22.10 -66.45 -25.34
CA TYR N 185 -22.43 -65.30 -26.16
C TYR N 185 -23.84 -64.80 -25.92
N GLY N 186 -24.53 -65.30 -24.91
CA GLY N 186 -25.85 -64.81 -24.60
C GLY N 186 -26.91 -65.21 -25.60
N THR N 187 -28.16 -65.05 -25.22
CA THR N 187 -29.28 -65.47 -26.05
C THR N 187 -29.82 -64.37 -26.94
N HIS N 188 -29.18 -63.21 -26.98
CA HIS N 188 -29.65 -62.14 -27.85
C HIS N 188 -28.46 -61.27 -28.19
N VAL N 189 -28.52 -60.67 -29.37
CA VAL N 189 -27.52 -59.70 -29.80
C VAL N 189 -28.19 -58.34 -29.84
N ILE N 190 -27.49 -57.35 -29.32
CA ILE N 190 -28.03 -56.01 -29.19
C ILE N 190 -27.84 -55.26 -30.49
N THR N 191 -28.86 -54.53 -30.91
CA THR N 191 -28.75 -53.69 -32.09
C THR N 191 -29.01 -52.23 -31.81
N SER N 192 -29.14 -51.85 -30.55
CA SER N 192 -29.43 -50.47 -30.20
C SER N 192 -29.19 -50.27 -28.71
N VAL N 193 -28.46 -49.22 -28.37
CA VAL N 193 -28.31 -48.78 -27.00
C VAL N 193 -28.48 -47.27 -26.97
N ASP N 194 -28.59 -46.73 -25.78
CA ASP N 194 -28.76 -45.30 -25.59
C ASP N 194 -27.67 -44.82 -24.64
N ALA N 195 -26.60 -44.29 -25.18
CA ALA N 195 -25.52 -43.77 -24.35
C ALA N 195 -26.06 -42.64 -23.50
N GLY N 196 -26.19 -42.89 -22.21
CA GLY N 196 -26.66 -41.85 -21.32
C GLY N 196 -26.16 -42.10 -19.93
N ALA N 197 -26.73 -41.35 -18.99
CA ALA N 197 -26.46 -41.58 -17.59
C ALA N 197 -27.69 -41.18 -16.80
N ALA N 198 -27.77 -41.68 -15.58
CA ALA N 198 -28.91 -41.40 -14.73
C ALA N 198 -28.40 -41.15 -13.33
N LEU N 199 -29.28 -40.61 -12.50
CA LEU N 199 -28.96 -40.35 -11.10
C LEU N 199 -30.27 -40.27 -10.35
N VAL N 200 -30.43 -41.11 -9.35
CA VAL N 200 -31.66 -41.19 -8.57
C VAL N 200 -31.24 -41.06 -7.13
N GLN N 201 -31.48 -39.91 -6.53
CA GLN N 201 -31.05 -39.70 -5.15
C GLN N 201 -32.21 -39.17 -4.34
N GLU N 202 -32.20 -39.51 -3.05
CA GLU N 202 -33.33 -39.19 -2.18
C GLU N 202 -32.86 -39.26 -0.75
N ASP N 203 -33.68 -38.70 0.14
CA ASP N 203 -33.33 -38.71 1.55
C ASP N 203 -34.57 -38.36 2.36
N HIS N 204 -34.63 -38.87 3.57
CA HIS N 204 -35.70 -38.58 4.50
C HIS N 204 -35.12 -38.06 5.81
N VAL N 205 -35.80 -37.11 6.41
CA VAL N 205 -35.49 -36.64 7.75
C VAL N 205 -36.75 -36.76 8.58
N ARG N 206 -36.62 -37.23 9.82
CA ARG N 206 -37.80 -37.39 10.66
C ARG N 206 -37.41 -37.01 12.09
N SER N 207 -37.59 -35.73 12.41
CA SER N 207 -37.35 -35.26 13.76
C SER N 207 -38.57 -35.52 14.61
N SER N 208 -38.34 -35.81 15.87
CA SER N 208 -39.40 -35.99 16.85
C SER N 208 -38.95 -35.37 18.16
N PHE N 209 -39.78 -34.51 18.72
CA PHE N 209 -39.42 -33.75 19.90
C PHE N 209 -40.61 -33.74 20.84
N LEU N 210 -40.52 -34.50 21.92
CA LEU N 210 -41.60 -34.62 22.89
C LEU N 210 -41.10 -34.12 24.22
N LEU N 211 -41.74 -33.09 24.76
CA LEU N 211 -41.34 -32.47 26.01
C LEU N 211 -42.47 -32.60 27.02
N ASP N 212 -42.09 -32.78 28.29
CA ASP N 212 -43.06 -32.89 29.37
C ASP N 212 -42.71 -31.91 30.47
N ASN N 213 -43.63 -31.78 31.41
CA ASN N 213 -43.44 -30.94 32.58
C ASN N 213 -44.59 -31.20 33.53
N GLN N 214 -44.28 -31.29 34.82
CA GLN N 214 -45.31 -31.39 35.85
C GLN N 214 -44.77 -30.58 37.04
N ASN N 215 -45.12 -29.30 37.08
CA ASN N 215 -44.56 -28.40 38.08
C ASN N 215 -45.61 -28.11 39.13
N SER N 216 -45.72 -29.01 40.10
CA SER N 216 -46.74 -28.91 41.13
C SER N 216 -46.21 -28.16 42.35
N GLN N 217 -47.12 -27.80 43.26
CA GLN N 217 -46.76 -27.08 44.46
C GLN N 217 -47.80 -27.30 45.54
N ASN N 218 -47.39 -27.11 46.79
CA ASN N 218 -48.28 -27.16 47.93
C ASN N 218 -47.84 -26.12 48.94
N THR N 219 -48.81 -25.66 49.75
CA THR N 219 -48.49 -24.74 50.83
C THR N 219 -49.57 -24.88 51.89
N VAL N 220 -49.23 -25.50 53.02
CA VAL N 220 -50.15 -25.71 54.11
C VAL N 220 -49.65 -24.92 55.31
N THR N 221 -50.55 -24.16 55.94
CA THR N 221 -50.22 -23.39 57.13
C THR N 221 -51.32 -23.56 58.15
N ALA N 222 -50.93 -23.63 59.42
CA ALA N 222 -51.86 -23.71 60.54
C ALA N 222 -51.61 -22.53 61.45
N SER N 223 -52.49 -22.35 62.44
CA SER N 223 -52.36 -21.23 63.36
C SER N 223 -53.10 -21.54 64.65
N ALA N 224 -52.80 -20.72 65.67
CA ALA N 224 -53.36 -20.81 67.00
C ALA N 224 -53.40 -19.39 67.55
N GLY N 225 -53.41 -19.28 68.88
CA GLY N 225 -53.53 -17.98 69.49
C GLY N 225 -54.62 -17.88 70.54
N ILE N 226 -54.90 -19.00 71.20
CA ILE N 226 -55.84 -18.97 72.32
C ILE N 226 -55.16 -18.27 73.49
N ALA N 227 -55.40 -16.97 73.61
CA ALA N 227 -54.74 -16.21 74.66
C ALA N 227 -55.50 -14.99 75.14
N PHE N 228 -56.38 -15.15 76.13
CA PHE N 228 -56.64 -14.08 77.07
C PHE N 228 -56.77 -14.64 78.48
N LEU N 229 -57.29 -15.86 78.60
CA LEU N 229 -57.72 -16.38 79.88
C LEU N 229 -56.98 -17.66 80.22
N ASN N 230 -56.50 -17.72 81.46
CA ASN N 230 -55.84 -18.86 82.09
C ASN N 230 -54.45 -19.07 81.52
N ILE N 231 -54.18 -18.44 80.37
CA ILE N 231 -52.86 -18.23 79.79
C ILE N 231 -52.97 -16.93 79.01
N VAL N 232 -52.27 -15.89 79.43
CA VAL N 232 -52.46 -14.60 78.78
C VAL N 232 -51.87 -14.62 77.38
N ASN N 233 -50.92 -15.50 77.13
CA ASN N 233 -50.36 -15.64 75.78
C ASN N 233 -49.65 -16.97 75.54
N PHE N 234 -50.04 -17.65 74.47
CA PHE N 234 -49.18 -18.64 73.82
C PHE N 234 -49.70 -18.88 72.41
N LYS N 235 -48.79 -18.92 71.44
CA LYS N 235 -49.16 -18.91 70.03
C LYS N 235 -48.50 -20.09 69.34
N VAL N 236 -49.26 -20.72 68.43
CA VAL N 236 -48.78 -21.87 67.69
C VAL N 236 -49.12 -21.67 66.22
N GLU N 237 -48.14 -21.87 65.34
CA GLU N 237 -48.38 -21.88 63.91
C GLU N 237 -47.32 -22.74 63.23
N THR N 238 -47.76 -23.67 62.39
CA THR N 238 -46.86 -24.46 61.57
C THR N 238 -46.92 -23.98 60.13
N ASP N 239 -45.86 -24.27 59.38
CA ASP N 239 -45.79 -23.96 57.97
C ASP N 239 -45.32 -25.19 57.21
N TYR N 240 -45.69 -25.27 55.94
CA TYR N 240 -45.39 -26.46 55.14
C TYR N 240 -45.54 -26.10 53.68
N ILE N 241 -44.47 -26.24 52.92
CA ILE N 241 -44.50 -25.97 51.48
C ILE N 241 -43.71 -27.06 50.77
N SER N 242 -44.32 -27.61 49.72
CA SER N 242 -43.72 -28.69 48.95
C SER N 242 -43.80 -28.34 47.47
N GLN N 243 -42.72 -28.64 46.76
CA GLN N 243 -42.65 -28.38 45.33
C GLN N 243 -42.26 -29.66 44.59
N THR N 244 -42.59 -29.70 43.31
CA THR N 244 -42.22 -30.84 42.49
C THR N 244 -42.26 -30.39 41.04
N SER N 245 -41.10 -30.35 40.40
CA SER N 245 -41.00 -29.93 39.01
C SER N 245 -40.24 -31.00 38.27
N LEU N 246 -40.90 -31.69 37.36
CA LEU N 246 -40.33 -32.82 36.64
C LEU N 246 -40.50 -32.59 35.15
N THR N 247 -39.40 -32.32 34.46
CA THR N 247 -39.42 -32.16 33.01
C THR N 247 -38.83 -33.41 32.36
N LYS N 248 -39.38 -33.74 31.19
CA LYS N 248 -38.93 -34.89 30.44
C LYS N 248 -39.03 -34.55 28.97
N ASP N 249 -37.90 -34.53 28.27
CA ASP N 249 -37.91 -34.33 26.83
C ASP N 249 -37.19 -35.49 26.15
N TYR N 250 -37.58 -35.75 24.91
CA TYR N 250 -37.14 -36.97 24.23
C TYR N 250 -37.05 -36.67 22.74
N LEU N 251 -35.85 -36.32 22.30
CA LEU N 251 -35.58 -35.94 20.92
C LEU N 251 -35.02 -37.12 20.16
N SER N 252 -35.44 -37.28 18.90
CA SER N 252 -34.93 -38.38 18.09
C SER N 252 -35.00 -37.99 16.61
N ASN N 253 -33.86 -37.57 16.06
CA ASN N 253 -33.72 -37.46 14.63
C ASN N 253 -33.54 -38.83 14.01
N ARG N 254 -33.85 -38.93 12.72
CA ARG N 254 -33.56 -40.14 11.95
C ARG N 254 -33.44 -39.72 10.50
N THR N 255 -32.24 -39.76 9.96
CA THR N 255 -31.96 -39.33 8.60
C THR N 255 -31.60 -40.52 7.74
N ASN N 256 -32.10 -40.54 6.52
CA ASN N 256 -31.65 -41.48 5.51
C ASN N 256 -31.12 -40.72 4.32
N SER N 257 -30.53 -41.45 3.40
CA SER N 257 -30.03 -40.89 2.15
C SER N 257 -29.63 -42.04 1.25
N ARG N 258 -29.89 -41.93 -0.04
CA ARG N 258 -29.52 -43.01 -0.94
C ARG N 258 -29.40 -42.45 -2.34
N VAL N 259 -28.19 -42.21 -2.80
CA VAL N 259 -28.01 -41.89 -4.20
C VAL N 259 -27.82 -43.21 -4.90
N GLN N 260 -28.16 -43.24 -6.17
CA GLN N 260 -27.94 -44.44 -6.97
C GLN N 260 -27.77 -43.97 -8.41
N SER N 261 -26.53 -43.79 -8.83
CA SER N 261 -26.23 -43.19 -10.11
C SER N 261 -25.56 -44.21 -11.01
N PHE N 262 -25.95 -44.22 -12.27
CA PHE N 262 -25.22 -44.99 -13.26
C PHE N 262 -25.52 -44.37 -14.62
N GLY N 263 -24.51 -43.79 -15.22
CA GLY N 263 -23.20 -43.72 -14.61
C GLY N 263 -22.52 -42.44 -14.99
N GLY N 264 -21.93 -41.76 -14.03
CA GLY N 264 -21.22 -40.54 -14.33
C GLY N 264 -19.86 -40.52 -13.68
N VAL N 265 -19.55 -39.47 -12.95
CA VAL N 265 -18.31 -39.41 -12.19
C VAL N 265 -18.61 -40.07 -10.86
N PRO N 266 -17.68 -40.80 -10.26
CA PRO N 266 -17.96 -41.43 -8.95
C PRO N 266 -18.60 -40.46 -7.98
N PHE N 267 -19.83 -40.76 -7.58
CA PHE N 267 -20.62 -39.85 -6.78
C PHE N 267 -20.01 -39.67 -5.40
N TYR N 268 -20.34 -38.54 -4.79
CA TYR N 268 -19.97 -38.26 -3.41
C TYR N 268 -20.94 -37.22 -2.88
N PRO N 269 -21.26 -37.24 -1.58
CA PRO N 269 -22.40 -36.44 -1.10
C PRO N 269 -22.30 -34.96 -1.41
N GLY N 270 -21.17 -34.34 -1.13
CA GLY N 270 -21.10 -32.91 -1.32
C GLY N 270 -21.12 -32.44 -2.76
N ILE N 271 -21.33 -33.34 -3.72
CA ILE N 271 -21.24 -32.95 -5.12
C ILE N 271 -22.44 -32.09 -5.48
N THR N 272 -22.20 -31.10 -6.34
CA THR N 272 -23.30 -30.33 -6.86
C THR N 272 -24.14 -31.18 -7.79
N LEU N 273 -25.32 -30.69 -8.11
CA LEU N 273 -26.10 -31.31 -9.16
C LEU N 273 -25.57 -30.97 -10.53
N GLU N 274 -24.50 -30.18 -10.60
CA GLU N 274 -23.92 -29.70 -11.84
C GLU N 274 -22.63 -30.42 -12.19
N THR N 275 -21.60 -30.30 -11.33
CA THR N 275 -20.34 -30.95 -11.61
C THR N 275 -20.51 -32.42 -11.92
N TRP N 276 -21.58 -33.03 -11.44
CA TRP N 276 -22.04 -34.30 -11.99
C TRP N 276 -22.18 -34.21 -13.50
N GLN N 277 -23.02 -33.28 -13.97
CA GLN N 277 -23.33 -33.20 -15.39
C GLN N 277 -22.10 -32.88 -16.20
N LYS N 278 -21.44 -31.77 -15.92
CA LYS N 278 -20.28 -31.39 -16.72
C LYS N 278 -19.26 -32.51 -16.79
N GLY N 279 -19.22 -33.37 -15.79
CA GLY N 279 -18.28 -34.48 -15.80
C GLY N 279 -18.82 -35.74 -16.41
N ILE N 280 -19.77 -35.61 -17.33
CA ILE N 280 -20.36 -36.76 -18.00
C ILE N 280 -19.77 -36.95 -19.39
N THR N 281 -18.63 -36.31 -19.69
CA THR N 281 -18.14 -36.26 -21.06
C THR N 281 -17.99 -37.64 -21.65
N ASN N 282 -17.04 -38.42 -21.15
CA ASN N 282 -17.16 -39.87 -21.18
C ASN N 282 -17.77 -40.27 -19.84
N HIS N 283 -17.68 -41.54 -19.47
CA HIS N 283 -18.50 -42.12 -18.41
C HIS N 283 -19.96 -42.21 -18.86
N LEU N 284 -20.18 -42.62 -20.08
CA LEU N 284 -21.54 -42.91 -20.51
C LEU N 284 -21.84 -44.38 -20.27
N VAL N 285 -23.12 -44.70 -20.17
CA VAL N 285 -23.54 -46.03 -19.80
C VAL N 285 -24.81 -46.36 -20.56
N ALA N 286 -24.92 -47.60 -21.01
CA ALA N 286 -26.11 -48.02 -21.72
C ALA N 286 -27.27 -48.00 -20.76
N ILE N 287 -28.13 -46.98 -20.88
CA ILE N 287 -29.29 -46.90 -20.00
C ILE N 287 -30.49 -47.63 -20.55
N ASP N 288 -30.44 -48.03 -21.82
CA ASP N 288 -31.56 -48.71 -22.44
C ASP N 288 -31.06 -49.40 -23.69
N ARG N 289 -31.58 -50.58 -23.97
CA ARG N 289 -31.05 -51.35 -25.07
C ARG N 289 -32.12 -52.24 -25.67
N ALA N 290 -31.93 -52.59 -26.93
CA ALA N 290 -32.86 -53.43 -27.66
C ALA N 290 -32.10 -54.17 -28.74
N GLY N 291 -32.46 -55.43 -28.95
CA GLY N 291 -31.80 -56.25 -29.93
C GLY N 291 -32.72 -57.33 -30.45
N LEU N 292 -32.11 -58.35 -31.03
CA LEU N 292 -32.83 -59.44 -31.65
C LEU N 292 -32.34 -60.77 -31.12
N PRO N 293 -33.14 -61.83 -31.25
CA PRO N 293 -32.65 -63.15 -30.86
C PRO N 293 -31.55 -63.59 -31.82
N LEU N 294 -30.49 -64.17 -31.25
CA LEU N 294 -29.30 -64.39 -32.06
C LEU N 294 -29.53 -65.38 -33.18
N HIS N 295 -30.48 -66.30 -33.00
CA HIS N 295 -30.81 -67.22 -34.09
C HIS N 295 -31.18 -66.47 -35.35
N PHE N 296 -31.71 -65.25 -35.19
CA PHE N 296 -32.03 -64.41 -36.34
C PHE N 296 -30.79 -64.04 -37.12
N PHE N 297 -29.65 -63.95 -36.46
CA PHE N 297 -28.42 -63.52 -37.11
C PHE N 297 -27.67 -64.67 -37.75
N ILE N 298 -28.15 -65.89 -37.62
CA ILE N 298 -27.51 -67.06 -38.23
C ILE N 298 -28.26 -67.30 -39.53
N LYS N 299 -27.82 -66.64 -40.59
CA LYS N 299 -28.45 -66.72 -41.89
C LYS N 299 -27.36 -66.75 -42.96
N PRO N 300 -27.60 -67.41 -44.08
CA PRO N 300 -26.53 -67.60 -45.07
C PRO N 300 -25.93 -66.31 -45.59
N ASP N 301 -26.70 -65.23 -45.65
CA ASP N 301 -26.13 -63.96 -46.10
C ASP N 301 -25.13 -63.44 -45.07
N LYS N 302 -25.54 -63.38 -43.80
CA LYS N 302 -24.63 -62.95 -42.75
C LYS N 302 -23.49 -63.92 -42.55
N LEU N 303 -23.59 -65.08 -43.06
CA LEU N 303 -22.46 -65.98 -42.90
C LEU N 303 -21.63 -66.03 -44.18
N PRO N 304 -20.33 -66.26 -44.05
CA PRO N 304 -19.49 -66.41 -45.24
C PRO N 304 -19.81 -67.68 -45.99
N GLY N 305 -19.04 -67.98 -47.03
CA GLY N 305 -19.28 -69.15 -47.85
C GLY N 305 -19.48 -70.42 -47.05
N LEU N 306 -20.71 -70.94 -47.08
CA LEU N 306 -21.08 -72.14 -46.37
C LEU N 306 -22.30 -72.74 -47.04
N PRO N 307 -22.55 -74.03 -46.86
CA PRO N 307 -23.67 -74.68 -47.55
C PRO N 307 -25.01 -74.14 -47.07
N GLY N 308 -25.89 -73.85 -48.03
CA GLY N 308 -27.16 -73.24 -47.75
C GLY N 308 -27.98 -73.96 -46.70
N PRO N 309 -28.48 -75.15 -47.03
CA PRO N 309 -29.33 -75.86 -46.06
C PRO N 309 -28.63 -76.19 -44.77
N LEU N 310 -27.30 -76.31 -44.78
CA LEU N 310 -26.59 -76.59 -43.55
C LEU N 310 -26.70 -75.43 -42.57
N VAL N 311 -26.76 -74.19 -43.07
CA VAL N 311 -26.92 -73.09 -42.14
C VAL N 311 -28.35 -73.08 -41.60
N LYS N 312 -29.32 -73.59 -42.36
CA LYS N 312 -30.65 -73.79 -41.80
C LYS N 312 -30.61 -74.78 -40.65
N LYS N 313 -29.94 -75.92 -40.88
CA LYS N 313 -29.72 -76.88 -39.80
C LYS N 313 -29.10 -76.21 -38.59
N LEU N 314 -28.04 -75.43 -38.82
CA LEU N 314 -27.31 -74.79 -37.73
C LEU N 314 -28.20 -73.83 -36.96
N SER N 315 -28.97 -73.02 -37.68
CA SER N 315 -29.87 -72.08 -37.02
C SER N 315 -30.89 -72.82 -36.17
N LYS N 316 -31.45 -73.90 -36.70
CA LYS N 316 -32.42 -74.67 -35.92
C LYS N 316 -31.77 -75.25 -34.67
N THR N 317 -30.55 -75.76 -34.80
CA THR N 317 -29.87 -76.34 -33.65
C THR N 317 -29.60 -75.29 -32.59
N VAL N 318 -29.06 -74.15 -32.98
CA VAL N 318 -28.80 -73.08 -32.03
C VAL N 318 -30.09 -72.64 -31.36
N GLU N 319 -31.15 -72.48 -32.14
CA GLU N 319 -32.42 -72.03 -31.59
C GLU N 319 -32.97 -73.03 -30.59
N THR N 320 -32.88 -74.32 -30.91
CA THR N 320 -33.34 -75.35 -29.98
C THR N 320 -32.50 -75.36 -28.72
N ALA N 321 -31.19 -75.16 -28.86
CA ALA N 321 -30.34 -75.06 -27.67
C ALA N 321 -30.78 -73.90 -26.80
N VAL N 322 -31.07 -72.75 -27.41
CA VAL N 322 -31.62 -71.63 -26.66
C VAL N 322 -32.87 -72.04 -25.92
N ARG N 323 -33.87 -72.50 -26.68
CA ARG N 323 -35.12 -73.02 -26.15
C ARG N 323 -34.90 -73.86 -24.90
N HIS N 324 -34.04 -74.86 -25.03
CA HIS N 324 -33.65 -75.67 -23.89
C HIS N 324 -33.18 -74.79 -22.74
N TYR N 325 -32.15 -73.99 -22.98
CA TYR N 325 -31.60 -73.13 -21.93
C TYR N 325 -32.62 -72.10 -21.46
N TYR N 326 -33.63 -71.82 -22.28
CA TYR N 326 -34.58 -70.77 -21.94
C TYR N 326 -35.64 -71.26 -20.96
N THR N 327 -36.40 -72.29 -21.34
CA THR N 327 -37.50 -72.75 -20.51
C THR N 327 -37.01 -73.27 -19.16
N PHE N 328 -36.28 -74.37 -19.18
CA PHE N 328 -35.58 -74.90 -18.03
C PHE N 328 -34.09 -74.72 -18.23
N ASN N 329 -33.29 -75.30 -17.35
CA ASN N 329 -31.84 -75.20 -17.47
C ASN N 329 -31.32 -76.33 -18.36
N THR N 330 -31.88 -76.40 -19.58
CA THR N 330 -31.38 -77.24 -20.68
C THR N 330 -30.83 -78.59 -20.24
N HIS N 331 -31.58 -79.30 -19.41
CA HIS N 331 -31.09 -80.49 -18.71
C HIS N 331 -31.20 -81.75 -19.56
N PRO N 332 -30.09 -82.30 -20.08
CA PRO N 332 -30.13 -83.68 -20.57
C PRO N 332 -30.24 -84.67 -19.43
N GLY N 333 -29.35 -84.56 -18.44
CA GLY N 333 -29.38 -85.50 -17.34
C GLY N 333 -29.43 -84.97 -15.91
N CYS N 334 -28.90 -83.76 -15.67
CA CYS N 334 -28.76 -83.26 -14.30
C CYS N 334 -28.18 -81.86 -14.23
N THR N 335 -28.22 -81.25 -13.05
CA THR N 335 -27.47 -80.03 -12.78
C THR N 335 -25.99 -80.38 -12.65
N ASN N 336 -25.14 -79.67 -13.38
CA ASN N 336 -23.80 -80.23 -13.53
C ASN N 336 -22.69 -79.41 -12.88
N VAL N 337 -22.64 -78.09 -13.13
CA VAL N 337 -21.46 -77.34 -12.70
C VAL N 337 -21.46 -77.09 -11.21
N ASP N 338 -22.63 -76.92 -10.61
CA ASP N 338 -22.73 -76.72 -9.17
C ASP N 338 -22.38 -78.01 -8.45
N SER N 339 -21.34 -77.97 -7.60
CA SER N 339 -20.82 -79.15 -6.92
C SER N 339 -20.54 -80.24 -7.94
N PRO N 340 -19.44 -80.14 -8.70
CA PRO N 340 -19.26 -81.04 -9.84
C PRO N 340 -19.00 -82.49 -9.46
N ASN N 341 -19.13 -82.80 -8.16
CA ASN N 341 -18.79 -84.13 -7.65
C ASN N 341 -19.61 -85.27 -8.25
N PHE N 342 -20.93 -85.28 -8.01
CA PHE N 342 -21.75 -86.43 -8.39
C PHE N 342 -22.71 -86.13 -9.54
N ASN N 343 -22.33 -85.24 -10.45
CA ASN N 343 -23.22 -84.76 -11.50
C ASN N 343 -22.73 -85.20 -12.87
N PHE N 344 -23.69 -85.36 -13.78
CA PHE N 344 -23.39 -85.60 -15.19
C PHE N 344 -23.05 -84.27 -15.85
N GLN N 345 -21.78 -84.10 -16.21
CA GLN N 345 -21.24 -82.78 -16.52
C GLN N 345 -20.70 -82.68 -17.95
N ALA N 346 -21.34 -83.39 -18.88
CA ALA N 346 -21.10 -83.09 -20.29
C ALA N 346 -22.00 -81.99 -20.81
N ASN N 347 -23.05 -81.65 -20.07
CA ASN N 347 -23.94 -80.55 -20.39
C ASN N 347 -23.52 -79.30 -19.61
N MET N 348 -24.40 -78.30 -19.57
CA MET N 348 -24.25 -77.14 -18.72
C MET N 348 -25.54 -76.90 -17.95
N ASP N 349 -25.42 -76.76 -16.63
CA ASP N 349 -26.59 -76.60 -15.76
C ASP N 349 -26.17 -76.11 -14.38
N ASP N 350 -26.79 -75.02 -13.91
CA ASP N 350 -26.41 -74.35 -12.67
C ASP N 350 -27.63 -74.02 -11.83
N ASP N 351 -28.49 -75.02 -11.59
CA ASP N 351 -29.74 -74.81 -10.86
C ASP N 351 -29.52 -74.22 -9.46
N SER N 352 -28.94 -75.01 -8.55
CA SER N 352 -28.65 -74.57 -7.20
C SER N 352 -27.91 -75.67 -6.43
N CYS N 353 -27.39 -75.35 -5.25
CA CYS N 353 -26.50 -76.24 -4.52
C CYS N 353 -27.03 -76.68 -3.16
N ASP N 354 -27.74 -75.81 -2.44
CA ASP N 354 -28.12 -76.09 -1.07
C ASP N 354 -29.33 -77.02 -0.95
N ALA N 355 -29.65 -77.77 -2.00
CA ALA N 355 -30.80 -78.67 -1.98
C ALA N 355 -30.54 -79.80 -0.99
N LYS N 356 -31.44 -79.99 -0.03
CA LYS N 356 -31.41 -81.12 0.88
C LYS N 356 -32.75 -81.85 0.96
N VAL N 357 -33.82 -81.23 0.49
CA VAL N 357 -35.16 -81.82 0.53
C VAL N 357 -35.68 -81.98 -0.89
N THR N 358 -36.64 -82.90 -1.05
CA THR N 358 -37.37 -83.08 -2.30
C THR N 358 -38.86 -82.82 -2.12
N ASN N 359 -39.24 -81.94 -1.20
CA ASN N 359 -40.64 -81.71 -0.87
C ASN N 359 -41.33 -80.97 -2.02
N PHE N 360 -42.65 -80.80 -1.89
CA PHE N 360 -43.47 -80.34 -3.00
C PHE N 360 -43.67 -78.83 -2.95
N THR N 361 -44.46 -78.33 -3.90
CA THR N 361 -44.73 -76.90 -3.99
C THR N 361 -45.68 -76.45 -2.88
N PHE N 362 -45.08 -76.01 -1.77
CA PHE N 362 -45.84 -75.63 -0.58
C PHE N 362 -45.96 -74.11 -0.49
N GLY N 363 -46.85 -73.58 -1.32
CA GLY N 363 -47.05 -72.15 -1.40
C GLY N 363 -47.88 -71.60 -0.25
N GLY N 364 -48.20 -70.31 -0.36
CA GLY N 364 -49.03 -69.64 0.63
C GLY N 364 -48.26 -68.86 1.68
N VAL N 365 -48.88 -67.82 2.22
CA VAL N 365 -48.27 -66.98 3.25
C VAL N 365 -49.34 -66.46 4.19
N TYR N 366 -49.16 -66.67 5.50
CA TYR N 366 -50.23 -66.45 6.44
C TYR N 366 -49.66 -66.28 7.85
N GLN N 367 -50.45 -65.65 8.72
CA GLN N 367 -50.03 -65.31 10.07
C GLN N 367 -51.24 -64.88 10.90
N GLU N 368 -50.96 -64.33 12.08
CA GLU N 368 -52.00 -63.83 12.99
C GLU N 368 -51.34 -62.78 13.91
N CYS N 369 -51.87 -61.57 13.88
CA CYS N 369 -51.38 -60.48 14.73
C CYS N 369 -52.39 -60.25 15.86
N THR N 370 -52.09 -60.83 17.01
CA THR N 370 -52.98 -60.70 18.17
C THR N 370 -52.49 -59.60 19.11
N GLU N 371 -53.44 -58.78 19.56
CA GLU N 371 -53.17 -57.69 20.49
C GLU N 371 -53.31 -58.18 21.92
N LEU N 372 -52.34 -57.82 22.76
CA LEU N 372 -52.45 -58.11 24.19
C LEU N 372 -52.97 -56.92 24.99
N SER N 373 -52.54 -55.70 24.66
CA SER N 373 -53.00 -54.52 25.36
C SER N 373 -52.70 -53.29 24.52
N GLY N 374 -53.56 -52.29 24.62
CA GLY N 374 -53.44 -51.10 23.78
C GLY N 374 -53.74 -51.39 22.32
N ASP N 375 -53.73 -50.35 21.48
CA ASP N 375 -53.91 -50.52 20.03
C ASP N 375 -52.80 -49.74 19.33
N VAL N 376 -51.64 -50.37 19.19
CA VAL N 376 -50.52 -49.76 18.47
C VAL N 376 -49.94 -50.76 17.48
N LEU N 377 -49.55 -51.93 17.97
CA LEU N 377 -48.74 -52.86 17.18
C LEU N 377 -49.55 -53.64 16.17
N CYS N 378 -50.87 -53.74 16.35
CA CYS N 378 -51.70 -54.45 15.38
C CYS N 378 -51.70 -53.80 14.01
N GLN N 379 -51.53 -52.48 13.95
CA GLN N 379 -51.66 -51.78 12.67
C GLN N 379 -50.48 -52.05 11.74
N ASN N 380 -49.31 -52.34 12.30
CA ASN N 380 -48.11 -52.56 11.51
C ASN N 380 -47.61 -53.99 11.50
N LEU N 381 -47.97 -54.80 12.49
CA LEU N 381 -47.62 -56.21 12.47
C LEU N 381 -48.70 -57.06 11.82
N GLU N 382 -49.57 -56.47 11.02
CA GLU N 382 -50.63 -57.21 10.35
C GLU N 382 -50.16 -57.68 8.98
N GLN N 383 -49.51 -58.85 8.93
CA GLN N 383 -48.92 -59.36 7.70
C GLN N 383 -49.90 -60.30 6.98
N LYS N 384 -51.10 -59.77 6.75
CA LYS N 384 -52.23 -60.60 6.36
C LYS N 384 -51.92 -61.37 5.07
N ASN N 385 -52.63 -62.48 4.89
CA ASN N 385 -52.42 -63.36 3.74
C ASN N 385 -52.69 -62.59 2.45
N LEU N 386 -51.87 -62.85 1.43
CA LEU N 386 -52.12 -62.28 0.12
C LEU N 386 -52.97 -63.18 -0.76
N LEU N 387 -52.87 -64.50 -0.62
CA LEU N 387 -53.54 -65.39 -1.56
C LEU N 387 -55.05 -65.37 -1.41
N THR N 388 -55.56 -64.73 -0.35
CA THR N 388 -56.98 -64.68 -0.09
C THR N 388 -57.53 -63.27 0.09
N GLY N 389 -56.68 -62.28 0.34
CA GLY N 389 -57.15 -60.93 0.60
C GLY N 389 -57.54 -60.67 2.04
N ASP N 390 -57.39 -61.64 2.92
CA ASP N 390 -57.73 -61.50 4.33
C ASP N 390 -57.02 -62.62 5.08
N PHE N 391 -57.37 -62.77 6.36
CA PHE N 391 -56.77 -63.79 7.21
C PHE N 391 -57.39 -65.14 6.87
N SER N 392 -56.79 -65.83 5.91
CA SER N 392 -57.21 -67.18 5.55
C SER N 392 -56.07 -67.85 4.79
N CYS N 393 -56.14 -69.17 4.69
CA CYS N 393 -55.27 -69.88 3.76
C CYS N 393 -55.98 -70.01 2.41
N PRO N 394 -55.23 -70.28 1.34
CA PRO N 394 -55.86 -70.56 0.05
C PRO N 394 -56.40 -71.97 0.01
N PRO N 395 -57.42 -72.23 -0.81
CA PRO N 395 -57.98 -73.58 -0.91
C PRO N 395 -56.92 -74.58 -1.35
N GLY N 396 -56.91 -75.74 -0.69
CA GLY N 396 -55.90 -76.74 -0.93
C GLY N 396 -54.66 -76.60 -0.08
N TYR N 397 -54.63 -75.62 0.83
CA TYR N 397 -53.48 -75.38 1.68
C TYR N 397 -53.93 -75.39 3.13
N SER N 398 -52.95 -75.44 4.03
CA SER N 398 -53.28 -75.52 5.46
C SER N 398 -52.53 -74.43 6.22
N PRO N 399 -53.25 -73.57 6.93
CA PRO N 399 -52.60 -72.48 7.67
C PRO N 399 -52.07 -72.98 9.02
N VAL N 400 -51.04 -73.81 8.96
CA VAL N 400 -50.48 -74.41 10.15
C VAL N 400 -49.56 -73.41 10.85
N HIS N 401 -49.65 -73.36 12.17
CA HIS N 401 -49.06 -72.28 12.94
C HIS N 401 -47.54 -72.27 12.90
N LEU N 402 -46.96 -71.26 12.24
CA LEU N 402 -45.51 -71.18 12.11
C LEU N 402 -44.85 -70.93 13.46
N LEU N 403 -45.18 -69.81 14.11
CA LEU N 403 -44.60 -69.50 15.41
C LEU N 403 -45.41 -68.41 16.09
N SER N 404 -45.57 -68.53 17.41
CA SER N 404 -46.18 -67.49 18.22
C SER N 404 -45.09 -66.73 18.97
N GLN N 405 -45.29 -65.43 19.16
CA GLN N 405 -44.31 -64.60 19.83
C GLN N 405 -44.98 -63.33 20.32
N THR N 406 -44.38 -62.70 21.32
CA THR N 406 -44.94 -61.50 21.94
C THR N 406 -43.87 -60.42 22.04
N HIS N 407 -44.32 -59.18 22.06
CA HIS N 407 -43.44 -58.02 22.19
C HIS N 407 -44.07 -57.02 23.15
N GLU N 408 -43.23 -56.15 23.69
CA GLU N 408 -43.68 -55.16 24.67
C GLU N 408 -43.00 -53.84 24.37
N GLU N 409 -43.76 -52.92 23.76
CA GLU N 409 -43.25 -51.61 23.41
C GLU N 409 -44.15 -50.54 24.01
N GLY N 410 -43.58 -49.37 24.22
CA GLY N 410 -44.32 -48.27 24.84
C GLY N 410 -44.32 -47.05 23.95
N TYR N 411 -45.50 -46.50 23.73
CA TYR N 411 -45.66 -45.25 23.00
C TYR N 411 -46.50 -44.30 23.82
N SER N 412 -46.01 -43.06 23.96
CA SER N 412 -46.76 -42.01 24.61
C SER N 412 -47.91 -41.62 23.70
N ARG N 413 -49.12 -42.09 24.02
CA ARG N 413 -50.24 -42.01 23.09
C ARG N 413 -50.72 -40.57 22.95
N LEU N 414 -51.79 -40.40 22.18
CA LEU N 414 -52.46 -39.13 21.99
C LEU N 414 -53.61 -39.00 22.98
N GLU N 415 -53.79 -37.80 23.53
CA GLU N 415 -54.89 -37.57 24.46
C GLU N 415 -55.28 -36.11 24.41
N CYS N 416 -56.37 -35.80 23.73
CA CYS N 416 -56.94 -34.45 23.69
C CYS N 416 -58.38 -34.57 24.13
N LYS N 417 -58.60 -34.49 25.44
CA LYS N 417 -59.91 -34.71 26.03
C LYS N 417 -60.37 -33.46 26.77
N LYS N 418 -61.67 -33.20 26.72
CA LYS N 418 -62.27 -32.09 27.43
C LYS N 418 -62.93 -32.58 28.71
N LYS N 419 -62.77 -31.81 29.78
CA LYS N 419 -63.31 -32.17 31.09
C LYS N 419 -64.10 -31.00 31.64
N CYS N 420 -65.35 -31.26 32.04
CA CYS N 420 -66.18 -30.27 32.70
C CYS N 420 -65.79 -30.15 34.17
N THR N 421 -65.85 -28.92 34.69
CA THR N 421 -65.53 -28.71 36.10
C THR N 421 -66.73 -29.02 36.98
N LEU N 422 -67.81 -28.26 36.82
CA LEU N 422 -69.05 -28.50 37.54
C LEU N 422 -70.26 -28.37 36.61
N LYS N 423 -70.16 -28.95 35.41
CA LYS N 423 -71.18 -29.00 34.38
C LYS N 423 -71.49 -27.62 33.79
N ILE N 424 -70.89 -26.55 34.29
CA ILE N 424 -71.14 -25.21 33.76
C ILE N 424 -70.06 -24.90 32.74
N PHE N 425 -68.81 -24.97 33.16
CA PHE N 425 -67.70 -24.77 32.25
C PHE N 425 -66.90 -26.06 32.11
N CYS N 426 -66.18 -26.17 31.00
CA CYS N 426 -65.36 -27.33 30.72
C CYS N 426 -63.99 -26.87 30.25
N LYS N 427 -62.98 -27.66 30.61
CA LYS N 427 -61.61 -27.43 30.18
C LYS N 427 -61.18 -28.64 29.36
N THR N 428 -60.28 -28.41 28.41
CA THR N 428 -59.68 -29.48 27.63
C THR N 428 -58.29 -29.72 28.20
N VAL N 429 -58.11 -30.85 28.87
CA VAL N 429 -56.86 -31.17 29.53
C VAL N 429 -56.10 -32.14 28.61
N CYS N 430 -55.31 -31.58 27.70
CA CYS N 430 -54.49 -32.41 26.84
C CYS N 430 -53.28 -32.88 27.62
N GLU N 431 -53.18 -34.19 27.84
CA GLU N 431 -52.08 -34.73 28.63
C GLU N 431 -51.80 -36.14 28.13
N ASP N 432 -50.77 -36.27 27.29
CA ASP N 432 -50.43 -37.53 26.66
C ASP N 432 -49.79 -38.46 27.68
N VAL N 433 -50.21 -39.72 27.68
CA VAL N 433 -49.88 -40.65 28.75
C VAL N 433 -49.06 -41.81 28.20
N PHE N 434 -48.17 -42.31 29.05
CA PHE N 434 -47.40 -43.50 28.75
C PHE N 434 -48.32 -44.72 28.67
N ARG N 435 -47.89 -45.72 27.90
CA ARG N 435 -48.61 -46.99 27.83
C ARG N 435 -47.72 -48.04 27.18
N VAL N 436 -47.49 -49.14 27.88
CA VAL N 436 -46.81 -50.30 27.32
C VAL N 436 -47.87 -51.14 26.62
N ALA N 437 -47.91 -51.04 25.29
CA ALA N 437 -48.74 -51.95 24.53
C ALA N 437 -48.01 -53.26 24.32
N LYS N 438 -48.78 -54.32 24.06
CA LYS N 438 -48.21 -55.62 23.76
C LYS N 438 -49.05 -56.29 22.68
N ALA N 439 -48.38 -57.00 21.79
CA ALA N 439 -49.03 -57.79 20.76
C ALA N 439 -48.38 -59.17 20.73
N GLU N 440 -49.21 -60.20 20.54
CA GLU N 440 -48.73 -61.57 20.41
C GLU N 440 -48.72 -61.91 18.93
N PHE N 441 -47.53 -61.97 18.36
CA PHE N 441 -47.35 -62.26 16.95
C PHE N 441 -47.45 -63.77 16.72
N ARG N 442 -48.50 -64.19 16.03
CA ARG N 442 -48.73 -65.60 15.72
C ARG N 442 -48.54 -65.79 14.21
N ALA N 443 -47.41 -66.38 13.84
CA ALA N 443 -47.18 -66.71 12.45
C ALA N 443 -47.76 -68.09 12.14
N TYR N 444 -48.40 -68.20 10.98
CA TYR N 444 -49.06 -69.43 10.57
C TYR N 444 -48.57 -69.80 9.18
N TRP N 445 -47.55 -70.65 9.11
CA TRP N 445 -46.99 -71.01 7.82
C TRP N 445 -48.03 -71.73 6.97
N CYS N 446 -48.18 -71.26 5.73
CA CYS N 446 -49.14 -71.84 4.82
C CYS N 446 -48.44 -72.88 3.96
N VAL N 447 -49.00 -74.09 3.94
CA VAL N 447 -48.43 -75.22 3.22
C VAL N 447 -49.56 -75.97 2.52
N ALA N 448 -49.29 -76.47 1.32
CA ALA N 448 -50.28 -77.24 0.60
C ALA N 448 -50.60 -78.53 1.33
N ALA N 449 -51.86 -78.94 1.21
CA ALA N 449 -52.28 -80.19 1.83
C ALA N 449 -51.85 -81.40 1.00
N GLY N 450 -52.19 -81.39 -0.29
CA GLY N 450 -51.80 -82.47 -1.17
C GLY N 450 -51.39 -81.99 -2.56
N GLN N 451 -51.79 -82.73 -3.59
CA GLN N 451 -51.47 -82.35 -4.95
C GLN N 451 -52.17 -81.05 -5.31
N VAL N 452 -51.43 -80.12 -5.89
CA VAL N 452 -51.96 -78.78 -6.15
C VAL N 452 -52.51 -78.72 -7.57
N PRO N 453 -53.64 -78.06 -7.80
CA PRO N 453 -54.02 -77.68 -9.17
C PRO N 453 -53.23 -76.45 -9.59
N ASP N 454 -52.60 -76.52 -10.76
CA ASP N 454 -51.72 -75.44 -11.20
C ASP N 454 -52.47 -74.14 -11.47
N ASN N 455 -53.80 -74.18 -11.50
CA ASN N 455 -54.57 -72.96 -11.70
C ASN N 455 -54.47 -72.02 -10.50
N SER N 456 -54.42 -72.58 -9.28
CA SER N 456 -54.38 -71.78 -8.07
C SER N 456 -53.35 -72.32 -7.08
N GLY N 457 -52.27 -72.90 -7.60
CA GLY N 457 -51.17 -73.34 -6.78
C GLY N 457 -49.87 -72.77 -7.26
N LEU N 458 -49.21 -71.96 -6.43
CA LEU N 458 -48.06 -71.19 -6.85
C LEU N 458 -46.83 -71.50 -6.02
N LEU N 459 -45.67 -71.24 -6.62
CA LEU N 459 -44.35 -71.39 -6.00
C LEU N 459 -43.74 -70.02 -5.77
N PHE N 460 -42.86 -69.94 -4.77
CA PHE N 460 -42.35 -68.66 -4.31
C PHE N 460 -40.89 -68.83 -3.90
N GLY N 461 -40.37 -67.85 -3.16
CA GLY N 461 -39.01 -67.92 -2.64
C GLY N 461 -38.44 -66.58 -2.25
N GLY N 462 -37.55 -66.57 -1.26
CA GLY N 462 -36.87 -65.35 -0.86
C GLY N 462 -37.20 -64.90 0.55
N VAL N 463 -36.28 -65.06 1.49
CA VAL N 463 -36.48 -64.71 2.88
C VAL N 463 -35.21 -64.08 3.43
N PHE N 464 -35.35 -63.03 4.23
CA PHE N 464 -34.22 -62.31 4.81
C PHE N 464 -34.74 -61.28 5.79
N THR N 465 -33.86 -60.85 6.68
CA THR N 465 -34.16 -59.78 7.61
C THR N 465 -33.41 -58.52 7.21
N ASP N 466 -33.61 -57.44 7.97
CA ASP N 466 -32.81 -56.24 7.77
C ASP N 466 -31.35 -56.46 8.16
N LYS N 467 -31.09 -57.44 9.03
CA LYS N 467 -29.75 -57.74 9.49
C LYS N 467 -29.14 -58.95 8.79
N THR N 468 -29.91 -60.00 8.57
CA THR N 468 -29.43 -61.17 7.86
C THR N 468 -29.55 -60.95 6.36
N ILE N 469 -28.47 -61.24 5.65
CA ILE N 469 -28.42 -61.06 4.20
C ILE N 469 -29.32 -62.09 3.53
N ASN N 470 -29.81 -61.75 2.35
CA ASN N 470 -30.60 -62.69 1.54
C ASN N 470 -29.68 -63.45 0.61
N PRO N 471 -29.23 -64.66 0.94
CA PRO N 471 -28.36 -65.40 0.01
C PRO N 471 -29.07 -65.79 -1.27
N MET N 472 -30.40 -65.87 -1.25
CA MET N 472 -31.19 -65.98 -2.47
C MET N 472 -30.74 -64.96 -3.51
N THR N 473 -30.78 -63.68 -3.15
CA THR N 473 -30.41 -62.62 -4.09
C THR N 473 -29.06 -62.00 -3.75
N ASN N 474 -28.41 -62.42 -2.66
CA ASN N 474 -27.15 -61.82 -2.19
C ASN N 474 -27.32 -60.32 -1.96
N ALA N 475 -28.44 -59.94 -1.36
CA ALA N 475 -28.72 -58.52 -1.10
C ALA N 475 -29.58 -58.44 0.15
N GLN N 476 -30.13 -57.25 0.41
CA GLN N 476 -31.03 -57.01 1.53
C GLN N 476 -32.37 -56.44 1.06
N SER N 477 -32.80 -56.85 -0.13
CA SER N 477 -34.03 -56.37 -0.72
C SER N 477 -34.71 -57.50 -1.46
N CYS N 478 -35.73 -57.17 -2.19
CA CYS N 478 -36.46 -58.16 -2.96
C CYS N 478 -35.92 -58.25 -4.38
N PRO N 479 -35.74 -59.46 -4.90
CA PRO N 479 -35.39 -59.60 -6.32
C PRO N 479 -36.54 -59.17 -7.20
N ALA N 480 -36.22 -58.95 -8.47
CA ALA N 480 -37.20 -58.43 -9.42
C ALA N 480 -38.36 -59.39 -9.57
N GLY N 481 -39.58 -58.84 -9.60
CA GLY N 481 -40.78 -59.65 -9.65
C GLY N 481 -41.16 -60.27 -8.32
N TYR N 482 -40.85 -59.61 -7.20
CA TYR N 482 -41.12 -60.14 -5.87
C TYR N 482 -41.67 -59.03 -5.00
N ILE N 483 -42.83 -59.25 -4.40
CA ILE N 483 -43.29 -58.42 -3.30
C ILE N 483 -42.63 -58.95 -2.04
N PRO N 484 -41.94 -58.14 -1.26
CA PRO N 484 -41.44 -58.62 0.02
C PRO N 484 -42.56 -58.65 1.05
N LEU N 485 -43.06 -59.85 1.35
CA LEU N 485 -44.15 -60.00 2.31
C LEU N 485 -43.53 -60.11 3.70
N ASN N 486 -43.76 -59.10 4.52
CA ASN N 486 -43.07 -58.98 5.81
C ASN N 486 -43.73 -59.84 6.88
N LEU N 487 -43.92 -61.12 6.53
CA LEU N 487 -44.62 -62.08 7.38
C LEU N 487 -44.16 -62.07 8.83
N PHE N 488 -42.87 -61.88 9.07
CA PHE N 488 -42.32 -62.09 10.40
C PHE N 488 -42.01 -60.75 11.07
N GLU N 489 -41.40 -60.81 12.25
CA GLU N 489 -40.97 -59.59 12.95
C GLU N 489 -40.07 -58.74 12.06
N SER N 490 -39.07 -59.35 11.43
CA SER N 490 -38.16 -58.63 10.55
C SER N 490 -37.96 -59.29 9.19
N LEU N 491 -38.55 -60.46 8.95
CA LEU N 491 -38.42 -61.11 7.66
C LEU N 491 -39.30 -60.41 6.64
N LYS N 492 -38.85 -60.37 5.40
CA LYS N 492 -39.65 -59.90 4.28
C LYS N 492 -39.67 -61.04 3.27
N VAL N 493 -40.61 -61.95 3.45
CA VAL N 493 -40.67 -63.17 2.63
C VAL N 493 -41.07 -62.75 1.22
N CYS N 494 -40.13 -62.78 0.30
CA CYS N 494 -40.38 -62.42 -1.09
C CYS N 494 -41.31 -63.45 -1.74
N VAL N 495 -42.16 -62.97 -2.63
CA VAL N 495 -43.17 -63.81 -3.27
C VAL N 495 -42.86 -63.92 -4.76
N SER N 496 -42.80 -65.15 -5.27
CA SER N 496 -42.76 -65.38 -6.70
C SER N 496 -44.19 -65.43 -7.24
N LEU N 497 -44.86 -64.28 -7.09
CA LEU N 497 -46.27 -64.17 -7.45
C LEU N 497 -46.51 -64.39 -8.94
N ASP N 498 -45.47 -64.31 -9.77
CA ASP N 498 -45.59 -64.51 -11.20
C ASP N 498 -44.60 -65.56 -11.68
N TYR N 499 -44.98 -66.28 -12.74
CA TYR N 499 -44.16 -67.33 -13.32
C TYR N 499 -42.87 -66.79 -13.92
N GLU N 500 -42.88 -65.51 -14.32
CA GLU N 500 -42.09 -65.05 -15.46
C GLU N 500 -40.62 -65.44 -15.33
N LEU N 501 -39.93 -64.90 -14.35
CA LEU N 501 -38.55 -65.32 -14.11
C LEU N 501 -38.46 -66.28 -12.94
N GLY N 502 -39.55 -66.48 -12.22
CA GLY N 502 -39.59 -67.42 -11.13
C GLY N 502 -39.29 -68.84 -11.57
N PHE N 503 -39.82 -69.23 -12.74
CA PHE N 503 -39.60 -70.59 -13.24
C PHE N 503 -38.13 -70.99 -13.20
N LYS N 504 -37.22 -70.05 -13.44
CA LYS N 504 -35.79 -70.31 -13.37
C LYS N 504 -35.13 -69.76 -12.13
N PHE N 505 -35.80 -68.87 -11.39
CA PHE N 505 -35.31 -68.40 -10.10
C PHE N 505 -36.46 -68.55 -9.11
N SER N 506 -36.66 -69.79 -8.63
CA SER N 506 -37.68 -70.10 -7.63
C SER N 506 -37.10 -70.77 -6.40
N VAL N 507 -36.32 -71.83 -6.60
CA VAL N 507 -35.80 -72.66 -5.51
C VAL N 507 -36.97 -73.21 -4.71
N PRO N 508 -37.64 -74.26 -5.20
CA PRO N 508 -38.98 -74.63 -4.70
C PRO N 508 -38.99 -75.08 -3.24
N PHE N 509 -39.11 -74.10 -2.36
CA PHE N 509 -38.95 -74.24 -0.92
C PHE N 509 -40.00 -75.19 -0.33
N GLY N 510 -39.86 -75.41 0.97
CA GLY N 510 -40.92 -75.92 1.81
C GLY N 510 -41.10 -75.04 3.03
N GLY N 511 -41.70 -75.63 4.07
CA GLY N 511 -41.95 -74.88 5.28
C GLY N 511 -41.51 -75.56 6.55
N PHE N 512 -41.27 -74.78 7.61
CA PHE N 512 -40.82 -75.35 8.87
C PHE N 512 -41.06 -74.35 9.98
N PHE N 513 -41.59 -74.84 11.10
CA PHE N 513 -41.88 -74.01 12.26
C PHE N 513 -40.58 -73.69 13.00
N SER N 514 -40.68 -73.17 14.21
CA SER N 514 -39.49 -73.01 15.02
C SER N 514 -39.05 -74.36 15.57
N CYS N 515 -37.81 -74.39 16.11
CA CYS N 515 -37.28 -75.63 16.65
C CYS N 515 -38.10 -76.12 17.84
N ILE N 516 -38.80 -75.22 18.51
CA ILE N 516 -39.71 -75.63 19.59
C ILE N 516 -41.09 -75.95 19.06
N MET N 517 -41.57 -75.22 18.05
CA MET N 517 -42.84 -75.51 17.40
C MET N 517 -42.67 -76.75 16.52
N GLY N 518 -43.75 -77.15 15.85
CA GLY N 518 -43.74 -78.39 15.09
C GLY N 518 -43.14 -78.27 13.70
N ASN N 519 -43.85 -78.81 12.71
CA ASN N 519 -43.38 -78.84 11.33
C ASN N 519 -44.52 -79.30 10.44
N PRO N 520 -44.55 -78.86 9.18
CA PRO N 520 -45.71 -79.19 8.33
C PRO N 520 -45.61 -80.54 7.62
N LEU N 521 -44.41 -81.05 7.37
CA LEU N 521 -44.26 -82.20 6.49
C LEU N 521 -43.54 -83.35 7.19
N VAL N 522 -43.50 -84.48 6.48
CA VAL N 522 -43.02 -85.73 7.05
C VAL N 522 -41.51 -85.87 6.83
N ASN N 523 -40.88 -86.67 7.68
CA ASN N 523 -39.48 -87.03 7.51
C ASN N 523 -39.38 -88.51 7.17
N ALA N 532 -53.15 -86.33 10.85
CA ALA N 532 -52.69 -87.34 11.78
C ALA N 532 -51.41 -86.90 12.47
N PRO N 533 -51.54 -86.07 13.51
CA PRO N 533 -50.35 -85.56 14.19
C PRO N 533 -49.63 -86.63 15.00
N SER N 534 -48.51 -87.10 14.47
CA SER N 534 -47.66 -88.05 15.17
C SER N 534 -46.19 -87.67 15.17
N LEU N 535 -45.76 -86.79 14.27
CA LEU N 535 -44.38 -86.39 14.16
C LEU N 535 -44.19 -84.95 14.58
N LYS N 536 -43.05 -84.67 15.22
CA LYS N 536 -42.67 -83.29 15.52
C LYS N 536 -41.15 -83.20 15.47
N LYS N 537 -40.63 -82.89 14.29
CA LYS N 537 -39.21 -82.65 14.04
C LYS N 537 -39.06 -82.27 12.57
N CYS N 538 -37.88 -81.76 12.22
CA CYS N 538 -37.66 -81.11 10.94
C CYS N 538 -38.37 -81.87 9.82
N PRO N 539 -39.17 -81.18 8.99
CA PRO N 539 -40.01 -81.88 8.01
C PRO N 539 -39.23 -82.40 6.82
N GLY N 540 -38.67 -83.60 6.97
CA GLY N 540 -37.82 -84.16 5.94
C GLY N 540 -36.36 -83.88 6.23
N GLY N 541 -35.62 -83.46 5.22
CA GLY N 541 -34.23 -83.11 5.41
C GLY N 541 -34.05 -81.63 5.69
N PHE N 542 -33.21 -80.98 4.87
CA PHE N 542 -32.88 -79.56 5.02
C PHE N 542 -32.36 -79.27 6.43
N SER N 543 -31.14 -79.77 6.65
CA SER N 543 -30.44 -79.54 7.92
C SER N 543 -30.37 -78.05 8.21
N GLN N 544 -29.90 -77.71 9.41
CA GLN N 544 -30.21 -76.41 10.02
C GLN N 544 -29.52 -75.31 9.20
N HIS N 545 -30.22 -74.89 8.15
CA HIS N 545 -29.81 -73.75 7.34
C HIS N 545 -30.52 -72.51 7.90
N LEU N 546 -29.82 -71.77 8.75
CA LEU N 546 -30.43 -70.68 9.50
C LEU N 546 -31.06 -69.65 8.57
N ALA N 547 -32.18 -69.11 9.01
CA ALA N 547 -32.80 -67.96 8.36
C ALA N 547 -32.98 -66.78 9.32
N VAL N 548 -33.37 -67.04 10.56
CA VAL N 548 -33.58 -65.99 11.55
C VAL N 548 -33.70 -66.64 12.93
N ILE N 549 -33.25 -65.93 13.96
CA ILE N 549 -33.47 -66.36 15.33
C ILE N 549 -34.54 -65.47 15.94
N SER N 550 -35.40 -66.07 16.75
CA SER N 550 -36.41 -65.32 17.49
C SER N 550 -36.30 -65.71 18.96
N ASP N 551 -35.74 -64.81 19.77
CA ASP N 551 -35.56 -64.97 21.22
C ASP N 551 -35.14 -66.38 21.60
N GLY N 552 -34.19 -66.97 20.88
CA GLY N 552 -33.66 -68.26 21.25
C GLY N 552 -33.95 -69.37 20.27
N CYS N 553 -35.16 -69.40 19.73
CA CYS N 553 -35.54 -70.42 18.76
C CYS N 553 -35.12 -69.98 17.36
N GLN N 554 -34.62 -70.92 16.56
CA GLN N 554 -34.26 -70.63 15.18
C GLN N 554 -35.40 -71.03 14.25
N VAL N 555 -35.64 -70.19 13.26
CA VAL N 555 -36.71 -70.41 12.29
C VAL N 555 -36.07 -70.73 10.94
N SER N 556 -36.29 -71.95 10.47
CA SER N 556 -35.73 -72.41 9.20
C SER N 556 -36.84 -72.96 8.31
N TYR N 557 -36.47 -73.62 7.21
CA TYR N 557 -37.44 -74.14 6.27
C TYR N 557 -36.99 -75.51 5.78
N CYS N 558 -37.59 -75.97 4.69
CA CYS N 558 -37.07 -77.09 3.90
C CYS N 558 -37.09 -76.61 2.45
N VAL N 559 -36.05 -75.91 2.05
CA VAL N 559 -36.03 -75.24 0.76
C VAL N 559 -35.40 -76.17 -0.27
N LYS N 560 -36.24 -76.79 -1.10
CA LYS N 560 -35.78 -77.64 -2.18
C LYS N 560 -35.29 -76.77 -3.32
N ALA N 561 -34.33 -77.28 -4.07
CA ALA N 561 -33.70 -76.54 -5.15
C ALA N 561 -33.76 -77.33 -6.46
N GLY N 562 -34.94 -77.84 -6.80
CA GLY N 562 -35.09 -78.70 -7.94
C GLY N 562 -35.02 -77.99 -9.29
N ILE N 563 -35.84 -78.44 -10.24
CA ILE N 563 -35.76 -77.98 -11.61
C ILE N 563 -36.19 -76.52 -11.75
N THR O 13 4.86 -61.46 -22.36
CA THR O 13 3.65 -61.14 -21.64
C THR O 13 3.87 -59.92 -20.76
N GLY O 14 4.80 -59.07 -21.16
CA GLY O 14 5.17 -57.89 -20.38
C GLY O 14 4.39 -56.70 -20.90
N PHE O 15 3.39 -56.27 -20.14
CA PHE O 15 2.63 -55.10 -20.52
C PHE O 15 3.43 -53.82 -20.46
N GLN O 16 4.64 -53.87 -19.90
CA GLN O 16 5.43 -52.65 -19.71
C GLN O 16 5.72 -51.95 -21.02
N ILE O 17 5.72 -52.68 -22.14
CA ILE O 17 6.06 -52.06 -23.42
C ILE O 17 5.10 -50.94 -23.76
N CYS O 18 3.80 -51.23 -23.70
CA CYS O 18 2.86 -50.21 -24.14
C CYS O 18 2.30 -49.40 -22.99
N LYS O 19 2.33 -49.92 -21.76
CA LYS O 19 2.22 -49.04 -20.61
C LYS O 19 3.27 -47.95 -20.68
N ASN O 20 4.39 -48.22 -21.36
CA ASN O 20 5.39 -47.20 -21.61
C ASN O 20 5.03 -46.38 -22.85
N ALA O 21 4.53 -47.02 -23.89
CA ALA O 21 4.13 -46.29 -25.09
C ALA O 21 3.07 -45.25 -24.76
N LEU O 22 1.90 -45.71 -24.35
CA LEU O 22 0.84 -44.83 -23.88
C LEU O 22 0.78 -44.91 -22.36
N LYS O 23 0.57 -43.77 -21.72
CA LYS O 23 0.91 -43.63 -20.30
C LYS O 23 -0.18 -44.11 -19.37
N LEU O 24 -1.11 -44.91 -19.81
CA LEU O 24 -2.19 -45.27 -18.91
C LEU O 24 -1.76 -46.40 -17.97
N PRO O 25 -2.41 -46.51 -16.82
CA PRO O 25 -2.11 -47.60 -15.90
C PRO O 25 -2.94 -48.84 -16.20
N VAL O 26 -2.31 -50.00 -16.04
CA VAL O 26 -3.00 -51.24 -16.34
C VAL O 26 -4.07 -51.50 -15.30
N LEU O 27 -5.20 -52.04 -15.74
CA LEU O 27 -6.24 -52.45 -14.81
C LEU O 27 -5.68 -53.48 -13.84
N GLU O 28 -6.15 -53.44 -12.61
CA GLU O 28 -5.62 -54.35 -11.60
C GLU O 28 -6.39 -55.66 -11.56
N VAL O 29 -7.70 -55.58 -11.55
CA VAL O 29 -8.52 -56.79 -11.47
C VAL O 29 -8.55 -57.44 -12.84
N LEU O 30 -8.39 -58.76 -12.86
CA LEU O 30 -8.35 -59.46 -14.12
C LEU O 30 -9.00 -60.83 -13.94
N PRO O 31 -9.79 -61.26 -14.88
CA PRO O 31 -10.55 -62.50 -14.69
C PRO O 31 -9.75 -63.76 -14.92
N GLY O 32 -8.81 -63.73 -15.85
CA GLY O 32 -8.15 -64.96 -16.23
C GLY O 32 -7.23 -65.48 -15.14
N GLY O 33 -7.81 -65.92 -14.04
CA GLY O 33 -7.01 -66.39 -12.93
C GLY O 33 -7.75 -67.36 -12.03
N GLY O 34 -7.14 -68.50 -11.74
CA GLY O 34 -7.78 -69.49 -10.91
C GLY O 34 -8.17 -68.94 -9.55
N TRP O 35 -9.02 -69.68 -8.86
CA TRP O 35 -9.64 -69.18 -7.66
C TRP O 35 -10.09 -70.34 -6.80
N ASP O 36 -9.58 -70.42 -5.57
CA ASP O 36 -9.96 -71.47 -4.65
C ASP O 36 -11.32 -71.12 -4.06
N ASN O 37 -12.31 -71.97 -4.28
CA ASN O 37 -13.64 -71.70 -3.76
C ASN O 37 -13.76 -72.09 -2.30
N LEU O 38 -12.90 -72.97 -1.80
CA LEU O 38 -12.99 -73.37 -0.40
C LEU O 38 -12.32 -72.34 0.51
N ARG O 39 -11.01 -72.16 0.36
CA ARG O 39 -10.33 -71.11 1.09
C ARG O 39 -10.84 -69.73 0.73
N ASN O 40 -11.44 -69.59 -0.45
CA ASN O 40 -12.02 -68.32 -0.90
C ASN O 40 -10.94 -67.25 -1.10
N VAL O 41 -9.97 -67.52 -1.98
CA VAL O 41 -8.87 -66.62 -2.24
C VAL O 41 -8.25 -66.95 -3.61
N ASP O 42 -7.86 -65.90 -4.36
CA ASP O 42 -7.28 -66.09 -5.67
C ASP O 42 -6.08 -67.03 -5.61
N MET O 43 -5.82 -67.74 -6.71
CA MET O 43 -4.78 -68.75 -6.70
C MET O 43 -3.71 -68.56 -7.76
N GLY O 44 -4.05 -68.28 -9.00
CA GLY O 44 -3.01 -68.14 -10.00
C GLY O 44 -3.59 -68.07 -11.40
N ARG O 45 -2.74 -67.68 -12.34
CA ARG O 45 -3.17 -67.56 -13.73
C ARG O 45 -3.72 -68.89 -14.22
N VAL O 46 -4.77 -68.81 -15.05
CA VAL O 46 -5.19 -69.99 -15.79
C VAL O 46 -5.29 -69.65 -17.26
N MET O 47 -6.10 -68.65 -17.58
CA MET O 47 -6.19 -68.14 -18.94
C MET O 47 -5.09 -67.10 -19.14
N ASP O 48 -4.24 -67.31 -20.14
CA ASP O 48 -3.09 -66.43 -20.30
C ASP O 48 -3.54 -65.03 -20.67
N LEU O 49 -2.76 -64.04 -20.24
CA LEU O 49 -3.05 -62.64 -20.51
C LEU O 49 -1.84 -62.04 -21.20
N THR O 50 -1.96 -61.81 -22.49
CA THR O 50 -0.92 -61.14 -23.26
C THR O 50 -1.22 -59.66 -23.33
N TYR O 51 -0.33 -58.94 -24.00
CA TYR O 51 -0.58 -57.53 -24.26
C TYR O 51 -0.09 -57.14 -25.64
N THR O 52 -0.20 -58.05 -26.60
CA THR O 52 0.44 -57.85 -27.90
C THR O 52 -0.14 -56.64 -28.62
N ASN O 53 -1.38 -56.73 -29.07
CA ASN O 53 -2.01 -55.63 -29.78
C ASN O 53 -2.61 -54.68 -28.76
N CYS O 54 -1.79 -54.18 -27.85
CA CYS O 54 -2.26 -53.91 -26.51
C CYS O 54 -3.50 -53.03 -26.51
N LYS O 55 -4.57 -53.56 -25.92
CA LYS O 55 -5.88 -52.94 -25.92
C LYS O 55 -5.87 -51.75 -24.97
N THR O 56 -7.04 -51.20 -24.74
CA THR O 56 -7.28 -50.20 -23.71
C THR O 56 -8.77 -50.02 -23.62
N THR O 57 -9.25 -49.69 -22.43
CA THR O 57 -10.67 -49.47 -22.26
C THR O 57 -11.12 -48.31 -23.12
N GLU O 58 -12.39 -48.30 -23.48
CA GLU O 58 -12.90 -47.30 -24.40
C GLU O 58 -12.63 -45.90 -23.89
N ASP O 59 -13.14 -45.58 -22.71
CA ASP O 59 -12.78 -44.32 -22.06
C ASP O 59 -11.35 -44.48 -21.58
N GLY O 60 -10.42 -44.31 -22.51
CA GLY O 60 -9.09 -44.83 -22.27
C GLY O 60 -8.48 -44.27 -21.02
N GLN O 61 -8.54 -45.06 -19.96
CA GLN O 61 -7.75 -44.80 -18.77
C GLN O 61 -7.29 -46.10 -18.13
N TYR O 62 -7.14 -47.15 -18.93
CA TYR O 62 -6.57 -48.40 -18.45
C TYR O 62 -6.02 -49.14 -19.66
N ILE O 63 -5.30 -50.22 -19.39
CA ILE O 63 -4.76 -51.10 -20.44
C ILE O 63 -5.18 -52.51 -20.09
N ILE O 64 -6.33 -52.94 -20.60
CA ILE O 64 -6.75 -54.30 -20.35
C ILE O 64 -5.85 -55.22 -21.16
N PRO O 65 -5.66 -56.46 -20.76
CA PRO O 65 -4.97 -57.41 -21.62
C PRO O 65 -5.91 -57.86 -22.73
N ASP O 66 -5.33 -58.23 -23.84
CA ASP O 66 -6.12 -58.42 -25.05
C ASP O 66 -6.89 -59.72 -25.05
N GLU O 67 -7.03 -60.36 -23.90
CA GLU O 67 -7.95 -61.49 -23.76
C GLU O 67 -9.15 -61.14 -22.91
N VAL O 68 -9.38 -59.87 -22.63
CA VAL O 68 -10.54 -59.47 -21.84
C VAL O 68 -11.18 -58.24 -22.49
N TYR O 69 -12.47 -58.08 -22.26
CA TYR O 69 -13.20 -56.92 -22.72
C TYR O 69 -14.02 -56.39 -21.57
N THR O 70 -14.23 -55.08 -21.55
CA THR O 70 -14.90 -54.43 -20.44
C THR O 70 -16.20 -53.80 -20.92
N ILE O 71 -17.12 -53.62 -19.97
CA ILE O 71 -18.40 -52.97 -20.22
C ILE O 71 -18.72 -52.06 -19.04
N PRO O 72 -18.62 -50.76 -19.21
CA PRO O 72 -18.45 -49.88 -18.06
C PRO O 72 -19.74 -49.32 -17.49
N GLN O 73 -19.91 -49.37 -16.16
CA GLN O 73 -21.01 -48.70 -15.48
C GLN O 73 -20.87 -48.81 -13.97
N LYS O 74 -21.18 -47.75 -13.20
CA LYS O 74 -21.85 -47.86 -11.90
C LYS O 74 -21.87 -46.56 -11.12
N GLU O 75 -22.59 -46.57 -9.98
CA GLU O 75 -22.28 -45.91 -8.70
C GLU O 75 -23.44 -46.18 -7.77
N SER O 76 -23.16 -46.18 -6.47
CA SER O 76 -24.24 -46.34 -5.50
C SER O 76 -23.69 -46.10 -4.10
N ASN O 77 -24.43 -45.34 -3.29
CA ASN O 77 -24.08 -45.22 -1.89
C ASN O 77 -25.32 -44.84 -1.10
N LEU O 78 -25.21 -44.91 0.22
CA LEU O 78 -26.34 -44.57 1.05
C LEU O 78 -25.86 -44.22 2.45
N GLU O 79 -26.30 -43.06 2.94
CA GLU O 79 -26.01 -42.60 4.28
C GLU O 79 -27.27 -42.73 5.12
N MET O 80 -27.07 -42.90 6.42
CA MET O 80 -28.21 -42.96 7.34
C MET O 80 -27.67 -42.87 8.76
N ASN O 81 -28.40 -42.16 9.60
CA ASN O 81 -28.01 -42.03 11.00
C ASN O 81 -29.25 -41.77 11.84
N SER O 82 -29.09 -41.80 13.16
CA SER O 82 -30.19 -41.63 14.08
C SER O 82 -29.72 -40.81 15.27
N GLU O 83 -30.64 -40.60 16.22
CA GLU O 83 -30.40 -39.69 17.32
C GLU O 83 -31.33 -40.04 18.47
N VAL O 84 -30.89 -39.76 19.69
CA VAL O 84 -31.68 -39.99 20.89
C VAL O 84 -31.17 -39.06 21.99
N LEU O 85 -32.07 -38.37 22.67
CA LEU O 85 -31.72 -37.51 23.80
C LEU O 85 -32.68 -37.75 24.96
N GLU O 86 -32.36 -37.13 26.10
CA GLU O 86 -33.18 -37.17 27.30
C GLU O 86 -32.80 -36.00 28.20
N SER O 87 -33.63 -35.76 29.22
CA SER O 87 -33.30 -34.84 30.30
C SER O 87 -34.38 -34.94 31.37
N TRP O 88 -33.97 -34.90 32.65
CA TRP O 88 -34.89 -35.01 33.78
C TRP O 88 -34.57 -33.93 34.81
N MET O 89 -35.46 -33.76 35.78
CA MET O 89 -35.28 -32.79 36.87
C MET O 89 -36.07 -33.25 38.10
N ASN O 90 -35.99 -32.47 39.18
CA ASN O 90 -36.79 -32.65 40.39
C ASN O 90 -36.71 -31.39 41.25
N TYR O 91 -37.27 -31.49 42.46
CA TYR O 91 -37.45 -30.34 43.35
C TYR O 91 -37.67 -30.83 44.79
N GLN O 92 -38.13 -29.92 45.66
CA GLN O 92 -37.95 -30.05 47.10
C GLN O 92 -39.20 -29.85 47.97
N SER O 93 -39.00 -29.77 49.29
CA SER O 93 -40.07 -29.64 50.27
C SER O 93 -39.52 -28.96 51.51
N THR O 94 -40.41 -28.42 52.35
CA THR O 94 -40.00 -27.58 53.48
C THR O 94 -41.12 -27.50 54.52
N THR O 95 -40.72 -27.49 55.80
CA THR O 95 -41.64 -27.22 56.90
C THR O 95 -40.95 -26.30 57.91
N SER O 96 -41.75 -25.67 58.76
CA SER O 96 -41.23 -24.77 59.78
C SER O 96 -42.34 -24.40 60.75
N LEU O 97 -42.03 -24.37 62.05
CA LEU O 97 -42.99 -23.99 63.09
C LEU O 97 -42.24 -23.22 64.17
N SER O 98 -42.74 -22.03 64.53
CA SER O 98 -42.08 -21.14 65.48
C SER O 98 -43.11 -20.73 66.53
N ILE O 99 -43.07 -21.40 67.69
CA ILE O 99 -44.20 -21.34 68.62
C ILE O 99 -43.77 -21.17 70.07
N ASN O 100 -44.15 -20.06 70.70
CA ASN O 100 -44.69 -20.04 72.07
C ASN O 100 -44.74 -18.59 72.55
N THR O 101 -45.30 -18.41 73.75
CA THR O 101 -45.18 -17.19 74.53
C THR O 101 -45.64 -17.52 75.95
N GLU O 102 -45.38 -16.59 76.88
CA GLU O 102 -45.90 -16.70 78.24
C GLU O 102 -45.66 -15.38 78.98
N LEU O 103 -46.53 -15.08 79.94
CA LEU O 103 -46.42 -13.94 80.84
C LEU O 103 -47.38 -14.13 82.01
N ALA O 104 -47.08 -13.44 83.11
CA ALA O 104 -48.03 -13.18 84.19
C ALA O 104 -47.38 -12.23 85.18
N LEU O 105 -48.22 -11.65 86.05
CA LEU O 105 -47.73 -10.78 87.12
C LEU O 105 -47.91 -11.38 88.50
N PHE O 106 -48.41 -12.61 88.62
CA PHE O 106 -48.65 -13.24 89.91
C PHE O 106 -47.78 -14.46 90.12
N SER O 107 -47.85 -15.46 89.25
CA SER O 107 -47.10 -16.70 89.47
C SER O 107 -46.37 -17.25 88.25
N ARG O 108 -46.82 -16.98 87.01
CA ARG O 108 -46.33 -17.73 85.86
C ARG O 108 -45.99 -16.78 84.71
N VAL O 109 -44.77 -16.23 84.73
CA VAL O 109 -44.24 -15.43 83.63
C VAL O 109 -43.00 -16.12 83.07
N ASN O 110 -43.06 -16.50 81.81
CA ASN O 110 -41.99 -17.24 81.15
C ASN O 110 -41.78 -16.74 79.74
N GLY O 111 -40.97 -17.47 78.99
CA GLY O 111 -40.79 -17.23 77.57
C GLY O 111 -40.39 -18.51 76.87
N LYS O 112 -40.82 -18.71 75.63
CA LYS O 112 -40.46 -19.89 74.89
C LYS O 112 -40.63 -19.63 73.40
N PHE O 113 -39.71 -20.16 72.60
CA PHE O 113 -39.82 -20.17 71.13
C PHE O 113 -39.09 -21.41 70.64
N SER O 114 -39.81 -22.51 70.44
CA SER O 114 -39.20 -23.75 69.97
C SER O 114 -39.27 -23.82 68.44
N THR O 115 -38.70 -22.80 67.80
CA THR O 115 -38.77 -22.68 66.36
C THR O 115 -37.96 -23.77 65.67
N GLU O 116 -38.47 -24.27 64.55
CA GLU O 116 -37.84 -25.36 63.83
C GLU O 116 -37.89 -25.09 62.33
N PHE O 117 -36.98 -25.74 61.61
CA PHE O 117 -36.94 -25.65 60.16
C PHE O 117 -36.43 -26.97 59.62
N GLN O 118 -37.11 -27.51 58.62
CA GLN O 118 -36.64 -28.69 57.91
C GLN O 118 -36.78 -28.41 56.41
N ARG O 119 -35.66 -28.42 55.70
CA ARG O 119 -35.65 -28.24 54.26
C ARG O 119 -34.82 -29.35 53.65
N MET O 120 -35.28 -29.90 52.53
CA MET O 120 -34.57 -30.95 51.81
C MET O 120 -34.73 -30.69 50.32
N LYS O 121 -33.70 -30.10 49.71
CA LYS O 121 -33.69 -29.85 48.27
C LYS O 121 -32.92 -30.96 47.58
N THR O 122 -33.60 -31.68 46.69
CA THR O 122 -32.95 -32.71 45.88
C THR O 122 -33.17 -32.39 44.42
N LEU O 123 -32.10 -32.37 43.65
CA LEU O 123 -32.16 -32.31 42.20
C LEU O 123 -31.66 -33.61 41.62
N GLN O 124 -32.15 -33.94 40.43
CA GLN O 124 -31.67 -35.11 39.69
C GLN O 124 -31.76 -34.78 38.21
N VAL O 125 -30.69 -34.27 37.66
CA VAL O 125 -30.58 -34.12 36.22
C VAL O 125 -30.08 -35.44 35.66
N LYS O 126 -30.55 -35.80 34.47
CA LYS O 126 -30.12 -37.06 33.86
C LYS O 126 -30.20 -36.89 32.35
N ASP O 127 -29.03 -36.76 31.71
CA ASP O 127 -28.93 -36.50 30.28
C ASP O 127 -28.31 -37.71 29.60
N GLN O 128 -28.78 -38.03 28.39
CA GLN O 128 -28.31 -39.22 27.69
C GLN O 128 -28.37 -38.97 26.19
N ALA O 129 -27.25 -38.57 25.59
CA ALA O 129 -27.17 -38.41 24.15
C ALA O 129 -26.72 -39.71 23.51
N VAL O 130 -27.21 -39.95 22.30
CA VAL O 130 -26.82 -41.14 21.53
C VAL O 130 -26.81 -40.81 20.04
N THR O 131 -25.67 -40.98 19.40
CA THR O 131 -25.54 -40.78 17.97
C THR O 131 -25.09 -42.09 17.33
N THR O 132 -25.52 -42.31 16.10
CA THR O 132 -25.17 -43.55 15.41
C THR O 132 -25.27 -43.32 13.91
N ARG O 133 -24.12 -43.17 13.25
CA ARG O 133 -24.08 -43.02 11.81
C ARG O 133 -23.60 -44.32 11.17
N VAL O 134 -24.11 -44.59 9.98
CA VAL O 134 -23.66 -45.70 9.15
C VAL O 134 -23.79 -45.20 7.72
N GLN O 135 -22.74 -45.36 6.92
CA GLN O 135 -22.86 -44.92 5.54
C GLN O 135 -21.86 -45.68 4.68
N VAL O 136 -22.31 -46.10 3.50
CA VAL O 136 -21.64 -47.13 2.72
C VAL O 136 -21.64 -46.71 1.26
N ARG O 137 -20.48 -46.85 0.60
CA ARG O 137 -20.31 -46.53 -0.81
C ARG O 137 -20.03 -47.78 -1.63
N ASN O 138 -20.44 -47.76 -2.89
CA ASN O 138 -20.13 -48.83 -3.83
C ASN O 138 -19.89 -48.28 -5.22
N ARG O 139 -18.96 -48.90 -5.93
CA ARG O 139 -18.72 -48.62 -7.32
C ARG O 139 -18.50 -49.95 -8.03
N ILE O 140 -18.87 -50.03 -9.31
CA ILE O 140 -18.45 -51.19 -10.09
C ILE O 140 -18.00 -50.70 -11.47
N TYR O 141 -17.17 -51.52 -12.15
CA TYR O 141 -16.85 -51.29 -13.55
C TYR O 141 -16.33 -52.60 -14.14
N THR O 142 -17.22 -53.40 -14.72
CA THR O 142 -16.99 -54.84 -14.81
C THR O 142 -16.04 -55.21 -15.93
N VAL O 143 -15.67 -56.50 -15.94
CA VAL O 143 -14.61 -57.05 -16.78
C VAL O 143 -14.92 -58.52 -17.04
N LYS O 144 -14.87 -58.93 -18.29
CA LYS O 144 -15.11 -60.31 -18.67
C LYS O 144 -13.90 -60.85 -19.43
N THR O 145 -13.72 -62.16 -19.38
CA THR O 145 -12.68 -62.80 -20.17
C THR O 145 -13.23 -63.09 -21.56
N THR O 146 -12.40 -62.86 -22.57
CA THR O 146 -12.87 -63.05 -23.93
C THR O 146 -13.23 -64.52 -24.14
N PRO O 147 -14.25 -64.81 -24.95
CA PRO O 147 -14.70 -66.20 -25.10
C PRO O 147 -13.75 -67.07 -25.87
N THR O 148 -12.63 -66.53 -26.36
CA THR O 148 -11.73 -67.29 -27.21
C THR O 148 -10.29 -67.28 -26.70
N SER O 149 -10.08 -67.05 -25.41
CA SER O 149 -8.72 -67.05 -24.92
C SER O 149 -8.26 -68.47 -24.64
N GLU O 150 -6.96 -68.61 -24.46
CA GLU O 150 -6.33 -69.91 -24.28
C GLU O 150 -5.72 -70.03 -22.90
N LEU O 151 -5.43 -71.26 -22.51
CA LEU O 151 -4.87 -71.49 -21.18
C LEU O 151 -3.50 -70.82 -21.07
N SER O 152 -3.08 -70.58 -19.84
CA SER O 152 -1.77 -69.99 -19.61
C SER O 152 -0.69 -71.00 -19.93
N LEU O 153 0.56 -70.56 -19.79
CA LEU O 153 1.67 -71.48 -20.03
C LEU O 153 1.81 -72.47 -18.89
N GLY O 154 1.94 -71.98 -17.66
CA GLY O 154 2.09 -72.87 -16.53
C GLY O 154 0.95 -73.85 -16.39
N PHE O 155 -0.26 -73.40 -16.70
CA PHE O 155 -1.41 -74.30 -16.60
C PHE O 155 -1.28 -75.45 -17.58
N THR O 156 -1.03 -75.14 -18.85
CA THR O 156 -0.83 -76.20 -19.83
C THR O 156 0.32 -77.11 -19.43
N LYS O 157 1.38 -76.53 -18.87
CA LYS O 157 2.51 -77.35 -18.43
C LYS O 157 2.04 -78.38 -17.40
N ALA O 158 1.38 -77.93 -16.35
CA ALA O 158 0.91 -78.86 -15.33
C ALA O 158 -0.05 -79.87 -15.93
N LEU O 159 -0.90 -79.43 -16.84
CA LEU O 159 -1.92 -80.32 -17.40
C LEU O 159 -1.28 -81.43 -18.22
N MET O 160 -0.47 -81.07 -19.21
CA MET O 160 0.18 -82.09 -20.00
C MET O 160 1.19 -82.88 -19.19
N ASP O 161 1.64 -82.36 -18.04
CA ASP O 161 2.44 -83.17 -17.14
C ASP O 161 1.62 -84.30 -16.54
N ILE O 162 0.44 -83.97 -16.03
CA ILE O 162 -0.44 -85.02 -15.54
C ILE O 162 -0.80 -85.98 -16.67
N CYS O 163 -0.94 -85.46 -17.89
CA CYS O 163 -1.26 -86.33 -19.01
C CYS O 163 -0.11 -87.28 -19.32
N ASP O 164 1.13 -86.80 -19.26
CA ASP O 164 2.27 -87.69 -19.42
C ASP O 164 2.34 -88.70 -18.29
N GLN O 165 1.89 -88.32 -17.09
CA GLN O 165 1.86 -89.27 -16.00
C GLN O 165 0.83 -90.36 -16.25
N LEU O 166 -0.31 -90.00 -16.81
CA LEU O 166 -1.34 -91.01 -17.06
C LEU O 166 -0.95 -91.91 -18.23
N GLU O 167 -0.36 -91.35 -19.29
CA GLU O 167 0.18 -92.18 -20.34
C GLU O 167 1.31 -93.07 -19.85
N LYS O 168 2.11 -92.58 -18.91
CA LYS O 168 3.16 -93.35 -18.28
C LYS O 168 2.63 -94.26 -17.20
N ASN O 169 1.30 -94.32 -17.03
CA ASN O 169 0.60 -95.31 -16.23
C ASN O 169 0.84 -95.15 -14.73
N GLN O 170 1.69 -94.21 -14.31
CA GLN O 170 2.03 -94.00 -12.91
C GLN O 170 0.87 -93.28 -12.24
N THR O 171 -0.09 -94.05 -11.73
CA THR O 171 -1.30 -93.47 -11.15
C THR O 171 -0.98 -92.62 -9.93
N LYS O 172 -0.18 -93.16 -9.00
CA LYS O 172 0.09 -92.46 -7.75
C LYS O 172 0.68 -91.09 -8.01
N MET O 173 1.80 -91.03 -8.73
CA MET O 173 2.38 -89.74 -9.07
C MET O 173 1.39 -88.87 -9.84
N ALA O 174 0.57 -89.48 -10.70
CA ALA O 174 -0.40 -88.71 -11.47
C ALA O 174 -1.43 -88.05 -10.57
N THR O 175 -2.07 -88.84 -9.71
CA THR O 175 -3.09 -88.27 -8.84
C THR O 175 -2.48 -87.27 -7.87
N TYR O 176 -1.25 -87.49 -7.42
CA TYR O 176 -0.62 -86.51 -6.57
C TYR O 176 -0.35 -85.22 -7.33
N LEU O 177 0.04 -85.34 -8.60
CA LEU O 177 0.26 -84.14 -9.40
C LEU O 177 -1.03 -83.38 -9.62
N ALA O 178 -2.15 -84.10 -9.79
CA ALA O 178 -3.43 -83.43 -9.93
C ALA O 178 -3.81 -82.73 -8.63
N GLU O 179 -3.56 -83.37 -7.50
CA GLU O 179 -3.83 -82.75 -6.22
C GLU O 179 -2.99 -81.49 -6.05
N LEU O 180 -1.73 -81.56 -6.45
CA LEU O 180 -0.88 -80.37 -6.42
C LEU O 180 -1.43 -79.29 -7.33
N LEU O 181 -1.90 -79.68 -8.51
CA LEU O 181 -2.51 -78.72 -9.42
C LEU O 181 -3.66 -77.99 -8.76
N ILE O 182 -4.54 -78.74 -8.11
CA ILE O 182 -5.71 -78.10 -7.51
C ILE O 182 -5.30 -77.24 -6.34
N LEU O 183 -4.24 -77.62 -5.64
CA LEU O 183 -3.74 -76.79 -4.56
C LEU O 183 -3.05 -75.53 -5.08
N ASN O 184 -2.55 -75.59 -6.30
CA ASN O 184 -1.70 -74.54 -6.84
C ASN O 184 -2.44 -73.59 -7.76
N TYR O 185 -3.63 -73.96 -8.23
CA TYR O 185 -4.38 -73.16 -9.18
C TYR O 185 -5.85 -73.02 -8.79
N GLY O 186 -6.23 -73.44 -7.60
CA GLY O 186 -7.60 -73.28 -7.16
C GLY O 186 -8.59 -74.17 -7.87
N THR O 187 -9.78 -74.27 -7.32
CA THR O 187 -10.80 -75.15 -7.85
C THR O 187 -11.75 -74.49 -8.81
N HIS O 188 -11.50 -73.24 -9.19
CA HIS O 188 -12.36 -72.56 -10.13
C HIS O 188 -11.54 -71.50 -10.85
N VAL O 189 -11.91 -71.23 -12.08
CA VAL O 189 -11.31 -70.15 -12.86
C VAL O 189 -12.35 -69.07 -13.04
N ILE O 190 -11.94 -67.84 -12.84
CA ILE O 190 -12.84 -66.69 -12.86
C ILE O 190 -13.03 -66.25 -14.30
N THR O 191 -14.27 -65.94 -14.67
CA THR O 191 -14.55 -65.41 -15.99
C THR O 191 -15.20 -64.05 -15.95
N SER O 192 -15.30 -63.44 -14.78
CA SER O 192 -15.95 -62.15 -14.65
C SER O 192 -15.62 -61.55 -13.29
N VAL O 193 -15.22 -60.29 -13.29
CA VAL O 193 -15.05 -59.52 -12.06
C VAL O 193 -15.66 -58.15 -12.29
N ASP O 194 -15.80 -57.41 -11.22
CA ASP O 194 -16.37 -56.06 -11.28
C ASP O 194 -15.39 -55.11 -10.64
N ALA O 195 -14.59 -54.44 -11.47
CA ALA O 195 -13.63 -53.47 -10.94
C ALA O 195 -14.39 -52.37 -10.23
N GLY O 196 -14.30 -52.34 -8.92
CA GLY O 196 -14.96 -51.29 -8.17
C GLY O 196 -14.25 -51.06 -6.87
N ALA O 197 -14.91 -50.31 -6.00
CA ALA O 197 -14.43 -50.12 -4.65
C ALA O 197 -15.63 -49.90 -3.76
N ALA O 198 -15.42 -50.11 -2.46
CA ALA O 198 -16.47 -49.96 -1.49
C ALA O 198 -15.92 -49.25 -0.27
N LEU O 199 -16.82 -48.80 0.58
CA LEU O 199 -16.44 -48.16 1.82
C LEU O 199 -17.62 -48.26 2.75
N VAL O 200 -17.40 -48.86 3.92
CA VAL O 200 -18.45 -49.08 4.90
C VAL O 200 -17.93 -48.52 6.20
N GLN O 201 -18.44 -47.36 6.62
CA GLN O 201 -17.95 -46.73 7.82
C GLN O 201 -19.11 -46.36 8.71
N GLU O 202 -18.86 -46.38 10.02
CA GLU O 202 -19.92 -46.19 10.99
C GLU O 202 -19.30 -45.80 12.31
N ASP O 203 -20.14 -45.29 13.21
CA ASP O 203 -19.66 -44.88 14.51
C ASP O 203 -20.84 -44.70 15.44
N HIS O 204 -20.60 -44.91 16.72
CA HIS O 204 -21.61 -44.72 17.75
C HIS O 204 -21.05 -43.78 18.81
N VAL O 205 -21.91 -42.93 19.34
CA VAL O 205 -21.62 -42.10 20.49
C VAL O 205 -22.69 -42.37 21.53
N ARG O 206 -22.28 -42.49 22.79
CA ARG O 206 -23.25 -42.77 23.85
C ARG O 206 -22.84 -41.97 25.08
N SER O 207 -23.35 -40.75 25.19
CA SER O 207 -23.13 -39.94 26.36
C SER O 207 -24.10 -40.31 27.44
N SER O 208 -23.66 -40.23 28.68
CA SER O 208 -24.51 -40.46 29.85
C SER O 208 -24.11 -39.45 30.91
N PHE O 209 -25.10 -38.75 31.45
CA PHE O 209 -24.85 -37.67 32.38
C PHE O 209 -25.88 -37.76 33.49
N LEU O 210 -25.44 -38.19 34.66
CA LEU O 210 -26.31 -38.38 35.80
C LEU O 210 -25.84 -37.47 36.92
N LEU O 211 -26.70 -36.56 37.35
CA LEU O 211 -26.37 -35.58 38.37
C LEU O 211 -27.28 -35.77 39.57
N ASP O 212 -26.74 -35.55 40.77
CA ASP O 212 -27.49 -35.67 42.00
C ASP O 212 -27.34 -34.40 42.82
N ASN O 213 -28.15 -34.31 43.86
CA ASN O 213 -28.08 -33.21 44.81
C ASN O 213 -29.00 -33.53 45.97
N GLN O 214 -28.52 -33.24 47.18
CA GLN O 214 -29.35 -33.37 48.39
C GLN O 214 -28.96 -32.20 49.29
N ASN O 215 -29.66 -31.10 49.14
CA ASN O 215 -29.31 -29.86 49.83
C ASN O 215 -30.27 -29.64 50.98
N SER O 216 -29.98 -30.28 52.11
CA SER O 216 -30.86 -30.22 53.27
C SER O 216 -30.45 -29.09 54.20
N GLN O 217 -31.32 -28.80 55.17
CA GLN O 217 -31.06 -27.75 56.14
C GLN O 217 -31.87 -28.00 57.40
N ASN O 218 -31.39 -27.42 58.50
CA ASN O 218 -32.09 -27.45 59.78
C ASN O 218 -31.87 -26.12 60.48
N THR O 219 -32.83 -25.77 61.34
CA THR O 219 -32.70 -24.56 62.16
C THR O 219 -33.55 -24.75 63.40
N VAL O 220 -32.92 -24.97 64.54
CA VAL O 220 -33.61 -25.17 65.81
C VAL O 220 -33.24 -24.02 66.72
N THR O 221 -34.25 -23.41 67.34
CA THR O 221 -34.03 -22.32 68.28
C THR O 221 -34.91 -22.54 69.51
N ALA O 222 -34.38 -22.21 70.67
CA ALA O 222 -35.10 -22.28 71.93
C ALA O 222 -35.13 -20.89 72.55
N SER O 223 -35.89 -20.74 73.63
CA SER O 223 -36.02 -19.45 74.29
C SER O 223 -36.47 -19.63 75.72
N ALA O 224 -36.32 -18.56 76.49
CA ALA O 224 -36.68 -18.48 77.89
C ALA O 224 -37.08 -17.04 78.17
N GLY O 225 -36.97 -16.63 79.43
CA GLY O 225 -37.42 -15.31 79.80
C GLY O 225 -38.36 -15.27 80.99
N ILE O 226 -38.22 -16.24 81.88
CA ILE O 226 -38.99 -16.22 83.13
C ILE O 226 -38.43 -15.10 84.00
N ALA O 227 -39.03 -13.92 83.90
CA ALA O 227 -38.52 -12.80 84.67
C ALA O 227 -39.55 -11.75 85.04
N PHE O 228 -40.22 -11.92 86.18
CA PHE O 228 -40.69 -10.77 86.93
C PHE O 228 -40.48 -10.99 88.43
N LEU O 229 -40.59 -12.25 88.86
CA LEU O 229 -40.71 -12.55 90.28
C LEU O 229 -39.57 -13.47 90.71
N ASN O 230 -38.96 -13.11 91.84
CA ASN O 230 -37.92 -13.85 92.55
C ASN O 230 -36.60 -13.80 91.78
N ILE O 231 -36.68 -13.40 90.52
CA ILE O 231 -35.55 -12.98 89.69
C ILE O 231 -36.14 -11.98 88.71
N VAL O 232 -35.74 -10.71 88.80
CA VAL O 232 -36.39 -9.71 87.96
C VAL O 232 -35.99 -9.89 86.50
N ASN O 233 -34.83 -10.52 86.25
CA ASN O 233 -34.42 -10.81 84.88
C ASN O 233 -33.39 -11.91 84.78
N PHE O 234 -33.65 -12.90 83.93
CA PHE O 234 -32.61 -13.74 83.35
C PHE O 234 -33.19 -14.43 82.12
N LYS O 235 -32.42 -14.45 81.03
CA LYS O 235 -32.94 -14.86 79.74
C LYS O 235 -32.03 -15.95 79.17
N VAL O 236 -32.66 -16.95 78.54
CA VAL O 236 -31.95 -18.08 77.96
C VAL O 236 -32.49 -18.32 76.56
N GLU O 237 -31.59 -18.44 75.58
CA GLU O 237 -31.99 -18.86 74.23
C GLU O 237 -30.80 -19.52 73.56
N THR O 238 -31.03 -20.70 73.01
CA THR O 238 -30.03 -21.38 72.21
C THR O 238 -30.39 -21.28 70.74
N ASP O 239 -29.38 -21.43 69.88
CA ASP O 239 -29.58 -21.45 68.44
C ASP O 239 -28.84 -22.65 67.85
N TYR O 240 -29.31 -23.12 66.71
CA TYR O 240 -28.75 -24.33 66.11
C TYR O 240 -29.18 -24.38 64.65
N ILE O 241 -28.20 -24.39 63.74
CA ILE O 241 -28.47 -24.48 62.32
C ILE O 241 -27.48 -25.46 61.70
N SER O 242 -28.00 -26.37 60.90
CA SER O 242 -27.19 -27.39 60.25
C SER O 242 -27.54 -27.43 58.77
N GLN O 243 -26.51 -27.58 57.93
CA GLN O 243 -26.68 -27.65 56.50
C GLN O 243 -26.00 -28.90 55.96
N THR O 244 -26.45 -29.33 54.79
CA THR O 244 -25.85 -30.49 54.14
C THR O 244 -26.19 -30.41 52.67
N SER O 245 -25.18 -30.20 51.84
CA SER O 245 -25.36 -30.11 50.39
C SER O 245 -24.39 -31.07 49.75
N LEU O 246 -24.92 -32.11 49.11
CA LEU O 246 -24.11 -33.17 48.53
C LEU O 246 -24.51 -33.35 47.09
N THR O 247 -23.64 -32.95 46.17
CA THR O 247 -23.86 -33.15 44.75
C THR O 247 -23.01 -34.31 44.24
N LYS O 248 -23.55 -35.03 43.28
CA LYS O 248 -22.85 -36.17 42.69
C LYS O 248 -23.22 -36.21 41.22
N ASP O 249 -22.25 -36.05 40.35
CA ASP O 249 -22.47 -36.19 38.91
C ASP O 249 -21.52 -37.24 38.35
N TYR O 250 -21.94 -37.87 37.26
CA TYR O 250 -21.24 -39.05 36.77
C TYR O 250 -21.40 -39.10 35.25
N LEU O 251 -20.43 -38.54 34.55
CA LEU O 251 -20.44 -38.43 33.10
C LEU O 251 -19.64 -39.56 32.49
N SER O 252 -20.12 -40.11 31.37
CA SER O 252 -19.40 -41.18 30.71
C SER O 252 -19.75 -41.18 29.22
N ASN O 253 -18.87 -40.62 28.41
CA ASN O 253 -18.93 -40.80 26.98
C ASN O 253 -18.41 -42.17 26.60
N ARG O 254 -18.82 -42.65 25.43
CA ARG O 254 -18.26 -43.88 24.86
C ARG O 254 -18.44 -43.79 23.36
N THR O 255 -17.34 -43.62 22.64
CA THR O 255 -17.38 -43.46 21.20
C THR O 255 -16.76 -44.67 20.52
N ASN O 256 -17.38 -45.12 19.44
CA ASN O 256 -16.77 -46.10 18.57
C ASN O 256 -16.63 -45.51 17.17
N SER O 257 -15.95 -46.26 16.31
CA SER O 257 -15.80 -45.88 14.92
C SER O 257 -15.17 -47.05 14.20
N ARG O 258 -15.60 -47.33 12.97
CA ARG O 258 -15.02 -48.44 12.25
C ARG O 258 -15.24 -48.20 10.76
N VAL O 259 -14.21 -47.77 10.06
CA VAL O 259 -14.30 -47.73 8.62
C VAL O 259 -13.79 -49.08 8.15
N GLN O 260 -14.25 -49.50 6.98
CA GLN O 260 -13.76 -50.74 6.41
C GLN O 260 -13.91 -50.59 4.91
N SER O 261 -12.84 -50.18 4.25
CA SER O 261 -12.89 -49.83 2.84
C SER O 261 -12.04 -50.80 2.05
N PHE O 262 -12.55 -51.21 0.90
CA PHE O 262 -11.74 -51.97 -0.05
C PHE O 262 -12.36 -51.79 -1.42
N GLY O 263 -11.64 -51.10 -2.30
CA GLY O 263 -10.36 -50.54 -1.95
C GLY O 263 -10.15 -49.25 -2.68
N GLY O 264 -9.69 -48.23 -1.97
CA GLY O 264 -9.41 -46.97 -2.61
C GLY O 264 -8.06 -46.43 -2.23
N VAL O 265 -8.01 -45.19 -1.78
CA VAL O 265 -6.76 -44.63 -1.27
C VAL O 265 -6.71 -45.02 0.20
N PRO O 266 -5.54 -45.32 0.76
CA PRO O 266 -5.46 -45.66 2.17
C PRO O 266 -6.24 -44.72 3.05
N PHE O 267 -7.27 -45.24 3.71
CA PHE O 267 -8.21 -44.41 4.44
C PHE O 267 -7.54 -43.76 5.64
N TYR O 268 -8.12 -42.65 6.07
CA TYR O 268 -7.70 -41.98 7.29
C TYR O 268 -8.87 -41.15 7.78
N PRO O 269 -9.03 -40.95 9.09
CA PRO O 269 -10.29 -40.40 9.60
C PRO O 269 -10.68 -39.07 9.01
N GLY O 270 -9.77 -38.11 8.97
CA GLY O 270 -10.16 -36.80 8.50
C GLY O 270 -10.48 -36.70 7.03
N ILE O 271 -10.52 -37.83 6.31
CA ILE O 271 -10.71 -37.76 4.86
C ILE O 271 -12.13 -37.36 4.56
N THR O 272 -12.31 -36.57 3.51
CA THR O 272 -13.65 -36.27 3.05
C THR O 272 -14.28 -37.51 2.46
N LEU O 273 -15.58 -37.43 2.26
CA LEU O 273 -16.26 -38.47 1.51
C LEU O 273 -16.02 -38.33 0.02
N GLU O 274 -15.24 -37.32 -0.38
CA GLU O 274 -14.99 -37.00 -1.77
C GLU O 274 -13.57 -37.40 -2.20
N THR O 275 -12.55 -36.81 -1.57
CA THR O 275 -11.18 -37.14 -1.95
C THR O 275 -10.94 -38.64 -1.94
N TRP O 276 -11.71 -39.38 -1.17
CA TRP O 276 -11.82 -40.82 -1.39
C TRP O 276 -12.16 -41.12 -2.84
N GLN O 277 -13.29 -40.59 -3.31
CA GLN O 277 -13.76 -40.93 -4.64
C GLN O 277 -12.78 -40.48 -5.71
N LYS O 278 -12.47 -39.20 -5.76
CA LYS O 278 -11.58 -38.72 -6.81
C LYS O 278 -10.28 -39.50 -6.85
N GLY O 279 -9.87 -40.07 -5.73
CA GLY O 279 -8.64 -40.84 -5.69
C GLY O 279 -8.84 -42.32 -5.95
N ILE O 280 -9.88 -42.66 -6.70
CA ILE O 280 -10.17 -44.04 -7.02
C ILE O 280 -9.70 -44.40 -8.44
N THR O 281 -8.85 -43.56 -9.04
CA THR O 281 -8.57 -43.68 -10.47
C THR O 281 -8.06 -45.08 -10.80
N ASN O 282 -6.87 -45.43 -10.34
CA ASN O 282 -6.56 -46.82 -10.07
C ASN O 282 -6.85 -47.05 -8.60
N HIS O 283 -6.35 -48.13 -8.01
CA HIS O 283 -6.82 -48.65 -6.73
C HIS O 283 -8.22 -49.22 -6.89
N LEU O 284 -8.46 -49.96 -7.96
CA LEU O 284 -9.69 -50.69 -8.09
C LEU O 284 -9.51 -52.09 -7.52
N VAL O 285 -10.61 -52.71 -7.15
CA VAL O 285 -10.57 -54.00 -6.46
C VAL O 285 -11.74 -54.82 -6.92
N ALA O 286 -11.53 -56.11 -7.09
CA ALA O 286 -12.60 -56.99 -7.50
C ALA O 286 -13.61 -57.07 -6.38
N ILE O 287 -14.74 -56.37 -6.53
CA ILE O 287 -15.76 -56.41 -5.49
C ILE O 287 -16.74 -57.56 -5.68
N ASP O 288 -16.71 -58.21 -6.83
CA ASP O 288 -17.64 -59.29 -7.10
C ASP O 288 -17.09 -60.08 -8.27
N ARG O 289 -17.26 -61.40 -8.24
CA ARG O 289 -16.64 -62.23 -9.24
C ARG O 289 -17.46 -63.48 -9.46
N ALA O 290 -17.31 -64.05 -10.66
CA ALA O 290 -18.02 -65.26 -11.03
C ALA O 290 -17.20 -66.00 -12.06
N GLY O 291 -17.18 -67.31 -11.98
CA GLY O 291 -16.42 -68.12 -12.88
C GLY O 291 -17.02 -69.50 -13.03
N LEU O 292 -16.20 -70.43 -13.49
CA LEU O 292 -16.63 -71.78 -13.77
C LEU O 292 -15.70 -72.78 -13.08
N PRO O 293 -16.14 -74.01 -12.87
CA PRO O 293 -15.23 -75.03 -12.34
C PRO O 293 -14.17 -75.35 -13.36
N LEU O 294 -12.93 -75.47 -12.91
CA LEU O 294 -11.82 -75.54 -13.85
C LEU O 294 -11.87 -76.80 -14.70
N HIS O 295 -12.47 -77.87 -14.18
CA HIS O 295 -12.62 -79.07 -15.01
C HIS O 295 -13.35 -78.75 -16.30
N PHE O 296 -14.20 -77.74 -16.29
CA PHE O 296 -14.88 -77.30 -17.50
C PHE O 296 -13.91 -76.79 -18.54
N PHE O 297 -12.77 -76.24 -18.13
CA PHE O 297 -11.82 -75.66 -19.05
C PHE O 297 -10.83 -76.67 -19.59
N ILE O 298 -10.90 -77.92 -19.14
CA ILE O 298 -10.02 -78.97 -19.62
C ILE O 298 -10.80 -79.71 -20.70
N LYS O 299 -10.70 -79.21 -21.93
CA LYS O 299 -11.41 -79.76 -23.06
C LYS O 299 -10.50 -79.73 -24.28
N PRO O 300 -10.66 -80.68 -25.20
CA PRO O 300 -9.69 -80.80 -26.31
C PRO O 300 -9.58 -79.56 -27.15
N ASP O 301 -10.64 -78.77 -27.28
CA ASP O 301 -10.53 -77.54 -28.04
C ASP O 301 -9.64 -76.54 -27.33
N LYS O 302 -9.88 -76.30 -26.04
CA LYS O 302 -9.04 -75.39 -25.26
C LYS O 302 -7.64 -75.95 -25.09
N LEU O 303 -7.44 -77.18 -25.35
CA LEU O 303 -6.09 -77.67 -25.23
C LEU O 303 -5.42 -77.79 -26.59
N PRO O 304 -4.12 -77.62 -26.65
CA PRO O 304 -3.41 -77.80 -27.93
C PRO O 304 -3.42 -79.26 -28.36
N GLY O 305 -2.71 -79.57 -29.44
CA GLY O 305 -2.68 -80.92 -29.96
C GLY O 305 -2.40 -81.96 -28.92
N LEU O 306 -3.40 -82.79 -28.64
CA LEU O 306 -3.30 -83.85 -27.65
C LEU O 306 -4.35 -84.90 -27.98
N PRO O 307 -4.17 -86.14 -27.52
CA PRO O 307 -5.12 -87.20 -27.88
C PRO O 307 -6.49 -86.96 -27.27
N GLY O 308 -7.52 -87.14 -28.09
CA GLY O 308 -8.88 -86.85 -27.72
C GLY O 308 -9.32 -87.50 -26.42
N PRO O 309 -9.47 -88.83 -26.43
CA PRO O 309 -9.94 -89.51 -25.22
C PRO O 309 -9.03 -89.32 -24.02
N LEU O 310 -7.75 -89.08 -24.25
CA LEU O 310 -6.85 -88.86 -23.13
C LEU O 310 -7.20 -87.57 -22.38
N VAL O 311 -7.69 -86.56 -23.09
CA VAL O 311 -8.07 -85.36 -22.36
C VAL O 311 -9.36 -85.61 -21.60
N LYS O 312 -10.20 -86.52 -22.06
CA LYS O 312 -11.34 -86.94 -21.25
C LYS O 312 -10.87 -87.58 -19.96
N LYS O 313 -9.92 -88.52 -20.08
CA LYS O 313 -9.30 -89.11 -18.91
C LYS O 313 -8.78 -88.04 -17.97
N LEU O 314 -8.04 -87.07 -18.52
CA LEU O 314 -7.42 -86.03 -17.72
C LEU O 314 -8.47 -85.20 -17.00
N SER O 315 -9.53 -84.81 -17.71
CA SER O 315 -10.59 -84.03 -17.10
C SER O 315 -11.24 -84.81 -15.96
N LYS O 316 -11.49 -86.09 -16.18
CA LYS O 316 -12.09 -86.89 -15.10
C LYS O 316 -11.16 -86.97 -13.90
N THR O 317 -9.86 -87.14 -14.14
CA THR O 317 -8.91 -87.24 -13.04
C THR O 317 -8.87 -85.93 -12.25
N VAL O 318 -8.75 -84.81 -12.95
CA VAL O 318 -8.71 -83.51 -12.27
C VAL O 318 -9.98 -83.30 -11.48
N GLU O 319 -11.12 -83.62 -12.08
CA GLU O 319 -12.40 -83.43 -11.42
C GLU O 319 -12.51 -84.28 -10.16
N THR O 320 -12.07 -85.53 -10.25
CA THR O 320 -12.08 -86.39 -9.07
C THR O 320 -11.15 -85.89 -7.99
N ALA O 321 -9.98 -85.38 -8.39
CA ALA O 321 -9.08 -84.78 -7.42
C ALA O 321 -9.74 -83.61 -6.71
N VAL O 322 -10.44 -82.77 -7.47
CA VAL O 322 -11.21 -81.68 -6.86
C VAL O 322 -12.20 -82.24 -5.85
N ARG O 323 -13.08 -83.12 -6.32
CA ARG O 323 -14.05 -83.82 -5.49
C ARG O 323 -13.45 -84.26 -4.17
N HIS O 324 -12.34 -84.99 -4.26
CA HIS O 324 -11.60 -85.37 -3.06
C HIS O 324 -11.29 -84.16 -2.20
N TYR O 325 -10.58 -83.18 -2.77
CA TYR O 325 -10.21 -81.99 -2.02
C TYR O 325 -11.44 -81.20 -1.58
N TYR O 326 -12.57 -81.40 -2.24
CA TYR O 326 -13.74 -80.60 -1.95
C TYR O 326 -14.49 -81.11 -0.71
N THR O 327 -14.93 -82.38 -0.76
CA THR O 327 -15.74 -82.92 0.33
C THR O 327 -14.98 -82.96 1.64
N PHE O 328 -13.95 -83.79 1.69
CA PHE O 328 -13.00 -83.83 2.78
C PHE O 328 -11.67 -83.29 2.29
N ASN O 329 -10.64 -83.43 3.12
CA ASN O 329 -9.31 -82.96 2.73
C ASN O 329 -8.58 -84.08 1.99
N THR O 330 -9.22 -84.58 0.93
CA THR O 330 -8.62 -85.48 -0.07
C THR O 330 -7.63 -86.49 0.51
N HIS O 331 -8.03 -87.17 1.58
CA HIS O 331 -7.14 -87.98 2.39
C HIS O 331 -6.94 -89.38 1.82
N PRO O 332 -5.80 -89.72 1.24
CA PRO O 332 -5.47 -91.13 1.03
C PRO O 332 -5.14 -91.83 2.34
N GLY O 333 -4.22 -91.26 3.12
CA GLY O 333 -3.83 -91.89 4.37
C GLY O 333 -3.90 -91.07 5.65
N CYS O 334 -3.72 -89.74 5.56
CA CYS O 334 -3.59 -88.92 6.77
C CYS O 334 -3.46 -87.44 6.47
N THR O 335 -3.55 -86.61 7.51
CA THR O 335 -3.18 -85.20 7.40
C THR O 335 -1.67 -85.09 7.34
N ASN O 336 -1.16 -84.37 6.36
CA ASN O 336 0.27 -84.55 6.09
C ASN O 336 1.14 -83.34 6.35
N VAL O 337 0.77 -82.16 5.86
CA VAL O 337 1.71 -81.03 5.92
C VAL O 337 1.79 -80.45 7.32
N ASP O 338 0.70 -80.47 8.07
CA ASP O 338 0.70 -79.98 9.44
C ASP O 338 1.51 -80.93 10.31
N SER O 339 2.57 -80.41 10.95
CA SER O 339 3.50 -81.21 11.74
C SER O 339 3.99 -82.39 10.91
N PRO O 340 4.92 -82.17 9.97
CA PRO O 340 5.22 -83.23 9.00
C PRO O 340 5.96 -84.43 9.60
N ASN O 341 6.07 -84.46 10.93
CA ASN O 341 6.86 -85.49 11.61
C ASN O 341 6.35 -86.91 11.40
N PHE O 342 5.14 -87.23 11.86
CA PHE O 342 4.67 -88.61 11.85
C PHE O 342 3.54 -88.85 10.85
N ASN O 343 3.53 -88.12 9.74
CA ASN O 343 2.43 -88.17 8.79
C ASN O 343 2.86 -88.77 7.46
N PHE O 344 1.90 -89.39 6.78
CA PHE O 344 2.10 -89.86 5.41
C PHE O 344 1.95 -88.67 4.47
N GLN O 345 3.06 -88.24 3.86
CA GLN O 345 3.12 -86.94 3.22
C GLN O 345 3.45 -87.04 1.73
N ALA O 346 2.96 -88.08 1.06
CA ALA O 346 2.94 -88.07 -0.40
C ALA O 346 1.69 -87.40 -0.94
N ASN O 347 0.68 -87.20 -0.10
CA ASN O 347 -0.53 -86.48 -0.47
C ASN O 347 -0.43 -85.02 -0.02
N MET O 348 -1.57 -84.33 -0.02
CA MET O 348 -1.69 -82.99 0.56
C MET O 348 -2.88 -82.96 1.49
N ASP O 349 -2.67 -82.48 2.72
CA ASP O 349 -3.72 -82.45 3.72
C ASP O 349 -3.32 -81.55 4.90
N ASP O 350 -4.18 -80.59 5.25
CA ASP O 350 -3.88 -79.59 6.25
C ASP O 350 -5.05 -79.42 7.22
N ASP O 351 -5.53 -80.53 7.79
CA ASP O 351 -6.69 -80.49 8.68
C ASP O 351 -6.51 -79.56 9.87
N SER O 352 -5.62 -79.94 10.80
CA SER O 352 -5.32 -79.13 11.98
C SER O 352 -4.21 -79.78 12.80
N CYS O 353 -3.68 -79.06 13.79
CA CYS O 353 -2.48 -79.49 14.51
C CYS O 353 -2.71 -79.73 16.00
N ASP O 354 -3.54 -78.94 16.65
CA ASP O 354 -3.68 -78.99 18.11
C ASP O 354 -4.52 -80.16 18.60
N ALA O 355 -4.72 -81.19 17.78
CA ALA O 355 -5.53 -82.34 18.17
C ALA O 355 -4.82 -83.09 19.29
N LYS O 356 -5.52 -83.29 20.41
CA LYS O 356 -5.04 -84.14 21.50
C LYS O 356 -6.08 -85.15 21.95
N VAL O 357 -7.34 -84.98 21.57
CA VAL O 357 -8.42 -85.88 21.95
C VAL O 357 -9.03 -86.51 20.70
N THR O 358 -9.66 -87.66 20.89
CA THR O 358 -10.45 -88.31 19.86
C THR O 358 -11.91 -88.44 20.22
N ASN O 359 -12.44 -87.51 21.02
CA ASN O 359 -13.80 -87.60 21.52
C ASN O 359 -14.81 -87.36 20.40
N PHE O 360 -16.08 -87.53 20.73
CA PHE O 360 -17.13 -87.59 19.71
C PHE O 360 -17.77 -86.22 19.52
N THR O 361 -18.78 -86.18 18.64
CA THR O 361 -19.48 -84.94 18.34
C THR O 361 -20.37 -84.51 19.49
N PHE O 362 -19.83 -83.69 20.38
CA PHE O 362 -20.53 -83.27 21.59
C PHE O 362 -21.09 -81.86 21.41
N GLY O 363 -22.19 -81.80 20.66
CA GLY O 363 -22.83 -80.53 20.35
C GLY O 363 -23.65 -79.97 21.50
N GLY O 364 -24.35 -78.89 21.21
CA GLY O 364 -25.22 -78.26 22.19
C GLY O 364 -24.61 -77.08 22.91
N VAL O 365 -25.46 -76.15 23.35
CA VAL O 365 -25.01 -74.95 24.08
C VAL O 365 -26.08 -74.55 25.08
N TYR O 366 -25.70 -74.39 26.35
CA TYR O 366 -26.68 -74.25 27.42
C TYR O 366 -26.03 -73.62 28.64
N GLN O 367 -26.88 -73.04 29.50
CA GLN O 367 -26.42 -72.31 30.67
C GLN O 367 -27.60 -72.04 31.59
N GLU O 368 -27.37 -71.17 32.59
CA GLU O 368 -28.41 -70.78 33.55
C GLU O 368 -28.01 -69.42 34.13
N CYS O 369 -28.87 -68.42 33.96
CA CYS O 369 -28.64 -67.08 34.50
C CYS O 369 -29.53 -66.87 35.72
N THR O 370 -28.95 -67.07 36.90
CA THR O 370 -29.71 -66.93 38.14
C THR O 370 -29.47 -65.55 38.76
N GLU O 371 -30.57 -64.95 39.21
CA GLU O 371 -30.53 -63.63 39.85
C GLU O 371 -30.35 -63.80 41.36
N LEU O 372 -29.46 -63.00 41.93
CA LEU O 372 -29.32 -62.98 43.38
C LEU O 372 -30.08 -61.82 44.02
N SER O 373 -30.07 -60.64 43.40
CA SER O 373 -30.79 -59.50 43.93
C SER O 373 -30.97 -58.47 42.83
N GLY O 374 -32.09 -57.74 42.89
CA GLY O 374 -32.42 -56.79 41.84
C GLY O 374 -32.78 -57.48 40.54
N ASP O 375 -33.18 -56.70 39.53
CA ASP O 375 -33.47 -57.24 38.19
C ASP O 375 -32.74 -56.38 37.17
N VAL O 376 -31.45 -56.67 36.95
CA VAL O 376 -30.65 -55.98 35.95
C VAL O 376 -29.92 -56.97 35.06
N LEU O 377 -29.14 -57.86 35.70
CA LEU O 377 -28.19 -58.68 34.98
C LEU O 377 -28.83 -59.87 34.29
N CYS O 378 -30.03 -60.27 34.70
CA CYS O 378 -30.70 -61.39 34.05
C CYS O 378 -31.05 -61.10 32.60
N GLN O 379 -31.30 -59.83 32.26
CA GLN O 379 -31.78 -59.51 30.92
C GLN O 379 -30.69 -59.64 29.87
N ASN O 380 -29.42 -59.49 30.27
CA ASN O 380 -28.31 -59.54 29.33
C ASN O 380 -27.41 -60.74 29.50
N LEU O 381 -27.38 -61.36 30.67
CA LEU O 381 -26.64 -62.60 30.85
C LEU O 381 -27.48 -63.83 30.57
N GLU O 382 -28.58 -63.70 29.84
CA GLU O 382 -29.41 -64.84 29.52
C GLU O 382 -28.97 -65.46 28.20
N GLN O 383 -28.02 -66.38 28.26
CA GLN O 383 -27.45 -67.00 27.07
C GLN O 383 -28.17 -68.29 26.71
N LYS O 384 -29.50 -68.19 26.61
CA LYS O 384 -30.34 -69.37 26.58
C LYS O 384 -29.97 -70.29 25.43
N ASN O 385 -30.33 -71.56 25.58
CA ASN O 385 -29.98 -72.59 24.60
C ASN O 385 -30.62 -72.24 23.26
N LEU O 386 -29.89 -72.51 22.18
CA LEU O 386 -30.44 -72.34 20.85
C LEU O 386 -31.08 -73.62 20.31
N LEU O 387 -30.56 -74.80 20.68
CA LEU O 387 -31.02 -76.03 20.05
C LEU O 387 -32.45 -76.38 20.47
N THR O 388 -33.00 -75.68 21.46
CA THR O 388 -34.34 -75.95 21.94
C THR O 388 -35.26 -74.74 21.96
N GLY O 389 -34.73 -73.54 21.86
CA GLY O 389 -35.55 -72.35 21.94
C GLY O 389 -35.84 -71.87 23.34
N ASP O 390 -35.31 -72.54 24.36
CA ASP O 390 -35.51 -72.17 25.75
C ASP O 390 -34.42 -72.85 26.57
N PHE O 391 -34.56 -72.78 27.89
CA PHE O 391 -33.59 -73.38 28.80
C PHE O 391 -33.80 -74.89 28.84
N SER O 392 -33.13 -75.59 27.94
CA SER O 392 -33.16 -77.05 27.90
C SER O 392 -31.97 -77.54 27.11
N CYS O 393 -31.63 -78.81 27.26
CA CYS O 393 -30.71 -79.46 26.34
C CYS O 393 -31.49 -80.08 25.18
N PRO O 394 -30.82 -80.38 24.08
CA PRO O 394 -31.48 -81.11 22.99
C PRO O 394 -31.56 -82.59 23.32
N PRO O 395 -32.54 -83.29 22.75
CA PRO O 395 -32.67 -84.73 23.01
C PRO O 395 -31.42 -85.48 22.58
N GLY O 396 -30.98 -86.40 23.43
CA GLY O 396 -29.75 -87.12 23.22
C GLY O 396 -28.52 -86.45 23.80
N TYR O 397 -28.68 -85.33 24.48
CA TYR O 397 -27.58 -84.59 25.05
C TYR O 397 -27.83 -84.39 26.54
N SER O 398 -26.79 -83.95 27.25
CA SER O 398 -26.92 -83.78 28.70
C SER O 398 -26.45 -82.40 29.10
N PRO O 399 -27.31 -81.62 29.74
CA PRO O 399 -26.95 -80.26 30.16
C PRO O 399 -26.14 -80.26 31.45
N VAL O 400 -24.93 -80.78 31.36
CA VAL O 400 -24.08 -80.91 32.54
C VAL O 400 -23.44 -79.57 32.85
N HIS O 401 -23.38 -79.23 34.14
CA HIS O 401 -23.07 -77.88 34.58
C HIS O 401 -21.63 -77.47 34.28
N LEU O 402 -21.47 -76.53 33.35
CA LEU O 402 -20.14 -76.08 32.95
C LEU O 402 -19.44 -75.36 34.10
N LEU O 403 -20.01 -74.25 34.57
CA LEU O 403 -19.42 -73.50 35.66
C LEU O 403 -20.44 -72.55 36.26
N SER O 404 -20.40 -72.40 37.58
CA SER O 404 -21.20 -71.40 38.29
C SER O 404 -20.32 -70.23 38.68
N GLN O 405 -20.89 -69.03 38.65
CA GLN O 405 -20.14 -67.83 38.97
C GLN O 405 -21.11 -66.72 39.32
N THR O 406 -20.60 -65.73 40.06
CA THR O 406 -21.42 -64.62 40.53
C THR O 406 -20.73 -63.30 40.24
N HIS O 407 -21.54 -62.25 40.09
CA HIS O 407 -21.05 -60.90 39.85
C HIS O 407 -21.83 -59.92 40.71
N GLU O 408 -21.24 -58.74 40.91
CA GLU O 408 -21.85 -57.73 41.76
C GLU O 408 -21.65 -56.37 41.10
N GLU O 409 -22.71 -55.86 40.46
CA GLU O 409 -22.66 -54.57 39.79
C GLU O 409 -23.78 -53.69 40.33
N GLY O 410 -23.57 -52.39 40.22
CA GLY O 410 -24.53 -51.42 40.73
C GLY O 410 -25.00 -50.48 39.65
N TYR O 411 -26.32 -50.34 39.54
CA TYR O 411 -26.92 -49.39 38.62
C TYR O 411 -27.91 -48.53 39.39
N SER O 412 -27.80 -47.22 39.20
CA SER O 412 -28.77 -46.29 39.77
C SER O 412 -30.08 -46.45 39.00
N ARG O 413 -31.04 -47.14 39.61
CA ARG O 413 -32.23 -47.58 38.91
C ARG O 413 -33.14 -46.40 38.58
N LEU O 414 -34.29 -46.72 38.00
CA LEU O 414 -35.32 -45.75 37.70
C LEU O 414 -36.34 -45.71 38.83
N GLU O 415 -36.82 -44.52 39.16
CA GLU O 415 -37.82 -44.39 40.20
C GLU O 415 -38.64 -43.13 39.96
N CYS O 416 -39.85 -43.31 39.44
CA CYS O 416 -40.79 -42.21 39.23
C CYS O 416 -42.07 -42.61 39.94
N LYS O 417 -42.16 -42.29 41.22
CA LYS O 417 -43.26 -42.72 42.07
C LYS O 417 -43.99 -41.50 42.63
N LYS O 418 -45.30 -41.63 42.76
CA LYS O 418 -46.14 -40.59 43.33
C LYS O 418 -46.46 -40.93 44.78
N LYS O 419 -46.42 -39.92 45.64
CA LYS O 419 -46.68 -40.09 47.07
C LYS O 419 -47.73 -39.10 47.53
N CYS O 420 -48.78 -39.59 48.17
CA CYS O 420 -49.80 -38.73 48.77
C CYS O 420 -49.29 -38.18 50.10
N THR O 421 -49.66 -36.93 50.38
CA THR O 421 -49.27 -36.32 51.65
C THR O 421 -50.22 -36.73 52.77
N LEU O 422 -51.49 -36.35 52.66
CA LEU O 422 -52.51 -36.75 53.62
C LEU O 422 -53.79 -37.16 52.90
N LYS O 423 -53.66 -37.95 51.84
CA LYS O 423 -54.72 -38.51 51.03
C LYS O 423 -55.51 -37.46 50.26
N ILE O 424 -55.20 -36.17 50.43
CA ILE O 424 -55.89 -35.11 49.71
C ILE O 424 -55.09 -34.76 48.48
N PHE O 425 -53.82 -34.39 48.68
CA PHE O 425 -52.94 -34.11 47.57
C PHE O 425 -51.81 -35.13 47.54
N CYS O 426 -51.23 -35.30 46.36
CA CYS O 426 -50.13 -36.23 46.16
C CYS O 426 -49.03 -35.53 45.38
N LYS O 427 -47.79 -35.91 45.71
CA LYS O 427 -46.61 -35.43 45.00
C LYS O 427 -45.93 -36.62 44.37
N THR O 428 -45.26 -36.38 43.24
CA THR O 428 -44.46 -37.40 42.59
C THR O 428 -43.00 -37.11 42.93
N VAL O 429 -42.41 -37.96 43.78
CA VAL O 429 -41.05 -37.78 44.25
C VAL O 429 -40.14 -38.69 43.41
N CYS O 430 -39.67 -38.16 42.29
CA CYS O 430 -38.74 -38.91 41.47
C CYS O 430 -37.37 -38.84 42.09
N GLU O 431 -36.84 -39.98 42.53
CA GLU O 431 -35.55 -40.01 43.21
C GLU O 431 -34.91 -41.37 42.94
N ASP O 432 -34.00 -41.40 41.97
CA ASP O 432 -33.37 -42.63 41.54
C ASP O 432 -32.36 -43.09 42.60
N VAL O 433 -32.38 -44.38 42.90
CA VAL O 433 -31.67 -44.91 44.05
C VAL O 433 -30.60 -45.89 43.60
N PHE O 434 -29.51 -45.93 44.35
CA PHE O 434 -28.46 -46.90 44.16
C PHE O 434 -28.96 -48.31 44.48
N ARG O 435 -28.34 -49.30 43.84
CA ARG O 435 -28.65 -50.70 44.13
C ARG O 435 -27.55 -51.58 43.55
N VAL O 436 -26.93 -52.39 44.40
CA VAL O 436 -25.99 -53.42 43.96
C VAL O 436 -26.82 -54.65 43.61
N ALA O 437 -27.04 -54.88 42.33
CA ALA O 437 -27.64 -56.13 41.91
C ALA O 437 -26.56 -57.21 41.81
N LYS O 438 -27.00 -58.47 41.90
CA LYS O 438 -26.10 -59.60 41.75
C LYS O 438 -26.81 -60.69 40.99
N ALA O 439 -26.07 -61.38 40.14
CA ALA O 439 -26.55 -62.54 39.41
C ALA O 439 -25.53 -63.66 39.52
N GLU O 440 -26.02 -64.89 39.68
CA GLU O 440 -25.17 -66.07 39.73
C GLU O 440 -25.22 -66.73 38.37
N PHE O 441 -24.13 -66.60 37.62
CA PHE O 441 -24.03 -67.14 36.27
C PHE O 441 -23.70 -68.62 36.35
N ARG O 442 -24.65 -69.46 35.94
CA ARG O 442 -24.48 -70.92 35.96
C ARG O 442 -24.40 -71.39 34.50
N ALA O 443 -23.20 -71.72 34.06
CA ALA O 443 -23.03 -72.29 32.73
C ALA O 443 -23.20 -73.80 32.79
N TYR O 444 -23.90 -74.35 31.80
CA TYR O 444 -24.21 -75.78 31.76
C TYR O 444 -23.79 -76.31 30.40
N TRP O 445 -22.57 -76.84 30.31
CA TRP O 445 -22.07 -77.33 29.04
C TRP O 445 -22.93 -78.47 28.53
N CYS O 446 -23.36 -78.37 27.28
CA CYS O 446 -24.19 -79.38 26.66
C CYS O 446 -23.32 -80.36 25.91
N VAL O 447 -23.47 -81.64 26.21
CA VAL O 447 -22.67 -82.71 25.63
C VAL O 447 -23.59 -83.88 25.30
N ALA O 448 -23.32 -84.55 24.19
CA ALA O 448 -24.10 -85.70 23.80
C ALA O 448 -23.94 -86.83 24.80
N ALA O 449 -25.02 -87.59 25.01
CA ALA O 449 -24.98 -88.73 25.91
C ALA O 449 -24.28 -89.92 25.24
N GLY O 450 -24.75 -90.30 24.06
CA GLY O 450 -24.16 -91.42 23.34
C GLY O 450 -24.07 -91.18 21.85
N GLN O 451 -24.34 -92.21 21.06
CA GLN O 451 -24.30 -92.09 19.60
C GLN O 451 -25.41 -91.15 19.14
N VAL O 452 -25.05 -90.21 18.28
CA VAL O 452 -25.99 -89.17 17.87
C VAL O 452 -26.68 -89.58 16.57
N PRO O 453 -27.99 -89.33 16.43
CA PRO O 453 -28.61 -89.40 15.10
C PRO O 453 -28.28 -88.12 14.33
N ASP O 454 -27.80 -88.29 13.10
CA ASP O 454 -27.34 -87.14 12.32
C ASP O 454 -28.48 -86.19 11.95
N ASN O 455 -29.73 -86.61 12.15
CA ASN O 455 -30.86 -85.72 11.87
C ASN O 455 -30.90 -84.53 12.84
N SER O 456 -30.55 -84.76 14.10
CA SER O 456 -30.62 -83.72 15.12
C SER O 456 -29.37 -83.72 15.99
N GLY O 457 -28.23 -84.09 15.40
CA GLY O 457 -26.96 -84.02 16.11
C GLY O 457 -25.95 -83.23 15.29
N LEU O 458 -25.49 -82.11 15.84
CA LEU O 458 -24.69 -81.17 15.07
C LEU O 458 -23.33 -80.94 15.72
N LEU O 459 -22.38 -80.51 14.89
CA LEU O 459 -21.02 -80.15 15.29
C LEU O 459 -20.82 -78.65 15.14
N PHE O 460 -19.91 -78.11 15.95
CA PHE O 460 -19.75 -76.66 16.06
C PHE O 460 -18.28 -76.33 16.24
N GLY O 461 -18.01 -75.11 16.67
CA GLY O 461 -16.64 -74.69 16.95
C GLY O 461 -16.45 -73.18 16.97
N GLY O 462 -15.50 -72.70 17.77
CA GLY O 462 -15.18 -71.29 17.81
C GLY O 462 -15.49 -70.62 19.14
N VAL O 463 -14.45 -70.31 19.91
CA VAL O 463 -14.60 -69.72 21.24
C VAL O 463 -13.51 -68.66 21.43
N PHE O 464 -13.89 -67.53 22.03
CA PHE O 464 -12.97 -66.42 22.25
C PHE O 464 -13.66 -65.37 23.10
N THR O 465 -12.86 -64.51 23.72
CA THR O 465 -13.38 -63.39 24.47
C THR O 465 -13.07 -62.10 23.71
N ASP O 466 -13.51 -60.97 24.28
CA ASP O 466 -13.14 -59.68 23.72
C ASP O 466 -11.66 -59.40 23.89
N LYS O 467 -11.01 -60.05 24.86
CA LYS O 467 -9.59 -59.86 25.14
C LYS O 467 -8.72 -60.97 24.57
N THR O 468 -9.17 -62.22 24.69
CA THR O 468 -8.43 -63.34 24.14
C THR O 468 -8.78 -63.52 22.68
N ILE O 469 -7.76 -63.66 21.85
CA ILE O 469 -7.93 -63.81 20.41
C ILE O 469 -8.54 -65.18 20.12
N ASN O 470 -9.24 -65.27 19.00
CA ASN O 470 -9.79 -66.55 18.54
C ASN O 470 -8.79 -67.21 17.61
N PRO O 471 -7.97 -68.16 18.08
CA PRO O 471 -7.03 -68.81 17.17
C PRO O 471 -7.72 -69.67 16.14
N MET O 472 -8.96 -70.10 16.40
CA MET O 472 -9.80 -70.70 15.38
C MET O 472 -9.80 -69.87 14.10
N THR O 473 -10.19 -68.60 14.21
CA THR O 473 -10.26 -67.73 13.05
C THR O 473 -9.13 -66.71 13.01
N ASN O 474 -8.27 -66.67 14.03
CA ASN O 474 -7.22 -65.66 14.15
C ASN O 474 -7.80 -64.25 14.13
N ALA O 475 -8.91 -64.04 14.83
CA ALA O 475 -9.57 -62.76 14.87
C ALA O 475 -10.28 -62.61 16.22
N GLN O 476 -11.13 -61.59 16.33
CA GLN O 476 -11.92 -61.35 17.53
C GLN O 476 -13.42 -61.30 17.20
N SER O 477 -13.83 -62.08 16.20
CA SER O 477 -15.21 -62.09 15.76
C SER O 477 -15.60 -63.52 15.38
N CYS O 478 -16.75 -63.64 14.79
CA CYS O 478 -17.22 -64.95 14.36
C CYS O 478 -16.83 -65.20 12.90
N PRO O 479 -16.37 -66.41 12.60
CA PRO O 479 -16.15 -66.79 11.20
C PRO O 479 -17.47 -66.89 10.46
N ALA O 480 -17.37 -66.90 9.13
CA ALA O 480 -18.56 -66.90 8.29
C ALA O 480 -19.39 -68.14 8.54
N GLY O 481 -20.71 -67.96 8.61
CA GLY O 481 -21.60 -69.05 8.94
C GLY O 481 -21.62 -69.43 10.40
N TYR O 482 -21.40 -68.47 11.30
CA TYR O 482 -21.35 -68.74 12.73
C TYR O 482 -22.12 -67.64 13.45
N ILE O 483 -23.07 -68.03 14.28
CA ILE O 483 -23.64 -67.12 15.27
C ILE O 483 -22.72 -67.15 16.48
N PRO O 484 -22.22 -66.03 16.95
CA PRO O 484 -21.45 -66.05 18.20
C PRO O 484 -22.39 -66.13 19.39
N LEU O 485 -22.47 -67.31 19.99
CA LEU O 485 -23.34 -67.54 21.14
C LEU O 485 -22.57 -67.16 22.39
N ASN O 486 -22.99 -66.09 23.05
CA ASN O 486 -22.24 -65.48 24.14
C ASN O 486 -22.48 -66.23 25.45
N LEU O 487 -22.31 -67.56 25.39
CA LEU O 487 -22.59 -68.44 26.52
C LEU O 487 -22.00 -67.96 27.83
N PHE O 488 -20.81 -67.38 27.81
CA PHE O 488 -20.08 -67.12 29.03
C PHE O 488 -20.11 -65.63 29.37
N GLU O 489 -19.38 -65.25 30.42
CA GLU O 489 -19.26 -63.85 30.79
C GLU O 489 -18.77 -63.00 29.62
N SER O 490 -17.71 -63.44 28.94
CA SER O 490 -17.16 -62.73 27.81
C SER O 490 -16.93 -63.60 26.58
N LEU O 491 -17.16 -64.91 26.66
CA LEU O 491 -16.99 -65.78 25.51
C LEU O 491 -18.14 -65.60 24.56
N LYS O 492 -17.86 -65.72 23.26
CA LYS O 492 -18.90 -65.77 22.24
C LYS O 492 -18.69 -67.07 21.48
N VAL O 493 -19.28 -68.14 21.99
CA VAL O 493 -19.06 -69.47 21.43
C VAL O 493 -19.72 -69.53 20.06
N CYS O 494 -18.92 -69.51 19.01
CA CYS O 494 -19.42 -69.56 17.65
C CYS O 494 -20.06 -70.93 17.38
N VAL O 495 -21.11 -70.92 16.58
CA VAL O 495 -21.88 -72.12 16.30
C VAL O 495 -21.73 -72.48 14.83
N SER O 496 -21.36 -73.73 14.56
CA SER O 496 -21.41 -74.27 13.20
C SER O 496 -22.82 -74.82 12.94
N LEU O 497 -23.78 -73.91 12.98
CA LEU O 497 -25.18 -74.26 12.87
C LEU O 497 -25.51 -74.88 11.51
N ASP O 498 -24.64 -74.71 10.51
CA ASP O 498 -24.86 -75.28 9.18
C ASP O 498 -23.65 -76.09 8.74
N TYR O 499 -23.92 -77.11 7.93
CA TYR O 499 -22.88 -78.00 7.42
C TYR O 499 -21.90 -77.29 6.51
N GLU O 500 -22.33 -76.18 5.89
CA GLU O 500 -21.86 -75.80 4.57
C GLU O 500 -20.34 -75.74 4.50
N LEU O 501 -19.73 -74.81 5.23
CA LEU O 501 -18.28 -74.78 5.30
C LEU O 501 -17.77 -75.38 6.59
N GLY O 502 -18.66 -75.70 7.52
CA GLY O 502 -18.28 -76.34 8.75
C GLY O 502 -17.62 -77.68 8.53
N PHE O 503 -18.14 -78.47 7.57
CA PHE O 503 -17.57 -79.78 7.31
C PHE O 503 -16.06 -79.75 7.16
N LYS O 504 -15.51 -78.68 6.59
CA LYS O 504 -14.07 -78.52 6.46
C LYS O 504 -13.47 -77.54 7.45
N PHE O 505 -14.29 -76.73 8.11
CA PHE O 505 -13.82 -75.85 9.18
C PHE O 505 -14.75 -76.08 10.37
N SER O 506 -14.52 -77.17 11.10
CA SER O 506 -15.28 -77.51 12.30
C SER O 506 -14.38 -77.70 13.51
N VAL O 507 -13.34 -78.52 13.39
CA VAL O 507 -12.48 -78.89 14.50
C VAL O 507 -13.34 -79.54 15.59
N PRO O 508 -13.71 -80.83 15.42
CA PRO O 508 -14.79 -81.42 16.21
C PRO O 508 -14.51 -81.50 17.70
N PHE O 509 -14.82 -80.42 18.39
CA PHE O 509 -14.48 -80.18 19.79
C PHE O 509 -15.10 -81.21 20.72
N GLY O 510 -14.75 -81.07 22.01
CA GLY O 510 -15.52 -81.66 23.08
C GLY O 510 -15.81 -80.60 24.13
N GLY O 511 -16.09 -81.07 25.35
CA GLY O 511 -16.42 -80.16 26.43
C GLY O 511 -15.65 -80.38 27.71
N PHE O 512 -15.54 -79.34 28.54
CA PHE O 512 -14.80 -79.46 29.79
C PHE O 512 -15.21 -78.33 30.71
N PHE O 513 -15.44 -78.66 31.98
CA PHE O 513 -15.84 -77.71 33.00
C PHE O 513 -14.61 -76.89 33.43
N SER O 514 -14.73 -76.15 34.52
CA SER O 514 -13.56 -75.48 35.06
C SER O 514 -12.67 -76.50 35.76
N CYS O 515 -11.44 -76.07 36.07
CA CYS O 515 -10.49 -76.95 36.74
C CYS O 515 -10.98 -77.36 38.13
N ILE O 516 -11.85 -76.55 38.72
CA ILE O 516 -12.46 -76.93 40.00
C ILE O 516 -13.74 -77.74 39.80
N MET O 517 -14.51 -77.42 38.76
CA MET O 517 -15.71 -78.18 38.41
C MET O 517 -15.27 -79.50 37.76
N GLY O 518 -16.25 -80.32 37.38
CA GLY O 518 -15.95 -81.65 36.88
C GLY O 518 -15.57 -81.71 35.41
N ASN O 519 -16.18 -82.62 34.68
CA ASN O 519 -15.89 -82.84 33.27
C ASN O 519 -16.93 -83.79 32.70
N PRO O 520 -17.24 -83.68 31.40
CA PRO O 520 -18.32 -84.50 30.84
C PRO O 520 -17.90 -85.89 30.39
N LEU O 521 -16.64 -86.10 30.04
CA LEU O 521 -16.25 -87.34 29.38
C LEU O 521 -15.14 -88.05 30.15
N VAL O 522 -14.84 -89.26 29.67
CA VAL O 522 -13.93 -90.17 30.37
C VAL O 522 -12.49 -89.94 29.90
N ASN O 523 -11.56 -90.32 30.77
CA ASN O 523 -10.14 -90.32 30.43
C ASN O 523 -9.63 -91.76 30.36
N ALA O 532 -22.92 -92.62 35.91
CA ALA O 532 -22.07 -93.22 36.93
C ALA O 532 -20.92 -92.29 37.30
N PRO O 533 -21.17 -91.32 38.17
CA PRO O 533 -20.12 -90.35 38.51
C PRO O 533 -19.03 -90.96 39.37
N SER O 534 -17.88 -91.24 38.76
CA SER O 534 -16.71 -91.73 39.47
C SER O 534 -15.44 -90.97 39.13
N LEU O 535 -15.40 -90.24 38.02
CA LEU O 535 -14.22 -89.51 37.59
C LEU O 535 -14.44 -88.01 37.71
N LYS O 536 -13.37 -87.29 38.06
CA LYS O 536 -13.39 -85.83 38.03
C LYS O 536 -11.98 -85.34 37.70
N LYS O 537 -11.72 -85.20 36.41
CA LYS O 537 -10.48 -84.64 35.88
C LYS O 537 -10.62 -84.58 34.36
N CYS O 538 -9.70 -83.87 33.72
CA CYS O 538 -9.83 -83.50 32.31
C CYS O 538 -10.40 -84.66 31.50
N PRO O 539 -11.45 -84.42 30.71
CA PRO O 539 -12.15 -85.53 30.04
C PRO O 539 -11.38 -86.08 28.85
N GLY O 540 -10.48 -87.02 29.12
CA GLY O 540 -9.62 -87.54 28.09
C GLY O 540 -8.29 -86.82 28.06
N GLY O 541 -7.83 -86.46 26.87
CA GLY O 541 -6.60 -85.71 26.75
C GLY O 541 -6.85 -84.21 26.70
N PHE O 542 -6.34 -83.57 25.65
CA PHE O 542 -6.45 -82.12 25.47
C PHE O 542 -5.88 -81.38 26.68
N SER O 543 -4.55 -81.46 26.79
CA SER O 543 -3.81 -80.77 27.83
C SER O 543 -4.16 -79.30 27.83
N GLN O 544 -3.69 -78.56 28.84
CA GLN O 544 -4.31 -77.30 29.23
C GLN O 544 -4.09 -76.27 28.12
N HIS O 545 -4.99 -76.31 27.14
CA HIS O 545 -5.05 -75.32 26.08
C HIS O 545 -6.02 -74.23 26.51
N LEU O 546 -5.49 -73.14 27.07
CA LEU O 546 -6.32 -72.12 27.70
C LEU O 546 -7.32 -71.55 26.71
N ALA O 547 -8.50 -71.24 27.24
CA ALA O 547 -9.51 -70.48 26.51
C ALA O 547 -9.94 -69.22 27.23
N VAL O 548 -10.08 -69.28 28.55
CA VAL O 548 -10.49 -68.13 29.35
C VAL O 548 -10.25 -68.45 30.82
N ILE O 549 -9.93 -67.43 31.61
CA ILE O 549 -9.84 -67.57 33.05
C ILE O 549 -11.06 -66.89 33.65
N SER O 550 -11.60 -67.50 34.71
CA SER O 550 -12.70 -66.89 35.46
C SER O 550 -12.31 -66.89 36.93
N ASP O 551 -11.96 -65.71 37.44
CA ASP O 551 -11.59 -65.48 38.84
C ASP O 551 -10.71 -66.60 39.41
N GLY O 552 -9.73 -67.05 38.65
CA GLY O 552 -8.78 -68.02 39.16
C GLY O 552 -8.83 -69.37 38.47
N CYS O 553 -10.03 -69.85 38.17
CA CYS O 553 -10.18 -71.13 37.49
C CYS O 553 -10.08 -70.92 35.99
N GLN O 554 -9.42 -71.85 35.30
CA GLN O 554 -9.32 -71.81 33.85
C GLN O 554 -10.38 -72.70 33.22
N VAL O 555 -10.97 -72.22 32.14
CA VAL O 555 -12.03 -72.93 31.44
C VAL O 555 -11.48 -73.37 30.09
N SER O 556 -11.37 -74.68 29.90
CA SER O 556 -10.84 -75.24 28.66
C SER O 556 -11.82 -76.26 28.09
N TYR O 557 -11.39 -77.04 27.10
CA TYR O 557 -12.26 -78.00 26.44
C TYR O 557 -11.47 -79.28 26.16
N CYS O 558 -12.03 -80.12 25.29
CA CYS O 558 -11.29 -81.21 24.65
C CYS O 558 -11.62 -81.11 23.17
N VAL O 559 -10.88 -80.25 22.46
CA VAL O 559 -11.20 -79.92 21.08
C VAL O 559 -10.45 -80.86 20.16
N LYS O 560 -11.15 -81.85 19.62
CA LYS O 560 -10.57 -82.78 18.66
C LYS O 560 -10.51 -82.10 17.30
N ALA O 561 -9.53 -82.48 16.51
CA ALA O 561 -9.28 -81.87 15.21
C ALA O 561 -9.24 -82.92 14.11
N GLY O 562 -10.24 -83.80 14.09
CA GLY O 562 -10.25 -84.91 13.16
C GLY O 562 -10.55 -84.54 11.72
N ILE O 563 -11.30 -85.40 11.03
CA ILE O 563 -11.51 -85.27 9.60
C ILE O 563 -12.38 -84.06 9.27
N THR P 13 20.66 -61.30 -10.98
CA THR P 13 19.50 -61.17 -10.12
C THR P 13 19.42 -59.76 -9.53
N GLY P 14 20.02 -58.81 -10.25
CA GLY P 14 20.09 -57.42 -9.79
C GLY P 14 18.93 -56.65 -10.38
N PHE P 15 17.94 -56.34 -9.54
CA PHE P 15 16.81 -55.55 -10.01
C PHE P 15 17.19 -54.12 -10.33
N GLN P 16 18.41 -53.70 -10.00
CA GLN P 16 18.80 -52.32 -10.18
C GLN P 16 18.72 -51.88 -11.63
N ILE P 17 18.81 -52.81 -12.57
CA ILE P 17 18.82 -52.45 -13.99
C ILE P 17 17.51 -51.76 -14.36
N CYS P 18 16.38 -52.35 -14.02
CA CYS P 18 15.14 -51.76 -14.47
C CYS P 18 14.49 -50.89 -13.41
N LYS P 19 14.82 -51.10 -12.14
CA LYS P 19 14.58 -50.04 -11.17
C LYS P 19 15.22 -48.74 -11.64
N ASN P 20 16.28 -48.84 -12.43
CA ASN P 20 16.89 -47.68 -13.05
C ASN P 20 16.17 -47.30 -14.33
N ALA P 21 15.77 -48.29 -15.13
CA ALA P 21 15.04 -47.99 -16.36
C ALA P 21 13.76 -47.23 -16.05
N LEU P 22 12.82 -47.88 -15.36
CA LEU P 22 11.60 -47.24 -14.89
C LEU P 22 11.75 -46.97 -13.39
N LYS P 23 11.28 -45.82 -12.96
CA LYS P 23 11.71 -45.27 -11.68
C LYS P 23 10.93 -45.79 -10.48
N LEU P 24 10.25 -46.90 -10.59
CA LEU P 24 9.44 -47.33 -9.47
C LEU P 24 10.28 -48.04 -8.43
N PRO P 25 9.84 -48.06 -7.18
CA PRO P 25 10.56 -48.78 -6.14
C PRO P 25 10.12 -50.23 -6.05
N VAL P 26 11.08 -51.10 -5.79
CA VAL P 26 10.79 -52.52 -5.71
C VAL P 26 9.97 -52.81 -4.47
N LEU P 27 9.01 -53.73 -4.60
CA LEU P 27 8.26 -54.18 -3.44
C LEU P 27 9.21 -54.75 -2.41
N GLU P 28 8.88 -54.57 -1.13
CA GLU P 28 9.78 -55.04 -0.09
C GLU P 28 9.46 -56.45 0.34
N VAL P 29 8.20 -56.74 0.57
CA VAL P 29 7.80 -58.06 1.01
C VAL P 29 7.82 -59.01 -0.17
N LEU P 30 8.37 -60.20 0.03
CA LEU P 30 8.47 -61.14 -1.07
C LEU P 30 8.31 -62.54 -0.53
N PRO P 31 7.58 -63.39 -1.21
CA PRO P 31 7.26 -64.71 -0.66
C PRO P 31 8.37 -65.73 -0.79
N GLY P 32 9.16 -65.65 -1.85
CA GLY P 32 10.11 -66.71 -2.10
C GLY P 32 11.26 -66.68 -1.11
N GLY P 33 10.97 -67.00 0.14
CA GLY P 33 12.00 -66.96 1.15
C GLY P 33 11.69 -67.85 2.33
N GLY P 34 12.65 -68.68 2.72
CA GLY P 34 12.44 -69.59 3.84
C GLY P 34 12.05 -68.86 5.10
N TRP P 35 11.55 -69.64 6.06
CA TRP P 35 10.95 -69.05 7.25
C TRP P 35 10.98 -70.06 8.37
N ASP P 36 11.62 -69.71 9.48
CA ASP P 36 11.68 -70.58 10.64
C ASP P 36 10.36 -70.48 11.39
N ASN P 37 9.65 -71.61 11.50
CA ASN P 37 8.37 -71.60 12.19
C ASN P 37 8.54 -71.65 13.70
N LEU P 38 9.68 -72.11 14.20
CA LEU P 38 9.87 -72.19 15.64
C LEU P 38 10.29 -70.84 16.20
N ARG P 39 11.46 -70.34 15.79
CA ARG P 39 11.87 -69.00 16.18
C ARG P 39 10.91 -67.94 15.66
N ASN P 40 10.17 -68.24 14.59
CA ASN P 40 9.19 -67.33 14.02
C ASN P 40 9.86 -66.08 13.43
N VAL P 41 10.76 -66.28 12.47
CA VAL P 41 11.50 -65.19 11.85
C VAL P 41 12.03 -65.65 10.49
N ASP P 42 12.00 -64.74 9.50
CA ASP P 42 12.46 -65.06 8.16
C ASP P 42 13.89 -65.59 8.19
N MET P 43 14.22 -66.44 7.21
CA MET P 43 15.51 -67.11 7.23
C MET P 43 16.36 -66.87 5.99
N GLY P 44 15.81 -67.00 4.79
CA GLY P 44 16.64 -66.81 3.61
C GLY P 44 15.92 -67.24 2.36
N ARG P 45 16.50 -66.86 1.22
CA ARG P 45 15.90 -67.19 -0.06
C ARG P 45 15.72 -68.69 -0.19
N VAL P 46 14.62 -69.09 -0.82
CA VAL P 46 14.49 -70.49 -1.24
C VAL P 46 14.13 -70.53 -2.71
N MET P 47 13.02 -69.90 -3.08
CA MET P 47 12.64 -69.76 -4.46
C MET P 47 13.34 -68.54 -5.05
N ASP P 48 14.09 -68.73 -6.12
CA ASP P 48 14.89 -67.63 -6.64
C ASP P 48 14.00 -66.54 -7.19
N LEU P 49 14.48 -65.31 -7.10
CA LEU P 49 13.75 -64.14 -7.57
C LEU P 49 14.63 -63.41 -8.56
N THR P 50 14.30 -63.53 -9.84
CA THR P 50 14.99 -62.80 -10.88
C THR P 50 14.25 -61.51 -11.18
N TYR P 51 14.80 -60.75 -12.12
CA TYR P 51 14.11 -59.56 -12.59
C TYR P 51 14.29 -59.39 -14.08
N THR P 52 14.37 -60.49 -14.83
CA THR P 52 14.76 -60.43 -16.23
C THR P 52 13.77 -59.63 -17.06
N ASN P 53 12.57 -60.16 -17.26
CA ASN P 53 11.56 -59.47 -18.04
C ASN P 53 10.81 -58.52 -17.13
N CYS P 54 11.54 -57.61 -16.49
CA CYS P 54 11.16 -57.17 -15.15
C CYS P 54 9.72 -56.69 -15.11
N LYS P 55 8.94 -57.33 -14.26
CA LYS P 55 7.52 -57.12 -14.14
C LYS P 55 7.27 -55.80 -13.45
N THR P 56 6.01 -55.55 -13.13
CA THR P 56 5.60 -54.44 -12.28
C THR P 56 4.13 -54.65 -11.97
N THR P 57 3.72 -54.21 -10.80
CA THR P 57 2.32 -54.35 -10.43
C THR P 57 1.45 -53.59 -11.41
N GLU P 58 0.21 -54.02 -11.52
CA GLU P 58 -0.68 -53.44 -12.53
C GLU P 58 -0.81 -51.93 -12.33
N ASP P 59 -1.24 -51.49 -11.16
CA ASP P 59 -1.22 -50.08 -10.84
C ASP P 59 0.24 -49.73 -10.60
N GLY P 60 0.95 -49.52 -11.69
CA GLY P 60 2.40 -49.59 -11.60
C GLY P 60 2.94 -48.60 -10.60
N GLN P 61 3.25 -49.11 -9.41
CA GLN P 61 4.05 -48.37 -8.45
C GLN P 61 4.95 -49.31 -7.67
N TYR P 62 5.32 -50.43 -8.27
CA TYR P 62 6.30 -51.34 -7.67
C TYR P 62 6.91 -52.16 -8.79
N ILE P 63 7.95 -52.92 -8.45
CA ILE P 63 8.61 -53.81 -9.39
C ILE P 63 8.69 -55.18 -8.72
N ILE P 64 7.68 -56.00 -8.93
CA ILE P 64 7.72 -57.33 -8.35
C ILE P 64 8.76 -58.13 -9.12
N PRO P 65 9.37 -59.14 -8.52
CA PRO P 65 10.21 -60.05 -9.29
C PRO P 65 9.34 -60.98 -10.11
N ASP P 66 9.88 -61.42 -11.24
CA ASP P 66 9.07 -62.11 -12.22
C ASP P 66 8.73 -63.52 -11.84
N GLU P 67 8.91 -63.90 -10.57
CA GLU P 67 8.40 -65.16 -10.08
C GLU P 67 7.26 -64.98 -9.10
N VAL P 68 6.68 -63.79 -9.03
CA VAL P 68 5.55 -63.54 -8.15
C VAL P 68 4.51 -62.73 -8.91
N TYR P 69 3.26 -62.87 -8.48
CA TYR P 69 2.16 -62.09 -9.02
C TYR P 69 1.35 -61.57 -7.86
N THR P 70 0.76 -60.39 -8.04
CA THR P 70 0.04 -59.71 -6.99
C THR P 70 -1.43 -59.59 -7.34
N ILE P 71 -2.24 -59.45 -6.30
CA ILE P 71 -3.68 -59.26 -6.44
C ILE P 71 -4.13 -58.22 -5.41
N PRO P 72 -4.45 -57.02 -5.84
CA PRO P 72 -4.44 -55.88 -4.92
C PRO P 72 -5.77 -55.58 -4.26
N GLN P 73 -5.76 -55.36 -2.94
CA GLN P 73 -6.93 -54.88 -2.21
C GLN P 73 -6.61 -54.60 -0.76
N LYS P 74 -7.14 -53.51 -0.17
CA LYS P 74 -7.58 -53.49 1.24
C LYS P 74 -7.91 -52.11 1.75
N GLU P 75 -8.46 -52.05 2.97
CA GLU P 75 -8.22 -51.05 4.02
C GLU P 75 -9.14 -51.40 5.19
N SER P 76 -8.73 -51.03 6.40
CA SER P 76 -9.59 -51.24 7.56
C SER P 76 -9.00 -50.54 8.76
N ASN P 77 -9.83 -49.85 9.52
CA ASN P 77 -9.38 -49.31 10.80
C ASN P 77 -10.58 -49.11 11.69
N LEU P 78 -10.31 -48.85 12.97
CA LEU P 78 -11.40 -48.63 13.91
C LEU P 78 -10.90 -47.85 15.11
N GLU P 79 -11.60 -46.78 15.43
CA GLU P 79 -11.32 -45.95 16.60
C GLU P 79 -12.38 -46.21 17.65
N MET P 80 -12.00 -46.04 18.91
CA MET P 80 -12.95 -46.18 20.00
C MET P 80 -12.31 -45.63 21.27
N ASN P 81 -13.12 -44.96 22.08
CA ASN P 81 -12.64 -44.41 23.33
C ASN P 81 -13.80 -44.31 24.31
N SER P 82 -13.48 -43.99 25.56
CA SER P 82 -14.47 -43.93 26.62
C SER P 82 -14.16 -42.75 27.53
N GLU P 83 -14.97 -42.58 28.56
CA GLU P 83 -14.91 -41.40 29.41
C GLU P 83 -15.56 -41.72 30.74
N VAL P 84 -15.09 -41.05 31.80
CA VAL P 84 -15.63 -41.21 33.15
C VAL P 84 -15.30 -39.95 33.94
N LEU P 85 -16.30 -39.39 34.63
CA LEU P 85 -16.11 -38.23 35.49
C LEU P 85 -16.80 -38.44 36.82
N GLU P 86 -16.57 -37.51 37.76
CA GLU P 86 -17.19 -37.50 39.07
C GLU P 86 -17.10 -36.09 39.65
N SER P 87 -17.83 -35.86 40.73
CA SER P 87 -17.69 -34.65 41.55
C SER P 87 -18.55 -34.79 42.79
N TRP P 88 -18.04 -34.34 43.93
CA TRP P 88 -18.74 -34.44 45.21
C TRP P 88 -18.66 -33.10 45.94
N MET P 89 -19.46 -32.96 47.01
CA MET P 89 -19.46 -31.75 47.84
C MET P 89 -19.91 -32.12 49.26
N ASN P 90 -19.96 -31.10 50.13
CA ASN P 90 -20.52 -31.21 51.48
C ASN P 90 -20.74 -29.82 52.06
N TYR P 91 -21.10 -29.77 53.35
CA TYR P 91 -21.53 -28.54 54.02
C TYR P 91 -21.43 -28.73 55.54
N GLN P 92 -22.05 -27.81 56.29
CA GLN P 92 -21.68 -27.55 57.68
C GLN P 92 -22.82 -27.50 58.69
N SER P 93 -22.51 -27.06 59.92
CA SER P 93 -23.46 -27.01 61.03
C SER P 93 -22.99 -25.93 62.01
N THR P 94 -23.91 -25.47 62.87
CA THR P 94 -23.67 -24.32 63.73
C THR P 94 -24.63 -24.30 64.92
N THR P 95 -24.10 -23.89 66.07
CA THR P 95 -24.93 -23.62 67.25
C THR P 95 -24.45 -22.36 67.93
N SER P 96 -25.31 -21.78 68.77
CA SER P 96 -24.98 -20.56 69.49
C SER P 96 -26.04 -20.30 70.56
N LEU P 97 -25.61 -19.88 71.75
CA LEU P 97 -26.52 -19.54 72.85
C LEU P 97 -25.92 -18.38 73.62
N SER P 98 -26.71 -17.32 73.82
CA SER P 98 -26.26 -16.08 74.46
C SER P 98 -27.23 -15.73 75.58
N ILE P 99 -26.87 -16.08 76.82
CA ILE P 99 -27.85 -16.12 77.90
C ILE P 99 -27.32 -15.49 79.20
N ASN P 100 -27.97 -14.42 79.67
CA ASN P 100 -28.32 -14.23 81.07
C ASN P 100 -28.76 -12.79 81.28
N THR P 101 -29.21 -12.49 82.50
CA THR P 101 -29.38 -11.13 83.00
C THR P 101 -29.56 -11.23 84.51
N GLU P 102 -29.49 -10.09 85.20
CA GLU P 102 -29.81 -10.01 86.62
C GLU P 102 -29.89 -8.53 87.04
N LEU P 103 -30.70 -8.28 88.07
CA LEU P 103 -30.84 -6.97 88.69
C LEU P 103 -31.56 -7.13 90.04
N ALA P 104 -31.38 -6.15 90.92
CA ALA P 104 -32.23 -5.92 92.07
C ALA P 104 -31.81 -4.62 92.73
N LEU P 105 -32.66 -4.11 93.61
CA LEU P 105 -32.37 -2.92 94.39
C LEU P 105 -32.18 -3.20 95.87
N PHE P 106 -32.27 -4.46 96.30
CA PHE P 106 -32.16 -4.81 97.71
C PHE P 106 -30.93 -5.67 98.01
N SER P 107 -30.80 -6.83 97.36
CA SER P 107 -29.68 -7.71 97.67
C SER P 107 -28.97 -8.32 96.47
N ARG P 108 -29.61 -8.48 95.31
CA ARG P 108 -29.06 -9.32 94.25
C ARG P 108 -29.15 -8.60 92.90
N VAL P 109 -28.16 -7.75 92.60
CA VAL P 109 -28.02 -7.12 91.29
C VAL P 109 -26.71 -7.54 90.66
N ASN P 110 -26.78 -8.21 89.53
CA ASN P 110 -25.62 -8.77 88.85
C ASN P 110 -25.74 -8.57 87.35
N GLY P 111 -24.83 -9.20 86.62
CA GLY P 111 -24.88 -9.25 85.17
C GLY P 111 -24.20 -10.51 84.68
N LYS P 112 -24.68 -11.10 83.59
CA LYS P 112 -24.05 -12.29 83.03
C LYS P 112 -24.46 -12.43 81.57
N PHE P 113 -23.51 -12.86 80.74
CA PHE P 113 -23.78 -13.24 79.35
C PHE P 113 -22.76 -14.31 78.98
N SER P 114 -23.13 -15.58 79.12
CA SER P 114 -22.23 -16.68 78.80
C SER P 114 -22.45 -17.13 77.34
N THR P 115 -22.28 -16.16 76.43
CA THR P 115 -22.56 -16.40 75.02
C THR P 115 -21.53 -17.36 74.43
N GLU P 116 -21.99 -18.22 73.53
CA GLU P 116 -21.14 -19.24 72.92
C GLU P 116 -21.45 -19.36 71.44
N PHE P 117 -20.47 -19.87 70.71
CA PHE P 117 -20.61 -20.12 69.27
C PHE P 117 -19.78 -21.34 68.92
N GLN P 118 -20.38 -22.27 68.18
CA GLN P 118 -19.65 -23.40 67.62
C GLN P 118 -20.03 -23.53 66.16
N ARG P 119 -19.05 -23.39 65.27
CA ARG P 119 -19.26 -23.55 63.84
C ARG P 119 -18.20 -24.50 63.32
N MET P 120 -18.60 -25.40 62.43
CA MET P 120 -17.68 -26.36 61.81
C MET P 120 -18.07 -26.51 60.34
N LYS P 121 -17.35 -25.83 59.46
CA LYS P 121 -17.58 -25.92 58.03
C LYS P 121 -16.59 -26.91 57.43
N THR P 122 -17.10 -27.98 56.82
CA THR P 122 -16.26 -28.94 56.13
C THR P 122 -16.75 -29.05 54.69
N LEU P 123 -15.81 -28.92 53.75
CA LEU P 123 -16.07 -29.21 52.35
C LEU P 123 -15.25 -30.42 51.95
N GLN P 124 -15.74 -31.14 50.95
CA GLN P 124 -15.01 -32.27 50.38
C GLN P 124 -15.37 -32.33 48.90
N VAL P 125 -14.58 -31.69 48.09
CA VAL P 125 -14.68 -31.85 46.64
C VAL P 125 -13.86 -33.08 46.27
N LYS P 126 -14.33 -33.82 45.27
CA LYS P 126 -13.61 -35.02 44.84
C LYS P 126 -13.90 -35.24 43.37
N ASP P 127 -12.91 -34.95 42.52
CA ASP P 127 -13.05 -35.01 41.07
C ASP P 127 -12.17 -36.12 40.53
N GLN P 128 -12.65 -36.83 39.51
CA GLN P 128 -11.92 -37.98 38.98
C GLN P 128 -12.22 -38.12 37.49
N ALA P 129 -11.36 -37.58 36.64
CA ALA P 129 -11.48 -37.74 35.20
C ALA P 129 -10.73 -38.98 34.75
N VAL P 130 -11.26 -39.62 33.71
CA VAL P 130 -10.61 -40.79 33.13
C VAL P 130 -10.87 -40.83 31.63
N THR P 131 -9.80 -40.83 30.84
CA THR P 131 -9.91 -40.95 29.40
C THR P 131 -9.15 -42.18 28.94
N THR P 132 -9.62 -42.80 27.87
CA THR P 132 -9.00 -44.03 27.39
C THR P 132 -9.32 -44.18 25.91
N ARG P 133 -8.36 -43.88 25.05
CA ARG P 133 -8.52 -44.06 23.61
C ARG P 133 -7.74 -45.29 23.16
N VAL P 134 -8.27 -45.96 22.15
CA VAL P 134 -7.61 -47.07 21.47
C VAL P 134 -8.05 -46.98 20.03
N GLN P 135 -7.10 -47.02 19.10
CA GLN P 135 -7.49 -46.97 17.70
C GLN P 135 -6.42 -47.60 16.85
N VAL P 136 -6.84 -48.39 15.87
CA VAL P 136 -5.98 -49.35 15.18
C VAL P 136 -6.26 -49.30 13.69
N ARG P 137 -5.20 -49.27 12.89
CA ARG P 137 -5.30 -49.24 11.43
C ARG P 137 -4.74 -50.52 10.83
N ASN P 138 -5.27 -50.91 9.68
CA ASN P 138 -4.76 -52.04 8.92
C ASN P 138 -4.86 -51.80 7.43
N ARG P 139 -3.88 -52.28 6.69
CA ARG P 139 -3.89 -52.28 5.24
C ARG P 139 -3.35 -53.63 4.78
N ILE P 140 -3.82 -54.09 3.63
CA ILE P 140 -3.15 -55.24 3.01
C ILE P 140 -3.02 -55.00 1.52
N TYR P 141 -2.07 -55.69 0.88
CA TYR P 141 -2.00 -55.71 -0.59
C TYR P 141 -1.17 -56.94 -0.99
N THR P 142 -1.83 -58.06 -1.25
CA THR P 142 -1.18 -59.35 -1.10
C THR P 142 -0.29 -59.70 -2.28
N VAL P 143 0.45 -60.79 -2.11
CA VAL P 143 1.53 -61.22 -3.00
C VAL P 143 1.65 -62.74 -2.92
N LYS P 144 1.68 -63.40 -4.07
CA LYS P 144 1.83 -64.84 -4.13
C LYS P 144 3.06 -65.18 -4.96
N THR P 145 3.64 -66.35 -4.71
CA THR P 145 4.72 -66.84 -5.53
C THR P 145 4.15 -67.59 -6.71
N THR P 146 4.74 -67.39 -7.88
CA THR P 146 4.20 -68.02 -9.07
C THR P 146 4.30 -69.53 -8.95
N PRO P 147 3.33 -70.27 -9.48
CA PRO P 147 3.31 -71.71 -9.29
C PRO P 147 4.39 -72.46 -10.04
N THR P 148 5.23 -71.76 -10.80
CA THR P 148 6.22 -72.43 -11.64
C THR P 148 7.63 -71.89 -11.40
N SER P 149 7.90 -71.32 -10.24
CA SER P 149 9.25 -70.84 -10.00
C SER P 149 10.15 -71.98 -9.54
N GLU P 150 11.44 -71.71 -9.57
CA GLU P 150 12.45 -72.71 -9.27
C GLU P 150 13.22 -72.32 -8.01
N LEU P 151 13.91 -73.29 -7.44
CA LEU P 151 14.66 -73.05 -6.23
C LEU P 151 15.77 -72.03 -6.48
N SER P 152 16.23 -71.40 -5.41
CA SER P 152 17.30 -70.45 -5.52
C SER P 152 18.61 -71.15 -5.84
N LEU P 153 19.67 -70.37 -6.00
CA LEU P 153 20.97 -70.99 -6.26
C LEU P 153 21.53 -71.60 -4.99
N GLY P 154 21.64 -70.82 -3.92
CA GLY P 154 22.19 -71.35 -2.68
C GLY P 154 21.42 -72.55 -2.16
N PHE P 155 20.10 -72.53 -2.33
CA PHE P 155 19.30 -73.66 -1.86
C PHE P 155 19.66 -74.92 -2.62
N THR P 156 19.67 -74.87 -3.95
CA THR P 156 20.07 -76.02 -4.73
C THR P 156 21.48 -76.45 -4.37
N LYS P 157 22.37 -75.50 -4.13
CA LYS P 157 23.73 -75.86 -3.74
C LYS P 157 23.72 -76.71 -2.48
N ALA P 158 23.08 -76.22 -1.43
CA ALA P 158 23.03 -76.98 -0.18
C ALA P 158 22.36 -78.33 -0.40
N LEU P 159 21.32 -78.37 -1.22
CA LEU P 159 20.57 -79.60 -1.40
C LEU P 159 21.43 -80.65 -2.10
N MET P 160 21.96 -80.32 -3.27
CA MET P 160 22.81 -81.29 -3.95
C MET P 160 24.10 -81.55 -3.18
N ASP P 161 24.48 -80.68 -2.26
CA ASP P 161 25.60 -81.00 -1.38
C ASP P 161 25.23 -82.14 -0.45
N ILE P 162 24.07 -82.04 0.20
CA ILE P 162 23.61 -83.15 1.02
C ILE P 162 23.44 -84.40 0.17
N CYS P 163 23.02 -84.24 -1.09
CA CYS P 163 22.86 -85.41 -1.94
C CYS P 163 24.19 -86.05 -2.26
N ASP P 164 25.22 -85.25 -2.51
CA ASP P 164 26.56 -85.81 -2.69
C ASP P 164 27.07 -86.46 -1.42
N GLN P 165 26.65 -85.94 -0.27
CA GLN P 165 27.03 -86.58 0.99
C GLN P 165 26.37 -87.95 1.13
N LEU P 166 25.11 -88.06 0.71
CA LEU P 166 24.42 -89.34 0.84
C LEU P 166 24.94 -90.35 -0.18
N GLU P 167 25.20 -89.90 -1.41
CA GLU P 167 25.86 -90.78 -2.37
C GLU P 167 27.25 -91.18 -1.92
N LYS P 168 27.96 -90.28 -1.25
CA LYS P 168 29.26 -90.57 -0.68
C LYS P 168 29.15 -91.32 0.64
N ASN P 169 27.94 -91.69 1.05
CA ASN P 169 27.67 -92.63 2.13
C ASN P 169 28.01 -92.06 3.50
N GLN P 170 28.57 -90.85 3.57
CA GLN P 170 28.97 -90.24 4.83
C GLN P 170 27.73 -89.73 5.54
N THR P 171 27.13 -90.59 6.35
CA THR P 171 25.87 -90.25 7.01
C THR P 171 26.05 -89.08 7.98
N LYS P 172 27.07 -89.15 8.83
CA LYS P 172 27.26 -88.14 9.87
C LYS P 172 27.37 -86.74 9.25
N MET P 173 28.32 -86.56 8.34
CA MET P 173 28.43 -85.27 7.67
C MET P 173 27.15 -84.92 6.93
N ALA P 174 26.47 -85.90 6.37
CA ALA P 174 25.23 -85.62 5.64
C ALA P 174 24.16 -85.09 6.57
N THR P 175 23.89 -85.80 7.67
CA THR P 175 22.84 -85.35 8.57
C THR P 175 23.22 -84.02 9.22
N TYR P 176 24.50 -83.79 9.48
CA TYR P 176 24.90 -82.49 10.00
C TYR P 176 24.67 -81.39 8.97
N LEU P 177 24.93 -81.69 7.69
CA LEU P 177 24.69 -80.70 6.66
C LEU P 177 23.20 -80.40 6.53
N ALA P 178 22.37 -81.42 6.70
CA ALA P 178 20.92 -81.18 6.67
C ALA P 178 20.49 -80.33 7.84
N GLU P 179 21.06 -80.60 9.02
CA GLU P 179 20.74 -79.79 10.19
C GLU P 179 21.18 -78.34 9.97
N LEU P 180 22.35 -78.15 9.37
CA LEU P 180 22.78 -76.80 9.03
C LEU P 180 21.85 -76.16 8.04
N LEU P 181 21.38 -76.93 7.05
CA LEU P 181 20.41 -76.41 6.09
C LEU P 181 19.17 -75.89 6.80
N ILE P 182 18.64 -76.68 7.73
CA ILE P 182 17.41 -76.26 8.38
C ILE P 182 17.66 -75.08 9.29
N LEU P 183 18.86 -74.98 9.85
CA LEU P 183 19.21 -73.80 10.64
C LEU P 183 19.41 -72.58 9.79
N ASN P 184 19.78 -72.77 8.52
CA ASN P 184 20.18 -71.69 7.65
C ASN P 184 19.09 -71.21 6.71
N TYR P 185 18.03 -72.00 6.54
CA TYR P 185 16.97 -71.68 5.60
C TYR P 185 15.59 -71.86 6.21
N GLY P 186 15.49 -72.08 7.51
CA GLY P 186 14.19 -72.20 8.14
C GLY P 186 13.45 -73.47 7.80
N THR P 187 12.41 -73.76 8.55
CA THR P 187 11.66 -74.99 8.40
C THR P 187 10.45 -74.85 7.50
N HIS P 188 10.26 -73.71 6.87
CA HIS P 188 9.14 -73.53 5.96
C HIS P 188 9.50 -72.49 4.94
N VAL P 189 8.94 -72.62 3.75
CA VAL P 189 9.09 -71.63 2.69
C VAL P 189 7.75 -70.95 2.50
N ILE P 190 7.78 -69.63 2.38
CA ILE P 190 6.58 -68.83 2.30
C ILE P 190 6.11 -68.80 0.86
N THR P 191 4.81 -68.93 0.66
CA THR P 191 4.23 -68.82 -0.67
C THR P 191 3.20 -67.72 -0.76
N SER P 192 3.05 -66.89 0.27
CA SER P 192 2.05 -65.84 0.26
C SER P 192 2.32 -64.89 1.40
N VAL P 193 2.33 -63.60 1.09
CA VAL P 193 2.40 -62.55 2.10
C VAL P 193 1.37 -61.50 1.73
N ASP P 194 1.13 -60.58 2.64
CA ASP P 194 0.17 -59.50 2.43
C ASP P 194 0.88 -58.19 2.70
N ALA P 195 1.34 -57.54 1.64
CA ALA P 195 2.00 -56.26 1.79
C ALA P 195 1.03 -55.27 2.39
N GLY P 196 1.26 -54.90 3.64
CA GLY P 196 0.40 -53.94 4.27
C GLY P 196 1.14 -53.23 5.38
N ALA P 197 0.39 -52.50 6.18
CA ALA P 197 0.93 -51.88 7.37
C ALA P 197 -0.17 -51.79 8.41
N ALA P 198 0.24 -51.63 9.64
CA ALA P 198 -0.70 -51.55 10.74
C ALA P 198 -0.25 -50.47 11.70
N LEU P 199 -1.15 -50.08 12.59
CA LEU P 199 -0.84 -49.09 13.60
C LEU P 199 -1.82 -49.29 14.73
N VAL P 200 -1.31 -49.52 15.93
CA VAL P 200 -2.13 -49.79 17.10
C VAL P 200 -1.66 -48.81 18.16
N GLN P 201 -2.45 -47.79 18.43
CA GLN P 201 -2.04 -46.77 19.38
C GLN P 201 -3.15 -46.55 20.38
N GLU P 202 -2.76 -46.19 21.60
CA GLU P 202 -3.71 -46.08 22.70
C GLU P 202 -3.10 -45.24 23.79
N ASP P 203 -3.95 -44.77 24.70
CA ASP P 203 -3.47 -43.96 25.80
C ASP P 203 -4.55 -43.90 26.87
N HIS P 204 -4.11 -43.74 28.12
CA HIS P 204 -5.00 -43.58 29.24
C HIS P 204 -4.65 -42.31 29.99
N VAL P 205 -5.67 -41.64 30.49
CA VAL P 205 -5.51 -40.52 31.40
C VAL P 205 -6.33 -40.81 32.64
N ARG P 206 -5.77 -40.52 33.81
CA ARG P 206 -6.49 -40.80 35.05
C ARG P 206 -6.20 -39.66 36.02
N SER P 207 -7.04 -38.64 35.97
CA SER P 207 -6.94 -37.54 36.91
C SER P 207 -7.64 -37.90 38.21
N SER P 208 -7.11 -37.42 39.31
CA SER P 208 -7.70 -37.58 40.63
C SER P 208 -7.53 -36.30 41.40
N PHE P 209 -8.61 -35.79 41.96
CA PHE P 209 -8.60 -34.49 42.60
C PHE P 209 -9.42 -34.59 43.87
N LEU P 210 -8.74 -34.61 45.01
CA LEU P 210 -9.39 -34.76 46.30
C LEU P 210 -9.10 -33.52 47.13
N LEU P 211 -10.14 -32.81 47.52
CA LEU P 211 -10.01 -31.57 48.27
C LEU P 211 -10.68 -31.72 49.62
N ASP P 212 -10.10 -31.08 50.63
CA ASP P 212 -10.64 -31.11 51.98
C ASP P 212 -10.79 -29.70 52.50
N ASN P 213 -11.47 -29.59 53.64
CA ASN P 213 -11.63 -28.32 54.33
C ASN P 213 -12.26 -28.60 55.67
N GLN P 214 -11.78 -27.91 56.71
CA GLN P 214 -12.38 -27.99 58.03
C GLN P 214 -12.27 -26.58 58.62
N ASN P 215 -13.29 -25.77 58.40
CA ASN P 215 -13.25 -24.36 58.76
C ASN P 215 -14.11 -24.15 60.00
N SER P 216 -13.52 -24.40 61.16
CA SER P 216 -14.24 -24.33 62.43
C SER P 216 -14.09 -22.95 63.04
N GLN P 217 -14.89 -22.69 64.07
CA GLN P 217 -14.85 -21.40 64.76
C GLN P 217 -15.40 -21.55 66.17
N ASN P 218 -15.00 -20.63 67.04
CA ASN P 218 -15.51 -20.55 68.40
C ASN P 218 -15.64 -19.09 68.80
N THR P 219 -16.55 -18.82 69.72
CA THR P 219 -16.71 -17.47 70.26
C THR P 219 -17.33 -17.60 71.64
N VAL P 220 -16.53 -17.36 72.67
CA VAL P 220 -16.98 -17.44 74.06
C VAL P 220 -16.88 -16.05 74.66
N THR P 221 -17.94 -15.61 75.32
CA THR P 221 -17.97 -14.33 75.99
C THR P 221 -18.60 -14.49 77.37
N ALA P 222 -18.06 -13.77 78.33
CA ALA P 222 -18.59 -13.72 79.69
C ALA P 222 -18.97 -12.29 80.03
N SER P 223 -19.63 -12.11 81.17
CA SER P 223 -20.05 -10.79 81.58
C SER P 223 -20.27 -10.75 83.10
N ALA P 224 -20.37 -9.53 83.60
CA ALA P 224 -20.58 -9.23 85.01
C ALA P 224 -21.37 -7.92 85.07
N GLY P 225 -21.25 -7.22 86.20
CA GLY P 225 -22.04 -6.02 86.38
C GLY P 225 -22.80 -5.97 87.67
N ILE P 226 -22.28 -6.63 88.71
CA ILE P 226 -22.87 -6.53 90.04
C ILE P 226 -22.58 -5.13 90.57
N ALA P 227 -23.52 -4.21 90.37
CA ALA P 227 -23.29 -2.84 90.79
C ALA P 227 -24.56 -2.07 91.14
N PHE P 228 -25.01 -2.14 92.39
CA PHE P 228 -25.73 -1.03 92.98
C PHE P 228 -25.29 -0.83 94.43
N LEU P 229 -24.96 -1.93 95.10
CA LEU P 229 -24.81 -1.92 96.55
C LEU P 229 -23.42 -2.35 96.94
N ASN P 230 -22.82 -1.58 97.86
CA ASN P 230 -21.54 -1.83 98.50
C ASN P 230 -20.39 -1.60 97.53
N ILE P 231 -20.72 -1.54 96.24
CA ILE P 231 -19.88 -1.04 95.15
C ILE P 231 -20.85 -0.49 94.12
N VAL P 232 -20.85 0.82 93.90
CA VAL P 232 -21.86 1.39 93.01
C VAL P 232 -21.59 0.98 91.57
N ASN P 233 -20.33 0.65 91.25
CA ASN P 233 -20.01 0.18 89.90
C ASN P 233 -18.70 -0.58 89.84
N PHE P 234 -18.75 -1.79 89.25
CA PHE P 234 -17.57 -2.42 88.66
C PHE P 234 -18.04 -3.51 87.71
N LYS P 235 -17.44 -3.57 86.53
CA LYS P 235 -17.94 -4.40 85.44
C LYS P 235 -16.82 -5.30 84.94
N VAL P 236 -17.17 -6.54 84.64
CA VAL P 236 -16.22 -7.53 84.16
C VAL P 236 -16.82 -8.23 82.95
N GLU P 237 -16.05 -8.34 81.87
CA GLU P 237 -16.43 -9.14 80.73
C GLU P 237 -15.18 -9.59 79.99
N THR P 238 -15.10 -10.88 79.71
CA THR P 238 -14.03 -11.44 78.89
C THR P 238 -14.57 -11.79 77.51
N ASP P 239 -13.67 -11.84 76.55
CA ASP P 239 -14.01 -12.26 75.19
C ASP P 239 -13.01 -13.31 74.72
N TYR P 240 -13.44 -14.14 73.79
CA TYR P 240 -12.60 -15.26 73.34
C TYR P 240 -13.15 -15.75 72.01
N ILE P 241 -12.33 -15.71 70.98
CA ILE P 241 -12.72 -16.20 69.66
C ILE P 241 -11.56 -16.99 69.08
N SER P 242 -11.85 -18.17 68.55
CA SER P 242 -10.85 -19.05 67.98
C SER P 242 -11.32 -19.52 66.63
N GLN P 243 -10.40 -19.58 65.67
CA GLN P 243 -10.71 -20.03 64.33
C GLN P 243 -9.74 -21.14 63.93
N THR P 244 -10.16 -21.93 62.96
CA THR P 244 -9.31 -23.00 62.44
C THR P 244 -9.82 -23.36 61.06
N SER P 245 -9.02 -23.08 60.05
CA SER P 245 -9.39 -23.38 58.67
C SER P 245 -8.25 -24.17 58.05
N LEU P 246 -8.50 -25.43 57.72
CA LEU P 246 -7.47 -26.33 57.23
C LEU P 246 -7.96 -26.95 55.93
N THR P 247 -7.36 -26.55 54.82
CA THR P 247 -7.67 -27.12 53.52
C THR P 247 -6.56 -28.09 53.11
N LYS P 248 -6.96 -29.14 52.41
CA LYS P 248 -6.02 -30.14 51.93
C LYS P 248 -6.53 -30.63 50.58
N ASP P 249 -5.75 -30.42 49.54
CA ASP P 249 -6.07 -30.94 48.22
C ASP P 249 -4.92 -31.78 47.71
N TYR P 250 -5.24 -32.75 46.85
CA TYR P 250 -4.27 -33.77 46.47
C TYR P 250 -4.59 -34.21 45.05
N LEU P 251 -3.91 -33.59 44.09
CA LEU P 251 -4.13 -33.83 42.67
C LEU P 251 -3.08 -34.80 42.15
N SER P 252 -3.50 -35.71 41.27
CA SER P 252 -2.56 -36.67 40.70
C SER P 252 -3.06 -37.11 39.32
N ASN P 253 -2.48 -36.52 38.28
CA ASN P 253 -2.64 -37.05 36.93
C ASN P 253 -1.78 -38.28 36.75
N ARG P 254 -2.15 -39.11 35.78
CA ARG P 254 -1.31 -40.23 35.37
C ARG P 254 -1.68 -40.55 33.93
N THR P 255 -0.77 -40.26 33.01
CA THR P 255 -1.01 -40.46 31.59
C THR P 255 -0.13 -41.57 31.06
N ASN P 256 -0.70 -42.41 30.21
CA ASN P 256 0.08 -43.36 29.44
C ASN P 256 -0.12 -43.10 27.96
N SER P 257 0.65 -43.81 27.15
CA SER P 257 0.52 -43.74 25.71
C SER P 257 1.39 -44.83 25.12
N ARG P 258 0.94 -45.48 24.06
CA ARG P 258 1.74 -46.54 23.47
C ARG P 258 1.30 -46.72 22.03
N VAL P 259 2.06 -46.20 21.09
CA VAL P 259 1.80 -46.52 19.71
C VAL P 259 2.65 -47.75 19.42
N GLN P 260 2.21 -48.54 18.46
CA GLN P 260 2.97 -49.70 18.05
C GLN P 260 2.63 -49.95 16.59
N SER P 261 3.45 -49.43 15.70
CA SER P 261 3.13 -49.44 14.28
C SER P 261 4.15 -50.30 13.55
N PHE P 262 3.67 -51.10 12.60
CA PHE P 262 4.55 -51.79 11.69
C PHE P 262 3.76 -52.11 10.44
N GLY P 263 4.13 -51.49 9.34
CA GLY P 263 5.21 -50.53 9.35
C GLY P 263 4.94 -49.43 8.36
N GLY P 264 5.14 -48.20 8.77
CA GLY P 264 4.93 -47.10 7.86
C GLY P 264 6.10 -46.13 7.90
N VAL P 265 5.81 -44.85 8.08
CA VAL P 265 6.88 -43.87 8.24
C VAL P 265 7.22 -43.88 9.73
N PRO P 266 8.48 -43.70 10.12
CA PRO P 266 8.81 -43.68 11.55
C PRO P 266 7.88 -42.80 12.35
N PHE P 267 7.14 -43.42 13.26
CA PHE P 267 6.09 -42.73 13.97
C PHE P 267 6.65 -41.66 14.89
N TYR P 268 5.81 -40.69 15.21
CA TYR P 268 6.13 -39.66 16.19
C TYR P 268 4.82 -39.08 16.70
N PRO P 269 4.78 -38.64 17.95
CA PRO P 269 3.47 -38.36 18.57
C PRO P 269 2.62 -37.36 17.80
N GLY P 270 3.19 -36.23 17.43
CA GLY P 270 2.37 -35.22 16.79
C GLY P 270 1.87 -35.56 15.41
N ILE P 271 2.10 -36.78 14.93
CA ILE P 271 1.73 -37.11 13.57
C ILE P 271 0.23 -37.20 13.44
N THR P 272 -0.29 -36.76 12.30
CA THR P 272 -1.71 -36.95 12.05
C THR P 272 -1.99 -38.42 11.81
N LEU P 273 -3.26 -38.75 11.83
CA LEU P 273 -3.66 -40.08 11.42
C LEU P 273 -3.65 -40.23 9.93
N GLU P 274 -3.28 -39.17 9.21
CA GLU P 274 -3.28 -39.12 7.75
C GLU P 274 -1.87 -39.20 7.17
N THR P 275 -1.02 -38.24 7.49
CA THR P 275 0.34 -38.25 6.95
C THR P 275 1.02 -39.58 7.18
N TRP P 276 0.61 -40.31 8.22
CA TRP P 276 0.92 -41.73 8.30
C TRP P 276 0.53 -42.44 7.01
N GLN P 277 -0.75 -42.36 6.65
CA GLN P 277 -1.24 -43.12 5.51
C GLN P 277 -0.57 -42.69 4.22
N LYS P 278 -0.67 -41.41 3.88
CA LYS P 278 -0.10 -40.96 2.62
C LYS P 278 1.36 -41.35 2.50
N GLY P 279 2.06 -41.50 3.62
CA GLY P 279 3.46 -41.88 3.59
C GLY P 279 3.69 -43.37 3.64
N ILE P 280 2.72 -44.15 3.17
CA ILE P 280 2.84 -45.59 3.18
C ILE P 280 3.24 -46.12 1.80
N THR P 281 3.71 -45.25 0.90
CA THR P 281 3.86 -45.62 -0.50
C THR P 281 4.73 -46.86 -0.65
N ASN P 282 6.02 -46.76 -0.34
CA ASN P 282 6.77 -47.91 0.12
C ASN P 282 6.72 -47.86 1.64
N HIS P 283 7.59 -48.59 2.33
CA HIS P 283 7.44 -48.91 3.74
C HIS P 283 6.28 -49.86 3.94
N LEU P 284 6.16 -50.86 3.08
CA LEU P 284 5.20 -51.93 3.33
C LEU P 284 5.87 -53.04 4.10
N VAL P 285 5.05 -53.83 4.78
CA VAL P 285 5.57 -54.86 5.68
C VAL P 285 4.65 -56.05 5.60
N ALA P 286 5.24 -57.24 5.65
CA ALA P 286 4.44 -58.46 5.60
C ALA P 286 3.64 -58.54 6.88
N ILE P 287 2.34 -58.24 6.80
CA ILE P 287 1.50 -58.31 7.99
C ILE P 287 0.91 -59.69 8.19
N ASP P 288 1.00 -60.56 7.19
CA ASP P 288 0.42 -61.89 7.30
C ASP P 288 1.05 -62.75 6.22
N ARG P 289 1.31 -64.01 6.55
CA ARG P 289 2.03 -64.86 5.62
C ARG P 289 1.61 -66.30 5.78
N ALA P 290 1.79 -67.07 4.72
CA ALA P 290 1.45 -68.48 4.71
C ALA P 290 2.34 -69.18 3.70
N GLY P 291 2.77 -70.39 4.04
CA GLY P 291 3.64 -71.14 3.17
C GLY P 291 3.47 -72.62 3.41
N LEU P 292 4.48 -73.38 2.99
CA LEU P 292 4.45 -74.82 3.06
C LEU P 292 5.71 -75.33 3.75
N PRO P 293 5.70 -76.56 4.26
CA PRO P 293 6.93 -77.13 4.81
C PRO P 293 7.92 -77.38 3.70
N LEU P 294 9.18 -77.05 3.94
CA LEU P 294 10.15 -77.03 2.85
C LEU P 294 10.39 -78.41 2.27
N HIS P 295 10.20 -79.45 3.07
CA HIS P 295 10.34 -80.81 2.54
C HIS P 295 9.41 -81.01 1.35
N PHE P 296 8.29 -80.29 1.32
CA PHE P 296 7.38 -80.36 0.19
C PHE P 296 8.04 -79.86 -1.08
N PHE P 297 8.98 -78.94 -0.98
CA PHE P 297 9.59 -78.35 -2.15
C PHE P 297 10.78 -79.15 -2.66
N ILE P 298 11.15 -80.22 -1.98
CA ILE P 298 12.25 -81.08 -2.39
C ILE P 298 11.62 -82.23 -3.16
N LYS P 299 11.42 -82.03 -4.46
CA LYS P 299 10.80 -83.00 -5.32
C LYS P 299 11.51 -83.01 -6.66
N PRO P 300 11.55 -84.15 -7.35
CA PRO P 300 12.38 -84.25 -8.56
C PRO P 300 12.01 -83.26 -9.63
N ASP P 301 10.75 -82.84 -9.72
CA ASP P 301 10.38 -81.84 -10.71
C ASP P 301 11.01 -80.50 -10.37
N LYS P 302 10.84 -80.04 -9.12
CA LYS P 302 11.45 -78.78 -8.69
C LYS P 302 12.97 -78.88 -8.66
N LEU P 303 13.50 -80.03 -8.72
CA LEU P 303 14.96 -80.10 -8.73
C LEU P 303 15.45 -80.35 -10.15
N PRO P 304 16.64 -79.85 -10.48
CA PRO P 304 17.22 -80.12 -11.79
C PRO P 304 17.61 -81.57 -11.93
N GLY P 305 18.25 -81.92 -13.04
CA GLY P 305 18.63 -83.30 -13.31
C GLY P 305 19.34 -83.95 -12.14
N LEU P 306 18.67 -84.93 -11.54
CA LEU P 306 19.20 -85.67 -10.40
C LEU P 306 18.49 -87.01 -10.33
N PRO P 307 19.09 -88.00 -9.69
CA PRO P 307 18.48 -89.34 -9.66
C PRO P 307 17.17 -89.35 -8.89
N GLY P 308 16.17 -89.99 -9.46
CA GLY P 308 14.83 -90.01 -8.92
C GLY P 308 14.75 -90.44 -7.48
N PRO P 309 15.03 -91.71 -7.19
CA PRO P 309 14.92 -92.20 -5.81
C PRO P 309 15.85 -91.49 -4.85
N LEU P 310 16.97 -90.97 -5.35
CA LEU P 310 17.88 -90.25 -4.46
C LEU P 310 17.24 -88.98 -3.92
N VAL P 311 16.39 -88.33 -4.72
CA VAL P 311 15.75 -87.14 -4.17
C VAL P 311 14.69 -87.55 -3.16
N LYS P 312 14.11 -88.74 -3.28
CA LYS P 312 13.25 -89.26 -2.23
C LYS P 312 14.04 -89.44 -0.94
N LYS P 313 15.21 -90.07 -1.05
CA LYS P 313 16.12 -90.18 0.09
C LYS P 313 16.39 -88.81 0.71
N LEU P 314 16.72 -87.84 -0.15
CA LEU P 314 17.08 -86.51 0.33
C LEU P 314 15.92 -85.86 1.05
N SER P 315 14.72 -85.95 0.48
CA SER P 315 13.54 -85.36 1.11
C SER P 315 13.29 -86.00 2.47
N LYS P 316 13.41 -87.33 2.55
CA LYS P 316 13.22 -87.98 3.84
C LYS P 316 14.25 -87.52 4.85
N THR P 317 15.50 -87.38 4.43
CA THR P 317 16.55 -86.95 5.35
C THR P 317 16.29 -85.54 5.85
N VAL P 318 15.98 -84.62 4.94
CA VAL P 318 15.70 -83.25 5.35
C VAL P 318 14.51 -83.21 6.29
N GLU P 319 13.47 -83.96 5.96
CA GLU P 319 12.27 -83.97 6.80
C GLU P 319 12.57 -84.51 8.19
N THR P 320 13.36 -85.58 8.28
CA THR P 320 13.74 -86.12 9.57
C THR P 320 14.59 -85.13 10.35
N ALA P 321 15.49 -84.43 9.66
CA ALA P 321 16.28 -83.39 10.33
C ALA P 321 15.36 -82.33 10.91
N VAL P 322 14.37 -81.91 10.14
CA VAL P 322 13.37 -80.96 10.66
C VAL P 322 12.72 -81.52 11.91
N ARG P 323 12.10 -82.69 11.77
CA ARG P 323 11.49 -83.41 12.88
C ARG P 323 12.35 -83.35 14.14
N HIS P 324 13.61 -83.76 14.00
CA HIS P 324 14.56 -83.63 15.09
C HIS P 324 14.57 -82.21 15.64
N TYR P 325 14.88 -81.24 14.79
CA TYR P 325 14.95 -79.85 15.22
C TYR P 325 13.61 -79.34 15.71
N TYR P 326 12.52 -80.01 15.31
CA TYR P 326 11.20 -79.50 15.65
C TYR P 326 10.78 -79.90 17.06
N THR P 327 10.74 -81.21 17.33
CA THR P 327 10.27 -81.69 18.63
C THR P 327 11.16 -81.20 19.77
N PHE P 328 12.38 -81.69 19.79
CA PHE P 328 13.41 -81.21 20.70
C PHE P 328 14.45 -80.46 19.88
N ASN P 329 15.56 -80.11 20.53
CA ASN P 329 16.64 -79.40 19.83
C ASN P 329 17.58 -80.42 19.21
N THR P 330 17.01 -81.31 18.38
CA THR P 330 17.74 -82.21 17.49
C THR P 330 19.05 -82.76 18.07
N HIS P 331 19.00 -83.25 19.30
CA HIS P 331 20.19 -83.56 20.08
C HIS P 331 20.72 -84.95 19.77
N PRO P 332 21.86 -85.08 19.06
CA PRO P 332 22.57 -86.37 19.07
C PRO P 332 23.24 -86.62 20.41
N GLY P 333 24.03 -85.66 20.89
CA GLY P 333 24.72 -85.85 22.15
C GLY P 333 24.55 -84.80 23.25
N CYS P 334 24.30 -83.53 22.88
CA CYS P 334 24.30 -82.45 23.87
C CYS P 334 23.95 -81.10 23.28
N THR P 335 23.72 -80.11 24.14
CA THR P 335 23.63 -78.72 23.70
C THR P 335 25.02 -78.23 23.35
N ASN P 336 25.18 -77.63 22.17
CA ASN P 336 26.55 -77.48 21.70
C ASN P 336 27.03 -76.04 21.57
N VAL P 337 26.26 -75.16 20.94
CA VAL P 337 26.82 -73.84 20.62
C VAL P 337 26.86 -72.95 21.85
N ASP P 338 25.93 -73.09 22.77
CA ASP P 338 25.93 -72.32 24.00
C ASP P 338 27.09 -72.78 24.88
N SER P 339 28.00 -71.85 25.21
CA SER P 339 29.21 -72.16 25.96
C SER P 339 29.95 -73.32 25.30
N PRO P 340 30.65 -73.08 24.18
CA PRO P 340 31.16 -74.21 23.40
C PRO P 340 32.28 -74.99 24.07
N ASN P 341 32.55 -74.67 25.34
CA ASN P 341 33.68 -75.25 26.06
C ASN P 341 33.61 -76.77 26.21
N PHE P 342 32.62 -77.30 26.93
CA PHE P 342 32.59 -78.73 27.27
C PHE P 342 31.49 -79.49 26.55
N ASN P 343 31.13 -79.07 25.34
CA ASN P 343 30.00 -79.63 24.63
C ASN P 343 30.44 -80.38 23.37
N PHE P 344 29.65 -81.38 23.00
CA PHE P 344 29.83 -82.08 21.74
C PHE P 344 29.21 -81.24 20.62
N GLN P 345 30.06 -80.67 19.77
CA GLN P 345 29.66 -79.59 18.88
C GLN P 345 29.83 -79.95 17.40
N ALA P 346 29.61 -81.20 17.05
CA ALA P 346 29.43 -81.54 15.64
C ALA P 346 27.98 -81.38 15.20
N ASN P 347 27.06 -81.27 16.15
CA ASN P 347 25.66 -81.02 15.87
C ASN P 347 25.34 -79.53 16.01
N MET P 348 24.07 -79.19 16.08
CA MET P 348 23.61 -77.85 16.40
C MET P 348 22.57 -77.93 17.50
N ASP P 349 22.77 -77.13 18.57
CA ASP P 349 21.87 -77.15 19.72
C ASP P 349 22.11 -75.94 20.61
N ASP P 350 21.04 -75.21 20.93
CA ASP P 350 21.13 -73.94 21.64
C ASP P 350 20.08 -73.88 22.76
N ASP P 351 20.02 -74.92 23.59
CA ASP P 351 19.02 -74.99 24.66
C ASP P 351 19.04 -73.80 25.60
N SER P 352 20.09 -73.69 26.42
CA SER P 352 20.26 -72.58 27.35
C SER P 352 21.61 -72.69 28.07
N CYS P 353 22.00 -71.65 28.80
CA CYS P 353 23.34 -71.54 29.36
C CYS P 353 23.37 -71.48 30.88
N ASP P 354 22.40 -70.82 31.51
CA ASP P 354 22.45 -70.57 32.94
C ASP P 354 22.07 -71.78 33.80
N ALA P 355 22.11 -72.99 33.23
CA ALA P 355 21.74 -74.19 33.97
C ALA P 355 22.76 -74.43 35.07
N LYS P 356 22.29 -74.55 36.31
CA LYS P 356 23.12 -74.96 37.44
C LYS P 356 22.50 -76.08 38.26
N VAL P 357 21.21 -76.36 38.07
CA VAL P 357 20.52 -77.41 38.80
C VAL P 357 19.98 -78.45 37.82
N THR P 358 19.75 -79.65 38.33
CA THR P 358 19.11 -80.72 37.59
C THR P 358 17.79 -81.15 38.23
N ASN P 359 17.10 -80.24 38.91
CA ASN P 359 15.90 -80.57 39.66
C ASN P 359 14.75 -80.90 38.71
N PHE P 360 13.62 -81.33 39.28
CA PHE P 360 12.55 -81.90 38.50
C PHE P 360 11.50 -80.85 38.15
N THR P 361 10.44 -81.29 37.48
CA THR P 361 9.36 -80.39 37.06
C THR P 361 8.51 -79.98 38.26
N PHE P 362 8.87 -78.85 38.86
CA PHE P 362 8.22 -78.37 40.07
C PHE P 362 7.23 -77.26 39.74
N GLY P 363 6.09 -77.67 39.18
CA GLY P 363 5.07 -76.74 38.76
C GLY P 363 4.25 -76.17 39.91
N GLY P 364 3.23 -75.42 39.55
CA GLY P 364 2.32 -74.84 40.52
C GLY P 364 2.62 -73.41 40.90
N VAL P 365 1.58 -72.66 41.29
CA VAL P 365 1.72 -71.26 41.69
C VAL P 365 0.69 -70.94 42.77
N TYR P 366 1.15 -70.39 43.90
CA TYR P 366 0.30 -70.29 45.07
C TYR P 366 0.85 -69.23 46.02
N GLN P 367 -0.02 -68.72 46.89
CA GLN P 367 0.31 -67.64 47.80
C GLN P 367 -0.79 -67.50 48.85
N GLU P 368 -0.72 -66.40 49.61
CA GLU P 368 -1.71 -66.08 50.64
C GLU P 368 -1.68 -64.57 50.88
N CYS P 369 -2.82 -63.92 50.68
CA CYS P 369 -2.96 -62.48 50.89
C CYS P 369 -3.73 -62.26 52.19
N THR P 370 -2.99 -62.00 53.27
CA THR P 370 -3.60 -61.79 54.57
C THR P 370 -3.74 -60.29 54.87
N GLU P 371 -4.90 -59.91 55.38
CA GLU P 371 -5.21 -58.53 55.74
C GLU P 371 -4.82 -58.29 57.19
N LEU P 372 -4.15 -57.17 57.44
CA LEU P 372 -3.86 -56.76 58.81
C LEU P 372 -4.86 -55.75 59.34
N SER P 373 -5.29 -54.79 58.52
CA SER P 373 -6.27 -53.80 58.95
C SER P 373 -6.87 -53.14 57.72
N GLY P 374 -8.14 -52.75 57.83
CA GLY P 374 -8.87 -52.20 56.70
C GLY P 374 -9.13 -53.24 55.63
N ASP P 375 -9.87 -52.88 54.59
CA ASP P 375 -10.11 -53.76 53.45
C ASP P 375 -9.80 -52.99 52.16
N VAL P 376 -8.53 -52.97 51.79
CA VAL P 376 -8.10 -52.33 50.55
C VAL P 376 -7.20 -53.27 49.75
N LEU P 377 -6.12 -53.73 50.40
CA LEU P 377 -5.05 -54.40 49.69
C LEU P 377 -5.37 -55.85 49.35
N CYS P 378 -6.33 -56.46 50.04
CA CYS P 378 -6.70 -57.84 49.75
C CYS P 378 -7.28 -58.00 48.35
N GLN P 379 -7.94 -56.97 47.82
CA GLN P 379 -8.64 -57.12 46.56
C GLN P 379 -7.68 -57.19 45.38
N ASN P 380 -6.50 -56.59 45.51
CA ASN P 380 -5.54 -56.56 44.41
C ASN P 380 -4.29 -57.40 44.65
N LEU P 381 -3.95 -57.70 45.90
CA LEU P 381 -2.84 -58.60 46.17
C LEU P 381 -3.28 -60.05 46.28
N GLU P 382 -4.45 -60.40 45.74
CA GLU P 382 -4.93 -61.76 45.80
C GLU P 382 -4.47 -62.53 44.57
N GLN P 383 -3.28 -63.12 44.63
CA GLN P 383 -2.68 -63.80 43.48
C GLN P 383 -3.02 -65.29 43.52
N LYS P 384 -4.31 -65.58 43.63
CA LYS P 384 -4.75 -66.93 43.98
C LYS P 384 -4.25 -67.96 42.98
N ASN P 385 -4.18 -69.20 43.43
CA ASN P 385 -3.65 -70.30 42.61
C ASN P 385 -4.50 -70.46 41.37
N LEU P 386 -3.85 -70.76 40.24
CA LEU P 386 -4.57 -71.07 39.02
C LEU P 386 -4.85 -72.56 38.86
N LEU P 387 -3.96 -73.42 39.35
CA LEU P 387 -4.09 -74.84 39.06
C LEU P 387 -5.28 -75.47 39.77
N THR P 388 -5.91 -74.73 40.69
CA THR P 388 -7.04 -75.25 41.45
C THR P 388 -8.28 -74.37 41.40
N GLY P 389 -8.15 -73.11 40.98
CA GLY P 389 -9.28 -72.21 40.98
C GLY P 389 -9.55 -71.51 42.29
N ASP P 390 -8.73 -71.76 43.30
CA ASP P 390 -8.87 -71.15 44.62
C ASP P 390 -7.54 -71.29 45.34
N PHE P 391 -7.55 -70.96 46.62
CA PHE P 391 -6.34 -71.05 47.45
C PHE P 391 -6.09 -72.50 47.82
N SER P 392 -5.34 -73.18 46.96
CA SER P 392 -4.92 -74.55 47.22
C SER P 392 -3.73 -74.87 46.32
N CYS P 393 -3.01 -75.94 46.66
CA CYS P 393 -2.04 -76.50 45.74
C CYS P 393 -2.71 -77.56 44.87
N PRO P 394 -2.12 -77.91 43.74
CA PRO P 394 -2.65 -79.02 42.94
C PRO P 394 -2.23 -80.36 43.54
N PRO P 395 -3.01 -81.42 43.31
CA PRO P 395 -2.66 -82.73 43.85
C PRO P 395 -1.30 -83.19 43.36
N GLY P 396 -0.50 -83.73 44.29
CA GLY P 396 0.85 -84.11 43.99
C GLY P 396 1.87 -83.01 44.21
N TYR P 397 1.46 -81.85 44.69
CA TYR P 397 2.34 -80.72 44.91
C TYR P 397 2.20 -80.26 46.35
N SER P 398 3.13 -79.41 46.78
CA SER P 398 3.13 -78.94 48.16
C SER P 398 3.18 -77.43 48.21
N PRO P 399 2.21 -76.79 48.84
CA PRO P 399 2.18 -75.32 48.91
C PRO P 399 3.08 -74.80 50.01
N VAL P 400 4.38 -74.97 49.82
CA VAL P 400 5.36 -74.59 50.83
C VAL P 400 5.59 -73.08 50.76
N HIS P 401 5.69 -72.47 51.94
CA HIS P 401 5.62 -71.02 52.05
C HIS P 401 6.82 -70.31 51.42
N LEU P 402 6.58 -69.60 50.32
CA LEU P 402 7.66 -68.91 49.63
C LEU P 402 8.23 -67.78 50.47
N LEU P 403 7.40 -66.80 50.82
CA LEU P 403 7.85 -65.67 51.63
C LEU P 403 6.66 -64.93 52.21
N SER P 404 6.80 -64.47 53.44
CA SER P 404 5.82 -63.60 54.07
C SER P 404 6.34 -62.16 54.07
N GLN P 405 5.42 -61.21 53.91
CA GLN P 405 5.81 -59.80 53.87
C GLN P 405 4.59 -58.95 54.17
N THR P 406 4.85 -57.72 54.61
CA THR P 406 3.78 -56.80 54.99
C THR P 406 4.00 -55.45 54.34
N HIS P 407 2.90 -54.73 54.14
CA HIS P 407 2.93 -53.38 53.57
C HIS P 407 1.98 -52.49 54.35
N GLU P 408 2.20 -51.18 54.22
CA GLU P 408 1.41 -50.20 54.95
C GLU P 408 1.11 -49.03 54.01
N GLU P 409 -0.11 -49.00 53.50
CA GLU P 409 -0.54 -47.94 52.59
C GLU P 409 -1.80 -47.30 53.14
N GLY P 410 -2.02 -46.04 52.75
CA GLY P 410 -3.17 -45.29 53.22
C GLY P 410 -4.01 -44.79 52.08
N TYR P 411 -5.31 -45.05 52.18
CA TYR P 411 -6.28 -44.55 51.22
C TYR P 411 -7.40 -43.84 51.97
N SER P 412 -7.72 -42.63 51.52
CA SER P 412 -8.85 -41.89 52.06
C SER P 412 -10.13 -42.57 51.59
N ARG P 413 -10.76 -43.34 52.48
CA ARG P 413 -11.82 -44.25 52.08
C ARG P 413 -13.08 -43.47 51.70
N LEU P 414 -14.13 -44.22 51.41
CA LEU P 414 -15.45 -43.66 51.11
C LEU P 414 -16.29 -43.65 52.36
N GLU P 415 -17.06 -42.59 52.54
CA GLU P 415 -17.94 -42.49 53.71
C GLU P 415 -19.12 -41.60 53.38
N CYS P 416 -20.28 -42.22 53.11
CA CYS P 416 -21.52 -41.50 52.87
C CYS P 416 -22.53 -42.07 53.87
N LYS P 417 -22.57 -41.49 55.05
CA LYS P 417 -23.38 -41.99 56.15
C LYS P 417 -24.39 -40.93 56.58
N LYS P 418 -25.58 -41.38 56.97
CA LYS P 418 -26.62 -40.50 57.47
C LYS P 418 -26.66 -40.57 58.99
N LYS P 419 -26.84 -39.42 59.62
CA LYS P 419 -26.86 -39.32 61.08
C LYS P 419 -28.11 -38.56 61.51
N CYS P 420 -28.88 -39.16 62.42
CA CYS P 420 -30.04 -38.50 63.01
C CYS P 420 -29.59 -37.53 64.09
N THR P 421 -30.29 -36.41 64.20
CA THR P 421 -29.96 -35.43 65.24
C THR P 421 -30.60 -35.81 66.57
N LEU P 422 -31.93 -35.83 66.61
CA LEU P 422 -32.67 -36.26 67.79
C LEU P 422 -33.84 -37.16 67.41
N LYS P 423 -33.58 -38.11 66.51
CA LYS P 423 -34.51 -39.12 66.01
C LYS P 423 -35.66 -38.52 65.21
N ILE P 424 -35.75 -37.20 65.07
CA ILE P 424 -36.81 -36.58 64.30
C ILE P 424 -36.29 -36.32 62.90
N PHE P 425 -35.18 -35.58 62.81
CA PHE P 425 -34.55 -35.34 61.52
C PHE P 425 -33.19 -35.99 61.49
N CYS P 426 -32.71 -36.25 60.27
CA CYS P 426 -31.41 -36.86 60.07
C CYS P 426 -30.66 -36.09 59.00
N LYS P 427 -29.36 -36.03 59.16
CA LYS P 427 -28.46 -35.43 58.19
C LYS P 427 -27.51 -36.50 57.67
N THR P 428 -27.08 -36.35 56.43
CA THR P 428 -26.08 -37.24 55.85
C THR P 428 -24.76 -36.49 55.88
N VAL P 429 -23.85 -36.93 56.75
CA VAL P 429 -22.56 -36.28 56.93
C VAL P 429 -21.53 -37.05 56.13
N CYS P 430 -21.36 -36.70 54.87
CA CYS P 430 -20.34 -37.34 54.05
C CYS P 430 -18.99 -36.75 54.40
N GLU P 431 -18.11 -37.57 54.96
CA GLU P 431 -16.80 -37.08 55.39
C GLU P 431 -15.81 -38.24 55.28
N ASP P 432 -15.04 -38.24 54.19
CA ASP P 432 -14.11 -39.33 53.90
C ASP P 432 -12.91 -39.23 54.81
N VAL P 433 -12.49 -40.37 55.36
CA VAL P 433 -11.54 -40.40 56.46
C VAL P 433 -10.27 -41.12 56.01
N PHE P 434 -9.15 -40.68 56.56
CA PHE P 434 -7.87 -41.35 56.37
C PHE P 434 -7.89 -42.72 57.03
N ARG P 435 -7.07 -43.64 56.49
CA ARG P 435 -6.90 -44.96 57.10
C ARG P 435 -5.66 -45.61 56.52
N VAL P 436 -4.72 -45.99 57.37
CA VAL P 436 -3.58 -46.80 56.98
C VAL P 436 -4.03 -48.26 57.03
N ALA P 437 -4.29 -48.83 55.86
CA ALA P 437 -4.53 -50.26 55.79
C ALA P 437 -3.19 -51.00 55.73
N LYS P 438 -3.22 -52.27 56.13
CA LYS P 438 -2.03 -53.11 56.04
C LYS P 438 -2.47 -54.51 55.63
N ALA P 439 -1.64 -55.14 54.82
CA ALA P 439 -1.83 -56.52 54.42
C ALA P 439 -0.52 -57.27 54.56
N GLU P 440 -0.59 -58.51 55.03
CA GLU P 440 0.60 -59.36 55.16
C GLU P 440 0.59 -60.32 53.97
N PHE P 441 1.50 -60.07 53.02
CA PHE P 441 1.61 -60.87 51.81
C PHE P 441 2.38 -62.13 52.11
N ARG P 442 1.70 -63.27 52.05
CA ARG P 442 2.30 -64.58 52.30
C ARG P 442 2.37 -65.33 50.98
N ALA P 443 3.56 -65.42 50.40
CA ALA P 443 3.74 -66.21 49.19
C ALA P 443 4.05 -67.66 49.57
N TYR P 444 3.44 -68.59 48.84
CA TYR P 444 3.58 -70.02 49.13
C TYR P 444 3.99 -70.71 47.83
N TRP P 445 5.30 -70.89 47.64
CA TRP P 445 5.77 -71.51 46.41
C TRP P 445 5.25 -72.94 46.30
N CYS P 446 4.68 -73.24 45.13
CA CYS P 446 4.12 -74.57 44.88
C CYS P 446 5.18 -75.41 44.18
N VAL P 447 5.46 -76.58 44.75
CA VAL P 447 6.47 -77.50 44.25
C VAL P 447 5.92 -78.91 44.31
N ALA P 448 6.26 -79.72 43.31
CA ALA P 448 5.83 -81.10 43.29
C ALA P 448 6.44 -81.88 44.46
N ALA P 449 5.67 -82.83 44.98
CA ALA P 449 6.17 -83.68 46.06
C ALA P 449 7.11 -84.75 45.53
N GLY P 450 6.65 -85.52 44.54
CA GLY P 450 7.46 -86.56 43.95
C GLY P 450 7.31 -86.67 42.45
N GLN P 451 7.29 -87.89 41.92
CA GLN P 451 7.12 -88.09 40.49
C GLN P 451 5.74 -87.63 40.05
N VAL P 452 5.70 -86.85 38.99
CA VAL P 452 4.44 -86.24 38.56
C VAL P 452 3.77 -87.11 37.50
N PRO P 453 2.44 -87.26 37.55
CA PRO P 453 1.72 -87.81 36.39
C PRO P 453 1.55 -86.71 35.34
N ASP P 454 1.93 -87.02 34.10
CA ASP P 454 1.92 -86.01 33.05
C ASP P 454 0.52 -85.52 32.71
N ASN P 455 -0.52 -86.20 33.20
CA ASN P 455 -1.87 -85.75 32.96
C ASN P 455 -2.17 -84.44 33.68
N SER P 456 -1.64 -84.25 34.88
CA SER P 456 -1.91 -83.06 35.68
C SER P 456 -0.63 -82.52 36.30
N GLY P 457 0.49 -82.68 35.61
CA GLY P 457 1.75 -82.11 36.05
C GLY P 457 2.37 -81.29 34.94
N LEU P 458 2.54 -79.98 35.16
CA LEU P 458 2.92 -79.06 34.11
C LEU P 458 4.21 -78.33 34.46
N LEU P 459 4.88 -77.86 33.41
CA LEU P 459 6.10 -77.07 33.48
C LEU P 459 5.81 -75.64 33.03
N PHE P 460 6.60 -74.70 33.54
CA PHE P 460 6.32 -73.28 33.35
C PHE P 460 7.63 -72.52 33.20
N GLY P 461 7.57 -71.20 33.33
CA GLY P 461 8.75 -70.38 33.28
C GLY P 461 8.48 -68.92 32.98
N GLY P 462 9.32 -68.02 33.50
CA GLY P 462 9.19 -66.61 33.22
C GLY P 462 8.85 -65.76 34.43
N VAL P 463 9.82 -65.01 34.94
CA VAL P 463 9.64 -64.18 36.13
C VAL P 463 10.37 -62.86 35.92
N PHE P 464 9.74 -61.76 36.35
CA PHE P 464 10.29 -60.43 36.19
C PHE P 464 9.41 -59.43 36.93
N THR P 465 9.97 -58.28 37.23
CA THR P 465 9.23 -57.19 37.83
C THR P 465 9.03 -56.08 36.80
N ASP P 466 8.34 -55.01 37.22
CA ASP P 466 8.24 -53.84 36.36
C ASP P 466 9.57 -53.13 36.21
N LYS P 467 10.48 -53.33 37.16
CA LYS P 467 11.80 -52.70 37.14
C LYS P 467 12.90 -53.64 36.66
N THR P 468 12.87 -54.89 37.10
CA THR P 468 13.85 -55.87 36.65
C THR P 468 13.41 -56.47 35.32
N ILE P 469 14.34 -56.51 34.37
CA ILE P 469 14.06 -57.04 33.04
C ILE P 469 13.86 -58.54 33.12
N ASN P 470 13.10 -59.09 32.18
CA ASN P 470 12.92 -60.52 32.08
C ASN P 470 13.97 -61.10 31.13
N PRO P 471 15.08 -61.64 31.62
CA PRO P 471 16.07 -62.21 30.69
C PRO P 471 15.57 -63.44 29.98
N MET P 472 14.56 -64.12 30.54
CA MET P 472 13.83 -65.15 29.80
C MET P 472 13.43 -64.67 28.42
N THR P 473 12.69 -63.57 28.35
CA THR P 473 12.22 -63.04 27.08
C THR P 473 12.98 -61.79 26.65
N ASN P 474 13.90 -61.28 27.48
CA ASN P 474 14.60 -60.03 27.21
C ASN P 474 13.60 -58.88 27.03
N ALA P 475 12.59 -58.83 27.86
CA ALA P 475 11.56 -57.80 27.77
C ALA P 475 11.00 -57.54 29.17
N GLN P 476 9.90 -56.80 29.24
CA GLN P 476 9.20 -56.51 30.49
C GLN P 476 7.74 -56.95 30.42
N SER P 477 7.48 -58.01 29.68
CA SER P 477 6.12 -58.51 29.49
C SER P 477 6.15 -60.03 29.46
N CYS P 478 5.04 -60.60 29.12
CA CYS P 478 4.94 -62.05 29.03
C CYS P 478 5.23 -62.53 27.61
N PRO P 479 6.01 -63.59 27.46
CA PRO P 479 6.17 -64.21 26.14
C PRO P 479 4.87 -64.84 25.68
N ALA P 480 4.81 -65.13 24.39
CA ALA P 480 3.60 -65.64 23.78
C ALA P 480 3.21 -66.98 24.40
N GLY P 481 1.92 -67.17 24.66
CA GLY P 481 1.45 -68.35 25.34
C GLY P 481 1.70 -68.37 26.83
N TYR P 482 1.73 -67.20 27.48
CA TYR P 482 2.02 -67.11 28.90
C TYR P 482 1.04 -66.12 29.53
N ILE P 483 0.34 -66.55 30.58
CA ILE P 483 -0.35 -65.62 31.45
C ILE P 483 0.66 -65.12 32.47
N PRO P 484 0.83 -63.82 32.62
CA PRO P 484 1.70 -63.34 33.70
C PRO P 484 0.98 -63.41 35.03
N LEU P 485 1.33 -64.39 35.85
CA LEU P 485 0.70 -64.56 37.15
C LEU P 485 1.46 -63.71 38.16
N ASN P 486 0.79 -62.67 38.65
CA ASN P 486 1.45 -61.64 39.47
C ASN P 486 1.59 -62.11 40.92
N LEU P 487 2.15 -63.31 41.07
CA LEU P 487 2.28 -63.95 42.37
C LEU P 487 2.85 -63.04 43.46
N PHE P 488 3.80 -62.17 43.12
CA PHE P 488 4.54 -61.44 44.13
C PHE P 488 4.09 -59.98 44.17
N GLU P 489 4.78 -59.19 44.98
CA GLU P 489 4.51 -57.75 45.05
C GLU P 489 4.58 -57.10 43.68
N SER P 490 5.65 -57.38 42.92
CA SER P 490 5.81 -56.83 41.59
C SER P 490 6.16 -57.87 40.54
N LEU P 491 6.36 -59.13 40.90
CA LEU P 491 6.66 -60.16 39.93
C LEU P 491 5.40 -60.54 39.17
N LYS P 492 5.57 -60.88 37.90
CA LYS P 492 4.48 -61.43 37.10
C LYS P 492 5.00 -62.77 36.57
N VAL P 493 4.83 -63.82 37.38
CA VAL P 493 5.38 -65.12 37.05
C VAL P 493 4.61 -65.68 35.86
N CYS P 494 5.25 -65.69 34.69
CA CYS P 494 4.64 -66.20 33.49
C CYS P 494 4.42 -67.70 33.59
N VAL P 495 3.33 -68.17 32.99
CA VAL P 495 2.94 -69.58 33.08
C VAL P 495 3.04 -70.21 31.70
N SER P 496 3.75 -71.33 31.61
CA SER P 496 3.70 -72.17 30.42
C SER P 496 2.51 -73.14 30.52
N LEU P 497 1.33 -72.53 30.56
CA LEU P 497 0.09 -73.27 30.75
C LEU P 497 -0.17 -74.25 29.62
N ASP P 498 0.48 -74.10 28.47
CA ASP P 498 0.29 -74.99 27.33
C ASP P 498 1.64 -75.52 26.85
N TYR P 499 1.61 -76.73 26.30
CA TYR P 499 2.81 -77.40 25.80
C TYR P 499 3.42 -76.67 24.61
N GLU P 500 2.60 -75.91 23.88
CA GLU P 500 2.78 -75.73 22.45
C GLU P 500 4.20 -75.28 22.11
N LEU P 501 4.57 -74.07 22.53
CA LEU P 501 5.93 -73.62 22.33
C LEU P 501 6.76 -73.75 23.60
N GLY P 502 6.10 -74.07 24.72
CA GLY P 502 6.80 -74.28 25.97
C GLY P 502 7.80 -75.40 25.89
N PHE P 503 7.45 -76.49 25.20
CA PHE P 503 8.36 -77.63 25.11
C PHE P 503 9.77 -77.23 24.69
N LYS P 504 9.89 -76.20 23.84
CA LYS P 504 11.19 -75.69 23.43
C LYS P 504 11.57 -74.38 24.09
N PHE P 505 10.62 -73.69 24.72
CA PHE P 505 10.91 -72.49 25.51
C PHE P 505 10.23 -72.69 26.86
N SER P 506 10.86 -73.47 27.74
CA SER P 506 10.39 -73.72 29.09
C SER P 506 11.43 -73.37 30.15
N VAL P 507 12.65 -73.88 30.00
CA VAL P 507 13.71 -73.72 30.99
C VAL P 507 13.21 -74.31 32.31
N PRO P 508 13.24 -75.66 32.47
CA PRO P 508 12.48 -76.32 33.53
C PRO P 508 12.94 -75.99 34.94
N PHE P 509 12.39 -74.89 35.45
CA PHE P 509 12.80 -74.25 36.69
C PHE P 509 12.63 -75.16 37.90
N GLY P 510 13.06 -74.64 39.05
CA GLY P 510 12.63 -75.14 40.34
C GLY P 510 12.14 -73.99 41.20
N GLY P 511 12.16 -74.22 42.52
CA GLY P 511 11.69 -73.21 43.44
C GLY P 511 12.64 -72.91 44.58
N PHE P 512 12.51 -71.72 45.17
CA PHE P 512 13.39 -71.33 46.27
C PHE P 512 12.75 -70.18 47.02
N PHE P 513 12.79 -70.26 48.35
CA PHE P 513 12.23 -69.23 49.22
C PHE P 513 13.18 -68.04 49.26
N SER P 514 12.97 -67.12 50.20
CA SER P 514 13.93 -66.06 50.40
C SER P 514 15.17 -66.60 51.11
N CYS P 515 16.23 -65.78 51.11
CA CYS P 515 17.47 -66.19 51.76
C CYS P 515 17.28 -66.38 53.25
N ILE P 516 16.28 -65.74 53.84
CA ILE P 516 15.97 -65.96 55.25
C ILE P 516 14.98 -67.10 55.42
N MET P 517 14.03 -67.26 54.50
CA MET P 517 13.11 -68.38 54.52
C MET P 517 13.84 -69.64 54.07
N GLY P 518 13.13 -70.76 54.02
CA GLY P 518 13.76 -72.04 53.73
C GLY P 518 13.97 -72.33 52.27
N ASN P 519 13.59 -73.53 51.83
CA ASN P 519 13.78 -73.97 50.46
C ASN P 519 13.01 -75.28 50.28
N PRO P 520 12.56 -75.56 49.06
CA PRO P 520 11.72 -76.76 48.87
C PRO P 520 12.48 -78.05 48.62
N LEU P 521 13.71 -77.97 48.09
CA LEU P 521 14.38 -79.17 47.63
C LEU P 521 15.73 -79.37 48.30
N VAL P 522 16.33 -80.53 48.02
CA VAL P 522 17.54 -80.96 48.71
C VAL P 522 18.78 -80.46 47.97
N ASN P 523 19.88 -80.35 48.72
CA ASN P 523 21.19 -80.04 48.14
C ASN P 523 22.09 -81.26 48.25
N ALA P 532 10.41 -84.40 56.11
CA ALA P 532 11.51 -84.50 57.06
C ALA P 532 12.36 -83.23 57.03
N PRO P 533 11.92 -82.19 57.73
CA PRO P 533 12.65 -80.93 57.69
C PRO P 533 13.97 -81.00 58.46
N SER P 534 15.07 -81.08 57.71
CA SER P 534 16.41 -81.05 58.28
C SER P 534 17.33 -80.06 57.59
N LEU P 535 17.03 -79.64 56.38
CA LEU P 535 17.88 -78.74 55.62
C LEU P 535 17.22 -77.37 55.48
N LYS P 536 18.05 -76.32 55.50
CA LYS P 536 17.58 -74.97 55.20
C LYS P 536 18.72 -74.21 54.54
N LYS P 537 18.79 -74.30 53.21
CA LYS P 537 19.73 -73.57 52.37
C LYS P 537 19.41 -73.91 50.93
N CYS P 538 20.00 -73.14 50.01
CA CYS P 538 19.60 -73.15 48.61
C CYS P 538 19.33 -74.59 48.14
N PRO P 539 18.17 -74.83 47.51
CA PRO P 539 17.77 -76.21 47.21
C PRO P 539 18.53 -76.79 46.02
N GLY P 540 19.71 -77.35 46.30
CA GLY P 540 20.57 -77.85 45.26
C GLY P 540 21.60 -76.82 44.86
N GLY P 541 21.79 -76.64 43.55
CA GLY P 541 22.71 -75.63 43.08
C GLY P 541 22.02 -74.31 42.80
N PHE P 542 22.18 -73.82 41.57
CA PHE P 542 21.62 -72.53 41.14
C PHE P 542 22.06 -71.41 42.07
N SER P 543 23.35 -71.09 41.96
CA SER P 543 23.96 -70.00 42.70
C SER P 543 23.17 -68.72 42.48
N GLN P 544 23.51 -67.67 43.24
CA GLN P 544 22.58 -66.57 43.49
C GLN P 544 22.35 -65.81 42.19
N HIS P 545 21.41 -66.33 41.41
CA HIS P 545 20.93 -65.66 40.20
C HIS P 545 19.72 -64.81 40.58
N LEU P 546 19.96 -63.53 40.82
CA LEU P 546 18.93 -62.65 41.37
C LEU P 546 17.69 -62.62 40.49
N ALA P 547 16.54 -62.53 41.14
CA ALA P 547 15.28 -62.27 40.47
C ALA P 547 14.58 -61.04 41.00
N VAL P 548 14.59 -60.83 42.32
CA VAL P 548 13.95 -59.68 42.94
C VAL P 548 14.44 -59.57 44.38
N ILE P 549 14.52 -58.35 44.89
CA ILE P 549 14.80 -58.12 46.30
C ILE P 549 13.51 -57.67 46.97
N SER P 550 13.30 -58.14 48.20
CA SER P 550 12.17 -57.72 49.00
C SER P 550 12.69 -57.26 50.36
N ASP P 551 12.72 -55.94 50.56
CA ASP P 551 13.16 -55.30 51.80
C ASP P 551 14.38 -55.97 52.41
N GLY P 552 15.38 -56.29 51.59
CA GLY P 552 16.63 -56.83 52.10
C GLY P 552 16.91 -58.26 51.69
N CYS P 553 15.90 -59.11 51.71
CA CYS P 553 16.06 -60.50 51.33
C CYS P 553 15.92 -60.63 49.81
N GLN P 554 16.76 -61.48 49.21
CA GLN P 554 16.69 -61.75 47.78
C GLN P 554 15.88 -63.01 47.54
N VAL P 555 15.05 -62.98 46.50
CA VAL P 555 14.19 -64.10 46.14
C VAL P 555 14.70 -64.68 44.82
N SER P 556 15.18 -65.91 44.87
CA SER P 556 15.72 -66.58 43.69
C SER P 556 15.04 -67.93 43.50
N TYR P 557 15.58 -68.77 42.62
CA TYR P 557 14.97 -70.06 42.32
C TYR P 557 16.06 -71.09 42.15
N CYS P 558 15.71 -72.24 41.57
CA CYS P 558 16.67 -73.20 41.03
C CYS P 558 16.16 -73.54 39.63
N VAL P 559 16.52 -72.71 38.66
CA VAL P 559 15.95 -72.81 37.32
C VAL P 559 16.86 -73.69 36.47
N LYS P 560 16.43 -74.93 36.27
CA LYS P 560 17.15 -75.87 35.42
C LYS P 560 16.85 -75.53 33.97
N ALA P 561 17.82 -75.81 33.09
CA ALA P 561 17.72 -75.46 31.68
C ALA P 561 17.95 -76.69 30.81
N GLY P 562 17.27 -77.79 31.13
CA GLY P 562 17.50 -79.05 30.45
C GLY P 562 16.95 -79.12 29.03
N ILE P 563 16.42 -80.29 28.67
CA ILE P 563 16.02 -80.57 27.29
C ILE P 563 14.79 -79.75 26.90
C1 NAG Q . 10.16 -23.86 40.17
C2 NAG Q . 8.90 -24.70 39.99
C3 NAG Q . 7.73 -23.82 39.57
C4 NAG Q . 7.60 -22.62 40.49
C5 NAG Q . 8.93 -21.91 40.60
C6 NAG Q . 8.92 -20.72 41.54
C7 NAG Q . 9.46 -25.56 37.75
C8 NAG Q . 9.65 -26.79 36.92
N2 NAG Q . 9.13 -25.77 39.03
O3 NAG Q . 6.53 -24.59 39.60
O4 NAG Q . 6.62 -21.72 39.98
O5 NAG Q . 9.92 -22.82 41.09
O6 NAG Q . 10.10 -19.95 41.40
O7 NAG Q . 9.62 -24.44 37.28
C1 NAG R . 55.69 -83.16 15.46
C2 NAG R . 56.62 -84.18 14.82
C3 NAG R . 56.34 -85.57 15.36
C4 NAG R . 56.40 -85.57 16.89
C5 NAG R . 55.48 -84.48 17.45
C6 NAG R . 55.61 -84.33 18.94
C7 NAG R . 55.44 -84.43 12.66
C8 NAG R . 55.58 -84.34 11.17
N2 NAG R . 56.55 -84.15 13.37
O3 NAG R . 57.29 -86.49 14.84
O4 NAG R . 55.99 -86.83 17.39
O5 NAG R . 55.82 -83.21 16.87
O6 NAG R . 56.92 -83.90 19.32
O7 NAG R . 54.38 -84.72 13.20
C1 NAG S . 21.24 -10.31 41.64
C2 NAG S . 20.28 -11.48 41.85
C3 NAG S . 18.86 -11.08 41.48
C4 NAG S . 18.46 -9.79 42.18
C5 NAG S . 19.52 -8.72 41.91
C6 NAG S . 19.25 -7.41 42.60
C7 NAG S . 20.82 -12.64 39.74
C8 NAG S . 21.28 -13.94 39.12
N2 NAG S . 20.71 -12.64 41.08
O3 NAG S . 17.96 -12.13 41.86
O4 NAG S . 17.21 -9.33 41.68
O5 NAG S . 20.79 -9.19 42.38
O6 NAG S . 20.12 -6.40 42.11
O7 NAG S . 20.57 -11.66 39.04
C1 NAG T . 79.62 -58.85 20.76
C2 NAG T . 80.74 -59.68 20.16
C3 NAG T . 80.96 -60.95 21.00
C4 NAG T . 81.18 -60.57 22.45
C5 NAG T . 80.05 -59.68 22.96
C6 NAG T . 80.29 -59.16 24.36
C7 NAG T . 79.45 -60.74 18.33
C8 NAG T . 79.39 -60.96 16.84
N2 NAG T . 80.50 -60.02 18.77
O3 NAG T . 82.08 -61.67 20.49
O4 NAG T . 81.25 -61.75 23.25
O5 NAG T . 79.92 -58.52 22.11
O6 NAG T . 81.43 -58.32 24.41
O7 NAG T . 78.60 -61.18 19.08
C1 NAG U . 27.80 5.72 38.48
C2 NAG U . 27.27 4.41 39.06
C3 NAG U . 25.75 4.31 38.88
C4 NAG U . 25.07 5.57 39.38
C5 NAG U . 25.72 6.79 38.74
C6 NAG U . 25.14 8.11 39.21
C7 NAG U . 27.90 2.98 37.15
C8 NAG U . 28.65 1.76 36.73
N2 NAG U . 27.94 3.27 38.46
O3 NAG U . 25.26 3.18 39.60
O4 NAG U . 23.68 5.54 39.03
O5 NAG U . 27.11 6.81 39.07
O6 NAG U . 25.60 9.18 38.40
O7 NAG U . 27.29 3.67 36.34
C1 NAG V . 95.52 -28.46 17.39
C2 NAG V . 96.77 -29.08 16.78
C3 NAG V . 97.45 -30.00 17.78
C4 NAG V . 97.71 -29.25 19.09
C5 NAG V . 96.42 -28.62 19.60
C6 NAG V . 96.64 -27.74 20.81
C7 NAG V . 95.67 -30.83 15.43
C8 NAG V . 95.52 -31.39 14.04
N2 NAG V . 96.49 -29.77 15.53
O3 NAG V . 98.68 -30.48 17.24
O4 NAG V . 98.21 -30.15 20.07
O5 NAG V . 95.86 -27.76 18.58
O6 NAG V . 97.47 -26.62 20.51
O7 NAG V . 95.09 -31.31 16.38
C1 NAG W . 28.82 21.70 31.34
C2 NAG W . 28.79 20.46 32.24
C3 NAG W . 27.37 19.91 32.35
C4 NAG W . 26.38 21.01 32.71
C5 NAG W . 26.55 22.18 31.74
C6 NAG W . 25.66 23.36 32.04
C7 NAG W . 29.61 18.86 30.55
C8 NAG W . 30.65 17.83 30.25
N2 NAG W . 29.70 19.43 31.76
O3 NAG W . 27.33 18.89 33.34
O4 NAG W . 25.05 20.53 32.62
O5 NAG W . 27.91 22.66 31.81
O6 NAG W . 25.67 24.30 30.98
O7 NAG W . 28.73 19.14 29.75
C1 NAG X . 100.95 3.43 5.57
C2 NAG X . 102.25 3.07 4.87
C3 NAG X . 103.29 2.63 5.90
C4 NAG X . 103.45 3.70 6.97
C5 NAG X . 102.10 4.06 7.57
C6 NAG X . 102.17 5.22 8.54
C7 NAG X . 101.60 0.81 4.09
C8 NAG X . 101.47 -0.08 2.89
N2 NAG X . 102.06 2.04 3.86
O3 NAG X . 104.53 2.38 5.25
O4 NAG X . 104.31 3.23 8.01
O5 NAG X . 101.19 4.46 6.53
O6 NAG X . 102.58 6.42 7.88
O7 NAG X . 101.29 0.43 5.22
C1 NAG Y . 24.19 35.41 21.15
C2 NAG Y . 24.64 34.46 22.26
C3 NAG Y . 23.47 33.58 22.71
C4 NAG Y . 22.24 34.43 23.02
C5 NAG Y . 21.95 35.35 21.84
C6 NAG Y . 20.78 36.27 22.06
C7 NAG Y . 25.72 32.79 20.79
C8 NAG Y . 26.98 32.05 20.50
N2 NAG Y . 25.75 33.63 21.83
O3 NAG Y . 23.84 32.84 23.86
O4 NAG Y . 21.11 33.59 23.24
O5 NAG Y . 23.10 36.17 21.59
O6 NAG Y . 20.40 36.92 20.85
O7 NAG Y . 24.70 32.64 20.10
C1 NAG Z . 95.23 32.01 -12.65
C2 NAG Z . 96.51 31.87 -13.47
C3 NAG Z . 97.73 31.97 -12.58
C4 NAG Z . 97.68 33.26 -11.76
C5 NAG Z . 96.35 33.36 -11.02
C6 NAG Z . 96.18 34.69 -10.31
C7 NAG Z . 96.48 29.40 -13.70
C8 NAG Z . 96.50 28.26 -14.67
N2 NAG Z . 96.52 30.63 -14.23
O3 NAG Z . 98.92 31.93 -13.36
O4 NAG Z . 98.75 33.29 -10.82
O5 NAG Z . 95.26 33.26 -11.94
O6 NAG Z . 96.14 35.78 -11.23
O7 NAG Z . 96.43 29.22 -12.49
C1 NAG AA . 14.46 44.41 9.69
C2 NAG AA . 15.30 43.89 10.87
C3 NAG AA . 14.51 42.86 11.68
C4 NAG AA . 13.12 43.39 12.02
C5 NAG AA . 12.43 43.88 10.76
C6 NAG AA . 11.06 44.48 11.01
C7 NAG AA . 16.66 42.30 9.57
C8 NAG AA . 18.05 41.88 9.22
N2 NAG AA . 16.55 43.34 10.42
O3 NAG AA . 15.22 42.55 12.87
O4 NAG AA . 12.34 42.35 12.61
O5 NAG AA . 13.23 44.91 10.16
O6 NAG AA . 10.37 44.68 9.79
O7 NAG AA . 15.67 41.72 9.13
C1 NAG BA . 78.93 52.90 -34.70
C2 NAG BA . 80.09 52.92 -35.69
C3 NAG BA . 81.32 53.56 -35.06
C4 NAG BA . 80.96 54.94 -34.51
C5 NAG BA . 79.75 54.85 -33.59
C6 NAG BA . 79.27 56.20 -33.13
C7 NAG BA . 80.79 50.56 -35.43
C8 NAG BA . 81.06 49.27 -36.16
N2 NAG BA . 80.40 51.59 -36.20
O3 NAG BA . 82.35 53.67 -36.02
O4 NAG BA . 82.06 55.48 -33.80
O5 NAG BA . 78.65 54.23 -34.27
O6 NAG BA . 78.79 56.98 -34.22
O7 NAG BA . 80.94 50.66 -34.21
C1 NAG CA . 1.26 47.72 -1.45
C2 NAG CA . 2.34 47.74 -0.36
C3 NAG CA . 1.99 46.74 0.75
C4 NAG CA . 0.56 46.95 1.22
C5 NAG CA . -0.39 46.94 0.03
C6 NAG CA . -1.83 47.18 0.39
C7 NAG CA . 3.96 46.32 -1.55
C8 NAG CA . 5.37 46.22 -2.06
N2 NAG CA . 3.66 47.46 -0.92
O3 NAG CA . 2.90 46.92 1.82
O4 NAG CA . 0.19 45.89 2.11
O5 NAG CA . 0.00 47.97 -0.88
O6 NAG CA . -2.68 46.89 -0.71
O7 NAG CA . 3.16 45.40 -1.71
C1 NAG DA . 54.82 62.91 -57.13
C2 NAG DA . 55.81 63.02 -58.30
C3 NAG DA . 56.84 64.10 -58.01
C4 NAG DA . 56.16 65.42 -57.68
C5 NAG DA . 55.14 65.22 -56.56
C6 NAG DA . 54.32 66.46 -56.28
C7 NAG DA . 57.22 61.06 -57.72
C8 NAG DA . 57.76 59.77 -58.23
N2 NAG DA . 56.45 61.75 -58.58
O3 NAG DA . 57.69 64.26 -59.14
O4 NAG DA . 57.11 66.38 -57.28
O5 NAG DA . 54.21 64.19 -56.91
O6 NAG DA . 53.51 66.80 -57.40
O7 NAG DA . 57.46 61.47 -56.59
C1 NAG EA . -13.45 44.56 -10.65
C2 NAG EA . -12.33 45.11 -9.78
C3 NAG EA . -12.23 44.34 -8.47
C4 NAG EA . -13.59 44.24 -7.80
C5 NAG EA . -14.62 43.70 -8.79
C6 NAG EA . -16.01 43.62 -8.23
C7 NAG EA . -10.48 43.95 -10.95
C8 NAG EA . -9.18 44.13 -11.66
N2 NAG EA . -11.06 45.07 -10.49
O3 NAG EA . -11.31 44.99 -7.60
O4 NAG EA . -13.52 43.36 -6.68
O5 NAG EA . -14.67 44.57 -9.93
O6 NAG EA . -16.86 42.88 -9.09
O7 NAG EA . -10.99 42.84 -10.80
C1 NAG FA . 26.49 60.73 -76.54
C2 NAG FA . 27.26 60.84 -77.86
C3 NAG FA . 27.94 62.19 -77.96
C4 NAG FA . 26.93 63.31 -77.77
C5 NAG FA . 26.16 63.10 -76.47
C6 NAG FA . 25.04 64.11 -76.29
C7 NAG FA . 29.25 59.52 -77.19
C8 NAG FA . 30.10 58.34 -77.53
N2 NAG FA . 28.21 59.75 -78.01
O3 NAG FA . 28.57 62.31 -79.24
O4 NAG FA . 27.59 64.57 -77.72
O5 NAG FA . 25.55 61.80 -76.46
O6 NAG FA . 24.04 63.95 -77.30
O7 NAG FA . 29.47 60.23 -76.21
C1 NAG GA . -27.41 35.56 -16.28
C2 NAG GA . -26.40 36.57 -15.72
C3 NAG GA . -25.94 36.16 -14.32
C4 NAG GA . -27.13 35.85 -13.43
C5 NAG GA . -28.05 34.87 -14.11
C6 NAG GA . -29.29 34.53 -13.33
C7 NAG GA . -24.44 35.70 -16.96
C8 NAG GA . -23.33 36.06 -17.90
N2 NAG GA . -25.27 36.71 -16.62
O3 NAG GA . -25.16 37.21 -13.77
O4 NAG GA . -26.67 35.30 -12.20
O5 NAG GA . -28.49 35.41 -15.36
O6 NAG GA . -29.98 33.42 -13.89
O7 NAG GA . -24.58 34.57 -16.52
C1 NAG HA . -1.59 46.58 -89.84
C2 NAG HA . -1.03 46.59 -91.25
C3 NAG HA . -0.79 48.02 -91.72
C4 NAG HA . -2.06 48.84 -91.56
C5 NAG HA . -2.60 48.72 -90.14
C6 NAG HA . -3.92 49.41 -89.95
C7 NAG HA . 1.32 46.02 -90.71
C8 NAG HA . 2.44 45.08 -90.97
N2 NAG HA . 0.19 45.78 -91.37
O3 NAG HA . -0.37 48.01 -93.08
O4 NAG HA . -1.80 50.20 -91.86
O5 NAG HA . -2.78 47.35 -89.79
O6 NAG HA . -4.94 48.79 -90.73
O7 NAG HA . 1.43 46.96 -89.93
C1 NAG IA . -38.48 21.93 -17.75
C2 NAG IA . -37.77 23.27 -17.57
C3 NAG IA . -37.06 23.34 -16.23
C4 NAG IA . -37.99 22.94 -15.10
C5 NAG IA . -38.64 21.60 -15.42
C6 NAG IA . -39.63 21.14 -14.38
C7 NAG IA . -35.79 22.72 -18.95
C8 NAG IA . -34.95 23.13 -20.11
N2 NAG IA . -36.83 23.51 -18.67
O3 NAG IA . -36.58 24.67 -16.02
O4 NAG IA . -37.26 22.82 -13.88
O5 NAG IA . -39.34 21.71 -16.66
O6 NAG IA . -40.00 19.79 -14.59
O7 NAG IA . -35.53 21.72 -18.29
C1 NAG JA . -25.42 22.37 -95.39
C2 NAG JA . -25.06 22.20 -96.86
C3 NAG JA . -25.31 23.49 -97.62
C4 NAG JA . -26.76 23.95 -97.40
C5 NAG JA . -27.07 24.03 -95.91
C6 NAG JA . -28.52 24.34 -95.63
C7 NAG JA . -22.61 22.44 -96.63
C8 NAG JA . -21.28 21.79 -96.90
N2 NAG JA . -23.69 21.75 -97.04
O3 NAG JA . -25.07 23.29 -99.01
O4 NAG JA . -26.95 25.23 -98.00
O5 NAG JA . -26.79 22.78 -95.28
O6 NAG JA . -29.37 23.30 -96.10
O7 NAG JA . -22.70 23.53 -96.07
C1 NAG KA . -45.01 5.87 -14.70
C2 NAG KA . -44.74 7.37 -14.92
C3 NAG KA . -43.93 7.93 -13.75
C4 NAG KA . -44.58 7.56 -12.42
C5 NAG KA . -44.81 6.06 -12.37
C6 NAG KA . -45.50 5.61 -11.10
C7 NAG KA . -42.85 7.07 -16.48
C8 NAG KA . -42.31 7.42 -17.84
N2 NAG KA . -44.05 7.59 -16.17
O3 NAG KA . -43.86 9.35 -13.88
O4 NAG KA . -43.71 7.94 -11.35
O5 NAG KA . -45.65 5.68 -13.46
O6 NAG KA . -45.46 4.19 -11.00
O7 NAG KA . -42.22 6.36 -15.71
C1 NAG LA . -41.34 -8.01 -92.13
C2 NAG LA . -41.10 -8.40 -93.57
C3 NAG LA . -41.82 -7.44 -94.51
C4 NAG LA . -43.30 -7.35 -94.14
C5 NAG LA . -43.45 -7.02 -92.66
C6 NAG LA . -44.89 -7.06 -92.19
C7 NAG LA . -38.83 -7.45 -93.82
C8 NAG LA . -37.41 -7.75 -94.19
N2 NAG LA . -39.68 -8.48 -93.90
O3 NAG LA . -41.68 -7.88 -95.86
O4 NAG LA . -43.94 -6.34 -94.92
O5 NAG LA . -42.74 -7.98 -91.85
O6 NAG LA . -45.43 -8.37 -92.30
O7 NAG LA . -39.18 -6.33 -93.47
C1 NAG MA . -45.99 -10.12 -7.58
C2 NAG MA . -46.20 -8.71 -8.11
C3 NAG MA . -45.48 -7.68 -7.23
C4 NAG MA . -45.83 -7.89 -5.76
C5 NAG MA . -45.60 -9.35 -5.38
C6 NAG MA . -45.96 -9.68 -3.96
C7 NAG MA . -44.49 -8.82 -9.90
C8 NAG MA . -44.24 -8.67 -11.36
N2 NAG MA . -45.76 -8.60 -9.49
O3 NAG MA . -45.85 -6.37 -7.63
O4 NAG MA . -45.01 -7.07 -4.95
O5 NAG MA . -46.40 -10.19 -6.23
O6 NAG MA . -45.48 -10.96 -3.59
O7 NAG MA . -43.60 -9.14 -9.11
C1 NAG NA . -46.80 -39.99 -80.43
C2 NAG NA . -46.61 -40.62 -81.80
C3 NAG NA . -47.69 -40.13 -82.75
C4 NAG NA . -49.07 -40.37 -82.16
C5 NAG NA . -49.16 -39.76 -80.76
C6 NAG NA . -50.46 -40.09 -80.06
C7 NAG NA . -44.78 -39.17 -82.60
C8 NAG NA . -43.38 -39.15 -83.15
N2 NAG NA . -45.28 -40.38 -82.33
O3 NAG NA . -47.57 -40.82 -84.01
O4 NAG NA . -50.06 -39.79 -82.99
O5 NAG NA . -48.10 -40.27 -79.94
O6 NAG NA . -50.59 -41.48 -79.82
O7 NAG NA . -45.41 -38.14 -82.41
C1 NAG OA . -41.38 -23.71 2.53
C2 NAG OA . -42.07 -22.56 1.79
C3 NAG OA . -41.61 -21.21 2.32
C4 NAG OA . -41.71 -21.16 3.84
C5 NAG OA . -41.01 -22.38 4.44
C6 NAG OA . -41.11 -22.45 5.95
C7 NAG OA . -40.63 -22.61 -0.21
C8 NAG OA . -40.59 -22.73 -1.70
N2 NAG OA . -41.83 -22.66 0.36
O3 NAG OA . -42.41 -20.18 1.76
O4 NAG OA . -41.10 -19.98 4.33
O5 NAG OA . -41.61 -23.57 3.92
O6 NAG OA . -40.22 -23.44 6.45
O7 NAG OA . -39.59 -22.48 0.45
C1 NAG PA . -41.06 -68.55 -62.19
C2 NAG PA . -40.84 -69.41 -63.43
C3 NAG PA . -42.11 -69.47 -64.27
C4 NAG PA . -43.28 -69.92 -63.40
C5 NAG PA . -43.39 -69.06 -62.15
C6 NAG PA . -44.45 -69.55 -61.19
C7 NAG PA . -39.63 -67.73 -64.80
C8 NAG PA . -38.38 -67.46 -65.56
N2 NAG PA . -39.71 -68.94 -64.22
O3 NAG PA . -41.92 -70.36 -65.36
O4 NAG PA . -44.49 -69.84 -64.15
O5 NAG PA . -42.14 -69.06 -61.43
O6 NAG PA . -44.12 -70.84 -60.68
O7 NAG PA . -40.53 -66.90 -64.70
C1 NAG QA . -31.72 -32.96 14.28
C2 NAG QA . -32.79 -32.25 13.46
C3 NAG QA . -32.70 -30.73 13.66
C4 NAG QA . -32.64 -30.37 15.13
C5 NAG QA . -31.55 -31.18 15.81
C6 NAG QA . -31.45 -30.93 17.30
C7 NAG QA . -31.61 -32.36 11.29
C8 NAG QA . -31.71 -32.80 9.87
N2 NAG QA . -32.69 -32.60 12.05
O3 NAG QA . -33.82 -30.11 13.04
O4 NAG QA . -32.36 -28.99 15.28
O5 NAG QA . -31.81 -32.57 15.63
O6 NAG QA . -30.26 -31.50 17.83
O7 NAG QA . -30.61 -31.81 11.73
C1 NAG RA . -25.04 -89.61 -40.00
C2 NAG RA . -24.71 -90.63 -41.07
C3 NAG RA . -26.00 -91.23 -41.65
C4 NAG RA . -26.87 -91.78 -40.53
C5 NAG RA . -27.10 -90.71 -39.46
C6 NAG RA . -27.85 -91.24 -38.26
C7 NAG RA . -24.23 -89.06 -42.91
C8 NAG RA . -23.20 -88.65 -43.93
N2 NAG RA . -23.87 -90.08 -42.13
O3 NAG RA . -25.67 -92.26 -42.57
O4 NAG RA . -28.12 -92.20 -41.05
O5 NAG RA . -25.84 -90.22 -38.98
O6 NAG RA . -27.09 -92.23 -37.58
O7 NAG RA . -25.32 -88.50 -42.82
C1 NAG SA . -18.43 -36.13 25.44
C2 NAG SA . -19.77 -35.94 24.71
C3 NAG SA . -20.11 -34.47 24.59
C4 NAG SA . -20.01 -33.77 25.94
C5 NAG SA . -18.64 -34.07 26.56
C6 NAG SA . -18.46 -33.47 27.93
C7 NAG SA . -18.86 -36.23 22.43
C8 NAG SA . -18.98 -37.00 21.15
N2 NAG SA . -19.72 -36.57 23.40
O3 NAG SA . -21.43 -34.33 24.08
O4 NAG SA . -20.15 -32.36 25.77
O5 NAG SA . -18.49 -35.48 26.70
O6 NAG SA . -17.10 -33.54 28.34
O7 NAG SA . -18.03 -35.34 22.56
C1 NAG TA . -1.04 -99.77 -17.52
C2 NAG TA . -0.53 -100.90 -18.42
C3 NAG TA . -1.63 -101.93 -18.65
C4 NAG TA . -2.17 -102.42 -17.31
C5 NAG TA . -2.59 -101.25 -16.44
C6 NAG TA . -3.00 -101.66 -15.05
C7 NAG TA . -0.75 -99.72 -20.58
C8 NAG TA . -0.03 -99.28 -21.82
N2 NAG TA . -0.02 -100.39 -19.68
O3 NAG TA . -1.12 -103.02 -19.40
O4 NAG TA . -3.28 -103.28 -17.52
O5 NAG TA . -1.49 -100.33 -16.29
O6 NAG TA . -1.90 -102.22 -14.33
O7 NAG TA . -1.95 -99.46 -20.41
C1 NAG UA . -3.78 -32.91 34.49
C2 NAG UA . -5.17 -33.28 33.98
C3 NAG UA . -5.97 -32.01 33.64
C4 NAG UA . -5.92 -31.02 34.79
C5 NAG UA . -4.48 -30.78 35.21
C6 NAG UA . -4.33 -29.85 36.38
C7 NAG UA . -4.49 -33.83 31.67
C8 NAG UA . -4.51 -34.88 30.60
N2 NAG UA . -5.09 -34.16 32.82
O3 NAG UA . -7.32 -32.38 33.36
O4 NAG UA . -6.51 -29.79 34.39
O5 NAG UA . -3.89 -32.03 35.58
O6 NAG UA . -2.98 -29.46 36.56
O7 NAG UA . -3.96 -32.74 31.49
C1 NAG VA . 27.33 -97.54 2.01
C2 NAG VA . 28.05 -98.66 1.27
C3 NAG VA . 27.30 -99.97 1.43
C4 NAG VA . 27.10 -100.28 2.91
C5 NAG VA . 26.43 -99.08 3.61
C6 NAG VA . 26.34 -99.26 5.10
C7 NAG VA . 27.24 -98.12 -1.01
C8 NAG VA . 27.66 -97.81 -2.42
N2 NAG VA . 28.25 -98.34 -0.15
O3 NAG VA . 28.04 -101.03 0.83
O4 NAG VA . 26.28 -101.43 3.07
O5 NAG VA . 27.21 -97.89 3.39
O6 NAG VA . 27.62 -99.32 5.71
O7 NAG VA . 26.07 -98.17 -0.68
#